data_6YSA
#
_entry.id   6YSA
#
_cell.length_a   170.465
_cell.length_b   170.465
_cell.length_c   196.515
_cell.angle_alpha   90.000
_cell.angle_beta   90.000
_cell.angle_gamma   90.000
#
_symmetry.space_group_name_H-M   'P 41'
#
loop_
_entity.id
_entity.type
_entity.pdbx_description
1 polymer 'Vacuolar-processing enzyme beta-isozyme'
2 branched 2-acetamido-2-deoxy-beta-D-glucopyranose-(1-4)-2-acetamido-2-deoxy-beta-D-glucopyranose
3 non-polymer 'SULFATE ION'
4 non-polymer 'CITRIC ACID'
5 water water
#
_entity_poly.entity_id   1
_entity_poly.type   'polypeptide(L)'
_entity_poly.pdbx_seq_one_letter_code
;SLEHHHHHHENLYFQGVGTRWAVLVAGSSGYGNYRHQADVCHAYQILRKGGLKEENIVVLMYDDIANHPLNPRPGTLINH
PDGDDVYAGVPKDYTGSSVTAANFYAVLLGDQKAVKGGSGKVIASKPNDHIFVYYA(SNN)HGGPGVLGMPNTPHIYAAD
FIETLKKKHASGTYKEMVIYVEAAESGSIFEGIMPKDLNIYVTTASNAQESSYGTYCPGMNPSPPSEYITCLGDLYSVAW
MEDSETHNLKKETIKQQYHTVKMRTSNYNTYSGGSHVMEYGNNSIKSEKLYLYQGFDPATVNLPLNELPVKSKIGVVNQR
DADLLFLWHMYRTSEDGSRKKDDTLKELTETTRHRKHLDASVELIATILFGPTMNVLNLVREPGLPLVDDWECLKSMVRV
FEEHCGSLTQYGMKHMRAFANVCNNGVSKELMEEASTAACGGYSEARYTVHPSILGYSA
;
_entity_poly.pdbx_strand_id   A,B,C,D,E,F,G,H,I,J,K,L
#
loop_
_chem_comp.id
_chem_comp.type
_chem_comp.name
_chem_comp.formula
CIT non-polymer 'CITRIC ACID' 'C6 H8 O7'
NAG D-saccharide, beta linking 2-acetamido-2-deoxy-beta-D-glucopyranose 'C8 H15 N O6'
SO4 non-polymer 'SULFATE ION' 'O4 S -2'
#
# COMPACT_ATOMS: atom_id res chain seq x y z
N VAL A 17 -46.69 31.88 38.53
CA VAL A 17 -46.94 30.47 38.84
C VAL A 17 -47.62 29.75 37.66
N GLY A 18 -46.95 29.76 36.52
CA GLY A 18 -47.46 29.11 35.31
C GLY A 18 -47.17 27.64 35.18
N THR A 19 -47.56 27.08 34.03
CA THR A 19 -47.31 25.69 33.68
C THR A 19 -46.24 25.62 32.58
N ARG A 20 -45.33 24.67 32.68
CA ARG A 20 -44.27 24.54 31.70
C ARG A 20 -44.58 23.48 30.64
N TRP A 21 -44.70 23.92 29.38
CA TRP A 21 -45.01 23.03 28.26
C TRP A 21 -43.78 22.74 27.41
N ALA A 22 -43.88 21.74 26.55
CA ALA A 22 -42.77 21.40 25.66
C ALA A 22 -43.22 20.64 24.40
N VAL A 23 -42.56 20.95 23.28
CA VAL A 23 -42.76 20.22 22.03
C VAL A 23 -41.44 19.65 21.55
N LEU A 24 -41.38 18.34 21.39
CA LEU A 24 -40.17 17.67 20.94
C LEU A 24 -40.42 16.99 19.60
N VAL A 25 -39.65 17.38 18.59
CA VAL A 25 -39.90 16.92 17.22
C VAL A 25 -38.66 16.32 16.56
N ALA A 26 -38.80 15.09 16.08
CA ALA A 26 -37.79 14.50 15.21
C ALA A 26 -38.31 14.56 13.79
N GLY A 27 -37.49 15.09 12.88
CA GLY A 27 -37.94 15.35 11.53
C GLY A 27 -37.50 14.32 10.51
N SER A 28 -36.98 13.20 10.99
CA SER A 28 -36.42 12.17 10.11
C SER A 28 -36.78 10.73 10.52
N SER A 29 -36.40 9.77 9.69
CA SER A 29 -36.62 8.35 9.96
C SER A 29 -35.52 7.52 9.31
N GLY A 30 -35.56 6.22 9.56
CA GLY A 30 -34.56 5.31 9.02
C GLY A 30 -33.43 5.11 10.02
N TYR A 31 -32.83 3.93 9.99
CA TYR A 31 -31.81 3.58 10.98
C TYR A 31 -30.55 4.42 10.83
N GLY A 32 -30.33 4.92 9.62
CA GLY A 32 -29.21 5.81 9.35
C GLY A 32 -29.37 7.14 10.08
N ASN A 33 -30.61 7.48 10.41
CA ASN A 33 -30.91 8.69 11.15
C ASN A 33 -31.28 8.42 12.61
N TYR A 34 -30.71 7.35 13.15
CA TYR A 34 -30.86 6.95 14.56
C TYR A 34 -30.76 8.14 15.52
N ARG A 35 -29.74 8.96 15.32
CA ARG A 35 -29.38 10.03 16.25
C ARG A 35 -30.51 11.02 16.54
N HIS A 36 -31.32 11.33 15.53
CA HIS A 36 -32.33 12.38 15.66
C HIS A 36 -33.46 12.00 16.61
N GLN A 37 -33.89 10.74 16.58
CA GLN A 37 -34.94 10.29 17.48
C GLN A 37 -34.35 9.99 18.86
N ALA A 38 -33.08 9.63 18.88
CA ALA A 38 -32.35 9.47 20.14
C ALA A 38 -32.14 10.81 20.83
N ASP A 39 -31.92 11.86 20.03
CA ASP A 39 -31.79 13.22 20.57
C ASP A 39 -33.06 13.63 21.31
N VAL A 40 -34.20 13.44 20.64
CA VAL A 40 -35.50 13.84 21.17
C VAL A 40 -35.87 13.04 22.42
N CYS A 41 -35.63 11.74 22.41
CA CYS A 41 -35.96 10.90 23.56
C CYS A 41 -35.12 11.29 24.76
N HIS A 42 -33.85 11.61 24.52
CA HIS A 42 -32.96 12.07 25.59
C HIS A 42 -33.47 13.41 26.16
N ALA A 43 -33.96 14.28 25.28
CA ALA A 43 -34.50 15.56 25.72
C ALA A 43 -35.72 15.37 26.62
N TYR A 44 -36.52 14.37 26.31
CA TYR A 44 -37.71 14.08 27.10
C TYR A 44 -37.37 13.69 28.53
N GLN A 45 -36.36 12.82 28.68
CA GLN A 45 -35.95 12.34 29.99
C GLN A 45 -35.45 13.49 30.88
N ILE A 46 -34.74 14.43 30.28
CA ILE A 46 -34.22 15.59 31.00
C ILE A 46 -35.37 16.45 31.52
N LEU A 47 -36.38 16.66 30.70
CA LEU A 47 -37.53 17.47 31.09
C LEU A 47 -38.34 16.80 32.21
N ARG A 48 -38.46 15.48 32.14
CA ARG A 48 -39.20 14.72 33.16
C ARG A 48 -38.47 14.74 34.51
N LYS A 49 -37.15 14.54 34.47
CA LYS A 49 -36.33 14.62 35.67
C LYS A 49 -36.38 16.02 36.28
N GLY A 50 -36.60 17.02 35.42
CA GLY A 50 -36.71 18.40 35.86
C GLY A 50 -38.05 18.75 36.46
N GLY A 51 -39.01 17.85 36.31
CA GLY A 51 -40.32 18.04 36.91
C GLY A 51 -41.44 18.41 35.96
N LEU A 52 -41.14 18.51 34.68
CA LEU A 52 -42.20 18.76 33.71
C LEU A 52 -43.11 17.54 33.60
N LYS A 53 -44.40 17.78 33.41
CA LYS A 53 -45.39 16.72 33.38
C LYS A 53 -45.58 16.14 31.98
N GLU A 54 -45.84 14.84 31.90
CA GLU A 54 -45.98 14.15 30.62
C GLU A 54 -47.13 14.69 29.79
N GLU A 55 -48.21 15.11 30.46
CA GLU A 55 -49.38 15.65 29.77
C GLU A 55 -49.06 17.00 29.11
N ASN A 56 -47.98 17.63 29.56
CA ASN A 56 -47.62 18.95 29.05
C ASN A 56 -46.49 18.87 28.02
N ILE A 57 -46.04 17.65 27.75
CA ILE A 57 -44.98 17.43 26.77
C ILE A 57 -45.49 16.65 25.56
N VAL A 58 -45.48 17.29 24.40
CA VAL A 58 -45.90 16.62 23.17
C VAL A 58 -44.70 16.13 22.38
N VAL A 59 -44.71 14.84 22.03
CA VAL A 59 -43.59 14.23 21.32
C VAL A 59 -43.99 13.76 19.93
N LEU A 60 -43.29 14.28 18.91
CA LEU A 60 -43.51 13.84 17.54
C LEU A 60 -42.26 13.11 17.04
N MET A 61 -42.37 11.79 16.88
CA MET A 61 -41.27 10.98 16.39
C MET A 61 -41.79 9.82 15.55
N TYR A 62 -41.07 9.48 14.49
CA TYR A 62 -41.52 8.44 13.57
C TYR A 62 -41.63 7.07 14.25
N ASP A 63 -40.79 6.86 15.26
CA ASP A 63 -40.83 5.67 16.12
C ASP A 63 -40.55 4.38 15.36
N ASP A 64 -39.48 4.38 14.57
CA ASP A 64 -39.11 3.22 13.77
C ASP A 64 -37.71 2.72 14.11
N ILE A 65 -37.15 3.23 15.20
CA ILE A 65 -35.76 2.97 15.53
C ILE A 65 -35.60 1.93 16.63
N ALA A 66 -36.42 2.05 17.66
CA ALA A 66 -36.31 1.20 18.85
C ALA A 66 -36.43 -0.29 18.54
N ASN A 67 -37.33 -0.64 17.62
CA ASN A 67 -37.53 -2.03 17.23
C ASN A 67 -37.14 -2.26 15.78
N HIS A 68 -36.13 -1.51 15.33
CA HIS A 68 -35.58 -1.71 14.01
C HIS A 68 -34.76 -2.98 13.98
N PRO A 69 -34.89 -3.78 12.90
CA PRO A 69 -34.16 -5.04 12.75
C PRO A 69 -32.65 -4.90 12.93
N LEU A 70 -32.11 -3.73 12.58
CA LEU A 70 -30.67 -3.47 12.67
C LEU A 70 -30.24 -3.05 14.08
N ASN A 71 -31.20 -2.70 14.92
CA ASN A 71 -30.90 -2.28 16.29
C ASN A 71 -30.37 -3.46 17.11
N PRO A 72 -29.10 -3.36 17.57
CA PRO A 72 -28.52 -4.49 18.31
C PRO A 72 -29.11 -4.64 19.71
N ARG A 73 -29.78 -3.60 20.21
CA ARG A 73 -30.47 -3.71 21.50
C ARG A 73 -31.91 -3.22 21.38
N PRO A 74 -32.81 -4.10 20.91
CA PRO A 74 -34.22 -3.78 20.65
C PRO A 74 -34.93 -3.18 21.86
N GLY A 75 -35.74 -2.16 21.61
CA GLY A 75 -36.49 -1.52 22.67
C GLY A 75 -35.74 -0.43 23.41
N THR A 76 -34.50 -0.15 23.00
CA THR A 76 -33.72 0.89 23.67
C THR A 76 -33.15 1.89 22.68
N LEU A 77 -32.81 3.07 23.18
CA LEU A 77 -32.10 4.09 22.43
C LEU A 77 -31.07 4.74 23.35
N ILE A 78 -29.86 4.95 22.84
CA ILE A 78 -28.84 5.68 23.59
C ILE A 78 -28.34 6.89 22.82
N ASN A 79 -28.00 7.95 23.54
CA ASN A 79 -27.56 9.20 22.93
C ASN A 79 -26.13 9.53 23.36
N HIS A 80 -25.42 8.50 23.81
CA HIS A 80 -24.05 8.64 24.30
C HIS A 80 -23.41 7.26 24.36
N PRO A 81 -22.13 7.15 24.00
CA PRO A 81 -21.43 5.86 23.99
C PRO A 81 -21.55 5.09 25.30
N ASP A 82 -21.43 5.78 26.43
CA ASP A 82 -21.56 5.16 27.74
C ASP A 82 -22.91 5.46 28.37
N GLY A 83 -23.87 5.84 27.52
CA GLY A 83 -25.16 6.31 28.00
C GLY A 83 -26.16 5.20 28.30
N ASP A 84 -27.15 5.54 29.11
CA ASP A 84 -28.23 4.63 29.43
C ASP A 84 -29.36 4.80 28.44
N ASP A 85 -30.38 3.94 28.57
CA ASP A 85 -31.54 3.99 27.70
C ASP A 85 -32.32 5.28 27.93
N VAL A 86 -32.83 5.87 26.85
CA VAL A 86 -33.64 7.08 26.95
C VAL A 86 -35.00 6.90 26.29
N TYR A 87 -35.26 5.70 25.78
CA TYR A 87 -36.50 5.43 25.05
C TYR A 87 -37.68 5.13 25.97
N ALA A 88 -37.42 4.45 27.08
CA ALA A 88 -38.47 4.03 28.00
C ALA A 88 -39.22 5.21 28.63
N GLY A 89 -40.54 5.21 28.50
CA GLY A 89 -41.36 6.24 29.12
C GLY A 89 -41.80 7.32 28.16
N VAL A 90 -41.15 7.41 27.01
CA VAL A 90 -41.47 8.44 26.02
C VAL A 90 -42.82 8.15 25.38
N PRO A 91 -43.76 9.10 25.49
CA PRO A 91 -45.13 8.98 24.97
C PRO A 91 -45.19 8.92 23.45
N LYS A 92 -46.16 8.17 22.94
CA LYS A 92 -46.36 8.04 21.50
C LYS A 92 -47.47 8.97 21.02
N ASP A 93 -47.25 10.28 21.14
CA ASP A 93 -48.28 11.24 20.77
C ASP A 93 -48.54 11.25 19.27
N TYR A 94 -47.48 11.38 18.48
CA TYR A 94 -47.60 11.39 17.02
C TYR A 94 -46.45 10.60 16.39
N THR A 95 -46.78 9.44 15.85
CA THR A 95 -45.78 8.56 15.25
C THR A 95 -46.15 8.19 13.83
N GLY A 96 -45.19 7.62 13.10
CA GLY A 96 -45.42 7.16 11.75
C GLY A 96 -45.90 8.26 10.80
N SER A 97 -47.04 8.02 10.18
CA SER A 97 -47.58 8.95 9.18
C SER A 97 -48.18 10.22 9.78
N SER A 98 -48.31 10.27 11.10
CA SER A 98 -48.87 11.44 11.77
C SER A 98 -47.82 12.50 12.05
N VAL A 99 -46.54 12.17 11.82
CA VAL A 99 -45.47 13.14 12.01
C VAL A 99 -45.43 14.05 10.79
N THR A 100 -46.26 15.08 10.81
CA THR A 100 -46.38 15.99 9.67
C THR A 100 -46.17 17.44 10.08
N ALA A 101 -45.89 18.29 9.10
CA ALA A 101 -45.73 19.71 9.36
C ALA A 101 -47.04 20.31 9.86
N ALA A 102 -48.15 19.85 9.28
CA ALA A 102 -49.47 20.34 9.65
C ALA A 102 -49.79 20.02 11.11
N ASN A 103 -49.48 18.80 11.54
CA ASN A 103 -49.71 18.41 12.92
C ASN A 103 -48.81 19.17 13.90
N PHE A 104 -47.57 19.44 13.48
CA PHE A 104 -46.63 20.20 14.30
C PHE A 104 -47.14 21.60 14.58
N TYR A 105 -47.66 22.27 13.54
CA TYR A 105 -48.22 23.61 13.69
C TYR A 105 -49.45 23.61 14.59
N ALA A 106 -50.31 22.63 14.38
CA ALA A 106 -51.56 22.52 15.13
C ALA A 106 -51.30 22.26 16.60
N VAL A 107 -50.33 21.39 16.88
CA VAL A 107 -49.93 21.11 18.25
C VAL A 107 -49.41 22.37 18.91
N LEU A 108 -48.56 23.11 18.20
CA LEU A 108 -47.95 24.32 18.75
C LEU A 108 -49.00 25.41 19.00
N LEU A 109 -50.00 25.47 18.13
CA LEU A 109 -51.07 26.46 18.28
C LEU A 109 -52.05 26.03 19.37
N GLY A 110 -52.04 24.74 19.68
CA GLY A 110 -52.95 24.19 20.67
C GLY A 110 -54.38 24.06 20.21
N ASP A 111 -54.56 23.83 18.92
CA ASP A 111 -55.88 23.65 18.32
C ASP A 111 -56.12 22.19 18.04
N GLN A 112 -56.76 21.52 19.00
CA GLN A 112 -56.97 20.08 18.97
C GLN A 112 -57.76 19.63 17.76
N LYS A 113 -58.62 20.49 17.22
CA LYS A 113 -59.39 20.09 16.05
C LYS A 113 -58.52 19.98 14.79
N ALA A 114 -57.52 20.84 14.65
CA ALA A 114 -56.70 20.85 13.44
C ALA A 114 -55.79 19.62 13.38
N VAL A 115 -55.61 18.98 14.53
CA VAL A 115 -54.80 17.78 14.64
C VAL A 115 -55.46 16.62 13.92
N LYS A 116 -54.68 15.87 13.13
CA LYS A 116 -55.21 14.68 12.46
C LYS A 116 -54.51 13.43 12.97
N GLY A 117 -55.28 12.53 13.57
CA GLY A 117 -54.74 11.30 14.13
C GLY A 117 -53.98 11.56 15.43
N GLY A 118 -53.18 10.58 15.84
CA GLY A 118 -52.35 10.71 17.02
C GLY A 118 -53.14 10.69 18.32
N SER A 119 -52.48 11.06 19.41
CA SER A 119 -53.09 11.05 20.73
C SER A 119 -54.01 12.24 20.92
N GLY A 120 -53.81 13.29 20.14
CA GLY A 120 -54.62 14.49 20.25
C GLY A 120 -54.09 15.46 21.27
N LYS A 121 -52.93 15.16 21.84
CA LYS A 121 -52.31 16.07 22.81
C LYS A 121 -51.76 17.29 22.09
N VAL A 122 -52.11 18.47 22.61
CA VAL A 122 -51.64 19.73 22.04
C VAL A 122 -51.13 20.67 23.12
N ILE A 123 -50.57 21.81 22.71
CA ILE A 123 -50.12 22.81 23.66
C ILE A 123 -51.25 23.79 23.95
N ALA A 124 -52.18 23.36 24.80
CA ALA A 124 -53.29 24.20 25.25
C ALA A 124 -52.81 25.06 26.41
N SER A 125 -51.90 25.98 26.11
CA SER A 125 -51.24 26.79 27.13
C SER A 125 -52.06 28.02 27.53
N LYS A 126 -51.62 28.66 28.62
CA LYS A 126 -52.29 29.84 29.18
C LYS A 126 -51.30 31.00 29.30
N PRO A 127 -51.83 32.25 29.34
CA PRO A 127 -51.02 33.49 29.32
C PRO A 127 -49.80 33.51 30.25
N ASN A 128 -49.86 32.78 31.36
CA ASN A 128 -48.78 32.79 32.35
C ASN A 128 -47.82 31.62 32.18
N ASP A 129 -48.03 30.82 31.13
CA ASP A 129 -47.26 29.60 30.95
C ASP A 129 -45.96 29.82 30.18
N HIS A 130 -45.05 28.85 30.30
CA HIS A 130 -43.80 28.84 29.56
C HIS A 130 -43.76 27.67 28.58
N ILE A 131 -43.14 27.88 27.42
CA ILE A 131 -43.09 26.83 26.40
C ILE A 131 -41.66 26.60 25.90
N PHE A 132 -41.27 25.33 25.80
CA PHE A 132 -39.95 24.98 25.29
C PHE A 132 -40.07 24.10 24.04
N VAL A 133 -39.54 24.59 22.91
CA VAL A 133 -39.64 23.85 21.66
C VAL A 133 -38.25 23.37 21.22
N TYR A 134 -38.16 22.09 20.87
CA TYR A 134 -36.90 21.50 20.42
C TYR A 134 -37.10 20.63 19.17
N TYR A 135 -36.46 21.04 18.08
CA TYR A 135 -36.49 20.31 16.81
C TYR A 135 -35.13 19.66 16.55
N ALA A 136 -35.15 18.45 15.98
CA ALA A 136 -33.91 17.78 15.62
C ALA A 136 -33.98 16.93 14.37
C SNN A 137 -32.10 16.96 10.98
CA SNN A 137 -33.06 16.32 11.94
N SNN A 137 -33.24 16.99 13.26
C4 SNN A 137 -34.32 15.91 11.18
C5 SNN A 137 -34.08 16.30 9.74
O SNN A 137 -31.02 17.39 11.37
O5 SNN A 137 -34.94 16.06 8.91
H2 SNN A 137 -32.34 16.93 13.52
HA SNN A 137 -32.66 15.47 12.18
H SNN A 137 -33.28 17.86 12.93
H41 SNN A 137 -35.09 16.39 11.53
H42 SNN A 137 -34.45 14.96 11.25
N HIS A 138 -32.86 16.83 9.89
CA HIS A 138 -32.14 17.37 8.75
C HIS A 138 -32.71 18.72 8.33
N GLY A 139 -31.97 19.43 7.50
CA GLY A 139 -32.42 20.73 7.05
C GLY A 139 -31.69 21.25 5.83
N GLY A 140 -32.14 22.41 5.37
CA GLY A 140 -31.50 23.10 4.27
C GLY A 140 -31.89 24.57 4.35
N PRO A 141 -31.37 25.40 3.43
CA PRO A 141 -31.72 26.82 3.41
C PRO A 141 -33.22 27.04 3.36
N GLY A 142 -33.79 27.56 4.44
CA GLY A 142 -35.21 27.89 4.51
C GLY A 142 -36.16 26.71 4.71
N VAL A 143 -35.61 25.52 4.94
CA VAL A 143 -36.46 24.32 5.06
C VAL A 143 -36.00 23.36 6.17
N LEU A 144 -36.97 22.81 6.90
CA LEU A 144 -36.71 21.77 7.89
C LEU A 144 -37.37 20.45 7.47
N GLY A 145 -36.65 19.35 7.65
CA GLY A 145 -37.15 18.06 7.21
C GLY A 145 -38.30 17.50 8.01
N MET A 146 -39.14 16.71 7.34
CA MET A 146 -40.20 15.93 7.97
C MET A 146 -40.20 14.54 7.35
N PRO A 147 -40.49 13.50 8.16
CA PRO A 147 -40.46 12.13 7.65
C PRO A 147 -41.61 11.84 6.69
N ASN A 148 -42.62 12.70 6.70
CA ASN A 148 -43.70 12.65 5.72
C ASN A 148 -43.83 14.01 5.02
N THR A 149 -43.60 14.03 3.71
CA THR A 149 -43.70 15.27 2.94
C THR A 149 -45.12 15.85 3.05
N PRO A 150 -45.26 17.18 2.92
CA PRO A 150 -44.21 18.17 2.64
C PRO A 150 -43.35 18.52 3.84
N HIS A 151 -42.16 19.04 3.59
CA HIS A 151 -41.26 19.48 4.64
C HIS A 151 -41.77 20.78 5.27
N ILE A 152 -41.09 21.22 6.32
CA ILE A 152 -41.42 22.49 6.98
C ILE A 152 -40.75 23.66 6.27
N TYR A 153 -41.54 24.64 5.84
CA TYR A 153 -40.98 25.86 5.27
C TYR A 153 -40.95 26.97 6.32
N ALA A 154 -39.85 27.71 6.34
CA ALA A 154 -39.57 28.69 7.40
C ALA A 154 -40.71 29.69 7.60
N ALA A 155 -41.25 30.22 6.51
CA ALA A 155 -42.30 31.23 6.58
C ALA A 155 -43.56 30.71 7.29
N ASP A 156 -43.91 29.46 7.04
CA ASP A 156 -45.08 28.86 7.68
C ASP A 156 -44.85 28.71 9.17
N PHE A 157 -43.63 28.32 9.53
CA PHE A 157 -43.26 28.16 10.93
C PHE A 157 -43.30 29.50 11.67
N ILE A 158 -42.73 30.53 11.07
CA ILE A 158 -42.72 31.85 11.66
C ILE A 158 -44.14 32.40 11.79
N GLU A 159 -44.96 32.19 10.75
CA GLU A 159 -46.34 32.65 10.77
C GLU A 159 -47.13 31.96 11.88
N THR A 160 -46.84 30.69 12.11
CA THR A 160 -47.46 29.93 13.19
C THR A 160 -47.13 30.54 14.54
N LEU A 161 -45.88 30.96 14.71
CA LEU A 161 -45.43 31.58 15.95
C LEU A 161 -46.14 32.91 16.15
N LYS A 162 -46.37 33.63 15.06
CA LYS A 162 -47.06 34.91 15.09
C LYS A 162 -48.51 34.77 15.55
N LYS A 163 -49.21 33.77 15.03
CA LYS A 163 -50.59 33.51 15.43
C LYS A 163 -50.67 33.10 16.89
N LYS A 164 -49.72 32.28 17.32
CA LYS A 164 -49.65 31.83 18.71
C LYS A 164 -49.45 33.01 19.66
N HIS A 165 -48.57 33.92 19.28
CA HIS A 165 -48.33 35.12 20.06
C HIS A 165 -49.58 36.01 20.09
N ALA A 166 -50.25 36.12 18.94
CA ALA A 166 -51.43 36.97 18.83
C ALA A 166 -52.56 36.48 19.73
N SER A 167 -52.65 35.17 19.94
CA SER A 167 -53.65 34.58 20.82
C SER A 167 -53.33 34.89 22.28
N GLY A 168 -52.05 35.20 22.54
CA GLY A 168 -51.61 35.56 23.88
C GLY A 168 -51.71 34.42 24.88
N THR A 169 -51.50 33.20 24.40
CA THR A 169 -51.68 32.03 25.26
C THR A 169 -50.37 31.53 25.86
N TYR A 170 -49.41 32.43 26.03
CA TYR A 170 -48.16 32.10 26.71
C TYR A 170 -47.42 33.35 27.15
N LYS A 171 -46.57 33.21 28.15
CA LYS A 171 -45.77 34.32 28.65
C LYS A 171 -44.52 34.49 27.81
N GLU A 172 -43.68 33.46 27.75
CA GLU A 172 -42.47 33.47 26.93
C GLU A 172 -42.16 32.09 26.39
N MET A 173 -41.32 32.03 25.36
CA MET A 173 -41.02 30.77 24.68
C MET A 173 -39.54 30.69 24.30
N VAL A 174 -38.97 29.50 24.40
CA VAL A 174 -37.59 29.26 23.97
C VAL A 174 -37.55 28.12 22.95
N ILE A 175 -36.85 28.35 21.84
CA ILE A 175 -36.78 27.36 20.76
C ILE A 175 -35.34 26.94 20.43
N TYR A 176 -35.07 25.65 20.49
CA TYR A 176 -33.79 25.08 20.07
C TYR A 176 -33.98 24.32 18.77
N VAL A 177 -33.15 24.60 17.77
CA VAL A 177 -33.28 23.96 16.46
C VAL A 177 -32.00 23.27 15.99
N GLU A 178 -32.05 21.95 15.88
CA GLU A 178 -30.92 21.16 15.39
C GLU A 178 -31.16 20.76 13.93
N ALA A 179 -30.47 21.45 13.02
CA ALA A 179 -30.55 21.18 11.58
C ALA A 179 -29.44 21.89 10.82
N ALA A 180 -29.18 21.42 9.60
CA ALA A 180 -28.20 22.07 8.73
C ALA A 180 -28.76 23.37 8.17
N GLU A 181 -27.92 24.40 8.13
CA GLU A 181 -28.32 25.75 7.71
C GLU A 181 -29.52 26.26 8.51
N SER A 182 -29.59 25.86 9.78
CA SER A 182 -30.77 26.12 10.60
C SER A 182 -31.01 27.61 10.86
N GLY A 183 -29.96 28.43 10.72
CA GLY A 183 -30.11 29.86 10.89
C GLY A 183 -31.03 30.48 9.85
N SER A 184 -31.11 29.83 8.69
CA SER A 184 -31.92 30.31 7.57
C SER A 184 -33.42 30.24 7.84
N ILE A 185 -33.80 29.51 8.88
CA ILE A 185 -35.21 29.37 9.24
C ILE A 185 -35.74 30.66 9.89
N PHE A 186 -34.84 31.47 10.44
CA PHE A 186 -35.25 32.63 11.22
C PHE A 186 -34.73 33.96 10.68
N GLU A 187 -33.58 33.92 10.00
CA GLU A 187 -32.95 35.16 9.53
C GLU A 187 -33.78 35.91 8.50
N GLY A 188 -34.04 37.17 8.84
CA GLY A 188 -34.73 38.09 7.95
C GLY A 188 -36.23 38.04 8.11
N ILE A 189 -36.73 37.09 8.90
CA ILE A 189 -38.17 36.93 9.04
C ILE A 189 -38.65 36.80 10.49
N MET A 190 -37.74 36.46 11.41
CA MET A 190 -38.11 36.27 12.81
C MET A 190 -38.15 37.60 13.56
N PRO A 191 -39.34 38.00 14.02
CA PRO A 191 -39.49 39.25 14.79
C PRO A 191 -38.91 39.15 16.19
N LYS A 192 -38.70 40.29 16.84
CA LYS A 192 -38.12 40.30 18.17
C LYS A 192 -39.13 40.73 19.22
N ASP A 193 -40.40 40.80 18.83
CA ASP A 193 -41.46 41.25 19.73
C ASP A 193 -42.51 40.18 19.98
N LEU A 194 -42.14 38.91 19.84
CA LEU A 194 -43.09 37.81 20.04
C LEU A 194 -42.89 37.10 21.38
N ASN A 195 -42.04 37.67 22.23
CA ASN A 195 -41.64 37.06 23.49
C ASN A 195 -41.04 35.66 23.28
N ILE A 196 -40.23 35.54 22.23
CA ILE A 196 -39.62 34.27 21.86
C ILE A 196 -38.10 34.42 21.68
N TYR A 197 -37.34 33.50 22.26
CA TYR A 197 -35.90 33.45 22.06
C TYR A 197 -35.51 32.16 21.35
N VAL A 198 -34.60 32.26 20.38
CA VAL A 198 -34.27 31.12 19.52
C VAL A 198 -32.76 30.91 19.41
N THR A 199 -32.33 29.65 19.46
CA THR A 199 -30.94 29.31 19.11
C THR A 199 -30.93 28.23 18.04
N THR A 200 -29.94 28.28 17.14
CA THR A 200 -29.83 27.31 16.06
C THR A 200 -28.45 26.66 16.02
N ALA A 201 -28.37 25.45 15.48
CA ALA A 201 -27.12 24.70 15.46
C ALA A 201 -26.08 25.35 14.55
N SER A 202 -26.51 25.96 13.46
CA SER A 202 -25.60 26.56 12.50
C SER A 202 -26.15 27.88 11.95
N ASN A 203 -25.35 28.56 11.12
CA ASN A 203 -25.81 29.77 10.46
C ASN A 203 -26.60 29.42 9.20
N ALA A 204 -26.88 30.43 8.38
CA ALA A 204 -27.80 30.25 7.26
C ALA A 204 -27.19 29.55 6.06
N GLN A 205 -25.88 29.31 6.08
CA GLN A 205 -25.21 28.78 4.90
C GLN A 205 -24.29 27.58 5.13
N GLU A 206 -24.03 27.25 6.40
CA GLU A 206 -23.06 26.21 6.70
C GLU A 206 -23.70 24.89 7.11
N SER A 207 -22.87 23.85 7.17
CA SER A 207 -23.30 22.50 7.53
C SER A 207 -23.44 22.35 9.04
N SER A 208 -24.25 21.39 9.47
CA SER A 208 -24.28 20.96 10.87
C SER A 208 -23.57 19.62 10.98
N TYR A 209 -23.40 19.12 12.20
CA TYR A 209 -22.58 17.93 12.44
C TYR A 209 -23.23 16.90 13.36
N GLY A 210 -23.09 15.62 12.98
CA GLY A 210 -23.49 14.52 13.84
C GLY A 210 -22.28 14.01 14.59
N THR A 211 -22.50 13.33 15.71
CA THR A 211 -21.37 12.89 16.53
C THR A 211 -21.63 11.53 17.20
N TYR A 212 -20.63 11.05 17.94
CA TYR A 212 -20.66 9.73 18.54
C TYR A 212 -20.88 8.67 17.45
N CYS A 213 -20.01 8.69 16.46
CA CYS A 213 -20.13 7.85 15.28
C CYS A 213 -19.03 6.79 15.22
N PRO A 214 -19.28 5.68 14.51
CA PRO A 214 -18.24 4.66 14.31
C PRO A 214 -17.07 5.18 13.50
N GLY A 215 -15.88 4.68 13.80
CA GLY A 215 -14.68 5.06 13.06
C GLY A 215 -14.08 6.37 13.54
N MET A 216 -14.66 6.95 14.58
CA MET A 216 -14.16 8.22 15.10
C MET A 216 -14.00 8.15 16.62
N ASN A 217 -13.55 9.26 17.21
CA ASN A 217 -13.31 9.32 18.64
C ASN A 217 -14.07 10.47 19.31
N PRO A 218 -14.93 10.14 20.28
CA PRO A 218 -15.13 8.75 20.70
C PRO A 218 -16.15 7.99 19.83
N SER A 219 -16.03 6.67 19.82
CA SER A 219 -16.95 5.80 19.08
C SER A 219 -17.97 5.17 20.03
N PRO A 220 -19.18 4.84 19.52
CA PRO A 220 -20.15 4.06 20.27
C PRO A 220 -19.68 2.61 20.43
N PRO A 221 -20.34 1.79 21.26
CA PRO A 221 -19.99 0.37 21.31
C PRO A 221 -20.01 -0.25 19.92
N SER A 222 -19.12 -1.21 19.67
CA SER A 222 -18.90 -1.75 18.34
C SER A 222 -20.16 -2.27 17.64
N GLU A 223 -21.17 -2.67 18.40
CA GLU A 223 -22.40 -3.17 17.81
C GLU A 223 -23.20 -2.04 17.15
N TYR A 224 -22.88 -0.80 17.51
CA TYR A 224 -23.51 0.35 16.89
C TYR A 224 -22.70 0.85 15.69
N ILE A 225 -23.29 0.77 14.51
CA ILE A 225 -22.61 1.21 13.29
C ILE A 225 -23.30 2.44 12.70
N THR A 226 -24.02 3.17 13.56
CA THR A 226 -24.66 4.41 13.17
C THR A 226 -24.41 5.46 14.27
N CYS A 227 -24.49 6.74 13.91
CA CYS A 227 -24.24 7.81 14.87
C CYS A 227 -25.30 7.89 15.94
N LEU A 228 -24.88 8.15 17.17
CA LEU A 228 -25.80 8.15 18.32
C LEU A 228 -26.43 9.52 18.57
N GLY A 229 -25.73 10.59 18.19
CA GLY A 229 -26.23 11.93 18.45
C GLY A 229 -25.76 13.00 17.48
N ASP A 230 -26.09 14.25 17.80
CA ASP A 230 -25.63 15.38 17.01
C ASP A 230 -24.94 16.40 17.93
N LEU A 231 -23.93 17.07 17.41
CA LEU A 231 -23.04 17.93 18.20
C LEU A 231 -23.77 18.98 19.03
N TYR A 232 -24.57 19.81 18.36
CA TYR A 232 -25.30 20.87 19.02
C TYR A 232 -26.28 20.33 20.07
N SER A 233 -26.94 19.22 19.74
CA SER A 233 -27.94 18.63 20.63
C SER A 233 -27.33 18.06 21.90
N VAL A 234 -26.30 17.23 21.76
CA VAL A 234 -25.66 16.64 22.93
C VAL A 234 -24.95 17.73 23.73
N ALA A 235 -24.65 18.85 23.09
CA ALA A 235 -24.01 19.96 23.80
C ALA A 235 -24.92 20.54 24.88
N TRP A 236 -26.17 20.85 24.51
CA TRP A 236 -27.07 21.47 25.49
C TRP A 236 -27.70 20.47 26.43
N MET A 237 -27.88 19.23 25.98
CA MET A 237 -28.51 18.21 26.80
C MET A 237 -27.55 17.74 27.89
N GLU A 238 -26.30 17.47 27.52
CA GLU A 238 -25.29 17.09 28.51
C GLU A 238 -25.02 18.23 29.48
N ASP A 239 -25.21 19.47 29.00
CA ASP A 239 -25.06 20.65 29.84
C ASP A 239 -26.19 20.74 30.87
N SER A 240 -27.43 20.55 30.43
CA SER A 240 -28.58 20.65 31.34
C SER A 240 -28.61 19.56 32.40
N GLU A 241 -28.16 18.36 32.04
CA GLU A 241 -28.24 17.21 32.94
C GLU A 241 -27.11 17.18 33.98
N THR A 242 -26.14 18.07 33.82
CA THR A 242 -25.00 18.07 34.73
C THR A 242 -24.82 19.42 35.44
N HIS A 243 -25.85 20.25 35.43
CA HIS A 243 -25.79 21.56 36.08
C HIS A 243 -27.08 21.91 36.82
N ASN A 244 -26.92 22.69 37.89
CA ASN A 244 -28.07 23.22 38.64
C ASN A 244 -28.82 24.24 37.80
N LEU A 245 -30.01 23.85 37.34
CA LEU A 245 -30.76 24.69 36.42
C LEU A 245 -31.46 25.85 37.13
N LYS A 246 -31.45 25.82 38.45
CA LYS A 246 -31.95 26.94 39.24
C LYS A 246 -30.91 28.05 39.28
N LYS A 247 -29.66 27.70 38.97
CA LYS A 247 -28.57 28.67 38.96
C LYS A 247 -28.20 29.11 37.55
N GLU A 248 -28.12 28.15 36.63
CA GLU A 248 -27.64 28.42 35.28
C GLU A 248 -28.64 29.23 34.46
N THR A 249 -28.13 30.25 33.78
CA THR A 249 -28.96 31.08 32.93
C THR A 249 -28.99 30.53 31.50
N ILE A 250 -29.99 30.95 30.73
CA ILE A 250 -30.07 30.62 29.32
C ILE A 250 -28.83 31.16 28.60
N LYS A 251 -28.42 32.35 29.04
CA LYS A 251 -27.22 33.03 28.55
C LYS A 251 -25.97 32.17 28.70
N GLN A 252 -25.85 31.52 29.85
CA GLN A 252 -24.71 30.66 30.13
C GLN A 252 -24.75 29.41 29.26
N GLN A 253 -25.95 28.86 29.05
CA GLN A 253 -26.10 27.66 28.23
C GLN A 253 -25.76 27.98 26.78
N TYR A 254 -26.24 29.11 26.27
CA TYR A 254 -25.91 29.52 24.91
C TYR A 254 -24.41 29.63 24.72
N HIS A 255 -23.74 30.25 25.69
CA HIS A 255 -22.29 30.41 25.66
C HIS A 255 -21.57 29.06 25.61
N THR A 256 -21.99 28.11 26.45
CA THR A 256 -21.33 26.81 26.50
C THR A 256 -21.60 25.99 25.23
N VAL A 257 -22.86 25.97 24.80
CA VAL A 257 -23.23 25.23 23.60
C VAL A 257 -22.49 25.76 22.38
N LYS A 258 -22.46 27.09 22.24
CA LYS A 258 -21.75 27.75 21.14
C LYS A 258 -20.28 27.37 21.11
N MET A 259 -19.67 27.30 22.29
CA MET A 259 -18.25 26.98 22.41
C MET A 259 -17.96 25.54 21.99
N ARG A 260 -18.75 24.59 22.49
CA ARG A 260 -18.56 23.18 22.15
C ARG A 260 -18.85 22.90 20.67
N THR A 261 -19.95 23.48 20.17
CA THR A 261 -20.38 23.24 18.80
C THR A 261 -19.40 23.86 17.79
N SER A 262 -18.67 24.89 18.20
CA SER A 262 -17.69 25.50 17.32
C SER A 262 -16.36 24.75 17.37
N ASN A 263 -16.37 23.61 18.07
CA ASN A 263 -15.15 22.88 18.39
C ASN A 263 -14.14 23.84 19.02
N TYR A 264 -14.63 24.60 20.00
CA TYR A 264 -13.83 25.55 20.76
C TYR A 264 -13.13 26.57 19.86
N ASN A 265 -13.94 27.28 19.08
CA ASN A 265 -13.50 28.40 18.25
C ASN A 265 -12.53 28.03 17.13
N THR A 266 -12.47 26.77 16.77
CA THR A 266 -11.63 26.36 15.65
C THR A 266 -12.46 26.26 14.36
N TYR A 267 -13.73 25.91 14.51
CA TYR A 267 -14.65 25.70 13.39
C TYR A 267 -14.14 24.65 12.41
N SER A 268 -13.26 23.77 12.89
CA SER A 268 -12.86 22.60 12.16
C SER A 268 -13.65 21.42 12.72
N GLY A 269 -14.67 20.98 11.98
CA GLY A 269 -15.60 20.02 12.49
C GLY A 269 -16.50 20.68 13.52
N GLY A 270 -16.95 21.90 13.20
CA GLY A 270 -17.80 22.66 14.08
C GLY A 270 -18.52 23.77 13.34
N SER A 271 -19.62 24.25 13.91
CA SER A 271 -20.43 25.27 13.24
C SER A 271 -20.68 26.48 14.13
N HIS A 272 -21.30 27.51 13.56
CA HIS A 272 -21.63 28.74 14.29
C HIS A 272 -23.03 28.71 14.88
N VAL A 273 -23.15 28.58 16.19
CA VAL A 273 -24.46 28.63 16.83
C VAL A 273 -25.01 30.06 16.82
N MET A 274 -26.19 30.24 16.24
CA MET A 274 -26.79 31.56 16.10
C MET A 274 -27.97 31.76 17.05
N GLU A 275 -28.36 33.01 17.25
CA GLU A 275 -29.49 33.33 18.13
C GLU A 275 -30.42 34.36 17.49
N TYR A 276 -31.71 34.25 17.79
CA TYR A 276 -32.72 35.13 17.19
C TYR A 276 -33.83 35.44 18.19
N GLY A 277 -34.64 36.46 17.88
CA GLY A 277 -35.74 36.86 18.74
C GLY A 277 -35.32 37.83 19.82
N ASN A 278 -35.96 37.73 20.98
CA ASN A 278 -35.70 38.64 22.10
C ASN A 278 -34.56 38.14 22.99
N ASN A 279 -33.42 38.83 22.95
CA ASN A 279 -32.24 38.43 23.70
C ASN A 279 -32.31 38.68 25.20
N SER A 280 -33.25 39.51 25.63
CA SER A 280 -33.36 39.82 27.06
C SER A 280 -33.85 38.61 27.86
N ILE A 281 -34.44 37.65 27.15
CA ILE A 281 -34.93 36.42 27.77
C ILE A 281 -33.76 35.60 28.30
N LYS A 282 -32.59 35.80 27.71
CA LYS A 282 -31.38 35.06 28.06
C LYS A 282 -30.97 35.20 29.53
N SER A 283 -31.42 36.26 30.18
CA SER A 283 -31.05 36.51 31.58
C SER A 283 -31.77 35.57 32.55
N GLU A 284 -32.82 34.91 32.07
CA GLU A 284 -33.63 34.03 32.91
C GLU A 284 -32.97 32.68 33.20
N LYS A 285 -33.38 32.06 34.29
CA LYS A 285 -32.86 30.76 34.68
C LYS A 285 -33.50 29.65 33.86
N LEU A 286 -32.74 28.58 33.61
CA LEU A 286 -33.18 27.51 32.73
C LEU A 286 -34.36 26.71 33.28
N TYR A 287 -34.51 26.68 34.61
CA TYR A 287 -35.54 25.84 35.23
C TYR A 287 -36.94 26.32 34.90
N LEU A 288 -37.07 27.57 34.45
CA LEU A 288 -38.36 28.10 34.04
C LEU A 288 -38.87 27.44 32.76
N TYR A 289 -37.96 26.78 32.03
CA TYR A 289 -38.32 26.15 30.77
C TYR A 289 -38.01 24.65 30.78
N GLN A 290 -36.87 24.28 31.37
CA GLN A 290 -36.39 22.90 31.33
C GLN A 290 -36.58 22.13 32.63
N GLY A 291 -37.08 22.80 33.65
CA GLY A 291 -37.30 22.17 34.95
C GLY A 291 -36.05 22.13 35.80
N PHE A 292 -36.14 21.49 36.96
CA PHE A 292 -35.05 21.47 37.93
C PHE A 292 -34.85 20.08 38.53
N ASP A 293 -33.61 19.59 38.43
CA ASP A 293 -33.24 18.27 38.96
C ASP A 293 -32.36 18.37 40.20
N PRO A 294 -32.87 17.93 41.36
CA PRO A 294 -32.15 17.99 42.64
C PRO A 294 -30.85 17.19 42.65
N ALA A 295 -30.72 16.20 41.77
CA ALA A 295 -29.53 15.37 41.74
C ALA A 295 -28.28 16.14 41.33
N THR A 296 -28.48 17.20 40.56
CA THR A 296 -27.39 18.04 40.06
C THR A 296 -26.92 19.09 41.06
N VAL A 297 -27.72 19.29 42.11
CA VAL A 297 -27.41 20.29 43.12
C VAL A 297 -26.27 19.77 44.02
N ASN A 298 -25.23 20.59 44.23
CA ASN A 298 -23.97 20.28 44.97
C ASN A 298 -23.43 18.84 44.74
N LEU A 299 -23.03 18.56 43.50
CA LEU A 299 -22.36 17.31 43.12
C LEU A 299 -21.02 17.17 43.85
N PRO A 300 -20.60 15.93 44.18
CA PRO A 300 -19.29 15.80 44.82
C PRO A 300 -18.15 16.26 43.91
N LEU A 301 -17.00 16.55 44.51
CA LEU A 301 -15.87 17.14 43.80
C LEU A 301 -15.42 16.31 42.60
N ASN A 302 -15.33 14.99 42.78
CA ASN A 302 -14.80 14.12 41.73
C ASN A 302 -15.83 13.72 40.68
N GLU A 303 -17.02 14.31 40.74
CA GLU A 303 -18.06 14.01 39.78
C GLU A 303 -18.48 15.23 38.96
N LEU A 304 -17.72 16.31 39.08
CA LEU A 304 -17.96 17.50 38.26
C LEU A 304 -17.70 17.17 36.79
N PRO A 305 -18.56 17.70 35.90
CA PRO A 305 -18.46 17.42 34.46
C PRO A 305 -17.19 18.01 33.84
N VAL A 306 -16.47 17.20 33.09
CA VAL A 306 -15.29 17.65 32.36
C VAL A 306 -15.43 17.28 30.88
N LYS A 307 -15.51 18.30 30.02
CA LYS A 307 -15.75 18.08 28.60
C LYS A 307 -14.49 18.26 27.77
N SER A 308 -14.34 17.44 26.73
CA SER A 308 -13.22 17.56 25.81
C SER A 308 -13.70 17.44 24.36
N LYS A 309 -12.77 17.54 23.41
CA LYS A 309 -13.15 17.55 22.00
C LYS A 309 -13.60 16.17 21.51
N ILE A 310 -14.58 16.18 20.60
CA ILE A 310 -15.14 14.95 20.06
C ILE A 310 -15.19 14.95 18.54
N GLY A 311 -15.00 13.76 17.95
CA GLY A 311 -15.04 13.63 16.50
C GLY A 311 -16.45 13.79 15.98
N VAL A 312 -16.57 14.35 14.78
CA VAL A 312 -17.86 14.60 14.19
C VAL A 312 -17.90 14.21 12.72
N VAL A 313 -19.11 14.15 12.17
CA VAL A 313 -19.31 13.89 10.75
C VAL A 313 -20.28 14.92 10.21
N ASN A 314 -20.09 15.33 8.96
CA ASN A 314 -21.02 16.23 8.30
C ASN A 314 -22.41 15.60 8.32
N GLN A 315 -23.40 16.40 8.69
CA GLN A 315 -24.77 15.92 8.86
C GLN A 315 -25.31 15.18 7.65
N ARG A 316 -24.94 15.64 6.45
CA ARG A 316 -25.46 15.06 5.22
C ARG A 316 -24.69 13.78 4.82
N ASP A 317 -23.53 13.55 5.44
CA ASP A 317 -22.72 12.39 5.10
C ASP A 317 -22.83 11.26 6.12
N ALA A 318 -23.58 11.51 7.20
CA ALA A 318 -23.76 10.51 8.25
C ALA A 318 -24.41 9.25 7.70
N ASP A 319 -25.27 9.43 6.69
CA ASP A 319 -25.93 8.31 6.03
C ASP A 319 -24.95 7.38 5.35
N LEU A 320 -24.00 7.96 4.63
CA LEU A 320 -22.99 7.18 3.92
C LEU A 320 -22.05 6.52 4.91
N LEU A 321 -21.82 7.17 6.04
CA LEU A 321 -20.95 6.61 7.08
C LEU A 321 -21.56 5.33 7.63
N PHE A 322 -22.87 5.35 7.83
CA PHE A 322 -23.62 4.20 8.32
C PHE A 322 -23.56 3.02 7.34
N LEU A 323 -23.78 3.31 6.05
CA LEU A 323 -23.77 2.26 5.04
C LEU A 323 -22.38 1.64 4.86
N TRP A 324 -21.35 2.47 4.95
CA TRP A 324 -19.99 1.96 4.74
C TRP A 324 -19.52 1.07 5.89
N HIS A 325 -19.85 1.45 7.13
CA HIS A 325 -19.44 0.66 8.29
C HIS A 325 -20.24 -0.62 8.41
N MET A 326 -21.48 -0.61 7.95
CA MET A 326 -22.29 -1.81 7.91
C MET A 326 -21.72 -2.77 6.88
N TYR A 327 -21.14 -2.21 5.83
CA TYR A 327 -20.46 -3.01 4.81
C TYR A 327 -19.17 -3.62 5.37
N ARG A 328 -18.41 -2.85 6.14
CA ARG A 328 -17.15 -3.33 6.72
C ARG A 328 -17.34 -4.42 7.76
N THR A 329 -18.35 -4.26 8.62
CA THR A 329 -18.58 -5.17 9.72
C THR A 329 -19.36 -6.43 9.34
N SER A 330 -19.80 -6.51 8.09
CA SER A 330 -20.52 -7.69 7.61
C SER A 330 -19.59 -8.87 7.36
N ARG A 335 -24.65 -12.52 2.57
CA ARG A 335 -25.06 -11.81 1.36
C ARG A 335 -25.61 -10.43 1.73
N LYS A 336 -25.66 -10.16 3.04
CA LYS A 336 -25.98 -8.83 3.55
C LYS A 336 -24.82 -7.89 3.32
N LYS A 337 -23.64 -8.46 3.09
CA LYS A 337 -22.46 -7.66 2.79
C LYS A 337 -22.66 -6.79 1.55
N ASP A 338 -23.05 -7.44 0.46
CA ASP A 338 -23.21 -6.78 -0.82
C ASP A 338 -24.55 -6.10 -1.00
N ASP A 339 -25.56 -6.53 -0.26
CA ASP A 339 -26.84 -5.82 -0.27
C ASP A 339 -26.57 -4.41 0.22
N THR A 340 -25.70 -4.31 1.23
CA THR A 340 -25.29 -3.02 1.76
C THR A 340 -24.33 -2.31 0.80
N LEU A 341 -23.47 -3.09 0.15
CA LEU A 341 -22.53 -2.55 -0.83
C LEU A 341 -23.28 -1.99 -2.02
N LYS A 342 -24.34 -2.68 -2.39
CA LYS A 342 -25.19 -2.23 -3.49
C LYS A 342 -26.03 -1.03 -3.11
N GLU A 343 -26.45 -0.97 -1.86
CA GLU A 343 -27.20 0.17 -1.36
C GLU A 343 -26.28 1.38 -1.22
N LEU A 344 -25.00 1.13 -0.95
CA LEU A 344 -24.00 2.19 -0.87
C LEU A 344 -23.75 2.80 -2.25
N THR A 345 -23.59 1.94 -3.25
CA THR A 345 -23.33 2.40 -4.61
C THR A 345 -24.54 3.12 -5.18
N GLU A 346 -25.74 2.61 -4.89
CA GLU A 346 -26.97 3.19 -5.40
C GLU A 346 -27.30 4.52 -4.75
N THR A 347 -27.02 4.63 -3.46
CA THR A 347 -27.26 5.86 -2.73
C THR A 347 -26.32 6.96 -3.21
N THR A 348 -25.06 6.60 -3.43
CA THR A 348 -24.05 7.53 -3.89
C THR A 348 -24.43 8.08 -5.26
N ARG A 349 -24.81 7.21 -6.17
CA ARG A 349 -25.13 7.63 -7.53
C ARG A 349 -26.45 8.39 -7.62
N HIS A 350 -27.38 8.09 -6.72
CA HIS A 350 -28.65 8.79 -6.68
C HIS A 350 -28.46 10.25 -6.24
N ARG A 351 -27.60 10.45 -5.26
CA ARG A 351 -27.26 11.78 -4.80
C ARG A 351 -26.57 12.61 -5.88
N LYS A 352 -25.64 11.98 -6.58
CA LYS A 352 -24.89 12.66 -7.64
C LYS A 352 -25.81 12.98 -8.81
N HIS A 353 -26.77 12.11 -9.06
CA HIS A 353 -27.76 12.35 -10.10
C HIS A 353 -28.62 13.56 -9.75
N LEU A 354 -28.95 13.67 -8.47
CA LEU A 354 -29.76 14.78 -7.99
C LEU A 354 -28.97 16.09 -8.02
N ASP A 355 -27.69 16.02 -7.68
CA ASP A 355 -26.81 17.19 -7.75
C ASP A 355 -26.72 17.70 -9.18
N ALA A 356 -26.60 16.77 -10.12
CA ALA A 356 -26.47 17.10 -11.53
C ALA A 356 -27.71 17.80 -12.06
N SER A 357 -28.88 17.35 -11.61
CA SER A 357 -30.15 17.91 -12.05
C SER A 357 -30.28 19.38 -11.65
N VAL A 358 -29.94 19.69 -10.40
CA VAL A 358 -30.01 21.05 -9.91
C VAL A 358 -28.99 21.94 -10.63
N GLU A 359 -27.77 21.43 -10.77
CA GLU A 359 -26.69 22.15 -11.43
C GLU A 359 -27.02 22.42 -12.90
N LEU A 360 -27.66 21.46 -13.55
CA LEU A 360 -28.00 21.58 -14.96
C LEU A 360 -29.06 22.66 -15.18
N ILE A 361 -30.05 22.68 -14.29
CA ILE A 361 -31.10 23.68 -14.35
C ILE A 361 -30.52 25.08 -14.17
N ALA A 362 -29.61 25.22 -13.21
CA ALA A 362 -28.94 26.50 -12.98
C ALA A 362 -28.08 26.89 -14.17
N THR A 363 -27.40 25.91 -14.74
CA THR A 363 -26.52 26.14 -15.90
C THR A 363 -27.30 26.56 -17.14
N ILE A 364 -28.44 25.91 -17.37
CA ILE A 364 -29.29 26.24 -18.50
C ILE A 364 -29.80 27.68 -18.40
N LEU A 365 -30.15 28.09 -17.20
CA LEU A 365 -30.70 29.42 -16.98
C LEU A 365 -29.63 30.52 -17.09
N PHE A 366 -28.51 30.36 -16.38
CA PHE A 366 -27.55 31.46 -16.25
C PHE A 366 -26.10 31.09 -16.55
N GLY A 367 -25.88 29.90 -17.12
CA GLY A 367 -24.54 29.54 -17.56
C GLY A 367 -23.70 28.78 -16.57
N PRO A 368 -22.58 28.20 -17.05
CA PRO A 368 -21.70 27.35 -16.25
C PRO A 368 -20.59 28.09 -15.48
N THR A 369 -20.48 29.40 -15.63
CA THR A 369 -19.44 30.17 -14.96
C THR A 369 -19.98 31.40 -14.24
N MET A 370 -19.51 31.64 -13.01
CA MET A 370 -19.98 32.75 -12.19
C MET A 370 -21.50 32.79 -12.14
N ASN A 371 -22.10 31.63 -11.91
CA ASN A 371 -23.56 31.51 -11.93
C ASN A 371 -24.21 32.32 -10.82
N VAL A 372 -25.15 33.19 -11.21
CA VAL A 372 -25.77 34.12 -10.28
C VAL A 372 -26.61 33.41 -9.22
N LEU A 373 -27.07 32.20 -9.52
CA LEU A 373 -27.91 31.46 -8.59
C LEU A 373 -27.12 30.90 -7.41
N ASN A 374 -25.79 30.89 -7.53
CA ASN A 374 -24.93 30.38 -6.47
C ASN A 374 -24.53 31.45 -5.46
N LEU A 375 -24.97 32.69 -5.68
CA LEU A 375 -24.62 33.79 -4.79
C LEU A 375 -25.39 33.69 -3.48
N VAL A 376 -24.65 33.83 -2.38
CA VAL A 376 -25.22 33.78 -1.04
C VAL A 376 -25.53 35.18 -0.54
N ARG A 377 -26.73 35.38 -0.01
CA ARG A 377 -27.11 36.68 0.52
C ARG A 377 -26.35 37.01 1.79
N GLU A 378 -26.17 38.30 2.06
CA GLU A 378 -25.48 38.75 3.27
C GLU A 378 -26.23 38.34 4.51
N PRO A 379 -25.51 38.12 5.62
CA PRO A 379 -26.16 37.76 6.89
C PRO A 379 -27.22 38.79 7.29
N GLY A 380 -28.37 38.31 7.74
CA GLY A 380 -29.44 39.21 8.14
C GLY A 380 -30.58 39.28 7.15
N LEU A 381 -30.32 38.95 5.90
CA LEU A 381 -31.35 38.96 4.87
C LEU A 381 -32.15 37.66 4.85
N PRO A 382 -33.44 37.76 4.49
CA PRO A 382 -34.20 36.52 4.31
C PRO A 382 -33.69 35.76 3.09
N LEU A 383 -33.79 34.43 3.12
CA LEU A 383 -33.32 33.60 2.02
C LEU A 383 -34.04 33.95 0.72
N VAL A 384 -35.35 34.15 0.81
CA VAL A 384 -36.17 34.44 -0.36
C VAL A 384 -37.19 35.53 -0.03
N ASP A 385 -37.61 36.30 -1.03
CA ASP A 385 -38.58 37.38 -0.83
C ASP A 385 -40.01 36.87 -0.99
N ASP A 386 -40.19 35.90 -1.88
CA ASP A 386 -41.50 35.29 -2.12
C ASP A 386 -41.46 33.81 -1.74
N TRP A 387 -41.99 33.49 -0.56
CA TRP A 387 -41.93 32.13 -0.03
C TRP A 387 -42.87 31.17 -0.75
N GLU A 388 -43.99 31.69 -1.23
CA GLU A 388 -44.92 30.87 -2.00
C GLU A 388 -44.32 30.49 -3.35
N CYS A 389 -43.50 31.39 -3.91
CA CYS A 389 -42.79 31.10 -5.14
C CYS A 389 -41.78 29.97 -4.90
N LEU A 390 -41.13 29.99 -3.74
CA LEU A 390 -40.15 28.96 -3.38
C LEU A 390 -40.79 27.57 -3.37
N LYS A 391 -41.98 27.46 -2.76
CA LYS A 391 -42.74 26.21 -2.75
C LYS A 391 -43.07 25.78 -4.17
N SER A 392 -43.50 26.73 -4.98
CA SER A 392 -43.91 26.46 -6.35
C SER A 392 -42.77 25.91 -7.20
N MET A 393 -41.59 26.52 -7.09
CA MET A 393 -40.44 26.12 -7.89
C MET A 393 -39.96 24.72 -7.51
N VAL A 394 -40.11 24.37 -6.23
CA VAL A 394 -39.75 23.03 -5.78
C VAL A 394 -40.69 22.00 -6.41
N ARG A 395 -41.99 22.30 -6.42
CA ARG A 395 -42.96 21.40 -7.03
C ARG A 395 -42.70 21.19 -8.52
N VAL A 396 -42.31 22.26 -9.21
CA VAL A 396 -41.99 22.18 -10.63
C VAL A 396 -40.81 21.24 -10.85
N PHE A 397 -39.77 21.39 -10.03
CA PHE A 397 -38.59 20.54 -10.10
C PHE A 397 -38.96 19.07 -9.88
N GLU A 398 -39.75 18.81 -8.85
CA GLU A 398 -40.10 17.44 -8.49
C GLU A 398 -40.99 16.78 -9.54
N GLU A 399 -41.77 17.60 -10.24
CA GLU A 399 -42.65 17.09 -11.27
C GLU A 399 -41.85 16.44 -12.41
N HIS A 400 -40.67 17.00 -12.67
CA HIS A 400 -39.83 16.52 -13.76
C HIS A 400 -38.61 15.69 -13.32
N CYS A 401 -38.04 16.08 -12.19
CA CYS A 401 -36.76 15.50 -11.79
C CYS A 401 -36.93 14.50 -10.65
N GLY A 402 -38.15 14.35 -10.16
CA GLY A 402 -38.40 13.40 -9.09
C GLY A 402 -38.27 14.07 -7.74
N SER A 403 -38.57 13.31 -6.69
CA SER A 403 -38.57 13.82 -5.32
C SER A 403 -37.22 14.42 -4.93
N LEU A 404 -37.26 15.55 -4.25
CA LEU A 404 -36.04 16.27 -3.87
C LEU A 404 -35.31 15.53 -2.75
N THR A 405 -36.07 14.83 -1.91
CA THR A 405 -35.57 14.09 -0.74
C THR A 405 -34.93 15.02 0.30
N GLN A 406 -34.65 14.47 1.48
CA GLN A 406 -34.07 15.27 2.56
C GLN A 406 -32.63 15.65 2.22
N TYR A 407 -31.93 14.80 1.50
CA TYR A 407 -30.59 15.12 1.03
C TYR A 407 -30.65 16.34 0.10
N GLY A 408 -31.67 16.38 -0.75
CA GLY A 408 -31.81 17.45 -1.71
C GLY A 408 -32.16 18.80 -1.13
N MET A 409 -32.42 18.85 0.17
CA MET A 409 -32.68 20.10 0.86
C MET A 409 -31.43 21.00 0.87
N LYS A 410 -30.28 20.41 0.59
CA LYS A 410 -29.02 21.15 0.51
C LYS A 410 -29.02 22.13 -0.66
N HIS A 411 -29.84 21.87 -1.67
CA HIS A 411 -29.84 22.67 -2.89
C HIS A 411 -30.92 23.75 -2.89
N MET A 412 -31.52 24.01 -1.75
CA MET A 412 -32.70 24.86 -1.65
C MET A 412 -32.40 26.34 -1.97
N ARG A 413 -31.15 26.76 -1.82
CA ARG A 413 -30.79 28.14 -2.16
C ARG A 413 -30.92 28.40 -3.65
N ALA A 414 -30.63 27.38 -4.47
CA ALA A 414 -30.76 27.50 -5.92
C ALA A 414 -32.18 27.86 -6.32
N PHE A 415 -33.15 27.20 -5.71
CA PHE A 415 -34.56 27.45 -5.99
C PHE A 415 -34.98 28.81 -5.45
N ALA A 416 -34.38 29.20 -4.33
CA ALA A 416 -34.68 30.50 -3.73
C ALA A 416 -34.20 31.63 -4.62
N ASN A 417 -33.02 31.47 -5.21
CA ASN A 417 -32.46 32.50 -6.05
C ASN A 417 -33.15 32.58 -7.41
N VAL A 418 -33.79 31.49 -7.82
CA VAL A 418 -34.61 31.50 -9.03
C VAL A 418 -35.77 32.47 -8.82
N CYS A 419 -36.36 32.44 -7.63
CA CYS A 419 -37.44 33.36 -7.27
C CYS A 419 -36.94 34.80 -7.10
N ASN A 420 -35.79 34.95 -6.44
CA ASN A 420 -35.24 36.28 -6.18
C ASN A 420 -34.84 36.99 -7.47
N ASN A 421 -34.42 36.21 -8.47
CA ASN A 421 -34.04 36.78 -9.77
C ASN A 421 -35.24 36.93 -10.70
N GLY A 422 -36.44 36.69 -10.17
CA GLY A 422 -37.66 36.94 -10.92
C GLY A 422 -37.90 36.02 -12.11
N VAL A 423 -37.33 34.81 -12.06
CA VAL A 423 -37.54 33.84 -13.13
C VAL A 423 -38.97 33.29 -13.07
N SER A 424 -39.67 33.34 -14.20
CA SER A 424 -41.07 32.92 -14.23
C SER A 424 -41.21 31.40 -14.08
N LYS A 425 -42.41 30.96 -13.69
CA LYS A 425 -42.70 29.55 -13.52
C LYS A 425 -42.55 28.81 -14.85
N GLU A 426 -42.91 29.45 -15.95
CA GLU A 426 -42.80 28.84 -17.27
C GLU A 426 -41.36 28.55 -17.66
N LEU A 427 -40.45 29.48 -17.35
CA LEU A 427 -39.04 29.28 -17.68
C LEU A 427 -38.41 28.18 -16.82
N MET A 428 -38.83 28.10 -15.55
CA MET A 428 -38.38 27.04 -14.66
C MET A 428 -38.83 25.68 -15.19
N GLU A 429 -40.06 25.63 -15.68
CA GLU A 429 -40.63 24.42 -16.26
C GLU A 429 -39.84 23.99 -17.50
N GLU A 430 -39.50 24.98 -18.32
CA GLU A 430 -38.77 24.75 -19.56
C GLU A 430 -37.37 24.20 -19.25
N ALA A 431 -36.71 24.79 -18.26
CA ALA A 431 -35.37 24.36 -17.86
C ALA A 431 -35.41 22.97 -17.19
N SER A 432 -36.41 22.75 -16.36
CA SER A 432 -36.55 21.47 -15.66
C SER A 432 -36.82 20.32 -16.63
N THR A 433 -37.64 20.57 -17.65
CA THR A 433 -37.95 19.56 -18.65
C THR A 433 -36.72 19.17 -19.46
N ALA A 434 -35.94 20.17 -19.87
CA ALA A 434 -34.72 19.94 -20.64
C ALA A 434 -33.68 19.20 -19.80
N ALA A 435 -33.67 19.47 -18.50
CA ALA A 435 -32.66 18.91 -17.62
C ALA A 435 -33.00 17.47 -17.23
N CYS A 436 -34.28 17.19 -17.03
CA CYS A 436 -34.67 15.89 -16.49
C CYS A 436 -35.58 15.05 -17.38
N GLY A 437 -36.21 15.63 -18.39
CA GLY A 437 -37.08 14.85 -19.24
C GLY A 437 -36.26 13.95 -20.13
N GLY A 438 -36.54 12.65 -20.08
CA GLY A 438 -35.78 11.69 -20.86
C GLY A 438 -34.72 10.97 -20.02
N VAL B 17 -3.94 -47.82 -46.32
CA VAL B 17 -3.89 -46.90 -45.19
C VAL B 17 -2.44 -46.55 -44.80
N GLY B 18 -2.07 -45.29 -45.03
CA GLY B 18 -0.76 -44.79 -44.70
C GLY B 18 -0.65 -44.32 -43.26
N THR B 19 -0.51 -43.02 -43.08
CA THR B 19 -0.44 -42.42 -41.74
C THR B 19 -1.75 -41.71 -41.41
N ARG B 20 -2.23 -41.87 -40.18
CA ARG B 20 -3.48 -41.25 -39.77
C ARG B 20 -3.24 -39.99 -38.93
N TRP B 21 -3.68 -38.84 -39.44
CA TRP B 21 -3.50 -37.55 -38.77
C TRP B 21 -4.80 -37.07 -38.13
N ALA B 22 -4.70 -36.06 -37.26
CA ALA B 22 -5.89 -35.50 -36.62
C ALA B 22 -5.68 -34.06 -36.15
N VAL B 23 -6.73 -33.26 -36.28
CA VAL B 23 -6.74 -31.90 -35.74
C VAL B 23 -7.91 -31.75 -34.78
N LEU B 24 -7.62 -31.40 -33.52
CA LEU B 24 -8.66 -31.22 -32.52
C LEU B 24 -8.68 -29.78 -32.04
N VAL B 25 -9.83 -29.13 -32.20
CA VAL B 25 -9.95 -27.70 -31.94
C VAL B 25 -11.10 -27.34 -31.01
N ALA B 26 -10.78 -26.63 -29.93
CA ALA B 26 -11.79 -26.01 -29.08
C ALA B 26 -11.84 -24.52 -29.39
N GLY B 27 -13.02 -24.00 -29.66
CA GLY B 27 -13.13 -22.62 -30.10
C GLY B 27 -13.55 -21.62 -29.03
N SER B 28 -13.55 -22.06 -27.77
CA SER B 28 -14.01 -21.19 -26.70
C SER B 28 -13.12 -21.27 -25.46
N SER B 29 -13.43 -20.43 -24.48
CA SER B 29 -12.74 -20.42 -23.20
C SER B 29 -13.70 -20.01 -22.10
N GLY B 30 -13.22 -20.02 -20.86
CA GLY B 30 -14.03 -19.69 -19.71
C GLY B 30 -14.63 -20.93 -19.08
N TYR B 31 -14.83 -20.90 -17.76
CA TYR B 31 -15.29 -22.07 -17.03
C TYR B 31 -16.73 -22.47 -17.40
N GLY B 32 -17.50 -21.49 -17.86
CA GLY B 32 -18.85 -21.73 -18.35
C GLY B 32 -18.84 -22.56 -19.63
N ASN B 33 -17.73 -22.52 -20.36
CA ASN B 33 -17.56 -23.33 -21.57
C ASN B 33 -16.67 -24.55 -21.35
N TYR B 34 -16.70 -25.06 -20.12
CA TYR B 34 -16.00 -26.28 -19.71
C TYR B 34 -16.11 -27.40 -20.76
N ARG B 35 -17.34 -27.62 -21.20
CA ARG B 35 -17.69 -28.77 -22.05
C ARG B 35 -16.86 -28.87 -23.32
N HIS B 36 -16.54 -27.73 -23.93
CA HIS B 36 -15.90 -27.71 -25.24
C HIS B 36 -14.46 -28.23 -25.19
N GLN B 37 -13.72 -27.90 -24.15
CA GLN B 37 -12.35 -28.38 -24.04
C GLN B 37 -12.35 -29.80 -23.50
N ALA B 38 -13.38 -30.14 -22.73
CA ALA B 38 -13.57 -31.52 -22.27
C ALA B 38 -13.91 -32.43 -23.45
N ASP B 39 -14.68 -31.92 -24.41
CA ASP B 39 -14.99 -32.66 -25.64
C ASP B 39 -13.72 -33.02 -26.38
N VAL B 40 -12.88 -32.02 -26.61
CA VAL B 40 -11.64 -32.18 -27.38
C VAL B 40 -10.66 -33.14 -26.69
N CYS B 41 -10.51 -33.00 -25.37
CA CYS B 41 -9.61 -33.87 -24.63
C CYS B 41 -10.09 -35.32 -24.65
N HIS B 42 -11.41 -35.50 -24.56
CA HIS B 42 -12.00 -36.84 -24.65
C HIS B 42 -11.73 -37.44 -26.03
N ALA B 43 -11.82 -36.61 -27.07
CA ALA B 43 -11.58 -37.05 -28.43
C ALA B 43 -10.14 -37.52 -28.62
N TYR B 44 -9.22 -36.84 -27.94
CA TYR B 44 -7.80 -37.19 -28.03
C TYR B 44 -7.53 -38.58 -27.46
N GLN B 45 -8.13 -38.87 -26.30
CA GLN B 45 -7.93 -40.16 -25.63
C GLN B 45 -8.43 -41.32 -26.48
N ILE B 46 -9.54 -41.10 -27.17
CA ILE B 46 -10.11 -42.12 -28.04
C ILE B 46 -9.16 -42.43 -29.21
N LEU B 47 -8.59 -41.39 -29.80
CA LEU B 47 -7.67 -41.54 -30.92
C LEU B 47 -6.37 -42.22 -30.50
N ARG B 48 -5.88 -41.90 -29.31
CA ARG B 48 -4.66 -42.51 -28.80
C ARG B 48 -4.87 -43.98 -28.47
N LYS B 49 -5.98 -44.29 -27.82
CA LYS B 49 -6.33 -45.67 -27.51
C LYS B 49 -6.54 -46.47 -28.79
N GLY B 50 -6.93 -45.78 -29.85
CA GLY B 50 -7.13 -46.39 -31.15
C GLY B 50 -5.84 -46.62 -31.91
N GLY B 51 -4.75 -46.06 -31.40
CA GLY B 51 -3.44 -46.28 -31.99
C GLY B 51 -2.85 -45.12 -32.78
N LEU B 52 -3.55 -43.99 -32.82
CA LEU B 52 -3.00 -42.81 -33.48
C LEU B 52 -1.87 -42.26 -32.63
N LYS B 53 -0.84 -41.76 -33.29
CA LYS B 53 0.38 -41.30 -32.65
C LYS B 53 0.27 -39.82 -32.25
N GLU B 54 0.87 -39.46 -31.11
CA GLU B 54 0.78 -38.09 -30.60
C GLU B 54 1.39 -37.05 -31.55
N GLU B 55 2.43 -37.44 -32.27
CA GLU B 55 3.09 -36.54 -33.21
C GLU B 55 2.19 -36.21 -34.40
N ASN B 56 1.18 -37.03 -34.63
CA ASN B 56 0.28 -36.86 -35.77
C ASN B 56 -1.05 -36.22 -35.36
N ILE B 57 -1.17 -35.92 -34.07
CA ILE B 57 -2.39 -35.28 -33.56
C ILE B 57 -2.09 -33.88 -33.04
N VAL B 58 -2.65 -32.88 -33.70
CA VAL B 58 -2.46 -31.49 -33.28
C VAL B 58 -3.68 -31.02 -32.47
N VAL B 59 -3.42 -30.49 -31.29
CA VAL B 59 -4.48 -30.05 -30.39
C VAL B 59 -4.45 -28.55 -30.16
N LEU B 60 -5.56 -27.88 -30.46
CA LEU B 60 -5.71 -26.45 -30.20
C LEU B 60 -6.78 -26.21 -29.14
N MET B 61 -6.37 -25.81 -27.94
CA MET B 61 -7.30 -25.54 -26.84
C MET B 61 -6.76 -24.43 -25.96
N TYR B 62 -7.65 -23.58 -25.45
CA TYR B 62 -7.23 -22.42 -24.67
C TYR B 62 -6.52 -22.81 -23.37
N ASP B 63 -6.87 -23.99 -22.84
CA ASP B 63 -6.19 -24.60 -21.69
C ASP B 63 -6.32 -23.77 -20.41
N ASP B 64 -7.54 -23.34 -20.11
CA ASP B 64 -7.80 -22.51 -18.93
C ASP B 64 -8.79 -23.17 -17.98
N ILE B 65 -9.09 -24.44 -18.22
CA ILE B 65 -10.16 -25.10 -17.48
C ILE B 65 -9.62 -26.03 -16.40
N ALA B 66 -8.58 -26.79 -16.73
CA ALA B 66 -8.03 -27.82 -15.83
C ALA B 66 -7.57 -27.22 -14.50
N ASN B 67 -6.98 -26.04 -14.57
CA ASN B 67 -6.46 -25.34 -13.38
C ASN B 67 -7.22 -24.07 -13.08
N HIS B 68 -8.50 -24.06 -13.45
CA HIS B 68 -9.38 -22.95 -13.13
C HIS B 68 -9.75 -22.97 -11.66
N PRO B 69 -9.78 -21.80 -11.01
CA PRO B 69 -10.11 -21.66 -9.59
C PRO B 69 -11.45 -22.31 -9.23
N LEU B 70 -12.39 -22.33 -10.18
CA LEU B 70 -13.70 -22.90 -9.94
C LEU B 70 -13.76 -24.41 -10.12
N ASN B 71 -12.72 -24.99 -10.70
CA ASN B 71 -12.66 -26.43 -10.92
C ASN B 71 -12.53 -27.19 -9.59
N PRO B 72 -13.55 -27.99 -9.25
CA PRO B 72 -13.52 -28.70 -7.96
C PRO B 72 -12.48 -29.82 -7.92
N ARG B 73 -12.02 -30.27 -9.09
CA ARG B 73 -10.94 -31.25 -9.15
C ARG B 73 -9.84 -30.79 -10.10
N PRO B 74 -8.93 -29.94 -9.59
CA PRO B 74 -7.85 -29.32 -10.36
C PRO B 74 -6.99 -30.34 -11.10
N GLY B 75 -6.63 -30.02 -12.34
CA GLY B 75 -5.79 -30.89 -13.13
C GLY B 75 -6.53 -31.98 -13.87
N THR B 76 -7.86 -32.00 -13.77
CA THR B 76 -8.64 -33.01 -14.47
C THR B 76 -9.78 -32.40 -15.28
N LEU B 77 -10.25 -33.17 -16.26
CA LEU B 77 -11.44 -32.83 -17.03
C LEU B 77 -12.26 -34.10 -17.26
N ILE B 78 -13.57 -34.01 -17.07
CA ILE B 78 -14.44 -35.15 -17.38
C ILE B 78 -15.52 -34.76 -18.39
N ASN B 79 -15.89 -35.71 -19.25
CA ASN B 79 -16.86 -35.46 -20.31
C ASN B 79 -18.11 -36.33 -20.13
N HIS B 80 -18.31 -36.80 -18.90
CA HIS B 80 -19.42 -37.69 -18.56
C HIS B 80 -19.56 -37.73 -17.03
N PRO B 81 -20.81 -37.76 -16.53
CA PRO B 81 -21.08 -37.77 -15.08
C PRO B 81 -20.33 -38.86 -14.32
N ASP B 82 -20.25 -40.05 -14.90
CA ASP B 82 -19.54 -41.16 -14.27
C ASP B 82 -18.19 -41.40 -14.95
N GLY B 83 -17.71 -40.38 -15.66
CA GLY B 83 -16.53 -40.54 -16.50
C GLY B 83 -15.20 -40.38 -15.80
N ASP B 84 -14.15 -40.91 -16.42
CA ASP B 84 -12.81 -40.75 -15.89
C ASP B 84 -12.18 -39.50 -16.47
N ASP B 85 -10.98 -39.18 -15.99
CA ASP B 85 -10.24 -38.01 -16.45
C ASP B 85 -9.83 -38.19 -17.90
N VAL B 86 -9.88 -37.10 -18.68
CA VAL B 86 -9.46 -37.15 -20.07
C VAL B 86 -8.39 -36.10 -20.38
N TYR B 87 -7.98 -35.35 -19.36
CA TYR B 87 -7.03 -34.25 -19.56
C TYR B 87 -5.58 -34.71 -19.59
N ALA B 88 -5.24 -35.71 -18.79
CA ALA B 88 -3.87 -36.19 -18.69
C ALA B 88 -3.36 -36.76 -20.01
N GLY B 89 -2.23 -36.26 -20.47
CA GLY B 89 -1.61 -36.77 -21.68
C GLY B 89 -1.85 -35.93 -22.92
N VAL B 90 -2.83 -35.04 -22.86
CA VAL B 90 -3.16 -34.19 -24.01
C VAL B 90 -2.08 -33.14 -24.22
N PRO B 91 -1.50 -33.12 -25.43
CA PRO B 91 -0.39 -32.21 -25.78
C PRO B 91 -0.81 -30.74 -25.82
N LYS B 92 0.12 -29.86 -25.44
CA LYS B 92 -0.12 -28.43 -25.46
C LYS B 92 0.46 -27.82 -26.72
N ASP B 93 -0.05 -28.23 -27.87
CA ASP B 93 0.48 -27.74 -29.14
C ASP B 93 0.18 -26.26 -29.30
N TYR B 94 -1.08 -25.89 -29.11
CA TYR B 94 -1.51 -24.50 -29.23
C TYR B 94 -2.53 -24.15 -28.13
N THR B 95 -2.08 -23.35 -27.17
CA THR B 95 -2.90 -22.94 -26.01
C THR B 95 -2.91 -21.41 -25.88
N GLY B 96 -3.83 -20.88 -25.07
CA GLY B 96 -3.88 -19.44 -24.84
C GLY B 96 -4.06 -18.56 -26.06
N SER B 97 -3.15 -17.61 -26.26
CA SER B 97 -3.28 -16.64 -27.36
C SER B 97 -2.91 -17.17 -28.74
N SER B 98 -2.32 -18.36 -28.79
CA SER B 98 -1.94 -18.93 -30.07
C SER B 98 -3.10 -19.72 -30.68
N VAL B 99 -4.20 -19.87 -29.95
CA VAL B 99 -5.40 -20.52 -30.50
C VAL B 99 -6.16 -19.54 -31.40
N THR B 100 -5.72 -19.46 -32.66
CA THR B 100 -6.27 -18.51 -33.61
C THR B 100 -6.75 -19.18 -34.90
N ALA B 101 -7.57 -18.48 -35.66
CA ALA B 101 -8.05 -18.99 -36.95
C ALA B 101 -6.90 -19.16 -37.91
N ALA B 102 -5.96 -18.23 -37.87
CA ALA B 102 -4.79 -18.28 -38.76
C ALA B 102 -3.94 -19.52 -38.47
N ASN B 103 -3.73 -19.81 -37.20
CA ASN B 103 -2.96 -21.00 -36.82
C ASN B 103 -3.67 -22.30 -37.19
N PHE B 104 -5.00 -22.29 -37.05
CA PHE B 104 -5.80 -23.46 -37.40
C PHE B 104 -5.67 -23.79 -38.89
N TYR B 105 -5.71 -22.76 -39.73
CA TYR B 105 -5.56 -22.93 -41.18
C TYR B 105 -4.16 -23.42 -41.53
N ALA B 106 -3.15 -22.84 -40.88
CA ALA B 106 -1.76 -23.19 -41.15
C ALA B 106 -1.44 -24.62 -40.75
N VAL B 107 -1.95 -25.04 -39.60
CA VAL B 107 -1.79 -26.40 -39.13
C VAL B 107 -2.42 -27.38 -40.12
N LEU B 108 -3.64 -27.06 -40.56
CA LEU B 108 -4.37 -27.92 -41.47
C LEU B 108 -3.66 -28.01 -42.82
N LEU B 109 -3.05 -26.91 -43.26
CA LEU B 109 -2.32 -26.88 -44.52
C LEU B 109 -0.95 -27.53 -44.40
N GLY B 110 -0.48 -27.66 -43.17
CA GLY B 110 0.85 -28.21 -42.95
C GLY B 110 1.92 -27.19 -43.27
N ASP B 111 1.62 -25.91 -43.03
CA ASP B 111 2.55 -24.82 -43.29
C ASP B 111 3.17 -24.35 -41.99
N GLN B 112 4.30 -24.96 -41.62
CA GLN B 112 4.93 -24.67 -40.34
C GLN B 112 5.44 -23.23 -40.18
N LYS B 113 5.90 -22.63 -41.28
CA LYS B 113 6.39 -21.25 -41.23
C LYS B 113 5.22 -20.25 -41.10
N ALA B 114 4.05 -20.61 -41.61
CA ALA B 114 2.88 -19.74 -41.50
C ALA B 114 2.34 -19.73 -40.07
N VAL B 115 2.71 -20.75 -39.30
CA VAL B 115 2.32 -20.90 -37.90
C VAL B 115 2.97 -19.85 -36.99
N LYS B 116 2.20 -19.28 -36.07
CA LYS B 116 2.73 -18.31 -35.11
C LYS B 116 2.69 -18.86 -33.68
N GLY B 117 3.86 -18.99 -33.06
CA GLY B 117 3.95 -19.49 -31.70
C GLY B 117 3.66 -20.99 -31.59
N GLY B 118 3.39 -21.43 -30.37
CA GLY B 118 3.02 -22.82 -30.15
C GLY B 118 4.16 -23.81 -30.31
N SER B 119 3.82 -25.09 -30.40
CA SER B 119 4.80 -26.16 -30.54
C SER B 119 5.32 -26.27 -31.96
N GLY B 120 4.55 -25.75 -32.92
CA GLY B 120 4.94 -25.81 -34.31
C GLY B 120 4.52 -27.09 -35.00
N LYS B 121 3.77 -27.94 -34.31
CA LYS B 121 3.29 -29.18 -34.89
C LYS B 121 2.19 -28.87 -35.91
N VAL B 122 2.33 -29.43 -37.11
CA VAL B 122 1.36 -29.23 -38.18
C VAL B 122 0.98 -30.55 -38.84
N ILE B 123 0.00 -30.51 -39.74
CA ILE B 123 -0.38 -31.70 -40.49
C ILE B 123 0.46 -31.79 -41.76
N ALA B 124 1.70 -32.24 -41.60
CA ALA B 124 2.58 -32.45 -42.73
C ALA B 124 2.30 -33.81 -43.37
N SER B 125 1.10 -33.94 -43.93
CA SER B 125 0.64 -35.21 -44.45
C SER B 125 1.12 -35.46 -45.88
N LYS B 126 0.95 -36.70 -46.33
CA LYS B 126 1.37 -37.12 -47.67
C LYS B 126 0.20 -37.81 -48.40
N PRO B 127 0.26 -37.90 -49.73
CA PRO B 127 -0.84 -38.38 -50.58
C PRO B 127 -1.59 -39.64 -50.12
N ASN B 128 -0.94 -40.55 -49.40
CA ASN B 128 -1.61 -41.78 -48.99
C ASN B 128 -2.20 -41.72 -47.58
N ASP B 129 -2.12 -40.56 -46.94
CA ASP B 129 -2.52 -40.42 -45.55
C ASP B 129 -4.01 -40.11 -45.35
N HIS B 130 -4.50 -40.37 -44.14
CA HIS B 130 -5.86 -40.03 -43.76
C HIS B 130 -5.85 -38.95 -42.70
N ILE B 131 -6.84 -38.05 -42.75
CA ILE B 131 -6.92 -36.94 -41.81
C ILE B 131 -8.31 -36.86 -41.16
N PHE B 132 -8.34 -36.69 -39.85
CA PHE B 132 -9.60 -36.55 -39.12
C PHE B 132 -9.64 -35.21 -38.38
N VAL B 133 -10.60 -34.36 -38.73
CA VAL B 133 -10.73 -33.03 -38.13
C VAL B 133 -11.97 -32.95 -37.27
N TYR B 134 -11.81 -32.44 -36.05
CA TYR B 134 -12.92 -32.29 -35.11
C TYR B 134 -12.90 -30.92 -34.43
N TYR B 135 -13.96 -30.14 -34.66
CA TYR B 135 -14.12 -28.83 -34.04
C TYR B 135 -15.23 -28.87 -32.99
N ALA B 136 -15.04 -28.16 -31.89
CA ALA B 136 -16.08 -28.09 -30.87
C ALA B 136 -16.20 -26.74 -30.14
C SNN B 137 -19.00 -24.08 -29.80
CA SNN B 137 -17.63 -24.63 -29.46
N SNN B 137 -17.26 -25.93 -30.08
C4 SNN B 137 -16.63 -23.48 -29.49
C5 SNN B 137 -17.42 -22.24 -29.84
O SNN B 137 -19.97 -24.81 -29.84
O5 SNN B 137 -16.84 -21.17 -29.92
H2 SNN B 137 -17.54 -25.73 -30.93
HA SNN B 137 -17.68 -24.83 -28.51
H SNN B 137 -17.98 -26.41 -29.75
H41 SNN B 137 -15.96 -23.65 -30.17
H42 SNN B 137 -16.21 -23.38 -28.63
N HIS B 138 -18.63 -22.81 -29.95
CA HIS B 138 -19.81 -22.03 -30.29
C HIS B 138 -19.83 -21.69 -31.77
N GLY B 139 -20.98 -21.24 -32.25
CA GLY B 139 -21.11 -20.89 -33.65
C GLY B 139 -22.32 -20.06 -33.96
N GLY B 140 -22.41 -19.66 -35.23
CA GLY B 140 -23.55 -18.93 -35.74
C GLY B 140 -23.59 -19.11 -37.24
N PRO B 141 -24.61 -18.53 -37.91
CA PRO B 141 -24.71 -18.62 -39.37
C PRO B 141 -23.41 -18.14 -40.05
N GLY B 142 -22.70 -19.08 -40.67
CA GLY B 142 -21.49 -18.76 -41.42
C GLY B 142 -20.24 -18.48 -40.60
N VAL B 143 -20.31 -18.71 -39.30
CA VAL B 143 -19.17 -18.39 -38.43
C VAL B 143 -18.93 -19.45 -37.34
N LEU B 144 -17.66 -19.76 -37.09
CA LEU B 144 -17.26 -20.64 -35.98
C LEU B 144 -16.42 -19.87 -34.96
N GLY B 145 -16.64 -20.12 -33.68
CA GLY B 145 -15.96 -19.38 -32.64
C GLY B 145 -14.49 -19.66 -32.45
N MET B 146 -13.75 -18.64 -32.02
CA MET B 146 -12.38 -18.81 -31.58
C MET B 146 -12.16 -17.96 -30.34
N PRO B 147 -11.35 -18.47 -29.40
CA PRO B 147 -11.12 -17.78 -28.13
C PRO B 147 -10.31 -16.49 -28.29
N ASN B 148 -9.66 -16.35 -29.45
CA ASN B 148 -8.99 -15.09 -29.82
C ASN B 148 -9.50 -14.62 -31.17
N THR B 149 -10.14 -13.45 -31.19
CA THR B 149 -10.66 -12.89 -32.43
C THR B 149 -9.52 -12.65 -33.44
N PRO B 150 -9.81 -12.69 -34.74
CA PRO B 150 -11.14 -12.87 -35.34
C PRO B 150 -11.62 -14.32 -35.35
N HIS B 151 -12.93 -14.48 -35.46
CA HIS B 151 -13.56 -15.79 -35.53
C HIS B 151 -13.30 -16.46 -36.89
N ILE B 152 -13.71 -17.72 -37.00
CA ILE B 152 -13.58 -18.45 -38.26
C ILE B 152 -14.75 -18.15 -39.18
N TYR B 153 -14.46 -17.68 -40.39
CA TYR B 153 -15.49 -17.48 -41.40
C TYR B 153 -15.50 -18.66 -42.36
N ALA B 154 -16.70 -19.11 -42.71
CA ALA B 154 -16.88 -20.33 -43.49
C ALA B 154 -16.08 -20.35 -44.80
N ALA B 155 -16.13 -19.24 -45.54
CA ALA B 155 -15.45 -19.17 -46.84
C ALA B 155 -13.95 -19.40 -46.72
N ASP B 156 -13.33 -18.87 -45.67
CA ASP B 156 -11.89 -19.05 -45.46
C ASP B 156 -11.57 -20.50 -45.13
N PHE B 157 -12.44 -21.13 -44.34
CA PHE B 157 -12.27 -22.53 -43.99
C PHE B 157 -12.37 -23.44 -45.21
N ILE B 158 -13.40 -23.21 -46.03
CA ILE B 158 -13.60 -24.01 -47.23
C ILE B 158 -12.47 -23.80 -48.23
N GLU B 159 -12.05 -22.55 -48.35
CA GLU B 159 -10.96 -22.20 -49.24
C GLU B 159 -9.66 -22.88 -48.80
N THR B 160 -9.48 -23.00 -47.48
CA THR B 160 -8.32 -23.71 -46.93
C THR B 160 -8.32 -25.18 -47.33
N LEU B 161 -9.51 -25.78 -47.33
CA LEU B 161 -9.68 -27.17 -47.72
C LEU B 161 -9.35 -27.36 -49.19
N LYS B 162 -9.73 -26.37 -50.01
CA LYS B 162 -9.49 -26.40 -51.45
C LYS B 162 -8.00 -26.40 -51.74
N LYS B 163 -7.27 -25.55 -51.01
CA LYS B 163 -5.81 -25.49 -51.13
C LYS B 163 -5.13 -26.77 -50.69
N LYS B 164 -5.64 -27.36 -49.61
CA LYS B 164 -5.09 -28.62 -49.11
C LYS B 164 -5.29 -29.72 -50.13
N HIS B 165 -6.47 -29.77 -50.73
CA HIS B 165 -6.77 -30.76 -51.76
C HIS B 165 -5.88 -30.55 -52.98
N ALA B 166 -5.71 -29.28 -53.37
CA ALA B 166 -4.92 -28.94 -54.54
C ALA B 166 -3.47 -29.35 -54.33
N SER B 167 -3.01 -29.32 -53.08
CA SER B 167 -1.64 -29.75 -52.77
C SER B 167 -1.51 -31.26 -52.93
N GLY B 168 -2.64 -31.96 -52.84
CA GLY B 168 -2.67 -33.40 -53.00
C GLY B 168 -1.92 -34.13 -51.91
N THR B 169 -1.93 -33.58 -50.70
CA THR B 169 -1.16 -34.14 -49.59
C THR B 169 -2.00 -35.03 -48.67
N TYR B 170 -3.06 -35.60 -49.22
CA TYR B 170 -3.87 -36.55 -48.46
C TYR B 170 -4.76 -37.39 -49.38
N LYS B 171 -5.15 -38.56 -48.91
CA LYS B 171 -6.03 -39.44 -49.66
C LYS B 171 -7.48 -39.04 -49.44
N GLU B 172 -7.91 -39.10 -48.18
CA GLU B 172 -9.28 -38.72 -47.82
C GLU B 172 -9.32 -38.07 -46.45
N MET B 173 -10.41 -37.35 -46.18
CA MET B 173 -10.54 -36.58 -44.94
C MET B 173 -11.98 -36.62 -44.41
N VAL B 174 -12.11 -36.68 -43.08
CA VAL B 174 -13.42 -36.63 -42.44
C VAL B 174 -13.46 -35.50 -41.42
N ILE B 175 -14.52 -34.69 -41.46
CA ILE B 175 -14.63 -33.53 -40.57
C ILE B 175 -15.90 -33.59 -39.73
N TYR B 176 -15.73 -33.53 -38.41
CA TYR B 176 -16.87 -33.42 -37.48
C TYR B 176 -16.92 -32.02 -36.89
N VAL B 177 -18.08 -31.38 -36.93
CA VAL B 177 -18.20 -30.00 -36.45
C VAL B 177 -19.31 -29.84 -35.40
N GLU B 178 -18.90 -29.51 -34.17
CA GLU B 178 -19.85 -29.25 -33.09
C GLU B 178 -20.00 -27.74 -32.86
N ALA B 179 -21.12 -27.19 -33.34
CA ALA B 179 -21.43 -25.76 -33.18
C ALA B 179 -22.89 -25.47 -33.53
N ALA B 180 -23.39 -24.33 -33.08
CA ALA B 180 -24.74 -23.90 -33.43
C ALA B 180 -24.81 -23.41 -34.87
N GLU B 181 -25.88 -23.79 -35.57
CA GLU B 181 -26.04 -23.47 -36.99
C GLU B 181 -24.85 -23.95 -37.82
N SER B 182 -24.25 -25.07 -37.42
CA SER B 182 -23.01 -25.54 -38.02
C SER B 182 -23.16 -25.95 -39.48
N GLY B 183 -24.38 -26.25 -39.92
CA GLY B 183 -24.62 -26.58 -41.30
C GLY B 183 -24.30 -25.42 -42.23
N SER B 184 -24.40 -24.19 -41.71
CA SER B 184 -24.16 -22.99 -42.50
C SER B 184 -22.68 -22.80 -42.89
N ILE B 185 -21.80 -23.57 -42.26
CA ILE B 185 -20.38 -23.50 -42.58
C ILE B 185 -20.09 -24.16 -43.93
N PHE B 186 -20.98 -25.07 -44.35
CA PHE B 186 -20.71 -25.86 -45.54
C PHE B 186 -21.76 -25.72 -46.63
N GLU B 187 -22.98 -25.38 -46.25
CA GLU B 187 -24.07 -25.31 -47.22
C GLU B 187 -23.87 -24.23 -48.29
N GLY B 188 -23.91 -24.67 -49.54
CA GLY B 188 -23.82 -23.77 -50.68
C GLY B 188 -22.42 -23.47 -51.14
N ILE B 189 -21.42 -23.91 -50.39
CA ILE B 189 -20.04 -23.59 -50.72
C ILE B 189 -19.09 -24.80 -50.68
N MET B 190 -19.49 -25.87 -50.00
CA MET B 190 -18.64 -27.05 -49.87
C MET B 190 -18.76 -27.99 -51.07
N PRO B 191 -17.66 -28.14 -51.84
CA PRO B 191 -17.64 -29.02 -53.02
C PRO B 191 -17.65 -30.50 -52.63
N LYS B 192 -17.99 -31.36 -53.59
CA LYS B 192 -18.06 -32.80 -53.33
C LYS B 192 -16.93 -33.56 -54.00
N ASP B 193 -15.94 -32.84 -54.50
CA ASP B 193 -14.84 -33.46 -55.22
C ASP B 193 -13.48 -33.21 -54.56
N LEU B 194 -13.49 -32.98 -53.24
CA LEU B 194 -12.27 -32.70 -52.50
C LEU B 194 -11.80 -33.91 -51.70
N ASN B 195 -12.46 -35.05 -51.91
CA ASN B 195 -12.22 -36.25 -51.12
C ASN B 195 -12.43 -36.00 -49.63
N ILE B 196 -13.47 -35.23 -49.31
CA ILE B 196 -13.79 -34.88 -47.93
C ILE B 196 -15.24 -35.18 -47.59
N TYR B 197 -15.46 -35.80 -46.44
CA TYR B 197 -16.82 -36.02 -45.94
C TYR B 197 -16.99 -35.26 -44.62
N VAL B 198 -18.15 -34.62 -44.47
CA VAL B 198 -18.38 -33.72 -43.33
C VAL B 198 -19.72 -34.00 -42.64
N THR B 199 -19.74 -33.97 -41.32
CA THR B 199 -21.01 -33.98 -40.58
C THR B 199 -21.05 -32.80 -39.61
N THR B 200 -22.25 -32.26 -39.39
CA THR B 200 -22.43 -31.13 -38.48
C THR B 200 -23.48 -31.44 -37.43
N ALA B 201 -23.37 -30.77 -36.28
CA ALA B 201 -24.27 -31.00 -35.16
C ALA B 201 -25.70 -30.56 -35.47
N SER B 202 -25.84 -29.50 -36.27
CA SER B 202 -27.16 -28.93 -36.59
C SER B 202 -27.23 -28.48 -38.04
N ASN B 203 -28.41 -28.02 -38.46
CA ASN B 203 -28.55 -27.46 -39.80
C ASN B 203 -28.15 -25.99 -39.79
N ALA B 204 -28.45 -25.28 -40.88
CA ALA B 204 -27.92 -23.93 -41.06
C ALA B 204 -28.67 -22.86 -40.27
N GLN B 205 -29.79 -23.24 -39.63
CA GLN B 205 -30.64 -22.23 -39.00
C GLN B 205 -31.03 -22.56 -37.56
N GLU B 206 -30.76 -23.77 -37.10
CA GLU B 206 -31.23 -24.18 -35.78
C GLU B 206 -30.11 -24.18 -34.72
N SER B 207 -30.52 -24.29 -33.46
CA SER B 207 -29.60 -24.30 -32.34
C SER B 207 -28.96 -25.67 -32.14
N SER B 208 -27.80 -25.68 -31.49
CA SER B 208 -27.19 -26.92 -31.02
C SER B 208 -27.40 -27.02 -29.51
N TYR B 209 -27.02 -28.14 -28.90
CA TYR B 209 -27.33 -28.41 -27.51
C TYR B 209 -26.16 -28.93 -26.67
N GLY B 210 -26.07 -28.42 -25.45
CA GLY B 210 -25.10 -28.94 -24.48
C GLY B 210 -25.79 -29.93 -23.57
N THR B 211 -25.01 -30.80 -22.92
CA THR B 211 -25.61 -31.84 -22.09
C THR B 211 -24.73 -32.16 -20.87
N TYR B 212 -25.21 -33.08 -20.03
CA TYR B 212 -24.57 -33.41 -18.76
C TYR B 212 -24.43 -32.14 -17.91
N CYS B 213 -25.56 -31.48 -17.68
CA CYS B 213 -25.62 -30.19 -17.00
C CYS B 213 -26.34 -30.31 -15.65
N PRO B 214 -26.03 -29.39 -14.71
CA PRO B 214 -26.74 -29.36 -13.43
C PRO B 214 -28.21 -29.00 -13.58
N GLY B 215 -29.05 -29.54 -12.70
CA GLY B 215 -30.47 -29.26 -12.70
C GLY B 215 -31.23 -30.08 -13.73
N MET B 216 -30.55 -31.00 -14.40
CA MET B 216 -31.18 -31.83 -15.40
C MET B 216 -30.81 -33.30 -15.21
N ASN B 217 -31.34 -34.16 -16.07
CA ASN B 217 -31.09 -35.59 -15.96
C ASN B 217 -30.51 -36.20 -17.25
N PRO B 218 -29.31 -36.81 -17.16
CA PRO B 218 -28.58 -36.92 -15.90
C PRO B 218 -27.74 -35.68 -15.57
N SER B 219 -27.49 -35.49 -14.28
CA SER B 219 -26.66 -34.39 -13.80
C SER B 219 -25.24 -34.87 -13.47
N PRO B 220 -24.25 -33.98 -13.59
CA PRO B 220 -22.90 -34.27 -13.11
C PRO B 220 -22.87 -34.32 -11.58
N PRO B 221 -21.75 -34.77 -10.98
CA PRO B 221 -21.63 -34.71 -9.52
C PRO B 221 -21.89 -33.29 -9.01
N SER B 222 -22.47 -33.18 -7.81
CA SER B 222 -22.95 -31.90 -7.29
C SER B 222 -21.89 -30.79 -7.27
N GLU B 223 -20.61 -31.17 -7.20
CA GLU B 223 -19.54 -30.18 -7.19
C GLU B 223 -19.39 -29.50 -8.55
N TYR B 224 -19.92 -30.11 -9.60
CA TYR B 224 -19.89 -29.51 -10.93
C TYR B 224 -21.15 -28.70 -11.20
N ILE B 225 -20.99 -27.40 -11.38
CA ILE B 225 -22.13 -26.53 -11.66
C ILE B 225 -22.05 -25.97 -13.09
N THR B 226 -21.34 -26.69 -13.95
CA THR B 226 -21.25 -26.35 -15.36
C THR B 226 -21.43 -27.63 -16.21
N CYS B 227 -21.84 -27.47 -17.46
CA CYS B 227 -22.09 -28.62 -18.34
C CYS B 227 -20.81 -29.35 -18.70
N LEU B 228 -20.88 -30.68 -18.76
CA LEU B 228 -19.69 -31.49 -19.01
C LEU B 228 -19.45 -31.75 -20.49
N GLY B 229 -20.51 -31.76 -21.29
CA GLY B 229 -20.38 -32.07 -22.71
C GLY B 229 -21.44 -31.47 -23.61
N ASP B 230 -21.41 -31.86 -24.88
CA ASP B 230 -22.40 -31.43 -25.85
C ASP B 230 -23.03 -32.65 -26.53
N LEU B 231 -24.30 -32.54 -26.87
CA LEU B 231 -25.09 -33.68 -27.34
C LEU B 231 -24.47 -34.43 -28.51
N TYR B 232 -24.20 -33.71 -29.60
CA TYR B 232 -23.61 -34.30 -30.80
C TYR B 232 -22.23 -34.90 -30.54
N SER B 233 -21.43 -34.21 -29.73
CA SER B 233 -20.08 -34.65 -29.45
C SER B 233 -20.04 -35.95 -28.66
N VAL B 234 -20.76 -36.01 -27.55
CA VAL B 234 -20.75 -37.22 -26.73
C VAL B 234 -21.43 -38.35 -27.48
N ALA B 235 -22.25 -38.01 -28.46
CA ALA B 235 -22.91 -39.02 -29.27
C ALA B 235 -21.90 -39.84 -30.07
N TRP B 236 -20.99 -39.17 -30.77
CA TRP B 236 -20.04 -39.91 -31.60
C TRP B 236 -18.87 -40.46 -30.80
N MET B 237 -18.51 -39.80 -29.71
CA MET B 237 -17.37 -40.25 -28.92
C MET B 237 -17.73 -41.49 -28.10
N GLU B 238 -18.89 -41.47 -27.46
CA GLU B 238 -19.38 -42.62 -26.72
C GLU B 238 -19.65 -43.79 -27.66
N ASP B 239 -20.00 -43.47 -28.91
CA ASP B 239 -20.23 -44.50 -29.90
C ASP B 239 -18.91 -45.18 -30.29
N SER B 240 -17.89 -44.38 -30.56
CA SER B 240 -16.59 -44.91 -31.00
C SER B 240 -15.88 -45.73 -29.93
N GLU B 241 -16.03 -45.32 -28.67
CA GLU B 241 -15.31 -45.96 -27.57
C GLU B 241 -15.96 -47.25 -27.11
N THR B 242 -17.17 -47.54 -27.60
CA THR B 242 -17.89 -48.73 -27.17
C THR B 242 -18.23 -49.67 -28.32
N HIS B 243 -17.56 -49.47 -29.46
CA HIS B 243 -17.81 -50.31 -30.63
C HIS B 243 -16.52 -50.69 -31.35
N ASN B 244 -16.55 -51.86 -32.00
CA ASN B 244 -15.44 -52.32 -32.82
C ASN B 244 -15.31 -51.47 -34.08
N LEU B 245 -14.26 -50.64 -34.13
CA LEU B 245 -14.10 -49.70 -35.22
C LEU B 245 -13.58 -50.36 -36.49
N LYS B 246 -13.16 -51.61 -36.38
CA LYS B 246 -12.78 -52.39 -37.55
C LYS B 246 -14.02 -52.90 -38.28
N LYS B 247 -15.15 -52.91 -37.57
CA LYS B 247 -16.42 -53.35 -38.13
C LYS B 247 -17.33 -52.18 -38.52
N GLU B 248 -17.40 -51.20 -37.64
CA GLU B 248 -18.34 -50.09 -37.81
C GLU B 248 -17.95 -49.14 -38.94
N THR B 249 -18.93 -48.82 -39.78
CA THR B 249 -18.75 -47.89 -40.88
C THR B 249 -19.03 -46.46 -40.43
N ILE B 250 -18.52 -45.50 -41.20
CA ILE B 250 -18.84 -44.09 -41.01
C ILE B 250 -20.34 -43.88 -41.18
N LYS B 251 -20.91 -44.63 -42.12
CA LYS B 251 -22.33 -44.64 -42.39
C LYS B 251 -23.13 -44.98 -41.14
N GLN B 252 -22.66 -46.00 -40.43
CA GLN B 252 -23.34 -46.45 -39.21
C GLN B 252 -23.23 -45.42 -38.10
N GLN B 253 -22.06 -44.79 -37.98
CA GLN B 253 -21.86 -43.79 -36.94
C GLN B 253 -22.74 -42.57 -37.21
N TYR B 254 -22.80 -42.13 -38.46
CA TYR B 254 -23.69 -41.02 -38.82
C TYR B 254 -25.13 -41.31 -38.46
N HIS B 255 -25.58 -42.54 -38.75
CA HIS B 255 -26.94 -42.95 -38.43
C HIS B 255 -27.23 -42.91 -36.92
N THR B 256 -26.30 -43.43 -36.12
CA THR B 256 -26.49 -43.46 -34.67
C THR B 256 -26.44 -42.07 -34.05
N VAL B 257 -25.44 -41.28 -34.46
CA VAL B 257 -25.27 -39.92 -33.95
C VAL B 257 -26.49 -39.07 -34.28
N LYS B 258 -26.95 -39.17 -35.52
CA LYS B 258 -28.13 -38.43 -35.97
C LYS B 258 -29.36 -38.78 -35.13
N MET B 259 -29.50 -40.07 -34.81
CA MET B 259 -30.65 -40.53 -34.04
C MET B 259 -30.62 -40.00 -32.60
N ARG B 260 -29.47 -40.08 -31.94
CA ARG B 260 -29.34 -39.58 -30.57
C ARG B 260 -29.49 -38.06 -30.49
N THR B 261 -28.83 -37.36 -31.42
CA THR B 261 -28.82 -35.90 -31.43
C THR B 261 -30.21 -35.32 -31.75
N SER B 262 -31.04 -36.09 -32.45
CA SER B 262 -32.39 -35.64 -32.75
C SER B 262 -33.34 -35.93 -31.59
N ASN B 263 -32.78 -36.42 -30.48
CA ASN B 263 -33.56 -36.97 -29.38
C ASN B 263 -34.53 -38.02 -29.91
N TYR B 264 -33.99 -38.91 -30.75
CA TYR B 264 -34.73 -40.02 -31.34
C TYR B 264 -35.95 -39.53 -32.11
N ASN B 265 -35.68 -38.67 -33.11
CA ASN B 265 -36.67 -38.18 -34.05
C ASN B 265 -37.81 -37.35 -33.46
N THR B 266 -37.61 -36.81 -32.26
CA THR B 266 -38.62 -35.94 -31.67
C THR B 266 -38.28 -34.48 -31.93
N TYR B 267 -36.99 -34.20 -32.01
CA TYR B 267 -36.46 -32.84 -32.19
C TYR B 267 -36.92 -31.89 -31.08
N SER B 268 -37.28 -32.47 -29.94
CA SER B 268 -37.52 -31.70 -28.72
C SER B 268 -36.29 -31.81 -27.84
N GLY B 269 -35.49 -30.75 -27.80
CA GLY B 269 -34.21 -30.81 -27.15
C GLY B 269 -33.28 -31.64 -28.01
N GLY B 270 -33.32 -31.39 -29.31
CA GLY B 270 -32.50 -32.09 -30.28
C GLY B 270 -32.41 -31.35 -31.60
N SER B 271 -31.37 -31.65 -32.38
CA SER B 271 -31.13 -30.94 -33.63
C SER B 271 -31.01 -31.90 -34.81
N HIS B 272 -30.93 -31.35 -36.03
CA HIS B 272 -30.77 -32.14 -37.25
C HIS B 272 -29.30 -32.28 -37.65
N VAL B 273 -28.73 -33.47 -37.47
CA VAL B 273 -27.36 -33.70 -37.91
C VAL B 273 -27.30 -33.75 -39.45
N MET B 274 -26.47 -32.89 -40.02
CA MET B 274 -26.37 -32.78 -41.48
C MET B 274 -25.06 -33.35 -42.02
N GLU B 275 -25.02 -33.61 -43.32
CA GLU B 275 -23.81 -34.14 -43.95
C GLU B 275 -23.49 -33.42 -45.25
N TYR B 276 -22.20 -33.30 -45.55
CA TYR B 276 -21.74 -32.59 -46.75
C TYR B 276 -20.51 -33.26 -47.35
N GLY B 277 -20.17 -32.90 -48.58
CA GLY B 277 -19.01 -33.45 -49.24
C GLY B 277 -19.31 -34.75 -49.99
N ASN B 278 -18.33 -35.63 -50.03
CA ASN B 278 -18.44 -36.91 -50.74
C ASN B 278 -19.05 -38.01 -49.86
N ASN B 279 -20.27 -38.42 -50.18
CA ASN B 279 -20.97 -39.43 -49.38
C ASN B 279 -20.47 -40.85 -49.59
N SER B 280 -19.67 -41.07 -50.62
CA SER B 280 -19.14 -42.40 -50.91
C SER B 280 -18.14 -42.84 -49.85
N ILE B 281 -17.59 -41.86 -49.12
CA ILE B 281 -16.63 -42.13 -48.05
C ILE B 281 -17.30 -42.85 -46.89
N LYS B 282 -18.61 -42.66 -46.73
CA LYS B 282 -19.37 -43.23 -45.63
C LYS B 282 -19.29 -44.76 -45.55
N SER B 283 -18.98 -45.41 -46.66
CA SER B 283 -18.91 -46.87 -46.70
C SER B 283 -17.67 -47.44 -46.01
N GLU B 284 -16.68 -46.57 -45.77
CA GLU B 284 -15.42 -47.00 -45.19
C GLU B 284 -15.52 -47.25 -43.68
N LYS B 285 -14.60 -48.06 -43.17
CA LYS B 285 -14.55 -48.39 -41.76
C LYS B 285 -13.91 -47.25 -40.96
N LEU B 286 -14.38 -47.07 -39.72
CA LEU B 286 -13.96 -45.95 -38.90
C LEU B 286 -12.48 -46.01 -38.48
N TYR B 287 -11.91 -47.21 -38.44
CA TYR B 287 -10.54 -47.37 -37.94
C TYR B 287 -9.52 -46.72 -38.88
N LEU B 288 -9.94 -46.45 -40.12
CA LEU B 288 -9.05 -45.77 -41.06
C LEU B 288 -8.82 -44.32 -40.67
N TYR B 289 -9.68 -43.79 -39.79
CA TYR B 289 -9.60 -42.39 -39.36
C TYR B 289 -9.44 -42.26 -37.84
N GLN B 290 -10.16 -43.08 -37.09
CA GLN B 290 -10.22 -42.95 -35.64
C GLN B 290 -9.39 -44.02 -34.91
N GLY B 291 -8.81 -44.94 -35.66
CA GLY B 291 -8.01 -45.99 -35.07
C GLY B 291 -8.82 -47.17 -34.58
N PHE B 292 -8.15 -48.12 -33.94
CA PHE B 292 -8.81 -49.35 -33.51
C PHE B 292 -8.41 -49.73 -32.08
N ASP B 293 -9.42 -49.94 -31.24
CA ASP B 293 -9.21 -50.33 -29.84
C ASP B 293 -9.61 -51.78 -29.61
N PRO B 294 -8.62 -52.64 -29.27
CA PRO B 294 -8.86 -54.07 -29.03
C PRO B 294 -9.82 -54.34 -27.87
N ALA B 295 -9.94 -53.39 -26.94
CA ALA B 295 -10.79 -53.56 -25.77
C ALA B 295 -12.28 -53.63 -26.14
N THR B 296 -12.64 -53.02 -27.26
CA THR B 296 -14.03 -52.98 -27.71
C THR B 296 -14.42 -54.26 -28.44
N VAL B 297 -13.42 -55.05 -28.80
CA VAL B 297 -13.66 -56.30 -29.50
C VAL B 297 -14.16 -57.38 -28.56
N ASN B 298 -15.26 -58.02 -28.95
CA ASN B 298 -15.89 -59.07 -28.16
C ASN B 298 -16.16 -58.75 -26.67
N LEU B 299 -16.86 -57.64 -26.40
CA LEU B 299 -17.30 -57.28 -25.04
C LEU B 299 -18.25 -58.33 -24.48
N PRO B 300 -18.19 -58.58 -23.17
CA PRO B 300 -19.14 -59.55 -22.59
C PRO B 300 -20.58 -59.09 -22.71
N LEU B 301 -21.51 -60.03 -22.57
CA LEU B 301 -22.92 -59.76 -22.81
C LEU B 301 -23.44 -58.63 -21.93
N ASN B 302 -23.07 -58.62 -20.66
CA ASN B 302 -23.62 -57.64 -19.73
C ASN B 302 -22.91 -56.30 -19.75
N GLU B 303 -22.00 -56.11 -20.70
CA GLU B 303 -21.29 -54.84 -20.81
C GLU B 303 -21.53 -54.15 -22.15
N LEU B 304 -22.49 -54.67 -22.92
CA LEU B 304 -22.88 -54.02 -24.16
C LEU B 304 -23.49 -52.65 -23.86
N PRO B 305 -23.16 -51.64 -24.67
CA PRO B 305 -23.64 -50.28 -24.45
C PRO B 305 -25.16 -50.15 -24.61
N VAL B 306 -25.81 -49.53 -23.64
CA VAL B 306 -27.24 -49.27 -23.72
C VAL B 306 -27.51 -47.78 -23.52
N LYS B 307 -28.01 -47.12 -24.55
CA LYS B 307 -28.21 -45.68 -24.50
C LYS B 307 -29.69 -45.29 -24.33
N SER B 308 -29.93 -44.24 -23.56
CA SER B 308 -31.27 -43.71 -23.37
C SER B 308 -31.25 -42.18 -23.46
N LYS B 309 -32.41 -41.56 -23.30
CA LYS B 309 -32.53 -40.11 -23.48
C LYS B 309 -31.88 -39.30 -22.37
N ILE B 310 -31.30 -38.15 -22.74
CA ILE B 310 -30.62 -37.28 -21.79
C ILE B 310 -31.11 -35.84 -21.88
N GLY B 311 -31.15 -35.16 -20.73
CA GLY B 311 -31.56 -33.77 -20.69
C GLY B 311 -30.53 -32.87 -21.31
N VAL B 312 -30.97 -31.79 -21.94
CA VAL B 312 -30.06 -30.88 -22.63
C VAL B 312 -30.39 -29.42 -22.35
N VAL B 313 -29.45 -28.55 -22.71
CA VAL B 313 -29.64 -27.11 -22.63
C VAL B 313 -29.23 -26.48 -23.97
N ASN B 314 -29.93 -25.43 -24.37
CA ASN B 314 -29.56 -24.67 -25.56
C ASN B 314 -28.13 -24.17 -25.44
N GLN B 315 -27.35 -24.35 -26.50
CA GLN B 315 -25.93 -24.02 -26.51
C GLN B 315 -25.68 -22.57 -26.07
N ARG B 316 -26.60 -21.69 -26.44
CA ARG B 316 -26.48 -20.26 -26.14
C ARG B 316 -26.86 -19.91 -24.70
N ASP B 317 -27.53 -20.83 -24.03
CA ASP B 317 -28.01 -20.56 -22.67
C ASP B 317 -27.24 -21.31 -21.60
N ALA B 318 -26.29 -22.16 -22.00
CA ALA B 318 -25.49 -22.93 -21.05
C ALA B 318 -24.71 -22.02 -20.14
N ASP B 319 -24.34 -20.85 -20.66
CA ASP B 319 -23.66 -19.84 -19.86
C ASP B 319 -24.52 -19.35 -18.69
N LEU B 320 -25.79 -19.04 -18.94
CA LEU B 320 -26.69 -18.55 -17.90
C LEU B 320 -26.98 -19.67 -16.92
N LEU B 321 -27.00 -20.91 -17.42
CA LEU B 321 -27.27 -22.05 -16.56
C LEU B 321 -26.15 -22.21 -15.53
N PHE B 322 -24.92 -22.03 -15.97
CA PHE B 322 -23.75 -22.08 -15.10
C PHE B 322 -23.79 -20.98 -14.03
N LEU B 323 -24.08 -19.76 -14.45
CA LEU B 323 -24.10 -18.63 -13.53
C LEU B 323 -25.22 -18.77 -12.48
N TRP B 324 -26.37 -19.29 -12.91
CA TRP B 324 -27.50 -19.42 -12.00
C TRP B 324 -27.28 -20.48 -10.93
N HIS B 325 -26.68 -21.61 -11.31
CA HIS B 325 -26.44 -22.68 -10.34
C HIS B 325 -25.32 -22.34 -9.38
N MET B 326 -24.35 -21.56 -9.86
CA MET B 326 -23.27 -21.11 -8.98
C MET B 326 -23.85 -20.15 -7.95
N TYR B 327 -24.88 -19.42 -8.37
CA TYR B 327 -25.60 -18.55 -7.45
C TYR B 327 -26.37 -19.38 -6.44
N ARG B 328 -27.02 -20.44 -6.89
CA ARG B 328 -27.84 -21.28 -6.02
C ARG B 328 -27.03 -22.03 -4.97
N THR B 329 -25.89 -22.57 -5.38
CA THR B 329 -25.05 -23.39 -4.52
C THR B 329 -24.11 -22.61 -3.60
N SER B 330 -24.09 -21.30 -3.74
CA SER B 330 -23.23 -20.47 -2.89
C SER B 330 -23.77 -20.33 -1.47
N LYS B 336 -18.78 -15.24 -2.71
CA LYS B 336 -18.97 -15.60 -4.12
C LYS B 336 -20.44 -15.50 -4.53
N LYS B 337 -21.33 -15.58 -3.55
CA LYS B 337 -22.77 -15.49 -3.77
C LYS B 337 -23.26 -14.23 -4.48
N ASP B 338 -22.82 -13.10 -3.96
CA ASP B 338 -23.28 -11.80 -4.41
C ASP B 338 -22.66 -11.34 -5.72
N ASP B 339 -21.41 -11.76 -5.93
CA ASP B 339 -20.67 -11.47 -7.15
C ASP B 339 -21.29 -12.16 -8.35
N THR B 340 -21.73 -13.40 -8.12
CA THR B 340 -22.33 -14.22 -9.15
C THR B 340 -23.71 -13.72 -9.55
N LEU B 341 -24.45 -13.21 -8.56
CA LEU B 341 -25.77 -12.66 -8.81
C LEU B 341 -25.60 -11.43 -9.68
N LYS B 342 -24.55 -10.66 -9.43
CA LYS B 342 -24.28 -9.46 -10.23
C LYS B 342 -23.77 -9.78 -11.63
N GLU B 343 -23.01 -10.86 -11.76
CA GLU B 343 -22.51 -11.29 -13.06
C GLU B 343 -23.66 -11.86 -13.89
N LEU B 344 -24.64 -12.45 -13.23
CA LEU B 344 -25.81 -12.97 -13.92
C LEU B 344 -26.66 -11.82 -14.48
N THR B 345 -26.89 -10.80 -13.66
CA THR B 345 -27.69 -9.66 -14.07
C THR B 345 -27.00 -8.88 -15.19
N GLU B 346 -25.69 -8.73 -15.08
CA GLU B 346 -24.90 -7.99 -16.06
C GLU B 346 -24.77 -8.71 -17.39
N THR B 347 -24.65 -10.03 -17.32
CA THR B 347 -24.55 -10.83 -18.52
C THR B 347 -25.87 -10.81 -19.26
N THR B 348 -26.96 -10.92 -18.51
CA THR B 348 -28.30 -10.93 -19.09
C THR B 348 -28.60 -9.61 -19.79
N ARG B 349 -28.30 -8.50 -19.14
CA ARG B 349 -28.61 -7.17 -19.71
C ARG B 349 -27.68 -6.82 -20.86
N HIS B 350 -26.45 -7.33 -20.83
CA HIS B 350 -25.53 -7.09 -21.93
C HIS B 350 -25.96 -7.82 -23.20
N ARG B 351 -26.43 -9.05 -23.03
CA ARG B 351 -26.93 -9.86 -24.13
C ARG B 351 -28.16 -9.17 -24.74
N LYS B 352 -29.07 -8.69 -23.88
CA LYS B 352 -30.29 -8.03 -24.34
C LYS B 352 -29.97 -6.70 -25.02
N HIS B 353 -28.94 -6.03 -24.54
CA HIS B 353 -28.48 -4.80 -25.16
C HIS B 353 -27.94 -5.07 -26.56
N LEU B 354 -27.26 -6.20 -26.71
CA LEU B 354 -26.70 -6.58 -28.00
C LEU B 354 -27.80 -6.98 -28.98
N ASP B 355 -28.82 -7.68 -28.48
CA ASP B 355 -29.97 -8.04 -29.30
C ASP B 355 -30.66 -6.78 -29.81
N ALA B 356 -30.80 -5.80 -28.92
CA ALA B 356 -31.46 -4.53 -29.23
C ALA B 356 -30.71 -3.77 -30.32
N SER B 357 -29.39 -3.81 -30.27
CA SER B 357 -28.57 -3.10 -31.25
C SER B 357 -28.78 -3.65 -32.65
N VAL B 358 -28.77 -4.97 -32.78
CA VAL B 358 -28.95 -5.62 -34.08
C VAL B 358 -30.35 -5.39 -34.61
N GLU B 359 -31.34 -5.56 -33.74
CA GLU B 359 -32.75 -5.37 -34.12
C GLU B 359 -33.01 -3.95 -34.59
N LEU B 360 -32.38 -2.99 -33.92
CA LEU B 360 -32.56 -1.58 -34.21
C LEU B 360 -31.96 -1.22 -35.58
N ILE B 361 -30.80 -1.78 -35.88
CA ILE B 361 -30.16 -1.56 -37.17
C ILE B 361 -31.03 -2.11 -38.29
N ALA B 362 -31.58 -3.31 -38.08
CA ALA B 362 -32.45 -3.92 -39.06
C ALA B 362 -33.73 -3.11 -39.24
N THR B 363 -34.26 -2.61 -38.12
CA THR B 363 -35.49 -1.83 -38.11
C THR B 363 -35.30 -0.49 -38.82
N ILE B 364 -34.17 0.16 -38.57
CA ILE B 364 -33.86 1.44 -39.22
C ILE B 364 -33.79 1.26 -40.73
N LEU B 365 -33.18 0.16 -41.17
CA LEU B 365 -33.02 -0.08 -42.59
C LEU B 365 -34.33 -0.46 -43.28
N PHE B 366 -35.06 -1.43 -42.74
CA PHE B 366 -36.20 -1.98 -43.47
C PHE B 366 -37.51 -2.06 -42.67
N GLY B 367 -37.55 -1.41 -41.50
CA GLY B 367 -38.79 -1.32 -40.75
C GLY B 367 -39.00 -2.38 -39.70
N PRO B 368 -39.98 -2.17 -38.81
CA PRO B 368 -40.26 -3.05 -37.66
C PRO B 368 -41.21 -4.21 -37.96
N THR B 369 -41.75 -4.29 -39.17
CA THR B 369 -42.71 -5.35 -39.52
C THR B 369 -42.34 -6.06 -40.82
N MET B 370 -42.44 -7.38 -40.81
CA MET B 370 -42.09 -8.22 -41.96
C MET B 370 -40.72 -7.83 -42.50
N ASN B 371 -39.75 -7.67 -41.61
CA ASN B 371 -38.42 -7.21 -42.01
C ASN B 371 -37.71 -8.22 -42.90
N VAL B 372 -37.26 -7.74 -44.06
CA VAL B 372 -36.68 -8.58 -45.09
C VAL B 372 -35.36 -9.23 -44.63
N LEU B 373 -34.69 -8.63 -43.67
CA LEU B 373 -33.41 -9.15 -43.18
C LEU B 373 -33.57 -10.41 -42.33
N ASN B 374 -34.79 -10.69 -41.89
CA ASN B 374 -35.06 -11.86 -41.07
C ASN B 374 -35.41 -13.10 -41.89
N LEU B 375 -35.46 -12.95 -43.21
CA LEU B 375 -35.80 -14.07 -44.09
C LEU B 375 -34.66 -15.08 -44.18
N VAL B 376 -34.98 -16.36 -43.98
CA VAL B 376 -34.00 -17.42 -44.04
C VAL B 376 -33.97 -18.05 -45.43
N ARG B 377 -32.77 -18.20 -46.00
CA ARG B 377 -32.62 -18.81 -47.31
C ARG B 377 -32.94 -20.29 -47.30
N GLU B 378 -33.39 -20.81 -48.44
CA GLU B 378 -33.73 -22.23 -48.56
C GLU B 378 -32.48 -23.09 -48.35
N PRO B 379 -32.67 -24.30 -47.80
CA PRO B 379 -31.54 -25.22 -47.61
C PRO B 379 -30.80 -25.51 -48.91
N GLY B 380 -29.48 -25.49 -48.87
CA GLY B 380 -28.68 -25.72 -50.05
C GLY B 380 -28.05 -24.44 -50.57
N LEU B 381 -28.64 -23.30 -50.21
CA LEU B 381 -28.10 -22.01 -50.60
C LEU B 381 -27.01 -21.55 -49.64
N PRO B 382 -26.01 -20.83 -50.16
CA PRO B 382 -25.01 -20.23 -49.27
C PRO B 382 -25.64 -19.12 -48.44
N LEU B 383 -25.14 -18.92 -47.22
CA LEU B 383 -25.68 -17.89 -46.34
C LEU B 383 -25.58 -16.50 -46.98
N VAL B 384 -24.43 -16.24 -47.60
CA VAL B 384 -24.18 -14.94 -48.20
C VAL B 384 -23.50 -15.13 -49.55
N ASP B 385 -23.68 -14.17 -50.46
CA ASP B 385 -23.07 -14.25 -51.78
C ASP B 385 -21.69 -13.60 -51.79
N ASP B 386 -21.53 -12.55 -50.98
CA ASP B 386 -20.25 -11.86 -50.85
C ASP B 386 -19.70 -11.99 -49.43
N TRP B 387 -18.74 -12.89 -49.25
CA TRP B 387 -18.20 -13.20 -47.93
C TRP B 387 -17.30 -12.10 -47.39
N GLU B 388 -16.61 -11.39 -48.28
CA GLU B 388 -15.79 -10.26 -47.87
C GLU B 388 -16.66 -9.11 -47.37
N CYS B 389 -17.84 -8.95 -47.97
CA CYS B 389 -18.80 -7.96 -47.51
C CYS B 389 -19.30 -8.29 -46.11
N LEU B 390 -19.51 -9.58 -45.85
CA LEU B 390 -19.97 -10.04 -44.54
C LEU B 390 -18.99 -9.63 -43.45
N LYS B 391 -17.70 -9.84 -43.70
CA LYS B 391 -16.66 -9.42 -42.75
C LYS B 391 -16.69 -7.93 -42.52
N SER B 392 -16.86 -7.17 -43.61
CA SER B 392 -16.87 -5.71 -43.54
C SER B 392 -18.00 -5.17 -42.67
N MET B 393 -19.20 -5.72 -42.88
CA MET B 393 -20.38 -5.25 -42.16
C MET B 393 -20.29 -5.54 -40.67
N VAL B 394 -19.65 -6.65 -40.32
CA VAL B 394 -19.41 -6.99 -38.91
C VAL B 394 -18.45 -5.96 -38.30
N ARG B 395 -17.39 -5.63 -39.04
CA ARG B 395 -16.42 -4.65 -38.57
C ARG B 395 -17.07 -3.28 -38.36
N VAL B 396 -17.98 -2.91 -39.26
CA VAL B 396 -18.70 -1.64 -39.14
C VAL B 396 -19.56 -1.63 -37.87
N PHE B 397 -20.26 -2.72 -37.63
CA PHE B 397 -21.09 -2.88 -36.44
C PHE B 397 -20.25 -2.75 -35.16
N GLU B 398 -19.14 -3.46 -35.11
CA GLU B 398 -18.31 -3.49 -33.91
C GLU B 398 -17.66 -2.15 -33.64
N GLU B 399 -17.41 -1.38 -34.70
CA GLU B 399 -16.81 -0.05 -34.56
C GLU B 399 -17.73 0.89 -33.80
N HIS B 400 -19.04 0.73 -33.97
CA HIS B 400 -20.01 1.62 -33.35
C HIS B 400 -20.71 0.99 -32.14
N CYS B 401 -20.97 -0.31 -32.22
CA CYS B 401 -21.80 -0.97 -31.22
C CYS B 401 -20.99 -1.86 -30.26
N GLY B 402 -19.69 -1.97 -30.50
CA GLY B 402 -18.84 -2.77 -29.63
C GLY B 402 -18.71 -4.21 -30.12
N SER B 403 -17.86 -4.97 -29.44
CA SER B 403 -17.58 -6.35 -29.84
C SER B 403 -18.85 -7.21 -29.92
N LEU B 404 -18.92 -8.03 -30.97
CA LEU B 404 -20.09 -8.86 -31.21
C LEU B 404 -20.18 -10.01 -30.21
N THR B 405 -19.03 -10.47 -29.74
CA THR B 405 -18.88 -11.60 -28.82
C THR B 405 -19.37 -12.91 -29.43
N GLN B 406 -19.09 -14.01 -28.76
CA GLN B 406 -19.49 -15.31 -29.28
C GLN B 406 -21.00 -15.48 -29.25
N TYR B 407 -21.65 -14.87 -28.27
CA TYR B 407 -23.10 -14.86 -28.19
C TYR B 407 -23.73 -14.15 -29.40
N GLY B 408 -23.13 -13.04 -29.80
CA GLY B 408 -23.67 -12.24 -30.88
C GLY B 408 -23.55 -12.91 -32.24
N MET B 409 -22.86 -14.06 -32.27
CA MET B 409 -22.76 -14.84 -33.51
C MET B 409 -24.11 -15.37 -33.95
N LYS B 410 -25.07 -15.38 -33.02
CA LYS B 410 -26.42 -15.81 -33.32
C LYS B 410 -27.10 -14.86 -34.31
N HIS B 411 -26.60 -13.62 -34.37
CA HIS B 411 -27.21 -12.58 -35.19
C HIS B 411 -26.58 -12.44 -36.57
N MET B 412 -25.76 -13.41 -36.94
CA MET B 412 -24.91 -13.27 -38.12
C MET B 412 -25.69 -13.26 -39.45
N ARG B 413 -26.90 -13.82 -39.45
CA ARG B 413 -27.72 -13.80 -40.66
C ARG B 413 -28.17 -12.38 -41.01
N ALA B 414 -28.39 -11.57 -39.99
CA ALA B 414 -28.79 -10.17 -40.19
C ALA B 414 -27.74 -9.43 -41.00
N PHE B 415 -26.46 -9.64 -40.67
CA PHE B 415 -25.37 -9.00 -41.39
C PHE B 415 -25.23 -9.60 -42.79
N ALA B 416 -25.52 -10.89 -42.92
CA ALA B 416 -25.45 -11.56 -44.21
C ALA B 416 -26.50 -11.03 -45.17
N ASN B 417 -27.72 -10.81 -44.67
CA ASN B 417 -28.80 -10.32 -45.52
C ASN B 417 -28.63 -8.86 -45.87
N VAL B 418 -27.85 -8.14 -45.07
CA VAL B 418 -27.50 -6.75 -45.40
C VAL B 418 -26.69 -6.77 -46.70
N CYS B 419 -25.78 -7.73 -46.81
CA CYS B 419 -24.97 -7.88 -48.01
C CYS B 419 -25.80 -8.40 -49.19
N ASN B 420 -26.67 -9.37 -48.93
CA ASN B 420 -27.50 -9.97 -49.98
C ASN B 420 -28.50 -8.97 -50.57
N ASN B 421 -28.95 -8.02 -49.76
CA ASN B 421 -29.87 -7.01 -50.23
C ASN B 421 -29.16 -5.79 -50.82
N GLY B 422 -27.84 -5.91 -50.98
CA GLY B 422 -27.06 -4.89 -51.67
C GLY B 422 -26.96 -3.56 -50.94
N VAL B 423 -27.09 -3.59 -49.62
CA VAL B 423 -26.96 -2.38 -48.82
C VAL B 423 -25.50 -1.94 -48.77
N SER B 424 -25.22 -0.69 -49.10
CA SER B 424 -23.85 -0.19 -49.15
C SER B 424 -23.25 -0.06 -47.75
N LYS B 425 -21.92 0.02 -47.70
CA LYS B 425 -21.20 0.16 -46.45
C LYS B 425 -21.55 1.46 -45.75
N GLU B 426 -21.75 2.51 -46.54
CA GLU B 426 -22.09 3.83 -46.00
C GLU B 426 -23.45 3.82 -45.30
N LEU B 427 -24.42 3.10 -45.86
CA LEU B 427 -25.74 3.02 -45.25
C LEU B 427 -25.69 2.19 -43.96
N MET B 428 -24.87 1.15 -43.95
CA MET B 428 -24.66 0.34 -42.76
C MET B 428 -24.03 1.18 -41.65
N GLU B 429 -23.08 2.03 -42.04
CA GLU B 429 -22.46 2.98 -41.11
C GLU B 429 -23.44 3.96 -40.53
N GLU B 430 -24.31 4.47 -41.39
CA GLU B 430 -25.28 5.46 -40.99
C GLU B 430 -26.26 4.86 -40.00
N ALA B 431 -26.69 3.63 -40.28
CA ALA B 431 -27.63 2.92 -39.42
C ALA B 431 -27.01 2.54 -38.09
N SER B 432 -25.77 2.06 -38.14
CA SER B 432 -25.04 1.64 -36.94
C SER B 432 -24.77 2.83 -36.01
N THR B 433 -24.43 3.98 -36.61
CA THR B 433 -24.16 5.18 -35.84
C THR B 433 -25.43 5.64 -35.12
N ALA B 434 -26.56 5.59 -35.81
CA ALA B 434 -27.83 6.00 -35.22
C ALA B 434 -28.25 5.06 -34.09
N ALA B 435 -27.93 3.78 -34.24
CA ALA B 435 -28.38 2.76 -33.28
C ALA B 435 -27.53 2.73 -32.03
N CYS B 436 -26.22 2.94 -32.17
CA CYS B 436 -25.33 2.78 -31.02
C CYS B 436 -24.58 4.08 -30.65
N GLY B 437 -24.52 5.03 -31.57
CA GLY B 437 -23.89 6.33 -31.35
C GLY B 437 -24.31 7.06 -30.10
N GLY B 438 -23.34 7.53 -29.31
CA GLY B 438 -23.63 8.26 -28.09
C GLY B 438 -23.50 7.43 -26.82
N VAL C 17 -90.90 -0.71 -26.39
CA VAL C 17 -89.46 -0.84 -26.46
C VAL C 17 -88.81 0.09 -25.40
N GLY C 18 -87.70 -0.31 -24.75
CA GLY C 18 -87.01 0.49 -23.73
C GLY C 18 -86.07 1.53 -24.28
N THR C 19 -85.10 1.93 -23.45
CA THR C 19 -84.09 2.92 -23.82
C THR C 19 -82.74 2.25 -24.09
N ARG C 20 -82.06 2.69 -25.15
CA ARG C 20 -80.77 2.11 -25.53
C ARG C 20 -79.58 2.98 -25.08
N TRP C 21 -78.74 2.42 -24.21
CA TRP C 21 -77.56 3.12 -23.69
C TRP C 21 -76.26 2.63 -24.32
N ALA C 22 -75.18 3.37 -24.12
CA ALA C 22 -73.88 2.98 -24.65
C ALA C 22 -72.72 3.61 -23.89
N VAL C 23 -71.66 2.84 -23.72
CA VAL C 23 -70.41 3.32 -23.13
C VAL C 23 -69.27 3.09 -24.13
N LEU C 24 -68.61 4.16 -24.52
CA LEU C 24 -67.50 4.05 -25.46
C LEU C 24 -66.21 4.51 -24.79
N VAL C 25 -65.21 3.62 -24.72
CA VAL C 25 -63.99 3.89 -23.99
C VAL C 25 -62.73 3.65 -24.80
N ALA C 26 -61.89 4.67 -24.90
CA ALA C 26 -60.54 4.52 -25.45
C ALA C 26 -59.53 4.46 -24.31
N GLY C 27 -58.69 3.43 -24.30
CA GLY C 27 -57.81 3.20 -23.16
C GLY C 27 -56.38 3.66 -23.31
N SER C 28 -56.09 4.44 -24.36
CA SER C 28 -54.73 4.88 -24.61
C SER C 28 -54.65 6.36 -25.02
N SER C 29 -53.43 6.87 -25.15
CA SER C 29 -53.21 8.24 -25.61
C SER C 29 -51.91 8.34 -26.41
N GLY C 30 -51.64 9.52 -26.96
CA GLY C 30 -50.47 9.72 -27.79
C GLY C 30 -50.80 9.53 -29.26
N TYR C 31 -50.09 10.24 -30.13
CA TYR C 31 -50.40 10.22 -31.56
C TYR C 31 -50.12 8.85 -32.20
N GLY C 32 -49.22 8.09 -31.60
CA GLY C 32 -48.94 6.75 -32.07
C GLY C 32 -50.13 5.83 -31.87
N ASN C 33 -50.99 6.20 -30.93
CA ASN C 33 -52.22 5.46 -30.65
C ASN C 33 -53.45 6.16 -31.20
N TYR C 34 -53.24 6.87 -32.31
CA TYR C 34 -54.31 7.55 -33.06
C TYR C 34 -55.54 6.66 -33.23
N ARG C 35 -55.32 5.43 -33.64
CA ARG C 35 -56.38 4.50 -34.03
C ARG C 35 -57.44 4.27 -32.95
N HIS C 36 -57.02 4.22 -31.68
CA HIS C 36 -57.94 3.83 -30.62
C HIS C 36 -59.04 4.87 -30.36
N GLN C 37 -58.69 6.15 -30.45
CA GLN C 37 -59.69 7.19 -30.24
C GLN C 37 -60.49 7.41 -31.52
N ALA C 38 -59.87 7.11 -32.66
CA ALA C 38 -60.58 7.14 -33.94
C ALA C 38 -61.61 6.02 -34.01
N ASP C 39 -61.30 4.87 -33.41
CA ASP C 39 -62.24 3.76 -33.33
C ASP C 39 -63.50 4.18 -32.59
N VAL C 40 -63.29 4.74 -31.41
CA VAL C 40 -64.37 5.14 -30.50
C VAL C 40 -65.25 6.23 -31.11
N CYS C 41 -64.63 7.22 -31.73
CA CYS C 41 -65.38 8.29 -32.37
C CYS C 41 -66.22 7.76 -33.53
N HIS C 42 -65.65 6.83 -34.29
CA HIS C 42 -66.38 6.21 -35.39
C HIS C 42 -67.59 5.45 -34.86
N ALA C 43 -67.40 4.79 -33.72
CA ALA C 43 -68.48 4.03 -33.09
C ALA C 43 -69.61 4.94 -32.66
N TYR C 44 -69.26 6.14 -32.20
CA TYR C 44 -70.25 7.10 -31.75
C TYR C 44 -71.17 7.54 -32.88
N GLN C 45 -70.58 7.83 -34.03
CA GLN C 45 -71.35 8.29 -35.18
C GLN C 45 -72.33 7.24 -35.65
N ILE C 46 -71.91 5.97 -35.61
CA ILE C 46 -72.79 4.86 -36.01
C ILE C 46 -74.00 4.77 -35.10
N LEU C 47 -73.78 4.91 -33.79
CA LEU C 47 -74.87 4.83 -32.82
C LEU C 47 -75.84 6.00 -32.97
N ARG C 48 -75.30 7.19 -33.21
CA ARG C 48 -76.13 8.39 -33.40
C ARG C 48 -76.94 8.31 -34.69
N LYS C 49 -76.29 7.89 -35.76
CA LYS C 49 -76.96 7.71 -37.04
C LYS C 49 -78.05 6.64 -36.91
N GLY C 50 -77.85 5.71 -35.97
CA GLY C 50 -78.82 4.67 -35.70
C GLY C 50 -79.97 5.11 -34.82
N GLY C 51 -79.87 6.29 -34.22
CA GLY C 51 -80.95 6.85 -33.45
C GLY C 51 -80.78 6.85 -31.94
N LEU C 52 -79.63 6.37 -31.46
CA LEU C 52 -79.35 6.45 -30.04
C LEU C 52 -79.08 7.91 -29.69
N LYS C 53 -79.52 8.33 -28.51
CA LYS C 53 -79.40 9.73 -28.13
C LYS C 53 -78.08 10.03 -27.41
N GLU C 54 -77.58 11.24 -27.62
CA GLU C 54 -76.31 11.68 -27.04
C GLU C 54 -76.34 11.65 -25.52
N GLU C 55 -77.51 11.92 -24.94
CA GLU C 55 -77.64 11.96 -23.51
C GLU C 55 -77.41 10.57 -22.92
N ASN C 56 -77.57 9.53 -23.74
CA ASN C 56 -77.46 8.15 -23.23
C ASN C 56 -76.20 7.45 -23.71
N ILE C 57 -75.33 8.18 -24.41
CA ILE C 57 -74.05 7.61 -24.84
C ILE C 57 -72.91 8.29 -24.07
N VAL C 58 -72.21 7.52 -23.24
CA VAL C 58 -71.10 8.08 -22.47
C VAL C 58 -69.77 7.80 -23.16
N VAL C 59 -68.99 8.85 -23.41
CA VAL C 59 -67.73 8.71 -24.11
C VAL C 59 -66.55 9.07 -23.23
N LEU C 60 -65.64 8.11 -23.08
CA LEU C 60 -64.40 8.31 -22.34
C LEU C 60 -63.21 8.23 -23.30
N MET C 61 -62.60 9.38 -23.57
CA MET C 61 -61.44 9.46 -24.46
C MET C 61 -60.49 10.56 -24.02
N TYR C 62 -59.19 10.32 -24.14
CA TYR C 62 -58.20 11.28 -23.66
C TYR C 62 -58.26 12.61 -24.42
N ASP C 63 -58.70 12.54 -25.68
CA ASP C 63 -58.94 13.72 -26.51
C ASP C 63 -57.69 14.55 -26.78
N ASP C 64 -56.61 13.87 -27.19
CA ASP C 64 -55.34 14.55 -27.45
C ASP C 64 -54.90 14.35 -28.90
N ILE C 65 -55.81 13.87 -29.74
CA ILE C 65 -55.43 13.49 -31.10
C ILE C 65 -55.90 14.51 -32.14
N ALA C 66 -57.13 14.99 -31.99
CA ALA C 66 -57.72 15.92 -32.95
C ALA C 66 -56.89 17.19 -33.11
N ASN C 67 -56.35 17.68 -32.00
CA ASN C 67 -55.57 18.91 -32.02
C ASN C 67 -54.09 18.66 -31.71
N HIS C 68 -53.62 17.47 -32.07
CA HIS C 68 -52.20 17.14 -31.94
C HIS C 68 -51.40 17.83 -33.04
N PRO C 69 -50.21 18.36 -32.69
CA PRO C 69 -49.33 19.04 -33.65
C PRO C 69 -49.00 18.18 -34.88
N LEU C 70 -48.97 16.87 -34.70
CA LEU C 70 -48.61 15.95 -35.77
C LEU C 70 -49.79 15.64 -36.68
N ASN C 71 -51.00 15.99 -36.26
CA ASN C 71 -52.18 15.74 -37.08
C ASN C 71 -52.17 16.60 -38.34
N PRO C 72 -52.08 15.96 -39.51
CA PRO C 72 -52.00 16.69 -40.78
C PRO C 72 -53.31 17.36 -41.17
N ARG C 73 -54.42 16.95 -40.56
CA ARG C 73 -55.70 17.61 -40.75
C ARG C 73 -56.35 17.89 -39.40
N PRO C 74 -55.93 18.97 -38.74
CA PRO C 74 -56.33 19.38 -37.39
C PRO C 74 -57.83 19.46 -37.21
N GLY C 75 -58.33 18.98 -36.08
CA GLY C 75 -59.74 19.02 -35.78
C GLY C 75 -60.52 17.86 -36.35
N THR C 76 -59.83 16.91 -36.98
CA THR C 76 -60.52 15.78 -37.58
C THR C 76 -59.92 14.44 -37.14
N LEU C 77 -60.72 13.39 -37.29
CA LEU C 77 -60.27 12.02 -37.11
C LEU C 77 -60.90 11.14 -38.18
N ILE C 78 -60.10 10.27 -38.79
CA ILE C 78 -60.64 9.32 -39.74
C ILE C 78 -60.28 7.89 -39.32
N ASN C 79 -61.19 6.96 -39.60
CA ASN C 79 -61.02 5.56 -39.22
C ASN C 79 -60.97 4.68 -40.46
N HIS C 80 -60.64 5.31 -41.59
CA HIS C 80 -60.60 4.65 -42.88
C HIS C 80 -59.84 5.54 -43.87
N PRO C 81 -59.00 4.94 -44.72
CA PRO C 81 -58.19 5.67 -45.70
C PRO C 81 -59.01 6.62 -46.58
N ASP C 82 -60.18 6.18 -47.01
CA ASP C 82 -61.07 7.00 -47.83
C ASP C 82 -62.20 7.54 -46.98
N GLY C 83 -62.00 7.56 -45.67
CA GLY C 83 -63.07 7.89 -44.75
C GLY C 83 -63.27 9.37 -44.49
N ASP C 84 -64.46 9.71 -44.00
CA ASP C 84 -64.77 11.08 -43.62
C ASP C 84 -64.49 11.29 -42.13
N ASP C 85 -64.62 12.53 -41.67
CA ASP C 85 -64.37 12.86 -40.26
C ASP C 85 -65.39 12.20 -39.34
N VAL C 86 -64.92 11.74 -38.18
CA VAL C 86 -65.80 11.13 -37.18
C VAL C 86 -65.68 11.81 -35.82
N TYR C 87 -64.84 12.84 -35.74
CA TYR C 87 -64.58 13.53 -34.48
C TYR C 87 -65.64 14.57 -34.11
N ALA C 88 -66.15 15.27 -35.11
CA ALA C 88 -67.13 16.33 -34.90
C ALA C 88 -68.43 15.78 -34.31
N GLY C 89 -68.88 16.35 -33.19
CA GLY C 89 -70.13 15.95 -32.57
C GLY C 89 -69.99 15.03 -31.37
N VAL C 90 -68.82 14.42 -31.22
CA VAL C 90 -68.57 13.52 -30.10
C VAL C 90 -68.45 14.30 -28.79
N PRO C 91 -69.27 13.95 -27.79
CA PRO C 91 -69.30 14.65 -26.50
C PRO C 91 -68.03 14.46 -25.69
N LYS C 92 -67.65 15.49 -24.93
CA LYS C 92 -66.46 15.43 -24.08
C LYS C 92 -66.85 15.09 -22.65
N ASP C 93 -67.40 13.90 -22.44
CA ASP C 93 -67.85 13.49 -21.12
C ASP C 93 -66.70 13.32 -20.14
N TYR C 94 -65.69 12.55 -20.54
CA TYR C 94 -64.54 12.33 -19.69
C TYR C 94 -63.26 12.33 -20.52
N THR C 95 -62.47 13.39 -20.36
CA THR C 95 -61.24 13.53 -21.13
C THR C 95 -60.04 13.75 -20.21
N GLY C 96 -58.84 13.64 -20.78
CA GLY C 96 -57.62 13.89 -20.03
C GLY C 96 -57.44 13.02 -18.81
N SER C 97 -57.29 13.66 -17.65
CA SER C 97 -57.05 12.95 -16.39
C SER C 97 -58.29 12.26 -15.86
N SER C 98 -59.44 12.54 -16.46
CA SER C 98 -60.69 11.96 -15.99
C SER C 98 -60.95 10.59 -16.57
N VAL C 99 -60.15 10.20 -17.56
CA VAL C 99 -60.28 8.87 -18.16
C VAL C 99 -59.59 7.84 -17.28
N THR C 100 -60.32 7.36 -16.28
CA THR C 100 -59.78 6.42 -15.28
C THR C 100 -60.64 5.16 -15.19
N ALA C 101 -60.06 4.11 -14.62
CA ALA C 101 -60.79 2.86 -14.42
C ALA C 101 -61.95 3.06 -13.45
N ALA C 102 -61.72 3.87 -12.42
CA ALA C 102 -62.74 4.14 -11.41
C ALA C 102 -63.94 4.86 -12.02
N ASN C 103 -63.68 5.83 -12.90
CA ASN C 103 -64.76 6.54 -13.57
C ASN C 103 -65.50 5.63 -14.54
N PHE C 104 -64.78 4.72 -15.19
CA PHE C 104 -65.39 3.76 -16.10
C PHE C 104 -66.37 2.84 -15.35
N TYR C 105 -65.96 2.37 -14.19
CA TYR C 105 -66.83 1.51 -13.37
C TYR C 105 -68.05 2.27 -12.88
N ALA C 106 -67.83 3.51 -12.43
CA ALA C 106 -68.91 4.34 -11.90
C ALA C 106 -69.94 4.70 -12.97
N VAL C 107 -69.45 5.01 -14.17
CA VAL C 107 -70.31 5.31 -15.29
C VAL C 107 -71.20 4.11 -15.61
N LEU C 108 -70.59 2.93 -15.65
CA LEU C 108 -71.31 1.70 -15.96
C LEU C 108 -72.33 1.36 -14.89
N LEU C 109 -71.99 1.63 -13.63
CA LEU C 109 -72.89 1.34 -12.52
C LEU C 109 -74.01 2.38 -12.38
N GLY C 110 -73.84 3.53 -13.01
CA GLY C 110 -74.81 4.60 -12.91
C GLY C 110 -74.71 5.31 -11.57
N ASP C 111 -73.50 5.39 -11.04
CA ASP C 111 -73.26 6.03 -9.75
C ASP C 111 -72.63 7.40 -9.94
N GLN C 112 -73.49 8.42 -10.04
CA GLN C 112 -73.05 9.78 -10.30
C GLN C 112 -72.19 10.32 -9.16
N LYS C 113 -72.43 9.87 -7.93
CA LYS C 113 -71.64 10.31 -6.79
C LYS C 113 -70.22 9.74 -6.81
N ALA C 114 -70.06 8.52 -7.32
CA ALA C 114 -68.74 7.88 -7.36
C ALA C 114 -67.86 8.46 -8.45
N VAL C 115 -68.48 9.11 -9.44
CA VAL C 115 -67.78 9.76 -10.53
C VAL C 115 -67.05 11.01 -10.04
N LYS C 116 -65.78 11.17 -10.45
CA LYS C 116 -65.01 12.37 -10.11
C LYS C 116 -64.63 13.15 -11.36
N GLY C 117 -65.08 14.40 -11.41
CA GLY C 117 -64.82 15.27 -12.55
C GLY C 117 -65.68 14.89 -13.74
N GLY C 118 -65.31 15.38 -14.92
CA GLY C 118 -66.03 15.08 -16.14
C GLY C 118 -67.39 15.74 -16.22
N SER C 119 -68.20 15.29 -17.17
CA SER C 119 -69.54 15.85 -17.39
C SER C 119 -70.55 15.35 -16.35
N GLY C 120 -70.23 14.22 -15.74
CA GLY C 120 -71.10 13.62 -14.74
C GLY C 120 -72.16 12.71 -15.35
N LYS C 121 -72.06 12.50 -16.66
CA LYS C 121 -73.00 11.60 -17.36
C LYS C 121 -72.69 10.15 -17.05
N VAL C 122 -73.72 9.39 -16.64
CA VAL C 122 -73.57 7.99 -16.33
C VAL C 122 -74.68 7.16 -16.98
N ILE C 123 -74.59 5.85 -16.86
CA ILE C 123 -75.61 4.95 -17.37
C ILE C 123 -76.68 4.72 -16.29
N ALA C 124 -77.57 5.70 -16.14
CA ALA C 124 -78.67 5.57 -15.19
C ALA C 124 -79.83 4.81 -15.83
N SER C 125 -79.60 3.54 -16.12
CA SER C 125 -80.55 2.73 -16.86
C SER C 125 -81.63 2.14 -15.95
N LYS C 126 -82.69 1.61 -16.57
CA LYS C 126 -83.81 1.02 -15.84
C LYS C 126 -84.06 -0.40 -16.40
N PRO C 127 -84.71 -1.30 -15.62
CA PRO C 127 -84.82 -2.73 -15.96
C PRO C 127 -85.15 -3.10 -17.41
N ASN C 128 -85.80 -2.22 -18.15
CA ASN C 128 -86.22 -2.56 -19.50
C ASN C 128 -85.23 -2.11 -20.58
N ASP C 129 -84.09 -1.56 -20.16
CA ASP C 129 -83.14 -0.97 -21.10
C ASP C 129 -82.11 -1.94 -21.67
N HIS C 130 -81.50 -1.54 -22.78
CA HIS C 130 -80.39 -2.29 -23.39
C HIS C 130 -79.11 -1.46 -23.32
N ILE C 131 -77.98 -2.13 -23.09
CA ILE C 131 -76.70 -1.44 -22.96
C ILE C 131 -75.65 -2.04 -23.89
N PHE C 132 -74.92 -1.16 -24.57
CA PHE C 132 -73.86 -1.58 -25.48
C PHE C 132 -72.52 -1.00 -25.02
N VAL C 133 -71.57 -1.87 -24.71
CA VAL C 133 -70.27 -1.42 -24.22
C VAL C 133 -69.17 -1.72 -25.24
N TYR C 134 -68.36 -0.72 -25.55
CA TYR C 134 -67.28 -0.91 -26.50
C TYR C 134 -65.95 -0.31 -25.99
N TYR C 135 -64.97 -1.18 -25.80
CA TYR C 135 -63.63 -0.77 -25.36
C TYR C 135 -62.63 -0.91 -26.50
N ALA C 136 -61.69 0.02 -26.58
CA ALA C 136 -60.64 -0.07 -27.59
C ALA C 136 -59.28 0.45 -27.13
C SNN C 137 -55.73 -1.10 -26.84
CA SNN C 137 -56.65 0.09 -26.81
N SNN C 137 -58.08 -0.14 -27.15
C4 SNN C 137 -56.36 0.92 -25.56
C5 SNN C 137 -55.22 0.21 -24.84
O SNN C 137 -55.78 -1.91 -27.74
O5 SNN C 137 -54.80 0.69 -23.81
H2 SNN C 137 -58.16 -0.95 -26.68
HA SNN C 137 -56.35 0.66 -27.51
H SNN C 137 -57.93 -0.44 -28.02
H41 SNN C 137 -56.08 1.81 -25.81
H42 SNN C 137 -57.14 0.94 -24.99
N HIS C 138 -55.08 -0.80 -25.72
CA HIS C 138 -54.08 -1.83 -25.49
C HIS C 138 -54.50 -2.78 -24.38
N GLY C 139 -53.83 -3.92 -24.31
CA GLY C 139 -54.13 -4.90 -23.29
C GLY C 139 -53.04 -5.92 -23.10
N GLY C 140 -53.26 -6.79 -22.13
CA GLY C 140 -52.36 -7.90 -21.86
C GLY C 140 -53.18 -8.92 -21.11
N PRO C 141 -52.57 -10.07 -20.77
CA PRO C 141 -53.24 -11.13 -20.01
C PRO C 141 -53.87 -10.61 -18.71
N GLY C 142 -55.20 -10.61 -18.67
CA GLY C 142 -55.93 -10.22 -17.47
C GLY C 142 -56.01 -8.72 -17.21
N VAL C 143 -55.54 -7.92 -18.16
CA VAL C 143 -55.49 -6.47 -17.95
C VAL C 143 -55.86 -5.65 -19.20
N LEU C 144 -56.61 -4.57 -18.98
CA LEU C 144 -56.93 -3.62 -20.06
C LEU C 144 -56.30 -2.26 -19.75
N GLY C 145 -55.72 -1.63 -20.76
CA GLY C 145 -55.01 -0.38 -20.58
C GLY C 145 -55.89 0.84 -20.31
N MET C 146 -55.35 1.78 -19.55
CA MET C 146 -56.01 3.08 -19.36
C MET C 146 -54.96 4.18 -19.44
N PRO C 147 -55.32 5.34 -20.00
CA PRO C 147 -54.34 6.42 -20.18
C PRO C 147 -53.91 7.03 -18.85
N ASN C 148 -54.67 6.78 -17.79
CA ASN C 148 -54.27 7.18 -16.44
C ASN C 148 -54.28 5.96 -15.52
N THR C 149 -53.11 5.60 -14.99
CA THR C 149 -52.97 4.44 -14.11
C THR C 149 -53.83 4.60 -12.85
N PRO C 150 -54.27 3.47 -12.26
CA PRO C 150 -53.97 2.07 -12.62
C PRO C 150 -54.80 1.57 -13.80
N HIS C 151 -54.32 0.51 -14.44
CA HIS C 151 -55.03 -0.10 -15.55
C HIS C 151 -56.26 -0.87 -15.04
N ILE C 152 -57.06 -1.36 -15.98
CA ILE C 152 -58.23 -2.17 -15.64
C ILE C 152 -57.85 -3.63 -15.44
N TYR C 153 -58.16 -4.17 -14.27
CA TYR C 153 -57.94 -5.59 -14.01
C TYR C 153 -59.24 -6.36 -14.22
N ALA C 154 -59.12 -7.52 -14.86
CA ALA C 154 -60.28 -8.30 -15.31
C ALA C 154 -61.29 -8.60 -14.19
N ALA C 155 -60.79 -9.01 -13.03
CA ALA C 155 -61.64 -9.38 -11.91
C ALA C 155 -62.50 -8.20 -11.44
N ASP C 156 -61.92 -7.01 -11.45
CA ASP C 156 -62.65 -5.80 -11.05
C ASP C 156 -63.74 -5.48 -12.05
N PHE C 157 -63.43 -5.67 -13.33
CA PHE C 157 -64.39 -5.43 -14.41
C PHE C 157 -65.57 -6.39 -14.30
N ILE C 158 -65.28 -7.67 -14.05
CA ILE C 158 -66.33 -8.68 -13.92
C ILE C 158 -67.20 -8.42 -12.69
N GLU C 159 -66.57 -8.04 -11.59
CA GLU C 159 -67.29 -7.76 -10.36
C GLU C 159 -68.24 -6.56 -10.54
N THR C 160 -67.80 -5.58 -11.32
CA THR C 160 -68.62 -4.43 -11.63
C THR C 160 -69.88 -4.86 -12.40
N LEU C 161 -69.70 -5.80 -13.33
CA LEU C 161 -70.82 -6.33 -14.10
C LEU C 161 -71.78 -7.07 -13.19
N LYS C 162 -71.23 -7.76 -12.21
CA LYS C 162 -72.03 -8.50 -11.24
C LYS C 162 -72.90 -7.58 -10.39
N LYS C 163 -72.31 -6.48 -9.93
CA LYS C 163 -73.05 -5.50 -9.14
C LYS C 163 -74.15 -4.87 -9.96
N LYS C 164 -73.87 -4.60 -11.23
CA LYS C 164 -74.84 -4.01 -12.14
C LYS C 164 -76.03 -4.96 -12.34
N HIS C 165 -75.73 -6.25 -12.50
CA HIS C 165 -76.77 -7.26 -12.67
C HIS C 165 -77.63 -7.37 -11.43
N ALA C 166 -77.00 -7.33 -10.25
CA ALA C 166 -77.71 -7.45 -8.99
C ALA C 166 -78.68 -6.31 -8.77
N SER C 167 -78.34 -5.15 -9.33
CA SER C 167 -79.20 -3.97 -9.24
C SER C 167 -80.46 -4.11 -10.09
N GLY C 168 -80.38 -4.97 -11.10
CA GLY C 168 -81.51 -5.22 -11.98
C GLY C 168 -81.87 -3.99 -12.78
N THR C 169 -80.87 -3.19 -13.12
CA THR C 169 -81.09 -1.92 -13.80
C THR C 169 -80.89 -2.02 -15.32
N TYR C 170 -81.08 -3.21 -15.86
CA TYR C 170 -81.04 -3.42 -17.31
C TYR C 170 -81.65 -4.77 -17.69
N LYS C 171 -82.10 -4.88 -18.93
CA LYS C 171 -82.65 -6.13 -19.44
C LYS C 171 -81.53 -7.02 -19.95
N GLU C 172 -80.78 -6.54 -20.94
CA GLU C 172 -79.65 -7.29 -21.50
C GLU C 172 -78.52 -6.35 -21.92
N MET C 173 -77.33 -6.92 -22.08
CA MET C 173 -76.14 -6.14 -22.37
C MET C 173 -75.22 -6.84 -23.36
N VAL C 174 -74.60 -6.05 -24.26
CA VAL C 174 -73.62 -6.57 -25.21
C VAL C 174 -72.30 -5.81 -25.08
N ILE C 175 -71.19 -6.55 -25.01
CA ILE C 175 -69.87 -5.95 -24.84
C ILE C 175 -68.89 -6.36 -25.94
N TYR C 176 -68.33 -5.37 -26.63
CA TYR C 176 -67.27 -5.60 -27.61
C TYR C 176 -65.93 -5.08 -27.05
N VAL C 177 -64.89 -5.91 -27.09
CA VAL C 177 -63.61 -5.53 -26.50
C VAL C 177 -62.44 -5.63 -27.49
N GLU C 178 -61.83 -4.49 -27.80
CA GLU C 178 -60.67 -4.44 -28.68
C GLU C 178 -59.37 -4.29 -27.88
N ALA C 179 -58.62 -5.39 -27.75
CA ALA C 179 -57.34 -5.39 -27.04
C ALA C 179 -56.54 -6.66 -27.32
N ALA C 180 -55.24 -6.61 -27.05
CA ALA C 180 -54.39 -7.79 -27.17
C ALA C 180 -54.65 -8.71 -25.98
N GLU C 181 -54.72 -10.02 -26.25
CA GLU C 181 -55.06 -11.02 -25.24
C GLU C 181 -56.39 -10.71 -24.55
N SER C 182 -57.32 -10.11 -25.29
CA SER C 182 -58.58 -9.62 -24.70
C SER C 182 -59.47 -10.75 -24.18
N GLY C 183 -59.29 -11.96 -24.69
CA GLY C 183 -60.03 -13.10 -24.20
C GLY C 183 -59.74 -13.39 -22.74
N SER C 184 -58.56 -12.99 -22.28
CA SER C 184 -58.14 -13.25 -20.89
C SER C 184 -58.94 -12.45 -19.88
N ILE C 185 -59.67 -11.43 -20.35
CA ILE C 185 -60.46 -10.60 -19.46
C ILE C 185 -61.69 -11.37 -18.96
N PHE C 186 -62.10 -12.38 -19.71
CA PHE C 186 -63.35 -13.08 -19.41
C PHE C 186 -63.18 -14.57 -19.14
N GLU C 187 -62.14 -15.18 -19.70
CA GLU C 187 -61.96 -16.62 -19.57
C GLU C 187 -61.77 -17.07 -18.13
N GLY C 188 -62.64 -17.97 -17.70
CA GLY C 188 -62.55 -18.57 -16.37
C GLY C 188 -63.24 -17.79 -15.27
N ILE C 189 -63.73 -16.59 -15.58
CA ILE C 189 -64.34 -15.75 -14.55
C ILE C 189 -65.68 -15.14 -14.95
N MET C 190 -65.96 -15.07 -16.25
CA MET C 190 -67.20 -14.46 -16.73
C MET C 190 -68.39 -15.43 -16.68
N PRO C 191 -69.39 -15.11 -15.84
CA PRO C 191 -70.58 -15.95 -15.69
C PRO C 191 -71.49 -15.87 -16.91
N LYS C 192 -72.41 -16.83 -17.05
CA LYS C 192 -73.33 -16.88 -18.18
C LYS C 192 -74.76 -16.56 -17.78
N ASP C 193 -74.94 -16.06 -16.55
CA ASP C 193 -76.27 -15.77 -16.03
C ASP C 193 -76.45 -14.29 -15.68
N LEU C 194 -75.68 -13.42 -16.35
CA LEU C 194 -75.77 -11.99 -16.08
C LEU C 194 -76.54 -11.24 -17.15
N ASN C 195 -77.15 -11.99 -18.08
CA ASN C 195 -77.82 -11.41 -19.24
C ASN C 195 -76.88 -10.54 -20.05
N ILE C 196 -75.64 -11.00 -20.20
CA ILE C 196 -74.62 -10.27 -20.93
C ILE C 196 -73.96 -11.14 -21.99
N TYR C 197 -73.80 -10.60 -23.20
CA TYR C 197 -73.07 -11.29 -24.25
C TYR C 197 -71.80 -10.52 -24.60
N VAL C 198 -70.71 -11.25 -24.79
CA VAL C 198 -69.40 -10.63 -24.96
C VAL C 198 -68.65 -11.19 -26.18
N THR C 199 -68.00 -10.32 -26.95
CA THR C 199 -67.06 -10.76 -27.97
C THR C 199 -65.73 -10.02 -27.79
N THR C 200 -64.62 -10.71 -28.08
CA THR C 200 -63.29 -10.11 -27.94
C THR C 200 -62.48 -10.24 -29.23
N ALA C 201 -61.53 -9.33 -29.42
CA ALA C 201 -60.73 -9.30 -30.63
C ALA C 201 -59.82 -10.53 -30.79
N SER C 202 -59.32 -11.04 -29.67
CA SER C 202 -58.38 -12.16 -29.69
C SER C 202 -58.65 -13.13 -28.55
N ASN C 203 -57.91 -14.25 -28.52
CA ASN C 203 -58.04 -15.19 -27.41
C ASN C 203 -57.16 -14.75 -26.23
N ALA C 204 -56.99 -15.63 -25.25
CA ALA C 204 -56.36 -15.24 -23.99
C ALA C 204 -54.83 -15.15 -24.05
N GLN C 205 -54.23 -15.57 -25.17
CA GLN C 205 -52.77 -15.62 -25.23
C GLN C 205 -52.15 -14.97 -26.47
N GLU C 206 -52.97 -14.62 -27.46
CA GLU C 206 -52.44 -14.12 -28.73
C GLU C 206 -52.52 -12.61 -28.87
N SER C 207 -51.84 -12.10 -29.89
CA SER C 207 -51.81 -10.67 -30.19
C SER C 207 -53.07 -10.22 -30.91
N SER C 208 -53.36 -8.92 -30.84
CA SER C 208 -54.36 -8.29 -31.69
C SER C 208 -53.62 -7.49 -32.76
N TYR C 209 -54.38 -6.92 -33.70
CA TYR C 209 -53.77 -6.25 -34.85
C TYR C 209 -54.37 -4.88 -35.13
N GLY C 210 -53.51 -3.93 -35.48
CA GLY C 210 -53.94 -2.63 -35.95
C GLY C 210 -53.90 -2.64 -37.47
N THR C 211 -54.66 -1.76 -38.11
CA THR C 211 -54.74 -1.76 -39.57
C THR C 211 -54.86 -0.33 -40.13
N TYR C 212 -54.92 -0.21 -41.45
CA TYR C 212 -54.91 1.07 -42.15
C TYR C 212 -53.68 1.90 -41.76
N CYS C 213 -52.51 1.29 -41.96
CA CYS C 213 -51.22 1.83 -41.54
C CYS C 213 -50.33 2.22 -42.76
N PRO C 214 -49.40 3.16 -42.54
CA PRO C 214 -48.49 3.54 -43.64
C PRO C 214 -47.57 2.41 -44.04
N GLY C 215 -47.21 2.36 -45.33
CA GLY C 215 -46.28 1.34 -45.81
C GLY C 215 -46.95 0.01 -46.07
N MET C 216 -48.27 -0.04 -45.92
CA MET C 216 -49.02 -1.28 -46.13
C MET C 216 -50.21 -1.06 -47.04
N ASN C 217 -50.94 -2.13 -47.32
CA ASN C 217 -52.09 -2.05 -48.21
C ASN C 217 -53.38 -2.57 -47.56
N PRO C 218 -54.41 -1.70 -47.50
CA PRO C 218 -54.32 -0.33 -48.01
C PRO C 218 -53.70 0.63 -46.98
N SER C 219 -53.11 1.70 -47.48
CA SER C 219 -52.50 2.73 -46.65
C SER C 219 -53.39 3.97 -46.54
N PRO C 220 -53.28 4.71 -45.42
CA PRO C 220 -53.94 6.02 -45.34
C PRO C 220 -53.27 7.01 -46.28
N PRO C 221 -53.88 8.19 -46.51
CA PRO C 221 -53.17 9.21 -47.30
C PRO C 221 -51.76 9.48 -46.76
N SER C 222 -50.83 9.78 -47.68
CA SER C 222 -49.41 9.87 -47.34
C SER C 222 -49.06 10.80 -46.19
N GLU C 223 -49.91 11.80 -45.95
CA GLU C 223 -49.66 12.74 -44.85
C GLU C 223 -49.84 12.07 -43.50
N TYR C 224 -50.53 10.92 -43.48
CA TYR C 224 -50.73 10.14 -42.26
C TYR C 224 -49.63 9.09 -42.08
N ILE C 225 -48.86 9.21 -40.99
CA ILE C 225 -47.79 8.27 -40.71
C ILE C 225 -48.09 7.45 -39.45
N THR C 226 -49.36 7.34 -39.11
CA THR C 226 -49.81 6.52 -37.99
C THR C 226 -51.04 5.71 -38.43
N CYS C 227 -51.28 4.58 -37.76
CA CYS C 227 -52.41 3.71 -38.11
C CYS C 227 -53.76 4.36 -37.82
N LEU C 228 -54.73 4.13 -38.70
CA LEU C 228 -56.04 4.76 -38.57
C LEU C 228 -57.02 3.96 -37.72
N GLY C 229 -56.87 2.64 -37.70
CA GLY C 229 -57.81 1.78 -36.99
C GLY C 229 -57.25 0.45 -36.53
N ASP C 230 -58.12 -0.41 -36.00
CA ASP C 230 -57.74 -1.75 -35.60
C ASP C 230 -58.64 -2.79 -36.29
N LEU C 231 -58.07 -3.95 -36.59
CA LEU C 231 -58.71 -4.97 -37.42
C LEU C 231 -60.10 -5.38 -36.93
N TYR C 232 -60.19 -5.81 -35.69
CA TYR C 232 -61.45 -6.24 -35.10
C TYR C 232 -62.46 -5.09 -35.05
N SER C 233 -61.97 -3.89 -34.72
CA SER C 233 -62.82 -2.72 -34.57
C SER C 233 -63.48 -2.28 -35.87
N VAL C 234 -62.68 -2.10 -36.91
CA VAL C 234 -63.21 -1.67 -38.20
C VAL C 234 -64.04 -2.79 -38.83
N ALA C 235 -63.84 -4.02 -38.38
CA ALA C 235 -64.60 -5.15 -38.91
C ALA C 235 -66.07 -5.02 -38.56
N TRP C 236 -66.37 -4.78 -37.28
CA TRP C 236 -67.76 -4.71 -36.85
C TRP C 236 -68.40 -3.37 -37.17
N MET C 237 -67.59 -2.31 -37.20
CA MET C 237 -68.14 -0.99 -37.46
C MET C 237 -68.49 -0.81 -38.94
N GLU C 238 -67.59 -1.22 -39.82
CA GLU C 238 -67.87 -1.15 -41.26
C GLU C 238 -69.03 -2.08 -41.62
N ASP C 239 -69.18 -3.15 -40.85
CA ASP C 239 -70.29 -4.08 -41.04
C ASP C 239 -71.62 -3.44 -40.64
N SER C 240 -71.64 -2.80 -39.48
CA SER C 240 -72.86 -2.19 -38.96
C SER C 240 -73.36 -1.01 -39.81
N GLU C 241 -72.42 -0.24 -40.35
CA GLU C 241 -72.74 0.97 -41.09
C GLU C 241 -73.15 0.68 -42.54
N THR C 242 -72.97 -0.56 -42.98
CA THR C 242 -73.27 -0.90 -44.37
C THR C 242 -74.33 -2.00 -44.47
N HIS C 243 -75.05 -2.24 -43.38
CA HIS C 243 -76.09 -3.27 -43.37
C HIS C 243 -77.34 -2.84 -42.63
N ASN C 244 -78.48 -3.39 -43.04
CA ASN C 244 -79.76 -3.16 -42.36
C ASN C 244 -79.78 -3.85 -41.00
N LEU C 245 -79.71 -3.05 -39.94
CA LEU C 245 -79.59 -3.59 -38.59
C LEU C 245 -80.90 -4.12 -38.04
N LYS C 246 -82.00 -3.85 -38.75
CA LYS C 246 -83.28 -4.44 -38.39
C LYS C 246 -83.37 -5.88 -38.88
N LYS C 247 -82.49 -6.23 -39.82
CA LYS C 247 -82.45 -7.58 -40.38
C LYS C 247 -81.31 -8.39 -39.78
N GLU C 248 -80.13 -7.78 -39.67
CA GLU C 248 -78.93 -8.48 -39.25
C GLU C 248 -78.93 -8.85 -37.77
N THR C 249 -78.58 -10.10 -37.49
CA THR C 249 -78.50 -10.60 -36.12
C THR C 249 -77.10 -10.42 -35.54
N ILE C 250 -77.02 -10.46 -34.22
CA ILE C 250 -75.73 -10.45 -33.53
C ILE C 250 -74.93 -11.68 -33.96
N LYS C 251 -75.63 -12.79 -34.16
CA LYS C 251 -75.02 -14.03 -34.65
C LYS C 251 -74.29 -13.80 -35.98
N GLN C 252 -74.93 -13.08 -36.89
CA GLN C 252 -74.37 -12.80 -38.19
C GLN C 252 -73.15 -11.87 -38.12
N GLN C 253 -73.22 -10.87 -37.24
CA GLN C 253 -72.11 -9.94 -37.09
C GLN C 253 -70.88 -10.65 -36.53
N TYR C 254 -71.10 -11.50 -35.53
CA TYR C 254 -70.00 -12.28 -34.96
C TYR C 254 -69.32 -13.12 -36.04
N HIS C 255 -70.13 -13.77 -36.87
CA HIS C 255 -69.63 -14.58 -37.98
C HIS C 255 -68.80 -13.76 -38.96
N THR C 256 -69.30 -12.56 -39.28
CA THR C 256 -68.62 -11.68 -40.23
C THR C 256 -67.31 -11.16 -39.64
N VAL C 257 -67.37 -10.68 -38.41
CA VAL C 257 -66.20 -10.15 -37.73
C VAL C 257 -65.11 -11.20 -37.54
N LYS C 258 -65.51 -12.38 -37.07
CA LYS C 258 -64.60 -13.49 -36.85
C LYS C 258 -63.85 -13.86 -38.14
N MET C 259 -64.56 -13.84 -39.26
CA MET C 259 -63.98 -14.18 -40.55
C MET C 259 -62.94 -13.15 -41.01
N ARG C 260 -63.30 -11.86 -40.93
CA ARG C 260 -62.39 -10.80 -41.34
C ARG C 260 -61.17 -10.71 -40.43
N THR C 261 -61.40 -10.79 -39.13
CA THR C 261 -60.33 -10.65 -38.15
C THR C 261 -59.35 -11.82 -38.20
N SER C 262 -59.82 -12.99 -38.63
CA SER C 262 -58.94 -14.15 -38.76
C SER C 262 -58.17 -14.12 -40.08
N ASN C 263 -58.29 -13.00 -40.81
CA ASN C 263 -57.81 -12.89 -42.18
C ASN C 263 -58.33 -14.05 -43.01
N TYR C 264 -59.62 -14.31 -42.86
CA TYR C 264 -60.33 -15.36 -43.58
C TYR C 264 -59.70 -16.74 -43.34
N ASN C 265 -59.67 -17.11 -42.06
CA ASN C 265 -59.26 -18.45 -41.59
C ASN C 265 -57.82 -18.83 -41.88
N THR C 266 -56.97 -17.85 -42.17
CA THR C 266 -55.55 -18.12 -42.36
C THR C 266 -54.75 -17.88 -41.08
N TYR C 267 -55.24 -16.94 -40.28
CA TYR C 267 -54.59 -16.51 -39.04
C TYR C 267 -53.16 -16.04 -39.29
N SER C 268 -52.91 -15.62 -40.53
CA SER C 268 -51.67 -14.94 -40.88
C SER C 268 -51.97 -13.45 -40.93
N GLY C 269 -51.54 -12.73 -39.89
CA GLY C 269 -51.93 -11.36 -39.73
C GLY C 269 -53.39 -11.28 -39.32
N GLY C 270 -53.77 -12.16 -38.40
CA GLY C 270 -55.14 -12.21 -37.91
C GLY C 270 -55.24 -12.96 -36.58
N SER C 271 -56.31 -12.72 -35.83
CA SER C 271 -56.46 -13.32 -34.52
C SER C 271 -57.78 -14.08 -34.38
N HIS C 272 -57.96 -14.78 -33.27
CA HIS C 272 -59.17 -15.56 -33.01
C HIS C 272 -60.21 -14.77 -32.22
N VAL C 273 -61.30 -14.36 -32.87
CA VAL C 273 -62.37 -13.68 -32.17
C VAL C 273 -63.13 -14.65 -31.27
N MET C 274 -63.20 -14.33 -29.98
CA MET C 274 -63.83 -15.21 -29.00
C MET C 274 -65.15 -14.63 -28.49
N GLU C 275 -65.97 -15.48 -27.87
CA GLU C 275 -67.24 -15.04 -27.32
C GLU C 275 -67.44 -15.61 -25.91
N TYR C 276 -68.13 -14.83 -25.08
CA TYR C 276 -68.37 -15.22 -23.69
C TYR C 276 -69.75 -14.78 -23.22
N GLY C 277 -70.19 -15.33 -22.09
CA GLY C 277 -71.50 -15.00 -21.55
C GLY C 277 -72.62 -15.85 -22.11
N ASN C 278 -73.80 -15.24 -22.24
CA ASN C 278 -74.99 -15.94 -22.72
C ASN C 278 -75.11 -15.91 -24.24
N ASN C 279 -74.97 -17.07 -24.88
CA ASN C 279 -75.01 -17.14 -26.34
C ASN C 279 -76.41 -17.00 -26.95
N SER C 280 -77.43 -17.14 -26.12
CA SER C 280 -78.80 -17.05 -26.62
C SER C 280 -79.15 -15.64 -27.09
N ILE C 281 -78.37 -14.66 -26.64
CA ILE C 281 -78.57 -13.27 -27.05
C ILE C 281 -78.24 -13.07 -28.53
N LYS C 282 -77.37 -13.93 -29.06
CA LYS C 282 -76.90 -13.81 -30.44
C LYS C 282 -78.00 -13.86 -31.50
N SER C 283 -79.15 -14.45 -31.14
CA SER C 283 -80.27 -14.57 -32.07
C SER C 283 -81.01 -13.25 -32.26
N GLU C 284 -80.75 -12.29 -31.39
CA GLU C 284 -81.44 -11.01 -31.43
C GLU C 284 -80.92 -10.11 -32.54
N LYS C 285 -81.75 -9.16 -32.96
CA LYS C 285 -81.37 -8.20 -33.99
C LYS C 285 -80.48 -7.10 -33.42
N LEU C 286 -79.56 -6.61 -34.23
CA LEU C 286 -78.57 -5.63 -33.78
C LEU C 286 -79.16 -4.27 -33.42
N TYR C 287 -80.31 -3.93 -34.01
CA TYR C 287 -80.87 -2.60 -33.81
C TYR C 287 -81.31 -2.37 -32.37
N LEU C 288 -81.49 -3.46 -31.63
CA LEU C 288 -81.85 -3.36 -30.22
C LEU C 288 -80.69 -2.80 -29.39
N TYR C 289 -79.50 -2.82 -29.97
CA TYR C 289 -78.31 -2.33 -29.27
C TYR C 289 -77.60 -1.20 -30.01
N GLN C 290 -77.52 -1.32 -31.33
CA GLN C 290 -76.75 -0.36 -32.13
C GLN C 290 -77.64 0.63 -32.88
N GLY C 291 -78.95 0.46 -32.79
CA GLY C 291 -79.88 1.35 -33.45
C GLY C 291 -80.10 0.98 -34.91
N PHE C 292 -80.85 1.81 -35.63
CA PHE C 292 -81.23 1.50 -36.99
C PHE C 292 -81.07 2.69 -37.92
N ASP C 293 -80.34 2.49 -39.02
CA ASP C 293 -80.11 3.55 -40.01
C ASP C 293 -80.89 3.26 -41.29
N PRO C 294 -81.89 4.12 -41.60
CA PRO C 294 -82.73 3.96 -42.79
C PRO C 294 -81.95 4.03 -44.10
N ALA C 295 -80.78 4.68 -44.09
CA ALA C 295 -79.97 4.84 -45.30
C ALA C 295 -79.42 3.51 -45.80
N THR C 296 -79.27 2.55 -44.89
CA THR C 296 -78.72 1.24 -45.23
C THR C 296 -79.75 0.32 -45.85
N VAL C 297 -81.02 0.69 -45.72
CA VAL C 297 -82.11 -0.11 -46.25
C VAL C 297 -82.22 -0.02 -47.78
N ASN C 298 -82.26 -1.19 -48.40
CA ASN C 298 -82.33 -1.31 -49.86
C ASN C 298 -81.33 -0.43 -50.61
N LEU C 299 -80.05 -0.62 -50.31
CA LEU C 299 -78.97 0.07 -51.02
C LEU C 299 -79.03 -0.26 -52.50
N PRO C 300 -78.65 0.70 -53.37
CA PRO C 300 -78.68 0.32 -54.78
C PRO C 300 -77.69 -0.80 -55.05
N LEU C 301 -77.89 -1.51 -56.16
CA LEU C 301 -77.10 -2.68 -56.49
C LEU C 301 -75.62 -2.33 -56.51
N ASN C 302 -75.31 -1.18 -57.09
CA ASN C 302 -73.92 -0.83 -57.33
C ASN C 302 -73.21 -0.20 -56.15
N GLU C 303 -73.85 -0.14 -55.00
CA GLU C 303 -73.24 0.44 -53.81
C GLU C 303 -73.15 -0.57 -52.66
N LEU C 304 -73.43 -1.83 -52.98
CA LEU C 304 -73.32 -2.93 -52.02
C LEU C 304 -71.87 -3.10 -51.56
N PRO C 305 -71.67 -3.36 -50.26
CA PRO C 305 -70.33 -3.45 -49.66
C PRO C 305 -69.54 -4.63 -50.20
N VAL C 306 -68.31 -4.37 -50.63
CA VAL C 306 -67.42 -5.44 -51.09
C VAL C 306 -66.10 -5.37 -50.33
N LYS C 307 -65.83 -6.40 -49.52
CA LYS C 307 -64.65 -6.41 -48.67
C LYS C 307 -63.57 -7.37 -49.18
N SER C 308 -62.32 -6.98 -48.99
CA SER C 308 -61.18 -7.82 -49.32
C SER C 308 -60.15 -7.77 -48.20
N LYS C 309 -59.05 -8.50 -48.36
CA LYS C 309 -58.03 -8.59 -47.31
C LYS C 309 -57.27 -7.28 -47.16
N ILE C 310 -56.86 -6.98 -45.92
CA ILE C 310 -56.14 -5.74 -45.63
C ILE C 310 -54.85 -6.00 -44.82
N GLY C 311 -53.83 -5.19 -45.06
CA GLY C 311 -52.58 -5.33 -44.33
C GLY C 311 -52.70 -4.90 -42.88
N VAL C 312 -51.94 -5.54 -42.01
CA VAL C 312 -52.02 -5.27 -40.57
C VAL C 312 -50.65 -5.15 -39.91
N VAL C 313 -50.66 -4.66 -38.68
CA VAL C 313 -49.46 -4.57 -37.84
C VAL C 313 -49.80 -5.13 -36.46
N ASN C 314 -48.84 -5.79 -35.83
CA ASN C 314 -49.01 -6.24 -34.46
C ASN C 314 -49.34 -5.05 -33.57
N GLN C 315 -50.36 -5.20 -32.72
CA GLN C 315 -50.85 -4.13 -31.87
C GLN C 315 -49.74 -3.47 -31.04
N ARG C 316 -48.81 -4.29 -30.58
CA ARG C 316 -47.70 -3.83 -29.75
C ARG C 316 -46.56 -3.20 -30.55
N ASP C 317 -46.57 -3.38 -31.87
CA ASP C 317 -45.50 -2.83 -32.71
C ASP C 317 -45.96 -1.61 -33.50
N ALA C 318 -47.24 -1.26 -33.39
CA ALA C 318 -47.78 -0.10 -34.12
C ALA C 318 -47.10 1.21 -33.71
N ASP C 319 -46.66 1.30 -32.46
CA ASP C 319 -45.96 2.48 -31.97
C ASP C 319 -44.64 2.66 -32.70
N LEU C 320 -43.91 1.55 -32.88
CA LEU C 320 -42.62 1.57 -33.56
C LEU C 320 -42.79 1.90 -35.04
N LEU C 321 -43.91 1.45 -35.61
CA LEU C 321 -44.21 1.71 -37.03
C LEU C 321 -44.43 3.22 -37.25
N PHE C 322 -45.11 3.85 -36.30
CA PHE C 322 -45.33 5.29 -36.34
C PHE C 322 -44.00 6.04 -36.28
N LEU C 323 -43.13 5.66 -35.36
CA LEU C 323 -41.85 6.31 -35.18
C LEU C 323 -40.93 6.13 -36.39
N TRP C 324 -40.98 4.95 -36.98
CA TRP C 324 -40.11 4.63 -38.12
C TRP C 324 -40.51 5.41 -39.38
N HIS C 325 -41.81 5.54 -39.62
CA HIS C 325 -42.29 6.28 -40.79
C HIS C 325 -42.11 7.77 -40.61
N MET C 326 -42.15 8.25 -39.37
CA MET C 326 -41.92 9.65 -39.10
C MET C 326 -40.48 9.98 -39.44
N TYR C 327 -39.61 8.99 -39.20
CA TYR C 327 -38.18 9.10 -39.60
C TYR C 327 -38.06 9.02 -41.16
N ARG C 328 -38.81 8.11 -41.76
CA ARG C 328 -38.77 7.90 -43.21
C ARG C 328 -39.22 9.09 -44.07
N THR C 329 -40.29 9.75 -43.63
CA THR C 329 -40.85 10.95 -44.34
C THR C 329 -39.90 12.19 -44.17
N SER C 330 -38.93 12.11 -43.26
CA SER C 330 -38.02 13.23 -43.07
C SER C 330 -37.02 13.25 -44.22
N GLU C 331 -36.52 14.44 -44.56
CA GLU C 331 -35.59 14.59 -45.68
C GLU C 331 -34.15 14.22 -45.31
N ASP C 332 -33.51 13.53 -46.24
CA ASP C 332 -32.15 13.00 -46.09
C ASP C 332 -31.09 14.05 -45.75
N GLY C 333 -30.55 13.90 -44.55
CA GLY C 333 -29.60 14.84 -43.97
C GLY C 333 -30.32 15.94 -43.17
N SER C 334 -31.63 15.86 -43.03
CA SER C 334 -32.37 16.87 -42.25
C SER C 334 -32.15 16.76 -40.74
N ARG C 335 -32.29 17.88 -40.04
CA ARG C 335 -32.18 17.90 -38.58
C ARG C 335 -33.32 17.06 -37.90
N LYS C 336 -34.58 17.18 -38.36
CA LYS C 336 -35.69 16.31 -37.79
C LYS C 336 -35.41 14.77 -38.00
N LYS C 337 -34.76 14.36 -39.10
CA LYS C 337 -34.45 12.90 -39.29
C LYS C 337 -33.64 12.34 -38.03
N ASP C 338 -32.63 13.08 -37.52
CA ASP C 338 -31.86 12.60 -36.31
C ASP C 338 -32.76 12.50 -35.02
N ASP C 339 -33.67 13.46 -34.83
CA ASP C 339 -34.51 13.48 -33.63
C ASP C 339 -35.51 12.33 -33.60
N THR C 340 -36.12 12.04 -34.74
CA THR C 340 -37.09 10.96 -34.83
C THR C 340 -36.37 9.63 -34.76
N LEU C 341 -35.18 9.60 -35.34
CA LEU C 341 -34.34 8.43 -35.35
C LEU C 341 -33.85 8.14 -33.92
N LYS C 342 -33.56 9.20 -33.17
CA LYS C 342 -33.12 9.05 -31.77
C LYS C 342 -34.25 8.61 -30.85
N GLU C 343 -35.47 9.06 -31.13
CA GLU C 343 -36.62 8.63 -30.34
C GLU C 343 -36.96 7.18 -30.63
N LEU C 344 -36.67 6.74 -31.84
CA LEU C 344 -36.89 5.34 -32.21
C LEU C 344 -35.93 4.46 -31.42
N THR C 345 -34.66 4.87 -31.37
CA THR C 345 -33.65 4.10 -30.67
C THR C 345 -33.91 4.06 -29.17
N GLU C 346 -34.34 5.19 -28.60
CA GLU C 346 -34.57 5.27 -27.15
C GLU C 346 -35.82 4.50 -26.73
N THR C 347 -36.85 4.48 -27.58
CA THR C 347 -38.05 3.71 -27.29
C THR C 347 -37.76 2.21 -27.37
N THR C 348 -36.99 1.82 -28.38
CA THR C 348 -36.62 0.42 -28.57
C THR C 348 -35.84 -0.13 -27.38
N ARG C 349 -34.84 0.62 -26.92
CA ARG C 349 -34.01 0.14 -25.83
C ARG C 349 -34.75 0.15 -24.49
N HIS C 350 -35.71 1.05 -24.34
CA HIS C 350 -36.51 1.09 -23.13
C HIS C 350 -37.42 -0.15 -23.04
N ARG C 351 -37.98 -0.54 -24.19
CA ARG C 351 -38.80 -1.75 -24.29
C ARG C 351 -37.98 -3.00 -23.96
N LYS C 352 -36.76 -3.06 -24.51
CA LYS C 352 -35.86 -4.19 -24.30
C LYS C 352 -35.36 -4.25 -22.85
N HIS C 353 -35.19 -3.08 -22.24
CA HIS C 353 -34.76 -3.00 -20.85
C HIS C 353 -35.81 -3.59 -19.91
N LEU C 354 -37.07 -3.34 -20.24
CA LEU C 354 -38.20 -3.85 -19.47
C LEU C 354 -38.32 -5.36 -19.66
N ASP C 355 -38.08 -5.83 -20.89
CA ASP C 355 -38.09 -7.26 -21.15
C ASP C 355 -37.00 -7.96 -20.34
N ALA C 356 -35.83 -7.34 -20.29
CA ALA C 356 -34.70 -7.90 -19.56
C ALA C 356 -34.99 -8.00 -18.06
N SER C 357 -35.68 -7.01 -17.52
CA SER C 357 -36.02 -6.99 -16.10
C SER C 357 -36.97 -8.13 -15.72
N VAL C 358 -38.01 -8.32 -16.53
CA VAL C 358 -39.00 -9.36 -16.28
C VAL C 358 -38.36 -10.73 -16.43
N GLU C 359 -37.57 -10.89 -17.49
CA GLU C 359 -36.89 -12.15 -17.75
C GLU C 359 -35.92 -12.49 -16.62
N LEU C 360 -35.25 -11.47 -16.10
CA LEU C 360 -34.26 -11.65 -15.04
C LEU C 360 -34.91 -12.08 -13.73
N ILE C 361 -36.05 -11.49 -13.40
CA ILE C 361 -36.78 -11.87 -12.19
C ILE C 361 -37.22 -13.32 -12.29
N ALA C 362 -37.72 -13.72 -13.46
CA ALA C 362 -38.15 -15.10 -13.68
C ALA C 362 -36.97 -16.06 -13.61
N THR C 363 -35.83 -15.65 -14.17
CA THR C 363 -34.61 -16.47 -14.18
C THR C 363 -34.07 -16.68 -12.76
N ILE C 364 -34.07 -15.63 -11.97
CA ILE C 364 -33.59 -15.70 -10.59
C ILE C 364 -34.45 -16.66 -9.78
N LEU C 365 -35.76 -16.62 -9.99
CA LEU C 365 -36.70 -17.46 -9.25
C LEU C 365 -36.64 -18.93 -9.63
N PHE C 366 -36.71 -19.22 -10.93
CA PHE C 366 -36.87 -20.60 -11.38
C PHE C 366 -35.92 -21.03 -12.49
N GLY C 367 -34.88 -20.23 -12.74
CA GLY C 367 -33.84 -20.63 -13.68
C GLY C 367 -34.01 -20.19 -15.12
N PRO C 368 -32.94 -20.32 -15.91
CA PRO C 368 -32.93 -19.87 -17.31
C PRO C 368 -33.42 -20.91 -18.31
N THR C 369 -33.76 -22.12 -17.87
CA THR C 369 -34.20 -23.17 -18.80
C THR C 369 -35.49 -23.83 -18.34
N MET C 370 -36.42 -24.04 -19.28
CA MET C 370 -37.72 -24.63 -18.99
C MET C 370 -38.39 -23.93 -17.81
N ASN C 371 -38.39 -22.60 -17.83
CA ASN C 371 -38.93 -21.82 -16.73
C ASN C 371 -40.43 -22.01 -16.57
N VAL C 372 -40.85 -22.38 -15.36
CA VAL C 372 -42.24 -22.72 -15.08
C VAL C 372 -43.18 -21.52 -15.25
N LEU C 373 -42.65 -20.31 -15.11
CA LEU C 373 -43.44 -19.09 -15.20
C LEU C 373 -43.87 -18.78 -16.63
N ASN C 374 -43.23 -19.44 -17.60
CA ASN C 374 -43.55 -19.22 -19.00
C ASN C 374 -44.67 -20.13 -19.52
N LEU C 375 -45.15 -21.02 -18.65
CA LEU C 375 -46.19 -21.96 -19.04
C LEU C 375 -47.57 -21.31 -19.16
N VAL C 376 -48.24 -21.56 -20.27
CA VAL C 376 -49.58 -21.00 -20.51
C VAL C 376 -50.67 -21.99 -20.10
N ARG C 377 -51.66 -21.50 -19.34
CA ARG C 377 -52.77 -22.33 -18.93
C ARG C 377 -53.68 -22.69 -20.10
N GLU C 378 -54.37 -23.83 -19.99
CA GLU C 378 -55.29 -24.28 -21.02
C GLU C 378 -56.45 -23.30 -21.15
N PRO C 379 -57.00 -23.17 -22.37
CA PRO C 379 -58.17 -22.30 -22.61
C PRO C 379 -59.35 -22.66 -21.72
N GLY C 380 -60.02 -21.65 -21.15
CA GLY C 380 -61.13 -21.89 -20.27
C GLY C 380 -60.78 -21.64 -18.81
N LEU C 381 -59.50 -21.71 -18.49
CA LEU C 381 -59.02 -21.44 -17.14
C LEU C 381 -58.79 -19.93 -16.94
N PRO C 382 -58.99 -19.45 -15.71
CA PRO C 382 -58.65 -18.06 -15.38
C PRO C 382 -57.13 -17.88 -15.36
N LEU C 383 -56.66 -16.69 -15.73
CA LEU C 383 -55.22 -16.42 -15.76
C LEU C 383 -54.56 -16.63 -14.41
N VAL C 384 -55.23 -16.18 -13.36
CA VAL C 384 -54.69 -16.27 -12.02
C VAL C 384 -55.80 -16.69 -11.06
N ASP C 385 -55.43 -17.35 -9.96
CA ASP C 385 -56.40 -17.80 -8.97
C ASP C 385 -56.62 -16.71 -7.92
N ASP C 386 -55.57 -15.96 -7.63
CA ASP C 386 -55.63 -14.86 -6.67
C ASP C 386 -55.37 -13.52 -7.36
N TRP C 387 -56.45 -12.77 -7.63
CA TRP C 387 -56.35 -11.51 -8.37
C TRP C 387 -55.75 -10.39 -7.53
N GLU C 388 -55.98 -10.43 -6.23
CA GLU C 388 -55.40 -9.44 -5.34
C GLU C 388 -53.89 -9.62 -5.26
N CYS C 389 -53.43 -10.86 -5.35
CA CYS C 389 -52.01 -11.16 -5.37
C CYS C 389 -51.36 -10.62 -6.65
N LEU C 390 -52.09 -10.73 -7.76
CA LEU C 390 -51.59 -10.25 -9.05
C LEU C 390 -51.27 -8.75 -9.00
N LYS C 391 -52.18 -7.97 -8.43
CA LYS C 391 -51.95 -6.54 -8.26
C LYS C 391 -50.72 -6.26 -7.40
N SER C 392 -50.57 -7.01 -6.32
CA SER C 392 -49.47 -6.83 -5.38
C SER C 392 -48.13 -7.06 -6.05
N MET C 393 -48.04 -8.13 -6.83
CA MET C 393 -46.80 -8.50 -7.48
C MET C 393 -46.39 -7.47 -8.52
N VAL C 394 -47.38 -6.88 -9.18
CA VAL C 394 -47.14 -5.81 -10.14
C VAL C 394 -46.58 -4.59 -9.41
N ARG C 395 -47.18 -4.25 -8.26
CA ARG C 395 -46.72 -3.13 -7.45
C ARG C 395 -45.29 -3.31 -6.96
N VAL C 396 -44.95 -4.55 -6.57
CA VAL C 396 -43.60 -4.85 -6.13
C VAL C 396 -42.61 -4.62 -7.26
N PHE C 397 -42.95 -5.13 -8.44
CA PHE C 397 -42.10 -4.96 -9.62
C PHE C 397 -41.86 -3.49 -9.94
N GLU C 398 -42.92 -2.70 -9.94
CA GLU C 398 -42.82 -1.30 -10.32
C GLU C 398 -42.04 -0.47 -9.29
N GLU C 399 -42.09 -0.87 -8.03
CA GLU C 399 -41.37 -0.16 -6.98
C GLU C 399 -39.86 -0.28 -7.17
N HIS C 400 -39.42 -1.41 -7.72
CA HIS C 400 -37.98 -1.66 -7.89
C HIS C 400 -37.53 -1.46 -9.34
N CYS C 401 -38.38 -1.83 -10.28
CA CYS C 401 -37.99 -1.84 -11.70
C CYS C 401 -38.61 -0.71 -12.51
N GLY C 402 -39.47 0.08 -11.87
CA GLY C 402 -40.11 1.20 -12.55
C GLY C 402 -41.43 0.84 -13.18
N SER C 403 -42.12 1.85 -13.73
CA SER C 403 -43.45 1.66 -14.30
C SER C 403 -43.48 0.60 -15.41
N LEU C 404 -44.53 -0.21 -15.39
CA LEU C 404 -44.66 -1.31 -16.34
C LEU C 404 -45.02 -0.80 -17.73
N THR C 405 -45.72 0.33 -17.79
CA THR C 405 -46.22 0.94 -19.03
C THR C 405 -47.21 0.03 -19.75
N GLN C 406 -47.87 0.56 -20.77
CA GLN C 406 -48.85 -0.23 -21.51
C GLN C 406 -48.18 -1.33 -22.32
N TYR C 407 -46.96 -1.07 -22.79
CA TYR C 407 -46.20 -2.08 -23.50
C TYR C 407 -45.92 -3.28 -22.60
N GLY C 408 -45.61 -2.99 -21.33
CA GLY C 408 -45.25 -4.02 -20.37
C GLY C 408 -46.41 -4.91 -19.92
N MET C 409 -47.62 -4.58 -20.34
CA MET C 409 -48.79 -5.40 -20.03
C MET C 409 -48.65 -6.77 -20.69
N LYS C 410 -47.76 -6.87 -21.67
CA LYS C 410 -47.48 -8.12 -22.35
C LYS C 410 -46.87 -9.17 -21.43
N HIS C 411 -46.26 -8.71 -20.33
CA HIS C 411 -45.55 -9.61 -19.42
C HIS C 411 -46.41 -10.02 -18.22
N MET C 412 -47.71 -9.78 -18.30
CA MET C 412 -48.58 -9.95 -17.14
C MET C 412 -48.77 -11.41 -16.71
N ARG C 413 -48.58 -12.35 -17.64
CA ARG C 413 -48.70 -13.77 -17.29
C ARG C 413 -47.57 -14.19 -16.36
N ALA C 414 -46.40 -13.57 -16.53
CA ALA C 414 -45.26 -13.85 -15.69
C ALA C 414 -45.58 -13.57 -14.24
N PHE C 415 -46.23 -12.44 -13.98
CA PHE C 415 -46.61 -12.07 -12.62
C PHE C 415 -47.74 -12.96 -12.11
N ALA C 416 -48.63 -13.34 -13.02
CA ALA C 416 -49.76 -14.19 -12.66
C ALA C 416 -49.31 -15.56 -12.19
N ASN C 417 -48.29 -16.10 -12.88
CA ASN C 417 -47.78 -17.42 -12.52
C ASN C 417 -46.91 -17.38 -11.26
N VAL C 418 -46.41 -16.20 -10.92
CA VAL C 418 -45.70 -16.02 -9.66
C VAL C 418 -46.70 -16.29 -8.53
N CYS C 419 -47.91 -15.78 -8.70
CA CYS C 419 -48.98 -16.02 -7.73
C CYS C 419 -49.48 -17.47 -7.76
N ASN C 420 -49.64 -18.01 -8.96
CA ASN C 420 -50.15 -19.38 -9.12
C ASN C 420 -49.19 -20.41 -8.54
N ASN C 421 -47.89 -20.11 -8.56
CA ASN C 421 -46.89 -21.02 -7.99
C ASN C 421 -46.65 -20.74 -6.51
N GLY C 422 -47.48 -19.87 -5.94
CA GLY C 422 -47.46 -19.60 -4.51
C GLY C 422 -46.21 -18.92 -3.96
N VAL C 423 -45.53 -18.15 -4.82
CA VAL C 423 -44.34 -17.41 -4.39
C VAL C 423 -44.74 -16.23 -3.52
N SER C 424 -44.12 -16.10 -2.34
CA SER C 424 -44.46 -15.06 -1.38
C SER C 424 -44.05 -13.67 -1.86
N LYS C 425 -44.63 -12.65 -1.24
CA LYS C 425 -44.31 -11.26 -1.56
C LYS C 425 -42.85 -10.97 -1.24
N GLU C 426 -42.35 -11.60 -0.17
CA GLU C 426 -40.97 -11.44 0.27
C GLU C 426 -39.96 -11.94 -0.76
N LEU C 427 -40.27 -13.09 -1.37
CA LEU C 427 -39.40 -13.66 -2.39
C LEU C 427 -39.43 -12.83 -3.67
N MET C 428 -40.60 -12.29 -4.00
CA MET C 428 -40.74 -11.43 -5.16
C MET C 428 -39.94 -10.14 -4.98
N GLU C 429 -40.00 -9.58 -3.78
CA GLU C 429 -39.21 -8.39 -3.46
C GLU C 429 -37.72 -8.68 -3.53
N GLU C 430 -37.31 -9.85 -3.03
CA GLU C 430 -35.91 -10.21 -3.06
C GLU C 430 -35.42 -10.36 -4.49
N ALA C 431 -36.22 -11.00 -5.33
CA ALA C 431 -35.86 -11.20 -6.73
C ALA C 431 -35.88 -9.88 -7.52
N SER C 432 -36.89 -9.06 -7.26
CA SER C 432 -37.00 -7.77 -7.94
C SER C 432 -35.87 -6.83 -7.57
N THR C 433 -35.47 -6.87 -6.30
CA THR C 433 -34.36 -6.04 -5.80
C THR C 433 -33.04 -6.45 -6.44
N ALA C 434 -32.83 -7.76 -6.55
CA ALA C 434 -31.61 -8.27 -7.16
C ALA C 434 -31.51 -7.90 -8.64
N ALA C 435 -32.66 -7.88 -9.31
CA ALA C 435 -32.70 -7.63 -10.74
C ALA C 435 -32.62 -6.15 -11.08
N CYS C 436 -33.32 -5.33 -10.29
CA CYS C 436 -33.45 -3.91 -10.61
C CYS C 436 -32.90 -2.94 -9.57
N GLY C 437 -32.63 -3.41 -8.35
CA GLY C 437 -32.16 -2.47 -7.35
C GLY C 437 -33.31 -1.87 -6.56
N GLY C 438 -33.00 -0.81 -5.81
CA GLY C 438 -34.00 -0.12 -5.01
C GLY C 438 -34.14 -0.76 -3.63
N TYR C 439 -33.69 -0.01 -2.63
CA TYR C 439 -33.68 -0.50 -1.25
C TYR C 439 -34.54 0.38 -0.34
N SER C 440 -35.55 -0.23 0.27
CA SER C 440 -36.48 0.50 1.12
C SER C 440 -35.87 0.85 2.47
N VAL D 17 25.79 31.42 -33.54
CA VAL D 17 25.95 30.18 -34.27
C VAL D 17 24.87 29.16 -33.87
N GLY D 18 24.89 28.02 -34.54
CA GLY D 18 23.95 26.93 -34.31
C GLY D 18 22.58 27.11 -35.01
N THR D 19 21.67 26.11 -34.91
CA THR D 19 20.30 26.13 -35.53
C THR D 19 19.23 26.13 -34.45
N ARG D 20 18.17 26.88 -34.68
CA ARG D 20 17.07 26.96 -33.71
C ARG D 20 15.91 26.04 -34.11
N TRP D 21 15.63 25.05 -33.27
CA TRP D 21 14.55 24.11 -33.52
C TRP D 21 13.33 24.41 -32.66
N ALA D 22 12.20 23.80 -33.00
CA ALA D 22 10.98 23.98 -32.23
C ALA D 22 10.00 22.82 -32.40
N VAL D 23 9.34 22.45 -31.32
CA VAL D 23 8.27 21.46 -31.36
C VAL D 23 6.99 22.06 -30.82
N LEU D 24 5.94 22.07 -31.64
CA LEU D 24 4.67 22.66 -31.23
C LEU D 24 3.60 21.57 -31.20
N VAL D 25 2.99 21.36 -30.03
CA VAL D 25 2.05 20.27 -29.83
C VAL D 25 0.72 20.74 -29.24
N ALA D 26 -0.37 20.44 -29.92
CA ALA D 26 -1.71 20.60 -29.37
C ALA D 26 -2.23 19.23 -28.94
N GLY D 27 -2.70 19.12 -27.69
CA GLY D 27 -3.06 17.82 -27.14
C GLY D 27 -4.54 17.47 -27.11
N SER D 28 -5.37 18.24 -27.81
CA SER D 28 -6.81 18.02 -27.79
C SER D 28 -7.44 18.12 -29.18
N SER D 29 -8.74 17.83 -29.26
CA SER D 29 -9.48 17.96 -30.50
C SER D 29 -10.93 18.34 -30.22
N GLY D 30 -11.70 18.58 -31.28
CA GLY D 30 -13.09 18.98 -31.14
C GLY D 30 -13.21 20.50 -31.15
N TYR D 31 -14.35 21.00 -31.63
CA TYR D 31 -14.54 22.44 -31.78
C TYR D 31 -14.58 23.17 -30.44
N GLY D 32 -14.95 22.45 -29.39
CA GLY D 32 -14.95 23.01 -28.06
C GLY D 32 -13.55 23.33 -27.58
N ASN D 33 -12.56 22.67 -28.16
CA ASN D 33 -11.16 22.89 -27.84
C ASN D 33 -10.42 23.66 -28.92
N TYR D 34 -11.17 24.53 -29.60
CA TYR D 34 -10.68 25.46 -30.63
C TYR D 34 -9.36 26.12 -30.20
N ARG D 35 -9.35 26.62 -28.96
CA ARG D 35 -8.25 27.44 -28.46
C ARG D 35 -6.88 26.77 -28.51
N HIS D 36 -6.82 25.46 -28.27
CA HIS D 36 -5.55 24.77 -28.15
C HIS D 36 -4.79 24.70 -29.48
N GLN D 37 -5.51 24.49 -30.57
CA GLN D 37 -4.86 24.43 -31.88
C GLN D 37 -4.61 25.84 -32.42
N ALA D 38 -5.45 26.79 -31.99
CA ALA D 38 -5.25 28.19 -32.31
C ALA D 38 -4.00 28.74 -31.62
N ASP D 39 -3.75 28.26 -30.39
CA ASP D 39 -2.54 28.62 -29.66
C ASP D 39 -1.30 28.19 -30.42
N VAL D 40 -1.26 26.92 -30.82
CA VAL D 40 -0.12 26.32 -31.50
C VAL D 40 0.16 26.98 -32.85
N CYS D 41 -0.89 27.23 -33.61
CA CYS D 41 -0.75 27.88 -34.91
C CYS D 41 -0.22 29.30 -34.76
N HIS D 42 -0.69 30.00 -33.74
CA HIS D 42 -0.21 31.34 -33.43
C HIS D 42 1.27 31.34 -33.09
N ALA D 43 1.69 30.34 -32.34
CA ALA D 43 3.11 30.20 -31.96
C ALA D 43 3.99 29.97 -33.18
N TYR D 44 3.46 29.23 -34.14
CA TYR D 44 4.19 28.93 -35.37
C TYR D 44 4.49 30.20 -36.15
N GLN D 45 3.49 31.07 -36.26
CA GLN D 45 3.63 32.31 -37.01
C GLN D 45 4.68 33.22 -36.37
N ILE D 46 4.70 33.25 -35.03
CA ILE D 46 5.68 34.07 -34.30
C ILE D 46 7.10 33.59 -34.55
N LEU D 47 7.30 32.28 -34.54
CA LEU D 47 8.62 31.71 -34.77
C LEU D 47 9.11 31.95 -36.19
N ARG D 48 8.21 31.84 -37.15
CA ARG D 48 8.57 32.04 -38.56
C ARG D 48 8.93 33.50 -38.84
N LYS D 49 8.11 34.41 -38.34
CA LYS D 49 8.38 35.83 -38.48
C LYS D 49 9.69 36.19 -37.78
N GLY D 50 10.03 35.39 -36.77
CA GLY D 50 11.26 35.57 -36.04
C GLY D 50 12.48 35.04 -36.77
N GLY D 51 12.23 34.29 -37.85
CA GLY D 51 13.31 33.79 -38.68
C GLY D 51 13.62 32.31 -38.56
N LEU D 52 12.86 31.61 -37.72
CA LEU D 52 13.02 30.16 -37.63
C LEU D 52 12.50 29.51 -38.91
N LYS D 53 13.15 28.42 -39.33
CA LYS D 53 12.80 27.74 -40.58
C LYS D 53 11.69 26.72 -40.38
N GLU D 54 10.84 26.60 -41.40
CA GLU D 54 9.68 25.69 -41.32
C GLU D 54 10.10 24.24 -41.10
N GLU D 55 11.22 23.86 -41.70
CA GLU D 55 11.75 22.50 -41.59
C GLU D 55 12.27 22.18 -40.20
N ASN D 56 12.55 23.21 -39.41
CA ASN D 56 13.13 23.03 -38.09
C ASN D 56 12.05 23.14 -37.04
N ILE D 57 10.83 23.36 -37.52
CA ILE D 57 9.66 23.44 -36.66
C ILE D 57 8.73 22.28 -36.93
N VAL D 58 8.57 21.40 -35.94
CA VAL D 58 7.65 20.28 -36.07
C VAL D 58 6.34 20.62 -35.38
N VAL D 59 5.24 20.47 -36.13
CA VAL D 59 3.92 20.81 -35.60
C VAL D 59 3.02 19.58 -35.51
N LEU D 60 2.55 19.32 -34.29
CA LEU D 60 1.61 18.23 -34.05
C LEU D 60 0.25 18.76 -33.63
N MET D 61 -0.72 18.66 -34.53
CA MET D 61 -2.07 19.12 -34.27
C MET D 61 -3.10 18.25 -35.00
N TYR D 62 -4.24 18.01 -34.37
CA TYR D 62 -5.26 17.12 -34.91
C TYR D 62 -5.84 17.63 -36.24
N ASP D 63 -5.84 18.95 -36.40
CA ASP D 63 -6.24 19.63 -37.63
C ASP D 63 -7.71 19.41 -38.00
N ASP D 64 -8.60 19.61 -37.03
CA ASP D 64 -10.03 19.40 -37.24
C ASP D 64 -10.86 20.67 -37.02
N ILE D 65 -10.17 21.81 -36.89
CA ILE D 65 -10.85 23.04 -36.49
C ILE D 65 -11.05 24.04 -37.63
N ALA D 66 -10.02 24.23 -38.43
CA ALA D 66 -10.06 25.23 -39.48
C ALA D 66 -11.21 24.97 -40.46
N ASN D 67 -11.46 23.70 -40.79
CA ASN D 67 -12.55 23.39 -41.72
C ASN D 67 -13.65 22.57 -41.02
N HIS D 68 -13.88 22.86 -39.73
CA HIS D 68 -14.99 22.30 -38.96
C HIS D 68 -16.32 22.92 -39.42
N PRO D 69 -17.41 22.12 -39.48
CA PRO D 69 -18.72 22.65 -39.90
C PRO D 69 -19.19 23.85 -39.08
N LEU D 70 -18.79 23.91 -37.81
CA LEU D 70 -19.22 24.98 -36.90
C LEU D 70 -18.39 26.25 -37.03
N ASN D 71 -17.25 26.17 -37.71
CA ASN D 71 -16.38 27.32 -37.91
C ASN D 71 -17.03 28.39 -38.80
N PRO D 72 -17.30 29.57 -38.24
CA PRO D 72 -17.99 30.66 -38.96
C PRO D 72 -17.13 31.32 -40.04
N ARG D 73 -15.83 31.12 -39.99
CA ARG D 73 -14.91 31.56 -41.04
C ARG D 73 -14.03 30.41 -41.43
N PRO D 74 -14.53 29.51 -42.29
CA PRO D 74 -13.86 28.28 -42.71
C PRO D 74 -12.47 28.54 -43.26
N GLY D 75 -11.52 27.69 -42.91
CA GLY D 75 -10.16 27.82 -43.39
C GLY D 75 -9.30 28.75 -42.58
N THR D 76 -9.84 29.28 -41.50
CA THR D 76 -9.07 30.22 -40.67
C THR D 76 -9.06 29.82 -39.19
N LEU D 77 -8.08 30.36 -38.47
CA LEU D 77 -8.00 30.25 -37.02
C LEU D 77 -7.54 31.60 -36.48
N ILE D 78 -8.19 32.09 -35.43
CA ILE D 78 -7.75 33.31 -34.76
C ILE D 78 -7.51 33.04 -33.28
N ASN D 79 -6.51 33.72 -32.72
CA ASN D 79 -6.14 33.53 -31.32
C ASN D 79 -6.32 34.83 -30.54
N HIS D 80 -7.15 35.70 -31.08
CA HIS D 80 -7.41 37.02 -30.49
C HIS D 80 -8.67 37.58 -31.13
N PRO D 81 -9.54 38.24 -30.32
CA PRO D 81 -10.81 38.79 -30.83
C PRO D 81 -10.62 39.70 -32.04
N ASP D 82 -9.58 40.53 -32.02
CA ASP D 82 -9.28 41.42 -33.12
C ASP D 82 -8.13 40.87 -33.95
N GLY D 83 -7.87 39.57 -33.82
CA GLY D 83 -6.70 38.97 -34.42
C GLY D 83 -6.87 38.56 -35.87
N ASP D 84 -5.75 38.40 -36.57
CA ASP D 84 -5.74 37.91 -37.94
C ASP D 84 -5.59 36.39 -37.96
N ASP D 85 -5.67 35.81 -39.16
CA ASP D 85 -5.54 34.36 -39.30
C ASP D 85 -4.14 33.88 -38.95
N VAL D 86 -4.06 32.73 -38.30
CA VAL D 86 -2.78 32.14 -37.95
C VAL D 86 -2.64 30.70 -38.47
N TYR D 87 -3.67 30.23 -39.17
CA TYR D 87 -3.70 28.85 -39.68
C TYR D 87 -2.92 28.67 -40.98
N ALA D 88 -3.00 29.66 -41.86
CA ALA D 88 -2.34 29.58 -43.16
C ALA D 88 -0.82 29.51 -43.03
N GLY D 89 -0.22 28.49 -43.65
CA GLY D 89 1.23 28.34 -43.64
C GLY D 89 1.75 27.29 -42.68
N VAL D 90 0.91 26.87 -41.73
CA VAL D 90 1.30 25.86 -40.75
C VAL D 90 1.41 24.48 -41.41
N PRO D 91 2.58 23.84 -41.29
CA PRO D 91 2.83 22.53 -41.89
C PRO D 91 2.01 21.41 -41.26
N LYS D 92 1.63 20.42 -42.05
CA LYS D 92 0.85 19.28 -41.55
C LYS D 92 1.75 18.09 -41.26
N ASP D 93 2.66 18.25 -40.30
CA ASP D 93 3.63 17.20 -39.99
C ASP D 93 2.98 15.97 -39.39
N TYR D 94 2.17 16.16 -38.36
CA TYR D 94 1.47 15.06 -37.70
C TYR D 94 0.05 15.47 -37.34
N THR D 95 -0.92 14.93 -38.06
CA THR D 95 -2.32 15.26 -37.84
C THR D 95 -3.17 14.03 -37.61
N GLY D 96 -4.40 14.23 -37.15
CA GLY D 96 -5.33 13.13 -36.95
C GLY D 96 -4.84 12.07 -36.00
N SER D 97 -4.78 10.83 -36.51
CA SER D 97 -4.39 9.68 -35.70
C SER D 97 -2.90 9.63 -35.43
N SER D 98 -2.14 10.51 -36.07
CA SER D 98 -0.69 10.52 -35.91
C SER D 98 -0.26 11.37 -34.71
N VAL D 99 -1.19 12.11 -34.13
CA VAL D 99 -0.89 12.92 -32.96
C VAL D 99 -0.91 12.05 -31.70
N THR D 100 0.21 11.38 -31.43
CA THR D 100 0.33 10.45 -30.32
C THR D 100 1.50 10.81 -29.41
N ALA D 101 1.48 10.28 -28.19
CA ALA D 101 2.57 10.50 -27.25
C ALA D 101 3.87 9.88 -27.77
N ALA D 102 3.75 8.72 -28.41
CA ALA D 102 4.90 8.00 -28.95
C ALA D 102 5.58 8.82 -30.06
N ASN D 103 4.77 9.42 -30.93
CA ASN D 103 5.29 10.27 -31.99
C ASN D 103 5.92 11.53 -31.43
N PHE D 104 5.33 12.07 -30.36
CA PHE D 104 5.87 13.26 -29.70
C PHE D 104 7.27 13.01 -29.14
N TYR D 105 7.44 11.86 -28.49
CA TYR D 105 8.74 11.49 -27.94
C TYR D 105 9.76 11.24 -29.05
N ALA D 106 9.34 10.57 -30.10
CA ALA D 106 10.22 10.23 -31.22
C ALA D 106 10.69 11.47 -31.96
N VAL D 107 9.78 12.42 -32.15
CA VAL D 107 10.11 13.70 -32.78
C VAL D 107 11.17 14.44 -31.98
N LEU D 108 10.96 14.49 -30.66
CA LEU D 108 11.87 15.21 -29.76
C LEU D 108 13.25 14.57 -29.72
N LEU D 109 13.30 13.24 -29.79
CA LEU D 109 14.56 12.52 -29.75
C LEU D 109 15.29 12.58 -31.08
N GLY D 110 14.57 12.92 -32.14
CA GLY D 110 15.14 12.95 -33.48
C GLY D 110 15.28 11.53 -34.03
N ASP D 111 14.32 10.68 -33.66
CA ASP D 111 14.34 9.27 -34.07
C ASP D 111 13.33 9.03 -35.18
N GLN D 112 13.76 9.20 -36.42
CA GLN D 112 12.86 9.07 -37.57
C GLN D 112 12.31 7.67 -37.77
N LYS D 113 13.08 6.67 -37.39
CA LYS D 113 12.63 5.28 -37.53
C LYS D 113 11.53 4.94 -36.52
N ALA D 114 11.60 5.57 -35.35
CA ALA D 114 10.60 5.32 -34.31
C ALA D 114 9.29 6.02 -34.65
N VAL D 115 9.36 7.01 -35.54
CA VAL D 115 8.18 7.74 -35.98
C VAL D 115 7.28 6.87 -36.84
N LYS D 116 5.99 6.94 -36.57
CA LYS D 116 4.98 6.22 -37.32
C LYS D 116 4.05 7.19 -38.06
N GLY D 117 4.06 7.11 -39.39
CA GLY D 117 3.21 7.98 -40.19
C GLY D 117 3.71 9.42 -40.21
N GLY D 118 2.82 10.33 -40.62
CA GLY D 118 3.15 11.74 -40.64
C GLY D 118 4.15 12.13 -41.71
N SER D 119 4.68 13.34 -41.59
CA SER D 119 5.64 13.87 -42.55
C SER D 119 7.02 13.27 -42.36
N GLY D 120 7.27 12.76 -41.15
CA GLY D 120 8.55 12.18 -40.81
C GLY D 120 9.56 13.20 -40.35
N LYS D 121 9.12 14.44 -40.19
CA LYS D 121 10.00 15.51 -39.71
C LYS D 121 10.28 15.35 -38.22
N VAL D 122 11.56 15.36 -37.86
CA VAL D 122 11.96 15.22 -36.46
C VAL D 122 13.00 16.27 -36.09
N ILE D 123 13.34 16.32 -34.80
CA ILE D 123 14.37 17.23 -34.32
C ILE D 123 15.74 16.56 -34.38
N ALA D 124 16.33 16.53 -35.57
CA ALA D 124 17.67 15.99 -35.75
C ALA D 124 18.70 17.08 -35.45
N SER D 125 18.76 17.49 -34.19
CA SER D 125 19.58 18.61 -33.78
C SER D 125 21.02 18.20 -33.48
N LYS D 126 21.89 19.19 -33.35
CA LYS D 126 23.31 18.97 -33.08
C LYS D 126 23.73 19.78 -31.84
N PRO D 127 24.86 19.40 -31.19
CA PRO D 127 25.30 19.95 -29.90
C PRO D 127 25.24 21.47 -29.75
N ASN D 128 25.33 22.22 -30.84
CA ASN D 128 25.35 23.68 -30.75
C ASN D 128 23.98 24.30 -30.96
N ASP D 129 22.95 23.46 -31.10
CA ASP D 129 21.61 23.95 -31.43
C ASP D 129 20.77 24.31 -30.20
N HIS D 130 19.72 25.11 -30.44
CA HIS D 130 18.76 25.45 -29.41
C HIS D 130 17.38 24.88 -29.75
N ILE D 131 16.64 24.44 -28.73
CA ILE D 131 15.34 23.83 -28.95
C ILE D 131 14.27 24.49 -28.09
N PHE D 132 13.13 24.82 -28.70
CA PHE D 132 12.01 25.43 -27.99
C PHE D 132 10.79 24.53 -28.07
N VAL D 133 10.30 24.07 -26.92
CA VAL D 133 9.15 23.17 -26.90
C VAL D 133 7.93 23.87 -26.30
N TYR D 134 6.79 23.75 -26.99
CA TYR D 134 5.56 24.36 -26.52
C TYR D 134 4.38 23.40 -26.60
N TYR D 135 3.80 23.08 -25.45
CA TYR D 135 2.62 22.22 -25.37
C TYR D 135 1.39 23.02 -24.97
N ALA D 136 0.24 22.68 -25.55
CA ALA D 136 -1.00 23.34 -25.17
C ALA D 136 -2.23 22.45 -25.22
C SNN D 137 -4.85 21.35 -22.56
CA SNN D 137 -4.34 21.42 -23.99
N SNN D 137 -3.09 22.20 -24.22
C4 SNN D 137 -4.43 20.02 -24.61
C5 SNN D 137 -5.02 19.13 -23.54
O SNN D 137 -4.87 22.34 -21.86
O5 SNN D 137 -5.20 17.95 -23.79
H2 SNN D 137 -3.42 23.01 -23.90
HA SNN D 137 -5.00 21.91 -24.47
H SNN D 137 -2.62 21.87 -23.49
H41 SNN D 137 -5.01 20.04 -25.38
H42 SNN D 137 -3.55 19.72 -24.84
N HIS D 138 -5.15 20.06 -22.59
CA HIS D 138 -5.69 19.74 -21.27
C HIS D 138 -4.67 18.96 -20.45
N GLY D 139 -4.91 18.87 -19.15
CA GLY D 139 -4.02 18.17 -18.27
C GLY D 139 -4.64 17.83 -16.94
N GLY D 140 -3.87 17.10 -16.13
CA GLY D 140 -4.28 16.74 -14.79
C GLY D 140 -3.01 16.41 -14.03
N PRO D 141 -3.14 16.08 -12.74
CA PRO D 141 -1.97 15.72 -11.93
C PRO D 141 -1.13 14.61 -12.55
N GLY D 142 0.08 14.95 -12.99
CA GLY D 142 1.01 13.98 -13.53
C GLY D 142 0.72 13.53 -14.95
N VAL D 143 -0.25 14.16 -15.60
CA VAL D 143 -0.64 13.74 -16.94
C VAL D 143 -0.95 14.90 -17.90
N LEU D 144 -0.49 14.75 -19.14
CA LEU D 144 -0.83 15.70 -20.21
C LEU D 144 -1.67 15.01 -21.29
N GLY D 145 -2.70 15.69 -21.75
CA GLY D 145 -3.63 15.11 -22.71
C GLY D 145 -3.12 14.93 -24.13
N MET D 146 -3.62 13.91 -24.81
CA MET D 146 -3.36 13.73 -26.24
C MET D 146 -4.66 13.31 -26.92
N PRO D 147 -4.87 13.76 -28.16
CA PRO D 147 -6.14 13.45 -28.84
C PRO D 147 -6.26 11.98 -29.21
N ASN D 148 -5.14 11.25 -29.17
CA ASN D 148 -5.15 9.80 -29.34
C ASN D 148 -4.48 9.14 -28.13
N THR D 149 -5.23 8.34 -27.39
CA THR D 149 -4.73 7.65 -26.22
C THR D 149 -3.57 6.73 -26.58
N PRO D 150 -2.65 6.46 -25.63
CA PRO D 150 -2.64 6.92 -24.24
C PRO D 150 -2.17 8.37 -24.08
N HIS D 151 -2.52 8.99 -22.96
CA HIS D 151 -2.07 10.35 -22.67
C HIS D 151 -0.59 10.35 -22.32
N ILE D 152 -0.04 11.54 -22.16
CA ILE D 152 1.36 11.70 -21.76
C ILE D 152 1.50 11.59 -20.25
N TYR D 153 2.33 10.65 -19.78
CA TYR D 153 2.62 10.57 -18.35
C TYR D 153 3.95 11.25 -18.06
N ALA D 154 3.99 12.01 -16.96
CA ALA D 154 5.11 12.89 -16.63
C ALA D 154 6.47 12.20 -16.63
N ALA D 155 6.55 11.03 -15.99
CA ALA D 155 7.81 10.30 -15.88
C ALA D 155 8.37 9.94 -17.25
N ASP D 156 7.49 9.58 -18.18
CA ASP D 156 7.91 9.21 -19.53
C ASP D 156 8.45 10.43 -20.26
N PHE D 157 7.81 11.57 -20.06
CA PHE D 157 8.24 12.83 -20.66
C PHE D 157 9.61 13.23 -20.13
N ILE D 158 9.78 13.15 -18.81
CA ILE D 158 11.05 13.50 -18.19
C ILE D 158 12.14 12.54 -18.64
N GLU D 159 11.79 11.26 -18.73
CA GLU D 159 12.75 10.26 -19.17
C GLU D 159 13.23 10.53 -20.58
N THR D 160 12.33 10.99 -21.44
CA THR D 160 12.67 11.32 -22.82
C THR D 160 13.69 12.47 -22.85
N LEU D 161 13.51 13.44 -21.98
CA LEU D 161 14.42 14.58 -21.88
C LEU D 161 15.82 14.11 -21.44
N LYS D 162 15.86 13.12 -20.55
CA LYS D 162 17.13 12.57 -20.08
C LYS D 162 17.90 11.89 -21.21
N LYS D 163 17.19 11.12 -22.03
CA LYS D 163 17.81 10.44 -23.17
C LYS D 163 18.33 11.45 -24.18
N LYS D 164 17.57 12.53 -24.39
CA LYS D 164 17.97 13.58 -25.30
C LYS D 164 19.25 14.26 -24.82
N HIS D 165 19.33 14.52 -23.52
CA HIS D 165 20.51 15.14 -22.92
C HIS D 165 21.73 14.23 -23.01
N ALA D 166 21.52 12.94 -22.74
CA ALA D 166 22.58 11.95 -22.78
C ALA D 166 23.14 11.85 -24.20
N SER D 167 22.27 12.10 -25.18
CA SER D 167 22.68 12.05 -26.58
C SER D 167 23.59 13.23 -26.92
N GLY D 168 23.49 14.31 -26.14
CA GLY D 168 24.31 15.48 -26.34
C GLY D 168 24.03 16.16 -27.67
N THR D 169 22.78 16.09 -28.12
CA THR D 169 22.42 16.62 -29.42
C THR D 169 21.79 18.01 -29.34
N TYR D 170 22.12 18.76 -28.28
CA TYR D 170 21.66 20.14 -28.16
C TYR D 170 22.47 20.91 -27.11
N LYS D 171 22.47 22.23 -27.24
CA LYS D 171 23.16 23.08 -26.28
C LYS D 171 22.26 23.38 -25.07
N GLU D 172 21.13 24.01 -25.33
CA GLU D 172 20.15 24.32 -24.30
C GLU D 172 18.73 24.21 -24.83
N MET D 173 17.77 24.11 -23.93
CA MET D 173 16.38 23.90 -24.31
C MET D 173 15.44 24.67 -23.37
N VAL D 174 14.37 25.21 -23.96
CA VAL D 174 13.33 25.90 -23.19
C VAL D 174 11.97 25.27 -23.48
N ILE D 175 11.20 24.98 -22.42
CA ILE D 175 9.90 24.33 -22.56
C ILE D 175 8.77 25.16 -21.91
N TYR D 176 7.75 25.48 -22.70
CA TYR D 176 6.54 26.13 -22.18
C TYR D 176 5.39 25.13 -22.19
N VAL D 177 4.68 24.99 -21.06
CA VAL D 177 3.59 24.02 -20.97
C VAL D 177 2.27 24.65 -20.53
N GLU D 178 1.28 24.60 -21.43
CA GLU D 178 -0.06 25.08 -21.12
C GLU D 178 -1.01 23.92 -20.82
N ALA D 179 -1.32 23.74 -19.54
CA ALA D 179 -2.24 22.70 -19.09
C ALA D 179 -2.64 22.92 -17.64
N ALA D 180 -3.75 22.29 -17.23
CA ALA D 180 -4.18 22.31 -15.84
C ALA D 180 -3.29 21.40 -15.00
N GLU D 181 -2.94 21.88 -13.80
CA GLU D 181 -2.01 21.18 -12.91
C GLU D 181 -0.70 20.85 -13.61
N SER D 182 -0.28 21.73 -14.53
CA SER D 182 0.88 21.46 -15.36
C SER D 182 2.20 21.40 -14.57
N GLY D 183 2.21 22.02 -13.40
CA GLY D 183 3.38 21.97 -12.53
C GLY D 183 3.69 20.56 -12.06
N SER D 184 2.66 19.71 -12.03
CA SER D 184 2.81 18.33 -11.57
C SER D 184 3.64 17.47 -12.53
N ILE D 185 3.84 17.98 -13.74
CA ILE D 185 4.62 17.24 -14.74
C ILE D 185 6.11 17.27 -14.37
N PHE D 186 6.51 18.26 -13.59
CA PHE D 186 7.93 18.46 -13.32
C PHE D 186 8.30 18.39 -11.84
N GLU D 187 7.36 18.71 -10.96
CA GLU D 187 7.67 18.77 -9.54
C GLU D 187 8.12 17.42 -8.98
N GLY D 188 9.31 17.43 -8.39
CA GLY D 188 9.83 16.24 -7.73
C GLY D 188 10.59 15.30 -8.64
N ILE D 189 10.57 15.55 -9.95
CA ILE D 189 11.21 14.64 -10.89
C ILE D 189 12.10 15.32 -11.94
N MET D 190 11.91 16.62 -12.17
CA MET D 190 12.67 17.32 -13.20
C MET D 190 14.02 17.78 -12.67
N PRO D 191 15.11 17.22 -13.23
CA PRO D 191 16.48 17.55 -12.81
C PRO D 191 16.89 18.96 -13.25
N LYS D 192 17.95 19.49 -12.65
CA LYS D 192 18.42 20.84 -12.97
C LYS D 192 19.76 20.83 -13.71
N ASP D 193 20.17 19.65 -14.15
CA ASP D 193 21.46 19.49 -14.83
C ASP D 193 21.29 18.97 -16.27
N LEU D 194 20.15 19.25 -16.87
CA LEU D 194 19.88 18.79 -18.24
C LEU D 194 19.98 19.91 -19.27
N ASN D 195 20.44 21.09 -18.82
CA ASN D 195 20.49 22.28 -19.66
C ASN D 195 19.11 22.63 -20.21
N ILE D 196 18.09 22.49 -19.37
CA ILE D 196 16.72 22.77 -19.78
C ILE D 196 16.04 23.70 -18.78
N TYR D 197 15.33 24.71 -19.28
CA TYR D 197 14.52 25.59 -18.44
C TYR D 197 13.05 25.44 -18.80
N VAL D 198 12.20 25.36 -17.78
CA VAL D 198 10.79 25.06 -17.96
C VAL D 198 9.89 26.05 -17.24
N THR D 199 8.80 26.46 -17.90
CA THR D 199 7.73 27.20 -17.22
C THR D 199 6.39 26.52 -17.48
N THR D 200 5.49 26.57 -16.49
CA THR D 200 4.18 25.95 -16.62
C THR D 200 3.07 26.97 -16.30
N ALA D 201 1.88 26.72 -16.85
CA ALA D 201 0.76 27.65 -16.71
C ALA D 201 0.25 27.75 -15.26
N SER D 202 0.31 26.64 -14.54
CA SER D 202 -0.21 26.58 -13.17
C SER D 202 0.69 25.73 -12.28
N ASN D 203 0.37 25.66 -10.98
CA ASN D 203 1.13 24.79 -10.08
C ASN D 203 0.61 23.35 -10.13
N ALA D 204 1.04 22.52 -9.18
CA ALA D 204 0.77 21.08 -9.26
C ALA D 204 -0.64 20.67 -8.84
N GLN D 205 -1.43 21.60 -8.33
CA GLN D 205 -2.73 21.25 -7.77
C GLN D 205 -3.89 22.14 -8.24
N GLU D 206 -3.58 23.24 -8.92
CA GLU D 206 -4.61 24.21 -9.29
C GLU D 206 -5.03 24.13 -10.75
N SER D 207 -6.13 24.80 -11.06
CA SER D 207 -6.67 24.84 -12.41
C SER D 207 -5.94 25.83 -13.30
N SER D 208 -6.03 25.62 -14.60
CA SER D 208 -5.59 26.61 -15.58
C SER D 208 -6.83 27.30 -16.18
N TYR D 209 -6.61 28.32 -16.99
CA TYR D 209 -7.71 29.14 -17.49
C TYR D 209 -7.64 29.38 -19.00
N GLY D 210 -8.80 29.31 -19.65
CA GLY D 210 -8.95 29.69 -21.03
C GLY D 210 -9.49 31.11 -21.08
N THR D 211 -9.29 31.80 -22.21
CA THR D 211 -9.71 33.19 -22.31
C THR D 211 -10.21 33.51 -23.73
N TYR D 212 -10.62 34.76 -23.94
CA TYR D 212 -11.23 35.21 -25.18
C TYR D 212 -12.46 34.34 -25.51
N CYS D 213 -13.39 34.31 -24.56
CA CYS D 213 -14.56 33.43 -24.65
C CYS D 213 -15.86 34.23 -24.81
N PRO D 214 -16.90 33.61 -25.39
CA PRO D 214 -18.19 34.28 -25.53
C PRO D 214 -18.84 34.56 -24.17
N GLY D 215 -19.57 35.67 -24.09
CA GLY D 215 -20.28 36.03 -22.88
C GLY D 215 -19.39 36.70 -21.85
N MET D 216 -18.14 36.97 -22.22
CA MET D 216 -17.19 37.59 -21.31
C MET D 216 -16.47 38.77 -21.95
N ASN D 217 -15.58 39.40 -21.20
CA ASN D 217 -14.85 40.56 -21.69
C ASN D 217 -13.33 40.40 -21.61
N PRO D 218 -12.63 40.50 -22.76
CA PRO D 218 -13.28 40.76 -24.04
C PRO D 218 -13.79 39.49 -24.72
N SER D 219 -14.83 39.64 -25.54
CA SER D 219 -15.40 38.52 -26.27
C SER D 219 -14.91 38.46 -27.72
N PRO D 220 -14.87 37.25 -28.30
CA PRO D 220 -14.62 37.14 -29.75
C PRO D 220 -15.82 37.69 -30.53
N PRO D 221 -15.68 37.86 -31.85
CA PRO D 221 -16.86 38.25 -32.64
C PRO D 221 -18.04 37.30 -32.39
N SER D 222 -19.26 37.83 -32.44
CA SER D 222 -20.46 37.10 -32.03
C SER D 222 -20.66 35.76 -32.74
N GLU D 223 -20.10 35.61 -33.93
CA GLU D 223 -20.22 34.36 -34.68
C GLU D 223 -19.42 33.23 -34.01
N TYR D 224 -18.48 33.60 -33.14
CA TYR D 224 -17.68 32.62 -32.40
C TYR D 224 -18.33 32.30 -31.06
N ILE D 225 -18.69 31.04 -30.87
CA ILE D 225 -19.31 30.62 -29.61
C ILE D 225 -18.39 29.65 -28.86
N THR D 226 -17.09 29.72 -29.15
CA THR D 226 -16.09 28.93 -28.45
C THR D 226 -14.89 29.82 -28.10
N CYS D 227 -14.13 29.44 -27.08
CA CYS D 227 -12.98 30.24 -26.65
C CYS D 227 -11.86 30.24 -27.67
N LEU D 228 -11.21 31.38 -27.84
CA LEU D 228 -10.17 31.54 -28.85
C LEU D 228 -8.77 31.17 -28.38
N GLY D 229 -8.50 31.32 -27.08
CA GLY D 229 -7.17 31.06 -26.55
C GLY D 229 -7.15 30.66 -25.08
N ASP D 230 -5.95 30.58 -24.53
CA ASP D 230 -5.75 30.29 -23.11
C ASP D 230 -4.88 31.38 -22.48
N LEU D 231 -5.15 31.67 -21.21
CA LEU D 231 -4.54 32.81 -20.51
C LEU D 231 -3.02 32.84 -20.56
N TYR D 232 -2.39 31.77 -20.08
CA TYR D 232 -0.93 31.66 -20.05
C TYR D 232 -0.34 31.71 -21.46
N SER D 233 -1.02 31.07 -22.42
CA SER D 233 -0.53 30.98 -23.79
C SER D 233 -0.50 32.33 -24.49
N VAL D 234 -1.61 33.04 -24.46
CA VAL D 234 -1.69 34.35 -25.11
C VAL D 234 -0.81 35.36 -24.37
N ALA D 235 -0.50 35.07 -23.11
CA ALA D 235 0.34 35.97 -22.33
C ALA D 235 1.75 36.03 -22.90
N TRP D 236 2.35 34.88 -23.15
CA TRP D 236 3.72 34.87 -23.64
C TRP D 236 3.80 35.16 -25.14
N MET D 237 2.76 34.78 -25.88
CA MET D 237 2.79 34.97 -27.33
C MET D 237 2.58 36.44 -27.70
N GLU D 238 1.61 37.10 -27.07
CA GLU D 238 1.39 38.52 -27.31
C GLU D 238 2.58 39.34 -26.83
N ASP D 239 3.28 38.83 -25.82
CA ASP D 239 4.48 39.48 -25.30
C ASP D 239 5.61 39.40 -26.33
N SER D 240 5.80 38.21 -26.89
CA SER D 240 6.84 37.97 -27.89
C SER D 240 6.54 38.76 -29.17
N GLU D 241 5.26 38.96 -29.45
CA GLU D 241 4.81 39.61 -30.69
C GLU D 241 4.95 41.11 -30.68
N THR D 242 5.16 41.68 -29.50
CA THR D 242 5.18 43.13 -29.37
C THR D 242 6.45 43.67 -28.71
N HIS D 243 7.50 42.85 -28.67
CA HIS D 243 8.74 43.30 -28.04
C HIS D 243 9.96 42.85 -28.83
N ASN D 244 11.03 43.64 -28.73
CA ASN D 244 12.30 43.32 -29.35
C ASN D 244 12.96 42.14 -28.66
N LEU D 245 12.97 40.98 -29.32
CA LEU D 245 13.46 39.75 -28.70
C LEU D 245 14.97 39.70 -28.66
N LYS D 246 15.63 40.66 -29.33
CA LYS D 246 17.07 40.78 -29.20
C LYS D 246 17.42 41.47 -27.88
N LYS D 247 16.45 42.17 -27.30
CA LYS D 247 16.68 42.85 -26.03
C LYS D 247 16.04 42.09 -24.85
N GLU D 248 14.81 41.61 -25.04
CA GLU D 248 14.05 41.01 -23.95
C GLU D 248 14.66 39.67 -23.51
N THR D 249 14.80 39.50 -22.20
CA THR D 249 15.32 38.27 -21.62
C THR D 249 14.22 37.28 -21.30
N ILE D 250 14.59 36.01 -21.15
CA ILE D 250 13.66 34.99 -20.70
C ILE D 250 13.12 35.35 -19.31
N LYS D 251 14.00 35.91 -18.49
CA LYS D 251 13.67 36.38 -17.15
C LYS D 251 12.52 37.40 -17.20
N GLN D 252 12.60 38.33 -18.14
CA GLN D 252 11.58 39.37 -18.29
C GLN D 252 10.24 38.79 -18.78
N GLN D 253 10.29 37.83 -19.69
CA GLN D 253 9.07 37.22 -20.19
C GLN D 253 8.36 36.44 -19.09
N TYR D 254 9.13 35.68 -18.31
CA TYR D 254 8.57 34.93 -17.18
C TYR D 254 7.86 35.88 -16.23
N HIS D 255 8.50 37.01 -15.94
CA HIS D 255 7.93 38.03 -15.06
C HIS D 255 6.62 38.58 -15.61
N THR D 256 6.60 38.86 -16.91
CA THR D 256 5.40 39.41 -17.55
C THR D 256 4.26 38.39 -17.58
N VAL D 257 4.59 37.17 -17.99
CA VAL D 257 3.60 36.11 -18.09
C VAL D 257 2.99 35.77 -16.74
N LYS D 258 3.85 35.63 -15.73
CA LYS D 258 3.41 35.33 -14.38
C LYS D 258 2.43 36.38 -13.85
N MET D 259 2.71 37.65 -14.16
CA MET D 259 1.88 38.76 -13.70
C MET D 259 0.50 38.74 -14.35
N ARG D 260 0.46 38.57 -15.67
CA ARG D 260 -0.81 38.53 -16.39
C ARG D 260 -1.63 37.27 -16.03
N THR D 261 -0.95 36.13 -15.94
CA THR D 261 -1.64 34.87 -15.68
C THR D 261 -2.21 34.81 -14.27
N SER D 262 -1.60 35.53 -13.33
CA SER D 262 -2.09 35.56 -11.95
C SER D 262 -3.21 36.58 -11.80
N ASN D 263 -3.66 37.14 -12.93
CA ASN D 263 -4.57 38.28 -12.95
C ASN D 263 -4.02 39.41 -12.06
N TYR D 264 -2.73 39.69 -12.24
CA TYR D 264 -2.03 40.75 -11.53
C TYR D 264 -2.12 40.55 -10.01
N ASN D 265 -1.63 39.39 -9.57
CA ASN D 265 -1.47 39.05 -8.16
C ASN D 265 -2.75 38.95 -7.35
N THR D 266 -3.89 38.81 -8.03
CA THR D 266 -5.15 38.62 -7.33
C THR D 266 -5.52 37.14 -7.22
N TYR D 267 -5.10 36.37 -8.23
CA TYR D 267 -5.41 34.94 -8.34
C TYR D 267 -6.91 34.69 -8.33
N SER D 268 -7.68 35.71 -8.69
CA SER D 268 -9.10 35.55 -8.95
C SER D 268 -9.27 35.45 -10.45
N GLY D 269 -9.51 34.23 -10.93
CA GLY D 269 -9.50 33.98 -12.35
C GLY D 269 -8.09 34.01 -12.87
N GLY D 270 -7.18 33.39 -12.12
CA GLY D 270 -5.78 33.33 -12.49
C GLY D 270 -5.03 32.24 -11.76
N SER D 271 -3.90 31.81 -12.30
CA SER D 271 -3.15 30.70 -11.73
C SER D 271 -1.70 31.10 -11.44
N HIS D 272 -0.97 30.21 -10.76
CA HIS D 272 0.44 30.45 -10.42
C HIS D 272 1.40 29.89 -11.46
N VAL D 273 2.03 30.76 -12.23
CA VAL D 273 3.04 30.30 -13.19
C VAL D 273 4.30 29.84 -12.46
N MET D 274 4.68 28.60 -12.71
CA MET D 274 5.82 27.98 -12.04
C MET D 274 7.00 27.81 -12.99
N GLU D 275 8.19 27.57 -12.44
CA GLU D 275 9.38 27.35 -13.23
C GLU D 275 10.18 26.17 -12.68
N TYR D 276 10.86 25.45 -13.57
CA TYR D 276 11.63 24.27 -13.19
C TYR D 276 12.91 24.16 -14.02
N GLY D 277 13.84 23.32 -13.58
CA GLY D 277 15.09 23.14 -14.29
C GLY D 277 16.16 24.15 -13.90
N ASN D 278 17.00 24.50 -14.87
CA ASN D 278 18.12 25.42 -14.66
C ASN D 278 17.72 26.88 -14.83
N ASN D 279 17.72 27.62 -13.73
CA ASN D 279 17.29 29.02 -13.73
C ASN D 279 18.31 29.97 -14.35
N SER D 280 19.55 29.51 -14.54
CA SER D 280 20.59 30.35 -15.11
C SER D 280 20.35 30.68 -16.58
N ILE D 281 19.50 29.88 -17.22
CA ILE D 281 19.15 30.10 -18.63
C ILE D 281 18.33 31.39 -18.78
N LYS D 282 17.62 31.76 -17.71
CA LYS D 282 16.72 32.92 -17.73
C LYS D 282 17.39 34.24 -18.12
N SER D 283 18.70 34.34 -17.91
CA SER D 283 19.42 35.58 -18.20
C SER D 283 19.61 35.76 -19.70
N GLU D 284 19.40 34.70 -20.47
CA GLU D 284 19.62 34.75 -21.91
C GLU D 284 18.48 35.48 -22.61
N LYS D 285 18.79 36.03 -23.78
CA LYS D 285 17.80 36.76 -24.57
C LYS D 285 16.92 35.78 -25.36
N LEU D 286 15.67 36.17 -25.58
CA LEU D 286 14.68 35.29 -26.18
C LEU D 286 14.92 34.92 -27.65
N TYR D 287 15.65 35.74 -28.37
CA TYR D 287 15.85 35.52 -29.81
C TYR D 287 16.66 34.25 -30.06
N LEU D 288 17.37 33.79 -29.05
CA LEU D 288 18.14 32.56 -29.16
C LEU D 288 17.22 31.35 -29.27
N TYR D 289 15.95 31.53 -28.90
CA TYR D 289 14.98 30.43 -28.94
C TYR D 289 13.78 30.76 -29.82
N GLN D 290 13.30 32.00 -29.76
CA GLN D 290 12.07 32.38 -30.45
C GLN D 290 12.30 33.18 -31.72
N GLY D 291 13.56 33.50 -32.01
CA GLY D 291 13.89 34.27 -33.20
C GLY D 291 13.73 35.77 -33.00
N PHE D 292 13.92 36.52 -34.07
CA PHE D 292 13.93 37.98 -33.96
C PHE D 292 13.12 38.64 -35.08
N ASP D 293 12.19 39.50 -34.69
CA ASP D 293 11.33 40.20 -35.64
C ASP D 293 11.72 41.68 -35.72
N PRO D 294 12.22 42.11 -36.89
CA PRO D 294 12.64 43.50 -37.10
C PRO D 294 11.50 44.50 -36.95
N ALA D 295 10.26 44.04 -37.16
CA ALA D 295 9.09 44.90 -37.09
C ALA D 295 8.84 45.43 -35.67
N THR D 296 9.31 44.68 -34.67
CA THR D 296 9.10 45.05 -33.28
C THR D 296 10.11 46.09 -32.81
N VAL D 297 11.16 46.27 -33.60
CA VAL D 297 12.20 47.23 -33.29
C VAL D 297 11.73 48.66 -33.55
N ASN D 298 11.83 49.50 -32.53
CA ASN D 298 11.39 50.89 -32.58
C ASN D 298 9.99 51.13 -33.15
N LEU D 299 8.98 50.58 -32.47
CA LEU D 299 7.58 50.86 -32.79
C LEU D 299 7.29 52.33 -32.53
N PRO D 300 6.40 52.93 -33.34
CA PRO D 300 6.05 54.32 -33.04
C PRO D 300 5.37 54.44 -31.67
N LEU D 301 5.35 55.65 -31.12
CA LEU D 301 4.86 55.89 -29.77
C LEU D 301 3.43 55.40 -29.57
N ASN D 302 2.56 55.65 -30.54
CA ASN D 302 1.14 55.33 -30.38
C ASN D 302 0.79 53.89 -30.72
N GLU D 303 1.81 53.06 -30.93
CA GLU D 303 1.58 51.65 -31.23
C GLU D 303 2.22 50.74 -30.18
N LEU D 304 2.70 51.33 -29.09
CA LEU D 304 3.24 50.56 -27.97
C LEU D 304 2.13 49.71 -27.34
N PRO D 305 2.47 48.46 -26.96
CA PRO D 305 1.46 47.55 -26.41
C PRO D 305 0.91 48.01 -25.06
N VAL D 306 -0.41 48.00 -24.94
CA VAL D 306 -1.06 48.32 -23.68
C VAL D 306 -2.02 47.20 -23.27
N LYS D 307 -1.69 46.52 -22.17
CA LYS D 307 -2.45 45.36 -21.72
C LYS D 307 -3.30 45.66 -20.50
N SER D 308 -4.48 45.04 -20.43
CA SER D 308 -5.35 45.15 -19.27
C SER D 308 -5.92 43.78 -18.91
N LYS D 309 -6.74 43.73 -17.87
CA LYS D 309 -7.29 42.48 -17.36
C LYS D 309 -8.32 41.90 -18.34
N ILE D 310 -8.36 40.58 -18.44
CA ILE D 310 -9.26 39.91 -19.36
C ILE D 310 -10.09 38.80 -18.69
N GLY D 311 -11.32 38.62 -19.14
CA GLY D 311 -12.17 37.59 -18.57
C GLY D 311 -11.71 36.19 -18.92
N VAL D 312 -11.90 35.25 -18.00
CA VAL D 312 -11.44 33.89 -18.20
C VAL D 312 -12.49 32.85 -17.83
N VAL D 313 -12.23 31.60 -18.23
CA VAL D 313 -13.08 30.46 -17.87
C VAL D 313 -12.18 29.33 -17.38
N ASN D 314 -12.66 28.56 -16.40
CA ASN D 314 -11.93 27.39 -15.95
C ASN D 314 -11.68 26.44 -17.12
N GLN D 315 -10.45 25.95 -17.23
CA GLN D 315 -10.03 25.10 -18.35
C GLN D 315 -10.96 23.90 -18.51
N ARG D 316 -11.46 23.38 -17.39
CA ARG D 316 -12.34 22.22 -17.37
C ARG D 316 -13.78 22.54 -17.74
N ASP D 317 -14.14 23.82 -17.68
CA ASP D 317 -15.52 24.23 -17.93
C ASP D 317 -15.72 24.91 -19.28
N ALA D 318 -14.63 25.12 -20.02
CA ALA D 318 -14.71 25.76 -21.33
C ALA D 318 -15.56 24.93 -22.29
N ASP D 319 -15.54 23.62 -22.07
CA ASP D 319 -16.31 22.69 -22.89
C ASP D 319 -17.81 22.98 -22.73
N LEU D 320 -18.23 23.17 -21.48
CA LEU D 320 -19.64 23.44 -21.17
C LEU D 320 -20.06 24.82 -21.63
N LEU D 321 -19.12 25.77 -21.60
CA LEU D 321 -19.37 27.13 -22.02
C LEU D 321 -19.68 27.17 -23.52
N PHE D 322 -18.95 26.35 -24.28
CA PHE D 322 -19.20 26.22 -25.71
C PHE D 322 -20.59 25.65 -25.98
N LEU D 323 -20.94 24.58 -25.26
CA LEU D 323 -22.24 23.94 -25.45
C LEU D 323 -23.39 24.85 -25.03
N TRP D 324 -23.19 25.62 -23.97
CA TRP D 324 -24.23 26.50 -23.47
C TRP D 324 -24.52 27.67 -24.42
N HIS D 325 -23.46 28.25 -24.98
CA HIS D 325 -23.63 29.37 -25.90
C HIS D 325 -24.17 28.95 -27.25
N MET D 326 -23.88 27.71 -27.65
CA MET D 326 -24.43 27.20 -28.89
C MET D 326 -25.95 27.06 -28.72
N TYR D 327 -26.37 26.78 -27.50
CA TYR D 327 -27.80 26.79 -27.16
C TYR D 327 -28.39 28.20 -27.14
N ARG D 328 -27.64 29.14 -26.56
CA ARG D 328 -28.12 30.50 -26.36
C ARG D 328 -28.36 31.19 -27.71
N THR D 329 -27.48 30.93 -28.66
CA THR D 329 -27.55 31.55 -29.99
C THR D 329 -28.57 30.89 -30.93
N SER D 330 -29.16 29.78 -30.48
CA SER D 330 -30.21 29.10 -31.25
C SER D 330 -31.53 29.83 -31.09
N GLU D 331 -32.41 29.73 -32.09
CA GLU D 331 -33.69 30.44 -32.01
C GLU D 331 -34.74 29.76 -31.13
N ASP D 332 -35.45 30.58 -30.38
CA ASP D 332 -36.49 30.13 -29.46
C ASP D 332 -37.59 29.36 -30.18
N GLY D 333 -37.73 28.08 -29.83
CA GLY D 333 -38.76 27.20 -30.38
C GLY D 333 -38.30 26.31 -31.52
N SER D 334 -37.03 26.42 -31.88
CA SER D 334 -36.40 25.58 -32.90
C SER D 334 -36.03 24.21 -32.35
N ARG D 335 -35.62 23.31 -33.25
CA ARG D 335 -35.17 21.97 -32.88
C ARG D 335 -33.64 21.91 -32.77
N LYS D 336 -32.98 23.00 -33.17
CA LYS D 336 -31.56 23.13 -32.93
C LYS D 336 -31.31 23.48 -31.48
N LYS D 337 -32.26 24.18 -30.90
CA LYS D 337 -32.25 24.54 -29.50
C LYS D 337 -32.28 23.29 -28.63
N ASP D 338 -33.18 22.37 -28.97
CA ASP D 338 -33.35 21.15 -28.20
C ASP D 338 -32.21 20.18 -28.37
N ASP D 339 -31.59 20.17 -29.54
CA ASP D 339 -30.46 19.30 -29.79
C ASP D 339 -29.24 19.74 -29.01
N THR D 340 -29.03 21.04 -28.94
CA THR D 340 -27.91 21.60 -28.20
C THR D 340 -28.15 21.47 -26.69
N LEU D 341 -29.40 21.61 -26.27
CA LEU D 341 -29.76 21.45 -24.87
C LEU D 341 -29.55 20.02 -24.39
N LYS D 342 -29.88 19.06 -25.26
CA LYS D 342 -29.69 17.65 -24.95
C LYS D 342 -28.23 17.27 -24.90
N GLU D 343 -27.42 17.91 -25.75
CA GLU D 343 -25.99 17.63 -25.75
C GLU D 343 -25.33 18.21 -24.50
N LEU D 344 -25.87 19.31 -24.00
CA LEU D 344 -25.39 19.94 -22.75
C LEU D 344 -25.75 19.04 -21.57
N THR D 345 -26.97 18.51 -21.61
CA THR D 345 -27.49 17.64 -20.57
C THR D 345 -26.72 16.32 -20.51
N GLU D 346 -26.45 15.74 -21.67
CA GLU D 346 -25.76 14.45 -21.72
C GLU D 346 -24.28 14.54 -21.36
N THR D 347 -23.64 15.64 -21.73
CA THR D 347 -22.24 15.85 -21.40
C THR D 347 -22.09 16.07 -19.89
N THR D 348 -23.00 16.84 -19.31
CA THR D 348 -22.99 17.13 -17.89
C THR D 348 -23.15 15.86 -17.04
N ARG D 349 -24.12 15.02 -17.40
CA ARG D 349 -24.40 13.82 -16.63
C ARG D 349 -23.32 12.75 -16.79
N HIS D 350 -22.66 12.76 -17.94
CA HIS D 350 -21.55 11.85 -18.21
C HIS D 350 -20.37 12.19 -17.32
N ARG D 351 -20.11 13.49 -17.19
CA ARG D 351 -19.07 14.02 -16.32
C ARG D 351 -19.35 13.69 -14.84
N LYS D 352 -20.61 13.86 -14.43
CA LYS D 352 -21.01 13.59 -13.06
C LYS D 352 -20.94 12.10 -12.74
N HIS D 353 -21.23 11.27 -13.73
CA HIS D 353 -21.17 9.82 -13.56
C HIS D 353 -19.73 9.37 -13.31
N LEU D 354 -18.79 10.02 -13.98
CA LEU D 354 -17.37 9.72 -13.82
C LEU D 354 -16.88 10.16 -12.45
N ASP D 355 -17.37 11.33 -12.00
CA ASP D 355 -17.05 11.83 -10.67
C ASP D 355 -17.55 10.85 -9.62
N ALA D 356 -18.77 10.34 -9.82
CA ALA D 356 -19.37 9.40 -8.89
C ALA D 356 -18.59 8.10 -8.80
N SER D 357 -18.07 7.62 -9.93
CA SER D 357 -17.32 6.37 -9.97
C SER D 357 -16.01 6.46 -9.19
N VAL D 358 -15.28 7.56 -9.39
CA VAL D 358 -14.01 7.78 -8.70
C VAL D 358 -14.25 7.93 -7.19
N GLU D 359 -15.26 8.73 -6.85
CA GLU D 359 -15.61 8.95 -5.45
C GLU D 359 -16.01 7.65 -4.76
N LEU D 360 -16.73 6.80 -5.49
CA LEU D 360 -17.22 5.55 -4.95
C LEU D 360 -16.09 4.57 -4.66
N ILE D 361 -15.12 4.50 -5.57
CA ILE D 361 -13.95 3.66 -5.38
C ILE D 361 -13.16 4.11 -4.16
N ALA D 362 -12.98 5.41 -4.03
CA ALA D 362 -12.26 5.98 -2.89
C ALA D 362 -13.00 5.71 -1.59
N THR D 363 -14.32 5.84 -1.62
CA THR D 363 -15.16 5.61 -0.44
C THR D 363 -15.12 4.17 0.02
N ILE D 364 -15.20 3.25 -0.95
CA ILE D 364 -15.14 1.82 -0.64
C ILE D 364 -13.82 1.46 0.03
N LEU D 365 -12.73 2.05 -0.45
CA LEU D 365 -11.41 1.75 0.08
C LEU D 365 -11.16 2.34 1.48
N PHE D 366 -11.43 3.62 1.64
CA PHE D 366 -11.03 4.30 2.88
C PHE D 366 -12.13 5.14 3.54
N GLY D 367 -13.38 4.96 3.09
CA GLY D 367 -14.50 5.60 3.75
C GLY D 367 -14.95 6.94 3.19
N PRO D 368 -16.14 7.39 3.62
CA PRO D 368 -16.75 8.62 3.11
C PRO D 368 -16.36 9.89 3.87
N THR D 369 -15.56 9.77 4.92
CA THR D 369 -15.16 10.92 5.72
C THR D 369 -13.66 10.98 5.95
N MET D 370 -13.08 12.17 5.81
CA MET D 370 -11.64 12.38 5.95
C MET D 370 -10.84 11.35 5.15
N ASN D 371 -11.23 11.17 3.88
CA ASN D 371 -10.60 10.17 3.04
C ASN D 371 -9.15 10.48 2.75
N VAL D 372 -8.28 9.52 3.03
CA VAL D 372 -6.83 9.70 2.91
C VAL D 372 -6.41 9.94 1.45
N LEU D 373 -7.20 9.46 0.50
CA LEU D 373 -6.86 9.58 -0.92
C LEU D 373 -7.02 11.00 -1.44
N ASN D 374 -7.71 11.84 -0.68
CA ASN D 374 -7.93 13.23 -1.09
C ASN D 374 -6.83 14.18 -0.60
N LEU D 375 -5.87 13.65 0.16
CA LEU D 375 -4.80 14.48 0.70
C LEU D 375 -3.78 14.88 -0.37
N VAL D 376 -3.47 16.17 -0.44
CA VAL D 376 -2.52 16.69 -1.42
C VAL D 376 -1.10 16.78 -0.84
N ARG D 377 -0.11 16.29 -1.59
CA ARG D 377 1.28 16.35 -1.17
C ARG D 377 1.82 17.77 -1.17
N GLU D 378 2.81 18.03 -0.31
CA GLU D 378 3.44 19.35 -0.24
C GLU D 378 4.16 19.68 -1.56
N PRO D 379 4.22 20.97 -1.91
CA PRO D 379 4.94 21.42 -3.12
C PRO D 379 6.40 20.96 -3.12
N GLY D 380 6.86 20.47 -4.26
CA GLY D 380 8.23 19.99 -4.35
C GLY D 380 8.31 18.47 -4.38
N LEU D 381 7.28 17.81 -3.86
CA LEU D 381 7.22 16.35 -3.90
C LEU D 381 6.63 15.87 -5.23
N PRO D 382 7.09 14.71 -5.70
CA PRO D 382 6.48 14.09 -6.90
C PRO D 382 5.06 13.61 -6.57
N LEU D 383 4.18 13.63 -7.56
CA LEU D 383 2.79 13.18 -7.35
C LEU D 383 2.73 11.74 -6.86
N VAL D 384 3.54 10.89 -7.45
CA VAL D 384 3.53 9.47 -7.12
C VAL D 384 4.97 8.95 -7.03
N ASP D 385 5.19 7.91 -6.23
CA ASP D 385 6.51 7.32 -6.09
C ASP D 385 6.73 6.22 -7.12
N ASP D 386 5.65 5.53 -7.47
CA ASP D 386 5.69 4.47 -8.49
C ASP D 386 4.83 4.86 -9.69
N TRP D 387 5.48 5.31 -10.76
CA TRP D 387 4.77 5.79 -11.94
C TRP D 387 4.15 4.67 -12.75
N GLU D 388 4.80 3.51 -12.78
CA GLU D 388 4.25 2.36 -13.48
C GLU D 388 2.99 1.84 -12.78
N CYS D 389 2.96 1.95 -11.45
CA CYS D 389 1.78 1.57 -10.69
C CYS D 389 0.62 2.52 -11.03
N LEU D 390 0.93 3.79 -11.23
CA LEU D 390 -0.08 4.79 -11.58
C LEU D 390 -0.79 4.40 -12.89
N LYS D 391 -0.01 4.02 -13.89
CA LYS D 391 -0.57 3.57 -15.16
C LYS D 391 -1.47 2.35 -14.97
N SER D 392 -1.01 1.41 -14.15
CA SER D 392 -1.76 0.17 -13.93
C SER D 392 -3.11 0.44 -13.31
N MET D 393 -3.14 1.31 -12.31
CA MET D 393 -4.37 1.63 -11.59
C MET D 393 -5.36 2.33 -12.50
N VAL D 394 -4.86 3.14 -13.43
CA VAL D 394 -5.72 3.79 -14.40
C VAL D 394 -6.35 2.75 -15.32
N ARG D 395 -5.54 1.78 -15.77
CA ARG D 395 -6.02 0.71 -16.63
C ARG D 395 -7.09 -0.14 -15.95
N VAL D 396 -6.91 -0.41 -14.66
CA VAL D 396 -7.88 -1.18 -13.90
C VAL D 396 -9.22 -0.42 -13.83
N PHE D 397 -9.14 0.86 -13.55
CA PHE D 397 -10.33 1.71 -13.49
C PHE D 397 -11.10 1.71 -14.82
N GLU D 398 -10.38 1.89 -15.92
CA GLU D 398 -11.00 2.01 -17.24
C GLU D 398 -11.62 0.69 -17.71
N GLU D 399 -11.05 -0.42 -17.25
CA GLU D 399 -11.55 -1.74 -17.61
C GLU D 399 -12.97 -1.94 -17.07
N HIS D 400 -13.25 -1.38 -15.91
CA HIS D 400 -14.53 -1.57 -15.25
C HIS D 400 -15.47 -0.36 -15.36
N CYS D 401 -14.89 0.83 -15.31
CA CYS D 401 -15.70 2.04 -15.23
C CYS D 401 -15.72 2.79 -16.56
N GLY D 402 -14.96 2.31 -17.53
CA GLY D 402 -14.91 2.93 -18.84
C GLY D 402 -13.80 3.96 -18.96
N SER D 403 -13.62 4.46 -20.17
CA SER D 403 -12.53 5.40 -20.47
C SER D 403 -12.58 6.64 -19.57
N LEU D 404 -11.41 7.08 -19.12
CA LEU D 404 -11.30 8.20 -18.19
C LEU D 404 -11.61 9.55 -18.85
N THR D 405 -11.35 9.64 -20.15
CA THR D 405 -11.50 10.88 -20.94
C THR D 405 -10.57 12.00 -20.46
N GLN D 406 -10.46 13.07 -21.24
CA GLN D 406 -9.58 14.17 -20.88
C GLN D 406 -10.12 14.92 -19.67
N TYR D 407 -11.45 14.97 -19.54
CA TYR D 407 -12.07 15.56 -18.37
C TYR D 407 -11.66 14.81 -17.10
N GLY D 408 -11.62 13.48 -17.20
CA GLY D 408 -11.33 12.65 -16.04
C GLY D 408 -9.90 12.72 -15.56
N MET D 409 -9.04 13.40 -16.30
CA MET D 409 -7.65 13.59 -15.87
C MET D 409 -7.58 14.39 -14.57
N LYS D 410 -8.68 15.07 -14.25
CA LYS D 410 -8.77 15.84 -13.01
C LYS D 410 -8.71 14.94 -11.76
N HIS D 411 -9.03 13.66 -11.94
CA HIS D 411 -9.10 12.73 -10.82
C HIS D 411 -7.82 11.92 -10.64
N MET D 412 -6.74 12.32 -11.31
CA MET D 412 -5.54 11.49 -11.37
C MET D 412 -4.81 11.38 -10.02
N ARG D 413 -5.01 12.35 -9.14
CA ARG D 413 -4.38 12.29 -7.81
C ARG D 413 -4.95 11.15 -6.98
N ALA D 414 -6.23 10.85 -7.20
CA ALA D 414 -6.89 9.75 -6.50
C ALA D 414 -6.20 8.43 -6.78
N PHE D 415 -5.88 8.19 -8.06
CA PHE D 415 -5.21 6.96 -8.46
C PHE D 415 -3.75 6.96 -7.98
N ALA D 416 -3.15 8.14 -7.97
CA ALA D 416 -1.76 8.29 -7.52
C ALA D 416 -1.61 7.93 -6.05
N ASN D 417 -2.58 8.35 -5.25
CA ASN D 417 -2.56 8.07 -3.82
C ASN D 417 -2.93 6.63 -3.49
N VAL D 418 -3.61 5.96 -4.43
CA VAL D 418 -3.87 4.54 -4.28
C VAL D 418 -2.53 3.81 -4.28
N CYS D 419 -1.64 4.23 -5.16
CA CYS D 419 -0.29 3.67 -5.23
C CYS D 419 0.56 4.06 -4.02
N ASN D 420 0.47 5.34 -3.63
CA ASN D 420 1.25 5.85 -2.50
C ASN D 420 0.89 5.19 -1.18
N ASN D 421 -0.38 4.78 -1.05
CA ASN D 421 -0.84 4.10 0.16
C ASN D 421 -0.64 2.58 0.06
N GLY D 422 0.04 2.15 -1.00
CA GLY D 422 0.41 0.75 -1.15
C GLY D 422 -0.74 -0.22 -1.37
N VAL D 423 -1.85 0.27 -1.92
CA VAL D 423 -3.00 -0.59 -2.19
C VAL D 423 -2.70 -1.51 -3.39
N SER D 424 -2.91 -2.81 -3.21
CA SER D 424 -2.60 -3.79 -4.25
C SER D 424 -3.51 -3.67 -5.45
N LYS D 425 -3.07 -4.24 -6.57
CA LYS D 425 -3.88 -4.25 -7.77
C LYS D 425 -5.18 -5.04 -7.56
N GLU D 426 -5.11 -6.09 -6.76
CA GLU D 426 -6.27 -6.92 -6.47
C GLU D 426 -7.35 -6.15 -5.70
N LEU D 427 -6.93 -5.32 -4.75
CA LEU D 427 -7.89 -4.50 -3.99
C LEU D 427 -8.51 -3.42 -4.88
N MET D 428 -7.70 -2.85 -5.78
CA MET D 428 -8.20 -1.85 -6.72
C MET D 428 -9.21 -2.49 -7.67
N GLU D 429 -8.90 -3.70 -8.11
CA GLU D 429 -9.81 -4.47 -8.97
C GLU D 429 -11.12 -4.77 -8.25
N GLU D 430 -11.02 -5.13 -6.97
CA GLU D 430 -12.21 -5.45 -6.18
C GLU D 430 -13.08 -4.21 -5.97
N ALA D 431 -12.46 -3.08 -5.65
CA ALA D 431 -13.20 -1.85 -5.41
C ALA D 431 -13.82 -1.30 -6.69
N SER D 432 -13.07 -1.37 -7.78
CA SER D 432 -13.56 -0.87 -9.07
C SER D 432 -14.74 -1.72 -9.56
N THR D 433 -14.67 -3.02 -9.33
CA THR D 433 -15.75 -3.93 -9.69
C THR D 433 -17.03 -3.65 -8.91
N ALA D 434 -16.88 -3.39 -7.62
CA ALA D 434 -18.02 -3.09 -6.77
C ALA D 434 -18.68 -1.78 -7.21
N ALA D 435 -17.85 -0.85 -7.68
CA ALA D 435 -18.33 0.48 -8.05
C ALA D 435 -18.93 0.50 -9.44
N CYS D 436 -18.33 -0.21 -10.39
CA CYS D 436 -18.75 -0.13 -11.79
C CYS D 436 -19.16 -1.45 -12.44
N GLY D 437 -18.78 -2.58 -11.84
CA GLY D 437 -19.09 -3.87 -12.42
C GLY D 437 -18.02 -4.35 -13.41
N GLY D 438 -18.46 -5.07 -14.44
CA GLY D 438 -17.59 -5.56 -15.50
C GLY D 438 -16.84 -6.83 -15.17
N TYR D 439 -17.56 -7.78 -14.58
CA TYR D 439 -17.02 -9.09 -14.23
C TYR D 439 -16.31 -9.79 -15.39
N VAL E 17 -19.61 -40.93 6.01
CA VAL E 17 -18.36 -40.22 5.72
C VAL E 17 -18.39 -38.80 6.30
N GLY E 18 -17.23 -38.15 6.52
CA GLY E 18 -17.13 -36.78 7.02
C GLY E 18 -16.46 -35.81 6.08
N THR E 19 -15.95 -34.80 6.71
CA THR E 19 -15.18 -33.74 6.05
C THR E 19 -13.69 -33.90 6.31
N ARG E 20 -12.88 -33.69 5.28
CA ARG E 20 -11.43 -33.83 5.40
C ARG E 20 -10.75 -32.48 5.58
N TRP E 21 -10.10 -32.29 6.73
CA TRP E 21 -9.39 -31.06 7.03
C TRP E 21 -7.89 -31.23 6.89
N ALA E 22 -7.16 -30.12 6.87
CA ALA E 22 -5.71 -30.16 6.76
C ALA E 22 -5.05 -28.90 7.32
N VAL E 23 -3.90 -29.09 7.97
CA VAL E 23 -3.07 -27.97 8.42
C VAL E 23 -1.67 -28.12 7.84
N LEU E 24 -1.22 -27.12 7.08
CA LEU E 24 0.10 -27.15 6.47
C LEU E 24 0.95 -26.02 7.01
N VAL E 25 2.10 -26.36 7.60
CA VAL E 25 2.94 -25.37 8.28
C VAL E 25 4.38 -25.39 7.81
N ALA E 26 4.86 -24.23 7.37
CA ALA E 26 6.28 -24.04 7.11
C ALA E 26 6.87 -23.23 8.26
N GLY E 27 7.96 -23.73 8.85
CA GLY E 27 8.49 -23.12 10.06
C GLY E 27 9.69 -22.23 9.88
N SER E 28 10.03 -21.89 8.64
CA SER E 28 11.22 -21.09 8.39
C SER E 28 10.98 -19.98 7.37
N SER E 29 12.00 -19.15 7.15
CA SER E 29 11.93 -18.08 6.17
C SER E 29 13.31 -17.81 5.57
N GLY E 30 13.37 -16.92 4.59
CA GLY E 30 14.61 -16.60 3.92
C GLY E 30 14.78 -17.44 2.68
N TYR E 31 15.47 -16.89 1.68
CA TYR E 31 15.61 -17.57 0.39
C TYR E 31 16.45 -18.84 0.52
N GLY E 32 17.32 -18.88 1.52
CA GLY E 32 18.12 -20.06 1.79
C GLY E 32 17.26 -21.23 2.25
N ASN E 33 16.09 -20.92 2.80
CA ASN E 33 15.13 -21.93 3.23
C ASN E 33 13.94 -22.04 2.27
N TYR E 34 14.21 -21.77 0.99
CA TYR E 34 13.25 -21.90 -0.11
C TYR E 34 12.42 -23.18 -0.03
N ARG E 35 13.11 -24.29 0.17
CA ARG E 35 12.51 -25.63 0.10
C ARG E 35 11.30 -25.85 1.02
N HIS E 36 11.33 -25.28 2.21
CA HIS E 36 10.30 -25.59 3.22
C HIS E 36 8.94 -25.04 2.82
N GLN E 37 8.90 -23.84 2.24
CA GLN E 37 7.63 -23.27 1.80
C GLN E 37 7.23 -23.87 0.47
N ALA E 38 8.22 -24.31 -0.31
CA ALA E 38 7.94 -25.04 -1.53
C ALA E 38 7.31 -26.40 -1.23
N ASP E 39 7.78 -27.04 -0.15
CA ASP E 39 7.21 -28.30 0.32
C ASP E 39 5.73 -28.15 0.63
N VAL E 40 5.42 -27.14 1.43
CA VAL E 40 4.06 -26.88 1.88
C VAL E 40 3.11 -26.56 0.74
N CYS E 41 3.55 -25.73 -0.21
CA CYS E 41 2.73 -25.36 -1.35
C CYS E 41 2.44 -26.58 -2.22
N HIS E 42 3.45 -27.42 -2.40
CA HIS E 42 3.30 -28.65 -3.16
C HIS E 42 2.28 -29.57 -2.50
N ALA E 43 2.32 -29.64 -1.17
CA ALA E 43 1.39 -30.45 -0.41
C ALA E 43 -0.04 -29.95 -0.58
N TYR E 44 -0.20 -28.63 -0.67
CA TYR E 44 -1.51 -28.04 -0.85
C TYR E 44 -2.13 -28.46 -2.18
N GLN E 45 -1.33 -28.43 -3.24
CA GLN E 45 -1.83 -28.78 -4.57
C GLN E 45 -2.28 -30.23 -4.64
N ILE E 46 -1.54 -31.11 -3.96
CA ILE E 46 -1.88 -32.52 -3.92
C ILE E 46 -3.24 -32.73 -3.26
N LEU E 47 -3.47 -32.01 -2.17
CA LEU E 47 -4.73 -32.12 -1.44
C LEU E 47 -5.90 -31.57 -2.26
N ARG E 48 -5.68 -30.47 -2.99
CA ARG E 48 -6.72 -29.87 -3.82
C ARG E 48 -7.06 -30.81 -4.98
N LYS E 49 -6.03 -31.37 -5.60
CA LYS E 49 -6.23 -32.34 -6.66
C LYS E 49 -6.96 -33.57 -6.13
N GLY E 50 -6.79 -33.83 -4.83
CA GLY E 50 -7.46 -34.94 -4.19
C GLY E 50 -8.91 -34.64 -3.86
N GLY E 51 -9.29 -33.36 -3.98
CA GLY E 51 -10.67 -32.97 -3.79
C GLY E 51 -10.94 -32.27 -2.47
N LEU E 52 -9.91 -32.05 -1.67
CA LEU E 52 -10.06 -31.31 -0.42
C LEU E 52 -10.36 -29.85 -0.72
N LYS E 53 -11.22 -29.24 0.08
CA LYS E 53 -11.67 -27.87 -0.15
C LYS E 53 -10.76 -26.84 0.52
N GLU E 54 -10.61 -25.69 -0.13
CA GLU E 54 -9.75 -24.61 0.36
C GLU E 54 -10.16 -24.11 1.74
N GLU E 55 -11.47 -24.10 1.98
CA GLU E 55 -12.02 -23.65 3.26
C GLU E 55 -11.63 -24.58 4.39
N ASN E 56 -11.25 -25.81 4.04
CA ASN E 56 -10.89 -26.83 5.03
C ASN E 56 -9.39 -27.04 5.17
N ILE E 57 -8.62 -26.28 4.40
CA ILE E 57 -7.17 -26.36 4.46
C ILE E 57 -6.56 -25.05 4.97
N VAL E 58 -5.92 -25.11 6.13
CA VAL E 58 -5.27 -23.93 6.69
C VAL E 58 -3.77 -23.96 6.39
N VAL E 59 -3.27 -22.87 5.81
CA VAL E 59 -1.86 -22.79 5.42
C VAL E 59 -1.11 -21.72 6.20
N LEU E 60 -0.05 -22.12 6.89
CA LEU E 60 0.81 -21.17 7.58
C LEU E 60 2.19 -21.13 6.92
N MET E 61 2.47 -20.03 6.23
CA MET E 61 3.75 -19.87 5.55
C MET E 61 4.16 -18.40 5.59
N TYR E 62 5.45 -18.14 5.75
CA TYR E 62 5.95 -16.78 5.91
C TYR E 62 5.72 -15.93 4.67
N ASP E 63 5.68 -16.59 3.51
CA ASP E 63 5.34 -15.96 2.23
C ASP E 63 6.31 -14.86 1.79
N ASP E 64 7.61 -15.18 1.85
CA ASP E 64 8.63 -14.22 1.46
C ASP E 64 9.48 -14.75 0.31
N ILE E 65 9.04 -15.84 -0.30
CA ILE E 65 9.86 -16.54 -1.29
C ILE E 65 9.41 -16.29 -2.74
N ALA E 66 8.10 -16.32 -2.98
CA ALA E 66 7.58 -16.21 -4.35
C ALA E 66 8.03 -14.94 -5.05
N ASN E 67 8.06 -13.83 -4.33
CA ASN E 67 8.49 -12.56 -4.92
C ASN E 67 9.76 -12.04 -4.27
N HIS E 68 10.62 -12.97 -3.87
CA HIS E 68 11.94 -12.64 -3.36
C HIS E 68 12.80 -12.16 -4.52
N PRO E 69 13.62 -11.12 -4.30
CA PRO E 69 14.49 -10.55 -5.34
C PRO E 69 15.39 -11.59 -5.99
N LEU E 70 15.77 -12.63 -5.25
CA LEU E 70 16.68 -13.65 -5.76
C LEU E 70 15.96 -14.70 -6.59
N ASN E 71 14.63 -14.74 -6.50
CA ASN E 71 13.85 -15.72 -7.24
C ASN E 71 13.91 -15.47 -8.75
N PRO E 72 14.49 -16.42 -9.50
CA PRO E 72 14.66 -16.28 -10.94
C PRO E 72 13.35 -16.38 -11.72
N ARG E 73 12.32 -16.91 -11.07
CA ARG E 73 10.99 -16.98 -11.65
C ARG E 73 9.96 -16.41 -10.68
N PRO E 74 9.83 -15.06 -10.65
CA PRO E 74 8.98 -14.31 -9.71
C PRO E 74 7.52 -14.77 -9.72
N GLY E 75 6.93 -14.89 -8.54
CA GLY E 75 5.54 -15.28 -8.40
C GLY E 75 5.31 -16.78 -8.41
N THR E 76 6.40 -17.55 -8.48
CA THR E 76 6.28 -19.00 -8.54
C THR E 76 7.16 -19.73 -7.52
N LEU E 77 6.80 -20.99 -7.26
CA LEU E 77 7.60 -21.91 -6.46
C LEU E 77 7.60 -23.29 -7.11
N ILE E 78 8.77 -23.93 -7.17
CA ILE E 78 8.85 -25.30 -7.65
C ILE E 78 9.47 -26.21 -6.59
N ASN E 79 9.01 -27.46 -6.54
CA ASN E 79 9.47 -28.42 -5.55
C ASN E 79 10.15 -29.61 -6.22
N HIS E 80 10.59 -29.40 -7.45
CA HIS E 80 11.22 -30.44 -8.27
C HIS E 80 11.95 -29.78 -9.43
N PRO E 81 13.13 -30.30 -9.81
CA PRO E 81 13.93 -29.75 -10.91
C PRO E 81 13.14 -29.59 -12.21
N ASP E 82 12.31 -30.58 -12.54
CA ASP E 82 11.50 -30.54 -13.75
C ASP E 82 10.04 -30.21 -13.42
N GLY E 83 9.81 -29.63 -12.23
CA GLY E 83 8.47 -29.43 -11.74
C GLY E 83 7.80 -28.15 -12.23
N ASP E 84 6.48 -28.12 -12.13
CA ASP E 84 5.70 -26.92 -12.45
C ASP E 84 5.50 -26.07 -11.20
N ASP E 85 4.87 -24.91 -11.36
CA ASP E 85 4.60 -24.02 -10.24
C ASP E 85 3.59 -24.63 -9.27
N VAL E 86 3.83 -24.45 -7.97
CA VAL E 86 2.91 -24.96 -6.95
C VAL E 86 2.42 -23.85 -6.03
N TYR E 87 2.83 -22.61 -6.32
CA TYR E 87 2.49 -21.47 -5.49
C TYR E 87 1.10 -20.92 -5.81
N ALA E 88 0.73 -20.94 -7.09
CA ALA E 88 -0.54 -20.38 -7.51
C ALA E 88 -1.72 -21.10 -6.89
N GLY E 89 -2.60 -20.36 -6.23
CA GLY E 89 -3.79 -20.93 -5.63
C GLY E 89 -3.70 -21.16 -4.13
N VAL E 90 -2.49 -21.14 -3.60
CA VAL E 90 -2.29 -21.36 -2.16
C VAL E 90 -2.76 -20.16 -1.35
N PRO E 91 -3.70 -20.38 -0.41
CA PRO E 91 -4.29 -19.32 0.42
C PRO E 91 -3.31 -18.71 1.41
N LYS E 92 -3.48 -17.42 1.66
CA LYS E 92 -2.63 -16.68 2.59
C LYS E 92 -3.30 -16.57 3.95
N ASP E 93 -3.49 -17.71 4.61
CA ASP E 93 -4.19 -17.74 5.89
C ASP E 93 -3.38 -17.05 6.99
N TYR E 94 -2.14 -17.46 7.15
CA TYR E 94 -1.25 -16.88 8.15
C TYR E 94 0.14 -16.70 7.56
N THR E 95 0.52 -15.45 7.34
CA THR E 95 1.81 -15.13 6.74
C THR E 95 2.59 -14.16 7.62
N GLY E 96 3.87 -13.99 7.30
CA GLY E 96 4.72 -13.04 7.99
C GLY E 96 4.80 -13.25 9.50
N SER E 97 4.46 -12.19 10.24
CA SER E 97 4.54 -12.20 11.69
C SER E 97 3.43 -13.01 12.35
N SER E 98 2.45 -13.43 11.55
CA SER E 98 1.33 -14.19 12.09
C SER E 98 1.65 -15.68 12.16
N VAL E 99 2.76 -16.09 11.56
CA VAL E 99 3.17 -17.48 11.61
C VAL E 99 3.87 -17.77 12.95
N THR E 100 3.06 -18.06 13.96
CA THR E 100 3.56 -18.27 15.31
C THR E 100 3.10 -19.60 15.88
N ALA E 101 3.77 -20.07 16.92
CA ALA E 101 3.39 -21.32 17.58
C ALA E 101 2.01 -21.20 18.19
N ALA E 102 1.72 -20.02 18.73
CA ALA E 102 0.43 -19.75 19.35
C ALA E 102 -0.71 -19.84 18.34
N ASN E 103 -0.50 -19.30 17.14
CA ASN E 103 -1.50 -19.39 16.10
C ASN E 103 -1.68 -20.81 15.60
N PHE E 104 -0.59 -21.56 15.51
CA PHE E 104 -0.63 -22.96 15.06
C PHE E 104 -1.48 -23.81 16.01
N TYR E 105 -1.29 -23.61 17.31
CA TYR E 105 -2.07 -24.35 18.31
C TYR E 105 -3.55 -23.95 18.23
N ALA E 106 -3.81 -22.66 18.10
CA ALA E 106 -5.16 -22.13 18.06
C ALA E 106 -5.93 -22.61 16.83
N VAL E 107 -5.24 -22.65 15.70
CA VAL E 107 -5.81 -23.14 14.45
C VAL E 107 -6.22 -24.61 14.59
N LEU E 108 -5.33 -25.40 15.17
CA LEU E 108 -5.55 -26.84 15.34
C LEU E 108 -6.70 -27.13 16.29
N LEU E 109 -6.85 -26.31 17.32
CA LEU E 109 -7.92 -26.46 18.29
C LEU E 109 -9.26 -25.94 17.78
N GLY E 110 -9.20 -25.13 16.73
CA GLY E 110 -10.41 -24.52 16.19
C GLY E 110 -10.86 -23.37 17.05
N ASP E 111 -9.89 -22.66 17.63
CA ASP E 111 -10.18 -21.54 18.52
C ASP E 111 -10.00 -20.22 17.79
N GLN E 112 -11.07 -19.76 17.15
CA GLN E 112 -11.04 -18.53 16.36
C GLN E 112 -10.74 -17.32 17.22
N LYS E 113 -11.13 -17.37 18.49
CA LYS E 113 -10.90 -16.27 19.41
C LYS E 113 -9.42 -16.11 19.76
N ALA E 114 -8.69 -17.22 19.85
CA ALA E 114 -7.28 -17.17 20.23
C ALA E 114 -6.36 -16.73 19.10
N VAL E 115 -6.87 -16.86 17.88
CA VAL E 115 -6.07 -16.50 16.73
C VAL E 115 -5.85 -14.99 16.67
N LYS E 116 -4.60 -14.60 16.45
CA LYS E 116 -4.26 -13.19 16.30
C LYS E 116 -3.72 -12.89 14.90
N GLY E 117 -4.43 -12.02 14.20
CA GLY E 117 -4.13 -11.67 12.82
C GLY E 117 -4.52 -12.78 11.86
N GLY E 118 -4.03 -12.69 10.63
CA GLY E 118 -4.32 -13.70 9.62
C GLY E 118 -5.74 -13.70 9.12
N SER E 119 -6.11 -14.76 8.41
CA SER E 119 -7.44 -14.86 7.80
C SER E 119 -8.50 -15.27 8.82
N GLY E 120 -8.08 -15.88 9.92
CA GLY E 120 -9.01 -16.32 10.94
C GLY E 120 -9.56 -17.70 10.67
N LYS E 121 -9.05 -18.35 9.63
CA LYS E 121 -9.46 -19.72 9.32
C LYS E 121 -8.86 -20.69 10.32
N VAL E 122 -9.71 -21.55 10.89
CA VAL E 122 -9.28 -22.56 11.86
C VAL E 122 -9.87 -23.92 11.54
N ILE E 123 -9.43 -24.93 12.28
CA ILE E 123 -9.97 -26.28 12.11
C ILE E 123 -11.19 -26.48 13.01
N ALA E 124 -12.33 -25.99 12.56
CA ALA E 124 -13.58 -26.19 13.29
C ALA E 124 -14.18 -27.54 12.91
N SER E 125 -13.50 -28.62 13.29
CA SER E 125 -13.88 -29.96 12.86
C SER E 125 -14.95 -30.59 13.75
N LYS E 126 -15.55 -31.67 13.24
CA LYS E 126 -16.65 -32.37 13.91
C LYS E 126 -16.33 -33.86 14.05
N PRO E 127 -17.00 -34.57 14.99
CA PRO E 127 -16.69 -35.97 15.36
C PRO E 127 -16.42 -36.95 14.22
N ASN E 128 -17.01 -36.76 13.05
CA ASN E 128 -16.81 -37.69 11.94
C ASN E 128 -15.74 -37.24 10.95
N ASP E 129 -15.06 -36.14 11.25
CA ASP E 129 -14.11 -35.59 10.29
C ASP E 129 -12.72 -36.21 10.41
N HIS E 130 -11.95 -36.06 9.33
CA HIS E 130 -10.55 -36.50 9.31
C HIS E 130 -9.62 -35.30 9.18
N ILE E 131 -8.45 -35.39 9.83
CA ILE E 131 -7.51 -34.27 9.84
C ILE E 131 -6.12 -34.73 9.42
N PHE E 132 -5.49 -33.97 8.53
CA PHE E 132 -4.13 -34.25 8.08
C PHE E 132 -3.20 -33.08 8.40
N VAL E 133 -2.18 -33.34 9.20
CA VAL E 133 -1.25 -32.30 9.58
C VAL E 133 0.13 -32.52 8.99
N TYR E 134 0.69 -31.49 8.36
CA TYR E 134 2.01 -31.56 7.77
C TYR E 134 2.87 -30.35 8.10
N TYR E 135 3.96 -30.58 8.83
CA TYR E 135 4.93 -29.54 9.20
C TYR E 135 6.25 -29.74 8.44
N ALA E 136 6.88 -28.63 8.05
CA ALA E 136 8.17 -28.72 7.39
C ALA E 136 9.11 -27.56 7.70
C SNN E 137 12.70 -27.38 9.13
CA SNN E 137 11.51 -26.76 8.47
N SNN E 137 10.38 -27.66 8.11
C4 SNN E 137 11.16 -25.48 9.23
C5 SNN E 137 12.19 -25.37 10.33
O SNN E 137 13.19 -28.43 8.72
O5 SNN E 137 12.15 -24.41 11.09
H2 SNN E 137 10.86 -28.19 7.51
HA SNN E 137 11.81 -26.43 7.62
H SNN E 137 10.42 -28.18 8.89
H41 SNN E 137 11.22 -24.72 8.64
H42 SNN E 137 10.27 -25.55 9.62
N HIS E 138 12.89 -26.47 10.07
CA HIS E 138 14.04 -26.86 10.87
C HIS E 138 13.62 -27.40 12.22
N GLY E 139 14.55 -28.04 12.91
CA GLY E 139 14.25 -28.59 14.21
C GLY E 139 15.48 -28.94 15.03
N GLY E 140 15.24 -29.39 16.25
CA GLY E 140 16.28 -29.85 17.13
C GLY E 140 15.60 -30.74 18.16
N PRO E 141 16.39 -31.33 19.08
CA PRO E 141 15.83 -32.21 20.12
C PRO E 141 14.72 -31.52 20.92
N GLY E 142 13.49 -32.00 20.77
CA GLY E 142 12.36 -31.50 21.53
C GLY E 142 11.80 -30.16 21.07
N VAL E 143 12.28 -29.68 19.93
CA VAL E 143 11.86 -28.36 19.44
C VAL E 143 11.64 -28.32 17.92
N LEU E 144 10.60 -27.63 17.49
CA LEU E 144 10.34 -27.37 16.08
C LEU E 144 10.45 -25.87 15.80
N GLY E 145 11.11 -25.50 14.70
CA GLY E 145 11.34 -24.10 14.38
C GLY E 145 10.11 -23.34 13.93
N MET E 146 10.10 -22.04 14.22
CA MET E 146 9.08 -21.14 13.70
C MET E 146 9.76 -19.83 13.28
N PRO E 147 9.26 -19.20 12.20
CA PRO E 147 9.92 -17.98 11.69
C PRO E 147 9.75 -16.79 12.64
N ASN E 148 8.82 -16.90 13.58
CA ASN E 148 8.68 -15.91 14.64
C ASN E 148 8.75 -16.58 16.02
N THR E 149 9.78 -16.25 16.79
CA THR E 149 9.99 -16.82 18.12
C THR E 149 8.83 -16.52 19.06
N PRO E 150 8.58 -17.41 20.05
CA PRO E 150 9.34 -18.61 20.41
C PRO E 150 9.06 -19.80 19.49
N HIS E 151 9.99 -20.75 19.47
CA HIS E 151 9.82 -21.96 18.69
C HIS E 151 8.78 -22.87 19.35
N ILE E 152 8.45 -23.95 18.66
CA ILE E 152 7.51 -24.94 19.17
C ILE E 152 8.21 -25.91 20.10
N TYR E 153 7.73 -26.04 21.33
CA TYR E 153 8.26 -27.05 22.23
C TYR E 153 7.35 -28.25 22.22
N ALA E 154 7.95 -29.44 22.18
CA ALA E 154 7.24 -30.70 21.98
C ALA E 154 6.07 -30.90 22.94
N ALA E 155 6.29 -30.63 24.22
CA ALA E 155 5.28 -30.85 25.24
C ALA E 155 4.01 -30.05 24.99
N ASP E 156 4.18 -28.81 24.52
CA ASP E 156 3.03 -27.95 24.22
C ASP E 156 2.26 -28.47 23.02
N PHE E 157 2.98 -28.96 22.03
CA PHE E 157 2.36 -29.52 20.83
C PHE E 157 1.52 -30.74 21.19
N ILE E 158 2.09 -31.64 21.99
CA ILE E 158 1.40 -32.86 22.40
C ILE E 158 0.20 -32.53 23.29
N GLU E 159 0.37 -31.55 24.16
CA GLU E 159 -0.71 -31.12 25.05
C GLU E 159 -1.89 -30.56 24.24
N THR E 160 -1.57 -29.85 23.16
CA THR E 160 -2.60 -29.33 22.26
C THR E 160 -3.40 -30.47 21.64
N LEU E 161 -2.70 -31.54 21.26
CA LEU E 161 -3.35 -32.72 20.69
C LEU E 161 -4.25 -33.43 21.69
N LYS E 162 -3.84 -33.45 22.96
CA LYS E 162 -4.62 -34.07 24.01
C LYS E 162 -5.95 -33.37 24.25
N LYS E 163 -5.92 -32.04 24.29
CA LYS E 163 -7.12 -31.25 24.48
C LYS E 163 -8.06 -31.40 23.29
N LYS E 164 -7.47 -31.46 22.10
CA LYS E 164 -8.22 -31.65 20.86
C LYS E 164 -8.96 -32.99 20.91
N HIS E 165 -8.26 -34.02 21.38
CA HIS E 165 -8.86 -35.34 21.53
C HIS E 165 -9.99 -35.34 22.56
N ALA E 166 -9.78 -34.64 23.67
CA ALA E 166 -10.76 -34.60 24.75
C ALA E 166 -12.06 -33.96 24.27
N SER E 167 -11.96 -33.02 23.33
CA SER E 167 -13.14 -32.37 22.77
C SER E 167 -13.90 -33.34 21.85
N GLY E 168 -13.20 -34.34 21.35
CA GLY E 168 -13.80 -35.34 20.49
C GLY E 168 -14.31 -34.76 19.18
N THR E 169 -13.60 -33.75 18.67
CA THR E 169 -14.04 -33.05 17.47
C THR E 169 -13.38 -33.57 16.21
N TYR E 170 -13.01 -34.86 16.22
CA TYR E 170 -12.47 -35.53 15.05
C TYR E 170 -12.52 -37.04 15.25
N LYS E 171 -12.53 -37.78 14.15
CA LYS E 171 -12.52 -39.24 14.20
C LYS E 171 -11.09 -39.76 14.34
N GLU E 172 -10.26 -39.44 13.35
CA GLU E 172 -8.85 -39.81 13.36
C GLU E 172 -7.98 -38.74 12.71
N MET E 173 -6.68 -38.78 13.01
CA MET E 173 -5.74 -37.78 12.53
C MET E 173 -4.40 -38.40 12.15
N VAL E 174 -3.80 -37.87 11.09
CA VAL E 174 -2.47 -38.30 10.66
C VAL E 174 -1.54 -37.09 10.59
N ILE E 175 -0.35 -37.22 11.19
CA ILE E 175 0.60 -36.11 11.23
C ILE E 175 1.95 -36.50 10.60
N TYR E 176 2.36 -35.71 9.61
CA TYR E 176 3.69 -35.87 8.99
C TYR E 176 4.60 -34.73 9.42
N VAL E 177 5.80 -35.05 9.90
CA VAL E 177 6.71 -34.02 10.39
C VAL E 177 8.09 -34.03 9.75
N GLU E 178 8.41 -32.97 9.02
CA GLU E 178 9.71 -32.79 8.40
C GLU E 178 10.60 -31.85 9.22
N ALA E 179 11.56 -32.43 9.94
CA ALA E 179 12.50 -31.65 10.75
C ALA E 179 13.67 -32.51 11.19
N ALA E 180 14.76 -31.86 11.59
CA ALA E 180 15.90 -32.56 12.15
C ALA E 180 15.60 -33.02 13.57
N GLU E 181 16.02 -34.24 13.90
CA GLU E 181 15.75 -34.85 15.19
C GLU E 181 14.25 -34.83 15.49
N SER E 182 13.43 -34.98 14.46
CA SER E 182 11.98 -34.80 14.57
C SER E 182 11.33 -35.88 15.43
N GLY E 183 12.01 -37.01 15.61
CA GLY E 183 11.53 -38.06 16.48
C GLY E 183 11.44 -37.58 17.92
N SER E 184 12.26 -36.60 18.28
CA SER E 184 12.32 -36.08 19.64
C SER E 184 11.04 -35.34 20.03
N ILE E 185 10.20 -35.04 19.04
CA ILE E 185 8.94 -34.36 19.30
C ILE E 185 7.89 -35.31 19.91
N PHE E 186 8.02 -36.63 19.69
CA PHE E 186 6.98 -37.56 20.12
C PHE E 186 7.42 -38.70 21.09
N GLU E 187 8.68 -39.11 21.01
CA GLU E 187 9.22 -40.22 21.82
C GLU E 187 9.13 -39.93 23.31
N GLY E 188 8.47 -40.82 24.05
CA GLY E 188 8.38 -40.71 25.48
C GLY E 188 7.22 -39.85 25.95
N ILE E 189 6.54 -39.18 25.03
CA ILE E 189 5.45 -38.30 25.45
C ILE E 189 4.16 -38.45 24.64
N MET E 190 4.27 -39.01 23.44
CA MET E 190 3.09 -39.16 22.59
C MET E 190 2.30 -40.41 22.93
N PRO E 191 1.05 -40.23 23.41
CA PRO E 191 0.17 -41.35 23.76
C PRO E 191 -0.33 -42.08 22.51
N LYS E 192 -0.86 -43.29 22.70
CA LYS E 192 -1.34 -44.09 21.58
C LYS E 192 -2.86 -44.22 21.56
N ASP E 193 -3.52 -43.44 22.40
CA ASP E 193 -4.98 -43.52 22.52
C ASP E 193 -5.68 -42.21 22.17
N LEU E 194 -5.04 -41.40 21.33
CA LEU E 194 -5.60 -40.12 20.92
C LEU E 194 -6.20 -40.18 19.52
N ASN E 195 -6.28 -41.39 18.98
CA ASN E 195 -6.71 -41.61 17.60
C ASN E 195 -5.84 -40.84 16.60
N ILE E 196 -4.55 -40.80 16.86
CA ILE E 196 -3.60 -40.09 16.02
C ILE E 196 -2.44 -40.99 15.59
N TYR E 197 -2.10 -40.94 14.30
CA TYR E 197 -0.92 -41.65 13.81
C TYR E 197 0.11 -40.65 13.28
N VAL E 198 1.38 -40.89 13.59
CA VAL E 198 2.44 -39.92 13.29
C VAL E 198 3.64 -40.56 12.59
N THR E 199 4.20 -39.88 11.59
CA THR E 199 5.50 -40.27 11.05
C THR E 199 6.45 -39.08 11.06
N THR E 200 7.73 -39.34 11.27
CA THR E 200 8.73 -38.28 11.31
C THR E 200 9.87 -38.59 10.35
N ALA E 201 10.55 -37.53 9.89
CA ALA E 201 11.62 -37.66 8.92
C ALA E 201 12.84 -38.39 9.47
N SER E 202 13.10 -38.22 10.77
CA SER E 202 14.28 -38.81 11.40
C SER E 202 13.97 -39.29 12.83
N ASN E 203 14.95 -39.94 13.46
CA ASN E 203 14.80 -40.32 14.85
C ASN E 203 15.11 -39.15 15.79
N ALA E 204 15.27 -39.44 17.08
CA ALA E 204 15.38 -38.38 18.08
C ALA E 204 16.76 -37.74 18.17
N GLN E 205 17.75 -38.29 17.46
CA GLN E 205 19.12 -37.82 17.62
C GLN E 205 19.89 -37.51 16.33
N GLU E 206 19.32 -37.89 15.19
CA GLU E 206 20.04 -37.75 13.92
C GLU E 206 19.56 -36.55 13.11
N SER E 207 20.32 -36.24 12.06
CA SER E 207 20.02 -35.13 11.16
C SER E 207 18.96 -35.51 10.15
N SER E 208 18.28 -34.50 9.60
CA SER E 208 17.42 -34.70 8.43
C SER E 208 18.16 -34.15 7.21
N TYR E 209 17.60 -34.36 6.02
CA TYR E 209 18.30 -33.99 4.80
C TYR E 209 17.44 -33.20 3.81
N GLY E 210 18.04 -32.19 3.21
CA GLY E 210 17.42 -31.44 2.13
C GLY E 210 17.90 -31.96 0.79
N THR E 211 17.15 -31.70 -0.27
CA THR E 211 17.49 -32.27 -1.57
C THR E 211 17.13 -31.35 -2.74
N TYR E 212 17.44 -31.79 -3.96
CA TYR E 212 17.28 -30.99 -5.17
C TYR E 212 18.07 -29.69 -5.04
N CYS E 213 19.37 -29.84 -4.78
CA CYS E 213 20.27 -28.73 -4.49
C CYS E 213 21.29 -28.51 -5.60
N PRO E 214 21.79 -27.28 -5.73
CA PRO E 214 22.85 -27.01 -6.71
C PRO E 214 24.15 -27.72 -6.34
N GLY E 215 24.92 -28.11 -7.35
CA GLY E 215 26.19 -28.78 -7.11
C GLY E 215 26.03 -30.26 -6.84
N MET E 216 24.80 -30.76 -6.95
CA MET E 216 24.51 -32.16 -6.68
C MET E 216 23.69 -32.78 -7.81
N ASN E 217 23.39 -34.07 -7.66
CA ASN E 217 22.62 -34.80 -8.65
C ASN E 217 21.40 -35.47 -8.00
N PRO E 218 20.19 -35.12 -8.46
CA PRO E 218 19.97 -34.14 -9.53
C PRO E 218 19.93 -32.70 -9.03
N SER E 219 20.38 -31.76 -9.86
CA SER E 219 20.36 -30.35 -9.54
C SER E 219 19.14 -29.63 -10.14
N PRO E 220 18.70 -28.53 -9.50
CA PRO E 220 17.69 -27.67 -10.11
C PRO E 220 18.28 -26.96 -11.33
N PRO E 221 17.45 -26.30 -12.15
CA PRO E 221 17.97 -25.47 -13.25
C PRO E 221 19.00 -24.46 -12.75
N SER E 222 19.99 -24.15 -13.58
CA SER E 222 21.14 -23.36 -13.17
C SER E 222 20.79 -22.01 -12.53
N GLU E 223 19.62 -21.47 -12.87
CA GLU E 223 19.20 -20.19 -12.29
C GLU E 223 18.85 -20.35 -10.80
N TYR E 224 18.61 -21.59 -10.36
CA TYR E 224 18.33 -21.86 -8.96
C TYR E 224 19.60 -22.23 -8.20
N ILE E 225 19.97 -21.41 -7.21
CA ILE E 225 21.15 -21.66 -6.42
C ILE E 225 20.78 -21.97 -4.97
N THR E 226 19.55 -22.44 -4.77
CA THR E 226 19.09 -22.88 -3.46
C THR E 226 18.35 -24.20 -3.62
N CYS E 227 18.27 -24.98 -2.55
CA CYS E 227 17.61 -26.29 -2.59
C CYS E 227 16.11 -26.15 -2.78
N LEU E 228 15.53 -27.04 -3.58
CA LEU E 228 14.11 -26.96 -3.93
C LEU E 228 13.20 -27.73 -2.95
N GLY E 229 13.73 -28.78 -2.33
CA GLY E 229 12.92 -29.62 -1.46
C GLY E 229 13.70 -30.33 -0.37
N ASP E 230 13.00 -31.21 0.36
CA ASP E 230 13.62 -32.02 1.41
C ASP E 230 13.33 -33.49 1.15
N LEU E 231 14.27 -34.36 1.53
CA LEU E 231 14.20 -35.78 1.20
C LEU E 231 12.91 -36.47 1.62
N TYR E 232 12.59 -36.39 2.91
CA TYR E 232 11.39 -37.02 3.46
C TYR E 232 10.11 -36.44 2.84
N SER E 233 10.11 -35.13 2.62
CA SER E 233 8.94 -34.42 2.09
C SER E 233 8.64 -34.83 0.66
N VAL E 234 9.65 -34.77 -0.21
CA VAL E 234 9.43 -35.13 -1.61
C VAL E 234 9.17 -36.63 -1.74
N ALA E 235 9.57 -37.40 -0.73
CA ALA E 235 9.33 -38.84 -0.75
C ALA E 235 7.84 -39.16 -0.67
N TRP E 236 7.15 -38.58 0.29
CA TRP E 236 5.74 -38.90 0.45
C TRP E 236 4.87 -38.14 -0.54
N MET E 237 5.32 -36.95 -0.96
CA MET E 237 4.52 -36.14 -1.87
C MET E 237 4.57 -36.71 -3.29
N GLU E 238 5.76 -37.07 -3.76
CA GLU E 238 5.91 -37.69 -5.08
C GLU E 238 5.22 -39.04 -5.12
N ASP E 239 5.17 -39.72 -3.98
CA ASP E 239 4.49 -40.99 -3.86
C ASP E 239 2.98 -40.82 -3.99
N SER E 240 2.43 -39.85 -3.27
CA SER E 240 0.99 -39.61 -3.29
C SER E 240 0.48 -39.11 -4.65
N GLU E 241 1.30 -38.31 -5.34
CA GLU E 241 0.87 -37.72 -6.60
C GLU E 241 0.98 -38.71 -7.76
N THR E 242 1.62 -39.86 -7.53
CA THR E 242 1.83 -40.83 -8.60
C THR E 242 1.20 -42.19 -8.31
N HIS E 243 0.28 -42.24 -7.35
CA HIS E 243 -0.37 -43.50 -7.04
C HIS E 243 -1.86 -43.30 -6.79
N ASN E 244 -2.65 -44.33 -7.07
CA ASN E 244 -4.07 -44.34 -6.77
C ASN E 244 -4.29 -44.42 -5.27
N LEU E 245 -4.72 -43.31 -4.68
CA LEU E 245 -4.84 -43.20 -3.23
C LEU E 245 -6.06 -43.91 -2.68
N LYS E 246 -6.94 -44.36 -3.57
CA LYS E 246 -8.08 -45.18 -3.17
C LYS E 246 -7.62 -46.62 -2.91
N LYS E 247 -6.47 -46.97 -3.46
CA LYS E 247 -5.89 -48.29 -3.31
C LYS E 247 -4.75 -48.32 -2.29
N GLU E 248 -3.86 -47.33 -2.34
CA GLU E 248 -2.67 -47.33 -1.49
C GLU E 248 -3.02 -47.08 -0.03
N THR E 249 -2.43 -47.89 0.86
CA THR E 249 -2.63 -47.74 2.29
C THR E 249 -1.58 -46.82 2.90
N ILE E 250 -1.87 -46.32 4.10
CA ILE E 250 -0.91 -45.53 4.86
C ILE E 250 0.33 -46.39 5.16
N LYS E 251 0.08 -47.67 5.42
CA LYS E 251 1.14 -48.64 5.64
C LYS E 251 2.12 -48.72 4.47
N GLN E 252 1.59 -48.71 3.25
CA GLN E 252 2.44 -48.79 2.05
C GLN E 252 3.26 -47.52 1.87
N GLN E 253 2.65 -46.37 2.12
CA GLN E 253 3.36 -45.10 1.98
C GLN E 253 4.50 -45.01 2.99
N TYR E 254 4.25 -45.43 4.21
CA TYR E 254 5.28 -45.43 5.25
C TYR E 254 6.47 -46.29 4.81
N HIS E 255 6.16 -47.47 4.27
CA HIS E 255 7.19 -48.39 3.78
C HIS E 255 8.01 -47.76 2.65
N THR E 256 7.31 -47.11 1.72
CA THR E 256 7.96 -46.47 0.58
C THR E 256 8.80 -45.27 1.01
N VAL E 257 8.25 -44.41 1.84
CA VAL E 257 8.95 -43.22 2.32
C VAL E 257 10.18 -43.61 3.14
N LYS E 258 10.02 -44.59 4.02
CA LYS E 258 11.11 -45.07 4.87
C LYS E 258 12.28 -45.56 4.02
N MET E 259 11.98 -46.26 2.94
CA MET E 259 13.01 -46.80 2.05
C MET E 259 13.78 -45.72 1.31
N ARG E 260 13.07 -44.76 0.73
CA ARG E 260 13.72 -43.67 0.00
C ARG E 260 14.53 -42.78 0.93
N THR E 261 13.95 -42.43 2.08
CA THR E 261 14.57 -41.50 3.01
C THR E 261 15.84 -42.08 3.64
N SER E 262 15.89 -43.41 3.75
CA SER E 262 17.08 -44.07 4.30
C SER E 262 18.16 -44.25 3.23
N ASN E 263 17.93 -43.67 2.05
CA ASN E 263 18.74 -43.93 0.87
C ASN E 263 18.84 -45.43 0.63
N TYR E 264 17.68 -46.08 0.67
CA TYR E 264 17.55 -47.51 0.42
C TYR E 264 18.44 -48.34 1.34
N ASN E 265 18.24 -48.14 2.65
CA ASN E 265 18.87 -48.92 3.71
C ASN E 265 20.39 -48.79 3.80
N THR E 266 20.94 -47.73 3.22
CA THR E 266 22.37 -47.48 3.37
C THR E 266 22.62 -46.49 4.51
N TYR E 267 21.66 -45.59 4.72
CA TYR E 267 21.76 -44.52 5.72
C TYR E 267 22.97 -43.63 5.50
N SER E 268 23.47 -43.60 4.26
CA SER E 268 24.48 -42.64 3.84
C SER E 268 23.79 -41.54 3.07
N GLY E 269 23.62 -40.38 3.69
CA GLY E 269 22.81 -39.34 3.12
C GLY E 269 21.35 -39.73 3.22
N GLY E 270 20.99 -40.28 4.38
CA GLY E 270 19.63 -40.71 4.65
C GLY E 270 19.39 -40.88 6.13
N SER E 271 18.12 -40.83 6.54
CA SER E 271 17.75 -40.89 7.95
C SER E 271 16.75 -42.00 8.24
N HIS E 272 16.47 -42.22 9.52
CA HIS E 272 15.51 -43.25 9.95
C HIS E 272 14.12 -42.68 10.14
N VAL E 273 13.21 -43.01 9.23
CA VAL E 273 11.82 -42.56 9.37
C VAL E 273 11.14 -43.32 10.51
N MET E 274 10.61 -42.59 11.48
CA MET E 274 10.01 -43.20 12.66
C MET E 274 8.49 -43.03 12.65
N GLU E 275 7.81 -43.82 13.48
CA GLU E 275 6.35 -43.74 13.59
C GLU E 275 5.92 -43.75 15.05
N TYR E 276 4.83 -43.06 15.35
CA TYR E 276 4.32 -42.95 16.71
C TYR E 276 2.79 -42.93 16.72
N GLY E 277 2.20 -43.14 17.89
CA GLY E 277 0.76 -43.14 18.03
C GLY E 277 0.13 -44.50 17.74
N ASN E 278 -1.08 -44.46 17.18
CA ASN E 278 -1.82 -45.68 16.89
C ASN E 278 -1.48 -46.26 15.53
N ASN E 279 -0.79 -47.40 15.53
CA ASN E 279 -0.35 -48.04 14.29
C ASN E 279 -1.48 -48.72 13.53
N SER E 280 -2.62 -48.94 14.18
CA SER E 280 -3.74 -49.61 13.54
C SER E 280 -4.35 -48.76 12.43
N ILE E 281 -4.08 -47.46 12.49
CA ILE E 281 -4.58 -46.52 11.48
C ILE E 281 -3.92 -46.78 10.12
N LYS E 282 -2.72 -47.36 10.16
CA LYS E 282 -1.92 -47.59 8.95
C LYS E 282 -2.62 -48.46 7.90
N SER E 283 -3.59 -49.27 8.33
CA SER E 283 -4.28 -50.17 7.41
C SER E 283 -5.27 -49.42 6.50
N GLU E 284 -5.59 -48.18 6.86
CA GLU E 284 -6.56 -47.38 6.12
C GLU E 284 -6.00 -46.84 4.81
N LYS E 285 -6.90 -46.53 3.89
CA LYS E 285 -6.53 -45.99 2.59
C LYS E 285 -6.18 -44.50 2.72
N LEU E 286 -5.24 -44.05 1.91
CA LEU E 286 -4.71 -42.69 2.00
C LEU E 286 -5.74 -41.62 1.63
N TYR E 287 -6.73 -41.99 0.81
CA TYR E 287 -7.68 -41.00 0.30
C TYR E 287 -8.58 -40.45 1.41
N LEU E 288 -8.64 -41.15 2.54
CA LEU E 288 -9.42 -40.69 3.68
C LEU E 288 -8.81 -39.45 4.31
N TYR E 289 -7.54 -39.19 4.01
CA TYR E 289 -6.83 -38.05 4.57
C TYR E 289 -6.32 -37.11 3.49
N GLN E 290 -5.81 -37.67 2.40
CA GLN E 290 -5.16 -36.89 1.37
C GLN E 290 -6.01 -36.68 0.11
N GLY E 291 -7.19 -37.31 0.09
CA GLY E 291 -8.08 -37.19 -1.05
C GLY E 291 -7.72 -38.15 -2.16
N PHE E 292 -8.42 -38.03 -3.28
CA PHE E 292 -8.25 -38.96 -4.40
C PHE E 292 -8.15 -38.18 -5.70
N ASP E 293 -7.08 -38.44 -6.44
CA ASP E 293 -6.81 -37.77 -7.70
C ASP E 293 -7.04 -38.69 -8.89
N PRO E 294 -8.07 -38.38 -9.69
CA PRO E 294 -8.49 -39.17 -10.87
C PRO E 294 -7.44 -39.26 -11.97
N ALA E 295 -6.51 -38.30 -12.01
CA ALA E 295 -5.48 -38.28 -13.05
C ALA E 295 -4.51 -39.45 -12.91
N THR E 296 -4.41 -39.98 -11.69
CA THR E 296 -3.47 -41.06 -11.41
C THR E 296 -4.06 -42.41 -11.83
N VAL E 297 -5.38 -42.45 -12.06
CA VAL E 297 -6.05 -43.67 -12.48
C VAL E 297 -5.82 -43.93 -13.97
N ASN E 298 -5.59 -45.19 -14.33
CA ASN E 298 -5.25 -45.59 -15.72
C ASN E 298 -4.15 -44.80 -16.42
N LEU E 299 -3.03 -44.67 -15.73
CA LEU E 299 -1.81 -44.19 -16.36
C LEU E 299 -1.36 -45.25 -17.36
N PRO E 300 -0.81 -44.84 -18.51
CA PRO E 300 -0.27 -45.82 -19.47
C PRO E 300 0.95 -46.55 -18.90
N LEU E 301 1.31 -47.67 -19.51
CA LEU E 301 2.40 -48.51 -19.03
C LEU E 301 3.72 -47.76 -18.89
N ASN E 302 4.04 -46.95 -19.88
CA ASN E 302 5.33 -46.28 -19.93
C ASN E 302 5.40 -45.01 -19.09
N GLU E 303 4.37 -44.77 -18.29
CA GLU E 303 4.34 -43.59 -17.44
C GLU E 303 4.28 -43.97 -15.97
N LEU E 304 4.48 -45.26 -15.69
CA LEU E 304 4.57 -45.74 -14.32
C LEU E 304 5.80 -45.12 -13.67
N PRO E 305 5.67 -44.70 -12.40
CA PRO E 305 6.76 -44.03 -11.69
C PRO E 305 7.96 -44.93 -11.41
N VAL E 306 9.15 -44.47 -11.76
CA VAL E 306 10.38 -45.19 -11.47
C VAL E 306 11.38 -44.29 -10.72
N LYS E 307 11.69 -44.67 -9.49
CA LYS E 307 12.53 -43.86 -8.63
C LYS E 307 13.96 -44.38 -8.48
N SER E 308 14.89 -43.43 -8.37
CA SER E 308 16.29 -43.73 -8.17
C SER E 308 16.89 -42.85 -7.07
N LYS E 309 18.17 -43.06 -6.78
CA LYS E 309 18.83 -42.34 -5.69
C LYS E 309 19.08 -40.86 -6.04
N ILE E 310 18.99 -40.00 -5.03
CA ILE E 310 19.18 -38.57 -5.22
C ILE E 310 20.18 -38.00 -4.20
N GLY E 311 20.96 -37.01 -4.63
CA GLY E 311 21.92 -36.36 -3.76
C GLY E 311 21.24 -35.49 -2.73
N VAL E 312 21.85 -35.38 -1.55
CA VAL E 312 21.25 -34.63 -0.44
C VAL E 312 22.25 -33.74 0.28
N VAL E 313 21.72 -32.84 1.11
CA VAL E 313 22.55 -31.99 1.95
C VAL E 313 21.99 -32.03 3.38
N ASN E 314 22.88 -31.99 4.36
CA ASN E 314 22.47 -31.90 5.76
C ASN E 314 21.59 -30.68 5.95
N GLN E 315 20.46 -30.88 6.63
CA GLN E 315 19.47 -29.82 6.80
C GLN E 315 20.04 -28.53 7.36
N ARG E 316 21.01 -28.64 8.26
CA ARG E 316 21.59 -27.45 8.89
C ARG E 316 22.64 -26.76 8.02
N ASP E 317 23.12 -27.45 6.98
CA ASP E 317 24.16 -26.88 6.14
C ASP E 317 23.62 -26.38 4.80
N ALA E 318 22.34 -26.59 4.55
CA ALA E 318 21.71 -26.18 3.30
C ALA E 318 21.76 -24.66 3.12
N ASP E 319 21.74 -23.95 4.24
CA ASP E 319 21.83 -22.49 4.24
C ASP E 319 23.18 -22.05 3.68
N LEU E 320 24.23 -22.72 4.12
CA LEU E 320 25.60 -22.39 3.70
C LEU E 320 25.81 -22.74 2.22
N LEU E 321 25.13 -23.79 1.76
CA LEU E 321 25.22 -24.22 0.39
C LEU E 321 24.67 -23.15 -0.54
N PHE E 322 23.58 -22.53 -0.11
CA PHE E 322 22.97 -21.44 -0.85
C PHE E 322 23.91 -20.24 -0.96
N LEU E 323 24.53 -19.88 0.16
CA LEU E 323 25.43 -18.73 0.19
C LEU E 323 26.68 -18.97 -0.64
N TRP E 324 27.20 -20.19 -0.61
CA TRP E 324 28.43 -20.50 -1.33
C TRP E 324 28.22 -20.51 -2.84
N HIS E 325 27.08 -21.05 -3.29
CA HIS E 325 26.80 -21.09 -4.72
C HIS E 325 26.45 -19.70 -5.26
N MET E 326 25.83 -18.87 -4.42
CA MET E 326 25.53 -17.51 -4.82
C MET E 326 26.83 -16.72 -4.97
N TYR E 327 27.82 -17.08 -4.15
CA TYR E 327 29.15 -16.49 -4.26
C TYR E 327 29.86 -16.94 -5.54
N ARG E 328 29.74 -18.22 -5.85
CA ARG E 328 30.39 -18.78 -7.04
C ARG E 328 29.79 -18.22 -8.33
N THR E 329 28.47 -18.08 -8.37
CA THR E 329 27.79 -17.65 -9.59
C THR E 329 27.85 -16.14 -9.79
N SER E 330 28.35 -15.42 -8.78
CA SER E 330 28.57 -13.99 -8.91
C SER E 330 29.85 -13.82 -9.72
N GLU E 331 29.98 -12.73 -10.47
CA GLU E 331 31.18 -12.56 -11.29
C GLU E 331 32.38 -12.14 -10.46
N ASP E 332 33.55 -12.38 -11.02
CA ASP E 332 34.82 -12.08 -10.38
C ASP E 332 35.01 -10.58 -10.21
N GLY E 333 34.54 -10.00 -9.10
CA GLY E 333 34.77 -8.59 -8.89
C GLY E 333 33.48 -7.79 -8.82
N SER E 334 32.37 -8.53 -8.82
CA SER E 334 31.01 -7.98 -8.83
C SER E 334 30.75 -7.17 -7.59
N ARG E 335 31.45 -7.54 -6.53
CA ARG E 335 31.35 -6.86 -5.25
C ARG E 335 29.93 -7.14 -4.71
N LYS E 336 29.05 -7.72 -5.53
CA LYS E 336 27.85 -8.35 -5.00
C LYS E 336 28.43 -9.69 -4.54
N LYS E 337 29.54 -10.04 -5.19
CA LYS E 337 30.39 -11.16 -4.85
C LYS E 337 30.94 -11.03 -3.43
N ASP E 338 31.47 -9.85 -3.12
CA ASP E 338 32.11 -9.62 -1.83
C ASP E 338 31.09 -9.51 -0.70
N ASP E 339 29.89 -9.04 -1.03
CA ASP E 339 28.79 -8.99 -0.08
C ASP E 339 28.31 -10.38 0.31
N THR E 340 28.23 -11.29 -0.66
CA THR E 340 27.83 -12.66 -0.39
C THR E 340 28.93 -13.41 0.34
N LEU E 341 30.17 -13.06 0.00
CA LEU E 341 31.34 -13.64 0.63
C LEU E 341 31.41 -13.23 2.09
N LYS E 342 31.00 -11.99 2.34
CA LYS E 342 30.95 -11.44 3.67
C LYS E 342 29.83 -12.06 4.51
N GLU E 343 28.72 -12.38 3.85
CA GLU E 343 27.58 -12.98 4.53
C GLU E 343 27.89 -14.44 4.83
N LEU E 344 28.70 -15.07 3.98
CA LEU E 344 29.15 -16.44 4.21
C LEU E 344 30.08 -16.50 5.41
N THR E 345 31.02 -15.55 5.47
CA THR E 345 32.01 -15.51 6.54
C THR E 345 31.41 -15.23 7.92
N GLU E 346 30.48 -14.27 7.98
CA GLU E 346 29.87 -13.90 9.24
C GLU E 346 28.87 -14.93 9.74
N THR E 347 28.19 -15.60 8.82
CA THR E 347 27.25 -16.65 9.21
C THR E 347 28.03 -17.81 9.81
N THR E 348 29.15 -18.16 9.18
CA THR E 348 29.99 -19.25 9.67
C THR E 348 30.55 -18.98 11.06
N ARG E 349 31.11 -17.78 11.26
CA ARG E 349 31.72 -17.45 12.54
C ARG E 349 30.68 -17.24 13.63
N HIS E 350 29.49 -16.80 13.24
CA HIS E 350 28.41 -16.64 14.20
C HIS E 350 27.96 -18.00 14.71
N ARG E 351 27.88 -18.98 13.81
CA ARG E 351 27.53 -20.35 14.19
C ARG E 351 28.58 -20.96 15.11
N LYS E 352 29.86 -20.76 14.76
CA LYS E 352 30.95 -21.28 15.58
C LYS E 352 31.02 -20.57 16.93
N HIS E 353 30.65 -19.29 16.96
CA HIS E 353 30.60 -18.56 18.22
C HIS E 353 29.53 -19.13 19.15
N LEU E 354 28.40 -19.53 18.56
CA LEU E 354 27.29 -20.08 19.31
C LEU E 354 27.66 -21.46 19.85
N ASP E 355 28.39 -22.23 19.05
CA ASP E 355 28.89 -23.53 19.47
C ASP E 355 29.81 -23.37 20.68
N ALA E 356 30.66 -22.35 20.63
CA ALA E 356 31.63 -22.09 21.70
C ALA E 356 30.94 -21.76 23.02
N SER E 357 29.85 -20.99 22.95
CA SER E 357 29.12 -20.59 24.15
C SER E 357 28.48 -21.78 24.85
N VAL E 358 27.84 -22.66 24.08
CA VAL E 358 27.18 -23.83 24.65
C VAL E 358 28.23 -24.78 25.24
N GLU E 359 29.30 -25.01 24.48
CA GLU E 359 30.38 -25.89 24.93
C GLU E 359 31.01 -25.39 26.22
N LEU E 360 31.19 -24.07 26.28
CA LEU E 360 31.84 -23.43 27.40
C LEU E 360 30.99 -23.54 28.67
N ILE E 361 29.69 -23.37 28.52
CA ILE E 361 28.77 -23.51 29.64
C ILE E 361 28.81 -24.92 30.21
N ALA E 362 28.81 -25.91 29.31
CA ALA E 362 28.87 -27.31 29.72
C ALA E 362 30.21 -27.63 30.39
N THR E 363 31.28 -27.06 29.86
CA THR E 363 32.63 -27.28 30.39
C THR E 363 32.80 -26.68 31.78
N ILE E 364 32.29 -25.46 31.95
CA ILE E 364 32.35 -24.80 33.24
C ILE E 364 31.58 -25.62 34.28
N LEU E 365 30.45 -26.16 33.87
CA LEU E 365 29.63 -26.94 34.79
C LEU E 365 30.22 -28.31 35.13
N PHE E 366 30.54 -29.11 34.11
CA PHE E 366 30.90 -30.51 34.35
C PHE E 366 32.21 -30.93 33.70
N GLY E 367 33.00 -29.97 33.22
CA GLY E 367 34.33 -30.28 32.72
C GLY E 367 34.41 -30.55 31.24
N PRO E 368 35.65 -30.58 30.70
CA PRO E 368 35.92 -30.73 29.27
C PRO E 368 36.07 -32.18 28.81
N THR E 369 35.97 -33.15 29.73
CA THR E 369 36.13 -34.56 29.36
C THR E 369 34.99 -35.41 29.90
N MET E 370 34.47 -36.28 29.04
CA MET E 370 33.34 -37.15 29.38
C MET E 370 32.21 -36.37 30.02
N ASN E 371 31.85 -35.25 29.39
CA ASN E 371 30.83 -34.38 29.94
C ASN E 371 29.48 -35.07 29.97
N VAL E 372 28.85 -35.07 31.15
CA VAL E 372 27.59 -35.76 31.36
C VAL E 372 26.45 -35.17 30.53
N LEU E 373 26.58 -33.90 30.15
CA LEU E 373 25.52 -33.22 29.40
C LEU E 373 25.46 -33.70 27.94
N ASN E 374 26.51 -34.37 27.48
CA ASN E 374 26.57 -34.88 26.11
C ASN E 374 25.98 -36.29 25.96
N LEU E 375 25.54 -36.88 27.07
CA LEU E 375 25.00 -38.23 27.04
C LEU E 375 23.62 -38.26 26.39
N VAL E 376 23.42 -39.17 25.44
CA VAL E 376 22.15 -39.30 24.75
C VAL E 376 21.26 -40.37 25.38
N ARG E 377 20.01 -40.02 25.65
CA ARG E 377 19.07 -40.98 26.24
C ARG E 377 18.69 -42.08 25.27
N GLU E 378 18.33 -43.24 25.81
CA GLU E 378 17.89 -44.37 25.00
C GLU E 378 16.60 -44.00 24.28
N PRO E 379 16.39 -44.57 23.07
CA PRO E 379 15.16 -44.37 22.31
C PRO E 379 13.93 -44.79 23.10
N GLY E 380 12.88 -43.98 23.05
CA GLY E 380 11.67 -44.29 23.80
C GLY E 380 11.54 -43.40 25.02
N LEU E 381 12.66 -42.86 25.49
CA LEU E 381 12.64 -41.95 26.62
C LEU E 381 12.37 -40.53 26.16
N PRO E 382 11.67 -39.75 26.99
CA PRO E 382 11.50 -38.32 26.69
C PRO E 382 12.82 -37.60 26.82
N LEU E 383 13.02 -36.55 26.02
CA LEU E 383 14.25 -35.78 26.04
C LEU E 383 14.53 -35.18 27.42
N VAL E 384 13.47 -34.65 28.03
CA VAL E 384 13.58 -34.00 29.32
C VAL E 384 12.39 -34.41 30.18
N ASP E 385 12.57 -34.40 31.50
CA ASP E 385 11.49 -34.77 32.42
C ASP E 385 10.66 -33.56 32.82
N ASP E 386 11.31 -32.41 32.92
CA ASP E 386 10.63 -31.16 33.25
C ASP E 386 10.71 -30.19 32.08
N TRP E 387 9.63 -30.08 31.32
CA TRP E 387 9.62 -29.27 30.11
C TRP E 387 9.61 -27.77 30.41
N GLU E 388 9.02 -27.40 31.54
CA GLU E 388 9.02 -26.00 31.98
C GLU E 388 10.43 -25.57 32.37
N CYS E 389 11.20 -26.50 32.92
CA CYS E 389 12.59 -26.22 33.24
C CYS E 389 13.41 -25.96 31.97
N LEU E 390 13.11 -26.75 30.93
CA LEU E 390 13.80 -26.63 29.65
C LEU E 390 13.64 -25.24 29.06
N LYS E 391 12.41 -24.73 29.09
CA LYS E 391 12.13 -23.39 28.60
C LYS E 391 12.94 -22.33 29.37
N SER E 392 12.96 -22.48 30.69
CA SER E 392 13.65 -21.53 31.55
C SER E 392 15.16 -21.48 31.30
N MET E 393 15.76 -22.65 31.15
CA MET E 393 17.21 -22.73 30.94
C MET E 393 17.58 -22.11 29.60
N VAL E 394 16.71 -22.25 28.61
CA VAL E 394 16.93 -21.61 27.32
C VAL E 394 16.87 -20.09 27.47
N ARG E 395 15.86 -19.61 28.19
CA ARG E 395 15.70 -18.17 28.41
C ARG E 395 16.90 -17.58 29.15
N VAL E 396 17.44 -18.32 30.12
CA VAL E 396 18.62 -17.88 30.84
C VAL E 396 19.83 -17.77 29.91
N PHE E 397 20.02 -18.78 29.06
CA PHE E 397 21.11 -18.78 28.09
C PHE E 397 21.02 -17.57 27.15
N GLU E 398 19.83 -17.31 26.64
CA GLU E 398 19.62 -16.25 25.66
C GLU E 398 19.82 -14.86 26.26
N GLU E 399 19.55 -14.73 27.55
CA GLU E 399 19.74 -13.47 28.26
C GLU E 399 21.21 -13.05 28.32
N HIS E 400 22.09 -14.03 28.43
CA HIS E 400 23.52 -13.75 28.57
C HIS E 400 24.28 -13.99 27.27
N CYS E 401 23.87 -15.00 26.50
CA CYS E 401 24.64 -15.41 25.34
C CYS E 401 23.98 -15.02 24.02
N GLY E 402 22.79 -14.44 24.09
CA GLY E 402 22.09 -14.00 22.91
C GLY E 402 21.15 -15.05 22.35
N SER E 403 20.37 -14.66 21.33
CA SER E 403 19.36 -15.53 20.75
C SER E 403 19.95 -16.83 20.23
N LEU E 404 19.23 -17.93 20.48
CA LEU E 404 19.72 -19.25 20.13
C LEU E 404 19.67 -19.50 18.62
N THR E 405 18.71 -18.85 17.95
CA THR E 405 18.47 -18.99 16.51
C THR E 405 18.05 -20.41 16.13
N GLN E 406 17.60 -20.59 14.89
CA GLN E 406 17.15 -21.90 14.44
C GLN E 406 18.33 -22.88 14.31
N TYR E 407 19.50 -22.36 13.96
CA TYR E 407 20.70 -23.19 13.90
C TYR E 407 21.00 -23.75 15.28
N GLY E 408 20.82 -22.91 16.30
CA GLY E 408 21.14 -23.28 17.66
C GLY E 408 20.21 -24.30 18.29
N MET E 409 19.14 -24.66 17.59
CA MET E 409 18.22 -25.69 18.06
C MET E 409 18.91 -27.04 18.15
N LYS E 410 20.04 -27.17 17.46
CA LYS E 410 20.83 -28.39 17.49
C LYS E 410 21.41 -28.69 18.86
N HIS E 411 21.53 -27.65 19.69
CA HIS E 411 22.17 -27.77 21.00
C HIS E 411 21.16 -27.98 22.13
N MET E 412 19.91 -28.31 21.78
CA MET E 412 18.84 -28.33 22.77
C MET E 412 18.97 -29.47 23.80
N ARG E 413 19.69 -30.53 23.46
CA ARG E 413 19.89 -31.63 24.40
C ARG E 413 20.75 -31.19 25.58
N ALA E 414 21.70 -30.30 25.30
CA ALA E 414 22.57 -29.77 26.33
C ALA E 414 21.75 -29.08 27.43
N PHE E 415 20.77 -28.29 27.03
CA PHE E 415 19.91 -27.61 27.99
C PHE E 415 18.96 -28.60 28.67
N ALA E 416 18.55 -29.62 27.93
CA ALA E 416 17.66 -30.63 28.47
C ALA E 416 18.35 -31.42 29.57
N ASN E 417 19.62 -31.75 29.36
CA ASN E 417 20.36 -32.53 30.34
C ASN E 417 20.74 -31.70 31.57
N VAL E 418 20.77 -30.39 31.40
CA VAL E 418 20.96 -29.49 32.54
C VAL E 418 19.80 -29.65 33.50
N CYS E 419 18.60 -29.75 32.94
CA CYS E 419 17.40 -29.97 33.73
C CYS E 419 17.37 -31.39 34.30
N ASN E 420 17.75 -32.36 33.48
CA ASN E 420 17.75 -33.76 33.89
C ASN E 420 18.74 -34.03 35.01
N ASN E 421 19.84 -33.27 35.01
CA ASN E 421 20.85 -33.43 36.04
C ASN E 421 20.60 -32.57 37.28
N GLY E 422 19.43 -31.95 37.33
CA GLY E 422 18.98 -31.22 38.50
C GLY E 422 19.76 -29.96 38.79
N VAL E 423 20.36 -29.37 37.77
CA VAL E 423 21.09 -28.12 37.93
C VAL E 423 20.11 -26.96 38.16
N SER E 424 20.32 -26.21 39.24
CA SER E 424 19.44 -25.11 39.61
C SER E 424 19.56 -23.95 38.63
N LYS E 425 18.56 -23.08 38.63
CA LYS E 425 18.58 -21.90 37.78
C LYS E 425 19.74 -20.98 38.11
N GLU E 426 20.06 -20.89 39.40
CA GLU E 426 21.13 -20.05 39.88
C GLU E 426 22.49 -20.47 39.32
N LEU E 427 22.70 -21.79 39.26
CA LEU E 427 23.94 -22.32 38.71
C LEU E 427 24.06 -22.10 37.21
N MET E 428 22.95 -22.24 36.51
CA MET E 428 22.92 -22.00 35.07
C MET E 428 23.20 -20.52 34.78
N GLU E 429 22.62 -19.64 35.59
CA GLU E 429 22.86 -18.20 35.47
C GLU E 429 24.33 -17.87 35.74
N GLU E 430 24.91 -18.54 36.73
CA GLU E 430 26.31 -18.32 37.08
C GLU E 430 27.24 -18.77 35.95
N ALA E 431 26.95 -19.93 35.38
CA ALA E 431 27.76 -20.49 34.30
C ALA E 431 27.62 -19.67 33.02
N SER E 432 26.39 -19.27 32.72
CA SER E 432 26.10 -18.50 31.52
C SER E 432 26.78 -17.13 31.57
N THR E 433 26.79 -16.54 32.75
CA THR E 433 27.45 -15.25 32.96
C THR E 433 28.95 -15.41 32.77
N ALA E 434 29.51 -16.49 33.29
CA ALA E 434 30.93 -16.76 33.16
C ALA E 434 31.33 -17.00 31.69
N ALA E 435 30.43 -17.62 30.94
CA ALA E 435 30.73 -18.00 29.56
C ALA E 435 30.58 -16.85 28.57
N CYS E 436 29.56 -16.01 28.78
CA CYS E 436 29.23 -14.98 27.80
C CYS E 436 29.34 -13.54 28.31
N GLY E 437 29.43 -13.38 29.63
CA GLY E 437 29.51 -12.05 30.22
C GLY E 437 30.81 -11.31 29.89
N GLY E 438 31.10 -10.28 30.67
CA GLY E 438 32.29 -9.47 30.46
C GLY E 438 32.02 -7.98 30.51
N VAL F 17 -8.63 -80.45 29.43
CA VAL F 17 -8.88 -81.85 29.76
C VAL F 17 -10.13 -82.41 29.02
N GLY F 18 -10.31 -82.11 27.72
CA GLY F 18 -11.42 -82.54 26.86
C GLY F 18 -11.00 -83.57 25.83
N THR F 19 -11.35 -83.33 24.57
CA THR F 19 -10.95 -84.24 23.50
C THR F 19 -9.83 -83.61 22.69
N ARG F 20 -8.82 -84.40 22.34
CA ARG F 20 -7.68 -83.88 21.57
C ARG F 20 -7.79 -84.26 20.09
N TRP F 21 -7.91 -83.25 19.24
CA TRP F 21 -8.03 -83.44 17.80
C TRP F 21 -6.74 -83.12 17.07
N ALA F 22 -6.64 -83.55 15.81
CA ALA F 22 -5.45 -83.25 15.00
C ALA F 22 -5.75 -83.28 13.50
N VAL F 23 -5.13 -82.35 12.77
CA VAL F 23 -5.19 -82.32 11.32
C VAL F 23 -3.78 -82.38 10.74
N LEU F 24 -3.53 -83.39 9.92
CA LEU F 24 -2.22 -83.57 9.31
C LEU F 24 -2.32 -83.45 7.80
N VAL F 25 -1.59 -82.51 7.22
CA VAL F 25 -1.70 -82.21 5.78
C VAL F 25 -0.37 -82.19 5.06
N ALA F 26 -0.24 -82.99 4.01
CA ALA F 26 0.89 -82.91 3.09
C ALA F 26 0.46 -82.18 1.84
N GLY F 27 1.21 -81.17 1.43
CA GLY F 27 0.77 -80.31 0.34
C GLY F 27 1.41 -80.60 -1.02
N SER F 28 2.09 -81.73 -1.13
CA SER F 28 2.80 -82.05 -2.37
C SER F 28 2.62 -83.51 -2.79
N SER F 29 3.15 -83.84 -3.97
CA SER F 29 3.13 -85.20 -4.50
C SER F 29 4.37 -85.46 -5.33
N GLY F 30 4.52 -86.70 -5.79
CA GLY F 30 5.69 -87.08 -6.57
C GLY F 30 6.77 -87.66 -5.70
N TYR F 31 7.57 -88.57 -6.25
CA TYR F 31 8.58 -89.27 -5.47
C TYR F 31 9.69 -88.34 -5.01
N GLY F 32 9.90 -87.25 -5.75
CA GLY F 32 10.87 -86.25 -5.36
C GLY F 32 10.48 -85.55 -4.08
N ASN F 33 9.19 -85.56 -3.77
CA ASN F 33 8.67 -84.97 -2.54
C ASN F 33 8.27 -86.01 -1.51
N TYR F 34 8.98 -87.13 -1.52
CA TYR F 34 8.84 -88.22 -0.56
C TYR F 34 8.72 -87.72 0.88
N ARG F 35 9.62 -86.82 1.26
CA ARG F 35 9.77 -86.36 2.63
C ARG F 35 8.48 -85.81 3.25
N HIS F 36 7.68 -85.10 2.45
CA HIS F 36 6.53 -84.38 2.98
C HIS F 36 5.44 -85.33 3.47
N GLN F 37 5.22 -86.43 2.75
CA GLN F 37 4.22 -87.40 3.17
C GLN F 37 4.80 -88.31 4.26
N ALA F 38 6.11 -88.51 4.24
CA ALA F 38 6.78 -89.26 5.30
C ALA F 38 6.73 -88.46 6.61
N ASP F 39 6.84 -87.14 6.51
CA ASP F 39 6.71 -86.27 7.69
C ASP F 39 5.34 -86.45 8.34
N VAL F 40 4.30 -86.34 7.51
CA VAL F 40 2.92 -86.40 7.99
C VAL F 40 2.60 -87.74 8.62
N CYS F 41 3.07 -88.82 7.99
CA CYS F 41 2.84 -90.16 8.50
C CYS F 41 3.57 -90.37 9.84
N HIS F 42 4.79 -89.84 9.95
CA HIS F 42 5.55 -89.93 11.19
C HIS F 42 4.83 -89.19 12.32
N ALA F 43 4.25 -88.05 12.00
CA ALA F 43 3.51 -87.26 12.99
C ALA F 43 2.30 -88.04 13.49
N TYR F 44 1.67 -88.79 12.61
CA TYR F 44 0.49 -89.57 12.97
C TYR F 44 0.84 -90.64 14.00
N GLN F 45 1.97 -91.32 13.77
CA GLN F 45 2.43 -92.37 14.67
C GLN F 45 2.72 -91.83 16.07
N ILE F 46 3.29 -90.63 16.13
CA ILE F 46 3.60 -89.98 17.39
C ILE F 46 2.34 -89.67 18.20
N LEU F 47 1.31 -89.18 17.51
CA LEU F 47 0.05 -88.84 18.17
C LEU F 47 -0.67 -90.08 18.69
N ARG F 48 -0.62 -91.15 17.91
CA ARG F 48 -1.27 -92.40 18.29
C ARG F 48 -0.58 -93.01 19.51
N LYS F 49 0.75 -93.00 19.50
CA LYS F 49 1.52 -93.47 20.65
C LYS F 49 1.26 -92.61 21.88
N GLY F 50 0.86 -91.36 21.66
CA GLY F 50 0.51 -90.46 22.74
C GLY F 50 -0.89 -90.68 23.28
N GLY F 51 -1.67 -91.48 22.56
CA GLY F 51 -2.99 -91.83 23.04
C GLY F 51 -4.13 -91.13 22.31
N LEU F 52 -3.81 -90.33 21.30
CA LEU F 52 -4.86 -89.72 20.49
C LEU F 52 -5.52 -90.81 19.66
N LYS F 53 -6.84 -90.73 19.49
CA LYS F 53 -7.59 -91.75 18.73
C LYS F 53 -7.68 -91.39 17.25
N GLU F 54 -7.71 -92.43 16.41
CA GLU F 54 -7.75 -92.28 14.96
C GLU F 54 -8.97 -91.49 14.49
N GLU F 55 -10.09 -91.65 15.17
CA GLU F 55 -11.33 -90.97 14.79
C GLU F 55 -11.22 -89.46 14.97
N ASN F 56 -10.25 -89.03 15.76
CA ASN F 56 -10.07 -87.60 16.06
C ASN F 56 -8.90 -87.01 15.27
N ILE F 57 -8.26 -87.84 14.45
CA ILE F 57 -7.15 -87.38 13.63
C ILE F 57 -7.46 -87.44 12.14
N VAL F 58 -7.49 -86.28 11.48
CA VAL F 58 -7.76 -86.22 10.05
C VAL F 58 -6.45 -86.09 9.26
N VAL F 59 -6.28 -86.98 8.29
CA VAL F 59 -5.06 -87.01 7.49
C VAL F 59 -5.31 -86.71 6.02
N LEU F 60 -4.66 -85.67 5.51
CA LEU F 60 -4.75 -85.33 4.09
C LEU F 60 -3.39 -85.54 3.41
N MET F 61 -3.30 -86.58 2.58
CA MET F 61 -2.06 -86.89 1.87
C MET F 61 -2.37 -87.48 0.50
N TYR F 62 -1.58 -87.14 -0.50
CA TYR F 62 -1.83 -87.55 -1.87
C TYR F 62 -1.78 -89.07 -2.01
N ASP F 63 -0.96 -89.70 -1.17
CA ASP F 63 -0.87 -91.15 -1.05
C ASP F 63 -0.38 -91.82 -2.34
N ASP F 64 0.71 -91.29 -2.90
CA ASP F 64 1.28 -91.81 -4.13
C ASP F 64 2.72 -92.29 -3.94
N ILE F 65 3.15 -92.39 -2.69
CA ILE F 65 4.55 -92.67 -2.38
C ILE F 65 4.81 -94.09 -1.91
N ALA F 66 3.94 -94.61 -1.05
CA ALA F 66 4.15 -95.92 -0.44
C ALA F 66 4.29 -97.05 -1.47
N ASN F 67 3.49 -97.00 -2.52
CA ASN F 67 3.55 -98.04 -3.55
C ASN F 67 4.00 -97.49 -4.90
N HIS F 68 4.85 -96.47 -4.84
CA HIS F 68 5.49 -95.90 -6.03
C HIS F 68 6.55 -96.86 -6.57
N PRO F 69 6.63 -96.99 -7.90
CA PRO F 69 7.58 -97.89 -8.56
C PRO F 69 9.04 -97.67 -8.14
N LEU F 70 9.39 -96.44 -7.79
CA LEU F 70 10.77 -96.12 -7.42
C LEU F 70 11.07 -96.46 -5.96
N ASN F 71 10.02 -96.69 -5.18
CA ASN F 71 10.18 -97.03 -3.77
C ASN F 71 10.83 -98.41 -3.59
N PRO F 72 12.03 -98.44 -3.00
CA PRO F 72 12.79 -99.68 -2.80
C PRO F 72 12.19 -100.60 -1.74
N ARG F 73 11.31 -100.05 -0.91
CA ARG F 73 10.58 -100.84 0.08
C ARG F 73 9.09 -100.56 -0.02
N PRO F 74 8.40 -101.24 -0.96
CA PRO F 74 6.98 -101.07 -1.28
C PRO F 74 6.08 -101.20 -0.06
N GLY F 75 5.09 -100.32 0.06
CA GLY F 75 4.15 -100.37 1.17
C GLY F 75 4.66 -99.70 2.43
N THR F 76 5.84 -99.08 2.37
CA THR F 76 6.43 -98.46 3.55
C THR F 76 6.87 -97.02 3.33
N LEU F 77 7.01 -96.30 4.43
CA LEU F 77 7.59 -94.96 4.43
C LEU F 77 8.49 -94.80 5.65
N ILE F 78 9.67 -94.24 5.47
CA ILE F 78 10.55 -93.93 6.58
C ILE F 78 10.91 -92.45 6.62
N ASN F 79 11.07 -91.92 7.84
CA ASN F 79 11.36 -90.51 8.03
C ASN F 79 12.71 -90.31 8.74
N HIS F 80 13.56 -91.32 8.64
CA HIS F 80 14.87 -91.32 9.29
C HIS F 80 15.72 -92.42 8.66
N PRO F 81 17.01 -92.15 8.44
CA PRO F 81 17.92 -93.12 7.80
C PRO F 81 17.89 -94.50 8.47
N ASP F 82 17.84 -94.51 9.80
CA ASP F 82 17.77 -95.77 10.54
C ASP F 82 16.37 -96.04 11.07
N GLY F 83 15.38 -95.39 10.46
CA GLY F 83 14.02 -95.44 10.96
C GLY F 83 13.19 -96.64 10.52
N ASP F 84 12.12 -96.88 11.27
CA ASP F 84 11.15 -97.92 10.90
C ASP F 84 10.04 -97.32 10.06
N ASP F 85 9.13 -98.18 9.61
CA ASP F 85 8.00 -97.76 8.81
C ASP F 85 7.03 -96.88 9.62
N VAL F 86 6.49 -95.84 8.98
CA VAL F 86 5.53 -94.96 9.63
C VAL F 86 4.22 -94.91 8.82
N TYR F 87 4.16 -95.67 7.74
CA TYR F 87 2.99 -95.65 6.85
C TYR F 87 1.83 -96.53 7.34
N ALA F 88 2.15 -97.67 7.93
CA ALA F 88 1.13 -98.62 8.36
C ALA F 88 0.22 -98.04 9.45
N GLY F 89 -1.08 -98.06 9.19
CA GLY F 89 -2.05 -97.59 10.17
C GLY F 89 -2.60 -96.20 9.89
N VAL F 90 -1.94 -95.46 9.03
CA VAL F 90 -2.36 -94.11 8.70
C VAL F 90 -3.64 -94.13 7.86
N PRO F 91 -4.69 -93.45 8.34
CA PRO F 91 -6.00 -93.43 7.68
C PRO F 91 -5.99 -92.71 6.33
N LYS F 92 -6.82 -93.17 5.40
CA LYS F 92 -6.93 -92.55 4.09
C LYS F 92 -8.14 -91.61 4.02
N ASP F 93 -8.12 -90.57 4.83
CA ASP F 93 -9.25 -89.64 4.91
C ASP F 93 -9.45 -88.85 3.62
N TYR F 94 -8.39 -88.20 3.15
CA TYR F 94 -8.47 -87.43 1.91
C TYR F 94 -7.20 -87.64 1.10
N THR F 95 -7.33 -88.37 0.01
CA THR F 95 -6.18 -88.70 -0.84
C THR F 95 -6.41 -88.31 -2.29
N GLY F 96 -5.34 -88.31 -3.07
CA GLY F 96 -5.41 -88.02 -4.49
C GLY F 96 -5.98 -86.66 -4.83
N SER F 97 -7.04 -86.67 -5.63
CA SER F 97 -7.67 -85.43 -6.10
C SER F 97 -8.47 -84.73 -5.01
N SER F 98 -8.67 -85.41 -3.88
CA SER F 98 -9.44 -84.87 -2.78
C SER F 98 -8.60 -83.99 -1.83
N VAL F 99 -7.28 -83.99 -2.05
CA VAL F 99 -6.39 -83.14 -1.26
C VAL F 99 -6.35 -81.72 -1.84
N THR F 100 -7.32 -80.91 -1.43
CA THR F 100 -7.49 -79.54 -1.93
C THR F 100 -7.55 -78.56 -0.78
N ALA F 101 -7.38 -77.27 -1.07
CA ALA F 101 -7.48 -76.25 -0.02
C ALA F 101 -8.89 -76.20 0.58
N ALA F 102 -9.90 -76.41 -0.26
CA ALA F 102 -11.30 -76.34 0.16
C ALA F 102 -11.70 -77.38 1.22
N ASN F 103 -11.27 -78.63 1.05
CA ASN F 103 -11.57 -79.67 2.02
C ASN F 103 -10.81 -79.41 3.32
N PHE F 104 -9.58 -78.91 3.18
CA PHE F 104 -8.75 -78.58 4.33
C PHE F 104 -9.46 -77.57 5.20
N TYR F 105 -10.04 -76.56 4.56
CA TYR F 105 -10.81 -75.56 5.29
C TYR F 105 -12.06 -76.18 5.90
N ALA F 106 -12.74 -77.01 5.12
CA ALA F 106 -13.99 -77.64 5.55
C ALA F 106 -13.74 -78.59 6.72
N VAL F 107 -12.64 -79.34 6.63
CA VAL F 107 -12.23 -80.24 7.70
C VAL F 107 -11.96 -79.49 9.00
N LEU F 108 -11.22 -78.39 8.88
CA LEU F 108 -10.82 -77.61 10.03
C LEU F 108 -12.04 -76.98 10.73
N LEU F 109 -13.02 -76.58 9.93
CA LEU F 109 -14.25 -75.98 10.46
C LEU F 109 -15.20 -77.02 11.02
N GLY F 110 -15.00 -78.27 10.64
CA GLY F 110 -15.89 -79.34 11.03
C GLY F 110 -17.17 -79.26 10.23
N ASP F 111 -17.05 -78.81 8.97
CA ASP F 111 -18.18 -78.67 8.08
C ASP F 111 -18.17 -79.81 7.07
N GLN F 112 -18.76 -80.93 7.45
CA GLN F 112 -18.78 -82.11 6.60
C GLN F 112 -19.66 -81.89 5.35
N LYS F 113 -20.65 -81.01 5.44
CA LYS F 113 -21.49 -80.73 4.27
C LYS F 113 -20.66 -80.02 3.20
N ALA F 114 -19.68 -79.23 3.63
CA ALA F 114 -18.81 -78.51 2.69
C ALA F 114 -17.73 -79.45 2.09
N VAL F 115 -17.49 -80.57 2.76
CA VAL F 115 -16.50 -81.55 2.32
C VAL F 115 -16.92 -82.27 1.05
N LYS F 116 -16.02 -82.37 0.08
CA LYS F 116 -16.34 -83.10 -1.15
C LYS F 116 -15.45 -84.33 -1.31
N GLY F 117 -16.08 -85.50 -1.36
CA GLY F 117 -15.38 -86.77 -1.49
C GLY F 117 -14.68 -87.15 -0.19
N GLY F 118 -13.74 -88.08 -0.29
CA GLY F 118 -12.97 -88.52 0.86
C GLY F 118 -13.79 -89.32 1.86
N SER F 119 -13.25 -89.54 3.05
CA SER F 119 -13.90 -90.35 4.07
C SER F 119 -15.02 -89.58 4.77
N GLY F 120 -14.93 -88.26 4.70
CA GLY F 120 -15.91 -87.39 5.32
C GLY F 120 -15.59 -87.06 6.77
N LYS F 121 -14.42 -87.48 7.25
CA LYS F 121 -14.00 -87.17 8.61
C LYS F 121 -13.63 -85.70 8.74
N VAL F 122 -14.18 -85.02 9.75
CA VAL F 122 -13.88 -83.62 9.99
C VAL F 122 -13.58 -83.34 11.47
N ILE F 123 -13.16 -82.12 11.78
CA ILE F 123 -12.93 -81.72 13.16
C ILE F 123 -14.22 -81.17 13.77
N ALA F 124 -15.10 -82.08 14.17
CA ALA F 124 -16.34 -81.68 14.84
C ALA F 124 -16.08 -81.51 16.33
N SER F 125 -15.28 -80.51 16.67
CA SER F 125 -14.82 -80.34 18.04
C SER F 125 -15.84 -79.60 18.90
N LYS F 126 -15.61 -79.62 20.22
CA LYS F 126 -16.50 -78.98 21.18
C LYS F 126 -15.70 -78.01 22.07
N PRO F 127 -16.37 -77.05 22.73
CA PRO F 127 -15.71 -75.94 23.44
C PRO F 127 -14.49 -76.24 24.33
N ASN F 128 -14.43 -77.43 24.91
CA ASN F 128 -13.33 -77.74 25.82
C ASN F 128 -12.24 -78.51 25.11
N ASP F 129 -12.36 -78.64 23.80
CA ASP F 129 -11.40 -79.48 23.09
C ASP F 129 -10.10 -78.79 22.71
N HIS F 130 -9.08 -79.62 22.45
CA HIS F 130 -7.77 -79.20 21.97
C HIS F 130 -7.52 -79.63 20.52
N ILE F 131 -6.88 -78.77 19.74
CA ILE F 131 -6.63 -79.08 18.34
C ILE F 131 -5.16 -78.84 17.98
N PHE F 132 -4.58 -79.80 17.27
CA PHE F 132 -3.19 -79.69 16.80
C PHE F 132 -3.14 -79.77 15.29
N VAL F 133 -2.65 -78.72 14.64
CA VAL F 133 -2.58 -78.69 13.18
C VAL F 133 -1.13 -78.71 12.70
N TYR F 134 -0.84 -79.60 11.77
CA TYR F 134 0.51 -79.73 11.23
C TYR F 134 0.50 -79.81 9.71
N TYR F 135 1.10 -78.81 9.06
CA TYR F 135 1.21 -78.78 7.61
C TYR F 135 2.67 -79.03 7.19
N ALA F 136 2.84 -79.75 6.09
CA ALA F 136 4.20 -79.99 5.59
C ALA F 136 4.30 -80.06 4.07
C SNN F 137 6.20 -77.92 1.48
CA SNN F 137 5.34 -79.08 1.90
N SNN F 137 5.04 -79.22 3.35
C4 SNN F 137 4.19 -79.25 0.91
C5 SNN F 137 4.43 -78.17 -0.14
O SNN F 137 7.17 -77.58 2.12
O5 SNN F 137 3.66 -78.08 -1.07
H2 SNN F 137 4.79 -78.34 3.52
HA SNN F 137 5.88 -79.86 1.72
H SNN F 137 5.92 -79.22 3.65
H41 SNN F 137 3.34 -79.11 1.34
H42 SNN F 137 4.24 -80.13 0.50
N HIS F 138 5.52 -77.60 0.36
CA HIS F 138 6.20 -76.46 -0.25
C HIS F 138 5.48 -75.17 0.05
N GLY F 139 6.15 -74.05 -0.20
CA GLY F 139 5.53 -72.77 0.05
C GLY F 139 6.21 -71.59 -0.61
N GLY F 140 5.58 -70.43 -0.45
CA GLY F 140 6.13 -69.19 -0.93
C GLY F 140 5.49 -68.06 -0.15
N PRO F 141 5.91 -66.82 -0.41
CA PRO F 141 5.35 -65.67 0.29
C PRO F 141 3.83 -65.61 0.19
N GLY F 142 3.16 -65.82 1.31
CA GLY F 142 1.71 -65.72 1.40
C GLY F 142 0.95 -66.90 0.82
N VAL F 143 1.65 -67.95 0.45
CA VAL F 143 1.00 -69.10 -0.17
C VAL F 143 1.56 -70.44 0.31
N LEU F 144 0.68 -71.41 0.52
CA LEU F 144 1.07 -72.78 0.84
C LEU F 144 0.64 -73.72 -0.27
N GLY F 145 1.53 -74.66 -0.63
CA GLY F 145 1.27 -75.55 -1.75
C GLY F 145 0.21 -76.60 -1.48
N MET F 146 -0.50 -77.01 -2.53
CA MET F 146 -1.39 -78.15 -2.46
C MET F 146 -1.23 -78.96 -3.74
N PRO F 147 -1.34 -80.30 -3.65
CA PRO F 147 -1.10 -81.17 -4.79
C PRO F 147 -2.18 -81.05 -5.87
N ASN F 148 -3.31 -80.42 -5.52
CA ASN F 148 -4.35 -80.08 -6.49
C ASN F 148 -4.65 -78.58 -6.42
N THR F 149 -4.41 -77.87 -7.51
CA THR F 149 -4.64 -76.43 -7.58
C THR F 149 -6.12 -76.10 -7.33
N PRO F 150 -6.41 -74.90 -6.77
CA PRO F 150 -5.49 -73.82 -6.40
C PRO F 150 -4.79 -74.05 -5.07
N HIS F 151 -3.66 -73.38 -4.86
CA HIS F 151 -2.92 -73.49 -3.62
C HIS F 151 -3.64 -72.77 -2.49
N ILE F 152 -3.11 -72.88 -1.29
CA ILE F 152 -3.64 -72.20 -0.11
C ILE F 152 -3.15 -70.76 -0.01
N TYR F 153 -4.05 -69.79 0.04
CA TYR F 153 -3.66 -68.41 0.26
C TYR F 153 -3.84 -68.02 1.74
N ALA F 154 -2.86 -67.28 2.26
CA ALA F 154 -2.79 -66.98 3.69
C ALA F 154 -4.07 -66.37 4.27
N ALA F 155 -4.63 -65.40 3.55
CA ALA F 155 -5.83 -64.71 4.02
C ALA F 155 -7.01 -65.66 4.21
N ASP F 156 -7.17 -66.62 3.29
CA ASP F 156 -8.25 -67.59 3.38
C ASP F 156 -8.04 -68.53 4.57
N PHE F 157 -6.80 -68.91 4.81
CA PHE F 157 -6.47 -69.77 5.94
C PHE F 157 -6.77 -69.07 7.27
N ILE F 158 -6.35 -67.82 7.39
CA ILE F 158 -6.58 -67.04 8.60
C ILE F 158 -8.07 -66.76 8.82
N GLU F 159 -8.78 -66.46 7.75
CA GLU F 159 -10.22 -66.22 7.83
C GLU F 159 -10.95 -67.47 8.31
N THR F 160 -10.48 -68.63 7.88
CA THR F 160 -11.04 -69.90 8.32
C THR F 160 -10.85 -70.06 9.82
N LEU F 161 -9.68 -69.68 10.32
CA LEU F 161 -9.41 -69.75 11.75
C LEU F 161 -10.31 -68.78 12.50
N LYS F 162 -10.53 -67.61 11.90
CA LYS F 162 -11.41 -66.63 12.50
C LYS F 162 -12.83 -67.14 12.60
N LYS F 163 -13.36 -67.76 11.54
CA LYS F 163 -14.73 -68.30 11.59
C LYS F 163 -14.82 -69.49 12.54
N LYS F 164 -13.74 -70.26 12.63
CA LYS F 164 -13.70 -71.37 13.57
C LYS F 164 -13.81 -70.85 15.02
N HIS F 165 -13.15 -69.75 15.36
CA HIS F 165 -13.16 -69.21 16.72
C HIS F 165 -14.50 -68.65 17.29
N ALA F 166 -15.20 -67.85 16.49
CA ALA F 166 -16.50 -67.26 16.87
C ALA F 166 -17.51 -68.37 17.06
N SER F 167 -17.31 -69.49 16.37
CA SER F 167 -18.21 -70.64 16.53
C SER F 167 -17.98 -71.20 17.93
N GLY F 168 -16.80 -70.92 18.50
CA GLY F 168 -16.47 -71.34 19.85
C GLY F 168 -16.39 -72.84 20.06
N THR F 169 -15.94 -73.55 19.03
CA THR F 169 -15.90 -75.01 19.08
C THR F 169 -14.55 -75.58 19.48
N TYR F 170 -13.77 -74.83 20.24
CA TYR F 170 -12.51 -75.33 20.78
C TYR F 170 -12.00 -74.45 21.91
N LYS F 171 -11.19 -75.01 22.78
CA LYS F 171 -10.60 -74.24 23.87
C LYS F 171 -9.34 -73.53 23.38
N GLU F 172 -8.36 -74.29 22.90
CA GLU F 172 -7.12 -73.73 22.38
C GLU F 172 -6.59 -74.56 21.21
N MET F 173 -5.71 -73.97 20.41
CA MET F 173 -5.19 -74.62 19.20
C MET F 173 -3.70 -74.32 19.00
N VAL F 174 -2.96 -75.32 18.53
CA VAL F 174 -1.54 -75.14 18.22
C VAL F 174 -1.27 -75.54 16.76
N ILE F 175 -0.56 -74.68 16.03
CA ILE F 175 -0.30 -74.91 14.61
C ILE F 175 1.20 -74.92 14.29
N TYR F 176 1.67 -76.03 13.73
CA TYR F 176 3.04 -76.15 13.24
C TYR F 176 3.02 -76.13 11.71
N VAL F 177 3.84 -75.27 11.10
CA VAL F 177 3.85 -75.16 9.64
C VAL F 177 5.23 -75.35 9.03
N GLU F 178 5.36 -76.41 8.23
CA GLU F 178 6.60 -76.70 7.51
C GLU F 178 6.49 -76.24 6.06
N ALA F 179 7.14 -75.11 5.73
CA ALA F 179 7.15 -74.58 4.37
C ALA F 179 8.20 -73.49 4.20
N ALA F 180 8.59 -73.22 2.96
CA ALA F 180 9.50 -72.12 2.68
C ALA F 180 8.76 -70.80 2.81
N GLU F 181 9.41 -69.82 3.42
CA GLU F 181 8.81 -68.52 3.70
C GLU F 181 7.50 -68.64 4.48
N SER F 182 7.42 -69.64 5.36
CA SER F 182 6.18 -69.96 6.06
C SER F 182 5.76 -68.84 7.03
N GLY F 183 6.69 -68.00 7.43
CA GLY F 183 6.36 -66.88 8.30
C GLY F 183 5.39 -65.90 7.64
N SER F 184 5.40 -65.87 6.30
CA SER F 184 4.55 -64.95 5.53
C SER F 184 3.08 -65.32 5.60
N ILE F 185 2.77 -66.53 6.06
CA ILE F 185 1.39 -66.98 6.15
C ILE F 185 0.66 -66.29 7.31
N PHE F 186 1.42 -65.80 8.28
CA PHE F 186 0.83 -65.26 9.51
C PHE F 186 1.19 -63.81 9.80
N GLU F 187 2.34 -63.35 9.30
CA GLU F 187 2.81 -62.01 9.61
C GLU F 187 1.89 -60.91 9.08
N GLY F 188 1.45 -60.05 9.99
CA GLY F 188 0.64 -58.90 9.62
C GLY F 188 -0.85 -59.19 9.54
N ILE F 189 -1.24 -60.46 9.66
CA ILE F 189 -2.65 -60.81 9.51
C ILE F 189 -3.17 -61.73 10.61
N MET F 190 -2.28 -62.42 11.31
CA MET F 190 -2.69 -63.38 12.34
C MET F 190 -2.94 -62.68 13.68
N PRO F 191 -4.20 -62.73 14.15
CA PRO F 191 -4.58 -62.12 15.43
C PRO F 191 -4.05 -62.90 16.64
N LYS F 192 -4.03 -62.27 17.80
CA LYS F 192 -3.54 -62.91 19.01
C LYS F 192 -4.65 -63.20 20.00
N ASP F 193 -5.90 -63.05 19.56
CA ASP F 193 -7.04 -63.26 20.44
C ASP F 193 -7.94 -64.40 19.97
N LEU F 194 -7.36 -65.34 19.22
CA LEU F 194 -8.11 -66.48 18.71
C LEU F 194 -7.84 -67.76 19.49
N ASN F 195 -7.11 -67.63 20.60
CA ASN F 195 -6.69 -68.78 21.40
C ASN F 195 -5.88 -69.77 20.55
N ILE F 196 -5.01 -69.24 19.70
CA ILE F 196 -4.19 -70.05 18.81
C ILE F 196 -2.72 -69.66 18.93
N TYR F 197 -1.84 -70.66 19.04
CA TYR F 197 -0.40 -70.42 19.00
C TYR F 197 0.18 -71.10 17.77
N VAL F 198 1.10 -70.42 17.10
CA VAL F 198 1.63 -70.89 15.82
C VAL F 198 3.16 -70.86 15.79
N THR F 199 3.79 -71.90 15.24
CA THR F 199 5.22 -71.84 14.92
C THR F 199 5.44 -72.23 13.46
N THR F 200 6.41 -71.59 12.82
CA THR F 200 6.73 -71.84 11.43
C THR F 200 8.21 -72.16 11.24
N ALA F 201 8.54 -72.90 10.19
CA ALA F 201 9.91 -73.35 9.92
C ALA F 201 10.85 -72.19 9.60
N SER F 202 10.32 -71.16 8.95
CA SER F 202 11.15 -70.04 8.53
C SER F 202 10.44 -68.71 8.69
N ASN F 203 11.14 -67.61 8.44
CA ASN F 203 10.50 -66.30 8.46
C ASN F 203 9.81 -66.02 7.13
N ALA F 204 9.43 -64.77 6.90
CA ALA F 204 8.59 -64.43 5.75
C ALA F 204 9.35 -64.31 4.43
N GLN F 205 10.68 -64.40 4.47
CA GLN F 205 11.46 -64.15 3.26
C GLN F 205 12.54 -65.19 2.97
N GLU F 206 12.81 -66.10 3.90
CA GLU F 206 13.92 -67.03 3.71
C GLU F 206 13.47 -68.44 3.32
N SER F 207 14.43 -69.24 2.88
CA SER F 207 14.16 -70.62 2.47
C SER F 207 14.07 -71.55 3.67
N SER F 208 13.38 -72.67 3.48
CA SER F 208 13.40 -73.77 4.44
C SER F 208 14.31 -74.87 3.89
N TYR F 209 14.52 -75.91 4.69
CA TYR F 209 15.49 -76.94 4.34
C TYR F 209 14.99 -78.36 4.50
N GLY F 210 15.32 -79.20 3.53
CA GLY F 210 15.05 -80.63 3.61
C GLY F 210 16.31 -81.32 4.09
N THR F 211 16.16 -82.52 4.65
CA THR F 211 17.30 -83.21 5.23
C THR F 211 17.18 -84.73 5.05
N TYR F 212 18.19 -85.46 5.53
CA TYR F 212 18.30 -86.90 5.33
C TYR F 212 18.27 -87.23 3.84
N CYS F 213 19.22 -86.64 3.11
CA CYS F 213 19.28 -86.73 1.66
C CYS F 213 20.50 -87.51 1.19
N PRO F 214 20.42 -88.09 -0.01
CA PRO F 214 21.58 -88.76 -0.60
C PRO F 214 22.66 -87.75 -0.90
N GLY F 215 23.92 -88.17 -0.80
CA GLY F 215 25.05 -87.31 -1.08
C GLY F 215 25.42 -86.39 0.07
N MET F 216 24.74 -86.56 1.21
CA MET F 216 25.01 -85.74 2.38
C MET F 216 25.13 -86.57 3.64
N ASN F 217 25.37 -85.90 4.77
CA ASN F 217 25.55 -86.58 6.05
C ASN F 217 24.58 -86.04 7.13
N PRO F 218 23.75 -86.93 7.70
CA PRO F 218 23.76 -88.35 7.34
C PRO F 218 22.89 -88.64 6.11
N SER F 219 23.21 -89.73 5.41
CA SER F 219 22.46 -90.17 4.24
C SER F 219 21.52 -91.33 4.58
N PRO F 220 20.40 -91.45 3.84
CA PRO F 220 19.56 -92.64 3.94
C PRO F 220 20.29 -93.85 3.35
N PRO F 221 19.76 -95.07 3.53
CA PRO F 221 20.34 -96.23 2.86
C PRO F 221 20.46 -96.00 1.35
N SER F 222 21.50 -96.54 0.74
CA SER F 222 21.84 -96.24 -0.65
C SER F 222 20.71 -96.47 -1.65
N GLU F 223 19.78 -97.35 -1.33
CA GLU F 223 18.66 -97.61 -2.25
C GLU F 223 17.71 -96.42 -2.28
N TYR F 224 17.81 -95.54 -1.28
CA TYR F 224 17.00 -94.32 -1.25
C TYR F 224 17.71 -93.17 -1.92
N ILE F 225 17.10 -92.68 -3.00
CA ILE F 225 17.67 -91.63 -3.83
C ILE F 225 16.83 -90.35 -3.72
N THR F 226 16.07 -90.26 -2.63
CA THR F 226 15.29 -89.06 -2.36
C THR F 226 15.40 -88.69 -0.88
N CYS F 227 15.16 -87.43 -0.55
CA CYS F 227 15.25 -86.98 0.85
C CYS F 227 14.13 -87.60 1.68
N LEU F 228 14.45 -87.98 2.92
CA LEU F 228 13.50 -88.67 3.78
C LEU F 228 12.64 -87.73 4.64
N GLY F 229 13.17 -86.56 4.96
CA GLY F 229 12.46 -85.62 5.82
C GLY F 229 12.85 -84.17 5.64
N ASP F 230 12.32 -83.32 6.51
CA ASP F 230 12.65 -81.90 6.50
C ASP F 230 13.15 -81.47 7.88
N LEU F 231 14.06 -80.49 7.90
CA LEU F 231 14.79 -80.09 9.10
C LEU F 231 13.89 -79.72 10.28
N TYR F 232 13.00 -78.75 10.07
CA TYR F 232 12.08 -78.28 11.10
C TYR F 232 11.14 -79.38 11.57
N SER F 233 10.69 -80.22 10.63
CA SER F 233 9.74 -81.28 10.91
C SER F 233 10.35 -82.37 11.80
N VAL F 234 11.51 -82.89 11.39
CA VAL F 234 12.16 -83.93 12.17
C VAL F 234 12.66 -83.36 13.50
N ALA F 235 12.83 -82.05 13.57
CA ALA F 235 13.28 -81.41 14.80
C ALA F 235 12.24 -81.56 15.91
N TRP F 236 10.99 -81.23 15.61
CA TRP F 236 9.95 -81.29 16.64
C TRP F 236 9.45 -82.70 16.86
N MET F 237 9.50 -83.53 15.82
CA MET F 237 9.00 -84.90 15.92
C MET F 237 9.96 -85.80 16.69
N GLU F 238 11.25 -85.71 16.39
CA GLU F 238 12.24 -86.48 17.14
C GLU F 238 12.33 -86.01 18.59
N ASP F 239 12.01 -84.73 18.80
CA ASP F 239 11.99 -84.16 20.15
C ASP F 239 10.84 -84.74 20.95
N SER F 240 9.66 -84.79 20.32
CA SER F 240 8.45 -85.31 20.95
C SER F 240 8.57 -86.81 21.23
N GLU F 241 9.33 -87.50 20.39
CA GLU F 241 9.48 -88.96 20.46
C GLU F 241 10.42 -89.41 21.56
N THR F 242 11.20 -88.49 22.09
CA THR F 242 12.23 -88.86 23.06
C THR F 242 12.16 -88.10 24.37
N HIS F 243 11.01 -87.50 24.65
CA HIS F 243 10.87 -86.73 25.88
C HIS F 243 9.53 -86.97 26.55
N ASN F 244 9.52 -86.82 27.86
CA ASN F 244 8.31 -86.92 28.65
C ASN F 244 7.41 -85.73 28.35
N LEU F 245 6.32 -86.00 27.63
CA LEU F 245 5.44 -84.91 27.18
C LEU F 245 4.55 -84.41 28.30
N LYS F 246 4.52 -85.11 29.44
CA LYS F 246 3.84 -84.58 30.62
C LYS F 246 4.69 -83.54 31.33
N LYS F 247 5.98 -83.53 31.05
CA LYS F 247 6.91 -82.60 31.68
C LYS F 247 7.26 -81.45 30.75
N GLU F 248 7.50 -81.77 29.49
CA GLU F 248 7.98 -80.78 28.52
C GLU F 248 6.90 -79.77 28.14
N THR F 249 7.28 -78.50 28.14
CA THR F 249 6.38 -77.42 27.75
C THR F 249 6.50 -77.11 26.26
N ILE F 250 5.47 -76.44 25.73
CA ILE F 250 5.51 -75.95 24.36
C ILE F 250 6.66 -74.95 24.24
N LYS F 251 6.87 -74.19 25.29
CA LYS F 251 7.98 -73.24 25.40
C LYS F 251 9.33 -73.93 25.17
N GLN F 252 9.51 -75.08 25.80
CA GLN F 252 10.76 -75.85 25.69
C GLN F 252 10.94 -76.43 24.29
N GLN F 253 9.87 -76.92 23.68
CA GLN F 253 9.95 -77.49 22.34
C GLN F 253 10.30 -76.43 21.30
N TYR F 254 9.66 -75.27 21.40
CA TYR F 254 9.99 -74.17 20.50
C TYR F 254 11.46 -73.79 20.59
N HIS F 255 11.98 -73.72 21.82
CA HIS F 255 13.38 -73.40 22.07
C HIS F 255 14.31 -74.43 21.43
N THR F 256 13.97 -75.70 21.59
CA THR F 256 14.77 -76.80 21.06
C THR F 256 14.72 -76.84 19.54
N VAL F 257 13.51 -76.74 19.00
CA VAL F 257 13.32 -76.77 17.55
C VAL F 257 14.00 -75.59 16.87
N LYS F 258 13.84 -74.41 17.45
CA LYS F 258 14.47 -73.20 16.93
C LYS F 258 15.99 -73.36 16.86
N MET F 259 16.57 -73.97 17.89
CA MET F 259 18.03 -74.15 17.96
C MET F 259 18.54 -75.12 16.90
N ARG F 260 17.87 -76.26 16.74
CA ARG F 260 18.29 -77.24 15.72
C ARG F 260 18.09 -76.72 14.31
N THR F 261 16.94 -76.10 14.07
CA THR F 261 16.57 -75.64 12.73
C THR F 261 17.47 -74.50 12.28
N SER F 262 18.01 -73.75 13.22
CA SER F 262 18.93 -72.66 12.89
C SER F 262 20.34 -73.20 12.69
N ASN F 263 20.48 -74.52 12.71
CA ASN F 263 21.80 -75.17 12.77
C ASN F 263 22.62 -74.61 13.94
N TYR F 264 21.97 -74.53 15.11
CA TYR F 264 22.60 -74.07 16.34
C TYR F 264 23.20 -72.67 16.19
N ASN F 265 22.35 -71.73 15.81
CA ASN F 265 22.66 -70.29 15.73
C ASN F 265 23.73 -69.90 14.71
N THR F 266 23.98 -70.77 13.73
CA THR F 266 24.89 -70.42 12.64
C THR F 266 24.11 -69.91 11.43
N TYR F 267 22.90 -70.43 11.26
CA TYR F 267 22.04 -70.14 10.12
C TYR F 267 22.73 -70.46 8.79
N SER F 268 23.70 -71.37 8.84
CA SER F 268 24.30 -71.92 7.64
C SER F 268 23.68 -73.28 7.38
N GLY F 269 22.79 -73.35 6.41
CA GLY F 269 21.99 -74.55 6.21
C GLY F 269 20.96 -74.64 7.32
N GLY F 270 20.35 -73.50 7.62
CA GLY F 270 19.36 -73.42 8.67
C GLY F 270 18.51 -72.17 8.53
N SER F 271 17.33 -72.18 9.14
CA SER F 271 16.38 -71.08 9.03
C SER F 271 15.96 -70.53 10.40
N HIS F 272 15.20 -69.44 10.37
CA HIS F 272 14.69 -68.81 11.59
C HIS F 272 13.28 -69.31 11.92
N VAL F 273 13.15 -70.14 12.96
CA VAL F 273 11.82 -70.57 13.39
C VAL F 273 11.08 -69.42 14.06
N MET F 274 9.90 -69.09 13.54
CA MET F 274 9.13 -67.96 14.05
C MET F 274 7.90 -68.40 14.82
N GLU F 275 7.32 -67.49 15.60
CA GLU F 275 6.12 -67.79 16.35
C GLU F 275 5.08 -66.68 16.24
N TYR F 276 3.80 -67.06 16.27
CA TYR F 276 2.70 -66.10 16.10
C TYR F 276 1.51 -66.47 16.98
N GLY F 277 0.60 -65.52 17.17
CA GLY F 277 -0.59 -65.76 17.98
C GLY F 277 -0.38 -65.49 19.47
N ASN F 278 -1.05 -66.26 20.29
CA ASN F 278 -1.01 -66.10 21.75
C ASN F 278 0.16 -66.86 22.38
N ASN F 279 1.14 -66.12 22.89
CA ASN F 279 2.33 -66.71 23.49
C ASN F 279 2.10 -67.31 24.87
N SER F 280 0.96 -66.98 25.48
CA SER F 280 0.66 -67.47 26.82
C SER F 280 0.40 -68.98 26.80
N ILE F 281 0.08 -69.50 25.62
CA ILE F 281 -0.18 -70.92 25.46
C ILE F 281 1.11 -71.74 25.64
N LYS F 282 2.25 -71.11 25.39
CA LYS F 282 3.55 -71.78 25.44
C LYS F 282 3.88 -72.38 26.81
N SER F 283 3.26 -71.87 27.87
CA SER F 283 3.55 -72.35 29.22
C SER F 283 2.92 -73.72 29.47
N GLU F 284 2.00 -74.12 28.59
CA GLU F 284 1.30 -75.39 28.74
C GLU F 284 2.19 -76.57 28.35
N LYS F 285 1.85 -77.73 28.88
CA LYS F 285 2.55 -78.98 28.61
C LYS F 285 2.15 -79.53 27.24
N LEU F 286 3.06 -80.24 26.60
CA LEU F 286 2.80 -80.74 25.25
C LEU F 286 1.73 -81.84 25.13
N TYR F 287 1.48 -82.59 26.21
CA TYR F 287 0.57 -83.74 26.14
C TYR F 287 -0.91 -83.36 25.94
N LEU F 288 -1.25 -82.11 26.23
CA LEU F 288 -2.61 -81.59 26.01
C LEU F 288 -2.93 -81.49 24.52
N TYR F 289 -1.88 -81.56 23.70
CA TYR F 289 -2.05 -81.45 22.26
C TYR F 289 -1.50 -82.69 21.55
N GLN F 290 -0.36 -83.19 22.01
CA GLN F 290 0.33 -84.28 21.34
C GLN F 290 0.21 -85.64 22.03
N GLY F 291 -0.41 -85.66 23.21
CA GLY F 291 -0.58 -86.88 23.97
C GLY F 291 0.64 -87.24 24.79
N PHE F 292 0.58 -88.37 25.47
CA PHE F 292 1.63 -88.78 26.39
C PHE F 292 1.98 -90.27 26.29
N ASP F 293 3.26 -90.56 26.07
CA ASP F 293 3.72 -91.93 25.95
C ASP F 293 4.57 -92.34 27.16
N PRO F 294 4.08 -93.29 27.96
CA PRO F 294 4.78 -93.78 29.16
C PRO F 294 6.14 -94.41 28.86
N ALA F 295 6.34 -94.88 27.65
CA ALA F 295 7.59 -95.53 27.27
C ALA F 295 8.79 -94.56 27.28
N THR F 296 8.52 -93.28 27.09
CA THR F 296 9.58 -92.28 27.07
C THR F 296 9.99 -91.88 28.49
N VAL F 297 9.14 -92.20 29.44
CA VAL F 297 9.42 -91.90 30.84
C VAL F 297 10.44 -92.86 31.43
N ASN F 298 10.40 -94.11 30.98
CA ASN F 298 11.26 -95.13 31.55
C ASN F 298 12.50 -95.41 30.71
N LEU F 299 13.11 -94.36 30.15
CA LEU F 299 14.37 -94.52 29.45
C LEU F 299 15.53 -94.68 30.43
N PRO F 300 16.45 -95.61 30.14
CA PRO F 300 17.71 -95.81 30.86
C PRO F 300 18.71 -94.68 30.59
N LEU F 301 19.72 -94.56 31.46
CA LEU F 301 20.72 -93.50 31.34
C LEU F 301 21.41 -93.49 29.99
N ASN F 302 21.78 -94.67 29.50
CA ASN F 302 22.58 -94.76 28.29
C ASN F 302 21.76 -94.67 27.01
N GLU F 303 20.47 -94.36 27.14
CA GLU F 303 19.61 -94.23 25.97
C GLU F 303 19.01 -92.83 25.85
N LEU F 304 19.50 -91.90 26.67
CA LEU F 304 19.05 -90.51 26.58
C LEU F 304 19.41 -89.94 25.22
N PRO F 305 18.49 -89.14 24.64
CA PRO F 305 18.68 -88.61 23.29
C PRO F 305 19.86 -87.63 23.19
N VAL F 306 20.72 -87.85 22.20
CA VAL F 306 21.85 -86.97 21.93
C VAL F 306 21.85 -86.52 20.46
N LYS F 307 21.68 -85.22 20.24
CA LYS F 307 21.55 -84.69 18.89
C LYS F 307 22.79 -83.99 18.39
N SER F 308 23.05 -84.12 17.10
CA SER F 308 24.15 -83.42 16.47
C SER F 308 23.73 -82.79 15.14
N LYS F 309 24.66 -82.09 14.50
CA LYS F 309 24.37 -81.36 13.27
C LYS F 309 24.17 -82.31 12.10
N ILE F 310 23.25 -81.94 11.20
CA ILE F 310 22.92 -82.75 10.04
C ILE F 310 22.95 -81.92 8.76
N GLY F 311 23.37 -82.54 7.66
CA GLY F 311 23.41 -81.86 6.37
C GLY F 311 22.02 -81.62 5.80
N VAL F 312 21.86 -80.51 5.08
CA VAL F 312 20.56 -80.15 4.53
C VAL F 312 20.64 -79.71 3.08
N VAL F 313 19.48 -79.61 2.45
CA VAL F 313 19.35 -79.11 1.09
C VAL F 313 18.25 -78.05 1.07
N ASN F 314 18.40 -77.04 0.24
CA ASN F 314 17.35 -76.05 0.05
C ASN F 314 16.07 -76.75 -0.39
N GLN F 315 14.96 -76.39 0.25
CA GLN F 315 13.67 -77.02 0.00
C GLN F 315 13.31 -77.03 -1.48
N ARG F 316 13.72 -75.99 -2.18
CA ARG F 316 13.38 -75.84 -3.59
C ARG F 316 14.33 -76.64 -4.50
N ASP F 317 15.45 -77.10 -3.97
CA ASP F 317 16.44 -77.82 -4.78
C ASP F 317 16.43 -79.32 -4.51
N ALA F 318 15.62 -79.76 -3.55
CA ALA F 318 15.56 -81.18 -3.21
C ALA F 318 15.07 -82.01 -4.40
N ASP F 319 14.23 -81.39 -5.23
CA ASP F 319 13.71 -82.03 -6.43
C ASP F 319 14.80 -82.36 -7.43
N LEU F 320 15.70 -81.40 -7.66
CA LEU F 320 16.81 -81.57 -8.59
C LEU F 320 17.80 -82.58 -8.05
N LEU F 321 17.93 -82.62 -6.72
CA LEU F 321 18.85 -83.56 -6.07
C LEU F 321 18.39 -84.99 -6.32
N PHE F 322 17.09 -85.21 -6.27
CA PHE F 322 16.53 -86.52 -6.54
C PHE F 322 16.80 -86.95 -7.98
N LEU F 323 16.56 -86.04 -8.93
CA LEU F 323 16.75 -86.35 -10.34
C LEU F 323 18.21 -86.62 -10.69
N TRP F 324 19.13 -85.88 -10.08
CA TRP F 324 20.54 -86.04 -10.37
C TRP F 324 21.11 -87.36 -9.87
N HIS F 325 20.71 -87.75 -8.67
CA HIS F 325 21.21 -88.97 -8.07
C HIS F 325 20.62 -90.19 -8.77
N MET F 326 19.38 -90.06 -9.24
CA MET F 326 18.75 -91.14 -9.99
C MET F 326 19.44 -91.30 -11.34
N TYR F 327 19.95 -90.20 -11.87
CA TYR F 327 20.72 -90.23 -13.11
C TYR F 327 22.07 -90.91 -12.91
N ARG F 328 22.72 -90.61 -11.79
CA ARG F 328 24.02 -91.19 -11.45
C ARG F 328 23.93 -92.68 -11.19
N THR F 329 22.87 -93.11 -10.52
CA THR F 329 22.72 -94.50 -10.11
C THR F 329 22.23 -95.41 -11.24
N SER F 330 21.86 -94.82 -12.37
CA SER F 330 21.55 -95.61 -13.55
C SER F 330 22.93 -96.02 -14.10
N GLU F 331 23.07 -97.22 -14.69
CA GLU F 331 24.39 -97.67 -15.16
C GLU F 331 24.60 -97.21 -16.63
N ASP F 332 25.81 -97.37 -17.18
CA ASP F 332 26.13 -96.79 -18.52
C ASP F 332 25.17 -97.15 -19.63
N GLY F 333 24.63 -96.09 -20.24
CA GLY F 333 23.71 -96.21 -21.36
C GLY F 333 22.49 -97.06 -21.11
N SER F 334 21.91 -96.97 -19.90
CA SER F 334 20.76 -97.78 -19.54
C SER F 334 19.47 -97.50 -20.29
N ARG F 335 19.37 -96.31 -20.90
CA ARG F 335 18.18 -95.80 -21.59
C ARG F 335 17.23 -95.20 -20.56
N LYS F 336 17.27 -95.76 -19.35
CA LYS F 336 16.59 -95.16 -18.21
C LYS F 336 17.43 -93.98 -17.77
N LYS F 337 18.71 -94.10 -18.07
CA LYS F 337 19.67 -93.04 -17.86
C LYS F 337 19.28 -91.83 -18.71
N ASP F 338 18.96 -92.10 -19.97
CA ASP F 338 18.65 -91.04 -20.93
C ASP F 338 17.30 -90.42 -20.63
N ASP F 339 16.38 -91.21 -20.09
CA ASP F 339 15.08 -90.71 -19.67
C ASP F 339 15.18 -89.79 -18.46
N THR F 340 16.02 -90.18 -17.50
CA THR F 340 16.23 -89.39 -16.29
C THR F 340 17.06 -88.16 -16.61
N LEU F 341 17.99 -88.31 -17.54
CA LEU F 341 18.81 -87.19 -17.97
C LEU F 341 17.98 -86.11 -18.66
N LYS F 342 17.03 -86.52 -19.49
CA LYS F 342 16.19 -85.53 -20.16
C LYS F 342 15.22 -84.93 -19.15
N GLU F 343 14.82 -85.71 -18.15
CA GLU F 343 13.94 -85.20 -17.11
C GLU F 343 14.67 -84.15 -16.26
N LEU F 344 15.98 -84.32 -16.09
CA LEU F 344 16.78 -83.35 -15.35
C LEU F 344 16.94 -82.05 -16.12
N THR F 345 17.28 -82.16 -17.41
CA THR F 345 17.53 -80.99 -18.24
C THR F 345 16.26 -80.18 -18.49
N GLU F 346 15.15 -80.86 -18.73
CA GLU F 346 13.89 -80.16 -19.01
C GLU F 346 13.30 -79.50 -17.78
N THR F 347 13.49 -80.10 -16.62
CA THR F 347 13.02 -79.52 -15.37
C THR F 347 13.80 -78.25 -15.07
N THR F 348 15.12 -78.31 -15.25
CA THR F 348 16.00 -77.18 -15.00
C THR F 348 15.65 -75.99 -15.90
N ARG F 349 15.48 -76.26 -17.19
CA ARG F 349 15.21 -75.20 -18.16
C ARG F 349 13.80 -74.63 -18.03
N HIS F 350 12.85 -75.47 -17.60
CA HIS F 350 11.47 -75.03 -17.40
C HIS F 350 11.37 -74.02 -16.25
N ARG F 351 12.09 -74.30 -15.18
CA ARG F 351 12.15 -73.40 -14.04
C ARG F 351 12.80 -72.06 -14.40
N LYS F 352 13.89 -72.12 -15.17
CA LYS F 352 14.61 -70.93 -15.61
C LYS F 352 13.71 -70.12 -16.54
N HIS F 353 12.88 -70.83 -17.30
CA HIS F 353 11.91 -70.19 -18.17
C HIS F 353 10.89 -69.43 -17.32
N LEU F 354 10.50 -70.04 -16.21
CA LEU F 354 9.55 -69.42 -15.29
C LEU F 354 10.18 -68.21 -14.60
N ASP F 355 11.45 -68.34 -14.24
CA ASP F 355 12.18 -67.24 -13.65
C ASP F 355 12.25 -66.07 -14.63
N ALA F 356 12.55 -66.40 -15.88
CA ALA F 356 12.68 -65.39 -16.92
C ALA F 356 11.38 -64.65 -17.17
N SER F 357 10.26 -65.37 -17.12
CA SER F 357 8.96 -64.75 -17.36
C SER F 357 8.62 -63.74 -16.27
N VAL F 358 8.86 -64.12 -15.01
CA VAL F 358 8.58 -63.23 -13.89
C VAL F 358 9.51 -62.01 -13.90
N GLU F 359 10.80 -62.25 -14.13
CA GLU F 359 11.77 -61.16 -14.19
C GLU F 359 11.45 -60.21 -15.34
N LEU F 360 10.99 -60.75 -16.46
CA LEU F 360 10.68 -59.94 -17.62
C LEU F 360 9.48 -59.03 -17.37
N ILE F 361 8.44 -59.58 -16.74
CA ILE F 361 7.25 -58.81 -16.40
C ILE F 361 7.58 -57.65 -15.46
N ALA F 362 8.42 -57.93 -14.47
CA ALA F 362 8.84 -56.91 -13.51
C ALA F 362 9.64 -55.81 -14.20
N THR F 363 10.50 -56.21 -15.15
CA THR F 363 11.33 -55.28 -15.90
C THR F 363 10.51 -54.36 -16.80
N ILE F 364 9.53 -54.93 -17.50
CA ILE F 364 8.67 -54.17 -18.39
C ILE F 364 7.94 -53.10 -17.58
N LEU F 365 7.52 -53.47 -16.38
CA LEU F 365 6.78 -52.55 -15.53
C LEU F 365 7.67 -51.45 -14.92
N PHE F 366 8.78 -51.83 -14.28
CA PHE F 366 9.56 -50.85 -13.52
C PHE F 366 11.06 -50.86 -13.79
N GLY F 367 11.50 -51.53 -14.85
CA GLY F 367 12.90 -51.45 -15.24
C GLY F 367 13.81 -52.52 -14.68
N PRO F 368 15.03 -52.59 -15.22
CA PRO F 368 16.03 -53.62 -14.88
C PRO F 368 16.96 -53.27 -13.70
N THR F 369 16.83 -52.06 -13.15
CA THR F 369 17.71 -51.66 -12.05
C THR F 369 16.93 -51.07 -10.89
N MET F 370 17.31 -51.48 -9.67
CA MET F 370 16.63 -51.04 -8.45
C MET F 370 15.12 -51.20 -8.60
N ASN F 371 14.70 -52.37 -9.08
CA ASN F 371 13.28 -52.61 -9.34
C ASN F 371 12.48 -52.59 -8.05
N VAL F 372 11.43 -51.76 -8.01
CA VAL F 372 10.64 -51.55 -6.80
C VAL F 372 9.90 -52.83 -6.36
N LEU F 373 9.63 -53.72 -7.31
CA LEU F 373 8.87 -54.93 -7.02
C LEU F 373 9.68 -55.94 -6.21
N ASN F 374 10.99 -55.77 -6.18
CA ASN F 374 11.86 -56.67 -5.45
C ASN F 374 12.09 -56.25 -4.01
N LEU F 375 11.51 -55.13 -3.60
CA LEU F 375 11.69 -54.63 -2.25
C LEU F 375 10.91 -55.48 -1.24
N VAL F 376 11.59 -55.90 -0.17
CA VAL F 376 10.95 -56.71 0.85
C VAL F 376 10.46 -55.83 2.00
N ARG F 377 9.22 -56.06 2.40
CA ARG F 377 8.62 -55.31 3.51
C ARG F 377 9.26 -55.67 4.85
N GLU F 378 9.21 -54.74 5.78
CA GLU F 378 9.73 -54.95 7.12
C GLU F 378 8.96 -56.06 7.82
N PRO F 379 9.62 -56.79 8.73
CA PRO F 379 8.96 -57.84 9.52
C PRO F 379 7.77 -57.30 10.30
N GLY F 380 6.67 -58.04 10.30
CA GLY F 380 5.47 -57.60 10.99
C GLY F 380 4.39 -57.07 10.07
N LEU F 381 4.79 -56.66 8.87
CA LEU F 381 3.84 -56.19 7.86
C LEU F 381 3.27 -57.35 7.06
N PRO F 382 2.01 -57.23 6.64
CA PRO F 382 1.43 -58.24 5.75
C PRO F 382 2.10 -58.18 4.38
N LEU F 383 2.20 -59.32 3.71
CA LEU F 383 2.82 -59.39 2.40
C LEU F 383 2.11 -58.49 1.41
N VAL F 384 0.78 -58.51 1.44
CA VAL F 384 -0.03 -57.72 0.52
C VAL F 384 -1.20 -57.08 1.27
N ASP F 385 -1.67 -55.94 0.78
CA ASP F 385 -2.79 -55.24 1.40
C ASP F 385 -4.13 -55.71 0.84
N ASP F 386 -4.14 -56.06 -0.44
CA ASP F 386 -5.33 -56.58 -1.10
C ASP F 386 -5.11 -58.02 -1.53
N TRP F 387 -5.64 -58.96 -0.77
CA TRP F 387 -5.38 -60.38 -1.02
C TRP F 387 -6.15 -60.91 -2.24
N GLU F 388 -7.34 -60.35 -2.49
CA GLU F 388 -8.10 -60.73 -3.67
C GLU F 388 -7.41 -60.26 -4.95
N CYS F 389 -6.75 -59.11 -4.86
CA CYS F 389 -5.97 -58.59 -5.98
C CYS F 389 -4.80 -59.53 -6.29
N LEU F 390 -4.19 -60.07 -5.23
CA LEU F 390 -3.06 -61.00 -5.38
C LEU F 390 -3.46 -62.24 -6.19
N LYS F 391 -4.61 -62.82 -5.86
CA LYS F 391 -5.13 -63.98 -6.59
C LYS F 391 -5.35 -63.65 -8.05
N SER F 392 -5.94 -62.48 -8.29
CA SER F 392 -6.26 -62.04 -9.64
C SER F 392 -5.01 -61.88 -10.49
N MET F 393 -3.96 -61.29 -9.92
CA MET F 393 -2.72 -61.06 -10.65
C MET F 393 -2.03 -62.38 -11.00
N VAL F 394 -2.17 -63.37 -10.13
CA VAL F 394 -1.64 -64.70 -10.40
C VAL F 394 -2.37 -65.35 -11.58
N ARG F 395 -3.69 -65.26 -11.57
CA ARG F 395 -4.51 -65.81 -12.64
C ARG F 395 -4.16 -65.16 -13.98
N VAL F 396 -3.91 -63.86 -13.95
CA VAL F 396 -3.52 -63.14 -15.16
C VAL F 396 -2.20 -63.69 -15.69
N PHE F 397 -1.24 -63.90 -14.80
CA PHE F 397 0.06 -64.45 -15.17
C PHE F 397 -0.06 -65.83 -15.83
N GLU F 398 -0.83 -66.70 -15.18
CA GLU F 398 -0.96 -68.08 -15.64
C GLU F 398 -1.71 -68.17 -16.96
N GLU F 399 -2.61 -67.22 -17.21
CA GLU F 399 -3.39 -67.20 -18.44
C GLU F 399 -2.47 -67.00 -19.65
N HIS F 400 -1.41 -66.24 -19.46
CA HIS F 400 -0.49 -65.92 -20.56
C HIS F 400 0.83 -66.69 -20.50
N CYS F 401 1.32 -66.92 -19.29
CA CYS F 401 2.65 -67.51 -19.12
C CYS F 401 2.61 -68.98 -18.68
N GLY F 402 1.41 -69.50 -18.43
CA GLY F 402 1.26 -70.89 -18.01
C GLY F 402 1.25 -71.03 -16.50
N SER F 403 0.98 -72.25 -16.04
CA SER F 403 0.86 -72.52 -14.60
C SER F 403 2.11 -72.12 -13.83
N LEU F 404 1.91 -71.52 -12.68
CA LEU F 404 3.01 -71.01 -11.87
C LEU F 404 3.81 -72.14 -11.25
N THR F 405 3.12 -73.26 -10.98
CA THR F 405 3.67 -74.46 -10.32
C THR F 405 4.11 -74.19 -8.88
N GLN F 406 4.40 -75.26 -8.14
CA GLN F 406 4.80 -75.10 -6.74
C GLN F 406 6.17 -74.45 -6.63
N TYR F 407 7.02 -74.72 -7.61
CA TYR F 407 8.32 -74.07 -7.68
C TYR F 407 8.16 -72.57 -7.84
N GLY F 408 7.18 -72.18 -8.65
CA GLY F 408 6.94 -70.77 -8.95
C GLY F 408 6.35 -69.99 -7.79
N MET F 409 6.01 -70.67 -6.70
CA MET F 409 5.51 -70.00 -5.50
C MET F 409 6.57 -69.08 -4.88
N LYS F 410 7.83 -69.30 -5.24
CA LYS F 410 8.94 -68.47 -4.79
C LYS F 410 8.84 -67.04 -5.31
N HIS F 411 8.09 -66.83 -6.41
CA HIS F 411 8.00 -65.52 -7.05
C HIS F 411 6.78 -64.72 -6.60
N MET F 412 6.12 -65.17 -5.55
CA MET F 412 4.82 -64.61 -5.17
C MET F 412 4.91 -63.17 -4.65
N ARG F 413 6.08 -62.78 -4.14
CA ARG F 413 6.27 -61.40 -3.67
C ARG F 413 6.22 -60.41 -4.82
N ALA F 414 6.71 -60.84 -5.99
CA ALA F 414 6.66 -60.02 -7.19
C ALA F 414 5.23 -59.67 -7.51
N PHE F 415 4.35 -60.67 -7.44
CA PHE F 415 2.95 -60.41 -7.72
C PHE F 415 2.34 -59.59 -6.59
N ALA F 416 2.76 -59.83 -5.36
CA ALA F 416 2.19 -59.09 -4.22
C ALA F 416 2.51 -57.60 -4.31
N ASN F 417 3.73 -57.29 -4.73
CA ASN F 417 4.14 -55.90 -4.83
C ASN F 417 3.51 -55.20 -6.02
N VAL F 418 3.02 -55.97 -6.99
CA VAL F 418 2.25 -55.40 -8.10
C VAL F 418 0.97 -54.77 -7.55
N CYS F 419 0.30 -55.45 -6.62
CA CYS F 419 -0.91 -54.91 -5.99
C CYS F 419 -0.61 -53.75 -5.07
N ASN F 420 0.47 -53.90 -4.30
CA ASN F 420 0.85 -52.88 -3.33
C ASN F 420 1.22 -51.57 -4.02
N ASN F 421 1.77 -51.67 -5.22
CA ASN F 421 2.14 -50.50 -5.99
C ASN F 421 0.98 -50.01 -6.87
N GLY F 422 -0.19 -50.60 -6.69
CA GLY F 422 -1.40 -50.13 -7.35
C GLY F 422 -1.44 -50.33 -8.86
N VAL F 423 -0.70 -51.29 -9.38
CA VAL F 423 -0.72 -51.58 -10.81
C VAL F 423 -2.05 -52.21 -11.21
N SER F 424 -2.73 -51.64 -12.19
CA SER F 424 -4.05 -52.12 -12.59
C SER F 424 -3.99 -53.48 -13.26
N LYS F 425 -5.13 -54.16 -13.31
CA LYS F 425 -5.22 -55.46 -13.97
C LYS F 425 -4.91 -55.32 -15.45
N GLU F 426 -5.33 -54.18 -16.02
CA GLU F 426 -5.12 -53.91 -17.44
C GLU F 426 -3.62 -53.83 -17.76
N LEU F 427 -2.86 -53.18 -16.88
CA LEU F 427 -1.42 -53.07 -17.08
C LEU F 427 -0.69 -54.40 -16.89
N MET F 428 -1.16 -55.19 -15.93
CA MET F 428 -0.58 -56.51 -15.68
C MET F 428 -0.83 -57.42 -16.88
N GLU F 429 -2.03 -57.32 -17.45
CA GLU F 429 -2.39 -58.08 -18.64
C GLU F 429 -1.50 -57.73 -19.82
N GLU F 430 -1.23 -56.43 -19.97
CA GLU F 430 -0.40 -55.92 -21.06
C GLU F 430 1.05 -56.38 -20.94
N ALA F 431 1.58 -56.33 -19.73
CA ALA F 431 2.97 -56.74 -19.47
C ALA F 431 3.13 -58.26 -19.62
N SER F 432 2.15 -59.01 -19.11
CA SER F 432 2.19 -60.46 -19.19
C SER F 432 2.11 -60.96 -20.63
N THR F 433 1.27 -60.29 -21.42
CA THR F 433 1.13 -60.62 -22.83
C THR F 433 2.44 -60.34 -23.57
N ALA F 434 3.06 -59.21 -23.24
CA ALA F 434 4.31 -58.81 -23.85
C ALA F 434 5.45 -59.76 -23.49
N ALA F 435 5.41 -60.29 -22.28
CA ALA F 435 6.49 -61.13 -21.77
C ALA F 435 6.41 -62.56 -22.28
N CYS F 436 5.19 -63.09 -22.41
CA CYS F 436 5.01 -64.50 -22.72
C CYS F 436 4.29 -64.79 -24.04
N GLY F 437 3.61 -63.79 -24.61
CA GLY F 437 2.91 -64.03 -25.86
C GLY F 437 3.92 -64.23 -26.97
N GLY F 438 3.78 -65.35 -27.70
CA GLY F 438 4.69 -65.70 -28.77
C GLY F 438 5.71 -66.76 -28.36
N VAL G 17 64.61 -37.11 -21.36
CA VAL G 17 63.23 -36.78 -21.65
C VAL G 17 62.82 -37.43 -22.99
N GLY G 18 62.32 -38.69 -23.00
CA GLY G 18 61.95 -39.38 -24.22
C GLY G 18 60.63 -38.97 -24.87
N THR G 19 60.02 -39.94 -25.53
CA THR G 19 58.76 -39.80 -26.24
C THR G 19 57.61 -40.49 -25.50
N ARG G 20 56.44 -39.85 -25.46
CA ARG G 20 55.28 -40.42 -24.77
C ARG G 20 54.29 -41.09 -25.72
N TRP G 21 54.11 -42.40 -25.55
CA TRP G 21 53.19 -43.18 -26.37
C TRP G 21 51.89 -43.53 -25.64
N ALA G 22 50.89 -44.00 -26.38
CA ALA G 22 49.62 -44.39 -25.78
C ALA G 22 48.84 -45.39 -26.65
N VAL G 23 48.19 -46.36 -25.98
CA VAL G 23 47.28 -47.28 -26.65
C VAL G 23 45.91 -47.20 -26.01
N LEU G 24 44.89 -46.88 -26.80
CA LEU G 24 43.53 -46.76 -26.30
C LEU G 24 42.64 -47.80 -27.00
N VAL G 25 42.01 -48.67 -26.21
CA VAL G 25 41.22 -49.78 -26.77
C VAL G 25 39.80 -49.86 -26.21
N ALA G 26 38.82 -49.86 -27.10
CA ALA G 26 37.45 -50.17 -26.72
C ALA G 26 37.14 -51.59 -27.13
N GLY G 27 36.65 -52.40 -26.20
CA GLY G 27 36.48 -53.82 -26.45
C GLY G 27 35.08 -54.28 -26.83
N SER G 28 34.20 -53.33 -27.11
CA SER G 28 32.81 -53.68 -27.41
C SER G 28 32.25 -52.93 -28.61
N SER G 29 31.02 -53.28 -28.99
CA SER G 29 30.33 -52.60 -30.08
C SER G 29 28.83 -52.58 -29.79
N GLY G 30 28.08 -51.91 -30.66
CA GLY G 30 26.65 -51.78 -30.48
C GLY G 30 26.28 -50.52 -29.73
N TYR G 31 25.12 -49.96 -30.03
CA TYR G 31 24.70 -48.68 -29.46
C TYR G 31 24.46 -48.78 -27.96
N GLY G 32 24.14 -49.99 -27.50
CA GLY G 32 23.97 -50.23 -26.07
C GLY G 32 25.29 -50.10 -25.35
N ASN G 33 26.39 -50.24 -26.08
CA ASN G 33 27.71 -50.10 -25.49
C ASN G 33 28.37 -48.78 -25.89
N TYR G 34 27.52 -47.77 -26.14
CA TYR G 34 27.94 -46.41 -26.46
C TYR G 34 29.10 -45.94 -25.60
N ARG G 35 28.96 -46.14 -24.28
CA ARG G 35 29.88 -45.57 -23.30
C ARG G 35 31.35 -45.95 -23.49
N HIS G 36 31.61 -47.18 -23.92
CA HIS G 36 32.98 -47.68 -23.99
C HIS G 36 33.79 -46.97 -25.07
N GLN G 37 33.17 -46.68 -26.21
CA GLN G 37 33.86 -45.96 -27.26
C GLN G 37 33.89 -44.46 -26.95
N ALA G 38 32.88 -44.01 -26.20
CA ALA G 38 32.87 -42.63 -25.74
C ALA G 38 33.99 -42.38 -24.72
N ASP G 39 34.26 -43.38 -23.89
CA ASP G 39 35.36 -43.33 -22.92
C ASP G 39 36.70 -43.13 -23.62
N VAL G 40 36.97 -43.98 -24.60
CA VAL G 40 38.23 -43.99 -25.33
C VAL G 40 38.47 -42.69 -26.11
N CYS G 41 37.41 -42.19 -26.75
CA CYS G 41 37.51 -40.94 -27.49
C CYS G 41 37.79 -39.78 -26.55
N HIS G 42 37.13 -39.80 -25.39
CA HIS G 42 37.37 -38.78 -24.38
C HIS G 42 38.81 -38.84 -23.87
N ALA G 43 39.33 -40.05 -23.72
CA ALA G 43 40.71 -40.24 -23.28
C ALA G 43 41.69 -39.70 -24.31
N TYR G 44 41.36 -39.84 -25.59
CA TYR G 44 42.23 -39.35 -26.66
C TYR G 44 42.34 -37.82 -26.63
N GLN G 45 41.20 -37.16 -26.45
CA GLN G 45 41.17 -35.71 -26.41
C GLN G 45 42.00 -35.16 -25.26
N ILE G 46 41.97 -35.87 -24.13
CA ILE G 46 42.76 -35.48 -22.97
C ILE G 46 44.25 -35.56 -23.27
N LEU G 47 44.66 -36.62 -23.95
CA LEU G 47 46.06 -36.80 -24.31
C LEU G 47 46.56 -35.77 -25.33
N ARG G 48 45.71 -35.43 -26.30
CA ARG G 48 46.07 -34.42 -27.31
C ARG G 48 46.16 -33.03 -26.71
N LYS G 49 45.18 -32.68 -25.87
CA LYS G 49 45.20 -31.41 -25.16
C LYS G 49 46.42 -31.34 -24.25
N GLY G 50 46.89 -32.51 -23.82
CA GLY G 50 48.07 -32.60 -22.98
C GLY G 50 49.38 -32.48 -23.73
N GLY G 51 49.31 -32.53 -25.06
CA GLY G 51 50.51 -32.33 -25.87
C GLY G 51 51.12 -33.58 -26.50
N LEU G 52 50.49 -34.72 -26.28
CA LEU G 52 50.91 -35.96 -26.93
C LEU G 52 50.60 -35.90 -28.41
N LYS G 53 51.46 -36.50 -29.23
CA LYS G 53 51.28 -36.42 -30.67
C LYS G 53 50.42 -37.59 -31.17
N GLU G 54 49.60 -37.32 -32.19
CA GLU G 54 48.69 -38.30 -32.77
C GLU G 54 49.44 -39.51 -33.33
N GLU G 55 50.65 -39.27 -33.83
CA GLU G 55 51.47 -40.31 -34.44
C GLU G 55 51.92 -41.33 -33.39
N ASN G 56 51.90 -40.94 -32.12
CA ASN G 56 52.35 -41.80 -31.03
C ASN G 56 51.20 -42.41 -30.25
N ILE G 57 49.97 -42.10 -30.67
CA ILE G 57 48.78 -42.64 -30.02
C ILE G 57 47.98 -43.55 -30.94
N VAL G 58 47.90 -44.82 -30.59
CA VAL G 58 47.15 -45.80 -31.36
C VAL G 58 45.76 -46.05 -30.76
N VAL G 59 44.72 -45.91 -31.58
CA VAL G 59 43.35 -46.07 -31.11
C VAL G 59 42.65 -47.27 -31.75
N LEU G 60 42.18 -48.20 -30.92
CA LEU G 60 41.42 -49.36 -31.39
C LEU G 60 39.97 -49.30 -30.92
N MET G 61 39.06 -49.00 -31.85
CA MET G 61 37.64 -48.91 -31.53
C MET G 61 36.79 -49.34 -32.73
N TYR G 62 35.68 -50.00 -32.47
CA TYR G 62 34.86 -50.57 -33.54
C TYR G 62 34.30 -49.52 -34.50
N ASP G 63 34.09 -48.31 -33.98
CA ASP G 63 33.66 -47.15 -34.78
C ASP G 63 32.29 -47.34 -35.43
N ASP G 64 31.31 -47.77 -34.65
CA ASP G 64 29.96 -47.98 -35.16
C ASP G 64 28.93 -47.12 -34.44
N ILE G 65 29.41 -46.18 -33.63
CA ILE G 65 28.54 -45.42 -32.74
C ILE G 65 28.25 -43.99 -33.21
N ALA G 66 29.28 -43.30 -33.71
CA ALA G 66 29.16 -41.90 -34.10
C ALA G 66 28.09 -41.69 -35.17
N ASN G 67 28.01 -42.60 -36.14
CA ASN G 67 27.02 -42.49 -37.20
C ASN G 67 26.03 -43.64 -37.15
N HIS G 68 25.75 -44.08 -35.93
CA HIS G 68 24.71 -45.07 -35.70
C HIS G 68 23.34 -44.41 -35.88
N PRO G 69 22.39 -45.13 -36.51
CA PRO G 69 21.04 -44.61 -36.75
C PRO G 69 20.34 -44.09 -35.49
N LEU G 70 20.66 -44.70 -34.36
CA LEU G 70 20.01 -44.34 -33.09
C LEU G 70 20.64 -43.10 -32.44
N ASN G 71 21.82 -42.70 -32.91
CA ASN G 71 22.50 -41.53 -32.38
C ASN G 71 21.78 -40.23 -32.73
N PRO G 72 21.28 -39.51 -31.70
CA PRO G 72 20.53 -38.27 -31.90
C PRO G 72 21.39 -37.11 -32.36
N ARG G 73 22.72 -37.23 -32.23
CA ARG G 73 23.60 -36.20 -32.76
C ARG G 73 24.69 -36.86 -33.61
N PRO G 74 24.36 -37.15 -34.89
CA PRO G 74 25.23 -37.86 -35.84
C PRO G 74 26.61 -37.22 -35.96
N GLY G 75 27.65 -38.05 -35.98
CA GLY G 75 29.01 -37.58 -36.13
C GLY G 75 29.66 -37.15 -34.82
N THR G 76 28.95 -37.32 -33.71
CA THR G 76 29.47 -36.91 -32.41
C THR G 76 29.38 -38.00 -31.35
N LEU G 77 30.19 -37.83 -30.30
CA LEU G 77 30.13 -38.66 -29.10
C LEU G 77 30.32 -37.79 -27.87
N ILE G 78 29.50 -38.01 -26.84
CA ILE G 78 29.70 -37.31 -25.57
C ILE G 78 29.90 -38.30 -24.43
N ASN G 79 30.74 -37.92 -23.48
CA ASN G 79 31.10 -38.77 -22.34
C ASN G 79 30.68 -38.12 -21.03
N HIS G 80 29.71 -37.21 -21.12
CA HIS G 80 29.22 -36.45 -19.97
C HIS G 80 27.89 -35.79 -20.35
N PRO G 81 26.93 -35.75 -19.42
CA PRO G 81 25.62 -35.15 -19.68
C PRO G 81 25.69 -33.72 -20.25
N ASP G 82 26.61 -32.92 -19.72
CA ASP G 82 26.79 -31.55 -20.18
C ASP G 82 28.02 -31.42 -21.07
N GLY G 83 28.46 -32.55 -21.63
CA GLY G 83 29.72 -32.59 -22.33
C GLY G 83 29.70 -32.16 -23.78
N ASP G 84 30.88 -31.82 -24.29
CA ASP G 84 31.05 -31.50 -25.70
C ASP G 84 31.45 -32.75 -26.46
N ASP G 85 31.55 -32.63 -27.77
CA ASP G 85 31.94 -33.75 -28.62
C ASP G 85 33.38 -34.17 -28.37
N VAL G 86 33.63 -35.48 -28.39
CA VAL G 86 34.98 -36.00 -28.22
C VAL G 86 35.38 -36.90 -29.39
N TYR G 87 34.48 -37.02 -30.36
CA TYR G 87 34.72 -37.91 -31.50
C TYR G 87 35.62 -37.27 -32.57
N ALA G 88 35.47 -35.97 -32.76
CA ALA G 88 36.23 -35.25 -33.79
C ALA G 88 37.74 -35.28 -33.52
N GLY G 89 38.50 -35.73 -34.52
CA GLY G 89 39.95 -35.72 -34.42
C GLY G 89 40.57 -37.06 -34.06
N VAL G 90 39.75 -37.98 -33.57
CA VAL G 90 40.23 -39.29 -33.15
C VAL G 90 40.63 -40.14 -34.37
N PRO G 91 41.89 -40.60 -34.40
CA PRO G 91 42.41 -41.40 -35.51
C PRO G 91 41.74 -42.76 -35.60
N LYS G 92 41.52 -43.23 -36.82
CA LYS G 92 40.88 -44.52 -37.06
C LYS G 92 41.92 -45.59 -37.38
N ASP G 93 42.81 -45.86 -36.43
CA ASP G 93 43.91 -46.79 -36.64
C ASP G 93 43.43 -48.22 -36.86
N TYR G 94 42.59 -48.70 -35.96
CA TYR G 94 42.04 -50.04 -36.07
C TYR G 94 40.57 -50.01 -35.71
N THR G 95 39.73 -50.18 -36.73
CA THR G 95 38.28 -50.15 -36.56
C THR G 95 37.64 -51.39 -37.15
N GLY G 96 36.35 -51.59 -36.84
CA GLY G 96 35.58 -52.68 -37.41
C GLY G 96 36.16 -54.07 -37.15
N SER G 97 36.43 -54.79 -38.23
CA SER G 97 36.91 -56.16 -38.14
C SER G 97 38.37 -56.24 -37.73
N SER G 98 39.05 -55.10 -37.72
CA SER G 98 40.46 -55.05 -37.37
C SER G 98 40.68 -54.92 -35.86
N VAL G 99 39.61 -54.69 -35.11
CA VAL G 99 39.72 -54.60 -33.65
C VAL G 99 39.76 -56.01 -33.04
N THR G 100 40.97 -56.57 -32.99
CA THR G 100 41.17 -57.94 -32.50
C THR G 100 42.22 -58.01 -31.41
N ALA G 101 42.21 -59.10 -30.67
CA ALA G 101 43.20 -59.31 -29.61
C ALA G 101 44.61 -59.41 -30.19
N ALA G 102 44.72 -60.05 -31.35
CA ALA G 102 46.00 -60.23 -32.03
C ALA G 102 46.62 -58.89 -32.45
N ASN G 103 45.80 -58.00 -32.99
CA ASN G 103 46.28 -56.68 -33.38
C ASN G 103 46.69 -55.85 -32.17
N PHE G 104 45.93 -55.99 -31.09
CA PHE G 104 46.23 -55.29 -29.85
C PHE G 104 47.62 -55.68 -29.33
N TYR G 105 47.92 -56.98 -29.35
CA TYR G 105 49.22 -57.46 -28.91
C TYR G 105 50.34 -56.98 -29.82
N ALA G 106 50.10 -57.02 -31.14
CA ALA G 106 51.10 -56.60 -32.12
C ALA G 106 51.39 -55.09 -32.03
N VAL G 107 50.34 -54.30 -31.83
CA VAL G 107 50.48 -52.86 -31.65
C VAL G 107 51.34 -52.55 -30.44
N LEU G 108 51.06 -53.24 -29.33
CA LEU G 108 51.77 -53.02 -28.08
C LEU G 108 53.24 -53.42 -28.19
N LEU G 109 53.51 -54.47 -28.96
CA LEU G 109 54.87 -54.95 -29.17
C LEU G 109 55.65 -54.11 -30.17
N GLY G 110 54.93 -53.31 -30.96
CA GLY G 110 55.55 -52.52 -32.01
C GLY G 110 55.91 -53.41 -33.19
N ASP G 111 55.09 -54.43 -33.42
CA ASP G 111 55.36 -55.38 -34.50
C ASP G 111 54.45 -55.16 -35.70
N GLN G 112 54.94 -54.38 -36.64
CA GLN G 112 54.15 -54.01 -37.79
C GLN G 112 53.77 -55.16 -38.70
N LYS G 113 54.66 -56.14 -38.80
CA LYS G 113 54.42 -57.25 -39.69
C LYS G 113 53.29 -58.14 -39.16
N ALA G 114 53.16 -58.20 -37.84
CA ALA G 114 52.12 -59.03 -37.24
C ALA G 114 50.73 -58.40 -37.34
N VAL G 115 50.69 -57.10 -37.57
CA VAL G 115 49.44 -56.36 -37.72
C VAL G 115 48.70 -56.73 -39.00
N LYS G 116 47.39 -56.94 -38.89
CA LYS G 116 46.59 -57.25 -40.06
C LYS G 116 45.57 -56.14 -40.31
N GLY G 117 45.67 -55.49 -41.46
CA GLY G 117 44.77 -54.39 -41.77
C GLY G 117 45.05 -53.12 -40.98
N GLY G 118 44.08 -52.22 -40.95
CA GLY G 118 44.21 -50.98 -40.21
C GLY G 118 45.19 -49.97 -40.79
N SER G 119 45.54 -48.96 -39.99
CA SER G 119 46.44 -47.91 -40.43
C SER G 119 47.89 -48.38 -40.41
N GLY G 120 48.17 -49.39 -39.59
CA GLY G 120 49.53 -49.88 -39.45
C GLY G 120 50.30 -49.12 -38.38
N LYS G 121 49.63 -48.27 -37.61
CA LYS G 121 50.32 -47.56 -36.55
C LYS G 121 50.57 -48.53 -35.40
N VAL G 122 51.82 -48.58 -34.92
CA VAL G 122 52.18 -49.42 -33.78
C VAL G 122 53.02 -48.63 -32.79
N ILE G 123 53.27 -49.24 -31.64
CA ILE G 123 54.12 -48.62 -30.63
C ILE G 123 55.58 -48.97 -30.85
N ALA G 124 56.22 -48.29 -31.80
CA ALA G 124 57.64 -48.47 -32.06
C ALA G 124 58.44 -47.63 -31.10
N SER G 125 58.38 -47.98 -29.81
CA SER G 125 58.97 -47.18 -28.76
C SER G 125 60.46 -47.46 -28.57
N LYS G 126 61.10 -46.61 -27.79
CA LYS G 126 62.55 -46.67 -27.55
C LYS G 126 62.84 -46.71 -26.04
N PRO G 127 64.03 -47.21 -25.65
CA PRO G 127 64.36 -47.45 -24.23
C PRO G 127 64.01 -46.33 -23.25
N ASN G 128 64.01 -45.09 -23.72
CA ASN G 128 63.74 -43.94 -22.85
C ASN G 128 62.29 -43.43 -22.87
N ASP G 129 61.41 -44.10 -23.60
CA ASP G 129 60.04 -43.59 -23.79
C ASP G 129 59.06 -44.04 -22.68
N HIS G 130 57.93 -43.36 -22.46
CA HIS G 130 56.95 -44.01 -21.60
C HIS G 130 55.69 -44.29 -22.40
N ILE G 131 54.97 -45.30 -21.93
CA ILE G 131 53.77 -45.81 -22.57
C ILE G 131 52.59 -45.81 -21.59
N PHE G 132 51.44 -45.35 -22.07
CA PHE G 132 50.21 -45.33 -21.29
C PHE G 132 49.13 -46.17 -21.99
N VAL G 133 48.66 -47.21 -21.32
CA VAL G 133 47.66 -48.10 -21.91
C VAL G 133 46.32 -47.97 -21.19
N TYR G 134 45.25 -47.82 -21.96
CA TYR G 134 43.91 -47.68 -21.39
C TYR G 134 42.89 -48.55 -22.14
N TYR G 135 42.33 -49.53 -21.44
CA TYR G 135 41.31 -50.42 -21.98
C TYR G 135 39.95 -50.14 -21.38
N ALA G 136 38.90 -50.24 -22.19
CA ALA G 136 37.54 -50.06 -21.69
C ALA G 136 36.49 -50.92 -22.39
C SNN G 137 33.94 -53.49 -20.99
CA SNN G 137 34.50 -52.62 -22.09
N SNN G 137 35.62 -51.70 -21.75
C4 SNN G 137 34.62 -53.45 -23.36
C5 SNN G 137 34.11 -54.83 -23.03
O SNN G 137 33.74 -53.07 -19.87
O5 SNN G 137 34.10 -55.68 -23.90
H2 SNN G 137 35.15 -51.18 -21.14
HA SNN G 137 33.78 -52.01 -22.31
H SNN G 137 36.07 -52.29 -21.21
H41 SNN G 137 35.55 -53.49 -23.64
H42 SNN G 137 34.09 -53.05 -24.07
N HIS G 138 33.83 -54.58 -21.75
CA HIS G 138 33.28 -55.61 -20.89
C HIS G 138 34.30 -56.62 -20.43
N GLY G 139 33.92 -57.40 -19.42
CA GLY G 139 34.84 -58.40 -18.90
C GLY G 139 34.27 -59.50 -18.03
N GLY G 140 35.17 -60.42 -17.68
CA GLY G 140 34.87 -61.50 -16.78
C GLY G 140 36.16 -62.02 -16.18
N PRO G 141 36.05 -63.01 -15.28
CA PRO G 141 37.22 -63.62 -14.63
C PRO G 141 38.23 -64.09 -15.67
N GLY G 142 39.39 -63.44 -15.71
CA GLY G 142 40.48 -63.85 -16.57
C GLY G 142 40.33 -63.53 -18.05
N VAL G 143 39.29 -62.79 -18.42
CA VAL G 143 39.05 -62.50 -19.83
C VAL G 143 38.60 -61.05 -20.04
N LEU G 144 39.13 -60.42 -21.10
CA LEU G 144 38.71 -59.08 -21.51
C LEU G 144 38.01 -59.16 -22.85
N GLY G 145 36.91 -58.43 -23.00
CA GLY G 145 36.11 -58.52 -24.21
C GLY G 145 36.73 -57.88 -25.44
N MET G 146 36.41 -58.42 -26.61
CA MET G 146 36.74 -57.84 -27.91
C MET G 146 35.54 -57.93 -28.83
N PRO G 147 35.34 -56.93 -29.69
CA PRO G 147 34.17 -56.94 -30.58
C PRO G 147 34.34 -58.02 -31.67
N ASN G 148 35.56 -58.52 -31.82
CA ASN G 148 35.86 -59.66 -32.69
C ASN G 148 36.51 -60.80 -31.92
N THR G 149 35.80 -61.93 -31.87
CA THR G 149 36.31 -63.12 -31.21
C THR G 149 37.60 -63.56 -31.90
N PRO G 150 38.51 -64.17 -31.16
CA PRO G 150 38.41 -64.51 -29.74
C PRO G 150 38.67 -63.33 -28.79
N HIS G 151 38.18 -63.45 -27.55
CA HIS G 151 38.40 -62.42 -26.54
C HIS G 151 39.85 -62.44 -26.05
N ILE G 152 40.20 -61.46 -25.22
CA ILE G 152 41.53 -61.38 -24.64
C ILE G 152 41.60 -62.26 -23.39
N TYR G 153 42.55 -63.20 -23.37
CA TYR G 153 42.76 -64.00 -22.17
C TYR G 153 43.95 -63.44 -21.39
N ALA G 154 43.80 -63.40 -20.06
CA ALA G 154 44.76 -62.73 -19.18
C ALA G 154 46.22 -63.15 -19.38
N ALA G 155 46.46 -64.45 -19.48
CA ALA G 155 47.83 -64.96 -19.61
C ALA G 155 48.52 -64.47 -20.87
N ASP G 156 47.78 -64.37 -21.96
CA ASP G 156 48.33 -63.90 -23.23
C ASP G 156 48.71 -62.42 -23.15
N PHE G 157 47.87 -61.64 -22.48
CA PHE G 157 48.13 -60.21 -22.29
C PHE G 157 49.39 -60.00 -21.46
N ILE G 158 49.50 -60.75 -20.36
CA ILE G 158 50.65 -60.66 -19.47
C ILE G 158 51.92 -61.12 -20.17
N GLU G 159 51.78 -62.18 -20.97
CA GLU G 159 52.91 -62.70 -21.73
C GLU G 159 53.40 -61.66 -22.74
N THR G 160 52.47 -60.89 -23.30
CA THR G 160 52.82 -59.81 -24.21
C THR G 160 53.63 -58.73 -23.50
N LEU G 161 53.24 -58.41 -22.28
CA LEU G 161 53.94 -57.40 -21.47
C LEU G 161 55.35 -57.88 -21.16
N LYS G 162 55.51 -59.18 -20.93
CA LYS G 162 56.81 -59.76 -20.65
C LYS G 162 57.77 -59.65 -21.85
N LYS G 163 57.28 -59.94 -23.05
CA LYS G 163 58.11 -59.82 -24.24
C LYS G 163 58.52 -58.38 -24.52
N LYS G 164 57.59 -57.46 -24.30
CA LYS G 164 57.87 -56.03 -24.49
C LYS G 164 58.99 -55.61 -23.55
N HIS G 165 58.91 -56.07 -22.31
CA HIS G 165 59.94 -55.75 -21.31
C HIS G 165 61.30 -56.35 -21.67
N ALA G 166 61.29 -57.59 -22.15
CA ALA G 166 62.52 -58.28 -22.51
C ALA G 166 63.23 -57.59 -23.67
N SER G 167 62.45 -56.99 -24.57
CA SER G 167 63.01 -56.26 -25.70
C SER G 167 63.66 -54.95 -25.25
N GLY G 168 63.24 -54.46 -24.09
CA GLY G 168 63.80 -53.24 -23.51
C GLY G 168 63.50 -51.99 -24.30
N THR G 169 62.33 -51.94 -24.93
CA THR G 169 61.97 -50.82 -25.79
C THR G 169 61.09 -49.77 -25.10
N TYR G 170 61.20 -49.69 -23.78
CA TYR G 170 60.48 -48.66 -23.01
C TYR G 170 61.10 -48.54 -21.63
N LYS G 171 60.94 -47.39 -21.01
CA LYS G 171 61.45 -47.19 -19.66
C LYS G 171 60.43 -47.61 -18.61
N GLU G 172 59.23 -47.02 -18.65
CA GLU G 172 58.16 -47.39 -17.73
C GLU G 172 56.79 -47.32 -18.42
N MET G 173 55.80 -47.99 -17.83
CA MET G 173 54.48 -48.11 -18.44
C MET G 173 53.37 -48.05 -17.39
N VAL G 174 52.26 -47.40 -17.74
CA VAL G 174 51.10 -47.36 -16.85
C VAL G 174 49.87 -47.92 -17.59
N ILE G 175 49.13 -48.81 -16.93
CA ILE G 175 47.97 -49.42 -17.55
C ILE G 175 46.68 -49.20 -16.74
N TYR G 176 45.67 -48.62 -17.39
CA TYR G 176 44.35 -48.46 -16.80
C TYR G 176 43.36 -49.42 -17.46
N VAL G 177 42.65 -50.20 -16.66
CA VAL G 177 41.74 -51.21 -17.22
C VAL G 177 40.31 -51.08 -16.69
N GLU G 178 39.39 -50.75 -17.59
CA GLU G 178 37.98 -50.67 -17.26
C GLU G 178 37.23 -51.91 -17.74
N ALA G 179 36.89 -52.78 -16.78
CA ALA G 179 36.14 -54.00 -17.08
C ALA G 179 35.60 -54.61 -15.79
N ALA G 180 34.58 -55.46 -15.93
CA ALA G 180 34.07 -56.21 -14.79
C ALA G 180 35.05 -57.32 -14.44
N GLU G 181 35.27 -57.51 -13.14
CA GLU G 181 36.25 -58.46 -12.60
C GLU G 181 37.64 -58.21 -13.18
N SER G 182 37.98 -56.96 -13.44
CA SER G 182 39.22 -56.60 -14.14
C SER G 182 40.49 -56.95 -13.36
N GLY G 183 40.38 -57.09 -12.05
CA GLY G 183 41.51 -57.49 -11.23
C GLY G 183 42.02 -58.88 -11.57
N SER G 184 41.14 -59.73 -12.10
CA SER G 184 41.48 -61.11 -12.42
C SER G 184 42.45 -61.22 -13.58
N ILE G 185 42.64 -60.13 -14.32
CA ILE G 185 43.55 -60.11 -15.46
C ILE G 185 45.00 -60.13 -14.97
N PHE G 186 45.21 -59.70 -13.74
CA PHE G 186 46.57 -59.53 -13.22
C PHE G 186 46.89 -60.34 -11.97
N GLU G 187 45.86 -60.64 -11.16
CA GLU G 187 46.08 -61.33 -9.91
C GLU G 187 46.64 -62.73 -10.10
N GLY G 188 47.79 -62.98 -9.46
CA GLY G 188 48.41 -64.28 -9.49
C GLY G 188 49.35 -64.50 -10.66
N ILE G 189 49.39 -63.56 -11.61
CA ILE G 189 50.21 -63.73 -12.79
C ILE G 189 51.06 -62.51 -13.16
N MET G 190 50.69 -61.32 -12.70
CA MET G 190 51.40 -60.09 -13.06
C MET G 190 52.65 -59.85 -12.21
N PRO G 191 53.82 -59.86 -12.85
CA PRO G 191 55.10 -59.63 -12.17
C PRO G 191 55.28 -58.17 -11.74
N LYS G 192 56.20 -57.92 -10.82
CA LYS G 192 56.44 -56.57 -10.32
C LYS G 192 57.79 -56.01 -10.78
N ASP G 193 58.43 -56.71 -11.71
CA ASP G 193 59.76 -56.30 -12.17
C ASP G 193 59.78 -55.99 -13.68
N LEU G 194 58.63 -55.60 -14.23
CA LEU G 194 58.51 -55.29 -15.64
C LEU G 194 58.49 -53.79 -15.90
N ASN G 195 58.74 -53.01 -14.84
CA ASN G 195 58.63 -51.55 -14.90
C ASN G 195 57.24 -51.11 -15.35
N ILE G 196 56.23 -51.80 -14.86
CA ILE G 196 54.84 -51.52 -15.23
C ILE G 196 53.98 -51.35 -13.98
N TYR G 197 53.16 -50.30 -13.97
CA TYR G 197 52.18 -50.10 -12.91
C TYR G 197 50.76 -50.19 -13.46
N VAL G 198 49.89 -50.88 -12.73
CA VAL G 198 48.55 -51.20 -13.21
C VAL G 198 47.46 -50.82 -12.21
N THR G 199 46.36 -50.25 -12.70
CA THR G 199 45.15 -50.08 -11.89
C THR G 199 43.95 -50.65 -12.61
N THR G 200 43.02 -51.22 -11.84
CA THR G 200 41.80 -51.80 -12.41
C THR G 200 40.55 -51.25 -11.75
N ALA G 201 39.44 -51.27 -12.48
CA ALA G 201 38.18 -50.72 -12.00
C ALA G 201 37.61 -51.53 -10.83
N SER G 202 37.85 -52.83 -10.83
CA SER G 202 37.29 -53.70 -9.78
C SER G 202 38.26 -54.78 -9.36
N ASN G 203 37.89 -55.57 -8.35
CA ASN G 203 38.70 -56.71 -7.95
C ASN G 203 38.40 -57.92 -8.84
N ALA G 204 38.88 -59.10 -8.44
CA ALA G 204 38.82 -60.27 -9.32
C ALA G 204 37.47 -60.98 -9.37
N GLN G 205 36.53 -60.56 -8.53
CA GLN G 205 35.26 -61.28 -8.43
C GLN G 205 34.01 -60.39 -8.47
N GLU G 206 34.18 -59.08 -8.41
CA GLU G 206 33.03 -58.19 -8.33
C GLU G 206 32.70 -57.52 -9.65
N SER G 207 31.52 -56.91 -9.71
CA SER G 207 31.05 -56.21 -10.89
C SER G 207 31.64 -54.81 -11.01
N SER G 208 31.68 -54.28 -12.23
CA SER G 208 31.98 -52.88 -12.46
C SER G 208 30.68 -52.15 -12.77
N TYR G 209 30.76 -50.83 -12.90
CA TYR G 209 29.56 -50.01 -13.03
C TYR G 209 29.60 -48.99 -14.17
N GLY G 210 28.47 -48.87 -14.87
CA GLY G 210 28.31 -47.84 -15.89
C GLY G 210 27.57 -46.66 -15.29
N THR G 211 27.71 -45.48 -15.89
CA THR G 211 27.13 -44.27 -15.32
C THR G 211 26.66 -43.29 -16.41
N TYR G 212 26.07 -42.17 -15.98
CA TYR G 212 25.46 -41.19 -16.88
C TYR G 212 24.43 -41.88 -17.78
N CYS G 213 23.47 -42.54 -17.15
CA CYS G 213 22.49 -43.36 -17.84
C CYS G 213 21.09 -42.76 -17.68
N PRO G 214 20.18 -43.07 -18.62
CA PRO G 214 18.81 -42.59 -18.46
C PRO G 214 18.11 -43.21 -17.24
N GLY G 215 17.20 -42.46 -16.63
CA GLY G 215 16.44 -42.93 -15.48
C GLY G 215 17.15 -42.80 -14.16
N MET G 216 18.34 -42.19 -14.17
CA MET G 216 19.11 -42.02 -12.95
C MET G 216 19.60 -40.59 -12.84
N ASN G 217 20.34 -40.31 -11.76
CA ASN G 217 20.87 -38.97 -11.52
C ASN G 217 22.38 -38.98 -11.34
N PRO G 218 23.11 -38.23 -12.18
CA PRO G 218 22.54 -37.37 -13.23
C PRO G 218 22.26 -38.11 -14.54
N SER G 219 21.22 -37.70 -15.24
CA SER G 219 20.85 -38.32 -16.52
C SER G 219 21.41 -37.53 -17.71
N PRO G 220 21.68 -38.22 -18.83
CA PRO G 220 22.02 -37.51 -20.07
C PRO G 220 20.79 -36.78 -20.61
N PRO G 221 20.98 -35.92 -21.62
CA PRO G 221 19.82 -35.31 -22.29
C PRO G 221 18.82 -36.37 -22.76
N SER G 222 17.53 -36.04 -22.72
CA SER G 222 16.46 -37.01 -22.94
C SER G 222 16.57 -37.77 -24.27
N GLU G 223 17.23 -37.18 -25.26
CA GLU G 223 17.40 -37.84 -26.54
C GLU G 223 18.36 -39.01 -26.44
N TYR G 224 19.14 -39.03 -25.36
CA TYR G 224 20.04 -40.14 -25.10
C TYR G 224 19.36 -41.18 -24.20
N ILE G 225 19.17 -42.38 -24.73
CA ILE G 225 18.55 -43.46 -23.95
C ILE G 225 19.54 -44.59 -23.72
N THR G 226 20.83 -44.26 -23.77
CA THR G 226 21.91 -45.21 -23.49
C THR G 226 22.93 -44.54 -22.56
N CYS G 227 23.68 -45.33 -21.80
CA CYS G 227 24.64 -44.79 -20.85
C CYS G 227 25.81 -44.12 -21.57
N LEU G 228 26.27 -42.99 -21.04
CA LEU G 228 27.30 -42.19 -21.69
C LEU G 228 28.73 -42.57 -21.30
N GLY G 229 28.91 -43.08 -20.09
CA GLY G 229 30.23 -43.41 -19.60
C GLY G 229 30.27 -44.50 -18.56
N ASP G 230 31.44 -44.73 -17.98
CA ASP G 230 31.59 -45.71 -16.91
C ASP G 230 32.25 -45.06 -15.70
N LEU G 231 31.88 -45.53 -14.50
CA LEU G 231 32.27 -44.90 -13.24
C LEU G 231 33.79 -44.71 -13.10
N TYR G 232 34.53 -45.80 -13.19
CA TYR G 232 35.99 -45.76 -13.06
C TYR G 232 36.65 -44.91 -14.14
N SER G 233 36.12 -45.00 -15.36
CA SER G 233 36.68 -44.28 -16.50
C SER G 233 36.52 -42.78 -16.36
N VAL G 234 35.29 -42.32 -16.10
CA VAL G 234 35.04 -40.90 -15.97
C VAL G 234 35.68 -40.36 -14.69
N ALA G 235 35.99 -41.25 -13.75
CA ALA G 235 36.65 -40.84 -12.51
C ALA G 235 38.04 -40.31 -12.78
N TRP G 236 38.82 -41.07 -13.54
CA TRP G 236 40.20 -40.67 -13.81
C TRP G 236 40.28 -39.61 -14.91
N MET G 237 39.34 -39.63 -15.83
CA MET G 237 39.34 -38.69 -16.95
C MET G 237 38.88 -37.29 -16.52
N GLU G 238 37.82 -37.22 -15.74
CA GLU G 238 37.36 -35.94 -15.19
C GLU G 238 38.39 -35.37 -14.22
N ASP G 239 39.14 -36.25 -13.57
CA ASP G 239 40.21 -35.83 -12.67
C ASP G 239 41.37 -35.20 -13.46
N SER G 240 41.78 -35.88 -14.53
CA SER G 240 42.91 -35.42 -15.35
C SER G 240 42.59 -34.13 -16.10
N GLU G 241 41.34 -33.98 -16.52
CA GLU G 241 40.95 -32.81 -17.30
C GLU G 241 40.70 -31.59 -16.42
N THR G 242 40.67 -31.77 -15.10
CA THR G 242 40.38 -30.66 -14.20
C THR G 242 41.50 -30.39 -13.20
N HIS G 243 42.69 -30.92 -13.45
CA HIS G 243 43.82 -30.69 -12.55
C HIS G 243 45.12 -30.47 -13.32
N ASN G 244 46.02 -29.70 -12.72
CA ASN G 244 47.36 -29.49 -13.26
C ASN G 244 48.18 -30.76 -13.14
N LEU G 245 48.40 -31.44 -14.26
CA LEU G 245 49.05 -32.74 -14.25
C LEU G 245 50.57 -32.65 -14.06
N LYS G 246 51.11 -31.45 -14.13
CA LYS G 246 52.54 -31.28 -13.83
C LYS G 246 52.74 -31.31 -12.32
N LYS G 247 51.65 -31.10 -11.59
CA LYS G 247 51.66 -31.14 -10.13
C LYS G 247 51.13 -32.45 -9.57
N GLU G 248 50.04 -32.95 -10.15
CA GLU G 248 49.39 -34.16 -9.61
C GLU G 248 50.20 -35.43 -9.86
N THR G 249 50.35 -36.24 -8.80
CA THR G 249 51.06 -37.51 -8.91
C THR G 249 50.08 -38.64 -9.26
N ILE G 250 50.63 -39.74 -9.76
CA ILE G 250 49.82 -40.93 -10.04
C ILE G 250 49.16 -41.45 -8.77
N LYS G 251 49.90 -41.35 -7.68
CA LYS G 251 49.44 -41.71 -6.34
C LYS G 251 48.18 -40.94 -5.96
N GLN G 252 48.16 -39.65 -6.28
CA GLN G 252 47.01 -38.80 -5.97
C GLN G 252 45.80 -39.18 -6.82
N GLN G 253 46.04 -39.50 -8.10
CA GLN G 253 44.94 -39.89 -8.98
C GLN G 253 44.34 -41.24 -8.54
N TYR G 254 45.20 -42.20 -8.20
CA TYR G 254 44.73 -43.48 -7.72
C TYR G 254 43.84 -43.31 -6.49
N HIS G 255 44.27 -42.44 -5.57
CA HIS G 255 43.51 -42.14 -4.36
C HIS G 255 42.15 -41.55 -4.69
N THR G 256 42.12 -40.63 -5.64
CA THR G 256 40.90 -39.95 -6.06
C THR G 256 39.96 -40.91 -6.78
N VAL G 257 40.51 -41.68 -7.71
CA VAL G 257 39.72 -42.63 -8.48
C VAL G 257 39.13 -43.71 -7.57
N LYS G 258 39.95 -44.25 -6.68
CA LYS G 258 39.51 -45.28 -5.73
C LYS G 258 38.34 -44.78 -4.88
N MET G 259 38.42 -43.52 -4.46
CA MET G 259 37.39 -42.93 -3.60
C MET G 259 36.06 -42.73 -4.33
N ARG G 260 36.12 -42.17 -5.54
CA ARG G 260 34.90 -41.96 -6.32
C ARG G 260 34.27 -43.28 -6.76
N THR G 261 35.09 -44.21 -7.22
CA THR G 261 34.61 -45.49 -7.76
C THR G 261 33.99 -46.35 -6.67
N SER G 262 34.42 -46.18 -5.42
CA SER G 262 33.85 -46.92 -4.30
C SER G 262 32.59 -46.25 -3.78
N ASN G 263 32.12 -45.24 -4.49
CA ASN G 263 31.04 -44.37 -4.02
C ASN G 263 31.38 -43.84 -2.63
N TYR G 264 32.62 -43.38 -2.49
CA TYR G 264 33.12 -42.79 -1.25
C TYR G 264 32.98 -43.76 -0.09
N ASN G 265 33.59 -44.94 -0.26
CA ASN G 265 33.74 -45.97 0.76
C ASN G 265 32.45 -46.62 1.25
N THR G 266 31.38 -46.52 0.48
CA THR G 266 30.14 -47.20 0.83
C THR G 266 30.03 -48.54 0.10
N TYR G 267 30.59 -48.58 -1.10
CA TYR G 267 30.53 -49.75 -1.99
C TYR G 267 29.09 -50.15 -2.30
N SER G 268 28.19 -49.18 -2.18
CA SER G 268 26.83 -49.33 -2.68
C SER G 268 26.77 -48.61 -4.02
N GLY G 269 26.76 -49.38 -5.10
CA GLY G 269 26.90 -48.79 -6.42
C GLY G 269 28.34 -48.33 -6.62
N GLY G 270 29.26 -49.18 -6.21
CA GLY G 270 30.68 -48.87 -6.32
C GLY G 270 31.52 -50.13 -6.21
N SER G 271 32.75 -50.08 -6.72
CA SER G 271 33.63 -51.25 -6.74
C SER G 271 34.97 -50.94 -6.09
N HIS G 272 35.80 -51.97 -5.91
CA HIS G 272 37.11 -51.80 -5.30
C HIS G 272 38.19 -51.60 -6.37
N VAL G 273 38.70 -50.39 -6.49
CA VAL G 273 39.79 -50.14 -7.43
C VAL G 273 41.08 -50.79 -6.93
N MET G 274 41.65 -51.66 -7.75
CA MET G 274 42.85 -52.41 -7.35
C MET G 274 44.10 -51.93 -8.09
N GLU G 275 45.26 -52.29 -7.56
CA GLU G 275 46.52 -51.93 -8.17
C GLU G 275 47.47 -53.12 -8.22
N TYR G 276 48.29 -53.16 -9.26
CA TYR G 276 49.23 -54.26 -9.47
C TYR G 276 50.51 -53.73 -10.09
N GLY G 277 51.54 -54.56 -10.07
CA GLY G 277 52.82 -54.19 -10.65
C GLY G 277 53.70 -53.44 -9.67
N ASN G 278 54.48 -52.51 -10.21
CA ASN G 278 55.45 -51.74 -9.43
C ASN G 278 54.83 -50.47 -8.84
N ASN G 279 54.64 -50.45 -7.52
CA ASN G 279 54.01 -49.32 -6.86
C ASN G 279 54.89 -48.07 -6.73
N SER G 280 56.20 -48.22 -6.93
CA SER G 280 57.11 -47.08 -6.79
C SER G 280 56.91 -46.05 -7.90
N ILE G 281 56.25 -46.46 -8.97
CA ILE G 281 55.95 -45.60 -10.10
C ILE G 281 54.94 -44.51 -9.71
N LYS G 282 54.12 -44.81 -8.71
CA LYS G 282 53.03 -43.93 -8.28
C LYS G 282 53.49 -42.54 -7.83
N SER G 283 54.74 -42.43 -7.43
CA SER G 283 55.28 -41.16 -6.93
C SER G 283 55.53 -40.16 -8.07
N GLU G 284 55.52 -40.67 -9.30
CA GLU G 284 55.80 -39.83 -10.47
C GLU G 284 54.62 -38.93 -10.84
N LYS G 285 54.90 -37.83 -11.50
CA LYS G 285 53.84 -36.91 -11.93
C LYS G 285 53.15 -37.43 -13.19
N LEU G 286 51.86 -37.12 -13.31
CA LEU G 286 51.03 -37.68 -14.37
C LEU G 286 51.41 -37.20 -15.77
N TYR G 287 52.02 -36.02 -15.87
CA TYR G 287 52.29 -35.43 -17.17
C TYR G 287 53.33 -36.23 -17.95
N LEU G 288 54.09 -37.08 -17.25
CA LEU G 288 55.07 -37.94 -17.90
C LEU G 288 54.37 -39.03 -18.73
N TYR G 289 53.08 -39.23 -18.49
CA TYR G 289 52.32 -40.24 -19.22
C TYR G 289 51.11 -39.67 -19.96
N GLN G 290 50.40 -38.75 -19.30
CA GLN G 290 49.15 -38.24 -19.85
C GLN G 290 49.28 -36.84 -20.44
N GLY G 291 50.46 -36.24 -20.31
CA GLY G 291 50.65 -34.91 -20.84
C GLY G 291 50.15 -33.82 -19.91
N PHE G 292 50.18 -32.59 -20.43
CA PHE G 292 49.87 -31.40 -19.65
C PHE G 292 48.93 -30.43 -20.38
N ASP G 293 47.81 -30.10 -19.74
CA ASP G 293 46.79 -29.21 -20.30
C ASP G 293 46.75 -27.84 -19.61
N PRO G 294 47.08 -26.78 -20.36
CA PRO G 294 47.13 -25.41 -19.83
C PRO G 294 45.79 -24.91 -19.31
N ALA G 295 44.69 -25.49 -19.78
CA ALA G 295 43.37 -25.06 -19.37
C ALA G 295 43.12 -25.31 -17.88
N THR G 296 43.83 -26.28 -17.31
CA THR G 296 43.68 -26.58 -15.89
C THR G 296 44.54 -25.65 -15.03
N VAL G 297 45.55 -25.04 -15.65
CA VAL G 297 46.44 -24.12 -14.95
C VAL G 297 45.80 -22.72 -14.78
N ASN G 298 46.14 -22.05 -13.69
CA ASN G 298 45.61 -20.73 -13.36
C ASN G 298 44.09 -20.62 -13.49
N LEU G 299 43.38 -21.60 -12.94
CA LEU G 299 41.93 -21.51 -12.85
C LEU G 299 41.55 -20.43 -11.85
N PRO G 300 40.48 -19.68 -12.15
CA PRO G 300 39.98 -18.72 -11.16
C PRO G 300 39.38 -19.45 -9.96
N LEU G 301 39.20 -18.74 -8.84
CA LEU G 301 38.71 -19.36 -7.62
C LEU G 301 37.36 -20.05 -7.79
N ASN G 302 36.46 -19.42 -8.53
CA ASN G 302 35.09 -19.91 -8.66
C ASN G 302 34.92 -21.00 -9.72
N GLU G 303 36.02 -21.49 -10.26
CA GLU G 303 35.96 -22.54 -11.27
C GLU G 303 36.70 -23.80 -10.85
N LEU G 304 37.09 -23.87 -9.58
CA LEU G 304 37.71 -25.07 -9.04
C LEU G 304 36.70 -26.22 -9.09
N PRO G 305 37.18 -27.42 -9.43
CA PRO G 305 36.33 -28.60 -9.60
C PRO G 305 35.67 -29.09 -8.31
N VAL G 306 34.36 -29.32 -8.36
CA VAL G 306 33.61 -29.86 -7.23
C VAL G 306 32.84 -31.12 -7.64
N LYS G 307 33.19 -32.25 -7.06
CA LYS G 307 32.58 -33.54 -7.43
C LYS G 307 31.59 -34.03 -6.39
N SER G 308 30.53 -34.68 -6.86
CA SER G 308 29.54 -35.27 -5.98
C SER G 308 29.17 -36.67 -6.45
N LYS G 309 28.27 -37.33 -5.72
CA LYS G 309 27.91 -38.72 -6.02
C LYS G 309 27.05 -38.82 -7.28
N ILE G 310 27.23 -39.89 -8.03
CA ILE G 310 26.49 -40.11 -9.27
C ILE G 310 25.85 -41.50 -9.32
N GLY G 311 24.68 -41.59 -9.93
CA GLY G 311 23.96 -42.85 -10.07
C GLY G 311 24.63 -43.80 -11.04
N VAL G 312 24.52 -45.10 -10.78
CA VAL G 312 25.19 -46.10 -11.61
C VAL G 312 24.30 -47.28 -11.97
N VAL G 313 24.77 -48.08 -12.93
CA VAL G 313 24.12 -49.32 -13.31
C VAL G 313 25.16 -50.43 -13.37
N ASN G 314 24.76 -51.63 -12.99
CA ASN G 314 25.63 -52.79 -13.13
C ASN G 314 26.03 -52.94 -14.60
N GLN G 315 27.33 -53.15 -14.82
CA GLN G 315 27.90 -53.22 -16.16
C GLN G 315 27.19 -54.23 -17.06
N ARG G 316 26.77 -55.34 -16.46
CA ARG G 316 26.07 -56.46 -17.13
C ARG G 316 24.63 -56.10 -17.49
N ASP G 317 24.04 -55.06 -16.88
CA ASP G 317 22.62 -54.71 -17.08
C ASP G 317 22.41 -53.41 -17.87
N ALA G 318 23.52 -52.73 -18.20
CA ALA G 318 23.44 -51.48 -18.93
C ALA G 318 22.80 -51.69 -20.30
N ASP G 319 23.00 -52.88 -20.86
CA ASP G 319 22.39 -53.26 -22.13
C ASP G 319 20.87 -53.32 -22.00
N LEU G 320 20.40 -53.93 -20.92
CA LEU G 320 18.97 -54.06 -20.69
C LEU G 320 18.36 -52.69 -20.41
N LEU G 321 19.13 -51.83 -19.76
CA LEU G 321 18.68 -50.48 -19.43
C LEU G 321 18.42 -49.68 -20.71
N PHE G 322 19.31 -49.84 -21.68
CA PHE G 322 19.15 -49.19 -22.98
C PHE G 322 17.88 -49.65 -23.69
N LEU G 323 17.66 -50.97 -23.73
CA LEU G 323 16.50 -51.54 -24.41
C LEU G 323 15.18 -51.15 -23.76
N TRP G 324 15.16 -51.07 -22.44
CA TRP G 324 13.94 -50.74 -21.72
C TRP G 324 13.56 -49.27 -21.90
N HIS G 325 14.54 -48.38 -21.88
CA HIS G 325 14.28 -46.95 -22.06
C HIS G 325 13.94 -46.63 -23.51
N MET G 326 14.48 -47.39 -24.45
CA MET G 326 14.10 -47.22 -25.85
C MET G 326 12.66 -47.63 -26.07
N TYR G 327 12.22 -48.63 -25.31
CA TYR G 327 10.84 -49.07 -25.36
C TYR G 327 9.89 -48.03 -24.74
N ARG G 328 10.30 -47.45 -23.62
CA ARG G 328 9.47 -46.47 -22.92
C ARG G 328 9.27 -45.18 -23.71
N THR G 329 10.33 -44.70 -24.34
CA THR G 329 10.29 -43.41 -25.04
C THR G 329 9.64 -43.52 -26.42
N SER G 330 9.32 -44.72 -26.86
CA SER G 330 8.68 -44.88 -28.16
C SER G 330 7.19 -44.50 -28.15
N GLU G 331 6.71 -44.06 -29.31
CA GLU G 331 5.36 -43.57 -29.50
C GLU G 331 4.32 -44.67 -29.61
N ARG G 335 5.55 -48.36 -34.58
CA ARG G 335 5.96 -49.73 -34.98
C ARG G 335 7.31 -50.08 -34.34
N LYS G 336 8.06 -49.08 -33.83
CA LYS G 336 9.32 -49.29 -33.16
C LYS G 336 9.07 -49.67 -31.68
N LYS G 337 7.85 -49.46 -31.16
CA LYS G 337 7.53 -49.84 -29.79
C LYS G 337 7.74 -51.33 -29.51
N ASP G 338 7.07 -52.17 -30.28
CA ASP G 338 7.14 -53.61 -30.08
C ASP G 338 8.41 -54.28 -30.60
N ASP G 339 9.04 -53.69 -31.62
CA ASP G 339 10.28 -54.25 -32.12
C ASP G 339 11.31 -54.17 -31.01
N THR G 340 11.30 -53.06 -30.28
CA THR G 340 12.19 -52.89 -29.14
C THR G 340 11.70 -53.73 -27.98
N LEU G 341 10.39 -53.84 -27.83
CA LEU G 341 9.82 -54.68 -26.78
C LEU G 341 10.13 -56.16 -27.05
N LYS G 342 10.08 -56.55 -28.32
CA LYS G 342 10.41 -57.92 -28.71
C LYS G 342 11.93 -58.14 -28.62
N GLU G 343 12.72 -57.10 -28.84
CA GLU G 343 14.18 -57.20 -28.67
C GLU G 343 14.58 -57.35 -27.20
N LEU G 344 13.80 -56.75 -26.31
CA LEU G 344 14.03 -56.87 -24.88
C LEU G 344 13.77 -58.28 -24.40
N THR G 345 12.65 -58.85 -24.84
CA THR G 345 12.26 -60.18 -24.41
C THR G 345 13.21 -61.29 -24.84
N GLU G 346 13.67 -61.25 -26.09
CA GLU G 346 14.55 -62.32 -26.59
C GLU G 346 15.95 -62.18 -25.98
N THR G 347 16.39 -60.96 -25.73
CA THR G 347 17.69 -60.74 -25.12
C THR G 347 17.69 -61.30 -23.70
N THR G 348 16.60 -61.05 -22.97
CA THR G 348 16.46 -61.54 -21.61
C THR G 348 16.45 -63.07 -21.56
N ARG G 349 15.66 -63.68 -22.44
CA ARG G 349 15.52 -65.12 -22.45
C ARG G 349 16.78 -65.80 -22.98
N HIS G 350 17.50 -65.12 -23.87
CA HIS G 350 18.76 -65.65 -24.39
C HIS G 350 19.82 -65.69 -23.30
N ARG G 351 19.85 -64.64 -22.48
CA ARG G 351 20.76 -64.55 -21.34
C ARG G 351 20.44 -65.65 -20.34
N LYS G 352 19.14 -65.84 -20.09
CA LYS G 352 18.68 -66.84 -19.13
C LYS G 352 18.94 -68.27 -19.62
N HIS G 353 18.83 -68.46 -20.93
CA HIS G 353 19.12 -69.75 -21.55
C HIS G 353 20.60 -70.08 -21.41
N LEU G 354 21.43 -69.05 -21.52
CA LEU G 354 22.87 -69.20 -21.43
C LEU G 354 23.28 -69.54 -19.98
N ASP G 355 22.60 -68.90 -19.02
CA ASP G 355 22.82 -69.21 -17.61
C ASP G 355 22.45 -70.64 -17.30
N ALA G 356 21.32 -71.08 -17.83
CA ALA G 356 20.80 -72.43 -17.60
C ALA G 356 21.77 -73.48 -18.13
N SER G 357 22.37 -73.20 -19.29
CA SER G 357 23.31 -74.12 -19.93
C SER G 357 24.56 -74.33 -19.07
N VAL G 358 25.12 -73.23 -18.56
CA VAL G 358 26.32 -73.31 -17.75
C VAL G 358 26.02 -74.02 -16.42
N GLU G 359 24.90 -73.66 -15.81
CA GLU G 359 24.48 -74.25 -14.55
C GLU G 359 24.21 -75.75 -14.70
N LEU G 360 23.64 -76.13 -15.83
CA LEU G 360 23.29 -77.52 -16.07
C LEU G 360 24.55 -78.38 -16.20
N ILE G 361 25.55 -77.85 -16.89
CA ILE G 361 26.83 -78.53 -17.04
C ILE G 361 27.50 -78.76 -15.69
N ALA G 362 27.46 -77.73 -14.83
CA ALA G 362 28.05 -77.84 -13.50
C ALA G 362 27.30 -78.88 -12.66
N THR G 363 25.98 -78.89 -12.79
CA THR G 363 25.13 -79.82 -12.04
C THR G 363 25.38 -81.27 -12.45
N ILE G 364 25.47 -81.51 -13.74
CA ILE G 364 25.73 -82.86 -14.25
C ILE G 364 27.07 -83.38 -13.74
N LEU G 365 28.07 -82.51 -13.71
CA LEU G 365 29.41 -82.88 -13.27
C LEU G 365 29.51 -83.10 -11.76
N PHE G 366 29.01 -82.15 -10.97
CA PHE G 366 29.23 -82.18 -9.52
C PHE G 366 27.98 -81.95 -8.66
N GLY G 367 26.80 -82.01 -9.26
CA GLY G 367 25.58 -81.94 -8.48
C GLY G 367 24.99 -80.55 -8.33
N PRO G 368 23.73 -80.48 -7.84
CA PRO G 368 22.97 -79.24 -7.70
C PRO G 368 23.15 -78.53 -6.34
N THR G 369 23.92 -79.11 -5.42
CA THR G 369 24.10 -78.50 -4.10
C THR G 369 25.57 -78.42 -3.71
N MET G 370 25.97 -77.26 -3.16
CA MET G 370 27.35 -77.01 -2.76
C MET G 370 28.32 -77.36 -3.88
N ASN G 371 28.02 -76.92 -5.09
CA ASN G 371 28.82 -77.29 -6.24
C ASN G 371 30.24 -76.74 -6.16
N VAL G 372 31.22 -77.62 -6.32
CA VAL G 372 32.63 -77.25 -6.15
C VAL G 372 33.11 -76.24 -7.21
N LEU G 373 32.44 -76.20 -8.35
CA LEU G 373 32.82 -75.32 -9.44
C LEU G 373 32.46 -73.86 -9.15
N ASN G 374 31.60 -73.64 -8.16
CA ASN G 374 31.18 -72.29 -7.80
C ASN G 374 32.08 -71.63 -6.75
N LEU G 375 33.09 -72.37 -6.28
CA LEU G 375 33.98 -71.87 -5.26
C LEU G 375 34.95 -70.82 -5.80
N VAL G 376 35.06 -69.69 -5.10
CA VAL G 376 35.94 -68.60 -5.50
C VAL G 376 37.29 -68.70 -4.80
N ARG G 377 38.37 -68.59 -5.58
CA ARG G 377 39.72 -68.63 -5.04
C ARG G 377 40.04 -67.37 -4.23
N GLU G 378 40.95 -67.51 -3.28
CA GLU G 378 41.38 -66.39 -2.46
C GLU G 378 42.05 -65.29 -3.31
N PRO G 379 41.92 -64.02 -2.88
CA PRO G 379 42.60 -62.93 -3.58
C PRO G 379 44.10 -63.16 -3.62
N GLY G 380 44.72 -62.91 -4.77
CA GLY G 380 46.16 -63.12 -4.92
C GLY G 380 46.48 -64.36 -5.73
N LEU G 381 45.54 -65.30 -5.79
CA LEU G 381 45.70 -66.51 -6.58
C LEU G 381 45.26 -66.28 -8.02
N PRO G 382 45.90 -66.96 -8.98
CA PRO G 382 45.44 -66.91 -10.37
C PRO G 382 44.09 -67.64 -10.53
N LEU G 383 43.27 -67.16 -11.45
CA LEU G 383 41.96 -67.76 -11.68
C LEU G 383 42.07 -69.24 -12.07
N VAL G 384 43.03 -69.53 -12.94
CA VAL G 384 43.23 -70.89 -13.43
C VAL G 384 44.73 -71.19 -13.48
N ASP G 385 45.06 -72.47 -13.36
CA ASP G 385 46.45 -72.91 -13.40
C ASP G 385 46.90 -73.26 -14.82
N ASP G 386 45.98 -73.78 -15.63
CA ASP G 386 46.26 -74.11 -17.03
C ASP G 386 45.41 -73.26 -17.95
N TRP G 387 46.01 -72.20 -18.50
CA TRP G 387 45.28 -71.23 -19.31
C TRP G 387 44.91 -71.80 -20.67
N GLU G 388 45.76 -72.70 -21.19
CA GLU G 388 45.46 -73.34 -22.46
C GLU G 388 44.27 -74.28 -22.30
N CYS G 389 44.14 -74.88 -21.13
CA CYS G 389 42.98 -75.72 -20.83
C CYS G 389 41.70 -74.89 -20.78
N LEU G 390 41.81 -73.68 -20.22
CA LEU G 390 40.67 -72.78 -20.11
C LEU G 390 40.08 -72.44 -21.47
N LYS G 391 40.96 -72.11 -22.43
CA LYS G 391 40.53 -71.81 -23.79
C LYS G 391 39.81 -73.00 -24.41
N SER G 392 40.39 -74.18 -24.22
CA SER G 392 39.88 -75.42 -24.78
C SER G 392 38.49 -75.74 -24.27
N MET G 393 38.28 -75.56 -22.98
CA MET G 393 36.99 -75.87 -22.35
C MET G 393 35.89 -74.92 -22.83
N VAL G 394 36.27 -73.67 -23.12
CA VAL G 394 35.31 -72.71 -23.66
C VAL G 394 34.83 -73.14 -25.04
N ARG G 395 35.78 -73.55 -25.89
CA ARG G 395 35.47 -74.00 -27.24
C ARG G 395 34.55 -75.22 -27.22
N VAL G 396 34.80 -76.12 -26.26
CA VAL G 396 33.96 -77.31 -26.12
C VAL G 396 32.53 -76.90 -25.80
N PHE G 397 32.38 -75.95 -24.88
CA PHE G 397 31.07 -75.43 -24.52
C PHE G 397 30.38 -74.81 -25.73
N GLU G 398 31.11 -73.99 -26.47
CA GLU G 398 30.56 -73.27 -27.60
C GLU G 398 30.19 -74.22 -28.74
N GLU G 399 30.91 -75.33 -28.83
CA GLU G 399 30.64 -76.34 -29.85
C GLU G 399 29.24 -76.94 -29.69
N HIS G 400 28.79 -77.06 -28.46
CA HIS G 400 27.50 -77.68 -28.15
C HIS G 400 26.41 -76.70 -27.76
N CYS G 401 26.80 -75.67 -27.02
CA CYS G 401 25.83 -74.80 -26.41
C CYS G 401 25.76 -73.45 -27.12
N GLY G 402 26.63 -73.26 -28.11
CA GLY G 402 26.62 -72.01 -28.87
C GLY G 402 27.57 -70.98 -28.30
N SER G 403 27.70 -69.86 -29.00
CA SER G 403 28.63 -68.80 -28.64
C SER G 403 28.38 -68.27 -27.23
N LEU G 404 29.46 -68.04 -26.49
CA LEU G 404 29.36 -67.61 -25.10
C LEU G 404 28.91 -66.15 -24.98
N THR G 405 29.25 -65.34 -25.98
CA THR G 405 28.95 -63.90 -26.02
C THR G 405 29.65 -63.12 -24.90
N GLN G 406 29.63 -61.80 -24.99
CA GLN G 406 30.28 -60.97 -23.98
C GLN G 406 29.58 -61.04 -22.64
N TYR G 407 28.26 -61.21 -22.67
CA TYR G 407 27.51 -61.40 -21.44
C TYR G 407 27.98 -62.65 -20.71
N GLY G 408 28.25 -63.70 -21.48
CA GLY G 408 28.61 -64.99 -20.92
C GLY G 408 29.99 -65.04 -20.29
N MET G 409 30.76 -63.96 -20.41
CA MET G 409 32.06 -63.86 -19.77
C MET G 409 31.92 -63.89 -18.24
N LYS G 410 30.70 -63.65 -17.76
CA LYS G 410 30.44 -63.70 -16.33
C LYS G 410 30.60 -65.11 -15.77
N HIS G 411 30.49 -66.12 -16.65
CA HIS G 411 30.52 -67.53 -16.24
C HIS G 411 31.90 -68.17 -16.38
N MET G 412 32.93 -67.35 -16.58
CA MET G 412 34.25 -67.87 -16.92
C MET G 412 34.92 -68.62 -15.76
N ARG G 413 34.51 -68.32 -14.52
CA ARG G 413 35.09 -69.01 -13.37
C ARG G 413 34.68 -70.48 -13.38
N ALA G 414 33.47 -70.76 -13.87
CA ALA G 414 32.99 -72.13 -13.97
C ALA G 414 33.90 -72.99 -14.84
N PHE G 415 34.30 -72.44 -15.98
CA PHE G 415 35.19 -73.15 -16.91
C PHE G 415 36.60 -73.27 -16.33
N ALA G 416 37.02 -72.24 -15.60
CA ALA G 416 38.34 -72.24 -14.97
C ALA G 416 38.43 -73.34 -13.91
N ASN G 417 37.36 -73.50 -13.14
CA ASN G 417 37.35 -74.49 -12.07
C ASN G 417 37.19 -75.91 -12.61
N VAL G 418 36.68 -76.03 -13.84
CA VAL G 418 36.66 -77.32 -14.52
C VAL G 418 38.11 -77.76 -14.75
N CYS G 419 38.94 -76.81 -15.16
CA CYS G 419 40.36 -77.10 -15.38
C CYS G 419 41.08 -77.33 -14.06
N ASN G 420 40.79 -76.50 -13.06
CA ASN G 420 41.44 -76.62 -11.77
C ASN G 420 41.13 -77.94 -11.07
N ASN G 421 39.93 -78.46 -11.32
CA ASN G 421 39.54 -79.73 -10.73
C ASN G 421 39.95 -80.93 -11.57
N GLY G 422 40.72 -80.67 -12.62
CA GLY G 422 41.30 -81.73 -13.43
C GLY G 422 40.32 -82.55 -14.25
N VAL G 423 39.18 -81.96 -14.58
CA VAL G 423 38.17 -82.64 -15.39
C VAL G 423 38.66 -82.78 -16.83
N SER G 424 38.63 -84.00 -17.36
CA SER G 424 39.14 -84.26 -18.70
C SER G 424 38.27 -83.63 -19.79
N LYS G 425 38.85 -83.46 -20.97
CA LYS G 425 38.14 -82.91 -22.10
C LYS G 425 36.97 -83.84 -22.46
N GLU G 426 37.20 -85.14 -22.29
CA GLU G 426 36.18 -86.12 -22.64
C GLU G 426 34.97 -85.96 -21.74
N LEU G 427 35.23 -85.72 -20.45
CA LEU G 427 34.14 -85.50 -19.52
C LEU G 427 33.40 -84.19 -19.78
N MET G 428 34.14 -83.14 -20.13
CA MET G 428 33.52 -81.87 -20.46
C MET G 428 32.68 -82.01 -21.71
N GLU G 429 33.20 -82.77 -22.67
CA GLU G 429 32.50 -83.02 -23.91
C GLU G 429 31.20 -83.79 -23.65
N GLU G 430 31.23 -84.76 -22.74
CA GLU G 430 30.05 -85.56 -22.39
C GLU G 430 28.98 -84.72 -21.68
N ALA G 431 29.42 -83.88 -20.75
CA ALA G 431 28.50 -83.06 -19.97
C ALA G 431 27.84 -81.98 -20.83
N SER G 432 28.62 -81.37 -21.71
CA SER G 432 28.11 -80.33 -22.59
C SER G 432 27.07 -80.89 -23.57
N THR G 433 27.33 -82.10 -24.06
CA THR G 433 26.42 -82.77 -24.97
C THR G 433 25.10 -83.08 -24.27
N ALA G 434 25.20 -83.56 -23.04
CA ALA G 434 24.02 -83.88 -22.24
C ALA G 434 23.21 -82.63 -21.91
N ALA G 435 23.92 -81.52 -21.70
CA ALA G 435 23.29 -80.30 -21.25
C ALA G 435 22.60 -79.53 -22.37
N CYS G 436 23.21 -79.51 -23.54
CA CYS G 436 22.71 -78.67 -24.62
C CYS G 436 22.26 -79.42 -25.87
N GLY G 437 22.67 -80.68 -26.01
CA GLY G 437 22.29 -81.42 -27.20
C GLY G 437 20.80 -81.73 -27.19
N GLY G 438 20.12 -81.35 -28.27
CA GLY G 438 18.69 -81.54 -28.38
C GLY G 438 17.87 -80.30 -28.10
N VAL H 17 22.07 -3.39 0.37
CA VAL H 17 21.52 -3.86 1.64
C VAL H 17 22.49 -4.75 2.40
N GLY H 18 23.01 -4.24 3.51
CA GLY H 18 23.88 -5.02 4.38
C GLY H 18 23.10 -5.55 5.57
N THR H 19 23.51 -5.10 6.75
CA THR H 19 22.82 -5.43 7.99
C THR H 19 22.13 -4.18 8.53
N ARG H 20 20.91 -4.34 9.04
CA ARG H 20 20.14 -3.21 9.55
C ARG H 20 20.21 -3.08 11.08
N TRP H 21 20.74 -1.96 11.57
CA TRP H 21 20.84 -1.73 13.02
C TRP H 21 19.79 -0.78 13.50
N ALA H 22 19.64 -0.71 14.82
CA ALA H 22 18.69 0.21 15.42
C ALA H 22 19.06 0.55 16.86
N VAL H 23 18.83 1.81 17.23
CA VAL H 23 18.98 2.28 18.60
C VAL H 23 17.67 2.88 19.08
N LEU H 24 17.14 2.32 20.17
CA LEU H 24 15.88 2.80 20.72
C LEU H 24 16.12 3.35 22.14
N VAL H 25 15.79 4.61 22.34
CA VAL H 25 16.08 5.30 23.60
C VAL H 25 14.87 5.98 24.21
N ALA H 26 14.58 5.66 25.46
CA ALA H 26 13.59 6.40 26.23
C ALA H 26 14.32 7.32 27.20
N GLY H 27 13.96 8.60 27.21
CA GLY H 27 14.71 9.58 27.98
C GLY H 27 14.08 9.98 29.31
N SER H 28 13.06 9.23 29.74
CA SER H 28 12.37 9.57 30.99
C SER H 28 12.07 8.35 31.85
N SER H 29 11.51 8.60 33.04
CA SER H 29 11.12 7.54 33.96
C SER H 29 9.91 8.00 34.77
N GLY H 30 9.37 7.11 35.60
CA GLY H 30 8.19 7.43 36.39
C GLY H 30 6.92 7.02 35.69
N TYR H 31 5.90 6.66 36.47
CA TYR H 31 4.66 6.15 35.89
C TYR H 31 3.91 7.22 35.12
N GLY H 32 4.14 8.49 35.49
CA GLY H 32 3.54 9.59 34.77
C GLY H 32 4.05 9.68 33.35
N ASN H 33 5.24 9.13 33.11
CA ASN H 33 5.83 9.10 31.78
C ASN H 33 5.79 7.73 31.14
N TYR H 34 4.74 6.99 31.48
CA TYR H 34 4.44 5.67 30.92
C TYR H 34 4.63 5.62 29.40
N ARG H 35 4.09 6.63 28.72
CA ARG H 35 4.04 6.63 27.26
C ARG H 35 5.39 6.47 26.58
N HIS H 36 6.44 7.06 27.15
CA HIS H 36 7.73 7.10 26.49
C HIS H 36 8.38 5.71 26.37
N GLN H 37 8.23 4.88 27.40
CA GLN H 37 8.79 3.53 27.35
C GLN H 37 7.86 2.61 26.56
N ALA H 38 6.57 2.91 26.57
CA ALA H 38 5.62 2.17 25.74
C ALA H 38 5.87 2.45 24.26
N ASP H 39 6.24 3.68 23.94
CA ASP H 39 6.63 4.06 22.58
C ASP H 39 7.82 3.23 22.11
N VAL H 40 8.87 3.21 22.94
CA VAL H 40 10.12 2.53 22.60
C VAL H 40 9.91 1.04 22.43
N CYS H 41 9.14 0.43 23.33
CA CYS H 41 8.84 -0.99 23.26
C CYS H 41 8.01 -1.35 22.01
N HIS H 42 7.05 -0.50 21.67
CA HIS H 42 6.23 -0.72 20.47
C HIS H 42 7.10 -0.65 19.22
N ALA H 43 8.06 0.26 19.20
CA ALA H 43 8.96 0.39 18.07
C ALA H 43 9.82 -0.87 17.91
N TYR H 44 10.19 -1.47 19.02
CA TYR H 44 11.00 -2.69 18.99
C TYR H 44 10.24 -3.83 18.33
N GLN H 45 8.97 -3.98 18.68
CA GLN H 45 8.14 -5.05 18.14
C GLN H 45 7.96 -4.91 16.63
N ILE H 46 7.83 -3.66 16.17
CA ILE H 46 7.69 -3.39 14.74
C ILE H 46 8.94 -3.80 13.96
N LEU H 47 10.10 -3.49 14.52
CA LEU H 47 11.36 -3.83 13.86
C LEU H 47 11.58 -5.34 13.81
N ARG H 48 11.20 -6.03 14.88
CA ARG H 48 11.34 -7.48 14.95
C ARG H 48 10.41 -8.17 13.95
N LYS H 49 9.17 -7.69 13.85
CA LYS H 49 8.22 -8.19 12.86
C LYS H 49 8.71 -7.91 11.45
N GLY H 50 9.53 -6.87 11.30
CA GLY H 50 10.11 -6.52 10.03
C GLY H 50 11.31 -7.37 9.65
N GLY H 51 11.80 -8.14 10.62
CA GLY H 51 12.90 -9.07 10.36
C GLY H 51 14.24 -8.63 10.91
N LEU H 52 14.27 -7.49 11.60
CA LEU H 52 15.51 -7.05 12.25
C LEU H 52 15.85 -7.96 13.42
N LYS H 53 17.14 -8.21 13.62
CA LYS H 53 17.59 -9.13 14.66
C LYS H 53 17.84 -8.43 15.99
N GLU H 54 17.58 -9.14 17.09
CA GLU H 54 17.70 -8.58 18.43
C GLU H 54 19.14 -8.13 18.73
N GLU H 55 20.11 -8.85 18.17
CA GLU H 55 21.52 -8.54 18.37
C GLU H 55 21.91 -7.22 17.71
N ASN H 56 21.09 -6.77 16.77
CA ASN H 56 21.40 -5.55 16.01
C ASN H 56 20.59 -4.36 16.50
N ILE H 57 19.76 -4.60 17.51
CA ILE H 57 18.93 -3.56 18.11
C ILE H 57 19.33 -3.27 19.55
N VAL H 58 19.80 -2.06 19.81
CA VAL H 58 20.14 -1.67 21.18
C VAL H 58 19.02 -0.84 21.82
N VAL H 59 18.55 -1.27 22.98
CA VAL H 59 17.45 -0.58 23.70
C VAL H 59 17.88 0.03 25.01
N LEU H 60 17.69 1.33 25.15
CA LEU H 60 17.94 2.05 26.39
C LEU H 60 16.64 2.52 27.01
N MET H 61 16.23 1.90 28.11
CA MET H 61 15.00 2.28 28.80
C MET H 61 15.18 2.08 30.31
N TYR H 62 14.60 2.99 31.10
CA TYR H 62 14.78 2.95 32.54
C TYR H 62 14.20 1.68 33.13
N ASP H 63 13.16 1.15 32.48
CA ASP H 63 12.57 -0.13 32.83
C ASP H 63 11.96 -0.15 34.24
N ASP H 64 11.15 0.86 34.53
CA ASP H 64 10.50 0.98 35.84
C ASP H 64 8.99 1.00 35.74
N ILE H 65 8.46 0.66 34.56
CA ILE H 65 7.03 0.82 34.31
C ILE H 65 6.28 -0.51 34.34
N ALA H 66 6.87 -1.54 33.75
CA ALA H 66 6.22 -2.84 33.61
C ALA H 66 5.82 -3.45 34.96
N ASN H 67 6.69 -3.30 35.95
CA ASN H 67 6.42 -3.88 37.26
C ASN H 67 6.19 -2.81 38.32
N HIS H 68 5.67 -1.67 37.87
CA HIS H 68 5.27 -0.58 38.75
C HIS H 68 3.98 -0.94 39.48
N PRO H 69 3.89 -0.59 40.78
CA PRO H 69 2.72 -0.86 41.62
C PRO H 69 1.41 -0.30 41.05
N LEU H 70 1.48 0.81 40.33
CA LEU H 70 0.29 1.47 39.80
C LEU H 70 -0.18 0.83 38.49
N ASN H 71 0.68 0.01 37.88
CA ASN H 71 0.35 -0.65 36.62
C ASN H 71 -0.75 -1.69 36.82
N PRO H 72 -1.91 -1.47 36.19
CA PRO H 72 -3.07 -2.35 36.34
C PRO H 72 -2.88 -3.71 35.66
N ARG H 73 -1.91 -3.81 34.77
CA ARG H 73 -1.59 -5.08 34.15
C ARG H 73 -0.08 -5.33 34.24
N PRO H 74 0.37 -5.83 35.40
CA PRO H 74 1.79 -6.04 35.72
C PRO H 74 2.52 -6.89 34.67
N GLY H 75 3.73 -6.48 34.32
CA GLY H 75 4.54 -7.21 33.36
C GLY H 75 4.24 -6.86 31.92
N THR H 76 3.35 -5.89 31.70
CA THR H 76 2.95 -5.51 30.34
C THR H 76 3.06 -4.00 30.07
N LEU H 77 3.11 -3.66 28.78
CA LEU H 77 3.02 -2.27 28.34
C LEU H 77 2.17 -2.20 27.08
N ILE H 78 1.26 -1.23 27.01
CA ILE H 78 0.47 -1.01 25.80
C ILE H 78 0.66 0.41 25.27
N ASN H 79 0.62 0.56 23.95
CA ASN H 79 0.84 1.84 23.31
C ASN H 79 -0.40 2.27 22.52
N HIS H 80 -1.54 1.68 22.86
CA HIS H 80 -2.80 1.93 22.18
C HIS H 80 -3.93 1.42 23.07
N PRO H 81 -5.04 2.17 23.15
CA PRO H 81 -6.17 1.81 24.01
C PRO H 81 -6.66 0.38 23.78
N ASP H 82 -6.72 -0.05 22.52
CA ASP H 82 -7.14 -1.40 22.18
C ASP H 82 -5.95 -2.28 21.82
N GLY H 83 -4.76 -1.89 22.24
CA GLY H 83 -3.55 -2.57 21.84
C GLY H 83 -3.16 -3.75 22.70
N ASP H 84 -2.31 -4.61 22.15
CA ASP H 84 -1.76 -5.74 22.90
C ASP H 84 -0.46 -5.33 23.57
N ASP H 85 0.12 -6.25 24.34
CA ASP H 85 1.37 -6.00 25.03
C ASP H 85 2.53 -5.81 24.05
N VAL H 86 3.43 -4.89 24.36
CA VAL H 86 4.61 -4.66 23.53
C VAL H 86 5.90 -4.80 24.36
N TYR H 87 5.75 -5.16 25.62
CA TYR H 87 6.90 -5.25 26.53
C TYR H 87 7.67 -6.57 26.41
N ALA H 88 6.95 -7.67 26.22
CA ALA H 88 7.58 -9.00 26.17
C ALA H 88 8.54 -9.15 25.00
N GLY H 89 9.77 -9.54 25.31
CA GLY H 89 10.79 -9.76 24.28
C GLY H 89 11.79 -8.63 24.15
N VAL H 90 11.44 -7.47 24.72
CA VAL H 90 12.33 -6.32 24.65
C VAL H 90 13.55 -6.52 25.54
N PRO H 91 14.74 -6.46 24.94
CA PRO H 91 16.02 -6.69 25.62
C PRO H 91 16.36 -5.60 26.64
N LYS H 92 17.03 -6.00 27.72
CA LYS H 92 17.43 -5.08 28.76
C LYS H 92 18.89 -4.67 28.60
N ASP H 93 19.20 -4.00 27.49
CA ASP H 93 20.58 -3.62 27.19
C ASP H 93 21.13 -2.59 28.17
N TYR H 94 20.39 -1.50 28.36
CA TYR H 94 20.80 -0.47 29.30
C TYR H 94 19.60 0.07 30.06
N THR H 95 19.52 -0.29 31.35
CA THR H 95 18.40 0.10 32.18
C THR H 95 18.83 0.80 33.46
N GLY H 96 17.87 1.42 34.14
CA GLY H 96 18.13 2.10 35.39
C GLY H 96 19.17 3.20 35.30
N SER H 97 20.22 3.09 36.11
CA SER H 97 21.26 4.10 36.17
C SER H 97 22.18 4.09 34.94
N SER H 98 22.03 3.07 34.11
CA SER H 98 22.87 2.94 32.92
C SER H 98 22.32 3.73 31.73
N VAL H 99 21.10 4.25 31.86
CA VAL H 99 20.50 5.08 30.82
C VAL H 99 20.98 6.54 30.93
N THR H 100 22.15 6.79 30.35
CA THR H 100 22.82 8.09 30.40
C THR H 100 23.17 8.57 28.99
N ALA H 101 23.47 9.85 28.86
CA ALA H 101 23.89 10.39 27.57
C ALA H 101 25.20 9.75 27.10
N ALA H 102 26.09 9.47 28.03
CA ALA H 102 27.40 8.91 27.71
C ALA H 102 27.35 7.52 27.05
N ASN H 103 26.51 6.63 27.57
CA ASN H 103 26.36 5.31 26.99
C ASN H 103 25.68 5.41 25.62
N PHE H 104 24.73 6.34 25.52
CA PHE H 104 24.00 6.56 24.27
C PHE H 104 24.95 6.93 23.15
N TYR H 105 25.87 7.84 23.44
CA TYR H 105 26.87 8.24 22.47
C TYR H 105 27.80 7.07 22.16
N ALA H 106 28.20 6.35 23.19
CA ALA H 106 29.13 5.23 23.06
C ALA H 106 28.50 4.10 22.26
N VAL H 107 27.23 3.83 22.52
CA VAL H 107 26.49 2.82 21.79
C VAL H 107 26.42 3.16 20.30
N LEU H 108 26.11 4.42 20.01
CA LEU H 108 25.96 4.88 18.64
C LEU H 108 27.28 4.81 17.86
N LEU H 109 28.39 5.09 18.54
CA LEU H 109 29.71 5.04 17.93
C LEU H 109 30.21 3.61 17.79
N GLY H 110 29.60 2.70 18.55
CA GLY H 110 30.04 1.32 18.59
C GLY H 110 31.29 1.18 19.41
N ASP H 111 31.41 2.00 20.46
CA ASP H 111 32.57 1.97 21.33
C ASP H 111 32.21 1.27 22.64
N GLN H 112 32.35 -0.05 22.65
CA GLN H 112 32.01 -0.86 23.81
C GLN H 112 32.94 -0.57 24.98
N LYS H 113 34.15 -0.14 24.66
CA LYS H 113 35.15 0.17 25.66
C LYS H 113 34.72 1.40 26.46
N ALA H 114 34.07 2.33 25.77
CA ALA H 114 33.57 3.56 26.38
C ALA H 114 32.27 3.35 27.16
N VAL H 115 31.59 2.25 26.85
CA VAL H 115 30.34 1.91 27.52
C VAL H 115 30.58 1.52 28.96
N LYS H 116 29.76 2.04 29.86
CA LYS H 116 29.87 1.69 31.28
C LYS H 116 28.61 0.97 31.78
N GLY H 117 28.80 -0.28 32.20
CA GLY H 117 27.71 -1.11 32.67
C GLY H 117 26.86 -1.64 31.55
N GLY H 118 25.67 -2.14 31.89
CA GLY H 118 24.74 -2.66 30.90
C GLY H 118 25.18 -3.97 30.27
N SER H 119 24.52 -4.35 29.17
CA SER H 119 24.78 -5.61 28.47
C SER H 119 26.04 -5.53 27.63
N GLY H 120 26.45 -4.31 27.30
CA GLY H 120 27.63 -4.09 26.48
C GLY H 120 27.35 -4.13 24.99
N LYS H 121 26.07 -4.23 24.62
CA LYS H 121 25.70 -4.23 23.22
C LYS H 121 25.85 -2.83 22.62
N VAL H 122 26.54 -2.76 21.48
CA VAL H 122 26.75 -1.49 20.79
C VAL H 122 26.46 -1.62 19.30
N ILE H 123 26.50 -0.50 18.58
CA ILE H 123 26.32 -0.51 17.14
C ILE H 123 27.67 -0.67 16.44
N ALA H 124 28.16 -1.91 16.39
CA ALA H 124 29.41 -2.22 15.70
C ALA H 124 29.14 -2.41 14.22
N SER H 125 28.74 -1.34 13.56
CA SER H 125 28.29 -1.40 12.17
C SER H 125 29.43 -1.38 11.17
N LYS H 126 29.11 -1.67 9.92
CA LYS H 126 30.09 -1.75 8.84
C LYS H 126 29.64 -0.86 7.67
N PRO H 127 30.57 -0.47 6.77
CA PRO H 127 30.31 0.53 5.71
C PRO H 127 29.01 0.42 4.89
N ASN H 128 28.46 -0.77 4.77
CA ASN H 128 27.28 -1.09 3.96
C ASN H 128 25.98 -1.10 4.74
N ASP H 129 26.10 -0.80 6.02
CA ASP H 129 24.99 -1.00 6.90
C ASP H 129 24.04 0.18 6.96
N HIS H 130 22.82 -0.10 7.40
CA HIS H 130 21.84 0.94 7.62
C HIS H 130 21.54 1.01 9.11
N ILE H 131 21.34 2.23 9.60
CA ILE H 131 21.09 2.44 11.02
C ILE H 131 19.83 3.28 11.20
N PHE H 132 18.97 2.85 12.13
CA PHE H 132 17.75 3.57 12.44
C PHE H 132 17.74 3.99 13.91
N VAL H 133 17.68 5.29 14.16
CA VAL H 133 17.70 5.79 15.53
C VAL H 133 16.36 6.41 15.91
N TYR H 134 15.83 6.04 17.06
CA TYR H 134 14.56 6.58 17.53
C TYR H 134 14.62 6.97 19.00
N TYR H 135 14.44 8.27 19.26
CA TYR H 135 14.42 8.79 20.62
C TYR H 135 13.02 9.23 21.03
N ALA H 136 12.66 8.97 22.29
CA ALA H 136 11.35 9.40 22.78
C ALA H 136 11.32 9.84 24.24
C SNN H 137 10.38 13.21 25.87
CA SNN H 137 10.79 11.76 25.91
N SNN H 137 10.92 11.07 24.60
C4 SNN H 137 11.87 11.57 26.97
C5 SNN H 137 12.08 12.93 27.58
O SNN H 137 9.52 13.60 25.09
O5 SNN H 137 12.90 13.05 28.47
H2 SNN H 137 10.08 11.24 24.27
HA SNN H 137 10.03 11.29 26.30
H SNN H 137 11.44 11.72 24.17
H41 SNN H 137 12.69 11.26 26.55
H42 SNN H 137 11.57 10.94 27.64
N HIS H 138 11.20 13.61 26.84
CA HIS H 138 10.98 15.03 27.03
C HIS H 138 12.12 15.82 26.41
N GLY H 139 11.91 17.12 26.24
CA GLY H 139 12.93 17.97 25.65
C GLY H 139 12.71 19.44 25.88
N GLY H 140 13.69 20.22 25.40
CA GLY H 140 13.61 21.66 25.44
C GLY H 140 14.56 22.18 24.39
N PRO H 141 14.62 23.50 24.21
CA PRO H 141 15.50 24.11 23.21
C PRO H 141 16.96 23.66 23.37
N GLY H 142 17.43 22.89 22.41
CA GLY H 142 18.81 22.45 22.38
C GLY H 142 19.16 21.31 23.32
N VAL H 143 18.15 20.74 23.98
CA VAL H 143 18.41 19.70 24.97
C VAL H 143 17.38 18.56 24.93
N LEU H 144 17.88 17.33 25.08
CA LEU H 144 17.02 16.14 25.19
C LEU H 144 17.16 15.49 26.56
N GLY H 145 16.04 15.07 27.12
CA GLY H 145 16.03 14.53 28.46
C GLY H 145 16.68 13.17 28.59
N MET H 146 17.24 12.91 29.78
CA MET H 146 17.75 11.61 30.18
C MET H 146 17.31 11.35 31.62
N PRO H 147 17.00 10.08 31.93
CA PRO H 147 16.52 9.72 33.27
C PRO H 147 17.62 9.82 34.33
N ASN H 148 18.87 9.89 33.87
CA ASN H 148 20.01 10.16 34.75
C ASN H 148 20.81 11.37 34.22
N THR H 149 20.86 12.44 35.01
CA THR H 149 21.58 13.65 34.60
C THR H 149 23.08 13.35 34.38
N PRO H 150 23.74 14.10 33.48
CA PRO H 150 23.25 15.24 32.69
C PRO H 150 22.42 14.84 31.47
N HIS H 151 21.61 15.76 30.99
CA HIS H 151 20.78 15.55 29.82
C HIS H 151 21.63 15.59 28.55
N ILE H 152 21.01 15.29 27.42
CA ILE H 152 21.68 15.33 26.13
C ILE H 152 21.69 16.74 25.55
N TYR H 153 22.88 17.27 25.25
CA TYR H 153 22.97 18.57 24.59
C TYR H 153 23.20 18.39 23.08
N ALA H 154 22.51 19.20 22.29
CA ALA H 154 22.48 19.05 20.83
C ALA H 154 23.88 18.98 20.21
N ALA H 155 24.77 19.86 20.65
CA ALA H 155 26.11 19.92 20.07
C ALA H 155 26.87 18.61 20.24
N ASP H 156 26.71 17.98 21.41
CA ASP H 156 27.36 16.71 21.69
C ASP H 156 26.80 15.58 20.84
N PHE H 157 25.48 15.60 20.64
CA PHE H 157 24.80 14.60 19.82
C PHE H 157 25.25 14.72 18.37
N ILE H 158 25.26 15.95 17.85
CA ILE H 158 25.68 16.19 16.46
C ILE H 158 27.15 15.86 16.26
N GLU H 159 27.98 16.22 17.23
CA GLU H 159 29.40 15.92 17.12
C GLU H 159 29.62 14.42 17.09
N THR H 160 28.84 13.67 17.86
CA THR H 160 28.94 12.21 17.86
C THR H 160 28.63 11.64 16.47
N LEU H 161 27.64 12.21 15.81
CA LEU H 161 27.26 11.78 14.47
C LEU H 161 28.38 12.06 13.46
N LYS H 162 29.08 13.17 13.63
CA LYS H 162 30.18 13.54 12.75
C LYS H 162 31.35 12.55 12.85
N LYS H 163 31.69 12.15 14.07
CA LYS H 163 32.76 11.17 14.29
C LYS H 163 32.39 9.82 13.71
N LYS H 164 31.12 9.47 13.88
CA LYS H 164 30.61 8.21 13.37
C LYS H 164 30.74 8.18 11.85
N HIS H 165 30.40 9.29 11.22
CA HIS H 165 30.51 9.42 9.78
C HIS H 165 31.96 9.38 9.34
N ALA H 166 32.81 10.09 10.07
CA ALA H 166 34.23 10.18 9.73
C ALA H 166 34.87 8.79 9.79
N SER H 167 34.37 7.95 10.68
CA SER H 167 34.85 6.58 10.81
C SER H 167 34.42 5.71 9.62
N GLY H 168 33.34 6.11 8.96
CA GLY H 168 32.83 5.41 7.79
C GLY H 168 32.27 4.01 8.05
N THR H 169 31.63 3.82 9.21
CA THR H 169 31.05 2.53 9.59
C THR H 169 29.57 2.40 9.27
N TYR H 170 29.09 3.13 8.27
CA TYR H 170 27.71 2.95 7.85
C TYR H 170 27.48 3.56 6.48
N LYS H 171 26.45 3.07 5.81
CA LYS H 171 26.09 3.58 4.49
C LYS H 171 25.21 4.81 4.66
N GLU H 172 24.05 4.63 5.30
CA GLU H 172 23.14 5.74 5.56
C GLU H 172 22.41 5.55 6.89
N MET H 173 21.84 6.64 7.41
CA MET H 173 21.18 6.63 8.71
C MET H 173 19.91 7.47 8.73
N VAL H 174 18.89 6.99 9.44
CA VAL H 174 17.64 7.73 9.61
C VAL H 174 17.35 7.93 11.09
N ILE H 175 17.01 9.15 11.48
CA ILE H 175 16.76 9.48 12.88
C ILE H 175 15.37 10.07 13.08
N TYR H 176 14.58 9.45 13.95
CA TYR H 176 13.29 9.98 14.37
C TYR H 176 13.37 10.48 15.81
N VAL H 177 12.94 11.71 16.05
CA VAL H 177 13.07 12.27 17.40
C VAL H 177 11.75 12.78 17.99
N GLU H 178 11.31 12.14 19.07
CA GLU H 178 10.10 12.54 19.77
C GLU H 178 10.44 13.34 21.03
N ALA H 179 10.27 14.66 20.96
CA ALA H 179 10.52 15.54 22.09
C ALA H 179 9.94 16.92 21.83
N ALA H 180 9.75 17.70 22.90
CA ALA H 180 9.30 19.08 22.75
C ALA H 180 10.46 19.95 22.24
N GLU H 181 10.14 20.85 21.32
CA GLU H 181 11.14 21.69 20.66
C GLU H 181 12.27 20.86 20.03
N SER H 182 11.93 19.67 19.53
CA SER H 182 12.94 18.74 19.04
C SER H 182 13.68 19.27 17.82
N GLY H 183 13.07 20.21 17.10
CA GLY H 183 13.72 20.83 15.95
C GLY H 183 14.99 21.59 16.33
N SER H 184 15.06 22.05 17.57
CA SER H 184 16.21 22.81 18.04
C SER H 184 17.48 21.97 18.18
N ILE H 185 17.33 20.66 18.16
CA ILE H 185 18.46 19.75 18.30
C ILE H 185 19.30 19.73 17.03
N PHE H 186 18.69 20.12 15.91
CA PHE H 186 19.37 20.01 14.62
C PHE H 186 19.51 21.33 13.87
N GLU H 187 18.61 22.29 14.14
CA GLU H 187 18.61 23.55 13.42
C GLU H 187 19.89 24.34 13.63
N GLY H 188 20.55 24.67 12.51
CA GLY H 188 21.74 25.50 12.54
C GLY H 188 23.03 24.75 12.77
N ILE H 189 22.95 23.45 13.07
CA ILE H 189 24.15 22.68 13.37
C ILE H 189 24.24 21.34 12.65
N MET H 190 23.11 20.82 12.17
CA MET H 190 23.10 19.52 11.52
C MET H 190 23.50 19.61 10.06
N PRO H 191 24.65 19.01 9.69
CA PRO H 191 25.13 19.03 8.31
C PRO H 191 24.30 18.13 7.39
N LYS H 192 24.44 18.34 6.08
CA LYS H 192 23.69 17.57 5.11
C LYS H 192 24.59 16.61 4.31
N ASP H 193 25.82 16.45 4.78
CA ASP H 193 26.78 15.60 4.08
C ASP H 193 27.26 14.44 4.95
N LEU H 194 26.44 14.03 5.92
CA LEU H 194 26.80 12.93 6.81
C LEU H 194 26.06 11.64 6.45
N ASN H 195 25.36 11.67 5.31
CA ASN H 195 24.51 10.56 4.88
C ASN H 195 23.45 10.22 5.91
N ILE H 196 22.87 11.27 6.51
CA ILE H 196 21.86 11.11 7.54
C ILE H 196 20.62 11.93 7.24
N TYR H 197 19.44 11.34 7.41
CA TYR H 197 18.18 12.05 7.29
C TYR H 197 17.46 12.05 8.64
N VAL H 198 16.88 13.19 9.01
CA VAL H 198 16.29 13.34 10.33
C VAL H 198 14.87 13.91 10.27
N THR H 199 13.97 13.38 11.09
CA THR H 199 12.67 14.02 11.29
C THR H 199 12.43 14.23 12.78
N THR H 200 11.76 15.33 13.12
CA THR H 200 11.46 15.65 14.51
C THR H 200 9.97 15.92 14.69
N ALA H 201 9.48 15.72 15.91
CA ALA H 201 8.06 15.87 16.22
C ALA H 201 7.58 17.32 16.10
N SER H 202 8.47 18.27 16.42
CA SER H 202 8.10 19.68 16.41
C SER H 202 9.22 20.58 15.87
N ASN H 203 8.93 21.87 15.74
CA ASN H 203 9.97 22.81 15.35
C ASN H 203 10.77 23.23 16.58
N ALA H 204 11.60 24.26 16.43
CA ALA H 204 12.57 24.62 17.45
C ALA H 204 11.98 25.40 18.63
N GLN H 205 10.71 25.80 18.53
CA GLN H 205 10.13 26.68 19.55
C GLN H 205 8.77 26.24 20.10
N GLU H 206 8.14 25.24 19.50
CA GLU H 206 6.79 24.85 19.89
C GLU H 206 6.77 23.56 20.74
N SER H 207 5.62 23.29 21.36
CA SER H 207 5.45 22.11 22.20
C SER H 207 5.16 20.84 21.41
N SER H 208 5.45 19.69 22.01
CA SER H 208 5.00 18.41 21.45
C SER H 208 3.79 17.92 22.25
N TYR H 209 3.18 16.83 21.80
CA TYR H 209 1.93 16.38 22.37
C TYR H 209 1.88 14.88 22.70
N GLY H 210 1.31 14.55 23.85
CA GLY H 210 1.07 13.18 24.22
C GLY H 210 -0.37 12.84 23.90
N THR H 211 -0.67 11.55 23.74
CA THR H 211 -2.02 11.17 23.34
C THR H 211 -2.44 9.85 24.00
N TYR H 212 -3.67 9.42 23.71
CA TYR H 212 -4.27 8.25 24.36
C TYR H 212 -4.27 8.43 25.87
N CYS H 213 -4.89 9.51 26.33
CA CYS H 213 -4.87 9.90 27.72
C CYS H 213 -6.26 9.78 28.35
N PRO H 214 -6.33 9.62 29.68
CA PRO H 214 -7.62 9.60 30.38
C PRO H 214 -8.35 10.94 30.30
N GLY H 215 -9.67 10.90 30.28
CA GLY H 215 -10.49 12.10 30.27
C GLY H 215 -10.64 12.75 28.91
N MET H 216 -10.08 12.11 27.89
CA MET H 216 -10.14 12.59 26.50
C MET H 216 -10.56 11.50 25.53
N ASN H 217 -10.63 11.84 24.24
CA ASN H 217 -11.05 10.89 23.22
C ASN H 217 -10.03 10.71 22.08
N PRO H 218 -9.57 9.47 21.86
CA PRO H 218 -10.01 8.30 22.62
C PRO H 218 -9.24 8.13 23.93
N SER H 219 -9.80 7.38 24.85
CA SER H 219 -9.18 7.13 26.14
C SER H 219 -8.75 5.68 26.27
N PRO H 220 -7.69 5.42 27.07
CA PRO H 220 -7.33 4.04 27.41
C PRO H 220 -8.38 3.44 28.33
N PRO H 221 -8.34 2.13 28.58
CA PRO H 221 -9.25 1.52 29.56
C PRO H 221 -9.18 2.23 30.92
N SER H 222 -10.33 2.29 31.61
CA SER H 222 -10.46 3.10 32.82
C SER H 222 -9.42 2.83 33.91
N GLU H 223 -8.85 1.63 33.92
CA GLU H 223 -7.84 1.30 34.92
C GLU H 223 -6.54 2.04 34.65
N TYR H 224 -6.39 2.55 33.43
CA TYR H 224 -5.22 3.36 33.07
C TYR H 224 -5.49 4.85 33.28
N ILE H 225 -4.75 5.46 34.20
CA ILE H 225 -4.92 6.88 34.47
C ILE H 225 -3.68 7.68 34.06
N THR H 226 -2.93 7.13 33.12
CA THR H 226 -1.78 7.80 32.54
C THR H 226 -1.82 7.65 31.02
N CYS H 227 -1.17 8.56 30.30
CA CYS H 227 -1.18 8.51 28.83
C CYS H 227 -0.40 7.32 28.28
N LEU H 228 -0.90 6.72 27.21
CA LEU H 228 -0.31 5.52 26.64
C LEU H 228 0.77 5.79 25.60
N GLY H 229 0.66 6.91 24.90
CA GLY H 229 1.59 7.22 23.83
C GLY H 229 1.76 8.70 23.52
N ASP H 230 2.50 8.99 22.47
CA ASP H 230 2.69 10.35 22.00
C ASP H 230 2.29 10.48 20.53
N LEU H 231 1.77 11.65 20.16
CA LEU H 231 1.17 11.87 18.84
C LEU H 231 2.09 11.52 17.66
N TYR H 232 3.26 12.15 17.61
CA TYR H 232 4.21 11.91 16.52
C TYR H 232 4.66 10.46 16.48
N SER H 233 4.87 9.86 17.64
CA SER H 233 5.36 8.49 17.75
C SER H 233 4.38 7.46 17.22
N VAL H 234 3.13 7.54 17.69
CA VAL H 234 2.12 6.59 17.23
C VAL H 234 1.75 6.86 15.77
N ALA H 235 2.05 8.06 15.28
CA ALA H 235 1.77 8.39 13.90
C ALA H 235 2.63 7.55 12.97
N TRP H 236 3.94 7.50 13.23
CA TRP H 236 4.82 6.75 12.34
C TRP H 236 4.78 5.26 12.60
N MET H 237 4.52 4.88 13.85
CA MET H 237 4.50 3.46 14.21
C MET H 237 3.25 2.75 13.70
N GLU H 238 2.09 3.37 13.88
CA GLU H 238 0.84 2.81 13.36
C GLU H 238 0.85 2.80 11.85
N ASP H 239 1.55 3.75 11.26
CA ASP H 239 1.71 3.82 9.81
C ASP H 239 2.57 2.67 9.31
N SER H 240 3.69 2.43 9.98
CA SER H 240 4.61 1.38 9.56
C SER H 240 4.04 -0.02 9.70
N GLU H 241 3.25 -0.24 10.74
CA GLU H 241 2.71 -1.56 11.03
C GLU H 241 1.48 -1.90 10.18
N THR H 242 0.95 -0.93 9.45
CA THR H 242 -0.26 -1.14 8.67
C THR H 242 -0.05 -0.88 7.18
N HIS H 243 1.21 -0.87 6.75
CA HIS H 243 1.53 -0.63 5.35
C HIS H 243 2.65 -1.53 4.84
N ASN H 244 2.63 -1.80 3.54
CA ASN H 244 3.69 -2.55 2.88
C ASN H 244 4.98 -1.73 2.85
N LEU H 245 5.95 -2.14 3.64
CA LEU H 245 7.17 -1.35 3.78
C LEU H 245 8.13 -1.54 2.60
N LYS H 246 7.83 -2.51 1.75
CA LYS H 246 8.58 -2.68 0.50
C LYS H 246 8.11 -1.69 -0.56
N LYS H 247 6.93 -1.13 -0.37
CA LYS H 247 6.35 -0.18 -1.31
C LYS H 247 6.50 1.25 -0.82
N GLU H 248 6.24 1.46 0.46
CA GLU H 248 6.19 2.80 1.05
C GLU H 248 7.57 3.45 1.16
N THR H 249 7.65 4.70 0.74
CA THR H 249 8.87 5.48 0.82
C THR H 249 8.98 6.24 2.13
N ILE H 250 10.20 6.63 2.48
CA ILE H 250 10.43 7.51 3.61
C ILE H 250 9.70 8.83 3.36
N LYS H 251 9.71 9.26 2.10
CA LYS H 251 8.99 10.45 1.65
C LYS H 251 7.50 10.37 1.99
N GLN H 252 6.91 9.21 1.74
CA GLN H 252 5.49 9.00 2.00
C GLN H 252 5.18 9.00 3.49
N GLN H 253 6.05 8.39 4.29
CA GLN H 253 5.84 8.33 5.74
C GLN H 253 5.95 9.72 6.37
N TYR H 254 6.94 10.50 5.95
CA TYR H 254 7.08 11.86 6.45
C TYR H 254 5.81 12.67 6.16
N HIS H 255 5.27 12.53 4.95
CA HIS H 255 4.05 13.22 4.55
C HIS H 255 2.86 12.84 5.43
N THR H 256 2.69 11.54 5.69
CA THR H 256 1.58 11.06 6.52
C THR H 256 1.73 11.48 7.97
N VAL H 257 2.93 11.28 8.52
CA VAL H 257 3.20 11.64 9.91
C VAL H 257 3.02 13.14 10.13
N LYS H 258 3.53 13.94 9.20
CA LYS H 258 3.39 15.39 9.28
C LYS H 258 1.91 15.79 9.30
N MET H 259 1.10 15.13 8.49
CA MET H 259 -0.33 15.43 8.40
C MET H 259 -1.09 15.10 9.69
N ARG H 260 -0.86 13.91 10.24
CA ARG H 260 -1.51 13.51 11.48
C ARG H 260 -1.05 14.34 12.67
N THR H 261 0.26 14.57 12.75
CA THR H 261 0.84 15.28 13.89
C THR H 261 0.41 16.74 13.91
N SER H 262 0.08 17.29 12.74
CA SER H 262 -0.40 18.66 12.67
C SER H 262 -1.90 18.74 12.96
N ASN H 263 -2.48 17.62 13.36
CA ASN H 263 -3.93 17.48 13.44
C ASN H 263 -4.57 17.89 12.11
N TYR H 264 -4.01 17.37 11.02
CA TYR H 264 -4.50 17.61 9.67
C TYR H 264 -4.58 19.10 9.33
N ASN H 265 -3.43 19.76 9.46
CA ASN H 265 -3.20 21.16 9.07
C ASN H 265 -3.99 22.20 9.85
N THR H 266 -4.50 21.83 11.03
CA THR H 266 -5.15 22.82 11.88
C THR H 266 -4.17 23.38 12.91
N TYR H 267 -3.22 22.55 13.32
CA TYR H 267 -2.25 22.87 14.37
C TYR H 267 -2.94 23.25 15.68
N SER H 268 -4.17 22.78 15.85
CA SER H 268 -4.87 22.88 17.12
C SER H 268 -4.74 21.53 17.81
N GLY H 269 -3.87 21.46 18.80
CA GLY H 269 -3.51 20.18 19.39
C GLY H 269 -2.63 19.42 18.41
N GLY H 270 -1.68 20.14 17.80
CA GLY H 270 -0.78 19.55 16.83
C GLY H 270 0.46 20.39 16.62
N SER H 271 1.53 19.76 16.12
CA SER H 271 2.81 20.45 15.96
C SER H 271 3.34 20.34 14.53
N HIS H 272 4.41 21.08 14.26
CA HIS H 272 5.03 21.08 12.94
C HIS H 272 6.17 20.05 12.88
N VAL H 273 5.95 18.95 12.18
CA VAL H 273 7.02 17.95 11.99
C VAL H 273 8.07 18.50 11.02
N MET H 274 9.31 18.53 11.47
CA MET H 274 10.40 19.10 10.67
C MET H 274 11.33 18.04 10.13
N GLU H 275 12.15 18.40 9.15
CA GLU H 275 13.12 17.47 8.58
C GLU H 275 14.50 18.14 8.43
N TYR H 276 15.54 17.33 8.59
CA TYR H 276 16.92 17.83 8.52
C TYR H 276 17.84 16.80 7.88
N GLY H 277 19.03 17.24 7.47
CA GLY H 277 20.00 16.36 6.85
C GLY H 277 19.83 16.25 5.34
N ASN H 278 20.13 15.06 4.81
CA ASN H 278 20.07 14.80 3.37
C ASN H 278 18.68 14.35 2.92
N ASN H 279 17.99 15.19 2.17
CA ASN H 279 16.63 14.90 1.72
C ASN H 279 16.55 13.86 0.61
N SER H 280 17.69 13.55 0.00
CA SER H 280 17.72 12.57 -1.08
C SER H 280 17.43 11.16 -0.58
N ILE H 281 17.61 10.95 0.72
CA ILE H 281 17.37 9.66 1.34
C ILE H 281 15.87 9.33 1.35
N LYS H 282 15.04 10.37 1.32
CA LYS H 282 13.58 10.22 1.39
C LYS H 282 12.98 9.35 0.29
N SER H 283 13.67 9.25 -0.84
CA SER H 283 13.15 8.49 -1.98
C SER H 283 13.28 6.98 -1.75
N GLU H 284 14.06 6.58 -0.75
CA GLU H 284 14.30 5.17 -0.48
C GLU H 284 13.11 4.49 0.21
N LYS H 285 13.02 3.18 0.07
CA LYS H 285 11.95 2.41 0.70
C LYS H 285 12.23 2.19 2.18
N LEU H 286 11.17 2.15 2.98
CA LEU H 286 11.28 2.08 4.43
C LEU H 286 11.87 0.77 4.96
N TYR H 287 11.72 -0.30 4.19
CA TYR H 287 12.14 -1.61 4.65
C TYR H 287 13.66 -1.70 4.79
N LEU H 288 14.37 -0.77 4.13
CA LEU H 288 15.82 -0.73 4.22
C LEU H 288 16.28 -0.33 5.62
N TYR H 289 15.36 0.23 6.39
CA TYR H 289 15.65 0.69 7.74
C TYR H 289 14.77 0.01 8.78
N GLN H 290 13.49 -0.18 8.44
CA GLN H 290 12.52 -0.70 9.40
C GLN H 290 12.12 -2.16 9.16
N GLY H 291 12.64 -2.75 8.09
CA GLY H 291 12.32 -4.13 7.77
C GLY H 291 11.01 -4.27 7.02
N PHE H 292 10.62 -5.51 6.75
CA PHE H 292 9.43 -5.81 5.94
C PHE H 292 8.60 -6.95 6.51
N ASP H 293 7.30 -6.70 6.72
CA ASP H 293 6.41 -7.73 7.24
C ASP H 293 5.40 -8.18 6.17
N PRO H 294 5.50 -9.44 5.73
CA PRO H 294 4.61 -9.99 4.70
C PRO H 294 3.13 -9.99 5.09
N ALA H 295 2.85 -9.97 6.38
CA ALA H 295 1.46 -10.01 6.85
C ALA H 295 0.67 -8.76 6.47
N THR H 296 1.37 -7.64 6.27
CA THR H 296 0.71 -6.38 5.94
C THR H 296 0.38 -6.31 4.45
N VAL H 297 1.01 -7.19 3.68
CA VAL H 297 0.78 -7.26 2.24
C VAL H 297 -0.55 -7.94 1.93
N ASN H 298 -0.91 -8.92 2.74
CA ASN H 298 -2.11 -9.70 2.46
C ASN H 298 -3.32 -9.24 3.27
N LEU H 299 -3.47 -7.93 3.44
CA LEU H 299 -4.68 -7.41 4.08
C LEU H 299 -5.89 -7.46 3.12
N PRO H 300 -7.05 -7.88 3.63
CA PRO H 300 -8.35 -7.86 2.95
C PRO H 300 -8.88 -6.43 2.80
N LEU H 301 -9.87 -6.23 1.91
CA LEU H 301 -10.43 -4.91 1.66
C LEU H 301 -10.95 -4.22 2.91
N ASN H 302 -11.68 -4.97 3.74
CA ASN H 302 -12.35 -4.39 4.89
C ASN H 302 -11.46 -4.18 6.11
N GLU H 303 -10.16 -4.40 5.94
CA GLU H 303 -9.22 -4.22 7.04
C GLU H 303 -8.17 -3.16 6.73
N LEU H 304 -8.38 -2.41 5.65
CA LEU H 304 -7.49 -1.30 5.32
C LEU H 304 -7.53 -0.25 6.42
N PRO H 305 -6.37 0.32 6.75
CA PRO H 305 -6.29 1.30 7.85
C PRO H 305 -7.06 2.58 7.54
N VAL H 306 -7.91 2.99 8.47
CA VAL H 306 -8.64 4.25 8.36
C VAL H 306 -8.39 5.05 9.63
N LYS H 307 -7.72 6.19 9.49
CA LYS H 307 -7.31 6.98 10.65
C LYS H 307 -8.16 8.23 10.82
N SER H 308 -8.41 8.61 12.07
CA SER H 308 -9.15 9.84 12.35
C SER H 308 -8.49 10.66 13.46
N LYS H 309 -9.07 11.80 13.78
CA LYS H 309 -8.48 12.71 14.75
C LYS H 309 -8.56 12.18 16.19
N ILE H 310 -7.53 12.49 16.98
CA ILE H 310 -7.42 12.03 18.36
C ILE H 310 -7.12 13.18 19.32
N GLY H 311 -7.65 13.09 20.53
CA GLY H 311 -7.39 14.10 21.54
C GLY H 311 -5.96 14.03 22.05
N VAL H 312 -5.41 15.18 22.41
CA VAL H 312 -4.02 15.24 22.87
C VAL H 312 -3.84 16.10 24.10
N VAL H 313 -2.68 15.97 24.73
CA VAL H 313 -2.30 16.80 25.87
C VAL H 313 -0.89 17.34 25.63
N ASN H 314 -0.64 18.56 26.07
CA ASN H 314 0.71 19.13 26.00
C ASN H 314 1.70 18.24 26.72
N GLN H 315 2.84 17.98 26.08
CA GLN H 315 3.87 17.07 26.60
C GLN H 315 4.28 17.44 28.02
N ARG H 316 4.26 18.74 28.33
CA ARG H 316 4.66 19.24 29.64
C ARG H 316 3.59 19.07 30.71
N ASP H 317 2.36 18.85 30.29
CA ASP H 317 1.25 18.79 31.22
C ASP H 317 0.73 17.38 31.44
N ALA H 318 1.27 16.41 30.70
CA ALA H 318 0.84 15.03 30.82
C ALA H 318 1.07 14.50 32.23
N ASP H 319 2.12 15.01 32.87
CA ASP H 319 2.44 14.63 34.24
C ASP H 319 1.33 15.04 35.21
N LEU H 320 0.85 16.27 35.06
CA LEU H 320 -0.20 16.80 35.91
C LEU H 320 -1.53 16.09 35.65
N LEU H 321 -1.73 15.68 34.41
CA LEU H 321 -2.95 14.97 34.03
C LEU H 321 -3.02 13.63 34.75
N PHE H 322 -1.88 12.97 34.85
CA PHE H 322 -1.78 11.71 35.57
C PHE H 322 -2.10 11.88 37.05
N LEU H 323 -1.51 12.90 37.67
CA LEU H 323 -1.70 13.13 39.10
C LEU H 323 -3.15 13.51 39.43
N TRP H 324 -3.79 14.26 38.55
CA TRP H 324 -5.16 14.70 38.79
C TRP H 324 -6.17 13.57 38.68
N HIS H 325 -5.98 12.70 37.70
CA HIS H 325 -6.90 11.59 37.49
C HIS H 325 -6.74 10.52 38.57
N MET H 326 -5.51 10.38 39.06
CA MET H 326 -5.25 9.45 40.16
C MET H 326 -5.90 9.97 41.45
N TYR H 327 -5.97 11.29 41.57
CA TYR H 327 -6.62 11.92 42.71
C TYR H 327 -8.14 11.72 42.67
N ARG H 328 -8.72 11.90 41.48
CA ARG H 328 -10.15 11.74 41.27
C ARG H 328 -10.63 10.30 41.45
N THR H 329 -9.82 9.36 40.96
CA THR H 329 -10.19 7.95 40.96
C THR H 329 -10.00 7.32 42.35
N SER H 330 -9.43 8.09 43.27
CA SER H 330 -9.29 7.61 44.63
C SER H 330 -10.64 7.70 45.34
N GLU H 331 -10.85 6.84 46.33
CA GLU H 331 -12.14 6.80 47.03
C GLU H 331 -12.17 7.99 47.97
N ASP H 332 -13.35 8.55 48.22
CA ASP H 332 -13.43 9.72 49.08
C ASP H 332 -12.83 9.31 50.42
N GLY H 333 -12.04 10.17 51.04
CA GLY H 333 -11.50 9.78 52.32
C GLY H 333 -10.41 8.74 52.20
N SER H 334 -9.98 8.46 50.98
CA SER H 334 -8.92 7.45 50.80
C SER H 334 -7.61 8.04 51.39
N ARG H 335 -6.80 7.20 52.04
CA ARG H 335 -5.50 7.66 52.53
C ARG H 335 -4.63 8.07 51.34
N LYS H 336 -4.63 7.26 50.27
CA LYS H 336 -3.87 7.62 49.04
C LYS H 336 -4.39 8.97 48.46
N LYS H 337 -5.69 9.24 48.62
CA LYS H 337 -6.27 10.47 48.09
C LYS H 337 -5.50 11.67 48.62
N ASP H 338 -5.20 11.62 49.91
CA ASP H 338 -4.54 12.70 50.62
C ASP H 338 -3.09 12.83 50.14
N ASP H 339 -2.46 11.69 49.90
CA ASP H 339 -1.09 11.66 49.38
C ASP H 339 -1.01 12.13 47.93
N THR H 340 -1.97 11.72 47.11
CA THR H 340 -1.98 12.13 45.71
C THR H 340 -2.35 13.61 45.55
N LEU H 341 -3.25 14.10 46.40
CA LEU H 341 -3.64 15.51 46.39
C LEU H 341 -2.46 16.36 46.74
N LYS H 342 -1.69 15.84 47.67
CA LYS H 342 -0.50 16.49 48.11
C LYS H 342 0.58 16.45 47.05
N GLU H 343 0.63 15.36 46.31
CA GLU H 343 1.58 15.22 45.23
C GLU H 343 1.25 16.18 44.08
N LEU H 344 -0.04 16.45 43.90
CA LEU H 344 -0.48 17.39 42.87
C LEU H 344 -0.11 18.83 43.23
N THR H 345 -0.40 19.22 44.47
CA THR H 345 -0.14 20.58 44.90
C THR H 345 1.35 20.91 44.97
N GLU H 346 2.16 19.99 45.48
CA GLU H 346 3.59 20.26 45.62
C GLU H 346 4.30 20.25 44.26
N THR H 347 3.83 19.40 43.33
CA THR H 347 4.40 19.40 41.99
C THR H 347 4.09 20.72 41.27
N THR H 348 2.85 21.19 41.39
CA THR H 348 2.43 22.42 40.74
C THR H 348 3.23 23.63 41.24
N ARG H 349 3.38 23.74 42.55
CA ARG H 349 4.08 24.87 43.14
C ARG H 349 5.58 24.82 42.89
N HIS H 350 6.13 23.61 42.79
CA HIS H 350 7.56 23.45 42.51
C HIS H 350 7.92 23.89 41.09
N ARG H 351 7.07 23.55 40.13
CA ARG H 351 7.29 23.98 38.76
C ARG H 351 7.23 25.50 38.67
N LYS H 352 6.24 26.06 39.34
CA LYS H 352 6.04 27.50 39.34
C LYS H 352 7.16 28.23 40.08
N HIS H 353 7.70 27.61 41.13
CA HIS H 353 8.84 28.17 41.84
C HIS H 353 10.02 28.24 40.87
N LEU H 354 10.13 27.22 40.03
CA LEU H 354 11.19 27.14 39.04
C LEU H 354 10.99 28.18 37.95
N ASP H 355 9.72 28.38 37.56
CA ASP H 355 9.39 29.41 36.58
C ASP H 355 9.78 30.78 37.12
N ALA H 356 9.49 31.01 38.40
CA ALA H 356 9.78 32.29 39.04
C ALA H 356 11.28 32.55 39.09
N SER H 357 12.07 31.52 39.34
CA SER H 357 13.53 31.68 39.43
C SER H 357 14.12 32.12 38.09
N VAL H 358 13.67 31.48 37.01
CA VAL H 358 14.17 31.81 35.69
C VAL H 358 13.74 33.22 35.27
N GLU H 359 12.48 33.55 35.50
CA GLU H 359 11.93 34.85 35.16
C GLU H 359 12.63 35.95 35.95
N LEU H 360 12.94 35.67 37.22
CA LEU H 360 13.58 36.63 38.09
C LEU H 360 15.01 36.93 37.66
N ILE H 361 15.74 35.89 37.27
CA ILE H 361 17.11 36.05 36.77
C ILE H 361 17.13 36.91 35.51
N ALA H 362 16.19 36.65 34.60
CA ALA H 362 16.10 37.41 33.36
C ALA H 362 15.73 38.87 33.65
N THR H 363 14.82 39.07 34.60
CA THR H 363 14.38 40.42 34.97
C THR H 363 15.52 41.23 35.59
N ILE H 364 16.29 40.59 36.47
CA ILE H 364 17.42 41.24 37.12
C ILE H 364 18.43 41.69 36.06
N LEU H 365 18.65 40.85 35.06
CA LEU H 365 19.62 41.15 34.00
C LEU H 365 19.14 42.24 33.03
N PHE H 366 17.94 42.10 32.49
CA PHE H 366 17.51 42.97 31.41
C PHE H 366 16.12 43.59 31.59
N GLY H 367 15.55 43.48 32.78
CA GLY H 367 14.31 44.17 33.06
C GLY H 367 13.06 43.35 32.80
N PRO H 368 11.91 43.83 33.28
CA PRO H 368 10.61 43.16 33.20
C PRO H 368 9.81 43.46 31.94
N THR H 369 10.34 44.32 31.08
CA THR H 369 9.63 44.72 29.87
C THR H 369 10.47 44.55 28.62
N MET H 370 9.87 43.98 27.58
CA MET H 370 10.54 43.73 26.31
C MET H 370 11.90 43.08 26.53
N ASN H 371 11.95 42.06 27.37
CA ASN H 371 13.20 41.44 27.74
C ASN H 371 13.89 40.75 26.55
N VAL H 372 15.14 41.11 26.33
CA VAL H 372 15.89 40.63 25.17
C VAL H 372 16.13 39.11 25.21
N LEU H 373 16.12 38.53 26.41
CA LEU H 373 16.39 37.10 26.55
C LEU H 373 15.23 36.24 26.07
N ASN H 374 14.06 36.85 25.91
CA ASN H 374 12.87 36.13 25.47
C ASN H 374 12.71 36.11 23.95
N LEU H 375 13.63 36.77 23.24
CA LEU H 375 13.57 36.84 21.79
C LEU H 375 13.94 35.51 21.16
N VAL H 376 13.11 35.04 20.23
CA VAL H 376 13.35 33.77 19.56
C VAL H 376 14.08 34.00 18.24
N ARG H 377 15.13 33.24 18.00
CA ARG H 377 15.89 33.35 16.76
C ARG H 377 15.09 32.83 15.56
N GLU H 378 15.41 33.35 14.38
CA GLU H 378 14.76 32.92 13.15
C GLU H 378 15.06 31.45 12.87
N PRO H 379 14.11 30.75 12.22
CA PRO H 379 14.32 29.36 11.83
C PRO H 379 15.58 29.19 10.99
N GLY H 380 16.36 28.15 11.26
CA GLY H 380 17.59 27.91 10.52
C GLY H 380 18.83 28.28 11.30
N LEU H 381 18.67 29.16 12.28
CA LEU H 381 19.78 29.56 13.13
C LEU H 381 19.97 28.58 14.27
N PRO H 382 21.23 28.40 14.71
CA PRO H 382 21.47 27.59 15.91
C PRO H 382 20.94 28.29 17.15
N LEU H 383 20.48 27.53 18.14
CA LEU H 383 19.94 28.10 19.38
C LEU H 383 20.99 28.97 20.08
N VAL H 384 22.22 28.47 20.13
CA VAL H 384 23.29 29.19 20.80
C VAL H 384 24.57 29.10 19.97
N ASP H 385 25.43 30.11 20.10
CA ASP H 385 26.68 30.15 19.34
C ASP H 385 27.81 29.47 20.10
N ASP H 386 27.77 29.56 21.43
CA ASP H 386 28.75 28.90 22.29
C ASP H 386 28.06 27.84 23.15
N TRP H 387 28.18 26.58 22.75
CA TRP H 387 27.47 25.49 23.42
C TRP H 387 28.09 25.14 24.77
N GLU H 388 29.40 25.33 24.88
CA GLU H 388 30.08 25.11 26.16
C GLU H 388 29.67 26.17 27.17
N CYS H 389 29.40 27.37 26.70
CA CYS H 389 28.91 28.44 27.56
C CYS H 389 27.51 28.09 28.09
N LEU H 390 26.69 27.51 27.22
CA LEU H 390 25.33 27.12 27.58
C LEU H 390 25.31 26.12 28.75
N LYS H 391 26.17 25.11 28.68
CA LYS H 391 26.29 24.13 29.77
C LYS H 391 26.72 24.81 31.05
N SER H 392 27.68 25.72 30.94
CA SER H 392 28.23 26.41 32.10
C SER H 392 27.16 27.24 32.81
N MET H 393 26.35 27.96 32.04
CA MET H 393 25.32 28.81 32.61
C MET H 393 24.23 28.00 33.32
N VAL H 394 23.94 26.81 32.81
CA VAL H 394 22.98 25.92 33.45
C VAL H 394 23.50 25.47 34.80
N ARG H 395 24.77 25.08 34.85
CA ARG H 395 25.41 24.65 36.09
C ARG H 395 25.39 25.75 37.14
N VAL H 396 25.60 26.99 36.70
CA VAL H 396 25.55 28.14 37.59
C VAL H 396 24.17 28.26 38.22
N PHE H 397 23.15 28.13 37.38
CA PHE H 397 21.75 28.21 37.82
C PHE H 397 21.45 27.14 38.86
N GLU H 398 21.84 25.90 38.57
CA GLU H 398 21.52 24.79 39.44
C GLU H 398 22.27 24.86 40.76
N GLU H 399 23.44 25.48 40.74
CA GLU H 399 24.23 25.61 41.96
C GLU H 399 23.51 26.48 42.99
N HIS H 400 22.77 27.48 42.50
CA HIS H 400 22.08 28.42 43.39
C HIS H 400 20.59 28.16 43.50
N CYS H 401 19.97 27.73 42.40
CA CYS H 401 18.52 27.61 42.34
C CYS H 401 18.04 26.16 42.38
N GLY H 402 18.97 25.22 42.37
CA GLY H 402 18.64 23.80 42.41
C GLY H 402 18.51 23.20 41.02
N SER H 403 18.32 21.88 40.97
CA SER H 403 18.25 21.16 39.70
C SER H 403 17.15 21.69 38.79
N LEU H 404 17.46 21.79 37.51
CA LEU H 404 16.55 22.38 36.54
C LEU H 404 15.37 21.46 36.26
N THR H 405 15.58 20.14 36.41
CA THR H 405 14.59 19.09 36.13
C THR H 405 14.19 19.04 34.66
N GLN H 406 13.48 17.98 34.29
CA GLN H 406 13.07 17.82 32.89
C GLN H 406 12.02 18.84 32.51
N TYR H 407 11.18 19.23 33.48
CA TYR H 407 10.20 20.29 33.25
C TYR H 407 10.93 21.60 32.93
N GLY H 408 12.02 21.84 33.64
CA GLY H 408 12.77 23.08 33.48
C GLY H 408 13.54 23.20 32.18
N MET H 409 13.55 22.12 31.39
CA MET H 409 14.19 22.17 30.08
C MET H 409 13.45 23.14 29.15
N LYS H 410 12.23 23.49 29.51
CA LYS H 410 11.45 24.44 28.75
C LYS H 410 12.07 25.84 28.78
N HIS H 411 12.91 26.11 29.79
CA HIS H 411 13.49 27.43 29.97
C HIS H 411 14.89 27.58 29.36
N MET H 412 15.29 26.62 28.53
CA MET H 412 16.66 26.55 28.06
C MET H 412 17.04 27.70 27.10
N ARG H 413 16.06 28.31 26.45
CA ARG H 413 16.32 29.44 25.56
C ARG H 413 16.81 30.65 26.35
N ALA H 414 16.32 30.79 27.57
CA ALA H 414 16.74 31.86 28.47
C ALA H 414 18.24 31.80 28.74
N PHE H 415 18.75 30.60 29.00
CA PHE H 415 20.17 30.41 29.26
C PHE H 415 20.99 30.57 27.97
N ALA H 416 20.41 30.16 26.85
CA ALA H 416 21.08 30.28 25.56
C ALA H 416 21.28 31.74 25.18
N ASN H 417 20.27 32.57 25.42
CA ASN H 417 20.36 33.97 25.07
C ASN H 417 21.25 34.74 26.04
N VAL H 418 21.47 34.19 27.22
CA VAL H 418 22.45 34.76 28.15
C VAL H 418 23.83 34.70 27.51
N CYS H 419 24.13 33.55 26.89
CA CYS H 419 25.40 33.37 26.20
C CYS H 419 25.49 34.20 24.92
N ASN H 420 24.40 34.22 24.16
CA ASN H 420 24.36 34.97 22.90
C ASN H 420 24.51 36.47 23.12
N ASN H 421 24.02 36.95 24.26
CA ASN H 421 24.13 38.36 24.61
C ASN H 421 25.43 38.69 25.34
N GLY H 422 26.34 37.73 25.40
CA GLY H 422 27.67 37.94 25.94
C GLY H 422 27.75 38.21 27.43
N VAL H 423 26.77 37.71 28.19
CA VAL H 423 26.78 37.87 29.63
C VAL H 423 27.86 36.98 30.28
N SER H 424 28.71 37.58 31.10
CA SER H 424 29.80 36.85 31.73
C SER H 424 29.28 35.87 32.78
N LYS H 425 30.11 34.90 33.13
CA LYS H 425 29.75 33.92 34.15
C LYS H 425 29.56 34.60 35.49
N GLU H 426 30.37 35.63 35.75
CA GLU H 426 30.32 36.37 37.01
C GLU H 426 28.98 37.09 37.18
N LEU H 427 28.47 37.65 36.09
CA LEU H 427 27.18 38.33 36.12
C LEU H 427 26.02 37.34 36.30
N MET H 428 26.13 36.18 35.66
CA MET H 428 25.13 35.12 35.81
C MET H 428 25.12 34.63 37.25
N GLU H 429 26.32 34.51 37.81
CA GLU H 429 26.49 34.08 39.19
C GLU H 429 25.84 35.05 40.16
N GLU H 430 26.05 36.34 39.91
CA GLU H 430 25.52 37.41 40.74
C GLU H 430 23.99 37.48 40.68
N ALA H 431 23.44 37.35 39.48
CA ALA H 431 21.99 37.42 39.31
C ALA H 431 21.30 36.20 39.90
N SER H 432 21.90 35.01 39.71
CA SER H 432 21.34 33.77 40.23
C SER H 432 21.35 33.76 41.77
N THR H 433 22.41 34.31 42.35
CA THR H 433 22.53 34.40 43.80
C THR H 433 21.46 35.33 44.37
N ALA H 434 21.24 36.45 43.71
CA ALA H 434 20.23 37.42 44.14
C ALA H 434 18.81 36.85 44.03
N ALA H 435 18.60 36.02 43.01
CA ALA H 435 17.28 35.49 42.71
C ALA H 435 16.90 34.32 43.61
N CYS H 436 17.87 33.48 43.96
CA CYS H 436 17.56 32.24 44.66
C CYS H 436 18.19 32.13 46.05
N GLY H 437 19.18 32.97 46.33
CA GLY H 437 19.83 32.97 47.63
C GLY H 437 18.84 33.27 48.74
N GLY H 438 18.80 32.43 49.76
CA GLY H 438 17.87 32.62 50.86
C GLY H 438 16.42 32.41 50.45
N VAL I 17 -27.92 76.95 31.04
CA VAL I 17 -28.88 76.82 32.12
C VAL I 17 -28.50 75.63 33.04
N GLY I 18 -27.28 75.60 33.61
CA GLY I 18 -26.84 74.52 34.53
C GLY I 18 -25.52 74.70 35.36
N THR I 19 -25.19 73.80 36.33
CA THR I 19 -23.93 73.79 37.14
C THR I 19 -23.13 72.53 36.75
N ARG I 20 -21.82 72.67 36.57
CA ARG I 20 -21.00 71.55 36.16
C ARG I 20 -20.26 70.93 37.33
N TRP I 21 -20.58 69.66 37.63
CA TRP I 21 -19.95 68.94 38.73
C TRP I 21 -18.91 67.96 38.19
N ALA I 22 -18.07 67.44 39.08
CA ALA I 22 -17.05 66.47 38.68
C ALA I 22 -16.60 65.60 39.85
N VAL I 23 -16.37 64.32 39.57
CA VAL I 23 -15.80 63.39 40.55
C VAL I 23 -14.52 62.78 40.00
N LEU I 24 -13.41 62.96 40.73
CA LEU I 24 -12.12 62.44 40.30
C LEU I 24 -11.62 61.42 41.32
N VAL I 25 -11.37 60.19 40.87
CA VAL I 25 -11.00 59.10 41.79
C VAL I 25 -9.75 58.35 41.38
N ALA I 26 -8.77 58.28 42.29
CA ALA I 26 -7.62 57.40 42.11
C ALA I 26 -7.79 56.15 42.96
N GLY I 27 -7.64 54.98 42.35
CA GLY I 27 -7.95 53.73 43.04
C GLY I 27 -6.77 52.95 43.60
N SER I 28 -5.60 53.58 43.65
CA SER I 28 -4.40 52.89 44.13
C SER I 28 -3.56 53.75 45.08
N SER I 29 -2.49 53.15 45.61
CA SER I 29 -1.54 53.85 46.46
C SER I 29 -0.15 53.26 46.28
N GLY I 30 0.84 53.86 46.93
CA GLY I 30 2.21 53.42 46.80
C GLY I 30 2.94 54.18 45.71
N TYR I 31 4.26 54.35 45.88
CA TYR I 31 5.05 55.15 44.96
C TYR I 31 5.13 54.52 43.57
N GLY I 32 5.00 53.20 43.52
CA GLY I 32 4.98 52.49 42.25
C GLY I 32 3.76 52.84 41.43
N ASN I 33 2.71 53.31 42.11
CA ASN I 33 1.49 53.72 41.43
C ASN I 33 1.36 55.24 41.38
N TYR I 34 2.52 55.90 41.35
CA TYR I 34 2.62 57.37 41.21
C TYR I 34 1.65 57.91 40.17
N ARG I 35 1.63 57.26 39.00
CA ARG I 35 0.92 57.75 37.84
C ARG I 35 -0.58 58.00 38.05
N HIS I 36 -1.24 57.15 38.83
CA HIS I 36 -2.68 57.20 38.96
C HIS I 36 -3.15 58.46 39.69
N GLN I 37 -2.41 58.86 40.71
CA GLN I 37 -2.75 60.07 41.45
C GLN I 37 -2.26 61.31 40.72
N ALA I 38 -1.20 61.16 39.92
CA ALA I 38 -0.75 62.24 39.06
C ALA I 38 -1.77 62.50 37.96
N ASP I 39 -2.40 61.43 37.47
CA ASP I 39 -3.46 61.54 36.49
C ASP I 39 -4.62 62.38 37.00
N VAL I 40 -5.09 62.04 38.19
CA VAL I 40 -6.24 62.68 38.82
C VAL I 40 -5.96 64.15 39.12
N CYS I 41 -4.76 64.43 39.62
CA CYS I 41 -4.38 65.80 39.94
C CYS I 41 -4.30 66.64 38.65
N HIS I 42 -3.77 66.04 37.59
CA HIS I 42 -3.68 66.72 36.30
C HIS I 42 -5.08 67.01 35.76
N ALA I 43 -5.99 66.06 35.96
CA ALA I 43 -7.38 66.23 35.52
C ALA I 43 -8.06 67.37 36.26
N TYR I 44 -7.74 67.54 37.54
CA TYR I 44 -8.32 68.61 38.34
C TYR I 44 -7.89 69.99 37.84
N GLN I 45 -6.61 70.13 37.53
CA GLN I 45 -6.08 71.40 37.07
C GLN I 45 -6.74 71.83 35.76
N ILE I 46 -7.01 70.85 34.90
CA ILE I 46 -7.68 71.09 33.63
C ILE I 46 -9.09 71.63 33.87
N LEU I 47 -9.80 71.04 34.82
CA LEU I 47 -11.16 71.47 35.13
C LEU I 47 -11.21 72.88 35.75
N ARG I 48 -10.25 73.19 36.61
CA ARG I 48 -10.18 74.52 37.23
C ARG I 48 -9.83 75.61 36.22
N LYS I 49 -8.84 75.33 35.39
CA LYS I 49 -8.47 76.24 34.31
C LYS I 49 -9.63 76.41 33.33
N GLY I 50 -10.49 75.39 33.28
CA GLY I 50 -11.65 75.42 32.42
C GLY I 50 -12.78 76.24 33.00
N GLY I 51 -12.66 76.62 34.27
CA GLY I 51 -13.64 77.49 34.90
C GLY I 51 -14.60 76.81 35.86
N LEU I 52 -14.43 75.50 36.05
CA LEU I 52 -15.23 74.78 37.03
C LEU I 52 -14.82 75.17 38.45
N LYS I 53 -15.80 75.21 39.36
CA LYS I 53 -15.54 75.63 40.73
C LYS I 53 -15.12 74.47 41.62
N GLU I 54 -14.23 74.77 42.57
CA GLU I 54 -13.67 73.77 43.48
C GLU I 54 -14.74 73.09 44.33
N GLU I 55 -15.78 73.86 44.70
CA GLU I 55 -16.86 73.34 45.53
C GLU I 55 -17.68 72.27 44.82
N ASN I 56 -17.58 72.24 43.50
CA ASN I 56 -18.36 71.31 42.68
C ASN I 56 -17.53 70.14 42.18
N ILE I 57 -16.26 70.12 42.56
CA ILE I 57 -15.36 69.04 42.18
C ILE I 57 -14.89 68.25 43.40
N VAL I 58 -15.26 66.96 43.45
CA VAL I 58 -14.87 66.07 44.54
C VAL I 58 -13.67 65.21 44.13
N VAL I 59 -12.62 65.21 44.95
CA VAL I 59 -11.41 64.45 44.65
C VAL I 59 -11.16 63.35 45.69
N LEU I 60 -11.09 62.11 45.23
CA LEU I 60 -10.78 60.98 46.10
C LEU I 60 -9.42 60.39 45.72
N MET I 61 -8.41 60.64 46.56
CA MET I 61 -7.07 60.13 46.30
C MET I 61 -6.34 59.84 47.61
N TYR I 62 -5.54 58.78 47.63
CA TYR I 62 -4.89 58.34 48.86
C TYR I 62 -3.93 59.37 49.44
N ASP I 63 -3.33 60.18 48.56
CA ASP I 63 -2.48 61.31 48.97
C ASP I 63 -1.23 60.88 49.74
N ASP I 64 -0.50 59.91 49.18
CA ASP I 64 0.71 59.41 49.82
C ASP I 64 1.92 59.59 48.92
N ILE I 65 1.74 60.37 47.84
CA ILE I 65 2.77 60.47 46.82
C ILE I 65 3.55 61.78 46.84
N ALA I 66 2.84 62.89 47.04
CA ALA I 66 3.47 64.22 46.98
C ALA I 66 4.61 64.37 47.98
N ASN I 67 4.43 63.82 49.18
CA ASN I 67 5.45 63.90 50.21
C ASN I 67 5.99 62.52 50.58
N HIS I 68 6.01 61.63 49.59
CA HIS I 68 6.63 60.33 49.74
C HIS I 68 8.15 60.50 49.80
N PRO I 69 8.82 59.74 50.67
CA PRO I 69 10.29 59.81 50.81
C PRO I 69 11.04 59.62 49.51
N LEU I 70 10.47 58.83 48.60
CA LEU I 70 11.12 58.52 47.32
C LEU I 70 10.92 59.63 46.28
N ASN I 71 9.98 60.53 46.54
CA ASN I 71 9.70 61.63 45.63
C ASN I 71 10.87 62.62 45.58
N PRO I 72 11.51 62.75 44.40
CA PRO I 72 12.68 63.62 44.25
C PRO I 72 12.33 65.11 44.32
N ARG I 73 11.06 65.45 44.19
CA ARG I 73 10.62 66.83 44.37
C ARG I 73 9.42 66.91 45.30
N PRO I 74 9.67 66.93 46.61
CA PRO I 74 8.63 66.90 47.63
C PRO I 74 7.58 68.00 47.45
N GLY I 75 6.33 67.63 47.66
CA GLY I 75 5.22 68.57 47.55
C GLY I 75 4.70 68.75 46.14
N THR I 76 5.24 68.00 45.19
CA THR I 76 4.82 68.14 43.79
C THR I 76 4.44 66.81 43.13
N LEU I 77 3.68 66.92 42.03
CA LEU I 77 3.35 65.80 41.17
C LEU I 77 3.43 66.24 39.71
N ILE I 78 4.04 65.43 38.85
CA ILE I 78 4.04 65.73 37.43
C ILE I 78 3.43 64.57 36.62
N ASN I 79 2.73 64.93 35.55
CA ASN I 79 2.05 63.94 34.72
C ASN I 79 2.60 63.95 33.29
N HIS I 80 3.83 64.45 33.16
CA HIS I 80 4.50 64.57 31.86
C HIS I 80 5.99 64.83 32.10
N PRO I 81 6.86 64.23 31.26
CA PRO I 81 8.32 64.39 31.41
C PRO I 81 8.77 65.84 31.48
N ASP I 82 8.17 66.69 30.65
CA ASP I 82 8.49 68.12 30.65
C ASP I 82 7.41 68.94 31.35
N GLY I 83 6.62 68.27 32.19
CA GLY I 83 5.46 68.91 32.79
C GLY I 83 5.72 69.71 34.05
N ASP I 84 4.78 70.59 34.38
CA ASP I 84 4.82 71.36 35.62
C ASP I 84 4.07 70.62 36.72
N ASP I 85 4.12 71.17 37.93
CA ASP I 85 3.42 70.58 39.07
C ASP I 85 1.92 70.64 38.88
N VAL I 86 1.22 69.58 39.30
CA VAL I 86 -0.23 69.55 39.22
C VAL I 86 -0.85 69.26 40.59
N TYR I 87 -0.01 69.15 41.62
CA TYR I 87 -0.48 68.80 42.96
C TYR I 87 -1.03 70.02 43.72
N ALA I 88 -0.40 71.18 43.52
CA ALA I 88 -0.81 72.39 44.24
C ALA I 88 -2.24 72.81 43.89
N GLY I 89 -3.08 72.98 44.92
CA GLY I 89 -4.44 73.44 44.72
C GLY I 89 -5.50 72.36 44.75
N VAL I 90 -5.07 71.10 44.65
CA VAL I 90 -6.00 69.98 44.62
C VAL I 90 -6.62 69.77 45.99
N PRO I 91 -7.96 69.80 46.06
CA PRO I 91 -8.67 69.66 47.34
C PRO I 91 -8.50 68.25 47.92
N LYS I 92 -8.40 68.17 49.24
CA LYS I 92 -8.22 66.89 49.91
C LYS I 92 -9.55 66.40 50.50
N ASP I 93 -10.52 66.16 49.64
CA ASP I 93 -11.87 65.79 50.06
C ASP I 93 -11.91 64.43 50.75
N TYR I 94 -11.35 63.41 50.11
CA TYR I 94 -11.31 62.08 50.68
C TYR I 94 -9.95 61.47 50.41
N THR I 95 -9.16 61.36 51.48
CA THR I 95 -7.81 60.85 51.38
C THR I 95 -7.58 59.72 52.37
N GLY I 96 -6.47 59.01 52.20
CA GLY I 96 -6.08 57.93 53.10
C GLY I 96 -7.11 56.82 53.21
N SER I 97 -7.55 56.55 54.43
CA SER I 97 -8.48 55.46 54.70
C SER I 97 -9.91 55.78 54.29
N SER I 98 -10.17 57.03 53.92
CA SER I 98 -11.50 57.45 53.52
C SER I 98 -11.78 57.17 52.05
N VAL I 99 -10.74 56.79 51.30
CA VAL I 99 -10.93 56.47 49.89
C VAL I 99 -11.47 55.05 49.74
N THR I 100 -12.79 54.94 49.83
CA THR I 100 -13.45 53.64 49.79
C THR I 100 -14.53 53.61 48.71
N ALA I 101 -14.95 52.40 48.35
CA ALA I 101 -16.02 52.24 47.38
C ALA I 101 -17.33 52.84 47.90
N ALA I 102 -17.56 52.67 49.20
CA ALA I 102 -18.77 53.21 49.83
C ALA I 102 -18.83 54.73 49.77
N ASN I 103 -17.70 55.39 50.04
CA ASN I 103 -17.65 56.85 49.96
C ASN I 103 -17.82 57.34 48.52
N PHE I 104 -17.26 56.58 47.59
CA PHE I 104 -17.37 56.93 46.18
C PHE I 104 -18.83 56.90 45.71
N TYR I 105 -19.56 55.87 46.11
CA TYR I 105 -20.98 55.75 45.75
C TYR I 105 -21.81 56.86 46.39
N ALA I 106 -21.53 57.13 47.66
CA ALA I 106 -22.26 58.13 48.43
C ALA I 106 -22.04 59.54 47.88
N VAL I 107 -20.79 59.83 47.50
CA VAL I 107 -20.45 61.11 46.87
C VAL I 107 -21.23 61.31 45.58
N LEU I 108 -21.26 60.26 44.76
CA LEU I 108 -21.92 60.32 43.47
C LEU I 108 -23.43 60.52 43.62
N LEU I 109 -24.00 59.89 44.63
CA LEU I 109 -25.44 59.99 44.90
C LEU I 109 -25.79 61.31 45.57
N GLY I 110 -24.78 61.97 46.14
CA GLY I 110 -25.02 63.20 46.88
C GLY I 110 -25.61 62.93 48.25
N ASP I 111 -25.22 61.80 48.84
CA ASP I 111 -25.73 61.40 50.14
C ASP I 111 -24.66 61.65 51.21
N GLN I 112 -24.68 62.86 51.77
CA GLN I 112 -23.70 63.27 52.77
C GLN I 112 -23.77 62.46 54.06
N LYS I 113 -24.97 61.98 54.40
CA LYS I 113 -25.15 61.20 55.60
C LYS I 113 -24.48 59.83 55.48
N ALA I 114 -24.47 59.28 54.26
CA ALA I 114 -23.86 57.97 54.00
C ALA I 114 -22.34 58.06 53.95
N VAL I 115 -21.83 59.28 53.76
CA VAL I 115 -20.39 59.54 53.70
C VAL I 115 -19.71 59.38 55.06
N LYS I 116 -18.55 58.72 55.08
CA LYS I 116 -17.78 58.51 56.31
C LYS I 116 -16.43 59.24 56.27
N GLY I 117 -16.24 60.20 57.18
CA GLY I 117 -15.00 60.96 57.23
C GLY I 117 -14.87 61.95 56.09
N GLY I 118 -13.64 62.41 55.85
CA GLY I 118 -13.38 63.33 54.75
C GLY I 118 -13.94 64.73 54.95
N SER I 119 -13.97 65.48 53.87
CA SER I 119 -14.43 66.87 53.89
C SER I 119 -15.95 66.97 53.92
N GLY I 120 -16.62 65.91 53.49
CA GLY I 120 -18.08 65.88 53.44
C GLY I 120 -18.65 66.44 52.16
N LYS I 121 -17.79 66.79 51.21
CA LYS I 121 -18.25 67.30 49.92
C LYS I 121 -18.84 66.17 49.08
N VAL I 122 -20.04 66.39 48.57
CA VAL I 122 -20.70 65.40 47.72
C VAL I 122 -21.28 66.07 46.48
N ILE I 123 -21.79 65.26 45.56
CA ILE I 123 -22.42 65.81 44.36
C ILE I 123 -23.90 66.05 44.60
N ALA I 124 -24.22 67.15 45.25
CA ALA I 124 -25.60 67.54 45.50
C ALA I 124 -26.15 68.30 44.29
N SER I 125 -26.27 67.59 43.16
CA SER I 125 -26.63 68.23 41.90
C SER I 125 -28.15 68.37 41.73
N LYS I 126 -28.55 69.15 40.74
CA LYS I 126 -29.97 69.38 40.47
C LYS I 126 -30.28 69.07 38.99
N PRO I 127 -31.56 68.85 38.64
CA PRO I 127 -31.97 68.35 37.31
C PRO I 127 -31.30 68.97 36.08
N ASN I 128 -30.85 70.21 36.15
CA ASN I 128 -30.27 70.85 34.97
C ASN I 128 -28.74 70.76 34.92
N ASP I 129 -28.15 70.04 35.86
CA ASP I 129 -26.69 70.01 35.95
C ASP I 129 -26.03 68.92 35.10
N HIS I 130 -24.73 69.10 34.83
CA HIS I 130 -23.92 68.12 34.07
C HIS I 130 -22.81 67.48 34.93
N ILE I 131 -22.59 66.18 34.79
CA ILE I 131 -21.62 65.54 35.68
C ILE I 131 -20.55 64.81 34.89
N PHE I 132 -19.31 65.02 35.31
CA PHE I 132 -18.17 64.38 34.70
C PHE I 132 -17.42 63.50 35.69
N VAL I 133 -17.36 62.21 35.41
CA VAL I 133 -16.71 61.26 36.30
C VAL I 133 -15.45 60.70 35.66
N TYR I 134 -14.35 60.70 36.41
CA TYR I 134 -13.08 60.17 35.91
C TYR I 134 -12.39 59.29 36.94
N TYR I 135 -12.26 58.01 36.61
CA TYR I 135 -11.57 57.03 37.46
C TYR I 135 -10.23 56.62 36.85
N ALA I 136 -9.22 56.44 37.69
CA ALA I 136 -7.94 55.97 37.20
C ALA I 136 -7.20 55.08 38.18
C SNN I 137 -5.77 51.48 37.89
CA SNN I 137 -5.91 52.81 38.59
N SNN I 137 -6.68 53.87 37.89
C4 SNN I 137 -6.19 52.56 40.05
C5 SNN I 137 -6.18 51.06 40.24
O SNN I 137 -5.55 51.39 36.69
O5 SNN I 137 -6.38 50.60 41.36
H2 SNN I 137 -6.11 53.95 37.16
HA SNN I 137 -5.03 53.17 38.60
H SNN I 137 -7.35 53.33 37.54
H41 SNN I 137 -7.06 52.92 40.30
H42 SNN I 137 -5.50 52.96 40.60
N HIS I 138 -5.95 50.72 38.97
CA HIS I 138 -5.83 49.35 38.52
C HIS I 138 -7.17 48.68 38.34
N GLY I 139 -7.18 47.55 37.65
CA GLY I 139 -8.42 46.84 37.42
C GLY I 139 -8.32 45.39 37.00
N GLY I 140 -9.47 44.76 36.88
CA GLY I 140 -9.60 43.41 36.40
C GLY I 140 -11.03 43.22 35.92
N PRO I 141 -11.34 42.04 35.38
CA PRO I 141 -12.68 41.71 34.88
C PRO I 141 -13.75 41.93 35.94
N GLY I 142 -14.61 42.92 35.72
CA GLY I 142 -15.74 43.18 36.60
C GLY I 142 -15.41 43.87 37.91
N VAL I 143 -14.17 44.29 38.08
CA VAL I 143 -13.77 44.90 39.34
C VAL I 143 -12.82 46.10 39.13
N LEU I 144 -13.04 47.17 39.90
CA LEU I 144 -12.16 48.33 39.90
C LEU I 144 -11.47 48.47 41.24
N GLY I 145 -10.18 48.77 41.22
CA GLY I 145 -9.41 48.82 42.44
C GLY I 145 -9.71 49.98 43.36
N MET I 146 -9.52 49.75 44.66
CA MET I 146 -9.58 50.80 45.68
C MET I 146 -8.43 50.59 46.65
N PRO I 147 -7.85 51.68 47.15
CA PRO I 147 -6.69 51.55 48.05
C PRO I 147 -7.08 50.98 49.42
N ASN I 148 -8.37 51.01 49.73
CA ASN I 148 -8.89 50.37 50.92
C ASN I 148 -10.00 49.39 50.55
N THR I 149 -9.78 48.11 50.83
CA THR I 149 -10.76 47.06 50.51
C THR I 149 -12.10 47.30 51.21
N PRO I 150 -13.20 46.82 50.61
CA PRO I 150 -13.29 46.04 49.37
C PRO I 150 -13.17 46.89 48.10
N HIS I 151 -12.82 46.24 47.00
CA HIS I 151 -12.72 46.91 45.71
C HIS I 151 -14.11 47.24 45.17
N ILE I 152 -14.14 47.95 44.05
CA ILE I 152 -15.40 48.29 43.39
C ILE I 152 -15.86 47.14 42.49
N TYR I 153 -17.07 46.65 42.72
CA TYR I 153 -17.65 45.63 41.85
C TYR I 153 -18.59 46.30 40.85
N ALA I 154 -18.52 45.86 39.60
CA ALA I 154 -19.20 46.51 38.49
C ALA I 154 -20.71 46.71 38.72
N ALA I 155 -21.38 45.67 39.19
CA ALA I 155 -22.83 45.72 39.39
C ALA I 155 -23.24 46.80 40.39
N ASP I 156 -22.45 46.97 41.45
CA ASP I 156 -22.74 47.98 42.47
C ASP I 156 -22.58 49.39 41.90
N PHE I 157 -21.57 49.58 41.06
CA PHE I 157 -21.34 50.87 40.42
C PHE I 157 -22.50 51.22 39.50
N ILE I 158 -22.93 50.25 38.70
CA ILE I 158 -24.03 50.44 37.76
C ILE I 158 -25.34 50.72 38.50
N GLU I 159 -25.54 50.00 39.61
CA GLU I 159 -26.74 50.20 40.43
C GLU I 159 -26.76 51.61 41.02
N THR I 160 -25.58 52.13 41.38
CA THR I 160 -25.46 53.49 41.90
C THR I 160 -25.88 54.50 40.83
N LEU I 161 -25.48 54.27 39.60
CA LEU I 161 -25.86 55.15 38.49
C LEU I 161 -27.38 55.12 38.28
N LYS I 162 -27.98 53.95 38.47
CA LYS I 162 -29.42 53.80 38.32
C LYS I 162 -30.22 54.59 39.38
N LYS I 163 -29.79 54.52 40.65
CA LYS I 163 -30.44 55.29 41.71
C LYS I 163 -30.31 56.79 41.47
N LYS I 164 -29.14 57.20 41.00
CA LYS I 164 -28.89 58.60 40.68
C LYS I 164 -29.84 59.06 39.59
N HIS I 165 -30.00 58.23 38.56
CA HIS I 165 -30.90 58.55 37.45
C HIS I 165 -32.35 58.64 37.90
N ALA I 166 -32.77 57.69 38.74
CA ALA I 166 -34.14 57.64 39.22
C ALA I 166 -34.50 58.88 40.06
N SER I 167 -33.50 59.42 40.75
CA SER I 167 -33.68 60.63 41.55
C SER I 167 -33.85 61.86 40.68
N GLY I 168 -33.37 61.77 39.44
CA GLY I 168 -33.50 62.85 38.49
C GLY I 168 -32.74 64.11 38.87
N THR I 169 -31.59 63.93 39.51
CA THR I 169 -30.80 65.06 40.01
C THR I 169 -29.67 65.48 39.06
N TYR I 170 -29.83 65.20 37.78
CA TYR I 170 -28.86 65.64 36.76
C TYR I 170 -29.47 65.53 35.37
N LYS I 171 -28.93 66.30 34.43
CA LYS I 171 -29.38 66.24 33.04
C LYS I 171 -28.67 65.13 32.27
N GLU I 172 -27.34 65.24 32.21
CA GLU I 172 -26.53 64.25 31.52
C GLU I 172 -25.18 64.06 32.21
N MET I 173 -24.53 62.94 31.93
CA MET I 173 -23.28 62.57 32.60
C MET I 173 -22.30 61.91 31.63
N VAL I 174 -21.01 62.21 31.81
CA VAL I 174 -19.95 61.56 31.02
C VAL I 174 -18.96 60.89 31.97
N ILE I 175 -18.61 59.64 31.67
CA ILE I 175 -17.69 58.87 32.52
C ILE I 175 -16.47 58.37 31.75
N TYR I 176 -15.29 58.72 32.24
CA TYR I 176 -14.03 58.20 31.70
C TYR I 176 -13.40 57.22 32.69
N VAL I 177 -13.04 56.03 32.23
CA VAL I 177 -12.49 55.01 33.12
C VAL I 177 -11.13 54.47 32.67
N GLU I 178 -10.11 54.72 33.48
CA GLU I 178 -8.77 54.21 33.22
C GLU I 178 -8.47 52.99 34.09
N ALA I 179 -8.49 51.81 33.49
CA ALA I 179 -8.20 50.57 34.19
C ALA I 179 -7.99 49.42 33.21
N ALA I 180 -7.36 48.35 33.68
CA ALA I 180 -7.21 47.14 32.88
C ALA I 180 -8.55 46.41 32.83
N GLU I 181 -8.89 45.89 31.65
CA GLU I 181 -10.17 45.24 31.39
C GLU I 181 -11.36 46.13 31.79
N SER I 182 -11.21 47.44 31.60
CA SER I 182 -12.20 48.40 32.08
C SER I 182 -13.55 48.28 31.38
N GLY I 183 -13.56 47.71 30.18
CA GLY I 183 -14.81 47.48 29.46
C GLY I 183 -15.75 46.52 30.19
N SER I 184 -15.18 45.66 31.03
CA SER I 184 -15.95 44.66 31.76
C SER I 184 -16.84 45.28 32.85
N ILE I 185 -16.59 46.55 33.16
CA ILE I 185 -17.38 47.23 34.18
C ILE I 185 -18.78 47.57 33.65
N PHE I 186 -18.92 47.64 32.33
CA PHE I 186 -20.17 48.11 31.74
C PHE I 186 -20.83 47.10 30.79
N GLU I 187 -20.03 46.23 30.20
CA GLU I 187 -20.55 45.29 29.22
C GLU I 187 -21.55 44.31 29.80
N GLY I 188 -22.75 44.30 29.20
CA GLY I 188 -23.80 43.37 29.58
C GLY I 188 -24.68 43.89 30.71
N ILE I 189 -24.31 45.02 31.30
CA ILE I 189 -25.07 45.55 32.44
C ILE I 189 -25.40 47.05 32.35
N MET I 190 -24.67 47.80 31.54
CA MET I 190 -24.88 49.25 31.45
C MET I 190 -26.03 49.64 30.51
N PRO I 191 -27.10 50.24 31.07
CA PRO I 191 -28.25 50.67 30.27
C PRO I 191 -27.92 51.87 29.40
N LYS I 192 -28.75 52.14 28.39
CA LYS I 192 -28.53 53.25 27.48
C LYS I 192 -29.58 54.35 27.67
N ASP I 193 -30.37 54.25 28.73
CA ASP I 193 -31.43 55.22 28.98
C ASP I 193 -31.24 55.96 30.31
N LEU I 194 -29.99 56.07 30.76
CA LEU I 194 -29.70 56.75 32.02
C LEU I 194 -29.13 58.14 31.79
N ASN I 195 -29.14 58.58 30.54
CA ASN I 195 -28.55 59.86 30.14
C ASN I 195 -27.07 59.93 30.52
N ILE I 196 -26.37 58.82 30.31
CA ILE I 196 -24.95 58.69 30.63
C ILE I 196 -24.18 58.17 29.42
N TYR I 197 -23.03 58.80 29.14
CA TYR I 197 -22.13 58.31 28.10
C TYR I 197 -20.80 57.89 28.74
N VAL I 198 -20.27 56.75 28.29
CA VAL I 198 -19.08 56.15 28.93
C VAL I 198 -18.00 55.78 27.91
N THR I 199 -16.74 56.05 28.26
CA THR I 199 -15.61 55.52 27.50
C THR I 199 -14.64 54.81 28.44
N THR I 200 -14.02 53.74 27.97
CA THR I 200 -13.07 52.98 28.78
C THR I 200 -11.73 52.81 28.06
N ALA I 201 -10.66 52.64 28.83
CA ALA I 201 -9.32 52.54 28.29
C ALA I 201 -9.11 51.27 27.46
N SER I 202 -9.78 50.20 27.85
CA SER I 202 -9.61 48.91 27.18
C SER I 202 -10.93 48.16 27.06
N ASN I 203 -10.90 47.02 26.36
CA ASN I 203 -12.09 46.18 26.28
C ASN I 203 -12.19 45.28 27.52
N ALA I 204 -13.07 44.28 27.48
CA ALA I 204 -13.38 43.52 28.68
C ALA I 204 -12.35 42.45 29.05
N GLN I 205 -11.37 42.23 28.18
CA GLN I 205 -10.43 41.12 28.39
C GLN I 205 -8.95 41.46 28.23
N GLU I 206 -8.64 42.66 27.74
CA GLU I 206 -7.26 43.00 27.42
C GLU I 206 -6.63 43.90 28.48
N SER I 207 -5.31 44.06 28.37
CA SER I 207 -4.55 44.89 29.29
C SER I 207 -4.63 46.37 28.96
N SER I 208 -4.41 47.22 29.96
CA SER I 208 -4.23 48.64 29.75
C SER I 208 -2.73 48.96 29.88
N TYR I 209 -2.35 50.20 29.60
CA TYR I 209 -0.94 50.55 29.54
C TYR I 209 -0.57 51.83 30.29
N GLY I 210 0.56 51.79 30.98
CA GLY I 210 1.14 52.97 31.61
C GLY I 210 2.22 53.55 30.72
N THR I 211 2.53 54.83 30.89
CA THR I 211 3.49 55.50 30.02
C THR I 211 4.32 56.53 30.79
N TYR I 212 5.23 57.19 30.07
CA TYR I 212 6.20 58.12 30.66
C TYR I 212 6.98 57.42 31.78
N CYS I 213 7.61 56.31 31.42
CA CYS I 213 8.31 55.43 32.36
C CYS I 213 9.81 55.45 32.12
N PRO I 214 10.60 55.13 33.17
CA PRO I 214 12.05 55.03 32.97
C PRO I 214 12.41 53.86 32.05
N GLY I 215 13.50 54.03 31.29
CA GLY I 215 13.99 53.00 30.39
C GLY I 215 13.29 52.92 29.06
N MET I 216 12.38 53.87 28.82
CA MET I 216 11.63 53.90 27.57
C MET I 216 11.64 55.30 26.96
N ASN I 217 10.99 55.45 25.82
CA ASN I 217 10.94 56.72 25.14
C ASN I 217 9.50 57.17 24.89
N PRO I 218 9.15 58.36 25.41
CA PRO I 218 10.06 59.22 26.17
C PRO I 218 10.12 58.88 27.66
N SER I 219 11.26 59.14 28.28
CA SER I 219 11.45 58.90 29.71
C SER I 219 11.28 60.18 30.53
N PRO I 220 10.86 60.05 31.79
CA PRO I 220 10.86 61.18 32.73
C PRO I 220 12.28 61.57 33.08
N PRO I 221 12.49 62.72 33.74
CA PRO I 221 13.84 63.06 34.23
C PRO I 221 14.42 61.92 35.08
N SER I 222 15.73 61.72 35.00
CA SER I 222 16.40 60.54 35.57
C SER I 222 16.14 60.29 37.06
N GLU I 223 15.81 61.36 37.79
CA GLU I 223 15.52 61.25 39.22
C GLU I 223 14.20 60.53 39.45
N TYR I 224 13.38 60.46 38.40
CA TYR I 224 12.13 59.72 38.45
C TYR I 224 12.34 58.29 37.96
N ILE I 225 12.13 57.32 38.83
CA ILE I 225 12.28 55.92 38.46
C ILE I 225 10.93 55.19 38.51
N THR I 226 9.85 55.96 38.39
CA THR I 226 8.51 55.40 38.33
C THR I 226 7.74 56.07 37.20
N CYS I 227 6.71 55.38 36.68
CA CYS I 227 5.94 55.91 35.56
C CYS I 227 5.11 57.13 35.98
N LEU I 228 5.03 58.13 35.10
CA LEU I 228 4.38 59.39 35.42
C LEU I 228 2.88 59.42 35.10
N GLY I 229 2.46 58.66 34.11
CA GLY I 229 1.07 58.67 33.68
C GLY I 229 0.62 57.38 33.01
N ASP I 230 -0.60 57.39 32.49
CA ASP I 230 -1.13 56.23 31.77
C ASP I 230 -1.60 56.66 30.37
N LEU I 231 -1.48 55.75 29.41
CA LEU I 231 -1.71 56.05 28.00
C LEU I 231 -3.07 56.68 27.70
N TYR I 232 -4.15 56.01 28.09
CA TYR I 232 -5.50 56.51 27.85
C TYR I 232 -5.75 57.84 28.57
N SER I 233 -5.21 57.96 29.77
CA SER I 233 -5.40 59.14 30.60
C SER I 233 -4.73 60.38 30.00
N VAL I 234 -3.45 60.25 29.67
CA VAL I 234 -2.71 61.37 29.11
C VAL I 234 -3.21 61.69 27.71
N ALA I 235 -3.87 60.72 27.09
CA ALA I 235 -4.43 60.92 25.76
C ALA I 235 -5.54 61.95 25.79
N TRP I 236 -6.49 61.80 26.72
CA TRP I 236 -7.62 62.71 26.76
C TRP I 236 -7.27 64.02 27.46
N MET I 237 -6.33 63.96 28.40
CA MET I 237 -5.94 65.15 29.15
C MET I 237 -5.07 66.10 28.33
N GLU I 238 -4.07 65.54 27.64
CA GLU I 238 -3.23 66.36 26.77
C GLU I 238 -4.05 66.90 25.61
N ASP I 239 -5.09 66.16 25.22
CA ASP I 239 -5.98 66.62 24.17
C ASP I 239 -6.81 67.82 24.64
N SER I 240 -7.37 67.70 25.85
CA SER I 240 -8.22 68.75 26.41
C SER I 240 -7.44 70.03 26.72
N GLU I 241 -6.20 69.89 27.15
CA GLU I 241 -5.39 71.04 27.53
C GLU I 241 -4.78 71.75 26.31
N THR I 242 -4.90 71.15 25.13
CA THR I 242 -4.29 71.75 23.94
C THR I 242 -5.30 72.06 22.84
N HIS I 243 -6.58 72.08 23.18
CA HIS I 243 -7.60 72.39 22.19
C HIS I 243 -8.71 73.28 22.76
N ASN I 244 -9.31 74.08 21.89
CA ASN I 244 -10.45 74.90 22.27
C ASN I 244 -11.67 74.02 22.50
N LEU I 245 -12.04 73.86 23.78
CA LEU I 245 -13.11 72.94 24.16
C LEU I 245 -14.49 73.50 23.87
N LYS I 246 -14.55 74.77 23.48
CA LYS I 246 -15.81 75.37 23.05
C LYS I 246 -16.16 74.92 21.64
N LYS I 247 -15.13 74.45 20.93
CA LYS I 247 -15.30 73.96 19.57
C LYS I 247 -15.31 72.43 19.50
N GLU I 248 -14.39 71.80 20.24
CA GLU I 248 -14.21 70.36 20.15
C GLU I 248 -15.39 69.58 20.75
N THR I 249 -15.87 68.59 20.01
CA THR I 249 -16.95 67.74 20.47
C THR I 249 -16.41 66.53 21.22
N ILE I 250 -17.28 65.90 22.01
CA ILE I 250 -16.92 64.66 22.70
C ILE I 250 -16.56 63.59 21.68
N LYS I 251 -17.30 63.59 20.57
CA LYS I 251 -17.08 62.69 19.45
C LYS I 251 -15.66 62.81 18.92
N GLN I 252 -15.16 64.04 18.83
CA GLN I 252 -13.81 64.28 18.35
C GLN I 252 -12.76 63.78 19.35
N GLN I 253 -13.02 63.98 20.63
CA GLN I 253 -12.09 63.52 21.66
C GLN I 253 -12.01 62.00 21.70
N TYR I 254 -13.17 61.34 21.63
CA TYR I 254 -13.20 59.87 21.60
C TYR I 254 -12.37 59.36 20.43
N HIS I 255 -12.55 59.98 19.27
CA HIS I 255 -11.81 59.62 18.07
C HIS I 255 -10.31 59.76 18.27
N THR I 256 -9.90 60.87 18.88
CA THR I 256 -8.48 61.16 19.11
C THR I 256 -7.88 60.21 20.14
N VAL I 257 -8.59 60.02 21.25
CA VAL I 257 -8.12 59.14 22.32
C VAL I 257 -8.00 57.69 21.83
N LYS I 258 -9.01 57.24 21.11
CA LYS I 258 -9.02 55.89 20.54
C LYS I 258 -7.81 55.66 19.63
N MET I 259 -7.47 56.68 18.86
CA MET I 259 -6.36 56.58 17.90
C MET I 259 -5.00 56.49 18.61
N ARG I 260 -4.76 57.38 19.57
CA ARG I 260 -3.51 57.37 20.33
C ARG I 260 -3.36 56.12 21.19
N THR I 261 -4.43 55.74 21.87
CA THR I 261 -4.40 54.61 22.80
C THR I 261 -4.17 53.27 22.09
N SER I 262 -4.57 53.20 20.82
CA SER I 262 -4.35 51.99 20.03
C SER I 262 -2.96 51.97 19.40
N ASN I 263 -2.13 52.95 19.79
CA ASN I 263 -0.86 53.20 19.12
C ASN I 263 -1.08 53.34 17.62
N TYR I 264 -2.09 54.14 17.27
CA TYR I 264 -2.45 54.44 15.89
C TYR I 264 -2.75 53.16 15.10
N ASN I 265 -3.74 52.42 15.60
CA ASN I 265 -4.32 51.24 14.94
C ASN I 265 -3.36 50.06 14.74
N THR I 266 -2.27 50.03 15.49
CA THR I 266 -1.37 48.88 15.43
C THR I 266 -1.68 47.89 16.55
N TYR I 267 -2.15 48.42 17.68
CA TYR I 267 -2.41 47.64 18.89
C TYR I 267 -1.17 46.92 19.38
N SER I 268 -0.01 47.46 19.03
CA SER I 268 1.25 47.05 19.61
C SER I 268 1.63 48.04 20.70
N GLY I 269 1.45 47.66 21.95
CA GLY I 269 1.59 48.60 23.04
C GLY I 269 0.41 49.56 23.04
N GLY I 270 -0.78 49.01 22.83
CA GLY I 270 -1.99 49.80 22.79
C GLY I 270 -3.23 48.96 23.00
N SER I 271 -4.33 49.60 23.39
CA SER I 271 -5.56 48.88 23.72
C SER I 271 -6.75 49.40 22.91
N HIS I 272 -7.89 48.74 23.03
CA HIS I 272 -9.10 49.13 22.33
C HIS I 272 -9.98 50.02 23.21
N VAL I 273 -10.04 51.32 22.90
CA VAL I 273 -10.92 52.20 23.67
C VAL I 273 -12.37 51.92 23.31
N MET I 274 -13.18 51.59 24.32
CA MET I 274 -14.57 51.23 24.10
C MET I 274 -15.51 52.32 24.59
N GLU I 275 -16.76 52.26 24.14
CA GLU I 275 -17.77 53.22 24.54
C GLU I 275 -19.07 52.52 24.91
N TYR I 276 -19.79 53.10 25.86
CA TYR I 276 -21.03 52.53 26.36
C TYR I 276 -22.03 53.63 26.70
N GLY I 277 -23.29 53.25 26.89
CA GLY I 277 -24.32 54.21 27.24
C GLY I 277 -24.94 54.87 26.02
N ASN I 278 -25.34 56.13 26.20
CA ASN I 278 -26.02 56.88 25.15
C ASN I 278 -25.02 57.62 24.24
N ASN I 279 -24.92 57.17 23.00
CA ASN I 279 -23.98 57.75 22.04
C ASN I 279 -24.38 59.12 21.49
N SER I 280 -25.64 59.49 21.70
CA SER I 280 -26.14 60.77 21.20
C SER I 280 -25.50 61.95 21.93
N ILE I 281 -24.93 61.68 23.10
CA ILE I 281 -24.26 62.68 23.91
C ILE I 281 -22.97 63.16 23.23
N LYS I 282 -22.38 62.30 22.42
CA LYS I 282 -21.11 62.58 21.76
C LYS I 282 -21.11 63.84 20.87
N SER I 283 -22.29 64.25 20.43
CA SER I 283 -22.41 65.41 19.55
C SER I 283 -22.19 66.73 20.31
N GLU I 284 -22.25 66.67 21.63
CA GLU I 284 -22.12 67.87 22.46
C GLU I 284 -20.69 68.37 22.58
N LYS I 285 -20.54 69.66 22.90
CA LYS I 285 -19.23 70.26 23.08
C LYS I 285 -18.65 69.88 24.44
N LEU I 286 -17.34 69.77 24.52
CA LEU I 286 -16.67 69.31 25.72
C LEU I 286 -16.77 70.30 26.87
N TYR I 287 -16.93 71.59 26.56
CA TYR I 287 -16.91 72.62 27.60
C TYR I 287 -18.12 72.52 28.53
N LEU I 288 -19.16 71.82 28.07
CA LEU I 288 -20.33 71.60 28.90
C LEU I 288 -20.01 70.65 30.06
N TYR I 289 -18.89 69.94 29.96
CA TYR I 289 -18.48 69.00 31.00
C TYR I 289 -17.10 69.31 31.58
N GLN I 290 -16.17 69.70 30.71
CA GLN I 290 -14.79 69.90 31.13
C GLN I 290 -14.41 71.38 31.25
N GLY I 291 -15.33 72.27 30.89
CA GLY I 291 -15.02 73.68 30.99
C GLY I 291 -14.26 74.21 29.79
N PHE I 292 -13.81 75.45 29.89
CA PHE I 292 -13.17 76.15 28.80
C PHE I 292 -11.89 76.88 29.25
N ASP I 293 -10.78 76.58 28.57
CA ASP I 293 -9.47 77.17 28.89
C ASP I 293 -9.00 78.16 27.81
N PRO I 294 -8.88 79.45 28.17
CA PRO I 294 -8.46 80.52 27.24
C PRO I 294 -7.07 80.32 26.67
N ALA I 295 -6.23 79.56 27.37
CA ALA I 295 -4.86 79.35 26.94
C ALA I 295 -4.80 78.59 25.61
N THR I 296 -5.83 77.81 25.32
CA THR I 296 -5.89 77.05 24.07
C THR I 296 -6.43 77.89 22.92
N VAL I 297 -7.13 78.97 23.25
CA VAL I 297 -7.68 79.86 22.23
C VAL I 297 -6.61 80.81 21.70
N ASN I 298 -6.74 81.19 20.43
CA ASN I 298 -5.79 82.07 19.75
C ASN I 298 -4.33 81.68 19.91
N LEU I 299 -4.03 80.39 19.72
CA LEU I 299 -2.65 79.94 19.68
C LEU I 299 -1.98 80.42 18.40
N PRO I 300 -0.69 80.82 18.50
CA PRO I 300 0.07 81.17 17.31
C PRO I 300 0.33 79.93 16.45
N LEU I 301 0.67 80.14 15.18
CA LEU I 301 0.85 79.05 14.23
C LEU I 301 1.88 78.03 14.69
N ASN I 302 3.00 78.51 15.25
CA ASN I 302 4.12 77.65 15.61
C ASN I 302 3.96 76.98 16.97
N GLU I 303 2.79 77.11 17.57
CA GLU I 303 2.53 76.49 18.87
C GLU I 303 1.37 75.50 18.83
N LEU I 304 0.92 75.17 17.62
CA LEU I 304 -0.11 74.15 17.45
C LEU I 304 0.43 72.81 17.91
N PRO I 305 -0.42 72.02 18.59
CA PRO I 305 -0.03 70.74 19.18
C PRO I 305 0.36 69.68 18.14
N VAL I 306 1.51 69.04 18.36
CA VAL I 306 1.97 67.95 17.51
C VAL I 306 2.27 66.70 18.33
N LYS I 307 1.51 65.63 18.10
CA LYS I 307 1.65 64.40 18.87
C LYS I 307 2.33 63.30 18.09
N SER I 308 3.13 62.49 18.78
CA SER I 308 3.79 61.33 18.19
C SER I 308 3.69 60.13 19.12
N LYS I 309 4.25 59.01 18.69
CA LYS I 309 4.14 57.76 19.44
C LYS I 309 5.00 57.75 20.70
N ILE I 310 4.50 57.08 21.75
CA ILE I 310 5.19 57.01 23.03
C ILE I 310 5.31 55.57 23.53
N GLY I 311 6.41 55.27 24.21
CA GLY I 311 6.66 53.96 24.77
C GLY I 311 5.74 53.67 25.95
N VAL I 312 5.37 52.41 26.13
CA VAL I 312 4.44 52.03 27.19
C VAL I 312 4.87 50.78 27.96
N VAL I 313 4.20 50.54 29.08
CA VAL I 313 4.39 49.34 29.88
C VAL I 313 3.02 48.77 30.23
N ASN I 314 2.92 47.43 30.27
CA ASN I 314 1.70 46.77 30.72
C ASN I 314 1.34 47.24 32.13
N GLN I 315 0.07 47.58 32.33
CA GLN I 315 -0.40 48.14 33.60
C GLN I 315 -0.03 47.26 34.79
N ARG I 316 0.00 45.95 34.57
CA ARG I 316 0.29 44.98 35.63
C ARG I 316 1.79 44.86 35.93
N ASP I 317 2.62 45.36 35.03
CA ASP I 317 4.06 45.22 35.20
C ASP I 317 4.76 46.53 35.58
N ALA I 318 4.00 47.63 35.62
CA ALA I 318 4.57 48.94 35.93
C ALA I 318 5.20 48.94 37.33
N ASP I 319 4.63 48.14 38.22
CA ASP I 319 5.15 48.00 39.57
C ASP I 319 6.54 47.40 39.57
N LEU I 320 6.73 46.35 38.77
CA LEU I 320 8.01 45.67 38.67
C LEU I 320 9.05 46.55 38.00
N LEU I 321 8.60 47.37 37.06
CA LEU I 321 9.49 48.29 36.36
C LEU I 321 10.08 49.30 37.32
N PHE I 322 9.25 49.79 38.24
CA PHE I 322 9.68 50.72 39.27
C PHE I 322 10.73 50.09 40.18
N LEU I 323 10.48 48.87 40.63
CA LEU I 323 11.39 48.18 41.54
C LEU I 323 12.73 47.90 40.88
N TRP I 324 12.71 47.54 39.60
CA TRP I 324 13.93 47.20 38.88
C TRP I 324 14.81 48.42 38.60
N HIS I 325 14.17 49.54 38.24
CA HIS I 325 14.92 50.76 37.96
C HIS I 325 15.48 51.39 39.23
N MET I 326 14.77 51.20 40.35
CA MET I 326 15.27 51.66 41.64
C MET I 326 16.51 50.89 42.03
N TYR I 327 16.55 49.62 41.65
CA TYR I 327 17.70 48.77 41.87
C TYR I 327 18.89 49.16 40.99
N ARG I 328 18.63 49.48 39.73
CA ARG I 328 19.69 49.83 38.79
C ARG I 328 20.42 51.13 39.15
N THR I 329 19.67 52.12 39.63
CA THR I 329 20.22 53.44 39.89
C THR I 329 21.00 53.47 41.19
N SER I 330 20.98 52.35 41.91
CA SER I 330 21.74 52.21 43.14
C SER I 330 23.23 51.96 42.87
N LYS I 336 21.06 50.33 50.26
CA LYS I 336 19.68 50.27 49.78
C LYS I 336 19.56 49.37 48.55
N LYS I 337 20.70 49.08 47.90
CA LYS I 337 20.74 48.21 46.73
C LYS I 337 20.15 46.82 46.95
N ASP I 338 20.57 46.14 48.01
CA ASP I 338 20.12 44.79 48.28
C ASP I 338 18.70 44.78 48.82
N ASP I 339 18.32 45.87 49.47
CA ASP I 339 16.97 46.03 49.99
C ASP I 339 15.96 46.08 48.83
N THR I 340 16.33 46.79 47.78
CA THR I 340 15.49 46.91 46.59
C THR I 340 15.50 45.62 45.80
N LEU I 341 16.63 44.93 45.82
CA LEU I 341 16.71 43.62 45.18
C LEU I 341 15.81 42.65 45.90
N LYS I 342 15.73 42.75 47.21
CA LYS I 342 14.88 41.83 47.91
C LYS I 342 13.41 42.13 47.70
N GLU I 343 13.04 43.40 47.61
CA GLU I 343 11.63 43.71 47.38
C GLU I 343 11.20 43.25 45.99
N LEU I 344 12.13 43.27 45.06
CA LEU I 344 11.86 42.78 43.71
C LEU I 344 11.63 41.27 43.73
N THR I 345 12.50 40.53 44.42
CA THR I 345 12.39 39.07 44.45
C THR I 345 11.14 38.58 45.18
N GLU I 346 10.83 39.17 46.32
CA GLU I 346 9.68 38.73 47.11
C GLU I 346 8.37 39.16 46.45
N THR I 347 8.37 40.31 45.76
CA THR I 347 7.17 40.72 45.03
C THR I 347 6.91 39.77 43.86
N THR I 348 7.97 39.42 43.15
CA THR I 348 7.85 38.51 42.01
C THR I 348 7.34 37.15 42.45
N ARG I 349 7.91 36.60 43.51
CA ARG I 349 7.53 35.27 43.98
C ARG I 349 6.14 35.28 44.62
N HIS I 350 5.76 36.39 45.24
CA HIS I 350 4.44 36.49 45.83
C HIS I 350 3.35 36.53 44.75
N ARG I 351 3.63 37.25 43.69
CA ARG I 351 2.72 37.34 42.55
C ARG I 351 2.53 35.96 41.94
N LYS I 352 3.65 35.26 41.76
CA LYS I 352 3.60 33.95 41.15
C LYS I 352 2.99 32.92 42.12
N HIS I 353 3.20 33.10 43.42
CA HIS I 353 2.57 32.21 44.40
C HIS I 353 1.05 32.35 44.30
N LEU I 354 0.60 33.58 44.06
CA LEU I 354 -0.81 33.87 43.94
C LEU I 354 -1.39 33.27 42.65
N ASP I 355 -0.63 33.31 41.57
CA ASP I 355 -1.03 32.71 40.30
C ASP I 355 -1.23 31.19 40.47
N ALA I 356 -0.31 30.57 41.19
CA ALA I 356 -0.34 29.12 41.41
C ALA I 356 -1.58 28.69 42.18
N SER I 357 -1.97 29.51 43.15
CA SER I 357 -3.12 29.22 43.99
C SER I 357 -4.41 29.21 43.15
N VAL I 358 -4.55 30.19 42.28
CA VAL I 358 -5.73 30.29 41.43
C VAL I 358 -5.77 29.14 40.43
N GLU I 359 -4.63 28.88 39.79
CA GLU I 359 -4.51 27.79 38.83
C GLU I 359 -4.74 26.43 39.50
N LEU I 360 -4.26 26.26 40.73
CA LEU I 360 -4.40 24.99 41.42
C LEU I 360 -5.87 24.72 41.74
N ILE I 361 -6.59 25.75 42.17
CA ILE I 361 -8.02 25.63 42.45
C ILE I 361 -8.81 25.22 41.20
N ALA I 362 -8.50 25.86 40.08
CA ALA I 362 -9.17 25.55 38.82
C ALA I 362 -8.87 24.13 38.36
N THR I 363 -7.62 23.71 38.54
CA THR I 363 -7.19 22.37 38.16
C THR I 363 -7.89 21.28 38.98
N ILE I 364 -8.00 21.51 40.29
CA ILE I 364 -8.67 20.58 41.18
C ILE I 364 -10.14 20.41 40.78
N LEU I 365 -10.78 21.51 40.41
CA LEU I 365 -12.19 21.48 40.05
C LEU I 365 -12.44 20.84 38.68
N PHE I 366 -11.70 21.26 37.67
CA PHE I 366 -12.01 20.85 36.30
C PHE I 366 -10.82 20.33 35.48
N GLY I 367 -9.69 20.07 36.13
CA GLY I 367 -8.56 19.47 35.45
C GLY I 367 -7.53 20.45 34.90
N PRO I 368 -6.37 19.92 34.51
CA PRO I 368 -5.23 20.71 34.02
C PRO I 368 -5.21 21.00 32.52
N THR I 369 -6.18 20.48 31.77
CA THR I 369 -6.22 20.70 30.32
C THR I 369 -7.58 21.17 29.84
N MET I 370 -7.59 22.15 28.94
CA MET I 370 -8.82 22.74 28.41
C MET I 370 -9.80 23.09 29.52
N ASN I 371 -9.31 23.76 30.56
CA ASN I 371 -10.13 24.07 31.73
C ASN I 371 -11.26 25.02 31.40
N VAL I 372 -12.48 24.62 31.75
CA VAL I 372 -13.68 25.38 31.39
C VAL I 372 -13.70 26.77 32.06
N LEU I 373 -13.00 26.91 33.17
CA LEU I 373 -12.99 28.19 33.89
C LEU I 373 -12.16 29.25 33.17
N ASN I 374 -11.35 28.84 32.20
CA ASN I 374 -10.52 29.78 31.46
C ASN I 374 -11.21 30.35 30.21
N LEU I 375 -12.43 29.90 29.94
CA LEU I 375 -13.16 30.33 28.75
C LEU I 375 -13.66 31.77 28.88
N VAL I 376 -13.41 32.57 27.84
CA VAL I 376 -13.82 33.97 27.85
C VAL I 376 -15.18 34.15 27.16
N ARG I 377 -16.09 34.86 27.83
CA ARG I 377 -17.40 35.12 27.25
C ARG I 377 -17.30 36.09 26.07
N GLU I 378 -18.25 35.99 25.15
CA GLU I 378 -18.29 36.86 23.99
C GLU I 378 -18.52 38.31 24.39
N PRO I 379 -17.99 39.27 23.60
CA PRO I 379 -18.23 40.68 23.86
C PRO I 379 -19.72 41.00 23.88
N GLY I 380 -20.14 41.81 24.85
CA GLY I 380 -21.55 42.16 24.99
C GLY I 380 -22.21 41.42 26.14
N LEU I 381 -21.62 40.30 26.53
CA LEU I 381 -22.13 39.53 27.66
C LEU I 381 -21.57 40.06 28.98
N PRO I 382 -22.35 39.98 30.06
CA PRO I 382 -21.83 40.31 31.38
C PRO I 382 -20.82 39.26 31.84
N LEU I 383 -19.84 39.68 32.62
CA LEU I 383 -18.81 38.76 33.12
C LEU I 383 -19.41 37.62 33.94
N VAL I 384 -20.37 37.97 34.79
CA VAL I 384 -21.00 36.99 35.67
C VAL I 384 -22.50 37.24 35.73
N ASP I 385 -23.27 36.19 35.99
CA ASP I 385 -24.72 36.31 36.08
C ASP I 385 -25.17 36.60 37.51
N ASP I 386 -24.45 36.05 38.48
CA ASP I 386 -24.73 36.29 39.89
C ASP I 386 -23.56 37.03 40.54
N TRP I 387 -23.72 38.35 40.70
CA TRP I 387 -22.66 39.21 41.21
C TRP I 387 -22.43 39.02 42.70
N GLU I 388 -23.49 38.70 43.43
CA GLU I 388 -23.37 38.43 44.85
C GLU I 388 -22.58 37.15 45.09
N CYS I 389 -22.74 36.19 44.18
CA CYS I 389 -21.97 34.94 44.21
C CYS I 389 -20.50 35.21 43.98
N LEU I 390 -20.22 36.13 43.06
CA LEU I 390 -18.84 36.50 42.73
C LEU I 390 -18.10 37.02 43.96
N LYS I 391 -18.76 37.89 44.71
CA LYS I 391 -18.19 38.44 45.95
C LYS I 391 -17.89 37.34 46.95
N SER I 392 -18.85 36.43 47.11
CA SER I 392 -18.75 35.34 48.06
C SER I 392 -17.58 34.40 47.75
N MET I 393 -17.41 34.06 46.47
CA MET I 393 -16.35 33.16 46.05
C MET I 393 -14.97 33.77 46.28
N VAL I 394 -14.86 35.08 46.13
CA VAL I 394 -13.62 35.80 46.41
C VAL I 394 -13.28 35.72 47.90
N ARG I 395 -14.28 35.94 48.74
CA ARG I 395 -14.10 35.85 50.19
C ARG I 395 -13.66 34.45 50.61
N VAL I 396 -14.23 33.43 49.97
CA VAL I 396 -13.85 32.06 50.24
C VAL I 396 -12.38 31.82 49.90
N PHE I 397 -11.97 32.31 48.73
CA PHE I 397 -10.57 32.21 48.30
C PHE I 397 -9.63 32.87 49.30
N GLU I 398 -9.98 34.09 49.70
CA GLU I 398 -9.14 34.88 50.60
C GLU I 398 -9.09 34.28 52.00
N GLU I 399 -10.16 33.58 52.38
CA GLU I 399 -10.23 32.94 53.68
C GLU I 399 -9.15 31.88 53.82
N HIS I 400 -8.86 31.20 52.71
CA HIS I 400 -7.90 30.10 52.71
C HIS I 400 -6.54 30.45 52.09
N CYS I 401 -6.56 31.28 51.05
CA CYS I 401 -5.35 31.53 50.28
C CYS I 401 -4.75 32.91 50.52
N GLY I 402 -5.41 33.72 51.33
CA GLY I 402 -4.91 35.05 51.63
C GLY I 402 -5.45 36.11 50.69
N SER I 403 -5.13 37.36 50.96
CA SER I 403 -5.64 38.49 50.20
C SER I 403 -5.31 38.41 48.71
N LEU I 404 -6.30 38.76 47.89
CA LEU I 404 -6.15 38.67 46.45
C LEU I 404 -5.23 39.78 45.92
N THR I 405 -5.23 40.91 46.61
CA THR I 405 -4.45 42.10 46.23
C THR I 405 -4.92 42.68 44.88
N GLN I 406 -4.43 43.87 44.54
CA GLN I 406 -4.82 44.51 43.29
C GLN I 406 -4.24 43.78 42.08
N TYR I 407 -3.06 43.19 42.27
CA TYR I 407 -2.47 42.37 41.22
C TYR I 407 -3.38 41.19 40.89
N GLY I 408 -3.97 40.60 41.94
CA GLY I 408 -4.82 39.43 41.79
C GLY I 408 -6.16 39.69 41.14
N MET I 409 -6.48 40.95 40.87
CA MET I 409 -7.71 41.28 40.17
C MET I 409 -7.69 40.75 38.74
N LYS I 410 -6.49 40.41 38.26
CA LYS I 410 -6.34 39.83 36.94
C LYS I 410 -7.01 38.45 36.83
N HIS I 411 -7.19 37.79 37.98
CA HIS I 411 -7.72 36.43 38.00
C HIS I 411 -9.23 36.37 38.24
N MET I 412 -9.89 37.51 38.14
CA MET I 412 -11.29 37.59 38.54
C MET I 412 -12.25 36.80 37.64
N ARG I 413 -11.84 36.53 36.39
CA ARG I 413 -12.69 35.76 35.49
C ARG I 413 -12.82 34.33 35.98
N ALA I 414 -11.76 33.81 36.60
CA ALA I 414 -11.77 32.46 37.15
C ALA I 414 -12.86 32.29 38.20
N PHE I 415 -12.98 33.27 39.10
CA PHE I 415 -13.99 33.21 40.14
C PHE I 415 -15.38 33.43 39.57
N ALA I 416 -15.46 34.26 38.53
CA ALA I 416 -16.73 34.55 37.87
C ALA I 416 -17.27 33.30 37.18
N ASN I 417 -16.37 32.53 36.55
CA ASN I 417 -16.79 31.32 35.84
C ASN I 417 -17.11 30.19 36.82
N VAL I 418 -16.59 30.28 38.04
CA VAL I 418 -16.97 29.34 39.10
C VAL I 418 -18.46 29.51 39.38
N CYS I 419 -18.91 30.76 39.43
CA CYS I 419 -20.31 31.07 39.63
C CYS I 419 -21.15 30.71 38.42
N ASN I 420 -20.64 31.03 37.24
CA ASN I 420 -21.38 30.77 36.00
C ASN I 420 -21.58 29.26 35.79
N ASN I 421 -20.63 28.46 36.25
CA ASN I 421 -20.73 27.01 36.11
C ASN I 421 -21.47 26.35 37.28
N GLY I 422 -22.06 27.17 38.15
CA GLY I 422 -22.92 26.69 39.21
C GLY I 422 -22.22 25.88 40.29
N VAL I 423 -20.93 26.12 40.47
CA VAL I 423 -20.17 25.43 41.50
C VAL I 423 -20.59 25.95 42.87
N SER I 424 -20.95 25.04 43.76
CA SER I 424 -21.47 25.42 45.09
C SER I 424 -20.38 26.03 45.96
N LYS I 425 -20.81 26.74 47.00
CA LYS I 425 -19.87 27.33 47.94
C LYS I 425 -19.06 26.24 48.64
N GLU I 426 -19.72 25.12 48.94
CA GLU I 426 -19.09 24.02 49.65
C GLU I 426 -17.97 23.43 48.80
N LEU I 427 -18.19 23.30 47.49
CA LEU I 427 -17.16 22.82 46.58
C LEU I 427 -15.99 23.80 46.43
N MET I 428 -16.28 25.10 46.40
CA MET I 428 -15.23 26.10 46.31
C MET I 428 -14.37 26.09 47.57
N GLU I 429 -15.04 25.93 48.72
CA GLU I 429 -14.35 25.85 50.00
C GLU I 429 -13.44 24.63 50.04
N GLU I 430 -13.93 23.51 49.53
CA GLU I 430 -13.15 22.28 49.51
C GLU I 430 -11.92 22.41 48.63
N ALA I 431 -12.11 22.99 47.44
CA ALA I 431 -11.00 23.15 46.49
C ALA I 431 -9.98 24.16 47.01
N SER I 432 -10.47 25.24 47.60
CA SER I 432 -9.60 26.26 48.15
C SER I 432 -8.78 25.70 49.32
N THR I 433 -9.42 24.87 50.14
CA THR I 433 -8.73 24.23 51.26
C THR I 433 -7.64 23.28 50.78
N ALA I 434 -7.96 22.50 49.75
CA ALA I 434 -6.99 21.56 49.18
C ALA I 434 -5.82 22.27 48.52
N ALA I 435 -6.09 23.43 47.94
CA ALA I 435 -5.09 24.16 47.17
C ALA I 435 -4.14 24.95 48.05
N CYS I 436 -4.67 25.53 49.12
CA CYS I 436 -3.86 26.44 49.93
C CYS I 436 -3.66 26.02 51.39
N GLY I 437 -4.46 25.08 51.88
CA GLY I 437 -4.31 24.67 53.26
C GLY I 437 -3.02 23.90 53.48
N GLY I 438 -2.21 24.36 54.43
CA GLY I 438 -0.92 23.75 54.72
C GLY I 438 0.25 24.50 54.11
N VAL J 17 -49.71 53.32 -3.97
CA VAL J 17 -48.64 53.81 -4.84
C VAL J 17 -48.69 55.36 -5.09
N GLY J 18 -49.90 55.92 -5.26
CA GLY J 18 -50.04 57.35 -5.48
C GLY J 18 -49.38 57.78 -6.78
N THR J 19 -48.67 58.90 -6.73
CA THR J 19 -47.98 59.41 -7.91
C THR J 19 -46.48 59.16 -7.73
N ARG J 20 -45.82 58.70 -8.79
CA ARG J 20 -44.39 58.42 -8.70
C ARG J 20 -43.58 59.54 -9.35
N TRP J 21 -42.79 60.22 -8.53
CA TRP J 21 -41.94 61.31 -9.00
C TRP J 21 -40.49 60.88 -9.11
N ALA J 22 -39.68 61.70 -9.79
CA ALA J 22 -38.26 61.40 -9.94
C ALA J 22 -37.41 62.64 -10.21
N VAL J 23 -36.22 62.67 -9.62
CA VAL J 23 -35.23 63.71 -9.90
C VAL J 23 -33.93 63.08 -10.39
N LEU J 24 -33.51 63.45 -11.59
CA LEU J 24 -32.28 62.93 -12.17
C LEU J 24 -31.29 64.07 -12.39
N VAL J 25 -30.11 63.96 -11.77
CA VAL J 25 -29.12 65.03 -11.79
C VAL J 25 -27.72 64.57 -12.20
N ALA J 26 -27.18 65.21 -13.24
CA ALA J 26 -25.78 65.03 -13.59
C ALA J 26 -24.98 66.23 -13.08
N GLY J 27 -23.90 65.98 -12.36
CA GLY J 27 -23.18 67.04 -11.69
C GLY J 27 -21.91 67.52 -12.35
N SER J 28 -21.70 67.11 -13.60
CA SER J 28 -20.49 67.48 -14.32
C SER J 28 -20.76 67.89 -15.76
N SER J 29 -19.71 68.33 -16.45
CA SER J 29 -19.78 68.70 -17.85
C SER J 29 -18.46 68.41 -18.54
N GLY J 30 -18.40 68.61 -19.85
CA GLY J 30 -17.21 68.33 -20.62
C GLY J 30 -17.27 66.93 -21.21
N TYR J 31 -16.65 66.75 -22.37
CA TYR J 31 -16.73 65.48 -23.10
C TYR J 31 -16.04 64.34 -22.34
N GLY J 32 -15.07 64.70 -21.50
CA GLY J 32 -14.39 63.74 -20.65
C GLY J 32 -15.32 63.14 -19.61
N ASN J 33 -16.39 63.86 -19.29
CA ASN J 33 -17.39 63.38 -18.34
C ASN J 33 -18.66 62.95 -19.06
N TYR J 34 -18.48 62.46 -20.28
CA TYR J 34 -19.54 61.90 -21.11
C TYR J 34 -20.46 60.98 -20.30
N ARG J 35 -19.85 60.08 -19.53
CA ARG J 35 -20.55 59.01 -18.85
C ARG J 35 -21.66 59.49 -17.91
N HIS J 36 -21.45 60.61 -17.24
CA HIS J 36 -22.36 61.06 -16.21
C HIS J 36 -23.71 61.48 -16.77
N GLN J 37 -23.70 62.14 -17.93
CA GLN J 37 -24.95 62.56 -18.57
C GLN J 37 -25.59 61.39 -19.32
N ALA J 38 -24.75 60.46 -19.77
CA ALA J 38 -25.27 59.23 -20.37
C ALA J 38 -25.97 58.37 -19.33
N ASP J 39 -25.44 58.36 -18.11
CA ASP J 39 -26.07 57.65 -16.99
C ASP J 39 -27.48 58.17 -16.74
N VAL J 40 -27.59 59.49 -16.62
CA VAL J 40 -28.84 60.15 -16.28
C VAL J 40 -29.91 59.95 -17.37
N CYS J 41 -29.50 60.08 -18.64
CA CYS J 41 -30.42 59.90 -19.75
C CYS J 41 -30.93 58.46 -19.83
N HIS J 42 -30.04 57.51 -19.60
CA HIS J 42 -30.40 56.09 -19.57
C HIS J 42 -31.39 55.84 -18.44
N ALA J 43 -31.18 56.51 -17.31
CA ALA J 43 -32.07 56.38 -16.16
C ALA J 43 -33.47 56.87 -16.51
N TYR J 44 -33.54 57.93 -17.33
CA TYR J 44 -34.83 58.49 -17.73
C TYR J 44 -35.62 57.50 -18.58
N GLN J 45 -34.95 56.85 -19.52
CA GLN J 45 -35.61 55.91 -20.41
C GLN J 45 -36.19 54.72 -19.63
N ILE J 46 -35.46 54.27 -18.61
CA ILE J 46 -35.92 53.18 -17.77
C ILE J 46 -37.20 53.54 -17.01
N LEU J 47 -37.21 54.75 -16.46
CA LEU J 47 -38.37 55.21 -15.70
C LEU J 47 -39.58 55.37 -16.61
N ARG J 48 -39.34 55.86 -17.83
CA ARG J 48 -40.42 56.03 -18.79
C ARG J 48 -40.98 54.70 -19.25
N LYS J 49 -40.10 53.75 -19.54
CA LYS J 49 -40.54 52.41 -19.90
C LYS J 49 -41.30 51.76 -18.74
N GLY J 50 -40.99 52.20 -17.52
CA GLY J 50 -41.66 51.69 -16.35
C GLY J 50 -43.04 52.31 -16.16
N GLY J 51 -43.34 53.35 -16.94
CA GLY J 51 -44.66 53.94 -16.91
C GLY J 51 -44.73 55.27 -16.19
N LEU J 52 -43.60 55.77 -15.71
CA LEU J 52 -43.55 57.09 -15.10
C LEU J 52 -43.76 58.17 -16.16
N LYS J 53 -44.44 59.24 -15.76
CA LYS J 53 -44.83 60.30 -16.66
C LYS J 53 -43.75 61.39 -16.76
N GLU J 54 -43.61 61.97 -17.94
CA GLU J 54 -42.58 62.99 -18.17
C GLU J 54 -42.76 64.21 -17.28
N GLU J 55 -44.01 64.55 -17.00
CA GLU J 55 -44.32 65.72 -16.19
C GLU J 55 -43.87 65.55 -14.74
N ASN J 56 -43.67 64.29 -14.33
CA ASN J 56 -43.30 63.98 -12.96
C ASN J 56 -41.82 63.66 -12.80
N ILE J 57 -41.08 63.74 -13.90
CA ILE J 57 -39.64 63.50 -13.87
C ILE J 57 -38.86 64.76 -14.21
N VAL J 58 -38.09 65.27 -13.25
CA VAL J 58 -37.27 66.46 -13.47
C VAL J 58 -35.83 66.08 -13.78
N VAL J 59 -35.31 66.59 -14.89
CA VAL J 59 -33.96 66.26 -15.34
C VAL J 59 -33.05 67.47 -15.32
N LEU J 60 -31.96 67.38 -14.56
CA LEU J 60 -30.95 68.43 -14.54
C LEU J 60 -29.66 67.93 -15.17
N MET J 61 -29.35 68.43 -16.37
CA MET J 61 -28.15 68.05 -17.08
C MET J 61 -27.61 69.23 -17.88
N TYR J 62 -26.28 69.35 -17.93
CA TYR J 62 -25.64 70.49 -18.57
C TYR J 62 -25.95 70.54 -20.06
N ASP J 63 -26.16 69.36 -20.65
CA ASP J 63 -26.59 69.21 -22.03
C ASP J 63 -25.57 69.73 -23.04
N ASP J 64 -24.31 69.32 -22.87
CA ASP J 64 -23.24 69.76 -23.76
C ASP J 64 -22.57 68.59 -24.47
N ILE J 65 -23.16 67.41 -24.37
CA ILE J 65 -22.50 66.21 -24.86
C ILE J 65 -23.09 65.69 -26.18
N ALA J 66 -24.41 65.70 -26.30
CA ALA J 66 -25.09 65.13 -27.45
C ALA J 66 -24.64 65.77 -28.77
N ASN J 67 -24.44 67.09 -28.74
CA ASN J 67 -24.01 67.79 -29.94
C ASN J 67 -22.62 68.41 -29.76
N HIS J 68 -21.80 67.73 -28.98
CA HIS J 68 -20.39 68.09 -28.82
C HIS J 68 -19.66 67.74 -30.11
N PRO J 69 -18.75 68.63 -30.55
CA PRO J 69 -17.97 68.41 -31.78
C PRO J 69 -17.25 67.07 -31.82
N LEU J 70 -16.84 66.57 -30.67
CA LEU J 70 -16.08 65.33 -30.58
C LEU J 70 -16.94 64.08 -30.63
N ASN J 71 -18.26 64.26 -30.45
CA ASN J 71 -19.20 63.14 -30.47
C ASN J 71 -19.32 62.53 -31.87
N PRO J 72 -18.90 61.27 -32.02
CA PRO J 72 -18.88 60.57 -33.31
C PRO J 72 -20.28 60.23 -33.84
N ARG J 73 -21.29 60.29 -32.97
CA ARG J 73 -22.67 60.12 -33.39
C ARG J 73 -23.53 61.26 -32.85
N PRO J 74 -23.53 62.40 -33.57
CA PRO J 74 -24.21 63.64 -33.14
C PRO J 74 -25.69 63.44 -32.82
N GLY J 75 -26.15 64.05 -31.73
CA GLY J 75 -27.54 63.98 -31.34
C GLY J 75 -27.88 62.74 -30.51
N THR J 76 -26.87 61.94 -30.17
CA THR J 76 -27.10 60.71 -29.42
C THR J 76 -26.20 60.55 -28.20
N LEU J 77 -26.63 59.69 -27.28
CA LEU J 77 -25.84 59.27 -26.13
C LEU J 77 -26.04 57.77 -25.92
N ILE J 78 -24.96 57.04 -25.69
CA ILE J 78 -25.07 55.63 -25.35
C ILE J 78 -24.42 55.35 -24.00
N ASN J 79 -24.99 54.40 -23.26
CA ASN J 79 -24.52 54.07 -21.92
C ASN J 79 -24.03 52.63 -21.84
N HIS J 80 -23.69 52.07 -23.00
CA HIS J 80 -23.25 50.69 -23.14
C HIS J 80 -22.58 50.54 -24.50
N PRO J 81 -21.49 49.75 -24.58
CA PRO J 81 -20.75 49.54 -25.84
C PRO J 81 -21.65 49.09 -26.99
N ASP J 82 -22.59 48.19 -26.71
CA ASP J 82 -23.51 47.72 -27.72
C ASP J 82 -24.88 48.37 -27.56
N GLY J 83 -24.91 49.50 -26.87
CA GLY J 83 -26.18 50.13 -26.52
C GLY J 83 -26.76 51.03 -27.59
N ASP J 84 -28.07 51.27 -27.49
CA ASP J 84 -28.76 52.18 -28.39
C ASP J 84 -28.81 53.59 -27.78
N ASP J 85 -29.35 54.55 -28.53
CA ASP J 85 -29.48 55.91 -28.06
C ASP J 85 -30.42 56.03 -26.86
N VAL J 86 -30.05 56.86 -25.89
CA VAL J 86 -30.89 57.10 -24.72
C VAL J 86 -31.16 58.60 -24.52
N TYR J 87 -30.66 59.42 -25.44
CA TYR J 87 -30.78 60.88 -25.33
C TYR J 87 -32.14 61.39 -25.82
N ALA J 88 -32.67 60.77 -26.87
CA ALA J 88 -33.93 61.23 -27.47
C ALA J 88 -35.10 61.11 -26.49
N GLY J 89 -35.81 62.21 -26.28
CA GLY J 89 -36.98 62.22 -25.42
C GLY J 89 -36.71 62.81 -24.05
N VAL J 90 -35.43 62.95 -23.69
CA VAL J 90 -35.07 63.50 -22.39
C VAL J 90 -35.37 64.99 -22.33
N PRO J 91 -36.20 65.41 -21.38
CA PRO J 91 -36.62 66.81 -21.22
C PRO J 91 -35.49 67.72 -20.80
N LYS J 92 -35.52 68.97 -21.28
CA LYS J 92 -34.51 69.96 -20.95
C LYS J 92 -35.00 70.87 -19.84
N ASP J 93 -35.24 70.29 -18.67
CA ASP J 93 -35.78 71.05 -17.56
C ASP J 93 -34.81 72.09 -17.03
N TYR J 94 -33.58 71.67 -16.75
CA TYR J 94 -32.55 72.57 -16.26
C TYR J 94 -31.22 72.22 -16.91
N THR J 95 -30.77 73.09 -17.81
CA THR J 95 -29.53 72.86 -18.54
C THR J 95 -28.57 74.05 -18.41
N GLY J 96 -27.32 73.83 -18.82
CA GLY J 96 -26.32 74.87 -18.82
C GLY J 96 -26.08 75.50 -17.46
N SER J 97 -26.24 76.82 -17.39
CA SER J 97 -25.99 77.57 -16.17
C SER J 97 -27.10 77.38 -15.14
N SER J 98 -28.18 76.72 -15.55
CA SER J 98 -29.31 76.51 -14.66
C SER J 98 -29.10 75.26 -13.79
N VAL J 99 -28.08 74.48 -14.10
CA VAL J 99 -27.76 73.29 -13.31
C VAL J 99 -26.97 73.69 -12.07
N THR J 100 -27.69 74.07 -11.02
CA THR J 100 -27.06 74.55 -9.79
C THR J 100 -27.54 73.78 -8.57
N ALA J 101 -26.80 73.89 -7.48
CA ALA J 101 -27.19 73.27 -6.22
C ALA J 101 -28.48 73.89 -5.72
N ALA J 102 -28.62 75.19 -5.90
CA ALA J 102 -29.80 75.91 -5.46
C ALA J 102 -31.06 75.44 -6.19
N ASN J 103 -30.95 75.24 -7.50
CA ASN J 103 -32.07 74.73 -8.27
C ASN J 103 -32.43 73.30 -7.90
N PHE J 104 -31.42 72.49 -7.63
CA PHE J 104 -31.63 71.10 -7.25
C PHE J 104 -32.44 71.01 -5.95
N TYR J 105 -32.08 71.84 -4.97
CA TYR J 105 -32.80 71.86 -3.71
C TYR J 105 -34.24 72.36 -3.89
N ALA J 106 -34.39 73.41 -4.70
CA ALA J 106 -35.70 74.02 -4.92
C ALA J 106 -36.64 73.07 -5.64
N VAL J 107 -36.12 72.34 -6.62
CA VAL J 107 -36.88 71.33 -7.34
C VAL J 107 -37.35 70.24 -6.39
N LEU J 108 -36.43 69.78 -5.53
CA LEU J 108 -36.72 68.69 -4.61
C LEU J 108 -37.79 69.06 -3.60
N LEU J 109 -37.77 70.33 -3.17
CA LEU J 109 -38.74 70.83 -2.21
C LEU J 109 -40.07 71.13 -2.89
N GLY J 110 -40.05 71.23 -4.21
CA GLY J 110 -41.25 71.58 -4.94
C GLY J 110 -41.52 73.06 -4.78
N ASP J 111 -40.44 73.83 -4.71
CA ASP J 111 -40.54 75.26 -4.55
C ASP J 111 -40.30 75.97 -5.88
N GLN J 112 -41.39 76.22 -6.59
CA GLN J 112 -41.37 76.86 -7.91
C GLN J 112 -40.85 78.30 -7.87
N LYS J 113 -41.08 78.98 -6.77
CA LYS J 113 -40.62 80.36 -6.58
C LYS J 113 -39.12 80.47 -6.41
N ALA J 114 -38.54 79.48 -5.73
CA ALA J 114 -37.11 79.46 -5.45
C ALA J 114 -36.32 79.06 -6.68
N VAL J 115 -37.00 78.43 -7.64
CA VAL J 115 -36.36 78.03 -8.89
C VAL J 115 -36.02 79.23 -9.74
N LYS J 116 -34.80 79.26 -10.27
CA LYS J 116 -34.39 80.35 -11.14
C LYS J 116 -34.07 79.82 -12.54
N GLY J 117 -34.82 80.29 -13.53
CA GLY J 117 -34.66 79.86 -14.92
C GLY J 117 -35.20 78.47 -15.17
N GLY J 118 -34.80 77.88 -16.28
CA GLY J 118 -35.21 76.53 -16.62
C GLY J 118 -36.69 76.42 -17.01
N SER J 119 -37.18 75.18 -17.04
CA SER J 119 -38.56 74.92 -17.44
C SER J 119 -39.53 75.24 -16.31
N GLY J 120 -39.03 75.27 -15.09
CA GLY J 120 -39.86 75.56 -13.94
C GLY J 120 -40.53 74.33 -13.36
N LYS J 121 -40.19 73.16 -13.90
CA LYS J 121 -40.74 71.90 -13.40
C LYS J 121 -40.13 71.54 -12.05
N VAL J 122 -40.98 71.25 -11.07
CA VAL J 122 -40.52 70.87 -9.74
C VAL J 122 -41.24 69.64 -9.23
N ILE J 123 -40.81 69.12 -8.08
CA ILE J 123 -41.47 68.00 -7.45
C ILE J 123 -42.56 68.51 -6.50
N ALA J 124 -43.70 68.88 -7.07
CA ALA J 124 -44.84 69.32 -6.26
C ALA J 124 -45.63 68.11 -5.81
N SER J 125 -45.00 67.30 -4.95
CA SER J 125 -45.56 66.03 -4.57
C SER J 125 -46.58 66.16 -3.46
N LYS J 126 -47.31 65.07 -3.21
CA LYS J 126 -48.36 65.05 -2.20
C LYS J 126 -48.14 63.87 -1.24
N PRO J 127 -48.74 63.94 -0.03
CA PRO J 127 -48.47 62.95 1.04
C PRO J 127 -48.45 61.47 0.65
N ASN J 128 -49.19 61.07 -0.37
CA ASN J 128 -49.25 59.66 -0.74
C ASN J 128 -48.30 59.27 -1.88
N ASP J 129 -47.47 60.21 -2.32
CA ASP J 129 -46.61 59.99 -3.47
C ASP J 129 -45.27 59.32 -3.11
N HIS J 130 -44.63 58.75 -4.12
CA HIS J 130 -43.30 58.16 -3.99
C HIS J 130 -42.31 58.98 -4.82
N ILE J 131 -41.08 59.11 -4.31
CA ILE J 131 -40.07 59.92 -4.99
C ILE J 131 -38.77 59.12 -5.15
N PHE J 132 -38.19 59.18 -6.34
CA PHE J 132 -36.93 58.52 -6.63
C PHE J 132 -35.86 59.51 -7.08
N VAL J 133 -34.79 59.61 -6.32
CA VAL J 133 -33.71 60.55 -6.63
C VAL J 133 -32.45 59.82 -7.07
N TYR J 134 -31.88 60.26 -8.18
CA TYR J 134 -30.65 59.66 -8.70
C TYR J 134 -29.64 60.74 -9.10
N TYR J 135 -28.50 60.74 -8.43
CA TYR J 135 -27.41 61.68 -8.74
C TYR J 135 -26.24 60.92 -9.37
N ALA J 136 -25.58 61.56 -10.34
CA ALA J 136 -24.41 60.95 -10.96
C ALA J 136 -23.33 61.94 -11.37
C SNN J 137 -19.62 62.40 -10.37
CA SNN J 137 -20.82 62.73 -11.21
N SNN J 137 -22.06 61.93 -10.97
C4 SNN J 137 -20.97 64.24 -11.28
C5 SNN J 137 -19.81 64.80 -10.48
O SNN J 137 -19.28 61.24 -10.15
O5 SNN J 137 -19.70 66.01 -10.39
H2 SNN J 137 -21.69 61.09 -11.15
HA SNN J 137 -20.58 62.48 -12.11
H SNN J 137 -22.03 61.95 -10.04
H41 SNN J 137 -20.92 64.54 -12.20
H42 SNN J 137 -21.81 64.51 -10.88
N HIS J 138 -19.23 63.65 -10.10
CA HIS J 138 -18.03 63.58 -9.28
C HIS J 138 -18.33 63.89 -7.81
N GLY J 139 -17.39 63.54 -6.95
CA GLY J 139 -17.58 63.78 -5.53
C GLY J 139 -16.31 63.72 -4.72
N GLY J 140 -16.44 64.04 -3.43
CA GLY J 140 -15.36 63.96 -2.49
C GLY J 140 -15.99 63.88 -1.11
N PRO J 141 -15.16 63.74 -0.06
CA PRO J 141 -15.68 63.66 1.31
C PRO J 141 -16.59 64.84 1.64
N GLY J 142 -17.88 64.55 1.82
CA GLY J 142 -18.85 65.55 2.23
C GLY J 142 -19.32 66.49 1.13
N VAL J 143 -18.92 66.23 -0.11
CA VAL J 143 -19.27 67.12 -1.20
C VAL J 143 -19.63 66.40 -2.51
N LEU J 144 -20.67 66.90 -3.18
CA LEU J 144 -21.05 66.41 -4.50
C LEU J 144 -20.85 67.52 -5.53
N GLY J 145 -20.32 67.16 -6.70
CA GLY J 145 -20.01 68.15 -7.72
C GLY J 145 -21.21 68.75 -8.42
N MET J 146 -21.04 69.99 -8.89
CA MET J 146 -22.01 70.67 -9.75
C MET J 146 -21.26 71.38 -10.87
N PRO J 147 -21.85 71.41 -12.08
CA PRO J 147 -21.17 72.02 -13.22
C PRO J 147 -21.10 73.54 -13.09
N ASN J 148 -21.90 74.11 -12.20
CA ASN J 148 -21.83 75.52 -11.86
C ASN J 148 -21.63 75.69 -10.34
N THR J 149 -20.50 76.24 -9.94
CA THR J 149 -20.20 76.44 -8.51
C THR J 149 -21.25 77.33 -7.85
N PRO J 150 -21.48 77.15 -6.54
CA PRO J 150 -20.81 76.24 -5.60
C PRO J 150 -21.29 74.80 -5.71
N HIS J 151 -20.48 73.87 -5.22
CA HIS J 151 -20.83 72.46 -5.20
C HIS J 151 -21.87 72.17 -4.13
N ILE J 152 -22.37 70.93 -4.12
CA ILE J 152 -23.32 70.49 -3.11
C ILE J 152 -22.61 70.04 -1.84
N TYR J 153 -22.95 70.66 -0.71
CA TYR J 153 -22.40 70.22 0.58
C TYR J 153 -23.40 69.33 1.30
N ALA J 154 -22.89 68.25 1.89
CA ALA J 154 -23.72 67.19 2.46
C ALA J 154 -24.78 67.70 3.44
N ALA J 155 -24.37 68.59 4.33
CA ALA J 155 -25.28 69.10 5.36
C ALA J 155 -26.49 69.82 4.76
N ASP J 156 -26.27 70.60 3.71
CA ASP J 156 -27.36 71.32 3.04
C ASP J 156 -28.33 70.36 2.35
N PHE J 157 -27.80 69.31 1.75
CA PHE J 157 -28.61 68.30 1.10
C PHE J 157 -29.51 67.62 2.14
N ILE J 158 -28.92 67.23 3.27
CA ILE J 158 -29.67 66.58 4.34
C ILE J 158 -30.71 67.54 4.93
N GLU J 159 -30.33 68.80 5.06
CA GLU J 159 -31.24 69.82 5.58
C GLU J 159 -32.45 69.98 4.66
N THR J 160 -32.23 69.90 3.36
CA THR J 160 -33.30 69.97 2.38
C THR J 160 -34.27 68.81 2.53
N LEU J 161 -33.73 67.62 2.79
CA LEU J 161 -34.55 66.42 2.99
C LEU J 161 -35.40 66.52 4.25
N LYS J 162 -34.83 67.09 5.30
CA LYS J 162 -35.54 67.28 6.57
C LYS J 162 -36.71 68.23 6.39
N LYS J 163 -36.48 69.30 5.64
CA LYS J 163 -37.51 70.29 5.35
C LYS J 163 -38.64 69.69 4.53
N LYS J 164 -38.28 68.85 3.57
CA LYS J 164 -39.25 68.16 2.72
C LYS J 164 -40.12 67.23 3.56
N HIS J 165 -39.49 66.53 4.48
CA HIS J 165 -40.17 65.61 5.38
C HIS J 165 -41.16 66.34 6.28
N ALA J 166 -40.74 67.49 6.81
CA ALA J 166 -41.56 68.27 7.73
C ALA J 166 -42.85 68.78 7.05
N SER J 167 -42.77 69.05 5.75
CA SER J 167 -43.93 69.50 5.00
C SER J 167 -44.94 68.35 4.80
N GLY J 168 -44.44 67.12 4.91
CA GLY J 168 -45.28 65.94 4.78
C GLY J 168 -45.83 65.77 3.37
N THR J 169 -45.03 66.16 2.38
CA THR J 169 -45.47 66.13 0.99
C THR J 169 -45.00 64.89 0.23
N TYR J 170 -44.78 63.79 0.94
CA TYR J 170 -44.44 62.52 0.30
C TYR J 170 -44.62 61.38 1.28
N LYS J 171 -44.85 60.18 0.75
CA LYS J 171 -45.01 58.99 1.58
C LYS J 171 -43.65 58.40 1.94
N GLU J 172 -42.91 58.00 0.90
CA GLU J 172 -41.55 57.48 1.08
C GLU J 172 -40.65 57.86 -0.09
N MET J 173 -39.34 57.77 0.11
CA MET J 173 -38.37 58.20 -0.89
C MET J 173 -37.16 57.27 -0.95
N VAL J 174 -36.65 57.06 -2.16
CA VAL J 174 -35.44 56.27 -2.38
C VAL J 174 -34.39 57.10 -3.11
N ILE J 175 -33.16 57.09 -2.61
CA ILE J 175 -32.08 57.89 -3.20
C ILE J 175 -30.87 57.04 -3.62
N TYR J 176 -30.50 57.12 -4.90
CA TYR J 176 -29.30 56.47 -5.39
C TYR J 176 -28.24 57.53 -5.71
N VAL J 177 -27.03 57.36 -5.19
CA VAL J 177 -25.99 58.38 -5.39
C VAL J 177 -24.71 57.81 -5.99
N GLU J 178 -24.37 58.26 -7.19
CA GLU J 178 -23.14 57.88 -7.87
C GLU J 178 -22.08 58.98 -7.75
N ALA J 179 -21.10 58.75 -6.88
CA ALA J 179 -20.00 59.70 -6.68
C ALA J 179 -18.87 59.06 -5.91
N ALA J 180 -17.68 59.65 -5.99
CA ALA J 180 -16.54 59.17 -5.22
C ALA J 180 -16.72 59.59 -3.76
N GLU J 181 -16.40 58.68 -2.85
CA GLU J 181 -16.60 58.88 -1.41
C GLU J 181 -18.05 59.27 -1.10
N SER J 182 -19.00 58.70 -1.85
CA SER J 182 -20.39 59.09 -1.76
C SER J 182 -21.04 58.77 -0.41
N GLY J 183 -20.45 57.82 0.32
CA GLY J 183 -20.94 57.48 1.64
C GLY J 183 -20.83 58.64 2.63
N SER J 184 -19.87 59.54 2.37
CA SER J 184 -19.62 60.66 3.26
C SER J 184 -20.75 61.68 3.26
N ILE J 185 -21.63 61.59 2.27
CA ILE J 185 -22.76 62.51 2.16
C ILE J 185 -23.81 62.21 3.23
N PHE J 186 -23.83 60.98 3.73
CA PHE J 186 -24.89 60.56 4.63
C PHE J 186 -24.40 60.08 5.99
N GLU J 187 -23.18 59.58 6.07
CA GLU J 187 -22.68 59.03 7.33
C GLU J 187 -22.62 60.06 8.44
N GLY J 188 -23.30 59.75 9.55
CA GLY J 188 -23.25 60.59 10.72
C GLY J 188 -24.23 61.75 10.73
N ILE J 189 -24.94 61.96 9.63
CA ILE J 189 -25.85 63.08 9.54
C ILE J 189 -27.23 62.70 9.01
N MET J 190 -27.32 61.57 8.32
CA MET J 190 -28.60 61.16 7.73
C MET J 190 -29.46 60.42 8.75
N PRO J 191 -30.62 61.02 9.11
CA PRO J 191 -31.55 60.41 10.07
C PRO J 191 -32.29 59.21 9.48
N LYS J 192 -32.90 58.41 10.35
CA LYS J 192 -33.61 57.21 9.90
C LYS J 192 -35.11 57.35 10.08
N ASP J 193 -35.58 58.57 10.35
CA ASP J 193 -36.99 58.81 10.59
C ASP J 193 -37.60 59.76 9.58
N LEU J 194 -37.00 59.84 8.39
CA LEU J 194 -37.49 60.73 7.35
C LEU J 194 -38.25 59.98 6.26
N ASN J 195 -38.50 58.69 6.49
CA ASN J 195 -39.11 57.82 5.50
C ASN J 195 -38.30 57.79 4.20
N ILE J 196 -36.98 57.78 4.34
CA ILE J 196 -36.08 57.79 3.20
C ILE J 196 -35.05 56.68 3.29
N TYR J 197 -34.84 55.98 2.17
CA TYR J 197 -33.79 54.98 2.06
C TYR J 197 -32.76 55.40 1.02
N VAL J 198 -31.48 55.20 1.33
CA VAL J 198 -30.39 55.69 0.49
C VAL J 198 -29.36 54.60 0.19
N THR J 199 -28.88 54.55 -1.05
CA THR J 199 -27.69 53.74 -1.37
C THR J 199 -26.64 54.60 -2.07
N THR J 200 -25.37 54.31 -1.81
CA THR J 200 -24.28 55.06 -2.43
C THR J 200 -23.28 54.13 -3.12
N ALA J 201 -22.58 54.66 -4.11
CA ALA J 201 -21.64 53.87 -4.91
C ALA J 201 -20.43 53.37 -4.12
N SER J 202 -19.98 54.17 -3.16
CA SER J 202 -18.80 53.82 -2.39
C SER J 202 -18.97 54.19 -0.92
N ASN J 203 -17.99 53.85 -0.08
CA ASN J 203 -18.03 54.25 1.31
C ASN J 203 -17.47 55.67 1.45
N ALA J 204 -17.21 56.09 2.69
CA ALA J 204 -16.87 57.49 2.95
C ALA J 204 -15.42 57.85 2.66
N GLN J 205 -14.59 56.86 2.33
CA GLN J 205 -13.16 57.12 2.17
C GLN J 205 -12.55 56.58 0.89
N GLU J 206 -13.30 55.78 0.15
CA GLU J 206 -12.74 55.14 -1.03
C GLU J 206 -13.18 55.81 -2.33
N SER J 207 -12.48 55.48 -3.40
CA SER J 207 -12.79 56.03 -4.72
C SER J 207 -13.93 55.26 -5.38
N SER J 208 -14.57 55.90 -6.34
CA SER J 208 -15.55 55.21 -7.19
C SER J 208 -14.92 54.91 -8.55
N TYR J 209 -15.67 54.20 -9.40
CA TYR J 209 -15.13 53.69 -10.66
C TYR J 209 -16.02 53.97 -11.86
N GLY J 210 -15.39 54.38 -12.96
CA GLY J 210 -16.06 54.50 -14.25
C GLY J 210 -15.78 53.25 -15.07
N THR J 211 -16.63 52.98 -16.05
CA THR J 211 -16.47 51.75 -16.82
C THR J 211 -16.87 51.95 -18.29
N TYR J 212 -16.75 50.89 -19.08
CA TYR J 212 -16.98 50.95 -20.53
C TYR J 212 -16.05 52.00 -21.15
N CYS J 213 -14.75 51.85 -20.90
CA CYS J 213 -13.77 52.83 -21.32
C CYS J 213 -12.83 52.28 -22.40
N PRO J 214 -12.24 53.17 -23.20
CA PRO J 214 -11.25 52.74 -24.20
C PRO J 214 -9.98 52.19 -23.54
N GLY J 215 -9.36 51.22 -24.21
CA GLY J 215 -8.13 50.60 -23.74
C GLY J 215 -8.35 49.53 -22.69
N MET J 216 -9.61 49.22 -22.41
CA MET J 216 -9.94 48.19 -21.44
C MET J 216 -11.02 47.25 -21.96
N ASN J 217 -11.41 46.28 -21.14
CA ASN J 217 -12.40 45.30 -21.55
C ASN J 217 -13.61 45.26 -20.61
N PRO J 218 -14.82 45.52 -21.14
CA PRO J 218 -15.06 45.80 -22.56
C PRO J 218 -14.86 47.28 -22.94
N SER J 219 -14.39 47.52 -24.16
CA SER J 219 -14.23 48.86 -24.69
C SER J 219 -15.44 49.26 -25.53
N PRO J 220 -15.74 50.58 -25.60
CA PRO J 220 -16.75 51.09 -26.53
C PRO J 220 -16.24 50.95 -27.96
N PRO J 221 -17.11 51.21 -28.96
CA PRO J 221 -16.64 51.25 -30.35
C PRO J 221 -15.45 52.21 -30.50
N SER J 222 -14.51 51.89 -31.38
CA SER J 222 -13.24 52.61 -31.47
C SER J 222 -13.39 54.12 -31.68
N GLU J 223 -14.51 54.55 -32.25
CA GLU J 223 -14.74 55.98 -32.47
C GLU J 223 -14.96 56.70 -31.13
N TYR J 224 -15.27 55.94 -30.09
CA TYR J 224 -15.42 56.50 -28.75
C TYR J 224 -14.11 56.44 -27.96
N ILE J 225 -13.57 57.59 -27.59
CA ILE J 225 -12.34 57.65 -26.82
C ILE J 225 -12.60 58.20 -25.41
N THR J 226 -13.83 58.06 -24.96
CA THR J 226 -14.22 58.46 -23.61
C THR J 226 -15.09 57.36 -22.97
N CYS J 227 -15.14 57.31 -21.65
CA CYS J 227 -15.92 56.28 -20.95
C CYS J 227 -17.42 56.48 -21.13
N LEU J 228 -18.16 55.39 -21.29
CA LEU J 228 -19.60 55.45 -21.56
C LEU J 228 -20.47 55.45 -20.28
N GLY J 229 -19.97 54.86 -19.21
CA GLY J 229 -20.76 54.76 -17.99
C GLY J 229 -19.93 54.65 -16.71
N ASP J 230 -20.63 54.41 -15.60
CA ASP J 230 -19.98 54.19 -14.32
C ASP J 230 -20.49 52.87 -13.72
N LEU J 231 -19.61 52.20 -12.97
CA LEU J 231 -19.85 50.84 -12.47
C LEU J 231 -21.15 50.67 -11.68
N TYR J 232 -21.30 51.45 -10.62
CA TYR J 232 -22.48 51.40 -9.76
C TYR J 232 -23.74 51.75 -10.53
N SER J 233 -23.62 52.72 -11.43
CA SER J 233 -24.76 53.20 -12.20
C SER J 233 -25.29 52.14 -13.16
N VAL J 234 -24.41 51.57 -13.97
CA VAL J 234 -24.84 50.55 -14.93
C VAL J 234 -25.25 49.27 -14.20
N ALA J 235 -24.78 49.11 -12.96
CA ALA J 235 -25.16 47.95 -12.17
C ALA J 235 -26.65 47.96 -11.85
N TRP J 236 -27.16 49.08 -11.36
CA TRP J 236 -28.58 49.11 -10.98
C TRP J 236 -29.50 49.33 -12.18
N MET J 237 -29.01 50.04 -13.20
CA MET J 237 -29.84 50.34 -14.37
C MET J 237 -30.01 49.12 -15.27
N GLU J 238 -28.92 48.39 -15.52
CA GLU J 238 -29.02 47.15 -16.31
C GLU J 238 -29.83 46.11 -15.55
N ASP J 239 -29.78 46.18 -14.21
CA ASP J 239 -30.56 45.28 -13.36
C ASP J 239 -32.05 45.58 -13.48
N SER J 240 -32.40 46.86 -13.41
CA SER J 240 -33.79 47.30 -13.53
C SER J 240 -34.33 47.02 -14.93
N GLU J 241 -33.45 47.05 -15.93
CA GLU J 241 -33.83 46.90 -17.33
C GLU J 241 -34.13 45.47 -17.72
N THR J 242 -33.69 44.53 -16.89
CA THR J 242 -33.80 43.11 -17.23
C THR J 242 -34.52 42.25 -16.19
N HIS J 243 -35.29 42.88 -15.30
CA HIS J 243 -35.98 42.11 -14.28
C HIS J 243 -37.40 42.61 -14.03
N ASN J 244 -38.27 41.68 -13.60
CA ASN J 244 -39.65 42.01 -13.26
C ASN J 244 -39.70 42.85 -12.00
N LEU J 245 -39.99 44.14 -12.17
CA LEU J 245 -39.94 45.07 -11.06
C LEU J 245 -41.16 45.01 -10.14
N LYS J 246 -42.21 44.28 -10.55
CA LYS J 246 -43.31 44.05 -9.63
C LYS J 246 -42.96 42.97 -8.61
N LYS J 247 -41.95 42.17 -8.92
CA LYS J 247 -41.52 41.10 -8.01
C LYS J 247 -40.26 41.48 -7.24
N GLU J 248 -39.30 42.09 -7.92
CA GLU J 248 -38.00 42.36 -7.32
C GLU J 248 -38.10 43.41 -6.22
N THR J 249 -37.46 43.12 -5.10
CA THR J 249 -37.43 44.03 -3.97
C THR J 249 -36.22 44.96 -4.05
N ILE J 250 -36.29 46.08 -3.34
CA ILE J 250 -35.15 46.97 -3.20
C ILE J 250 -34.01 46.22 -2.55
N LYS J 251 -34.37 45.35 -1.61
CA LYS J 251 -33.43 44.48 -0.93
C LYS J 251 -32.63 43.62 -1.91
N GLN J 252 -33.32 43.07 -2.90
CA GLN J 252 -32.67 42.24 -3.92
C GLN J 252 -31.78 43.08 -4.84
N GLN J 253 -32.21 44.28 -5.21
CA GLN J 253 -31.40 45.14 -6.08
C GLN J 253 -30.12 45.58 -5.37
N TYR J 254 -30.25 45.97 -4.09
CA TYR J 254 -29.08 46.36 -3.31
C TYR J 254 -28.06 45.23 -3.25
N HIS J 255 -28.56 44.00 -3.02
CA HIS J 255 -27.70 42.82 -2.98
C HIS J 255 -26.96 42.60 -4.29
N THR J 256 -27.67 42.72 -5.40
CA THR J 256 -27.08 42.50 -6.72
C THR J 256 -26.08 43.59 -7.10
N VAL J 257 -26.47 44.84 -6.90
CA VAL J 257 -25.63 45.99 -7.21
C VAL J 257 -24.35 45.98 -6.38
N LYS J 258 -24.50 45.68 -5.09
CA LYS J 258 -23.37 45.59 -4.18
C LYS J 258 -22.34 44.55 -4.66
N MET J 259 -22.84 43.42 -5.15
CA MET J 259 -21.96 42.34 -5.60
C MET J 259 -21.18 42.72 -6.86
N ARG J 260 -21.87 43.28 -7.86
CA ARG J 260 -21.21 43.70 -9.10
C ARG J 260 -20.22 44.83 -8.88
N THR J 261 -20.62 45.82 -8.10
CA THR J 261 -19.81 47.00 -7.87
C THR J 261 -18.55 46.67 -7.08
N SER J 262 -18.61 45.61 -6.27
CA SER J 262 -17.45 45.16 -5.51
C SER J 262 -16.53 44.28 -6.35
N ASN J 263 -16.83 44.17 -7.65
CA ASN J 263 -16.19 43.20 -8.51
C ASN J 263 -16.27 41.80 -7.90
N TYR J 264 -17.47 41.46 -7.44
CA TYR J 264 -17.78 40.15 -6.86
C TYR J 264 -16.85 39.83 -5.69
N ASN J 265 -16.88 40.72 -4.70
CA ASN J 265 -16.20 40.55 -3.41
C ASN J 265 -14.67 40.48 -3.47
N THR J 266 -14.08 40.95 -4.57
CA THR J 266 -12.62 41.03 -4.64
C THR J 266 -12.14 42.43 -4.26
N TYR J 267 -12.97 43.42 -4.53
CA TYR J 267 -12.65 44.84 -4.30
C TYR J 267 -11.39 45.25 -5.03
N SER J 268 -11.06 44.51 -6.09
CA SER J 268 -10.02 44.92 -7.02
C SER J 268 -10.70 45.54 -8.23
N GLY J 269 -10.65 46.86 -8.33
CA GLY J 269 -11.42 47.55 -9.34
C GLY J 269 -12.88 47.51 -8.96
N GLY J 270 -13.16 47.76 -7.69
CA GLY J 270 -14.51 47.76 -7.17
C GLY J 270 -14.60 48.48 -5.84
N SER J 271 -15.79 48.94 -5.47
CA SER J 271 -15.98 49.70 -4.24
C SER J 271 -17.06 49.09 -3.36
N HIS J 272 -17.20 49.63 -2.15
CA HIS J 272 -18.19 49.16 -1.18
C HIS J 272 -19.51 49.94 -1.28
N VAL J 273 -20.55 49.31 -1.82
CA VAL J 273 -21.85 49.97 -1.90
C VAL J 273 -22.47 50.07 -0.51
N MET J 274 -22.79 51.29 -0.10
CA MET J 274 -23.33 51.51 1.25
C MET J 274 -24.80 51.87 1.23
N GLU J 275 -25.44 51.76 2.39
CA GLU J 275 -26.86 52.09 2.53
C GLU J 275 -27.11 52.92 3.78
N TYR J 276 -28.09 53.81 3.70
CA TYR J 276 -28.42 54.71 4.80
C TYR J 276 -29.91 54.95 4.92
N GLY J 277 -30.34 55.51 6.06
CA GLY J 277 -31.73 55.79 6.29
C GLY J 277 -32.52 54.63 6.85
N ASN J 278 -33.78 54.53 6.47
CA ASN J 278 -34.67 53.49 6.97
C ASN J 278 -34.59 52.21 6.14
N ASN J 279 -34.03 51.16 6.74
CA ASN J 279 -33.82 49.90 6.06
C ASN J 279 -35.11 49.11 5.84
N SER J 280 -36.17 49.49 6.53
CA SER J 280 -37.45 48.78 6.42
C SER J 280 -38.08 48.97 5.03
N ILE J 281 -37.64 50.00 4.33
CA ILE J 281 -38.14 50.30 2.99
C ILE J 281 -37.69 49.22 1.99
N LYS J 282 -36.57 48.57 2.29
CA LYS J 282 -35.96 47.58 1.40
C LYS J 282 -36.89 46.41 1.08
N SER J 283 -37.89 46.17 1.93
CA SER J 283 -38.81 45.07 1.71
C SER J 283 -39.80 45.35 0.59
N GLU J 284 -39.89 46.62 0.18
CA GLU J 284 -40.84 47.02 -0.86
C GLU J 284 -40.40 46.64 -2.27
N LYS J 285 -41.37 46.54 -3.17
CA LYS J 285 -41.10 46.20 -4.57
C LYS J 285 -40.61 47.43 -5.31
N LEU J 286 -39.73 47.23 -6.29
CA LEU J 286 -39.10 48.34 -7.01
C LEU J 286 -40.06 49.16 -7.87
N TYR J 287 -41.17 48.56 -8.28
CA TYR J 287 -42.10 49.22 -9.20
C TYR J 287 -42.79 50.42 -8.54
N LEU J 288 -42.77 50.46 -7.21
CA LEU J 288 -43.36 51.59 -6.49
C LEU J 288 -42.54 52.87 -6.67
N TYR J 289 -41.31 52.72 -7.14
CA TYR J 289 -40.41 53.85 -7.32
C TYR J 289 -39.94 53.98 -8.77
N GLN J 290 -39.65 52.83 -9.39
CA GLN J 290 -39.07 52.83 -10.73
C GLN J 290 -40.08 52.42 -11.82
N GLY J 291 -41.27 52.02 -11.39
CA GLY J 291 -42.30 51.60 -12.33
C GLY J 291 -42.14 50.16 -12.76
N PHE J 292 -42.98 49.71 -13.69
CA PHE J 292 -43.00 48.31 -14.09
C PHE J 292 -43.12 48.11 -15.60
N ASP J 293 -42.17 47.36 -16.17
CA ASP J 293 -42.17 47.07 -17.60
C ASP J 293 -42.49 45.59 -17.83
N PRO J 294 -43.66 45.32 -18.45
CA PRO J 294 -44.12 43.96 -18.75
C PRO J 294 -43.15 43.20 -19.66
N ALA J 295 -42.31 43.93 -20.38
CA ALA J 295 -41.35 43.28 -21.27
C ALA J 295 -40.30 42.46 -20.51
N THR J 296 -40.02 42.81 -19.25
CA THR J 296 -38.99 42.09 -18.52
C THR J 296 -39.51 40.78 -17.95
N VAL J 297 -40.81 40.71 -17.69
CA VAL J 297 -41.44 39.41 -17.50
C VAL J 297 -41.64 39.00 -18.95
N ASN J 298 -41.80 37.71 -19.23
CA ASN J 298 -41.97 37.21 -20.59
C ASN J 298 -40.70 37.20 -21.43
N LEU J 299 -39.54 37.36 -20.80
CA LEU J 299 -38.30 37.16 -21.54
C LEU J 299 -38.18 35.68 -21.89
N PRO J 300 -37.74 35.37 -23.11
CA PRO J 300 -37.48 33.96 -23.45
C PRO J 300 -36.27 33.44 -22.68
N LEU J 301 -36.16 32.11 -22.60
CA LEU J 301 -35.13 31.45 -21.79
C LEU J 301 -33.72 31.92 -22.18
N ASN J 302 -33.46 32.06 -23.48
CA ASN J 302 -32.11 32.37 -23.95
C ASN J 302 -31.73 33.86 -23.89
N GLU J 303 -32.57 34.68 -23.26
CA GLU J 303 -32.28 36.10 -23.06
C GLU J 303 -32.26 36.50 -21.60
N LEU J 304 -32.25 35.51 -20.71
CA LEU J 304 -32.09 35.82 -19.31
C LEU J 304 -30.74 36.48 -19.17
N PRO J 305 -30.67 37.54 -18.35
CA PRO J 305 -29.43 38.32 -18.21
C PRO J 305 -28.31 37.51 -17.55
N VAL J 306 -27.15 37.52 -18.18
CA VAL J 306 -25.96 36.88 -17.64
C VAL J 306 -24.80 37.87 -17.60
N LYS J 307 -24.34 38.17 -16.39
CA LYS J 307 -23.31 39.18 -16.17
C LYS J 307 -21.93 38.60 -15.88
N SER J 308 -20.91 39.30 -16.36
CA SER J 308 -19.53 38.93 -16.10
C SER J 308 -18.73 40.16 -15.69
N LYS J 309 -17.46 39.97 -15.37
CA LYS J 309 -16.62 41.06 -14.88
C LYS J 309 -16.25 42.05 -15.99
N ILE J 310 -16.15 43.33 -15.62
CA ILE J 310 -15.81 44.38 -16.58
C ILE J 310 -14.67 45.27 -16.07
N GLY J 311 -13.84 45.74 -17.00
CA GLY J 311 -12.74 46.62 -16.65
C GLY J 311 -13.23 47.99 -16.23
N VAL J 312 -12.50 48.62 -15.32
CA VAL J 312 -12.90 49.92 -14.79
C VAL J 312 -11.72 50.90 -14.70
N VAL J 313 -12.03 52.17 -14.48
CA VAL J 313 -11.04 53.19 -14.26
C VAL J 313 -11.44 54.00 -13.03
N ASN J 314 -10.44 54.45 -12.27
CA ASN J 314 -10.69 55.32 -11.13
C ASN J 314 -11.44 56.54 -11.63
N GLN J 315 -12.50 56.91 -10.90
CA GLN J 315 -13.38 58.01 -11.28
C GLN J 315 -12.61 59.30 -11.54
N ARG J 316 -11.55 59.53 -10.77
CA ARG J 316 -10.81 60.77 -10.88
C ARG J 316 -9.80 60.76 -12.03
N ASP J 317 -9.51 59.56 -12.56
CA ASP J 317 -8.51 59.43 -13.62
C ASP J 317 -9.16 59.23 -14.99
N ALA J 318 -10.48 59.15 -15.02
CA ALA J 318 -11.22 58.94 -16.26
C ALA J 318 -10.99 60.10 -17.24
N ASP J 319 -10.76 61.29 -16.69
CA ASP J 319 -10.47 62.46 -17.49
C ASP J 319 -9.15 62.32 -18.25
N LEU J 320 -8.14 61.84 -17.56
CA LEU J 320 -6.82 61.65 -18.15
C LEU J 320 -6.83 60.54 -19.19
N LEU J 321 -7.67 59.54 -18.98
CA LEU J 321 -7.78 58.42 -19.92
C LEU J 321 -8.31 58.92 -21.26
N PHE J 322 -9.30 59.81 -21.19
CA PHE J 322 -9.89 60.42 -22.37
C PHE J 322 -8.85 61.23 -23.14
N LEU J 323 -8.07 62.04 -22.40
CA LEU J 323 -7.07 62.89 -23.03
C LEU J 323 -5.97 62.06 -23.69
N TRP J 324 -5.58 60.97 -23.04
CA TRP J 324 -4.50 60.13 -23.57
C TRP J 324 -4.88 59.38 -24.83
N HIS J 325 -6.10 58.83 -24.85
CA HIS J 325 -6.68 58.09 -25.99
C HIS J 325 -6.87 59.09 -27.16
N MET J 326 -7.23 60.33 -26.84
CA MET J 326 -7.39 61.38 -27.84
C MET J 326 -6.03 61.80 -28.36
N TYR J 327 -5.01 61.69 -27.52
CA TYR J 327 -3.65 61.98 -27.98
C TYR J 327 -3.16 60.91 -28.96
N ARG J 328 -3.42 59.65 -28.63
CA ARG J 328 -2.95 58.49 -29.43
C ARG J 328 -3.58 58.31 -30.83
N THR J 329 -4.89 58.53 -30.92
CA THR J 329 -5.68 58.30 -32.14
C THR J 329 -5.58 59.44 -33.14
N SER J 330 -4.91 60.51 -32.74
CA SER J 330 -4.72 61.69 -33.58
C SER J 330 -3.67 61.49 -34.64
N GLU J 331 -3.78 62.26 -35.71
CA GLU J 331 -2.83 62.24 -36.82
C GLU J 331 -1.55 62.86 -36.36
N ASP J 332 -0.55 61.98 -36.33
CA ASP J 332 0.83 62.27 -35.84
C ASP J 332 1.42 63.34 -36.80
N GLY J 333 2.11 64.34 -36.25
CA GLY J 333 2.64 65.42 -37.05
C GLY J 333 1.63 66.53 -37.37
N SER J 334 0.44 66.45 -36.79
CA SER J 334 -0.68 67.44 -37.01
C SER J 334 -0.62 68.46 -35.89
N ARG J 335 -1.74 69.09 -35.61
CA ARG J 335 -1.74 70.09 -34.56
C ARG J 335 -2.93 69.95 -33.63
N LYS J 336 -3.82 69.03 -33.96
CA LYS J 336 -4.84 68.61 -33.00
C LYS J 336 -4.14 67.71 -32.01
N LYS J 337 -3.14 66.98 -32.51
CA LYS J 337 -2.28 66.14 -31.68
C LYS J 337 -1.52 67.01 -30.70
N ASP J 338 -0.96 68.11 -31.18
CA ASP J 338 -0.15 68.94 -30.31
C ASP J 338 -0.98 69.69 -29.28
N ASP J 339 -2.19 70.10 -29.67
CA ASP J 339 -3.09 70.75 -28.74
C ASP J 339 -3.61 69.79 -27.68
N THR J 340 -3.86 68.52 -28.05
CA THR J 340 -4.32 67.55 -27.08
C THR J 340 -3.19 67.16 -26.14
N LEU J 341 -1.97 67.09 -26.67
CA LEU J 341 -0.79 66.79 -25.86
C LEU J 341 -0.51 67.89 -24.85
N LYS J 342 -0.72 69.14 -25.25
CA LYS J 342 -0.49 70.26 -24.35
C LYS J 342 -1.57 70.28 -23.26
N GLU J 343 -2.77 69.87 -23.62
CA GLU J 343 -3.86 69.81 -22.65
C GLU J 343 -3.67 68.65 -21.66
N LEU J 344 -3.02 67.57 -22.12
CA LEU J 344 -2.73 66.45 -21.24
C LEU J 344 -1.68 66.82 -20.19
N THR J 345 -0.60 67.43 -20.64
CA THR J 345 0.51 67.82 -19.76
C THR J 345 0.06 68.91 -18.79
N GLU J 346 -0.75 69.84 -19.28
CA GLU J 346 -1.22 70.96 -18.46
C GLU J 346 -2.22 70.53 -17.40
N THR J 347 -3.05 69.55 -17.73
CA THR J 347 -4.00 69.03 -16.77
C THR J 347 -3.28 68.26 -15.67
N THR J 348 -2.30 67.46 -16.07
CA THR J 348 -1.53 66.66 -15.14
C THR J 348 -0.79 67.53 -14.14
N ARG J 349 -0.11 68.56 -14.63
CA ARG J 349 0.69 69.41 -13.74
C ARG J 349 -0.16 70.32 -12.85
N HIS J 350 -1.33 70.71 -13.36
CA HIS J 350 -2.26 71.53 -12.60
C HIS J 350 -2.84 70.78 -11.41
N ARG J 351 -3.13 69.50 -11.62
CA ARG J 351 -3.63 68.63 -10.55
C ARG J 351 -2.61 68.45 -9.46
N LYS J 352 -1.38 68.20 -9.91
CA LYS J 352 -0.27 67.92 -8.99
C LYS J 352 0.10 69.22 -8.21
N HIS J 353 -0.05 70.37 -8.88
CA HIS J 353 0.16 71.69 -8.25
C HIS J 353 -0.89 71.88 -7.16
N LEU J 354 -2.08 71.39 -7.44
CA LEU J 354 -3.18 71.46 -6.48
C LEU J 354 -2.94 70.53 -5.31
N ASP J 355 -2.39 69.35 -5.60
CA ASP J 355 -2.03 68.41 -4.55
C ASP J 355 -0.95 69.00 -3.63
N ALA J 356 0.04 69.65 -4.24
CA ALA J 356 1.16 70.22 -3.50
C ALA J 356 0.70 71.35 -2.58
N SER J 357 -0.27 72.14 -3.04
CA SER J 357 -0.78 73.25 -2.23
C SER J 357 -1.48 72.74 -0.99
N VAL J 358 -2.30 71.71 -1.15
CA VAL J 358 -3.02 71.12 -0.02
C VAL J 358 -2.02 70.45 0.93
N GLU J 359 -1.06 69.71 0.37
CA GLU J 359 -0.04 69.07 1.18
C GLU J 359 0.81 70.08 1.94
N LEU J 360 1.11 71.20 1.30
CA LEU J 360 1.94 72.22 1.90
C LEU J 360 1.25 72.90 3.08
N ILE J 361 -0.05 73.16 2.93
CA ILE J 361 -0.84 73.77 4.01
C ILE J 361 -0.89 72.88 5.24
N ALA J 362 -1.13 71.59 5.03
CA ALA J 362 -1.19 70.63 6.13
C ALA J 362 0.17 70.51 6.83
N THR J 363 1.24 70.51 6.03
CA THR J 363 2.59 70.39 6.57
C THR J 363 2.97 71.61 7.41
N ILE J 364 2.63 72.80 6.93
CA ILE J 364 2.89 74.04 7.65
C ILE J 364 2.17 74.04 9.00
N LEU J 365 0.94 73.54 9.01
CA LEU J 365 0.14 73.51 10.22
C LEU J 365 0.61 72.46 11.22
N PHE J 366 0.79 71.21 10.77
CA PHE J 366 1.05 70.11 11.69
C PHE J 366 2.23 69.22 11.34
N GLY J 367 3.06 69.64 10.39
CA GLY J 367 4.28 68.90 10.10
C GLY J 367 4.16 67.87 9.01
N PRO J 368 5.31 67.36 8.53
CA PRO J 368 5.41 66.41 7.41
C PRO J 368 5.32 64.94 7.80
N THR J 369 5.19 64.65 9.09
CA THR J 369 5.15 63.26 9.53
C THR J 369 3.98 62.99 10.46
N MET J 370 3.27 61.89 10.21
CA MET J 370 2.10 61.49 10.97
C MET J 370 1.14 62.67 11.16
N ASN J 371 0.86 63.36 10.06
CA ASN J 371 0.03 64.56 10.12
C ASN J 371 -1.39 64.22 10.56
N VAL J 372 -1.84 64.92 11.60
CA VAL J 372 -3.13 64.63 12.22
C VAL J 372 -4.29 64.86 11.25
N LEU J 373 -4.08 65.72 10.25
CA LEU J 373 -5.13 66.07 9.30
C LEU J 373 -5.39 64.93 8.32
N ASN J 374 -4.48 63.97 8.25
CA ASN J 374 -4.64 62.84 7.35
C ASN J 374 -5.41 61.67 7.99
N LEU J 375 -5.77 61.82 9.25
CA LEU J 375 -6.47 60.75 9.98
C LEU J 375 -7.93 60.63 9.52
N VAL J 376 -8.35 59.42 9.20
CA VAL J 376 -9.72 59.18 8.78
C VAL J 376 -10.59 58.74 9.95
N ARG J 377 -11.75 59.37 10.10
CA ARG J 377 -12.68 59.03 11.18
C ARG J 377 -13.30 57.65 10.95
N GLU J 378 -13.70 57.01 12.05
CA GLU J 378 -14.35 55.71 11.99
C GLU J 378 -15.68 55.79 11.25
N PRO J 379 -16.08 54.69 10.59
CA PRO J 379 -17.38 54.61 9.91
C PRO J 379 -18.54 54.92 10.86
N GLY J 380 -19.50 55.71 10.40
CA GLY J 380 -20.64 56.06 11.23
C GLY J 380 -20.54 57.47 11.78
N LEU J 381 -19.32 57.99 11.83
CA LEU J 381 -19.09 59.37 12.28
C LEU J 381 -19.26 60.34 11.11
N PRO J 382 -19.75 61.55 11.40
CA PRO J 382 -19.80 62.59 10.37
C PRO J 382 -18.40 63.07 10.00
N LEU J 383 -18.21 63.48 8.74
CA LEU J 383 -16.91 63.93 8.28
C LEU J 383 -16.42 65.12 9.10
N VAL J 384 -17.32 66.05 9.38
CA VAL J 384 -16.99 67.26 10.13
C VAL J 384 -18.10 67.57 11.14
N ASP J 385 -17.73 68.26 12.22
CA ASP J 385 -18.70 68.64 13.24
C ASP J 385 -19.31 70.00 12.93
N ASP J 386 -18.51 70.88 12.31
CA ASP J 386 -18.96 72.21 11.91
C ASP J 386 -18.96 72.37 10.39
N TRP J 387 -20.15 72.26 9.78
CA TRP J 387 -20.25 72.30 8.33
C TRP J 387 -20.07 73.70 7.76
N GLU J 388 -20.47 74.71 8.53
CA GLU J 388 -20.29 76.09 8.09
C GLU J 388 -18.79 76.45 8.06
N CYS J 389 -18.05 75.88 9.00
CA CYS J 389 -16.60 76.05 9.04
C CYS J 389 -15.95 75.40 7.82
N LEU J 390 -16.48 74.24 7.41
CA LEU J 390 -15.94 73.54 6.25
C LEU J 390 -16.01 74.40 4.99
N LYS J 391 -17.17 75.02 4.74
CA LYS J 391 -17.31 75.94 3.61
C LYS J 391 -16.36 77.13 3.71
N SER J 392 -16.25 77.69 4.91
CA SER J 392 -15.40 78.85 5.15
C SER J 392 -13.94 78.55 4.85
N MET J 393 -13.46 77.38 5.30
CA MET J 393 -12.07 77.01 5.09
C MET J 393 -11.77 76.77 3.61
N VAL J 394 -12.76 76.27 2.87
CA VAL J 394 -12.62 76.07 1.43
C VAL J 394 -12.48 77.42 0.73
N ARG J 395 -13.31 78.38 1.13
CA ARG J 395 -13.27 79.72 0.55
C ARG J 395 -11.92 80.40 0.77
N VAL J 396 -11.35 80.21 1.96
CA VAL J 396 -10.04 80.75 2.29
C VAL J 396 -8.97 80.17 1.38
N PHE J 397 -9.01 78.85 1.19
CA PHE J 397 -8.07 78.16 0.32
C PHE J 397 -8.15 78.70 -1.11
N GLU J 398 -9.38 78.82 -1.61
CA GLU J 398 -9.59 79.25 -2.98
C GLU J 398 -9.18 80.70 -3.19
N GLU J 399 -9.28 81.50 -2.14
CA GLU J 399 -8.91 82.91 -2.23
C GLU J 399 -7.40 83.09 -2.47
N HIS J 400 -6.60 82.18 -1.91
CA HIS J 400 -5.15 82.27 -2.01
C HIS J 400 -4.56 81.29 -3.02
N CYS J 401 -5.13 80.10 -3.12
CA CYS J 401 -4.55 79.05 -3.94
C CYS J 401 -5.31 78.79 -5.23
N GLY J 402 -6.42 79.50 -5.41
CA GLY J 402 -7.22 79.36 -6.62
C GLY J 402 -8.33 78.33 -6.47
N SER J 403 -9.16 78.24 -7.50
CA SER J 403 -10.32 77.34 -7.48
C SER J 403 -9.93 75.89 -7.24
N LEU J 404 -10.72 75.21 -6.41
CA LEU J 404 -10.42 73.84 -6.00
C LEU J 404 -10.67 72.85 -7.15
N THR J 405 -11.57 73.20 -8.07
CA THR J 405 -11.95 72.37 -9.24
C THR J 405 -12.64 71.06 -8.89
N GLN J 406 -13.18 70.36 -9.90
CA GLN J 406 -13.82 69.09 -9.59
C GLN J 406 -12.85 68.00 -9.15
N TYR J 407 -11.63 68.06 -9.65
CA TYR J 407 -10.60 67.14 -9.21
C TYR J 407 -10.30 67.34 -7.71
N GLY J 408 -10.30 68.59 -7.24
CA GLY J 408 -9.93 68.93 -5.87
C GLY J 408 -10.81 68.55 -4.68
N MET J 409 -12.02 68.03 -4.94
CA MET J 409 -12.89 67.50 -3.88
C MET J 409 -12.25 66.29 -3.20
N LYS J 410 -11.23 65.73 -3.84
CA LYS J 410 -10.55 64.59 -3.26
C LYS J 410 -9.82 64.99 -1.97
N HIS J 411 -9.53 66.29 -1.84
CA HIS J 411 -8.79 66.79 -0.70
C HIS J 411 -9.69 67.34 0.40
N MET J 412 -10.99 67.07 0.31
CA MET J 412 -11.95 67.73 1.20
C MET J 412 -11.84 67.30 2.67
N ARG J 413 -11.27 66.13 2.93
CA ARG J 413 -11.10 65.67 4.31
C ARG J 413 -10.06 66.53 5.03
N ALA J 414 -9.06 66.99 4.28
CA ALA J 414 -8.02 67.85 4.84
C ALA J 414 -8.62 69.12 5.45
N PHE J 415 -9.56 69.72 4.73
CA PHE J 415 -10.22 70.93 5.20
C PHE J 415 -11.17 70.60 6.34
N ALA J 416 -11.76 69.41 6.30
CA ALA J 416 -12.66 68.97 7.35
C ALA J 416 -11.92 68.79 8.67
N ASN J 417 -10.72 68.22 8.60
CA ASN J 417 -9.95 67.97 9.82
C ASN J 417 -9.31 69.24 10.38
N VAL J 418 -9.17 70.26 9.53
CA VAL J 418 -8.74 71.57 9.99
C VAL J 418 -9.79 72.12 10.94
N CYS J 419 -11.06 71.94 10.57
CA CYS J 419 -12.16 72.37 11.42
C CYS J 419 -12.27 71.52 12.68
N ASN J 420 -12.14 70.21 12.52
CA ASN J 420 -12.27 69.28 13.64
C ASN J 420 -11.18 69.49 14.68
N ASN J 421 -10.01 69.92 14.25
CA ASN J 421 -8.90 70.20 15.17
C ASN J 421 -8.94 71.63 15.68
N GLY J 422 -10.03 72.34 15.37
CA GLY J 422 -10.27 73.66 15.93
C GLY J 422 -9.33 74.76 15.48
N VAL J 423 -8.75 74.59 14.30
CA VAL J 423 -7.87 75.61 13.74
C VAL J 423 -8.69 76.81 13.29
N SER J 424 -8.29 78.01 13.73
CA SER J 424 -9.02 79.24 13.44
C SER J 424 -8.91 79.64 11.98
N LYS J 425 -9.82 80.51 11.56
CA LYS J 425 -9.81 81.04 10.19
C LYS J 425 -8.53 81.83 9.92
N GLU J 426 -8.05 82.55 10.93
CA GLU J 426 -6.85 83.36 10.79
C GLU J 426 -5.61 82.51 10.52
N LEU J 427 -5.50 81.38 11.21
CA LEU J 427 -4.36 80.49 11.00
C LEU J 427 -4.44 79.83 9.63
N MET J 428 -5.65 79.51 9.20
CA MET J 428 -5.87 78.95 7.87
C MET J 428 -5.47 79.99 6.82
N GLU J 429 -5.80 81.24 7.10
CA GLU J 429 -5.45 82.36 6.23
C GLU J 429 -3.94 82.49 6.13
N GLU J 430 -3.27 82.38 7.27
CA GLU J 430 -1.82 82.50 7.35
C GLU J 430 -1.11 81.35 6.64
N ALA J 431 -1.62 80.13 6.85
CA ALA J 431 -1.03 78.95 6.25
C ALA J 431 -1.23 78.94 4.74
N SER J 432 -2.42 79.33 4.30
CA SER J 432 -2.74 79.38 2.88
C SER J 432 -1.89 80.44 2.18
N THR J 433 -1.68 81.56 2.86
CA THR J 433 -0.86 82.64 2.32
C THR J 433 0.59 82.17 2.15
N ALA J 434 1.08 81.44 3.14
CA ALA J 434 2.45 80.94 3.12
C ALA J 434 2.66 79.90 2.02
N ALA J 435 1.63 79.11 1.74
CA ALA J 435 1.74 78.01 0.79
C ALA J 435 1.62 78.46 -0.67
N CYS J 436 0.74 79.42 -0.94
CA CYS J 436 0.46 79.77 -2.32
C CYS J 436 0.84 81.22 -2.65
N GLY J 437 1.01 82.04 -1.62
CA GLY J 437 1.41 83.43 -1.76
C GLY J 437 2.51 83.69 -2.77
N GLY J 438 2.30 84.63 -3.69
CA GLY J 438 3.31 84.94 -4.68
C GLY J 438 2.73 85.42 -6.00
N VAL K 17 77.80 -54.01 20.05
CA VAL K 17 77.46 -53.00 21.04
C VAL K 17 78.66 -52.07 21.31
N GLY K 18 78.88 -51.02 20.50
CA GLY K 18 79.96 -50.05 20.69
C GLY K 18 79.57 -49.06 21.76
N THR K 19 79.29 -47.82 21.36
CA THR K 19 78.86 -46.81 22.31
C THR K 19 77.37 -46.53 22.15
N ARG K 20 76.65 -46.41 23.26
CA ARG K 20 75.22 -46.15 23.20
C ARG K 20 74.88 -44.68 23.43
N TRP K 21 74.31 -44.04 22.40
CA TRP K 21 73.93 -42.64 22.47
C TRP K 21 72.42 -42.46 22.63
N ALA K 22 72.00 -41.25 22.96
CA ALA K 22 70.57 -40.97 23.11
C ALA K 22 70.24 -39.50 22.92
N VAL K 23 69.09 -39.24 22.28
CA VAL K 23 68.56 -37.88 22.15
C VAL K 23 67.15 -37.83 22.73
N LEU K 24 66.96 -36.98 23.73
CA LEU K 24 65.66 -36.83 24.38
C LEU K 24 65.13 -35.41 24.17
N VAL K 25 63.95 -35.31 23.56
CA VAL K 25 63.40 -34.02 23.19
C VAL K 25 61.96 -33.82 23.66
N ALA K 26 61.73 -32.74 24.40
CA ALA K 26 60.38 -32.31 24.72
C ALA K 26 60.00 -31.14 23.81
N GLY K 27 58.85 -31.24 23.15
CA GLY K 27 58.50 -30.26 22.13
C GLY K 27 57.52 -29.19 22.54
N SER K 28 57.27 -29.08 23.85
CA SER K 28 56.29 -28.12 24.35
C SER K 28 56.80 -27.38 25.60
N SER K 29 56.00 -26.42 26.05
CA SER K 29 56.29 -25.65 27.25
C SER K 29 54.97 -25.26 27.92
N GLY K 30 55.06 -24.63 29.08
CA GLY K 30 53.87 -24.23 29.83
C GLY K 30 53.49 -25.29 30.84
N TYR K 31 52.91 -24.86 31.96
CA TYR K 31 52.59 -25.78 33.05
C TYR K 31 51.50 -26.77 32.65
N GLY K 32 50.66 -26.37 31.71
CA GLY K 32 49.61 -27.24 31.20
C GLY K 32 50.21 -28.42 30.45
N ASN K 33 51.44 -28.25 29.97
CA ASN K 33 52.16 -29.31 29.27
C ASN K 33 53.24 -29.92 30.17
N TYR K 34 52.98 -29.92 31.47
CA TYR K 34 53.84 -30.54 32.48
C TYR K 34 54.34 -31.92 32.02
N ARG K 35 53.40 -32.74 31.55
CA ARG K 35 53.64 -34.15 31.28
C ARG K 35 54.79 -34.40 30.30
N HIS K 36 54.93 -33.56 29.28
CA HIS K 36 55.89 -33.82 28.22
C HIS K 36 57.34 -33.73 28.68
N GLN K 37 57.63 -32.78 29.57
CA GLN K 37 58.99 -32.64 30.10
C GLN K 37 59.24 -33.66 31.22
N ALA K 38 58.17 -34.07 31.89
CA ALA K 38 58.26 -35.12 32.90
C ALA K 38 58.57 -36.47 32.24
N ASP K 39 58.00 -36.71 31.06
CA ASP K 39 58.28 -37.91 30.28
C ASP K 39 59.76 -38.00 29.97
N VAL K 40 60.29 -36.91 29.42
CA VAL K 40 61.67 -36.85 28.98
C VAL K 40 62.64 -37.05 30.16
N CYS K 41 62.35 -36.41 31.28
CA CYS K 41 63.19 -36.54 32.47
C CYS K 41 63.17 -37.97 33.00
N HIS K 42 62.00 -38.59 33.00
CA HIS K 42 61.86 -39.97 33.44
C HIS K 42 62.67 -40.88 32.51
N ALA K 43 62.64 -40.58 31.23
CA ALA K 43 63.38 -41.35 30.24
C ALA K 43 64.89 -41.27 30.47
N TYR K 44 65.35 -40.11 30.92
CA TYR K 44 66.77 -39.91 31.19
C TYR K 44 67.25 -40.81 32.33
N GLN K 45 66.44 -40.87 33.39
CA GLN K 45 66.77 -41.65 34.56
C GLN K 45 66.85 -43.14 34.23
N ILE K 46 65.97 -43.60 33.35
CA ILE K 46 65.96 -44.99 32.92
C ILE K 46 67.26 -45.35 32.19
N LEU K 47 67.69 -44.46 31.30
CA LEU K 47 68.91 -44.69 30.53
C LEU K 47 70.15 -44.69 31.42
N ARG K 48 70.16 -43.80 32.41
CA ARG K 48 71.28 -43.70 33.34
C ARG K 48 71.36 -44.93 34.24
N LYS K 49 70.21 -45.37 34.73
CA LYS K 49 70.12 -46.58 35.54
C LYS K 49 70.55 -47.79 34.72
N GLY K 50 70.38 -47.70 33.40
CA GLY K 50 70.80 -48.75 32.49
C GLY K 50 72.28 -48.76 32.17
N GLY K 51 72.98 -47.70 32.56
CA GLY K 51 74.41 -47.64 32.38
C GLY K 51 74.88 -46.71 31.26
N LEU K 52 73.95 -46.02 30.61
CA LEU K 52 74.32 -45.03 29.59
C LEU K 52 74.97 -43.82 30.26
N LYS K 53 75.99 -43.25 29.62
CA LYS K 53 76.70 -42.11 30.21
C LYS K 53 76.06 -40.78 29.84
N GLU K 54 76.13 -39.84 30.77
CA GLU K 54 75.55 -38.52 30.61
C GLU K 54 76.14 -37.76 29.43
N GLU K 55 77.41 -37.98 29.13
CA GLU K 55 78.07 -37.28 28.02
C GLU K 55 77.52 -37.68 26.66
N ASN K 56 76.88 -38.85 26.58
CA ASN K 56 76.32 -39.37 25.34
C ASN K 56 74.81 -39.26 25.22
N ILE K 57 74.20 -38.64 26.23
CA ILE K 57 72.77 -38.41 26.22
C ILE K 57 72.52 -36.89 26.07
N VAL K 58 71.87 -36.48 24.99
CA VAL K 58 71.57 -35.05 24.80
C VAL K 58 70.10 -34.74 25.15
N VAL K 59 69.85 -33.79 26.04
CA VAL K 59 68.48 -33.45 26.44
C VAL K 59 68.08 -32.09 25.99
N LEU K 60 66.99 -32.02 25.24
CA LEU K 60 66.42 -30.75 24.82
C LEU K 60 65.07 -30.57 25.51
N MET K 61 65.03 -29.65 26.47
CA MET K 61 63.80 -29.36 27.20
C MET K 61 63.75 -27.89 27.57
N TYR K 62 62.56 -27.30 27.51
CA TYR K 62 62.40 -25.86 27.74
C TYR K 62 62.80 -25.47 29.16
N ASP K 63 62.63 -26.41 30.09
CA ASP K 63 63.06 -26.26 31.48
C ASP K 63 62.34 -25.11 32.20
N ASP K 64 61.02 -25.09 32.09
CA ASP K 64 60.23 -24.05 32.71
C ASP K 64 59.22 -24.61 33.71
N ILE K 65 59.35 -25.89 34.02
CA ILE K 65 58.35 -26.56 34.84
C ILE K 65 58.77 -26.80 36.28
N ALA K 66 60.01 -27.24 36.47
CA ALA K 66 60.51 -27.61 37.80
C ALA K 66 60.40 -26.47 38.81
N ASN K 67 60.69 -25.25 38.36
CA ASN K 67 60.60 -24.12 39.27
C ASN K 67 59.50 -23.14 38.84
N HIS K 68 58.45 -23.70 38.24
CA HIS K 68 57.26 -22.93 37.91
C HIS K 68 56.51 -22.58 39.20
N PRO K 69 56.00 -21.35 39.29
CA PRO K 69 55.27 -20.87 40.47
C PRO K 69 54.12 -21.80 40.87
N LEU K 70 53.50 -22.46 39.89
CA LEU K 70 52.35 -23.33 40.14
C LEU K 70 52.75 -24.72 40.63
N ASN K 71 54.03 -25.06 40.50
CA ASN K 71 54.54 -26.36 40.93
C ASN K 71 54.50 -26.50 42.45
N PRO K 72 53.68 -27.44 42.96
CA PRO K 72 53.49 -27.64 44.39
C PRO K 72 54.71 -28.27 45.08
N ARG K 73 55.63 -28.83 44.31
CA ARG K 73 56.89 -29.35 44.83
C ARG K 73 58.05 -28.79 44.00
N PRO K 74 58.49 -27.57 44.32
CA PRO K 74 59.53 -26.85 43.56
C PRO K 74 60.84 -27.63 43.41
N GLY K 75 61.40 -27.59 42.21
CA GLY K 75 62.66 -28.26 41.93
C GLY K 75 62.49 -29.73 41.56
N THR K 76 61.26 -30.19 41.47
CA THR K 76 61.00 -31.60 41.16
C THR K 76 60.02 -31.82 40.01
N LEU K 77 60.08 -33.02 39.44
CA LEU K 77 59.11 -33.47 38.44
C LEU K 77 58.77 -34.93 38.71
N ILE K 78 57.49 -35.28 38.66
CA ILE K 78 57.08 -36.67 38.79
C ILE K 78 56.29 -37.09 37.56
N ASN K 79 56.46 -38.36 37.17
CA ASN K 79 55.83 -38.90 35.97
C ASN K 79 54.88 -40.04 36.33
N HIS K 80 54.44 -40.06 37.59
CA HIS K 80 53.57 -41.10 38.11
C HIS K 80 52.95 -40.59 39.41
N PRO K 81 51.67 -40.89 39.64
CA PRO K 81 50.97 -40.43 40.85
C PRO K 81 51.71 -40.75 42.14
N ASP K 82 52.27 -41.97 42.23
CA ASP K 82 53.02 -42.37 43.41
C ASP K 82 54.53 -42.32 43.15
N GLY K 83 54.93 -41.55 42.13
CA GLY K 83 56.31 -41.55 41.68
C GLY K 83 57.25 -40.62 42.43
N ASP K 84 58.55 -40.91 42.32
CA ASP K 84 59.57 -40.06 42.91
C ASP K 84 60.05 -39.01 41.90
N ASP K 85 60.92 -38.12 42.35
CA ASP K 85 61.47 -37.08 41.47
C ASP K 85 62.33 -37.67 40.36
N VAL K 86 62.22 -37.11 39.16
CA VAL K 86 63.02 -37.54 38.02
C VAL K 86 63.81 -36.37 37.42
N TYR K 87 63.68 -35.20 38.03
CA TYR K 87 64.30 -33.99 37.48
C TYR K 87 65.78 -33.83 37.85
N ALA K 88 66.14 -34.21 39.06
CA ALA K 88 67.51 -34.05 39.55
C ALA K 88 68.51 -34.88 38.74
N GLY K 89 69.55 -34.23 38.24
CA GLY K 89 70.58 -34.93 37.49
C GLY K 89 70.46 -34.76 35.99
N VAL K 90 69.30 -34.29 35.53
CA VAL K 90 69.08 -34.09 34.11
C VAL K 90 69.88 -32.90 33.59
N PRO K 91 70.75 -33.14 32.60
CA PRO K 91 71.61 -32.09 32.05
C PRO K 91 70.84 -31.01 31.28
N LYS K 92 71.32 -29.77 31.36
CA LYS K 92 70.69 -28.66 30.67
C LYS K 92 71.40 -28.36 29.35
N ASP K 93 71.36 -29.32 28.44
CA ASP K 93 72.08 -29.19 27.18
C ASP K 93 71.50 -28.08 26.30
N TYR K 94 70.19 -28.12 26.09
CA TYR K 94 69.50 -27.12 25.29
C TYR K 94 68.16 -26.78 25.92
N THR K 95 68.07 -25.56 26.48
CA THR K 95 66.87 -25.12 27.16
C THR K 95 66.36 -23.80 26.60
N GLY K 96 65.13 -23.45 26.98
CA GLY K 96 64.54 -22.17 26.59
C GLY K 96 64.48 -21.96 25.09
N SER K 97 65.08 -20.86 24.64
CA SER K 97 65.04 -20.49 23.23
C SER K 97 65.96 -21.36 22.39
N SER K 98 66.76 -22.20 23.04
CA SER K 98 67.69 -23.06 22.32
C SER K 98 67.02 -24.38 21.87
N VAL K 99 65.81 -24.63 22.36
CA VAL K 99 65.06 -25.82 21.95
C VAL K 99 64.41 -25.57 20.61
N THR K 100 65.15 -25.82 19.53
CA THR K 100 64.68 -25.54 18.19
C THR K 100 64.79 -26.76 17.28
N ALA K 101 64.05 -26.72 16.18
CA ALA K 101 64.11 -27.80 15.21
C ALA K 101 65.51 -27.87 14.60
N ALA K 102 66.11 -26.71 14.38
CA ALA K 102 67.44 -26.61 13.81
C ALA K 102 68.48 -27.25 14.71
N ASN K 103 68.39 -26.98 16.01
CA ASN K 103 69.31 -27.58 16.97
C ASN K 103 69.11 -29.09 17.11
N PHE K 104 67.86 -29.53 17.02
CA PHE K 104 67.54 -30.95 17.10
C PHE K 104 68.20 -31.73 15.96
N TYR K 105 68.11 -31.19 14.76
CA TYR K 105 68.72 -31.83 13.59
C TYR K 105 70.24 -31.83 13.70
N ALA K 106 70.81 -30.70 14.13
CA ALA K 106 72.26 -30.55 14.23
C ALA K 106 72.85 -31.49 15.27
N VAL K 107 72.16 -31.61 16.39
CA VAL K 107 72.54 -32.54 17.45
C VAL K 107 72.54 -33.97 16.94
N LEU K 108 71.48 -34.32 16.21
CA LEU K 108 71.32 -35.68 15.69
C LEU K 108 72.42 -36.01 14.69
N LEU K 109 72.82 -35.02 13.90
CA LEU K 109 73.85 -35.19 12.89
C LEU K 109 75.26 -35.19 13.48
N GLY K 110 75.38 -34.69 14.70
CA GLY K 110 76.69 -34.58 15.34
C GLY K 110 77.43 -33.41 14.74
N ASP K 111 76.69 -32.37 14.39
CA ASP K 111 77.27 -31.18 13.78
C ASP K 111 77.33 -30.05 14.81
N GLN K 112 78.45 -29.97 15.53
CA GLN K 112 78.64 -28.99 16.61
C GLN K 112 78.67 -27.53 16.13
N LYS K 113 79.16 -27.32 14.92
CA LYS K 113 79.19 -25.98 14.31
C LYS K 113 77.81 -25.45 13.93
N ALA K 114 76.92 -26.34 13.52
CA ALA K 114 75.56 -25.96 13.13
C ALA K 114 74.71 -25.67 14.35
N VAL K 115 75.15 -26.17 15.50
CA VAL K 115 74.47 -25.95 16.76
C VAL K 115 74.61 -24.49 17.16
N LYS K 116 73.51 -23.88 17.56
CA LYS K 116 73.52 -22.50 18.02
C LYS K 116 73.14 -22.44 19.49
N GLY K 117 74.05 -21.95 20.33
CA GLY K 117 73.82 -21.87 21.76
C GLY K 117 73.91 -23.21 22.46
N GLY K 118 73.39 -23.26 23.67
CA GLY K 118 73.37 -24.49 24.45
C GLY K 118 74.72 -24.94 24.95
N SER K 119 74.79 -26.19 25.41
CA SER K 119 76.01 -26.75 25.96
C SER K 119 76.97 -27.16 24.86
N GLY K 120 76.42 -27.35 23.66
CA GLY K 120 77.24 -27.74 22.53
C GLY K 120 77.39 -29.24 22.42
N LYS K 121 76.66 -29.96 23.26
CA LYS K 121 76.67 -31.41 23.21
C LYS K 121 75.88 -31.96 22.01
N VAL K 122 76.54 -32.83 21.23
CA VAL K 122 75.91 -33.44 20.05
C VAL K 122 76.16 -34.95 20.00
N ILE K 123 75.53 -35.63 19.04
CA ILE K 123 75.74 -37.06 18.85
C ILE K 123 76.89 -37.31 17.86
N ALA K 124 78.12 -37.21 18.36
CA ALA K 124 79.32 -37.49 17.57
C ALA K 124 79.64 -38.99 17.60
N SER K 125 78.76 -39.78 17.00
CA SER K 125 78.81 -41.23 17.08
C SER K 125 79.77 -41.84 16.07
N LYS K 126 80.00 -43.15 16.21
CA LYS K 126 80.91 -43.90 15.34
C LYS K 126 80.16 -45.06 14.67
N PRO K 127 80.69 -45.56 13.55
CA PRO K 127 80.05 -46.61 12.73
C PRO K 127 79.48 -47.80 13.52
N ASN K 128 80.08 -48.13 14.65
CA ASN K 128 79.63 -49.27 15.45
C ASN K 128 78.71 -48.92 16.61
N ASP K 129 78.31 -47.66 16.70
CA ASP K 129 77.52 -47.19 17.84
C ASP K 129 76.02 -47.42 17.65
N HIS K 130 75.28 -47.41 18.76
CA HIS K 130 73.82 -47.50 18.73
C HIS K 130 73.20 -46.19 19.21
N ILE K 131 72.08 -45.80 18.61
CA ILE K 131 71.44 -44.53 18.94
C ILE K 131 69.96 -44.71 19.27
N PHE K 132 69.53 -44.08 20.36
CA PHE K 132 68.14 -44.12 20.79
C PHE K 132 67.53 -42.72 20.83
N VAL K 133 66.49 -42.50 20.03
CA VAL K 133 65.83 -41.20 19.95
C VAL K 133 64.43 -41.27 20.55
N TYR K 134 64.10 -40.33 21.42
CA TYR K 134 62.77 -40.27 22.03
C TYR K 134 62.23 -38.85 22.01
N TYR K 135 61.13 -38.65 21.30
CA TYR K 135 60.45 -37.36 21.25
C TYR K 135 59.12 -37.41 22.00
N ALA K 136 58.78 -36.33 22.70
CA ALA K 136 57.51 -36.25 23.39
C ALA K 136 56.90 -34.84 23.40
C SNN K 137 53.49 -33.53 22.12
CA SNN K 137 54.77 -33.36 22.90
N SNN K 137 55.66 -34.55 23.01
C4 SNN K 137 55.40 -32.03 22.51
C5 SNN K 137 54.46 -31.41 21.50
O SNN K 137 52.80 -34.53 22.27
O5 SNN K 137 54.74 -30.33 21.04
H2 SNN K 137 55.55 -34.85 22.14
HA SNN K 137 54.49 -33.21 23.81
H SNN K 137 55.06 -35.08 23.48
H41 SNN K 137 55.49 -31.46 23.28
H42 SNN K 137 56.28 -32.19 22.10
N HIS K 138 53.53 -32.37 21.45
CA HIS K 138 52.34 -32.29 20.61
C HIS K 138 52.66 -32.56 19.15
N GLY K 139 51.62 -32.78 18.37
CA GLY K 139 51.79 -33.06 16.96
C GLY K 139 50.52 -32.92 16.14
N GLY K 140 50.67 -33.09 14.84
CA GLY K 140 49.57 -33.09 13.92
C GLY K 140 50.04 -33.82 12.67
N PRO K 141 49.15 -33.99 11.68
CA PRO K 141 49.51 -34.66 10.44
C PRO K 141 50.77 -34.06 9.81
N GLY K 142 51.85 -34.83 9.80
CA GLY K 142 53.09 -34.40 9.15
C GLY K 142 53.92 -33.40 9.93
N VAL K 143 53.54 -33.12 11.17
CA VAL K 143 54.26 -32.10 11.95
C VAL K 143 54.46 -32.48 13.42
N LEU K 144 55.64 -32.17 13.95
CA LEU K 144 55.92 -32.33 15.38
C LEU K 144 56.17 -30.96 16.00
N GLY K 145 55.60 -30.73 17.18
CA GLY K 145 55.70 -29.42 17.83
C GLY K 145 57.07 -29.08 18.41
N MET K 146 57.37 -27.78 18.44
CA MET K 146 58.56 -27.30 19.15
C MET K 146 58.18 -26.02 19.90
N PRO K 147 58.78 -25.81 21.09
CA PRO K 147 58.43 -24.66 21.93
C PRO K 147 58.91 -23.33 21.33
N ASN K 148 59.80 -23.40 20.35
CA ASN K 148 60.21 -22.23 19.58
C ASN K 148 59.99 -22.49 18.09
N THR K 149 59.10 -21.72 17.46
CA THR K 149 58.80 -21.89 16.04
C THR K 149 60.05 -21.67 15.19
N PRO K 150 60.13 -22.32 14.02
CA PRO K 150 59.14 -23.19 13.38
C PRO K 150 59.11 -24.61 13.95
N HIS K 151 57.99 -25.29 13.73
CA HIS K 151 57.83 -26.67 14.16
C HIS K 151 58.65 -27.63 13.31
N ILE K 152 58.68 -28.90 13.69
CA ILE K 152 59.37 -29.93 12.93
C ILE K 152 58.48 -30.47 11.82
N TYR K 153 58.94 -30.39 10.57
CA TYR K 153 58.20 -31.00 9.47
C TYR K 153 58.79 -32.35 9.13
N ALA K 154 57.93 -33.32 8.88
CA ALA K 154 58.32 -34.72 8.72
C ALA K 154 59.41 -34.94 7.69
N ALA K 155 59.29 -34.29 6.53
CA ALA K 155 60.25 -34.47 5.44
C ALA K 155 61.67 -34.05 5.84
N ASP K 156 61.77 -32.97 6.59
CA ASP K 156 63.07 -32.48 7.05
C ASP K 156 63.70 -33.45 8.06
N PHE K 157 62.86 -34.01 8.93
CA PHE K 157 63.31 -34.98 9.92
C PHE K 157 63.85 -36.24 9.22
N ILE K 158 63.09 -36.74 8.24
CA ILE K 158 63.50 -37.93 7.49
C ILE K 158 64.75 -37.64 6.68
N GLU K 159 64.83 -36.43 6.12
CA GLU K 159 65.99 -36.02 5.34
C GLU K 159 67.24 -35.99 6.22
N THR K 160 67.05 -35.58 7.47
CA THR K 160 68.14 -35.56 8.45
C THR K 160 68.65 -36.98 8.71
N LEU K 161 67.72 -37.93 8.82
CA LEU K 161 68.08 -39.33 9.04
C LEU K 161 68.84 -39.90 7.85
N LYS K 162 68.44 -39.51 6.65
CA LYS K 162 69.11 -39.97 5.43
C LYS K 162 70.56 -39.48 5.37
N LYS K 163 70.79 -38.24 5.77
CA LYS K 163 72.14 -37.67 5.79
C LYS K 163 73.02 -38.38 6.81
N LYS K 164 72.42 -38.67 7.97
CA LYS K 164 73.09 -39.36 9.05
C LYS K 164 73.51 -40.76 8.60
N HIS K 165 72.62 -41.44 7.90
CA HIS K 165 72.92 -42.77 7.37
C HIS K 165 74.04 -42.73 6.34
N ALA K 166 74.00 -41.74 5.45
CA ALA K 166 74.98 -41.63 4.38
C ALA K 166 76.39 -41.41 4.93
N SER K 167 76.49 -40.75 6.08
CA SER K 167 77.78 -40.52 6.74
C SER K 167 78.32 -41.82 7.34
N GLY K 168 77.43 -42.77 7.58
CA GLY K 168 77.80 -44.05 8.15
C GLY K 168 78.33 -43.95 9.56
N THR K 169 77.79 -43.01 10.33
CA THR K 169 78.27 -42.75 11.68
C THR K 169 77.46 -43.44 12.76
N TYR K 170 76.82 -44.56 12.40
CA TYR K 170 76.11 -45.38 13.38
C TYR K 170 75.81 -46.76 12.81
N LYS K 171 75.64 -47.73 13.70
CA LYS K 171 75.31 -49.09 13.31
C LYS K 171 73.80 -49.24 13.11
N GLU K 172 73.05 -49.01 14.17
CA GLU K 172 71.60 -49.05 14.12
C GLU K 172 70.97 -48.02 15.05
N MET K 173 69.71 -47.71 14.80
CA MET K 173 69.01 -46.66 15.55
C MET K 173 67.56 -47.04 15.82
N VAL K 174 67.07 -46.69 17.00
CA VAL K 174 65.67 -46.90 17.37
C VAL K 174 65.02 -45.57 17.76
N ILE K 175 63.85 -45.30 17.22
CA ILE K 175 63.15 -44.04 17.48
C ILE K 175 61.75 -44.26 18.05
N TYR K 176 61.51 -43.69 19.22
CA TYR K 176 60.18 -43.68 19.83
C TYR K 176 59.58 -42.28 19.74
N VAL K 177 58.36 -42.17 19.23
CA VAL K 177 57.77 -40.84 19.05
C VAL K 177 56.40 -40.70 19.72
N GLU K 178 56.32 -39.81 20.70
CA GLU K 178 55.07 -39.49 21.38
C GLU K 178 54.47 -38.19 20.86
N ALA K 179 53.41 -38.31 20.06
CA ALA K 179 52.71 -37.16 19.48
C ALA K 179 51.38 -37.59 18.90
N ALA K 180 50.47 -36.63 18.71
CA ALA K 180 49.19 -36.90 18.05
C ALA K 180 49.41 -37.07 16.55
N GLU K 181 48.73 -38.05 15.97
CA GLU K 181 48.90 -38.39 14.54
C GLU K 181 50.36 -38.64 14.20
N SER K 182 51.09 -39.23 15.16
CA SER K 182 52.54 -39.38 15.02
C SER K 182 52.94 -40.31 13.87
N GLY K 183 52.04 -41.18 13.45
CA GLY K 183 52.31 -42.07 12.33
C GLY K 183 52.54 -41.33 11.03
N SER K 184 51.97 -40.13 10.91
CA SER K 184 52.08 -39.33 9.71
C SER K 184 53.49 -38.80 9.46
N ILE K 185 54.34 -38.89 10.47
CA ILE K 185 55.71 -38.42 10.36
C ILE K 185 56.56 -39.37 9.51
N PHE K 186 56.13 -40.64 9.43
CA PHE K 186 56.93 -41.67 8.80
C PHE K 186 56.22 -42.38 7.63
N GLU K 187 54.90 -42.40 7.64
CA GLU K 187 54.16 -43.11 6.60
C GLU K 187 54.38 -42.53 5.21
N GLY K 188 54.85 -43.37 4.29
CA GLY K 188 55.01 -42.98 2.91
C GLY K 188 56.34 -42.31 2.58
N ILE K 189 57.14 -42.02 3.60
CA ILE K 189 58.41 -41.32 3.40
C ILE K 189 59.59 -41.95 4.12
N MET K 190 59.31 -42.75 5.14
CA MET K 190 60.39 -43.38 5.91
C MET K 190 60.89 -44.65 5.23
N PRO K 191 62.15 -44.63 4.78
CA PRO K 191 62.76 -45.79 4.11
C PRO K 191 63.05 -46.94 5.07
N LYS K 192 63.28 -48.13 4.54
CA LYS K 192 63.55 -49.30 5.35
C LYS K 192 65.00 -49.76 5.22
N ASP K 193 65.85 -48.94 4.62
CA ASP K 193 67.24 -49.32 4.39
C ASP K 193 68.22 -48.38 5.10
N LEU K 194 67.75 -47.73 6.16
CA LEU K 194 68.58 -46.79 6.91
C LEU K 194 69.09 -47.37 8.22
N ASN K 195 68.86 -48.66 8.44
CA ASN K 195 69.20 -49.32 9.71
C ASN K 195 68.53 -48.63 10.89
N ILE K 196 67.27 -48.22 10.68
CA ILE K 196 66.50 -47.53 11.71
C ILE K 196 65.14 -48.20 11.91
N TYR K 197 64.77 -48.40 13.16
CA TYR K 197 63.45 -48.91 13.51
C TYR K 197 62.67 -47.86 14.31
N VAL K 198 61.39 -47.72 14.00
CA VAL K 198 60.58 -46.64 14.57
C VAL K 198 59.24 -47.15 15.14
N THR K 199 58.84 -46.64 16.30
CA THR K 199 57.47 -46.84 16.78
C THR K 199 56.83 -45.49 17.11
N THR K 200 55.54 -45.37 16.88
CA THR K 200 54.81 -44.13 17.15
C THR K 200 53.60 -44.37 18.04
N ALA K 201 53.20 -43.34 18.77
CA ALA K 201 52.10 -43.44 19.73
C ALA K 201 50.75 -43.72 19.07
N SER K 202 50.55 -43.16 17.87
CA SER K 202 49.28 -43.30 17.17
C SER K 202 49.48 -43.49 15.68
N ASN K 203 48.40 -43.72 14.95
CA ASN K 203 48.47 -43.82 13.49
C ASN K 203 48.45 -42.42 12.88
N ALA K 204 48.26 -42.33 11.57
CA ALA K 204 48.42 -41.06 10.86
C ALA K 204 47.21 -40.14 10.98
N GLN K 205 46.11 -40.61 11.56
CA GLN K 205 44.88 -39.82 11.57
C GLN K 205 44.21 -39.69 12.93
N GLU K 206 44.67 -40.43 13.92
CA GLU K 206 44.00 -40.46 15.22
C GLU K 206 44.72 -39.64 16.28
N SER K 207 44.05 -39.42 17.39
CA SER K 207 44.61 -38.66 18.50
C SER K 207 45.54 -39.51 19.36
N SER K 208 46.42 -38.85 20.11
CA SER K 208 47.18 -39.51 21.16
C SER K 208 46.54 -39.14 22.48
N TYR K 209 47.00 -39.73 23.57
CA TYR K 209 46.34 -39.56 24.86
C TYR K 209 47.31 -39.24 25.99
N GLY K 210 46.91 -38.29 26.85
CA GLY K 210 47.64 -38.00 28.07
C GLY K 210 46.99 -38.73 29.23
N THR K 211 47.74 -38.96 30.30
CA THR K 211 47.23 -39.77 31.41
C THR K 211 47.78 -39.27 32.76
N TYR K 212 47.34 -39.91 33.85
CA TYR K 212 47.67 -39.47 35.21
C TYR K 212 47.21 -38.03 35.41
N CYS K 213 45.93 -37.79 35.15
CA CYS K 213 45.35 -36.44 35.17
C CYS K 213 44.34 -36.30 36.30
N PRO K 214 44.11 -35.06 36.75
CA PRO K 214 43.07 -34.78 37.75
C PRO K 214 41.64 -35.02 37.25
N GLY K 215 40.75 -35.42 38.15
CA GLY K 215 39.36 -35.63 37.79
C GLY K 215 39.10 -36.99 37.17
N MET K 216 40.16 -37.81 37.12
CA MET K 216 40.07 -39.15 36.55
C MET K 216 40.73 -40.16 37.50
N ASN K 217 40.79 -41.40 37.04
CA ASN K 217 41.36 -42.49 37.83
C ASN K 217 42.51 -43.14 37.06
N PRO K 218 43.69 -43.24 37.72
CA PRO K 218 43.95 -42.97 39.15
C PRO K 218 44.19 -41.54 39.65
N SER K 219 44.58 -40.61 38.79
CA SER K 219 44.85 -39.20 39.15
C SER K 219 46.05 -39.00 40.10
N PRO K 220 46.75 -37.87 39.92
CA PRO K 220 47.84 -37.39 40.78
C PRO K 220 47.37 -36.93 42.15
N PRO K 221 48.29 -36.69 43.09
CA PRO K 221 47.95 -36.07 44.37
C PRO K 221 47.19 -34.76 44.15
N SER K 222 46.25 -34.45 45.04
CA SER K 222 45.30 -33.35 44.84
C SER K 222 45.95 -31.99 44.52
N GLU K 223 47.18 -31.79 44.97
CA GLU K 223 47.91 -30.54 44.73
C GLU K 223 48.32 -30.41 43.27
N TYR K 224 48.32 -31.52 42.55
CA TYR K 224 48.60 -31.50 41.12
C TYR K 224 47.30 -31.36 40.32
N ILE K 225 47.16 -30.26 39.58
CA ILE K 225 45.97 -30.03 38.78
C ILE K 225 46.33 -30.07 37.29
N THR K 226 47.42 -30.75 36.97
CA THR K 226 47.84 -30.96 35.59
C THR K 226 48.25 -32.42 35.38
N CYS K 227 48.19 -32.89 34.14
CA CYS K 227 48.53 -34.29 33.84
C CYS K 227 50.02 -34.58 34.03
N LEU K 228 50.33 -35.75 34.58
CA LEU K 228 51.71 -36.12 34.91
C LEU K 228 52.44 -36.82 33.76
N GLY K 229 51.70 -37.51 32.89
CA GLY K 229 52.32 -38.26 31.81
C GLY K 229 51.46 -38.48 30.59
N ASP K 230 51.96 -39.27 29.65
CA ASP K 230 51.22 -39.65 28.46
C ASP K 230 51.17 -41.18 28.34
N LEU K 231 50.07 -41.70 27.79
CA LEU K 231 49.79 -43.13 27.77
C LEU K 231 50.90 -43.99 27.14
N TYR K 232 51.25 -43.68 25.90
CA TYR K 232 52.29 -44.41 25.18
C TYR K 232 53.65 -44.28 25.87
N SER K 233 53.92 -43.09 26.40
CA SER K 233 55.20 -42.80 27.05
C SER K 233 55.39 -43.62 28.33
N VAL K 234 54.41 -43.58 29.22
CA VAL K 234 54.51 -44.33 30.47
C VAL K 234 54.41 -45.83 30.20
N ALA K 235 53.86 -46.20 29.05
CA ALA K 235 53.75 -47.60 28.68
C ALA K 235 55.12 -48.21 28.47
N TRP K 236 55.97 -47.57 27.69
CA TRP K 236 57.28 -48.15 27.41
C TRP K 236 58.29 -47.89 28.52
N MET K 237 58.12 -46.78 29.24
CA MET K 237 59.05 -46.43 30.31
C MET K 237 58.83 -47.28 31.56
N GLU K 238 57.58 -47.47 31.95
CA GLU K 238 57.29 -48.34 33.09
C GLU K 238 57.65 -49.78 32.73
N ASP K 239 57.54 -50.11 31.44
CA ASP K 239 57.91 -51.44 30.98
C ASP K 239 59.41 -51.66 31.06
N SER K 240 60.19 -50.69 30.59
CA SER K 240 61.65 -50.80 30.58
C SER K 240 62.24 -50.82 31.98
N GLU K 241 61.63 -50.09 32.90
CA GLU K 241 62.17 -49.96 34.25
C GLU K 241 61.80 -51.16 35.15
N THR K 242 60.89 -52.02 34.69
CA THR K 242 60.44 -53.14 35.50
C THR K 242 60.71 -54.51 34.86
N HIS K 243 61.59 -54.55 33.86
CA HIS K 243 61.91 -55.80 33.18
C HIS K 243 63.40 -55.95 32.88
N ASN K 244 63.85 -57.20 32.81
CA ASN K 244 65.22 -57.53 32.43
C ASN K 244 65.49 -57.20 30.98
N LEU K 245 66.23 -56.13 30.74
CA LEU K 245 66.46 -55.62 29.38
C LEU K 245 67.51 -56.41 28.61
N LYS K 246 68.23 -57.29 29.29
CA LYS K 246 69.17 -58.19 28.61
C LYS K 246 68.45 -59.34 27.93
N LYS K 247 67.22 -59.60 28.37
CA LYS K 247 66.41 -60.66 27.78
C LYS K 247 65.31 -60.13 26.86
N GLU K 248 64.67 -59.04 27.28
CA GLU K 248 63.51 -58.53 26.58
C GLU K 248 63.89 -57.99 25.22
N THR K 249 63.13 -58.37 24.21
CA THR K 249 63.36 -57.91 22.85
C THR K 249 62.56 -56.65 22.57
N ILE K 250 62.98 -55.91 21.55
CA ILE K 250 62.22 -54.76 21.08
C ILE K 250 60.84 -55.25 20.63
N LYS K 251 60.83 -56.45 20.05
CA LYS K 251 59.61 -57.12 19.61
C LYS K 251 58.61 -57.27 20.76
N GLN K 252 59.12 -57.68 21.92
CA GLN K 252 58.30 -57.85 23.11
C GLN K 252 57.80 -56.51 23.68
N GLN K 253 58.65 -55.49 23.67
CA GLN K 253 58.25 -54.18 24.19
C GLN K 253 57.17 -53.56 23.31
N TYR K 254 57.36 -53.64 21.99
CA TYR K 254 56.35 -53.15 21.05
C TYR K 254 55.01 -53.83 21.30
N HIS K 255 55.04 -55.14 21.50
CA HIS K 255 53.84 -55.91 21.78
C HIS K 255 53.15 -55.44 23.07
N THR K 256 53.93 -55.21 24.12
CA THR K 256 53.36 -54.76 25.39
C THR K 256 52.83 -53.33 25.32
N VAL K 257 53.62 -52.43 24.74
CA VAL K 257 53.23 -51.03 24.60
C VAL K 257 51.98 -50.87 23.75
N LYS K 258 51.93 -51.60 22.63
CA LYS K 258 50.78 -51.56 21.74
C LYS K 258 49.50 -52.00 22.47
N MET K 259 49.62 -53.01 23.31
CA MET K 259 48.46 -53.52 24.04
C MET K 259 47.94 -52.52 25.07
N ARG K 260 48.84 -51.96 25.87
CA ARG K 260 48.43 -50.98 26.89
C ARG K 260 47.87 -49.71 26.27
N THR K 261 48.55 -49.21 25.24
CA THR K 261 48.16 -47.95 24.61
C THR K 261 46.82 -48.07 23.89
N SER K 262 46.47 -49.29 23.46
CA SER K 262 45.19 -49.52 22.81
C SER K 262 44.06 -49.71 23.82
N ASN K 263 44.38 -49.49 25.09
CA ASN K 263 43.48 -49.84 26.19
C ASN K 263 43.04 -51.30 26.06
N TYR K 264 44.02 -52.16 25.80
CA TYR K 264 43.82 -53.61 25.67
C TYR K 264 42.76 -53.95 24.63
N ASN K 265 43.03 -53.48 23.40
CA ASN K 265 42.26 -53.80 22.19
C ASN K 265 40.82 -53.30 22.16
N THR K 266 40.49 -52.33 23.00
CA THR K 266 39.17 -51.72 22.94
C THR K 266 39.19 -50.45 22.10
N TYR K 267 40.33 -49.78 22.12
CA TYR K 267 40.52 -48.49 21.45
C TYR K 267 39.52 -47.45 21.95
N SER K 268 39.02 -47.67 23.16
CA SER K 268 38.25 -46.68 23.88
C SER K 268 39.17 -46.01 24.88
N GLY K 269 39.60 -44.79 24.58
CA GLY K 269 40.62 -44.15 25.38
C GLY K 269 41.94 -44.81 25.10
N GLY K 270 42.21 -45.07 23.82
CA GLY K 270 43.43 -45.71 23.40
C GLY K 270 43.69 -45.50 21.91
N SER K 271 44.94 -45.62 21.50
CA SER K 271 45.32 -45.39 20.11
C SER K 271 46.06 -46.58 19.51
N HIS K 272 46.32 -46.53 18.21
CA HIS K 272 47.03 -47.61 17.50
C HIS K 272 48.52 -47.34 17.43
N VAL K 273 49.31 -48.08 18.18
CA VAL K 273 50.76 -47.94 18.11
C VAL K 273 51.29 -48.51 16.79
N MET K 274 51.98 -47.68 16.02
CA MET K 274 52.48 -48.09 14.71
C MET K 274 53.98 -48.28 14.69
N GLU K 275 54.47 -48.97 13.68
CA GLU K 275 55.90 -49.22 13.53
C GLU K 275 56.35 -48.95 12.08
N TYR K 276 57.59 -48.49 11.93
CA TYR K 276 58.14 -48.15 10.62
C TYR K 276 59.63 -48.48 10.54
N GLY K 277 60.16 -48.47 9.32
CA GLY K 277 61.57 -48.75 9.11
C GLY K 277 61.86 -50.23 8.96
N ASN K 278 63.03 -50.64 9.45
CA ASN K 278 63.47 -52.03 9.35
C ASN K 278 62.98 -52.87 10.53
N ASN K 279 62.05 -53.78 10.27
CA ASN K 279 61.43 -54.61 11.31
C ASN K 279 62.32 -55.72 11.84
N SER K 280 63.39 -56.05 11.12
CA SER K 280 64.28 -57.12 11.54
C SER K 280 65.07 -56.74 12.80
N ILE K 281 65.12 -55.44 13.07
CA ILE K 281 65.81 -54.91 14.25
C ILE K 281 65.08 -55.35 15.53
N LYS K 282 63.79 -55.61 15.41
CA LYS K 282 62.92 -55.96 16.54
C LYS K 282 63.38 -57.19 17.31
N SER K 283 64.16 -58.06 16.65
CA SER K 283 64.63 -59.29 17.27
C SER K 283 65.74 -59.03 18.29
N GLU K 284 66.30 -57.82 18.26
CA GLU K 284 67.41 -57.47 19.14
C GLU K 284 66.97 -57.18 20.57
N LYS K 285 67.91 -57.32 21.50
CA LYS K 285 67.65 -57.05 22.92
C LYS K 285 67.66 -55.56 23.21
N LEU K 286 66.84 -55.15 24.16
CA LEU K 286 66.66 -53.74 24.46
C LEU K 286 67.90 -53.09 25.09
N TYR K 287 68.75 -53.89 25.74
CA TYR K 287 69.90 -53.35 26.45
C TYR K 287 70.92 -52.74 25.49
N LEU K 288 70.83 -53.11 24.21
CA LEU K 288 71.72 -52.55 23.20
C LEU K 288 71.41 -51.08 22.92
N TYR K 289 70.23 -50.64 23.35
CA TYR K 289 69.80 -49.27 23.12
C TYR K 289 69.50 -48.54 24.42
N GLN K 290 68.86 -49.24 25.35
CA GLN K 290 68.40 -48.61 26.60
C GLN K 290 69.25 -48.98 27.82
N GLY K 291 70.23 -49.86 27.62
CA GLY K 291 71.09 -50.28 28.71
C GLY K 291 70.46 -51.39 29.55
N PHE K 292 71.16 -51.77 30.62
CA PHE K 292 70.72 -52.90 31.45
C PHE K 292 70.83 -52.63 32.94
N ASP K 293 69.72 -52.78 33.64
CA ASP K 293 69.68 -52.60 35.09
C ASP K 293 69.46 -53.94 35.80
N PRO K 294 70.48 -54.41 36.54
CA PRO K 294 70.44 -55.68 37.26
C PRO K 294 69.34 -55.77 38.31
N ALA K 295 68.86 -54.63 38.77
CA ALA K 295 67.81 -54.60 39.80
C ALA K 295 66.50 -55.20 39.28
N THR K 296 66.27 -55.16 37.98
CA THR K 296 65.04 -55.68 37.39
C THR K 296 65.12 -57.19 37.23
N VAL K 297 66.33 -57.71 37.30
CA VAL K 297 66.56 -59.15 37.20
C VAL K 297 66.21 -59.86 38.51
N ASN K 298 66.39 -59.16 39.63
CA ASN K 298 66.22 -59.77 40.93
C ASN K 298 65.03 -59.23 41.71
N LEU K 299 63.90 -59.05 41.04
CA LEU K 299 62.68 -58.67 41.73
C LEU K 299 62.13 -59.83 42.56
N PRO K 300 61.60 -59.52 43.76
CA PRO K 300 60.91 -60.57 44.55
C PRO K 300 59.62 -60.98 43.85
N LEU K 301 59.07 -62.14 44.19
CA LEU K 301 57.89 -62.66 43.52
C LEU K 301 56.77 -61.62 43.63
N ASN K 302 56.63 -61.01 44.81
CA ASN K 302 55.52 -60.09 45.08
C ASN K 302 55.75 -58.68 44.57
N GLU K 303 56.82 -58.49 43.80
CA GLU K 303 57.12 -57.18 43.23
C GLU K 303 57.11 -57.22 41.71
N LEU K 304 56.63 -58.31 41.15
CA LEU K 304 56.48 -58.42 39.70
C LEU K 304 55.44 -57.41 39.22
N PRO K 305 55.70 -56.74 38.09
CA PRO K 305 54.79 -55.71 37.63
C PRO K 305 53.43 -56.26 37.22
N VAL K 306 52.38 -55.66 37.75
CA VAL K 306 51.01 -56.01 37.40
C VAL K 306 50.29 -54.74 36.97
N LYS K 307 49.90 -54.68 35.70
CA LYS K 307 49.34 -53.45 35.15
C LYS K 307 47.82 -53.54 34.96
N SER K 308 47.13 -52.41 35.17
CA SER K 308 45.69 -52.37 34.94
C SER K 308 45.30 -51.14 34.13
N LYS K 309 44.01 -51.00 33.82
CA LYS K 309 43.56 -49.92 32.97
C LYS K 309 43.61 -48.56 33.68
N ILE K 310 43.93 -47.51 32.92
CA ILE K 310 44.04 -46.15 33.45
C ILE K 310 43.24 -45.16 32.62
N GLY K 311 42.68 -44.16 33.30
CA GLY K 311 41.93 -43.11 32.63
C GLY K 311 42.83 -42.19 31.82
N VAL K 312 42.30 -41.67 30.72
CA VAL K 312 43.09 -40.82 29.83
C VAL K 312 42.32 -39.58 29.40
N VAL K 313 43.05 -38.64 28.80
CA VAL K 313 42.45 -37.45 28.22
C VAL K 313 43.02 -37.25 26.82
N ASN K 314 42.21 -36.76 25.89
CA ASN K 314 42.68 -36.42 24.57
C ASN K 314 43.83 -35.43 24.71
N GLN K 315 44.91 -35.71 23.97
CA GLN K 315 46.13 -34.93 24.05
C GLN K 315 45.88 -33.44 23.84
N ARG K 316 44.93 -33.12 22.97
CA ARG K 316 44.69 -31.74 22.61
C ARG K 316 43.82 -31.02 23.65
N ASP K 317 43.17 -31.80 24.52
CA ASP K 317 42.25 -31.23 25.51
C ASP K 317 42.85 -31.20 26.91
N ALA K 318 44.06 -31.74 27.04
CA ALA K 318 44.74 -31.79 28.34
C ALA K 318 44.98 -30.40 28.89
N ASP K 319 45.17 -29.44 27.99
CA ASP K 319 45.36 -28.04 28.36
C ASP K 319 44.12 -27.48 29.05
N LEU K 320 42.95 -27.79 28.48
CA LEU K 320 41.69 -27.32 29.02
C LEU K 320 41.37 -27.98 30.35
N LEU K 321 41.80 -29.23 30.52
CA LEU K 321 41.56 -29.95 31.76
C LEU K 321 42.32 -29.26 32.89
N PHE K 322 43.55 -28.83 32.59
CA PHE K 322 44.38 -28.11 33.55
C PHE K 322 43.74 -26.78 33.95
N LEU K 323 43.26 -26.02 32.96
CA LEU K 323 42.67 -24.71 33.24
C LEU K 323 41.39 -24.81 34.05
N TRP K 324 40.58 -25.83 33.76
CA TRP K 324 39.30 -26.00 34.43
C TRP K 324 39.48 -26.42 35.88
N HIS K 325 40.44 -27.30 36.14
CA HIS K 325 40.68 -27.74 37.50
C HIS K 325 41.33 -26.64 38.33
N MET K 326 42.15 -25.81 37.70
CA MET K 326 42.72 -24.65 38.38
C MET K 326 41.66 -23.62 38.69
N TYR K 327 40.67 -23.51 37.80
CA TYR K 327 39.55 -22.64 38.03
C TYR K 327 38.76 -23.22 39.19
N ARG K 328 38.62 -24.54 39.19
CA ARG K 328 37.88 -25.22 40.24
C ARG K 328 38.57 -25.14 41.61
N THR K 329 39.88 -25.28 41.66
CA THR K 329 40.53 -25.32 42.95
C THR K 329 40.70 -23.92 43.52
N SER K 330 40.38 -22.91 42.72
CA SER K 330 40.39 -21.53 43.21
C SER K 330 39.12 -21.34 44.05
N GLU K 331 39.16 -20.41 45.01
CA GLU K 331 38.06 -20.23 45.95
C GLU K 331 37.52 -18.80 46.01
N ASP K 332 36.36 -18.70 46.65
CA ASP K 332 35.60 -17.46 46.90
C ASP K 332 35.50 -16.53 45.71
N GLY K 333 35.94 -15.29 45.92
CA GLY K 333 35.92 -14.30 44.86
C GLY K 333 37.33 -13.84 44.57
N SER K 334 38.24 -14.80 44.52
CA SER K 334 39.64 -14.50 44.29
C SER K 334 39.89 -13.99 42.88
N ARG K 335 40.88 -13.11 42.74
CA ARG K 335 41.26 -12.64 41.41
C ARG K 335 42.12 -13.68 40.72
N LYS K 336 42.48 -14.74 41.44
CA LYS K 336 43.12 -15.85 40.80
C LYS K 336 42.05 -16.71 40.14
N LYS K 337 40.88 -16.75 40.76
CA LYS K 337 39.76 -17.47 40.19
C LYS K 337 39.34 -16.83 38.86
N ASP K 338 39.19 -15.52 38.87
CA ASP K 338 38.69 -14.79 37.70
C ASP K 338 39.68 -14.72 36.54
N ASP K 339 40.97 -14.63 36.85
CA ASP K 339 41.99 -14.65 35.80
C ASP K 339 42.06 -16.01 35.13
N THR K 340 41.89 -17.07 35.91
CA THR K 340 41.89 -18.42 35.33
C THR K 340 40.62 -18.66 34.51
N LEU K 341 39.50 -18.09 34.97
CA LEU K 341 38.23 -18.20 34.24
C LEU K 341 38.28 -17.50 32.90
N LYS K 342 38.96 -16.36 32.88
CA LYS K 342 39.13 -15.58 31.67
C LYS K 342 40.09 -16.29 30.74
N GLU K 343 41.06 -16.98 31.33
CA GLU K 343 42.03 -17.76 30.58
C GLU K 343 41.40 -18.99 29.94
N LEU K 344 40.41 -19.56 30.62
CA LEU K 344 39.68 -20.70 30.11
C LEU K 344 38.77 -20.31 28.94
N THR K 345 38.03 -19.22 29.13
CA THR K 345 37.10 -18.74 28.11
C THR K 345 37.85 -18.22 26.89
N GLU K 346 38.97 -17.54 27.11
CA GLU K 346 39.74 -16.95 26.02
C GLU K 346 40.43 -18.02 25.19
N THR K 347 40.89 -19.07 25.86
CA THR K 347 41.54 -20.18 25.18
C THR K 347 40.53 -20.95 24.34
N THR K 348 39.35 -21.19 24.93
CA THR K 348 38.29 -21.93 24.27
C THR K 348 37.84 -21.21 22.99
N ARG K 349 37.62 -19.90 23.10
CA ARG K 349 37.13 -19.15 21.96
C ARG K 349 38.21 -18.93 20.89
N HIS K 350 39.46 -18.85 21.31
CA HIS K 350 40.57 -18.69 20.37
C HIS K 350 40.76 -19.93 19.49
N ARG K 351 40.61 -21.10 20.11
CA ARG K 351 40.68 -22.37 19.40
C ARG K 351 39.56 -22.50 18.38
N LYS K 352 38.35 -22.14 18.77
CA LYS K 352 37.21 -22.22 17.86
C LYS K 352 37.30 -21.23 16.72
N HIS K 353 37.89 -20.07 17.01
CA HIS K 353 38.12 -19.04 16.02
C HIS K 353 39.09 -19.58 14.97
N LEU K 354 40.06 -20.34 15.45
CA LEU K 354 41.06 -20.95 14.59
C LEU K 354 40.42 -22.08 13.76
N ASP K 355 39.52 -22.84 14.38
CA ASP K 355 38.79 -23.88 13.68
C ASP K 355 37.95 -23.28 12.55
N ALA K 356 37.26 -22.18 12.86
CA ALA K 356 36.40 -21.52 11.89
C ALA K 356 37.18 -20.99 10.70
N SER K 357 38.38 -20.47 10.96
CA SER K 357 39.21 -19.92 9.88
C SER K 357 39.60 -21.01 8.89
N VAL K 358 40.01 -22.16 9.41
CA VAL K 358 40.42 -23.27 8.56
C VAL K 358 39.23 -23.82 7.76
N GLU K 359 38.10 -24.01 8.45
CA GLU K 359 36.90 -24.51 7.81
C GLU K 359 36.39 -23.57 6.73
N LEU K 360 36.51 -22.26 7.01
CA LEU K 360 36.02 -21.25 6.09
C LEU K 360 36.84 -21.22 4.81
N ILE K 361 38.16 -21.37 4.94
CA ILE K 361 39.04 -21.42 3.78
C ILE K 361 38.69 -22.61 2.90
N ALA K 362 38.46 -23.76 3.52
CA ALA K 362 38.11 -24.97 2.80
C ALA K 362 36.75 -24.83 2.12
N THR K 363 35.81 -24.19 2.81
CA THR K 363 34.47 -23.99 2.27
C THR K 363 34.50 -23.06 1.07
N ILE K 364 35.28 -21.98 1.17
CA ILE K 364 35.42 -21.05 0.06
C ILE K 364 36.00 -21.74 -1.17
N LEU K 365 36.97 -22.61 -0.94
CA LEU K 365 37.64 -23.31 -2.03
C LEU K 365 36.77 -24.40 -2.66
N PHE K 366 36.21 -25.28 -1.85
CA PHE K 366 35.55 -26.47 -2.39
C PHE K 366 34.14 -26.74 -1.84
N GLY K 367 33.57 -25.79 -1.13
CA GLY K 367 32.18 -25.91 -0.70
C GLY K 367 31.98 -26.50 0.68
N PRO K 368 30.75 -26.38 1.21
CA PRO K 368 30.40 -26.80 2.58
C PRO K 368 29.95 -28.25 2.71
N THR K 369 29.84 -28.97 1.60
CA THR K 369 29.39 -30.36 1.66
C THR K 369 30.32 -31.29 0.89
N MET K 370 30.63 -32.43 1.49
CA MET K 370 31.55 -33.42 0.92
C MET K 370 32.83 -32.78 0.42
N ASN K 371 33.42 -31.95 1.27
CA ASN K 371 34.61 -31.21 0.91
C ASN K 371 35.79 -32.14 0.65
N VAL K 372 36.42 -31.98 -0.51
CA VAL K 372 37.50 -32.86 -0.93
C VAL K 372 38.73 -32.75 -0.03
N LEU K 373 38.88 -31.61 0.65
CA LEU K 373 40.05 -31.37 1.50
C LEU K 373 40.00 -32.16 2.80
N ASN K 374 38.83 -32.67 3.15
CA ASN K 374 38.65 -33.44 4.38
C ASN K 374 38.91 -34.94 4.17
N LEU K 375 39.20 -35.34 2.93
CA LEU K 375 39.43 -36.74 2.62
C LEU K 375 40.79 -37.22 3.15
N VAL K 376 40.78 -38.34 3.85
CA VAL K 376 42.01 -38.89 4.40
C VAL K 376 42.60 -39.95 3.47
N ARG K 377 43.90 -39.85 3.22
CA ARG K 377 44.60 -40.81 2.37
C ARG K 377 44.69 -42.18 3.04
N GLU K 378 44.78 -43.23 2.23
CA GLU K 378 44.92 -44.59 2.74
C GLU K 378 46.24 -44.75 3.51
N PRO K 379 46.27 -45.66 4.49
CA PRO K 379 47.50 -45.96 5.23
C PRO K 379 48.63 -46.39 4.30
N GLY K 380 49.83 -45.86 4.54
CA GLY K 380 50.97 -46.21 3.69
C GLY K 380 51.32 -45.09 2.73
N LEU K 381 50.35 -44.23 2.45
CA LEU K 381 50.58 -43.09 1.57
C LEU K 381 51.15 -41.92 2.37
N PRO K 382 52.01 -41.12 1.75
CA PRO K 382 52.50 -39.90 2.41
C PRO K 382 51.37 -38.88 2.54
N LEU K 383 51.41 -38.07 3.61
CA LEU K 383 50.39 -37.06 3.83
C LEU K 383 50.29 -36.08 2.66
N VAL K 384 51.45 -35.68 2.15
CA VAL K 384 51.51 -34.73 1.05
C VAL K 384 52.59 -35.16 0.05
N ASP K 385 52.43 -34.76 -1.21
CA ASP K 385 53.42 -35.09 -2.23
C ASP K 385 54.49 -34.00 -2.34
N ASP K 386 54.09 -32.75 -2.08
CA ASP K 386 55.02 -31.61 -2.12
C ASP K 386 55.14 -31.00 -0.72
N TRP K 387 56.22 -31.33 -0.02
CA TRP K 387 56.39 -30.89 1.36
C TRP K 387 56.73 -29.41 1.48
N GLU K 388 57.44 -28.88 0.48
CA GLU K 388 57.77 -27.47 0.49
C GLU K 388 56.52 -26.62 0.25
N CYS K 389 55.58 -27.13 -0.54
CA CYS K 389 54.30 -26.48 -0.76
C CYS K 389 53.52 -26.42 0.56
N LEU K 390 53.61 -27.50 1.33
CA LEU K 390 52.93 -27.57 2.63
C LEU K 390 53.39 -26.44 3.56
N LYS K 391 54.69 -26.23 3.62
CA LYS K 391 55.27 -25.15 4.43
C LYS K 391 54.77 -23.80 3.97
N SER K 392 54.78 -23.62 2.65
CA SER K 392 54.40 -22.35 2.03
C SER K 392 52.94 -22.02 2.34
N MET K 393 52.07 -23.03 2.25
CA MET K 393 50.65 -22.82 2.49
C MET K 393 50.35 -22.45 3.94
N VAL K 394 51.14 -23.01 4.86
CA VAL K 394 51.01 -22.67 6.27
C VAL K 394 51.38 -21.21 6.49
N ARG K 395 52.48 -20.78 5.86
CA ARG K 395 52.94 -19.40 5.98
C ARG K 395 51.91 -18.41 5.45
N VAL K 396 51.24 -18.78 4.36
CA VAL K 396 50.18 -17.96 3.79
C VAL K 396 49.01 -17.81 4.77
N PHE K 397 48.60 -18.94 5.37
CA PHE K 397 47.53 -18.93 6.36
C PHE K 397 47.87 -18.02 7.52
N GLU K 398 49.09 -18.17 8.03
CA GLU K 398 49.53 -17.42 9.21
C GLU K 398 49.67 -15.92 8.93
N GLU K 399 49.96 -15.58 7.68
CA GLU K 399 50.08 -14.17 7.29
C GLU K 399 48.76 -13.43 7.42
N HIS K 400 47.65 -14.13 7.14
CA HIS K 400 46.32 -13.50 7.13
C HIS K 400 45.50 -13.86 8.36
N CYS K 401 45.65 -15.08 8.86
CA CYS K 401 44.79 -15.58 9.93
C CYS K 401 45.51 -15.64 11.27
N GLY K 402 46.79 -15.33 11.28
CA GLY K 402 47.56 -15.35 12.51
C GLY K 402 48.23 -16.70 12.74
N SER K 403 49.06 -16.76 13.78
CA SER K 403 49.83 -17.96 14.10
C SER K 403 48.93 -19.19 14.29
N LEU K 404 49.38 -20.32 13.76
CA LEU K 404 48.60 -21.55 13.79
C LEU K 404 48.55 -22.17 15.19
N THR K 405 49.59 -21.94 15.98
CA THR K 405 49.76 -22.52 17.32
C THR K 405 49.88 -24.04 17.29
N GLN K 406 50.26 -24.62 18.42
CA GLN K 406 50.42 -26.07 18.51
C GLN K 406 49.07 -26.79 18.44
N TYR K 407 48.04 -26.14 18.96
CA TYR K 407 46.68 -26.67 18.86
C TYR K 407 46.26 -26.77 17.40
N GLY K 408 46.62 -25.77 16.61
CA GLY K 408 46.24 -25.70 15.21
C GLY K 408 46.93 -26.71 14.32
N MET K 409 47.88 -27.44 14.87
CA MET K 409 48.57 -28.51 14.12
C MET K 409 47.58 -29.62 13.76
N LYS K 410 46.44 -29.65 14.45
CA LYS K 410 45.41 -30.63 14.16
C LYS K 410 44.82 -30.44 12.77
N HIS K 411 44.94 -29.24 12.22
CA HIS K 411 44.34 -28.91 10.93
C HIS K 411 45.30 -29.05 9.76
N MET K 412 46.45 -29.69 10.00
CA MET K 412 47.52 -29.71 9.01
C MET K 412 47.17 -30.52 7.75
N ARG K 413 46.24 -31.46 7.86
CA ARG K 413 45.83 -32.24 6.69
C ARG K 413 45.10 -31.35 5.68
N ALA K 414 44.38 -30.36 6.20
CA ALA K 414 43.66 -29.42 5.35
C ALA K 414 44.62 -28.71 4.40
N PHE K 415 45.76 -28.28 4.95
CA PHE K 415 46.76 -27.59 4.16
C PHE K 415 47.47 -28.56 3.22
N ALA K 416 47.62 -29.79 3.68
CA ALA K 416 48.26 -30.83 2.87
C ALA K 416 47.44 -31.14 1.62
N ASN K 417 46.13 -31.21 1.79
CA ASN K 417 45.24 -31.54 0.69
C ASN K 417 45.06 -30.37 -0.29
N VAL K 418 45.32 -29.16 0.18
CA VAL K 418 45.35 -28.00 -0.70
C VAL K 418 46.48 -28.18 -1.72
N CYS K 419 47.62 -28.67 -1.24
CA CYS K 419 48.75 -28.95 -2.12
C CYS K 419 48.47 -30.14 -3.03
N ASN K 420 47.89 -31.19 -2.45
CA ASN K 420 47.62 -32.41 -3.19
C ASN K 420 46.60 -32.19 -4.32
N ASN K 421 45.70 -31.24 -4.11
CA ASN K 421 44.71 -30.89 -5.14
C ASN K 421 45.22 -29.81 -6.09
N GLY K 422 46.50 -29.47 -5.98
CA GLY K 422 47.15 -28.56 -6.91
C GLY K 422 46.67 -27.12 -6.87
N VAL K 423 46.14 -26.70 -5.73
CA VAL K 423 45.69 -25.33 -5.55
C VAL K 423 46.88 -24.38 -5.47
N SER K 424 46.88 -23.33 -6.30
CA SER K 424 47.99 -22.41 -6.37
C SER K 424 48.12 -21.56 -5.11
N LYS K 425 49.30 -20.96 -4.92
CA LYS K 425 49.55 -20.09 -3.79
C LYS K 425 48.63 -18.86 -3.80
N GLU K 426 48.39 -18.33 -4.99
CA GLU K 426 47.55 -17.14 -5.16
C GLU K 426 46.10 -17.37 -4.76
N LEU K 427 45.57 -18.55 -5.09
CA LEU K 427 44.21 -18.90 -4.71
C LEU K 427 44.13 -19.09 -3.20
N MET K 428 45.19 -19.65 -2.63
CA MET K 428 45.26 -19.82 -1.18
C MET K 428 45.27 -18.48 -0.46
N GLU K 429 46.05 -17.52 -0.97
CA GLU K 429 46.03 -16.17 -0.38
C GLU K 429 44.68 -15.49 -0.57
N GLU K 430 44.09 -15.69 -1.74
CA GLU K 430 42.80 -15.09 -2.04
C GLU K 430 41.76 -15.65 -1.08
N ALA K 431 41.81 -16.96 -0.85
CA ALA K 431 40.87 -17.60 0.08
C ALA K 431 41.14 -17.19 1.52
N SER K 432 42.43 -17.14 1.89
CA SER K 432 42.82 -16.76 3.26
C SER K 432 42.48 -15.30 3.57
N THR K 433 42.64 -14.44 2.59
CA THR K 433 42.29 -13.03 2.74
C THR K 433 40.79 -12.90 2.96
N ALA K 434 40.02 -13.67 2.20
CA ALA K 434 38.57 -13.66 2.29
C ALA K 434 38.08 -14.19 3.64
N ALA K 435 38.78 -15.17 4.19
CA ALA K 435 38.34 -15.81 5.42
C ALA K 435 38.70 -15.00 6.65
N CYS K 436 39.88 -14.38 6.64
CA CYS K 436 40.40 -13.75 7.85
C CYS K 436 40.60 -12.24 7.73
N GLY K 437 40.57 -11.70 6.52
CA GLY K 437 40.78 -10.26 6.42
C GLY K 437 39.58 -9.54 6.96
N GLY K 438 39.79 -8.78 8.04
CA GLY K 438 38.71 -8.07 8.69
C GLY K 438 38.19 -8.79 9.93
N VAL L 17 46.15 35.18 11.35
CA VAL L 17 45.84 36.56 11.70
C VAL L 17 46.40 37.52 10.60
N GLY L 18 45.75 38.69 10.34
CA GLY L 18 46.22 39.71 9.38
C GLY L 18 45.94 41.18 9.72
N THR L 19 45.78 42.02 8.71
CA THR L 19 45.48 43.43 8.94
C THR L 19 44.01 43.70 8.63
N ARG L 20 43.39 44.49 9.50
CA ARG L 20 41.98 44.83 9.34
C ARG L 20 41.81 46.22 8.73
N TRP L 21 41.19 46.26 7.55
CA TRP L 21 40.95 47.49 6.84
C TRP L 21 39.49 47.92 6.95
N ALA L 22 39.21 49.16 6.56
CA ALA L 22 37.85 49.67 6.58
C ALA L 22 37.64 50.82 5.61
N VAL L 23 36.47 50.84 4.98
CA VAL L 23 36.03 51.97 4.15
C VAL L 23 34.71 52.49 4.66
N LEU L 24 34.69 53.77 5.02
CA LEU L 24 33.48 54.41 5.54
C LEU L 24 33.04 55.53 4.61
N VAL L 25 31.80 55.45 4.11
CA VAL L 25 31.33 56.40 3.11
C VAL L 25 30.00 57.05 3.48
N ALA L 26 29.98 58.38 3.51
CA ALA L 26 28.73 59.12 3.62
C ALA L 26 28.38 59.68 2.25
N GLY L 27 27.16 59.44 1.79
CA GLY L 27 26.80 59.77 0.42
C GLY L 27 25.99 61.04 0.22
N SER L 28 25.86 61.84 1.26
CA SER L 28 25.06 63.06 1.19
C SER L 28 25.72 64.26 1.84
N SER L 29 25.09 65.42 1.72
CA SER L 29 25.57 66.66 2.33
C SER L 29 24.39 67.55 2.71
N GLY L 30 24.68 68.68 3.36
CA GLY L 30 23.65 69.58 3.82
C GLY L 30 23.27 69.27 5.25
N TYR L 31 22.87 70.29 5.99
CA TYR L 31 22.58 70.14 7.41
C TYR L 31 21.35 69.26 7.65
N GLY L 32 20.47 69.22 6.65
CA GLY L 32 19.30 68.35 6.73
C GLY L 32 19.68 66.88 6.72
N ASN L 33 20.87 66.58 6.19
CA ASN L 33 21.39 65.22 6.16
C ASN L 33 22.52 65.01 7.17
N TYR L 34 22.43 65.74 8.28
CA TYR L 34 23.35 65.63 9.42
C TYR L 34 23.67 64.18 9.79
N ARG L 35 22.62 63.38 9.91
CA ARG L 35 22.72 62.03 10.44
C ARG L 35 23.72 61.12 9.71
N HIS L 36 23.82 61.24 8.40
CA HIS L 36 24.62 60.31 7.61
C HIS L 36 26.12 60.45 7.90
N GLN L 37 26.59 61.68 8.06
CA GLN L 37 28.00 61.90 8.36
C GLN L 37 28.24 61.65 9.85
N ALA L 38 27.20 61.84 10.65
CA ALA L 38 27.26 61.50 12.07
C ALA L 38 27.36 59.98 12.25
N ASP L 39 26.67 59.24 11.39
CA ASP L 39 26.75 57.78 11.37
C ASP L 39 28.17 57.32 11.10
N VAL L 40 28.76 57.86 10.04
CA VAL L 40 30.09 57.45 9.61
C VAL L 40 31.16 57.77 10.65
N CYS L 41 31.07 58.95 11.25
CA CYS L 41 32.03 59.36 12.26
C CYS L 41 31.93 58.45 13.49
N HIS L 42 30.71 58.10 13.87
CA HIS L 42 30.49 57.20 14.98
C HIS L 42 31.08 55.82 14.68
N ALA L 43 30.93 55.37 13.44
CA ALA L 43 31.49 54.09 13.02
C ALA L 43 33.02 54.10 13.12
N TYR L 44 33.61 55.25 12.80
CA TYR L 44 35.06 55.38 12.85
C TYR L 44 35.57 55.23 14.28
N GLN L 45 34.89 55.86 15.24
CA GLN L 45 35.30 55.79 16.64
C GLN L 45 35.23 54.37 17.18
N ILE L 46 34.21 53.63 16.77
CA ILE L 46 34.03 52.25 17.21
C ILE L 46 35.19 51.38 16.73
N LEU L 47 35.60 51.56 15.48
CA LEU L 47 36.70 50.79 14.91
C LEU L 47 38.03 51.13 15.57
N ARG L 48 38.25 52.41 15.88
CA ARG L 48 39.49 52.83 16.54
C ARG L 48 39.55 52.27 17.96
N LYS L 49 38.43 52.34 18.67
CA LYS L 49 38.35 51.74 20.00
C LYS L 49 38.57 50.24 19.94
N GLY L 50 38.24 49.64 18.79
CA GLY L 50 38.43 48.21 18.60
C GLY L 50 39.86 47.85 18.29
N GLY L 51 40.69 48.85 18.01
CA GLY L 51 42.10 48.62 17.78
C GLY L 51 42.53 48.73 16.32
N LEU L 52 41.60 49.06 15.42
CA LEU L 52 41.96 49.28 14.03
C LEU L 52 42.77 50.57 13.90
N LYS L 53 43.75 50.56 13.00
CA LYS L 53 44.65 51.70 12.83
C LYS L 53 44.13 52.71 11.80
N GLU L 54 44.42 53.98 12.04
CA GLU L 54 43.94 55.07 11.19
C GLU L 54 44.42 54.97 9.74
N GLU L 55 45.63 54.46 9.54
CA GLU L 55 46.15 54.34 8.18
C GLU L 55 45.39 53.29 7.37
N ASN L 56 44.66 52.42 8.07
CA ASN L 56 43.94 51.32 7.43
C ASN L 56 42.45 51.62 7.30
N ILE L 57 42.04 52.79 7.75
CA ILE L 57 40.64 53.19 7.64
C ILE L 57 40.48 54.40 6.71
N VAL L 58 39.80 54.19 5.59
CA VAL L 58 39.57 55.28 4.64
C VAL L 58 38.19 55.87 4.86
N VAL L 59 38.12 57.19 5.02
CA VAL L 59 36.87 57.88 5.30
C VAL L 59 36.49 58.85 4.18
N LEU L 60 35.31 58.65 3.60
CA LEU L 60 34.79 59.56 2.59
C LEU L 60 33.56 60.29 3.12
N MET L 61 33.71 61.58 3.42
CA MET L 61 32.60 62.37 3.93
C MET L 61 32.72 63.81 3.43
N TYR L 62 31.56 64.42 3.13
CA TYR L 62 31.55 65.76 2.53
C TYR L 62 32.17 66.81 3.45
N ASP L 63 32.06 66.58 4.76
CA ASP L 63 32.71 67.40 5.78
C ASP L 63 32.19 68.85 5.79
N ASP L 64 30.88 69.02 5.77
CA ASP L 64 30.27 70.35 5.79
C ASP L 64 29.36 70.53 6.99
N ILE L 65 29.42 69.61 7.94
CA ILE L 65 28.47 69.59 9.04
C ILE L 65 29.04 70.11 10.36
N ALA L 66 30.26 69.70 10.68
CA ALA L 66 30.87 70.04 11.97
C ALA L 66 30.95 71.54 12.18
N ASN L 67 31.26 72.28 11.13
CA ASN L 67 31.36 73.72 11.25
C ASN L 67 30.33 74.45 10.40
N HIS L 68 29.17 73.82 10.27
CA HIS L 68 28.00 74.42 9.62
C HIS L 68 27.44 75.49 10.54
N PRO L 69 27.02 76.64 9.97
CA PRO L 69 26.45 77.76 10.73
C PRO L 69 25.28 77.35 11.62
N LEU L 70 24.52 76.34 11.20
CA LEU L 70 23.35 75.92 11.95
C LEU L 70 23.67 74.99 13.12
N ASN L 71 24.90 74.47 13.13
CA ASN L 71 25.34 73.56 14.19
C ASN L 71 25.45 74.28 15.54
N PRO L 72 24.62 73.87 16.52
CA PRO L 72 24.59 74.50 17.84
C PRO L 72 25.83 74.19 18.68
N ARG L 73 26.59 73.17 18.29
CA ARG L 73 27.85 72.85 18.95
C ARG L 73 28.94 72.69 17.90
N PRO L 74 29.53 73.82 17.45
CA PRO L 74 30.52 73.87 16.37
C PRO L 74 31.74 72.97 16.60
N GLY L 75 32.18 72.28 15.56
CA GLY L 75 33.34 71.41 15.65
C GLY L 75 33.05 70.02 16.15
N THR L 76 31.78 69.72 16.38
CA THR L 76 31.37 68.41 16.92
C THR L 76 30.26 67.75 16.11
N LEU L 77 30.12 66.43 16.28
CA LEU L 77 29.01 65.66 15.74
C LEU L 77 28.55 64.63 16.78
N ILE L 78 27.24 64.51 16.97
CA ILE L 78 26.71 63.47 17.87
C ILE L 78 25.75 62.56 17.12
N ASN L 79 25.74 61.28 17.50
CA ASN L 79 24.91 60.27 16.83
C ASN L 79 23.89 59.67 17.78
N HIS L 80 23.61 60.41 18.86
CA HIS L 80 22.71 59.97 19.91
C HIS L 80 22.31 61.17 20.77
N PRO L 81 21.04 61.23 21.22
CA PRO L 81 20.54 62.34 22.05
C PRO L 81 21.41 62.63 23.27
N ASP L 82 21.88 61.57 23.93
CA ASP L 82 22.73 61.71 25.11
C ASP L 82 24.19 61.41 24.76
N GLY L 83 24.53 61.48 23.49
CA GLY L 83 25.85 61.06 23.03
C GLY L 83 26.95 62.11 23.15
N ASP L 84 28.19 61.63 23.13
CA ASP L 84 29.36 62.50 23.12
C ASP L 84 29.78 62.78 21.67
N ASP L 85 30.79 63.64 21.50
CA ASP L 85 31.29 63.96 20.18
C ASP L 85 31.97 62.76 19.51
N VAL L 86 31.76 62.60 18.21
CA VAL L 86 32.40 61.51 17.46
C VAL L 86 33.19 62.04 16.26
N TYR L 87 33.23 63.36 16.12
CA TYR L 87 33.89 64.00 14.98
C TYR L 87 35.40 64.11 15.17
N ALA L 88 35.83 64.38 16.40
CA ALA L 88 37.25 64.59 16.69
C ALA L 88 38.07 63.33 16.41
N GLY L 89 39.11 63.47 15.59
CA GLY L 89 39.99 62.36 15.29
C GLY L 89 39.73 61.70 13.95
N VAL L 90 38.57 61.97 13.36
CA VAL L 90 38.23 61.38 12.08
C VAL L 90 39.06 62.02 10.97
N PRO L 91 39.82 61.20 10.22
CA PRO L 91 40.69 61.67 9.15
C PRO L 91 39.93 62.24 7.96
N LYS L 92 40.51 63.25 7.30
CA LYS L 92 39.91 63.90 6.14
C LYS L 92 40.48 63.33 4.84
N ASP L 93 40.23 62.06 4.58
CA ASP L 93 40.78 61.40 3.41
C ASP L 93 40.20 61.94 2.11
N TYR L 94 38.87 61.95 2.03
CA TYR L 94 38.18 62.46 0.85
C TYR L 94 36.97 63.27 1.27
N THR L 95 37.06 64.58 1.08
CA THR L 95 35.98 65.48 1.46
C THR L 95 35.54 66.37 0.29
N GLY L 96 34.40 67.02 0.46
CA GLY L 96 33.89 67.95 -0.52
C GLY L 96 33.66 67.36 -1.90
N SER L 97 34.30 67.97 -2.90
CA SER L 97 34.12 67.55 -4.29
C SER L 97 34.85 66.24 -4.59
N SER L 98 35.66 65.77 -3.64
CA SER L 98 36.42 64.53 -3.82
C SER L 98 35.62 63.29 -3.45
N VAL L 99 34.46 63.50 -2.83
CA VAL L 99 33.59 62.38 -2.48
C VAL L 99 32.80 61.95 -3.71
N THR L 100 33.41 61.08 -4.50
CA THR L 100 32.81 60.64 -5.76
C THR L 100 32.72 59.12 -5.82
N ALA L 101 31.86 58.63 -6.71
CA ALA L 101 31.72 57.19 -6.93
C ALA L 101 33.03 56.61 -7.47
N ALA L 102 33.68 57.37 -8.34
CA ALA L 102 34.94 56.95 -8.94
C ALA L 102 36.04 56.79 -7.90
N ASN L 103 36.11 57.74 -6.96
CA ASN L 103 37.10 57.65 -5.90
C ASN L 103 36.80 56.50 -4.95
N PHE L 104 35.51 56.25 -4.70
CA PHE L 104 35.09 55.14 -3.85
C PHE L 104 35.53 53.80 -4.44
N TYR L 105 35.35 53.63 -5.75
CA TYR L 105 35.78 52.41 -6.43
C TYR L 105 37.30 52.27 -6.40
N ALA L 106 38.00 53.37 -6.65
CA ALA L 106 39.46 53.36 -6.71
C ALA L 106 40.07 53.04 -5.35
N VAL L 107 39.48 53.62 -4.30
CA VAL L 107 39.92 53.35 -2.92
C VAL L 107 39.78 51.88 -2.58
N LEU L 108 38.64 51.31 -2.93
CA LEU L 108 38.32 49.91 -2.63
C LEU L 108 39.27 48.96 -3.36
N LEU L 109 39.65 49.31 -4.58
CA LEU L 109 40.55 48.48 -5.37
C LEU L 109 42.00 48.64 -4.95
N GLY L 110 42.30 49.71 -4.23
CA GLY L 110 43.67 50.00 -3.84
C GLY L 110 44.50 50.60 -4.98
N ASP L 111 43.83 51.37 -5.83
CA ASP L 111 44.44 52.01 -7.01
C ASP L 111 44.66 53.52 -6.75
N GLN L 112 45.81 53.88 -6.16
CA GLN L 112 46.04 55.26 -5.73
C GLN L 112 46.11 56.31 -6.84
N LYS L 113 46.68 55.95 -8.00
CA LYS L 113 46.77 56.88 -9.12
C LYS L 113 45.42 57.10 -9.79
N ALA L 114 44.53 56.12 -9.71
CA ALA L 114 43.22 56.31 -10.30
C ALA L 114 42.44 57.31 -9.45
N VAL L 115 42.88 57.47 -8.19
CA VAL L 115 42.28 58.44 -7.28
C VAL L 115 42.64 59.88 -7.69
N LYS L 116 41.65 60.77 -7.70
CA LYS L 116 41.92 62.18 -7.97
C LYS L 116 41.62 63.02 -6.74
N GLY L 117 42.64 63.74 -6.26
CA GLY L 117 42.53 64.57 -5.08
C GLY L 117 42.51 63.75 -3.80
N GLY L 118 42.08 64.38 -2.71
CA GLY L 118 41.99 63.72 -1.43
C GLY L 118 43.34 63.43 -0.80
N SER L 119 43.35 62.60 0.25
CA SER L 119 44.59 62.29 0.95
C SER L 119 45.44 61.24 0.24
N GLY L 120 44.80 60.46 -0.63
CA GLY L 120 45.46 59.38 -1.35
C GLY L 120 45.48 58.06 -0.61
N LYS L 121 44.81 58.00 0.53
CA LYS L 121 44.72 56.75 1.28
C LYS L 121 43.79 55.78 0.56
N VAL L 122 44.26 54.56 0.31
CA VAL L 122 43.44 53.53 -0.32
C VAL L 122 43.57 52.18 0.40
N ILE L 123 42.78 51.20 0.00
CA ILE L 123 42.85 49.87 0.59
C ILE L 123 43.86 48.98 -0.15
N ALA L 124 45.13 49.16 0.16
CA ALA L 124 46.19 48.33 -0.40
C ALA L 124 46.33 47.06 0.43
N SER L 125 45.30 46.22 0.38
CA SER L 125 45.20 45.06 1.25
C SER L 125 45.98 43.85 0.73
N LYS L 126 46.12 42.83 1.57
CA LYS L 126 46.90 41.64 1.24
C LYS L 126 46.05 40.39 1.45
N PRO L 127 46.41 39.26 0.81
CA PRO L 127 45.57 38.05 0.80
C PRO L 127 44.97 37.61 2.15
N ASN L 128 45.67 37.88 3.26
CA ASN L 128 45.17 37.46 4.58
C ASN L 128 44.45 38.56 5.37
N ASP L 129 44.20 39.70 4.73
CA ASP L 129 43.59 40.83 5.41
C ASP L 129 42.06 40.73 5.44
N HIS L 130 41.45 41.45 6.37
CA HIS L 130 40.00 41.54 6.44
C HIS L 130 39.55 42.96 6.13
N ILE L 131 38.41 43.09 5.46
CA ILE L 131 37.91 44.39 5.05
C ILE L 131 36.47 44.61 5.51
N PHE L 132 36.21 45.79 6.08
CA PHE L 132 34.88 46.15 6.53
C PHE L 132 34.41 47.41 5.80
N VAL L 133 33.31 47.29 5.06
CA VAL L 133 32.78 48.42 4.31
C VAL L 133 31.44 48.88 4.87
N TYR L 134 31.30 50.19 5.10
CA TYR L 134 30.06 50.74 5.63
C TYR L 134 29.64 52.00 4.87
N TYR L 135 28.49 51.93 4.21
CA TYR L 135 27.93 53.05 3.48
C TYR L 135 26.68 53.58 4.20
N ALA L 136 26.50 54.90 4.19
CA ALA L 136 25.29 55.47 4.78
C ALA L 136 24.80 56.73 4.06
C SNN L 137 21.42 57.69 2.42
CA SNN L 137 22.79 58.05 2.93
N SNN L 137 23.56 56.98 3.62
C4 SNN L 137 23.51 58.84 1.84
C5 SNN L 137 22.54 58.97 0.71
O SNN L 137 20.65 57.05 3.10
O5 SNN L 137 22.88 59.58 -0.29
H2 SNN L 137 22.98 56.87 4.33
HA SNN L 137 22.66 58.69 3.62
H SNN L 137 23.31 56.29 3.04
H41 SNN L 137 23.76 59.73 2.18
H42 SNN L 137 24.31 58.37 1.56
N HIS L 138 21.51 58.29 1.24
CA HIS L 138 20.26 58.10 0.52
C HIS L 138 20.41 57.05 -0.57
N GLY L 139 19.29 56.57 -1.09
CA GLY L 139 19.30 55.57 -2.13
C GLY L 139 17.98 55.42 -2.85
N GLY L 140 17.99 54.57 -3.87
CA GLY L 140 16.79 54.22 -4.61
C GLY L 140 17.04 52.89 -5.28
N PRO L 141 16.04 52.36 -5.99
CA PRO L 141 16.18 51.07 -6.69
C PRO L 141 17.40 51.07 -7.61
N GLY L 142 18.40 50.27 -7.25
CA GLY L 142 19.58 50.11 -8.08
C GLY L 142 20.61 51.23 -8.00
N VAL L 143 20.40 52.20 -7.10
CA VAL L 143 21.30 53.35 -6.99
C VAL L 143 21.59 53.79 -5.56
N LEU L 144 22.84 54.16 -5.29
CA LEU L 144 23.25 54.75 -4.02
C LEU L 144 23.68 56.20 -4.24
N GLY L 145 23.28 57.08 -3.32
CA GLY L 145 23.55 58.49 -3.48
C GLY L 145 25.01 58.87 -3.29
N MET L 146 25.42 59.94 -3.97
CA MET L 146 26.72 60.57 -3.78
C MET L 146 26.52 62.08 -3.78
N PRO L 147 27.29 62.80 -2.94
CA PRO L 147 27.13 64.25 -2.84
C PRO L 147 27.63 64.97 -4.09
N ASN L 148 28.40 64.26 -4.92
CA ASN L 148 28.80 64.75 -6.22
C ASN L 148 28.40 63.75 -7.31
N THR L 149 27.53 64.17 -8.22
CA THR L 149 27.06 63.31 -9.30
C THR L 149 28.22 62.85 -10.19
N PRO L 150 28.09 61.68 -10.83
CA PRO L 150 26.94 60.76 -10.85
C PRO L 150 26.82 59.90 -9.60
N HIS L 151 25.64 59.38 -9.33
CA HIS L 151 25.42 58.51 -8.19
C HIS L 151 26.04 57.14 -8.46
N ILE L 152 26.03 56.28 -7.45
CA ILE L 152 26.54 54.92 -7.57
C ILE L 152 25.50 54.00 -8.20
N TYR L 153 25.84 53.35 -9.30
CA TYR L 153 24.94 52.35 -9.88
C TYR L 153 25.36 50.97 -9.42
N ALA L 154 24.39 50.16 -9.06
CA ALA L 154 24.62 48.86 -8.42
C ALA L 154 25.60 47.97 -9.18
N ALA L 155 25.42 47.88 -10.50
CA ALA L 155 26.24 47.01 -11.33
C ALA L 155 27.72 47.37 -11.26
N ASP L 156 28.03 48.67 -11.24
CA ASP L 156 29.40 49.14 -11.16
C ASP L 156 30.03 48.78 -9.82
N PHE L 157 29.23 48.92 -8.76
CA PHE L 157 29.68 48.57 -7.41
C PHE L 157 30.00 47.07 -7.31
N ILE L 158 29.10 46.24 -7.84
CA ILE L 158 29.29 44.79 -7.81
C ILE L 158 30.47 44.37 -8.66
N GLU L 159 30.62 45.02 -9.82
CA GLU L 159 31.73 44.73 -10.71
C GLU L 159 33.07 45.06 -10.04
N THR L 160 33.08 46.14 -9.25
CA THR L 160 34.27 46.53 -8.51
C THR L 160 34.65 45.43 -7.50
N LEU L 161 33.65 44.86 -6.85
CA LEU L 161 33.89 43.78 -5.90
C LEU L 161 34.44 42.54 -6.61
N LYS L 162 33.96 42.29 -7.83
CA LYS L 162 34.43 41.14 -8.61
C LYS L 162 35.91 41.26 -8.98
N LYS L 163 36.32 42.44 -9.44
CA LYS L 163 37.72 42.66 -9.80
C LYS L 163 38.59 42.56 -8.55
N LYS L 164 38.08 43.09 -7.44
CA LYS L 164 38.77 43.02 -6.15
C LYS L 164 38.98 41.56 -5.73
N HIS L 165 37.97 40.72 -5.94
CA HIS L 165 38.09 39.30 -5.70
C HIS L 165 39.17 38.65 -6.58
N ALA L 166 39.18 38.97 -7.87
CA ALA L 166 40.09 38.31 -8.80
C ALA L 166 41.54 38.57 -8.43
N SER L 167 41.79 39.73 -7.85
CA SER L 167 43.14 40.07 -7.42
C SER L 167 43.56 39.22 -6.21
N GLY L 168 42.57 38.72 -5.46
CA GLY L 168 42.84 37.88 -4.31
C GLY L 168 43.57 38.64 -3.21
N THR L 169 43.26 39.93 -3.09
CA THR L 169 43.97 40.81 -2.16
C THR L 169 43.25 40.97 -0.83
N TYR L 170 42.47 39.96 -0.46
CA TYR L 170 41.79 39.92 0.83
C TYR L 170 41.30 38.50 1.14
N LYS L 171 41.12 38.20 2.42
CA LYS L 171 40.61 36.90 2.80
C LYS L 171 39.08 36.91 2.73
N GLU L 172 38.46 37.78 3.52
CA GLU L 172 37.01 37.94 3.52
C GLU L 172 36.60 39.39 3.77
N MET L 173 35.35 39.70 3.44
CA MET L 173 34.84 41.06 3.52
C MET L 173 33.39 41.10 4.02
N VAL L 174 33.08 42.11 4.81
CA VAL L 174 31.72 42.33 5.29
C VAL L 174 31.27 43.73 4.90
N ILE L 175 30.07 43.82 4.32
CA ILE L 175 29.55 45.11 3.85
C ILE L 175 28.20 45.43 4.47
N TYR L 176 28.12 46.58 5.13
CA TYR L 176 26.88 47.10 5.69
C TYR L 176 26.40 48.29 4.87
N VAL L 177 25.13 48.27 4.46
CA VAL L 177 24.62 49.35 3.62
C VAL L 177 23.36 50.02 4.18
N GLU L 178 23.49 51.32 4.48
CA GLU L 178 22.38 52.13 4.96
C GLU L 178 21.82 52.99 3.84
N ALA L 179 20.67 52.60 3.29
CA ALA L 179 20.02 53.34 2.22
C ALA L 179 18.59 52.87 2.00
N ALA L 180 17.79 53.71 1.33
CA ALA L 180 16.44 53.34 0.94
C ALA L 180 16.49 52.36 -0.23
N GLU L 181 15.65 51.33 -0.18
CA GLU L 181 15.64 50.28 -1.19
C GLU L 181 17.02 49.68 -1.39
N SER L 182 17.79 49.60 -0.30
CA SER L 182 19.19 49.19 -0.37
C SER L 182 19.40 47.75 -0.81
N GLY L 183 18.36 46.92 -0.65
CA GLY L 183 18.44 45.54 -1.11
C GLY L 183 18.61 45.43 -2.61
N SER L 184 18.15 46.45 -3.34
CA SER L 184 18.21 46.45 -4.80
C SER L 184 19.64 46.55 -5.33
N ILE L 185 20.57 46.92 -4.45
CA ILE L 185 21.97 47.05 -4.85
C ILE L 185 22.59 45.67 -5.06
N PHE L 186 22.01 44.64 -4.46
CA PHE L 186 22.62 43.32 -4.49
C PHE L 186 21.71 42.25 -5.08
N GLU L 187 20.39 42.44 -5.00
CA GLU L 187 19.46 41.40 -5.45
C GLU L 187 19.57 41.12 -6.95
N GLY L 188 19.85 39.85 -7.26
CA GLY L 188 19.91 39.40 -8.63
C GLY L 188 21.26 39.56 -9.29
N ILE L 189 22.20 40.22 -8.62
CA ILE L 189 23.50 40.48 -9.24
C ILE L 189 24.69 40.15 -8.37
N MET L 190 24.48 40.06 -7.06
CA MET L 190 25.57 39.78 -6.13
C MET L 190 25.84 38.28 -6.01
N PRO L 191 27.04 37.83 -6.43
CA PRO L 191 27.44 36.42 -6.36
C PRO L 191 27.73 35.99 -4.92
N LYS L 192 27.77 34.67 -4.68
CA LYS L 192 28.01 34.16 -3.32
C LYS L 192 29.37 33.52 -3.18
N ASP L 193 30.22 33.71 -4.18
CA ASP L 193 31.53 33.09 -4.18
C ASP L 193 32.65 34.13 -4.19
N LEU L 194 32.36 35.32 -3.67
CA LEU L 194 33.35 36.40 -3.67
C LEU L 194 34.00 36.57 -2.29
N ASN L 195 33.71 35.64 -1.38
CA ASN L 195 34.14 35.74 0.02
C ASN L 195 33.66 37.04 0.65
N ILE L 196 32.43 37.42 0.32
CA ILE L 196 31.84 38.66 0.82
C ILE L 196 30.47 38.40 1.44
N TYR L 197 30.23 38.97 2.62
CA TYR L 197 28.91 38.91 3.24
C TYR L 197 28.34 40.32 3.35
N VAL L 198 27.05 40.46 3.07
CA VAL L 198 26.41 41.77 2.98
C VAL L 198 25.12 41.86 3.79
N THR L 199 24.90 42.97 4.48
CA THR L 199 23.59 43.25 5.06
C THR L 199 23.11 44.63 4.61
N THR L 200 21.80 44.79 4.41
CA THR L 200 21.23 46.06 3.99
C THR L 200 20.09 46.48 4.93
N ALA L 201 19.85 47.78 5.01
CA ALA L 201 18.84 48.34 5.91
C ALA L 201 17.42 47.94 5.53
N SER L 202 17.16 47.79 4.24
CA SER L 202 15.83 47.47 3.74
C SER L 202 15.89 46.50 2.57
N ASN L 203 14.71 46.07 2.09
CA ASN L 203 14.65 45.22 0.90
C ASN L 203 14.71 46.07 -0.37
N ALA L 204 14.41 45.46 -1.51
CA ALA L 204 14.63 46.13 -2.80
C ALA L 204 13.55 47.15 -3.17
N GLN L 205 12.48 47.22 -2.38
CA GLN L 205 11.33 48.05 -2.74
C GLN L 205 10.78 48.98 -1.65
N GLU L 206 11.25 48.81 -0.42
CA GLU L 206 10.67 49.58 0.69
C GLU L 206 11.55 50.76 1.12
N SER L 207 10.97 51.60 1.97
CA SER L 207 11.65 52.79 2.47
C SER L 207 12.63 52.47 3.59
N SER L 208 13.58 53.38 3.79
CA SER L 208 14.46 53.34 4.95
C SER L 208 13.99 54.37 5.98
N TYR L 209 14.58 54.34 7.16
CA TYR L 209 14.12 55.21 8.25
C TYR L 209 15.26 55.93 8.97
N GLY L 210 15.03 57.22 9.25
CA GLY L 210 15.93 58.00 10.07
C GLY L 210 15.39 58.08 11.48
N THR L 211 16.24 58.36 12.46
CA THR L 211 15.79 58.36 13.85
C THR L 211 16.51 59.42 14.68
N TYR L 212 16.14 59.53 15.96
CA TYR L 212 16.63 60.57 16.87
C TYR L 212 16.34 61.95 16.27
N CYS L 213 15.07 62.20 15.98
CA CYS L 213 14.67 63.43 15.29
C CYS L 213 13.84 64.31 16.23
N PRO L 214 13.83 65.62 15.96
CA PRO L 214 13.00 66.54 16.75
C PRO L 214 11.51 66.27 16.55
N GLY L 215 10.72 66.51 17.59
CA GLY L 215 9.28 66.33 17.51
C GLY L 215 8.84 64.89 17.71
N MET L 216 9.80 64.02 18.00
CA MET L 216 9.49 62.61 18.23
C MET L 216 10.17 62.12 19.50
N ASN L 217 9.97 60.83 19.80
CA ASN L 217 10.53 60.23 21.00
C ASN L 217 11.38 59.01 20.66
N PRO L 218 12.67 59.02 21.06
CA PRO L 218 13.30 60.13 21.78
C PRO L 218 13.80 61.24 20.87
N SER L 219 13.76 62.47 21.37
CA SER L 219 14.24 63.64 20.65
C SER L 219 15.67 64.02 21.04
N PRO L 220 16.41 64.65 20.12
CA PRO L 220 17.71 65.24 20.46
C PRO L 220 17.51 66.46 21.35
N PRO L 221 18.59 67.00 21.95
CA PRO L 221 18.46 68.26 22.69
C PRO L 221 17.82 69.36 21.83
N SER L 222 17.03 70.23 22.46
CA SER L 222 16.18 71.18 21.75
C SER L 222 16.94 72.06 20.75
N GLU L 223 18.23 72.26 20.96
CA GLU L 223 19.02 73.07 20.04
C GLU L 223 19.22 72.36 18.70
N TYR L 224 19.01 71.04 18.69
CA TYR L 224 19.10 70.26 17.45
C TYR L 224 17.75 70.14 16.77
N ILE L 225 17.65 70.67 15.56
CA ILE L 225 16.41 70.61 14.80
C ILE L 225 16.57 69.74 13.56
N THR L 226 17.54 68.83 13.60
CA THR L 226 17.74 67.87 12.53
C THR L 226 17.98 66.48 13.15
N CYS L 227 17.71 65.44 12.37
CA CYS L 227 17.87 64.05 12.86
C CYS L 227 19.34 63.71 13.09
N LEU L 228 19.61 62.98 14.16
CA LEU L 228 20.99 62.66 14.55
C LEU L 228 21.52 61.36 13.94
N GLY L 229 20.61 60.42 13.65
CA GLY L 229 21.03 59.13 13.13
C GLY L 229 19.99 58.43 12.28
N ASP L 230 20.31 57.19 11.89
CA ASP L 230 19.38 56.36 11.13
C ASP L 230 19.18 55.03 11.85
N LEU L 231 17.98 54.48 11.72
CA LEU L 231 17.55 53.30 12.49
C LEU L 231 18.51 52.11 12.39
N TYR L 232 18.74 51.67 11.15
CA TYR L 232 19.62 50.53 10.91
C TYR L 232 21.05 50.79 11.36
N SER L 233 21.51 52.02 11.16
CA SER L 233 22.87 52.40 11.49
C SER L 233 23.13 52.38 12.99
N VAL L 234 22.26 53.05 13.75
CA VAL L 234 22.43 53.08 15.20
C VAL L 234 22.16 51.71 15.80
N ALA L 235 21.44 50.86 15.06
CA ALA L 235 21.15 49.52 15.54
C ALA L 235 22.42 48.69 15.65
N TRP L 236 23.25 48.69 14.60
CA TRP L 236 24.45 47.87 14.64
C TRP L 236 25.57 48.55 15.41
N MET L 237 25.59 49.88 15.41
CA MET L 237 26.66 50.60 16.09
C MET L 237 26.49 50.56 17.62
N GLU L 238 25.26 50.81 18.08
CA GLU L 238 24.98 50.73 19.52
C GLU L 238 25.15 49.30 20.02
N ASP L 239 24.90 48.35 19.14
CA ASP L 239 25.09 46.93 19.46
C ASP L 239 26.57 46.60 19.61
N SER L 240 27.39 47.07 18.66
CA SER L 240 28.82 46.78 18.67
C SER L 240 29.55 47.44 19.84
N GLU L 241 29.13 48.64 20.21
CA GLU L 241 29.80 49.40 21.26
C GLU L 241 29.42 48.95 22.67
N THR L 242 28.41 48.09 22.77
CA THR L 242 27.93 47.65 24.09
C THR L 242 28.03 46.14 24.28
N HIS L 243 28.82 45.48 23.45
CA HIS L 243 29.00 44.03 23.58
C HIS L 243 30.43 43.62 23.34
N ASN L 244 30.83 42.52 23.98
CA ASN L 244 32.14 41.92 23.78
C ASN L 244 32.24 41.30 22.39
N LEU L 245 32.99 41.94 21.50
CA LEU L 245 33.07 41.55 20.09
C LEU L 245 33.95 40.33 19.87
N LYS L 246 34.66 39.90 20.90
CA LYS L 246 35.42 38.64 20.84
C LYS L 246 34.48 37.45 21.01
N LYS L 247 33.30 37.74 21.54
CA LYS L 247 32.30 36.71 21.82
C LYS L 247 31.16 36.73 20.80
N GLU L 248 30.66 37.93 20.50
CA GLU L 248 29.50 38.08 19.62
C GLU L 248 29.81 37.72 18.17
N THR L 249 28.93 36.93 17.55
CA THR L 249 29.08 36.53 16.16
C THR L 249 28.39 37.52 15.23
N ILE L 250 28.77 37.50 13.96
CA ILE L 250 28.10 38.29 12.94
C ILE L 250 26.63 37.87 12.86
N LYS L 251 26.41 36.57 13.03
CA LYS L 251 25.07 35.99 13.07
C LYS L 251 24.20 36.64 14.15
N GLN L 252 24.78 36.84 15.32
CA GLN L 252 24.05 37.45 16.44
C GLN L 252 23.73 38.92 16.16
N GLN L 253 24.68 39.63 15.56
CA GLN L 253 24.46 41.04 15.26
C GLN L 253 23.36 41.20 14.20
N TYR L 254 23.38 40.36 13.18
CA TYR L 254 22.33 40.40 12.16
C TYR L 254 20.96 40.20 12.79
N HIS L 255 20.85 39.22 13.69
CA HIS L 255 19.61 38.92 14.38
C HIS L 255 19.12 40.10 15.21
N THR L 256 20.03 40.74 15.94
CA THR L 256 19.70 41.88 16.78
C THR L 256 19.29 43.09 15.95
N VAL L 257 20.08 43.40 14.93
CA VAL L 257 19.81 44.55 14.07
C VAL L 257 18.49 44.39 13.32
N LYS L 258 18.26 43.19 12.80
CA LYS L 258 17.02 42.89 12.09
C LYS L 258 15.79 43.13 12.97
N MET L 259 15.88 42.74 14.23
CA MET L 259 14.78 42.90 15.18
C MET L 259 14.48 44.37 15.50
N ARG L 260 15.52 45.14 15.80
CA ARG L 260 15.36 46.56 16.11
C ARG L 260 14.85 47.35 14.91
N THR L 261 15.45 47.09 13.75
CA THR L 261 15.15 47.84 12.54
C THR L 261 13.73 47.57 12.04
N SER L 262 13.20 46.38 12.36
CA SER L 262 11.84 46.03 11.99
C SER L 262 10.82 46.56 13.01
N ASN L 263 11.30 47.37 13.95
CA ASN L 263 10.51 47.78 15.11
C ASN L 263 9.91 46.57 15.80
N TYR L 264 10.76 45.57 16.03
CA TYR L 264 10.40 44.34 16.73
C TYR L 264 9.23 43.64 16.06
N ASN L 265 9.42 43.35 14.77
CA ASN L 265 8.51 42.55 13.96
C ASN L 265 7.12 43.16 13.73
N THR L 266 7.00 44.47 13.92
CA THR L 266 5.74 45.14 13.61
C THR L 266 5.79 45.72 12.20
N TYR L 267 6.98 46.13 11.79
CA TYR L 267 7.21 46.79 10.50
C TYR L 267 6.36 48.06 10.37
N SER L 268 5.96 48.60 11.51
CA SER L 268 5.35 49.93 11.57
C SER L 268 6.43 50.90 12.00
N GLY L 269 6.93 51.68 11.04
CA GLY L 269 8.09 52.52 11.29
C GLY L 269 9.32 51.64 11.39
N GLY L 270 9.41 50.67 10.49
CA GLY L 270 10.53 49.74 10.45
C GLY L 270 10.64 49.05 9.10
N SER L 271 11.83 48.54 8.78
CA SER L 271 12.08 47.92 7.47
C SER L 271 12.63 46.50 7.58
N HIS L 272 12.74 45.82 6.45
CA HIS L 272 13.25 44.45 6.42
C HIS L 272 14.75 44.41 6.14
N VAL L 273 15.54 44.09 7.16
CA VAL L 273 16.99 43.95 6.97
C VAL L 273 17.27 42.67 6.19
N MET L 274 17.95 42.81 5.06
CA MET L 274 18.24 41.69 4.17
C MET L 274 19.71 41.32 4.22
N GLU L 275 20.04 40.13 3.74
CA GLU L 275 21.43 39.67 3.69
C GLU L 275 21.75 39.04 2.34
N TYR L 276 23.00 39.19 1.91
CA TYR L 276 23.44 38.69 0.61
C TYR L 276 24.87 38.16 0.68
N GLY L 277 25.28 37.42 -0.35
CA GLY L 277 26.62 36.87 -0.39
C GLY L 277 26.76 35.54 0.31
N ASN L 278 27.92 35.32 0.92
CA ASN L 278 28.22 34.06 1.60
C ASN L 278 27.78 34.08 3.06
N ASN L 279 26.74 33.31 3.38
CA ASN L 279 26.18 33.28 4.72
C ASN L 279 27.04 32.53 5.73
N SER L 280 27.99 31.75 5.24
CA SER L 280 28.85 30.96 6.12
C SER L 280 29.77 31.87 6.95
N ILE L 281 29.95 33.10 6.48
CA ILE L 281 30.79 34.07 7.17
C ILE L 281 30.15 34.49 8.50
N LYS L 282 28.83 34.38 8.57
CA LYS L 282 28.07 34.84 9.74
C LYS L 282 28.48 34.17 11.06
N SER L 283 29.08 32.99 11.00
CA SER L 283 29.47 32.25 12.20
C SER L 283 30.71 32.85 12.87
N GLU L 284 31.42 33.71 12.14
CA GLU L 284 32.66 34.29 12.63
C GLU L 284 32.40 35.39 13.67
N LYS L 285 33.41 35.65 14.49
CA LYS L 285 33.30 36.68 15.53
C LYS L 285 33.50 38.05 14.92
N LEU L 286 32.82 39.05 15.49
CA LEU L 286 32.81 40.40 14.94
C LEU L 286 34.18 41.09 15.03
N TYR L 287 35.01 40.69 15.98
CA TYR L 287 36.27 41.39 16.23
C TYR L 287 37.25 41.22 15.06
N LEU L 288 37.02 40.20 14.22
CA LEU L 288 37.85 39.99 13.05
C LEU L 288 37.65 41.10 12.02
N TYR L 289 36.58 41.86 12.17
CA TYR L 289 36.27 42.93 11.24
C TYR L 289 36.17 44.28 11.93
N GLN L 290 35.55 44.31 13.11
CA GLN L 290 35.26 45.56 13.78
C GLN L 290 36.19 45.85 14.96
N GLY L 291 37.08 44.91 15.25
CA GLY L 291 38.01 45.06 16.36
C GLY L 291 37.42 44.69 17.69
N PHE L 292 38.19 44.91 18.75
CA PHE L 292 37.78 44.50 20.09
C PHE L 292 38.02 45.63 21.08
N ASP L 293 36.97 45.99 21.81
CA ASP L 293 37.03 47.08 22.77
C ASP L 293 37.01 46.56 24.21
N PRO L 294 38.13 46.74 24.92
CA PRO L 294 38.32 46.26 26.30
C PRO L 294 37.36 46.88 27.31
N ALA L 295 36.83 48.06 27.00
CA ALA L 295 35.93 48.76 27.90
C ALA L 295 34.61 48.02 28.09
N THR L 296 34.25 47.18 27.12
CA THR L 296 32.98 46.45 27.16
C THR L 296 33.07 45.16 28.01
N VAL L 297 34.28 44.73 28.34
CA VAL L 297 34.50 43.51 29.15
C VAL L 297 34.26 43.76 30.67
N ASN L 298 33.53 42.84 31.30
CA ASN L 298 33.09 42.88 32.71
C ASN L 298 32.52 44.23 33.12
N LEU L 299 31.47 44.60 32.38
CA LEU L 299 30.70 45.82 32.67
C LEU L 299 29.81 45.41 33.87
N PRO L 300 29.65 46.29 34.86
CA PRO L 300 28.83 45.91 36.01
C PRO L 300 27.40 45.51 35.65
N LEU L 301 26.73 44.83 36.57
CA LEU L 301 25.39 44.30 36.32
C LEU L 301 24.39 45.37 35.88
N ASN L 302 24.43 46.52 36.54
CA ASN L 302 23.45 47.56 36.31
C ASN L 302 23.76 48.44 35.10
N GLU L 303 24.76 48.06 34.32
CA GLU L 303 25.12 48.82 33.13
C GLU L 303 24.97 47.98 31.86
N LEU L 304 24.33 46.82 32.00
CA LEU L 304 24.01 46.01 30.83
C LEU L 304 23.05 46.78 29.93
N PRO L 305 23.27 46.70 28.61
CA PRO L 305 22.46 47.48 27.67
C PRO L 305 21.00 47.01 27.65
N VAL L 306 20.07 47.95 27.79
CA VAL L 306 18.65 47.64 27.70
C VAL L 306 18.01 48.55 26.65
N LYS L 307 17.53 47.95 25.57
CA LYS L 307 17.03 48.72 24.44
C LYS L 307 15.51 48.72 24.36
N SER L 308 14.94 49.83 23.89
CA SER L 308 13.50 49.94 23.70
C SER L 308 13.18 50.58 22.35
N LYS L 309 11.89 50.72 22.05
CA LYS L 309 11.46 51.23 20.76
C LYS L 309 11.72 52.73 20.61
N ILE L 310 12.06 53.17 19.39
CA ILE L 310 12.37 54.57 19.12
C ILE L 310 11.56 55.11 17.93
N GLY L 311 11.19 56.40 18.01
CA GLY L 311 10.44 57.04 16.94
C GLY L 311 11.30 57.25 15.71
N VAL L 312 10.68 57.17 14.54
CA VAL L 312 11.42 57.27 13.27
C VAL L 312 10.75 58.17 12.24
N VAL L 313 11.51 58.51 11.21
CA VAL L 313 10.97 59.28 10.08
C VAL L 313 11.40 58.62 8.77
N ASN L 314 10.52 58.67 7.77
CA ASN L 314 10.84 58.18 6.43
C ASN L 314 12.08 58.90 5.93
N GLN L 315 13.03 58.13 5.42
CA GLN L 315 14.32 58.65 4.98
C GLN L 315 14.20 59.79 3.99
N ARG L 316 13.18 59.72 3.14
CA ARG L 316 13.03 60.73 2.10
C ARG L 316 12.36 62.00 2.65
N ASP L 317 11.77 61.89 3.84
CA ASP L 317 11.04 63.02 4.42
C ASP L 317 11.83 63.71 5.54
N ALA L 318 12.99 63.16 5.89
CA ALA L 318 13.83 63.73 6.94
C ALA L 318 14.27 65.15 6.59
N ASP L 319 14.39 65.42 5.30
CA ASP L 319 14.75 66.71 4.76
C ASP L 319 13.71 67.75 5.16
N LEU L 320 12.44 67.40 4.94
CA LEU L 320 11.34 68.30 5.22
C LEU L 320 11.15 68.53 6.73
N LEU L 321 11.44 67.50 7.51
CA LEU L 321 11.28 67.58 8.96
C LEU L 321 12.22 68.63 9.54
N PHE L 322 13.43 68.68 9.01
CA PHE L 322 14.42 69.68 9.40
C PHE L 322 13.95 71.09 9.06
N LEU L 323 13.43 71.27 7.85
CA LEU L 323 12.98 72.59 7.41
C LEU L 323 11.80 73.10 8.22
N TRP L 324 10.87 72.19 8.56
CA TRP L 324 9.67 72.57 9.28
C TRP L 324 9.97 72.98 10.72
N HIS L 325 10.87 72.24 11.37
CA HIS L 325 11.22 72.54 12.76
C HIS L 325 12.08 73.79 12.86
N MET L 326 12.89 74.05 11.84
CA MET L 326 13.68 75.28 11.82
C MET L 326 12.76 76.48 11.65
N TYR L 327 11.67 76.26 10.93
CA TYR L 327 10.64 77.27 10.76
C TYR L 327 9.85 77.54 12.05
N ARG L 328 9.53 76.48 12.78
CA ARG L 328 8.77 76.62 14.03
C ARG L 328 9.57 77.35 15.11
N THR L 329 10.87 77.08 15.18
CA THR L 329 11.74 77.62 16.21
C THR L 329 12.19 79.07 15.95
N SER L 330 11.85 79.57 14.76
CA SER L 330 12.15 80.94 14.38
C SER L 330 11.23 81.96 15.03
N GLU L 331 11.74 83.19 15.08
CA GLU L 331 11.20 84.38 15.75
C GLU L 331 9.68 84.70 15.73
N ASP L 332 8.96 84.37 14.65
CA ASP L 332 7.51 84.67 14.43
C ASP L 332 7.38 86.03 13.77
N GLY L 333 8.40 86.85 13.95
CA GLY L 333 8.48 88.16 13.36
C GLY L 333 9.56 88.15 12.29
N SER L 334 10.62 87.35 12.47
CA SER L 334 11.74 87.33 11.53
C SER L 334 11.26 86.87 10.20
N ARG L 335 12.15 87.08 9.23
CA ARG L 335 11.90 86.71 7.84
C ARG L 335 12.87 85.54 7.49
N LYS L 336 13.73 85.18 8.45
CA LYS L 336 14.46 83.93 8.43
C LYS L 336 13.41 82.89 8.88
N LYS L 337 12.37 83.36 9.58
CA LYS L 337 11.12 82.63 9.56
C LYS L 337 10.59 82.48 8.11
N ASP L 338 10.54 83.62 7.40
CA ASP L 338 9.98 83.65 6.07
C ASP L 338 10.91 83.00 5.07
N ASP L 339 12.21 83.11 5.32
CA ASP L 339 13.22 82.49 4.46
C ASP L 339 13.15 80.97 4.53
N THR L 340 12.94 80.46 5.74
CA THR L 340 12.81 79.02 5.93
C THR L 340 11.47 78.54 5.37
N LEU L 341 10.44 79.38 5.46
CA LEU L 341 9.15 79.05 4.89
C LEU L 341 9.21 78.93 3.38
N LYS L 342 9.96 79.82 2.75
CA LYS L 342 10.08 79.78 1.29
C LYS L 342 10.93 78.59 0.85
N GLU L 343 11.90 78.21 1.67
CA GLU L 343 12.71 77.04 1.35
C GLU L 343 11.88 75.77 1.54
N LEU L 344 10.96 75.78 2.50
CA LEU L 344 10.08 74.64 2.71
C LEU L 344 9.10 74.51 1.54
N THR L 345 8.48 75.62 1.16
CA THR L 345 7.50 75.61 0.08
C THR L 345 8.14 75.25 -1.27
N GLU L 346 9.30 75.83 -1.55
CA GLU L 346 9.96 75.60 -2.83
C GLU L 346 10.53 74.20 -2.96
N THR L 347 10.99 73.62 -1.86
CA THR L 347 11.48 72.25 -1.87
C THR L 347 10.32 71.29 -2.14
N THR L 348 9.19 71.57 -1.52
CA THR L 348 7.99 70.74 -1.67
C THR L 348 7.48 70.74 -3.11
N ARG L 349 7.38 71.93 -3.71
CA ARG L 349 6.85 72.05 -5.06
C ARG L 349 7.83 71.51 -6.09
N HIS L 350 9.12 71.60 -5.78
CA HIS L 350 10.15 71.06 -6.69
C HIS L 350 10.10 69.53 -6.73
N ARG L 351 9.89 68.90 -5.58
CA ARG L 351 9.75 67.45 -5.49
C ARG L 351 8.52 67.03 -6.27
N LYS L 352 7.48 67.87 -6.13
CA LYS L 352 6.18 67.63 -6.73
C LYS L 352 6.23 67.70 -8.23
N HIS L 353 7.01 68.65 -8.69
CA HIS L 353 7.25 68.86 -10.11
C HIS L 353 7.99 67.71 -10.73
N LEU L 354 8.94 67.15 -9.97
CA LEU L 354 9.73 66.03 -10.41
C LEU L 354 8.89 64.77 -10.49
N ASP L 355 8.00 64.59 -9.53
CA ASP L 355 7.08 63.46 -9.54
C ASP L 355 6.17 63.53 -10.77
N ALA L 356 5.69 64.73 -11.08
CA ALA L 356 4.79 64.95 -12.20
C ALA L 356 5.48 64.62 -13.53
N SER L 357 6.76 64.97 -13.62
CA SER L 357 7.54 64.73 -14.84
C SER L 357 7.69 63.24 -15.13
N VAL L 358 8.05 62.47 -14.10
CA VAL L 358 8.24 61.03 -14.25
C VAL L 358 6.92 60.35 -14.57
N GLU L 359 5.87 60.74 -13.85
CA GLU L 359 4.55 60.19 -14.06
C GLU L 359 4.03 60.50 -15.47
N LEU L 360 4.33 61.70 -15.95
CA LEU L 360 3.87 62.15 -17.25
C LEU L 360 4.54 61.35 -18.38
N ILE L 361 5.83 61.10 -18.23
CA ILE L 361 6.57 60.29 -19.19
C ILE L 361 6.01 58.88 -19.26
N ALA L 362 5.72 58.31 -18.09
CA ALA L 362 5.14 56.97 -18.02
C ALA L 362 3.74 56.93 -18.63
N THR L 363 2.96 57.98 -18.37
CA THR L 363 1.59 58.06 -18.88
C THR L 363 1.58 58.19 -20.41
N ILE L 364 2.47 59.02 -20.94
CA ILE L 364 2.59 59.21 -22.38
C ILE L 364 2.95 57.89 -23.08
N LEU L 365 3.84 57.13 -22.46
CA LEU L 365 4.29 55.86 -23.03
C LEU L 365 3.23 54.77 -22.97
N PHE L 366 2.65 54.54 -21.79
CA PHE L 366 1.79 53.38 -21.59
C PHE L 366 0.44 53.67 -20.92
N GLY L 367 0.08 54.94 -20.80
CA GLY L 367 -1.24 55.30 -20.29
C GLY L 367 -1.31 55.54 -18.80
N PRO L 368 -2.43 56.12 -18.34
CA PRO L 368 -2.63 56.50 -16.94
C PRO L 368 -3.24 55.40 -16.06
N THR L 369 -3.54 54.24 -16.64
CA THR L 369 -4.15 53.16 -15.86
C THR L 369 -3.42 51.84 -16.05
N MET L 370 -3.20 51.14 -14.94
CA MET L 370 -2.48 49.87 -14.93
C MET L 370 -1.17 49.95 -15.71
N ASN L 371 -0.42 51.02 -15.46
CA ASN L 371 0.82 51.26 -16.19
C ASN L 371 1.86 50.18 -15.93
N VAL L 372 2.37 49.60 -17.02
CA VAL L 372 3.29 48.48 -16.93
C VAL L 372 4.62 48.85 -16.26
N LEU L 373 4.97 50.14 -16.30
CA LEU L 373 6.24 50.60 -15.73
C LEU L 373 6.23 50.63 -14.20
N ASN L 374 5.04 50.56 -13.60
CA ASN L 374 4.93 50.58 -12.14
C ASN L 374 5.00 49.19 -11.52
N LEU L 375 5.12 48.16 -12.36
CA LEU L 375 5.16 46.79 -11.87
C LEU L 375 6.50 46.47 -11.21
N VAL L 376 6.44 45.90 -10.01
CA VAL L 376 7.63 45.55 -9.25
C VAL L 376 8.02 44.09 -9.47
N ARG L 377 9.30 43.86 -9.76
CA ARG L 377 9.80 42.50 -9.97
C ARG L 377 9.82 41.70 -8.68
N GLU L 378 9.72 40.38 -8.79
CA GLU L 378 9.78 39.49 -7.64
C GLU L 378 11.14 39.58 -6.96
N PRO L 379 11.17 39.38 -5.63
CA PRO L 379 12.43 39.36 -4.88
C PRO L 379 13.40 38.33 -5.45
N GLY L 380 14.66 38.69 -5.60
CA GLY L 380 15.64 37.77 -6.17
C GLY L 380 16.01 38.15 -7.60
N LEU L 381 15.13 38.89 -8.26
CA LEU L 381 15.43 39.34 -9.62
C LEU L 381 16.21 40.64 -9.59
N PRO L 382 17.10 40.83 -10.58
CA PRO L 382 17.77 42.12 -10.72
C PRO L 382 16.78 43.19 -11.15
N LEU L 383 16.98 44.43 -10.72
CA LEU L 383 16.08 45.52 -11.06
C LEU L 383 15.98 45.72 -12.58
N VAL L 384 17.12 45.63 -13.25
CA VAL L 384 17.17 45.83 -14.69
C VAL L 384 18.10 44.80 -15.31
N ASP L 385 17.85 44.45 -16.58
CA ASP L 385 18.67 43.47 -17.29
C ASP L 385 19.84 44.13 -18.03
N ASP L 386 19.63 45.35 -18.51
CA ASP L 386 20.68 46.10 -19.18
C ASP L 386 20.99 47.36 -18.36
N TRP L 387 22.09 47.30 -17.60
CA TRP L 387 22.44 48.39 -16.71
C TRP L 387 22.97 49.61 -17.45
N GLU L 388 23.62 49.38 -18.60
CA GLU L 388 24.09 50.48 -19.42
C GLU L 388 22.91 51.24 -20.01
N CYS L 389 21.84 50.52 -20.31
CA CYS L 389 20.60 51.17 -20.79
C CYS L 389 19.98 52.05 -19.72
N LEU L 390 20.03 51.57 -18.48
CA LEU L 390 19.48 52.32 -17.36
C LEU L 390 20.14 53.68 -17.22
N LYS L 391 21.46 53.70 -17.32
CA LYS L 391 22.23 54.93 -17.27
C LYS L 391 21.81 55.91 -18.37
N SER L 392 21.64 55.38 -19.58
CA SER L 392 21.28 56.19 -20.74
C SER L 392 19.92 56.84 -20.59
N MET L 393 18.94 56.07 -20.12
CA MET L 393 17.58 56.57 -19.98
C MET L 393 17.50 57.67 -18.93
N VAL L 394 18.34 57.58 -17.91
CA VAL L 394 18.39 58.61 -16.88
C VAL L 394 18.92 59.93 -17.45
N ARG L 395 20.02 59.86 -18.19
CA ARG L 395 20.58 61.06 -18.82
C ARG L 395 19.62 61.69 -19.82
N VAL L 396 18.90 60.86 -20.55
CA VAL L 396 17.91 61.36 -21.49
C VAL L 396 16.85 62.13 -20.71
N PHE L 397 16.40 61.57 -19.60
CA PHE L 397 15.45 62.25 -18.73
C PHE L 397 16.00 63.58 -18.23
N GLU L 398 17.24 63.56 -17.74
CA GLU L 398 17.85 64.74 -17.14
C GLU L 398 18.13 65.84 -18.14
N GLU L 399 18.37 65.45 -19.39
CA GLU L 399 18.61 66.41 -20.47
C GLU L 399 17.39 67.30 -20.74
N HIS L 400 16.21 66.70 -20.59
CA HIS L 400 14.96 67.41 -20.89
C HIS L 400 14.22 67.88 -19.65
N CYS L 401 14.29 67.09 -18.58
CA CYS L 401 13.48 67.37 -17.40
C CYS L 401 14.29 67.91 -16.23
N GLY L 402 15.60 67.99 -16.41
CA GLY L 402 16.48 68.50 -15.37
C GLY L 402 17.03 67.42 -14.47
N SER L 403 17.94 67.81 -13.58
CA SER L 403 18.63 66.87 -12.70
C SER L 403 17.65 66.07 -11.84
N LEU L 404 17.93 64.77 -11.71
CA LEU L 404 17.05 63.87 -10.99
C LEU L 404 17.11 64.10 -9.49
N THR L 405 18.28 64.55 -9.01
CA THR L 405 18.55 64.78 -7.58
C THR L 405 18.47 63.49 -6.76
N GLN L 406 18.91 63.58 -5.51
CA GLN L 406 18.89 62.40 -4.64
C GLN L 406 17.47 61.99 -4.28
N TYR L 407 16.57 62.97 -4.18
CA TYR L 407 15.17 62.66 -3.93
C TYR L 407 14.60 61.83 -5.06
N GLY L 408 14.96 62.18 -6.29
CA GLY L 408 14.45 61.53 -7.47
C GLY L 408 14.93 60.11 -7.68
N MET L 409 15.86 59.66 -6.83
CA MET L 409 16.34 58.29 -6.90
C MET L 409 15.21 57.30 -6.59
N LYS L 410 14.13 57.80 -5.98
CA LYS L 410 12.96 57.00 -5.65
C LYS L 410 12.24 56.50 -6.91
N HIS L 411 12.45 57.21 -8.02
CA HIS L 411 11.75 56.90 -9.26
C HIS L 411 12.55 56.02 -10.21
N MET L 412 13.62 55.42 -9.72
CA MET L 412 14.57 54.73 -10.59
C MET L 412 14.00 53.45 -11.22
N ARG L 413 12.97 52.86 -10.61
CA ARG L 413 12.35 51.66 -11.16
C ARG L 413 11.63 51.98 -12.46
N ALA L 414 11.06 53.19 -12.54
CA ALA L 414 10.37 53.63 -13.74
C ALA L 414 11.31 53.61 -14.94
N PHE L 415 12.53 54.10 -14.75
CA PHE L 415 13.52 54.10 -15.81
C PHE L 415 14.03 52.71 -16.10
N ALA L 416 14.12 51.88 -15.07
CA ALA L 416 14.56 50.51 -15.22
C ALA L 416 13.57 49.71 -16.05
N ASN L 417 12.29 49.92 -15.80
CA ASN L 417 11.25 49.18 -16.51
C ASN L 417 11.09 49.67 -17.94
N VAL L 418 11.56 50.89 -18.21
CA VAL L 418 11.61 51.39 -19.58
C VAL L 418 12.57 50.52 -20.38
N CYS L 419 13.70 50.19 -19.77
CA CYS L 419 14.69 49.32 -20.39
C CYS L 419 14.20 47.89 -20.51
N ASN L 420 13.57 47.40 -19.44
CA ASN L 420 13.09 46.02 -19.40
C ASN L 420 11.99 45.77 -20.43
N ASN L 421 11.20 46.79 -20.71
CA ASN L 421 10.12 46.68 -21.70
C ASN L 421 10.58 46.99 -23.12
N GLY L 422 11.89 47.11 -23.29
CA GLY L 422 12.47 47.26 -24.61
C GLY L 422 12.19 48.57 -25.33
N VAL L 423 11.92 49.63 -24.57
CA VAL L 423 11.67 50.93 -25.16
C VAL L 423 12.96 51.54 -25.72
N SER L 424 12.92 51.94 -26.98
CA SER L 424 14.11 52.49 -27.63
C SER L 424 14.49 53.86 -27.06
N LYS L 425 15.74 54.26 -27.29
CA LYS L 425 16.20 55.57 -26.83
C LYS L 425 15.41 56.69 -27.51
N GLU L 426 15.04 56.47 -28.77
CA GLU L 426 14.28 57.45 -29.54
C GLU L 426 12.90 57.72 -28.95
N LEU L 427 12.24 56.66 -28.48
CA LEU L 427 10.92 56.80 -27.86
C LEU L 427 11.00 57.51 -26.51
N MET L 428 12.05 57.22 -25.76
CA MET L 428 12.26 57.88 -24.48
C MET L 428 12.51 59.36 -24.71
N GLU L 429 13.29 59.67 -25.75
CA GLU L 429 13.58 61.05 -26.12
C GLU L 429 12.28 61.78 -26.51
N GLU L 430 11.44 61.09 -27.26
CA GLU L 430 10.18 61.64 -27.74
C GLU L 430 9.21 61.91 -26.59
N ALA L 431 9.13 60.97 -25.66
CA ALA L 431 8.24 61.10 -24.51
C ALA L 431 8.73 62.18 -23.54
N SER L 432 10.04 62.21 -23.31
CA SER L 432 10.64 63.16 -22.39
C SER L 432 10.48 64.59 -22.90
N THR L 433 10.64 64.76 -24.20
CA THR L 433 10.48 66.06 -24.84
C THR L 433 9.04 66.53 -24.70
N ALA L 434 8.09 65.61 -24.89
CA ALA L 434 6.68 65.94 -24.78
C ALA L 434 6.29 66.31 -23.35
N ALA L 435 6.92 65.68 -22.38
CA ALA L 435 6.57 65.85 -20.97
C ALA L 435 7.18 67.10 -20.33
N CYS L 436 8.41 67.44 -20.70
CA CYS L 436 9.10 68.52 -20.01
C CYS L 436 9.42 69.69 -20.94
N GLY L 437 9.37 69.44 -22.24
CA GLY L 437 9.60 70.47 -23.26
C GLY L 437 8.97 71.81 -22.98
N GLY L 438 9.79 72.86 -22.88
CA GLY L 438 9.28 74.20 -22.67
C GLY L 438 8.97 74.53 -21.21
N TYR L 439 8.98 73.49 -20.37
CA TYR L 439 8.68 73.62 -18.94
C TYR L 439 7.35 74.32 -18.67
C1 NAG M . -38.13 41.42 25.44
C2 NAG M . -39.35 42.34 25.25
C3 NAG M . -39.69 43.07 26.54
C4 NAG M . -39.88 42.04 27.65
C5 NAG M . -38.58 41.27 27.81
C6 NAG M . -38.66 40.27 28.97
C7 NAG M . -39.89 43.37 23.13
C8 NAG M . -39.49 44.33 22.07
N2 NAG M . -39.09 43.31 24.20
O3 NAG M . -40.90 43.83 26.38
O4 NAG M . -40.24 42.69 28.87
O5 NAG M . -38.30 40.58 26.58
O6 NAG M . -37.41 39.58 29.13
O7 NAG M . -40.89 42.68 23.03
H3 NAG M . -38.96 43.66 26.78
H4 NAG M . -40.59 41.42 27.41
H5 NAG M . -37.86 41.90 27.99
H61 NAG M . -39.36 39.62 28.79
H62 NAG M . -38.87 40.76 29.79
H81 NAG M . -40.14 44.31 21.33
H82 NAG M . -38.60 44.09 21.72
H83 NAG M . -39.46 45.25 22.43
HN2 NAG M . -38.34 43.81 24.22
HO3 NAG M . -41.39 43.76 27.11
HO6 NAG M . -36.82 39.89 28.54
C1 NAG M . -39.74 43.92 29.52
C2 NAG M . -40.84 44.99 29.68
C3 NAG M . -41.61 44.89 30.99
C4 NAG M . -41.16 43.69 31.79
C5 NAG M . -39.64 43.78 31.96
C6 NAG M . -39.16 42.67 32.89
C7 NAG M . -40.01 46.80 28.31
C8 NAG M . -39.42 48.18 28.28
N2 NAG M . -40.29 46.32 29.51
O3 NAG M . -43.01 44.80 30.72
O4 NAG M . -41.81 43.67 33.06
O5 NAG M . -38.98 43.65 30.71
O6 NAG M . -39.99 42.61 34.06
O7 NAG M . -40.22 46.16 27.28
H3 NAG M . -41.41 45.80 31.57
H4 NAG M . -41.40 42.77 31.23
H5 NAG M . -39.40 44.75 32.42
H61 NAG M . -38.13 42.87 33.19
H62 NAG M . -39.18 41.71 32.37
H81 NAG M . -38.49 48.18 28.78
H82 NAG M . -40.09 48.86 28.75
H83 NAG M . -39.27 48.48 27.27
HN2 NAG M . -40.10 46.86 30.34
HO3 NAG M . -43.51 44.82 31.55
HO4 NAG M . -41.51 42.89 33.56
HO6 NAG M . -39.69 41.89 34.63
C1 NAG N . -15.82 -39.76 -53.94
C2 NAG N . -15.24 -39.35 -55.31
C3 NAG N . -14.94 -40.55 -56.19
C4 NAG N . -14.13 -41.55 -55.35
C5 NAG N . -14.83 -41.91 -54.04
C6 NAG N . -14.01 -42.91 -53.23
C7 NAG N . -15.78 -37.29 -56.46
C8 NAG N . -16.91 -36.54 -57.09
N2 NAG N . -16.15 -38.47 -55.98
O3 NAG N . -14.19 -40.11 -57.32
O4 NAG N . -13.92 -42.73 -56.14
O5 NAG N . -15.03 -40.73 -53.27
O6 NAG N . -14.76 -43.30 -52.08
O7 NAG N . -14.64 -36.85 -56.41
H3 NAG N . -15.77 -40.97 -56.49
H4 NAG N . -13.26 -41.15 -55.15
H5 NAG N . -15.70 -42.31 -54.24
H61 NAG N . -13.18 -42.49 -52.95
H62 NAG N . -13.82 -43.69 -53.78
H81 NAG N . -16.59 -35.67 -57.43
H82 NAG N . -17.61 -36.38 -56.42
H83 NAG N . -17.28 -37.05 -57.83
HN2 NAG N . -17.03 -38.71 -56.05
HO3 NAG N . -14.14 -40.76 -57.92
HO6 NAG N . -14.28 -43.89 -51.60
C1 NAG N . -12.95 -43.16 -57.10
C2 NAG N . -12.44 -44.58 -56.89
C3 NAG N . -11.24 -44.82 -57.78
C4 NAG N . -11.57 -44.48 -59.22
C5 NAG N . -12.15 -43.07 -59.33
C6 NAG N . -12.55 -42.76 -60.77
C7 NAG N . -12.58 -45.85 -54.83
C8 NAG N . -11.97 -46.10 -53.48
N2 NAG N . -12.10 -44.81 -55.50
O3 NAG N . -10.82 -46.18 -57.67
O4 NAG N . -10.38 -44.57 -60.03
O5 NAG N . -13.28 -42.95 -58.47
O6 NAG N . -12.65 -41.35 -60.96
O7 NAG N . -13.45 -46.57 -55.29
H3 NAG N . -10.50 -44.24 -57.47
H4 NAG N . -12.23 -45.12 -59.55
H5 NAG N . -11.46 -42.43 -59.05
H61 NAG N . -13.41 -43.18 -60.96
H62 NAG N . -11.87 -43.12 -61.38
H81 NAG N . -12.38 -46.88 -53.07
H82 NAG N . -12.12 -45.32 -52.92
H83 NAG N . -11.02 -46.24 -53.58
HN2 NAG N . -11.39 -44.35 -55.15
HO3 NAG N . -10.11 -46.32 -58.18
HO4 NAG N . -10.58 -44.96 -60.80
HO6 NAG N . -12.89 -41.18 -61.81
C1 NAG O . -79.69 -16.70 -21.49
C2 NAG O . -80.43 -16.93 -20.18
C3 NAG O . -81.89 -17.27 -20.46
C4 NAG O . -82.49 -16.16 -21.31
C5 NAG O . -81.68 -16.00 -22.59
C6 NAG O . -82.27 -14.91 -23.48
C7 NAG O . -79.28 -17.80 -18.21
C8 NAG O . -78.62 -19.00 -17.59
N2 NAG O . -79.79 -18.00 -19.43
O3 NAG O . -82.61 -17.42 -19.24
O4 NAG O . -83.86 -16.46 -21.64
O5 NAG O . -80.34 -15.68 -22.25
O6 NAG O . -81.64 -14.93 -24.77
O7 NAG O . -79.34 -16.72 -17.64
H3 NAG O . -81.93 -18.11 -20.96
H4 NAG O . -82.46 -15.32 -20.81
H5 NAG O . -81.69 -16.84 -23.09
H61 NAG O . -82.11 -14.04 -23.06
H62 NAG O . -83.23 -15.05 -23.58
H81 NAG O . -78.27 -18.75 -16.71
H82 NAG O . -77.89 -19.29 -18.16
H83 NAG O . -79.27 -19.72 -17.50
HN2 NAG O . -79.71 -18.82 -19.82
HO3 NAG O . -83.45 -17.15 -19.35
HO6 NAG O . -81.98 -14.29 -25.28
C1 NAG O . -85.02 -15.71 -21.31
C2 NAG O . -86.14 -15.99 -22.30
C3 NAG O . -87.42 -15.38 -21.75
C4 NAG O . -87.73 -16.02 -20.40
C5 NAG O . -86.53 -15.93 -19.46
C6 NAG O . -86.77 -16.78 -18.22
C7 NAG O . -85.88 -16.30 -24.68
C8 NAG O . -85.73 -15.65 -26.02
N2 NAG O . -85.85 -15.48 -23.63
O3 NAG O . -88.50 -15.62 -22.66
O4 NAG O . -88.85 -15.35 -19.81
O5 NAG O . -85.33 -16.39 -20.10
O6 NAG O . -88.14 -16.67 -17.82
O7 NAG O . -86.04 -17.50 -24.54
H3 NAG O . -87.31 -14.42 -21.64
H4 NAG O . -87.96 -16.95 -20.54
H5 NAG O . -86.40 -15.00 -19.18
H61 NAG O . -86.18 -16.47 -17.50
H62 NAG O . -86.55 -17.71 -18.42
H81 NAG O . -85.77 -16.34 -26.72
H82 NAG O . -84.88 -15.19 -26.07
H83 NAG O . -86.45 -15.01 -26.15
HN2 NAG O . -85.80 -14.58 -23.76
HO3 NAG O . -89.25 -15.26 -22.34
HO4 NAG O . -89.25 -15.90 -19.23
HO6 NAG O . -88.27 -17.18 -17.10
C1 NAG P . 22.96 25.82 -15.55
C2 NAG P . 24.13 24.87 -15.41
C3 NAG P . 25.44 25.62 -15.55
C4 NAG P . 25.44 26.45 -16.82
C5 NAG P . 24.21 27.34 -16.88
C6 NAG P . 24.17 28.16 -18.17
C7 NAG P . 23.83 22.87 -14.06
C8 NAG P . 23.55 22.35 -12.68
N2 NAG P . 24.07 24.18 -14.13
O3 NAG P . 26.54 24.70 -15.58
O4 NAG P . 26.59 27.28 -16.88
O5 NAG P . 23.04 26.52 -16.79
O6 NAG P . 23.20 29.20 -18.05
O7 NAG P . 23.85 22.15 -15.04
H3 NAG P . 25.56 26.22 -14.79
H4 NAG P . 25.43 25.86 -17.60
H5 NAG P . 24.22 27.95 -16.11
H61 NAG P . 23.93 27.58 -18.92
H62 NAG P . 25.05 28.55 -18.32
H81 NAG P . 23.41 21.38 -12.72
H82 NAG P . 22.74 22.77 -12.33
H83 NAG P . 24.30 22.55 -12.09
HN2 NAG P . 23.96 24.68 -13.38
HO3 NAG P . 27.21 25.06 -16.05
HO6 NAG P . 23.18 29.68 -18.81
C1 NAG P . 27.60 27.11 -17.88
C2 NAG P . 28.34 28.39 -18.26
C3 NAG P . 29.49 28.02 -19.18
C4 NAG P . 30.41 27.02 -18.51
C5 NAG P . 29.62 25.82 -17.96
C6 NAG P . 30.51 24.95 -17.08
C7 NAG P . 27.36 30.59 -18.33
C8 NAG P . 26.53 31.57 -19.12
N2 NAG P . 27.46 29.36 -18.85
O3 NAG P . 30.24 29.20 -19.53
O4 NAG P . 31.39 26.56 -19.45
O5 NAG P . 28.50 26.26 -17.18
O6 NAG P . 31.79 24.80 -17.69
O7 NAG P . 27.89 30.89 -17.28
H3 NAG P . 29.13 27.62 -20.00
H4 NAG P . 30.87 27.46 -17.76
H5 NAG P . 29.30 25.29 -18.71
H61 NAG P . 30.09 24.08 -16.97
H62 NAG P . 30.61 25.38 -16.20
H81 NAG P . 26.53 32.43 -18.64
H82 NAG P . 25.62 31.24 -19.21
H83 NAG P . 26.93 31.69 -20.00
HN2 NAG P . 27.10 29.20 -19.67
HO3 NAG P . 30.91 28.97 -20.08
HO4 NAG P . 32.09 26.23 -19.02
HO6 NAG P . 32.30 24.28 -17.17
C1 NAG Q . -6.31 -47.64 17.39
C2 NAG Q . -7.41 -47.62 18.45
C3 NAG Q . -8.57 -48.57 18.07
C4 NAG Q . -9.00 -48.36 16.62
C5 NAG Q . -7.79 -48.45 15.71
C6 NAG Q . -8.16 -48.33 14.24
C7 NAG Q . -6.78 -47.15 20.76
C8 NAG Q . -6.11 -47.68 21.99
N2 NAG Q . -6.88 -48.01 19.74
O3 NAG Q . -9.67 -48.32 18.94
O4 NAG Q . -9.98 -49.33 16.24
O5 NAG Q . -6.86 -47.44 16.08
O6 NAG Q . -8.94 -47.14 14.02
O7 NAG Q . -7.21 -46.01 20.69
H3 NAG Q . -8.27 -49.49 18.17
H4 NAG Q . -9.39 -47.46 16.53
H5 NAG Q . -7.37 -49.33 15.85
H61 NAG Q . -8.67 -49.11 13.97
H62 NAG Q . -7.35 -48.28 13.70
H81 NAG Q . -6.10 -46.97 22.67
H82 NAG Q . -5.20 -47.94 21.78
H83 NAG Q . -6.61 -48.45 22.33
HN2 NAG Q . -6.50 -48.84 19.83
HO3 NAG Q . -10.43 -48.42 18.50
HO6 NAG Q . -8.40 -46.48 13.79
C1 NAG Q . -11.33 -49.02 15.92
C2 NAG Q . -12.11 -50.15 15.26
C3 NAG Q . -13.60 -49.84 15.17
C4 NAG Q . -14.14 -49.31 16.49
C5 NAG Q . -13.26 -48.19 17.04
C6 NAG Q . -13.76 -47.69 18.38
C7 NAG Q . -10.89 -51.47 13.63
C8 NAG Q . -10.59 -51.68 12.17
N2 NAG Q . -11.59 -50.39 13.92
O3 NAG Q . -14.33 -51.03 14.81
O4 NAG Q . -15.47 -48.81 16.29
O5 NAG Q . -11.93 -48.68 17.18
O6 NAG Q . -12.89 -46.65 18.86
O7 NAG Q . -10.50 -52.26 14.48
H3 NAG Q . -13.74 -49.16 14.48
H4 NAG Q . -14.17 -50.04 17.14
H5 NAG Q . -13.26 -47.45 16.40
H61 NAG Q . -13.77 -48.43 19.02
H62 NAG Q . -14.66 -47.34 18.28
H81 NAG Q . -10.08 -52.50 12.05
H82 NAG Q . -10.09 -50.91 11.83
H83 NAG Q . -11.43 -51.75 11.67
HN2 NAG Q . -11.91 -49.88 13.23
HO3 NAG Q . -15.20 -50.83 14.75
HO4 NAG Q . -15.92 -48.83 17.06
HO6 NAG Q . -12.08 -46.75 18.50
C1 NAG R . -4.08 -65.74 25.64
C2 NAG R . -5.36 -64.97 25.97
C3 NAG R . -5.58 -64.96 27.48
C4 NAG R . -5.58 -66.38 28.01
C5 NAG R . -4.33 -67.14 27.58
C6 NAG R . -4.41 -68.59 28.04
C7 NAG R . -6.19 -63.15 24.57
C8 NAG R . -5.98 -61.74 24.11
N2 NAG R . -5.31 -63.61 25.45
O3 NAG R . -6.82 -64.32 27.78
O4 NAG R . -5.64 -66.36 29.44
O5 NAG R . -4.20 -67.08 26.16
O6 NAG R . -3.17 -69.27 27.78
O7 NAG R . -7.11 -63.84 24.15
H3 NAG R . -4.85 -64.46 27.90
H4 NAG R . -6.37 -66.85 27.67
H5 NAG R . -3.55 -66.72 27.99
H61 NAG R . -5.13 -69.04 27.55
H62 NAG R . -4.60 -68.62 28.99
H81 NAG R . -6.68 -61.50 23.47
H82 NAG R . -5.10 -61.66 23.69
H83 NAG R . -6.02 -61.14 24.89
HN2 NAG R . -4.62 -63.06 25.73
HO3 NAG R . -7.21 -64.75 28.46
HO6 NAG R . -3.24 -70.11 28.04
C1 NAG R . -6.70 -66.89 30.24
C2 NAG R . -6.45 -67.26 31.70
C3 NAG R . -7.70 -67.85 32.35
C4 NAG R . -8.95 -67.03 32.04
C5 NAG R . -9.03 -66.72 30.55
C6 NAG R . -10.26 -65.87 30.21
C7 NAG R . -4.13 -67.88 32.14
C8 NAG R . -3.17 -69.00 32.37
N2 NAG R . -5.37 -68.22 31.80
O3 NAG R . -7.51 -67.90 33.77
O4 NAG R . -10.11 -67.76 32.44
O5 NAG R . -7.85 -66.05 30.14
O6 NAG R . -11.37 -66.73 29.91
O7 NAG R . -3.80 -66.71 32.27
H3 NAG R . -7.83 -68.76 32.02
H4 NAG R . -8.92 -66.20 32.54
H5 NAG R . -9.10 -67.56 30.06
H61 NAG R . -10.06 -65.32 29.44
H62 NAG R . -10.48 -65.30 30.97
H81 NAG R . -2.29 -68.65 32.62
H82 NAG R . -3.09 -69.53 31.55
H83 NAG R . -3.50 -69.58 33.08
HN2 NAG R . -5.57 -69.11 31.79
HO3 NAG R . -8.23 -68.24 34.16
HO4 NAG R . -10.75 -67.19 32.67
HO6 NAG R . -11.45 -67.35 30.55
C1 NAG S . 60.02 -50.37 -9.38
C2 NAG S . 61.33 -51.07 -9.72
C3 NAG S . 62.49 -50.31 -9.11
C4 NAG S . 62.44 -48.86 -9.56
C5 NAG S . 61.09 -48.27 -9.18
C6 NAG S . 60.98 -46.79 -9.52
C7 NAG S . 61.66 -53.48 -10.00
C8 NAG S . 61.90 -53.16 -11.45
N2 NAG S . 61.33 -52.44 -9.22
O3 NAG S . 63.73 -50.92 -9.49
O4 NAG S . 63.47 -48.11 -8.90
O5 NAG S . 60.06 -49.02 -9.83
O6 NAG S . 61.24 -46.60 -10.91
O7 NAG S . 61.75 -54.61 -9.55
H3 NAG S . 62.41 -50.35 -8.14
H4 NAG S . 62.56 -48.81 -10.52
H5 NAG S . 60.97 -48.36 -8.21
H61 NAG S . 61.62 -46.28 -9.00
H62 NAG S . 60.08 -46.48 -9.33
H81 NAG S . 62.11 -53.99 -11.92
H82 NAG S . 62.66 -52.56 -11.53
H83 NAG S . 61.12 -52.74 -11.84
HN2 NAG S . 61.20 -52.58 -8.33
HO3 NAG S . 64.34 -50.78 -8.86
HO6 NAG S . 60.48 -46.55 -11.37
C1 NAG S . 64.86 -47.92 -9.10
C2 NAG S . 65.36 -46.89 -8.10
C3 NAG S . 66.88 -46.85 -8.03
C4 NAG S . 67.58 -47.96 -8.83
C5 NAG S . 66.82 -49.30 -8.87
C6 NAG S . 67.38 -50.25 -7.81
C7 NAG S . 63.98 -44.90 -7.62
C8 NAG S . 63.29 -45.68 -6.53
N2 NAG S . 64.84 -45.55 -8.40
O3 NAG S . 67.29 -46.90 -6.66
O4 NAG S . 67.80 -47.53 -10.18
O5 NAG S . 65.40 -49.18 -8.70
O6 NAG S . 66.43 -51.29 -7.52
O7 NAG S . 63.74 -43.73 -7.80
H3 NAG S . 67.18 -46.00 -8.40
H4 NAG S . 68.41 -48.16 -8.37
H5 NAG S . 66.98 -49.71 -9.75
H61 NAG S . 67.56 -49.76 -7.00
H62 NAG S . 68.20 -50.65 -8.14
H81 NAG S . 62.64 -45.10 -6.09
H82 NAG S . 63.95 -45.99 -5.89
H83 NAG S . 62.82 -46.45 -6.92
HN2 NAG S . 65.32 -45.06 -9.00
HO3 NAG S . 68.17 -46.74 -6.60
HO6 NAG S . 65.70 -50.94 -7.17
C1 NAG T . 22.72 12.71 -0.30
C2 NAG T . 24.17 12.82 -0.77
C3 NAG T . 24.30 12.25 -2.18
C4 NAG T . 23.79 10.81 -2.19
C5 NAG T . 22.37 10.75 -1.65
C6 NAG T . 21.88 9.31 -1.58
C7 NAG T . 25.49 14.60 0.20
C8 NAG T . 25.99 16.00 0.06
N2 NAG T . 24.64 14.20 -0.72
O3 NAG T . 25.67 12.28 -2.59
O4 NAG T . 23.83 10.29 -3.52
O5 NAG T . 22.31 11.34 -0.34
O6 NAG T . 20.53 9.24 -1.10
O7 NAG T . 25.86 13.89 1.12
H3 NAG T . 23.76 12.79 -2.79
H4 NAG T . 24.36 10.28 -1.61
H5 NAG T . 21.78 11.26 -2.24
H61 NAG T . 22.47 8.80 -0.98
H62 NAG T . 21.93 8.91 -2.47
H81 NAG T . 26.62 16.21 0.79
H82 NAG T . 25.24 16.63 0.10
H83 NAG T . 26.46 16.10 -0.80
HN2 NAG T . 24.43 14.76 -1.41
HO3 NAG T . 25.86 11.53 -3.03
HO6 NAG T . 20.51 8.75 -0.35
C1 NAG T . 24.56 9.16 -3.99
C2 NAG T . 24.08 8.45 -5.25
C3 NAG T . 24.93 7.22 -5.56
C4 NAG T . 26.41 7.55 -5.51
C5 NAG T . 26.76 8.29 -4.22
C6 NAG T . 28.24 8.67 -4.18
C7 NAG T . 21.69 8.72 -5.67
C8 NAG T . 20.32 8.11 -5.56
N2 NAG T . 22.68 8.05 -5.10
O3 NAG T . 24.59 6.73 -6.87
O4 NAG T . 27.18 6.34 -5.60
O5 NAG T . 25.96 9.46 -4.12
O6 NAG T . 28.92 7.88 -3.20
O7 NAG T . 21.88 9.79 -6.25
H3 NAG T . 24.73 6.53 -4.91
H4 NAG T . 26.64 8.12 -6.28
H5 NAG T . 26.56 7.71 -3.47
H61 NAG T . 28.32 9.62 -3.94
H62 NAG T . 28.64 8.52 -5.05
H81 NAG T . 19.67 8.68 -6.01
H82 NAG T . 20.09 8.02 -4.63
H83 NAG T . 20.34 7.23 -5.98
HN2 NAG T . 22.50 7.24 -4.73
HO3 NAG T . 25.09 6.02 -7.06
HO4 NAG T . 27.96 6.51 -6.00
HO6 NAG T . 29.78 8.11 -3.17
C1 NAG U . -30.08 59.59 24.46
C2 NAG U . -31.56 59.32 24.75
C3 NAG U . -32.42 60.20 23.87
C4 NAG U . -32.02 61.66 24.06
C5 NAG U . -30.54 61.84 23.83
C6 NAG U . -30.15 63.30 24.07
C7 NAG U . -32.61 57.25 25.43
C8 NAG U . -32.94 55.83 25.07
N2 NAG U . -31.90 57.93 24.54
O3 NAG U . -33.81 60.01 24.20
O4 NAG U . -32.74 62.47 23.13
O5 NAG U . -29.79 60.97 24.68
O6 NAG U . -28.84 63.54 23.54
O7 NAG U . -32.98 57.76 26.48
H3 NAG U . -32.28 59.96 22.94
H4 NAG U . -32.25 61.94 24.97
H5 NAG U . -30.34 61.62 22.90
H61 NAG U . -30.14 63.48 25.04
H62 NAG U . -30.78 63.89 23.64
H81 NAG U . -33.46 55.42 25.79
H82 NAG U . -32.11 55.32 24.94
H83 NAG U . -33.45 55.81 24.24
HN2 NAG U . -31.64 57.52 23.76
HO3 NAG U . -34.31 60.32 23.55
HO6 NAG U . -28.62 64.39 23.68
C1 NAG U . -33.99 63.10 23.44
C2 NAG U . -34.18 64.40 22.68
C3 NAG U . -35.58 64.93 22.97
C4 NAG U . -36.62 63.88 22.60
C5 NAG U . -36.32 62.55 23.25
C6 NAG U . -37.27 61.46 22.74
C7 NAG U . -32.29 65.83 22.15
C8 NAG U . -31.39 66.93 22.65
N2 NAG U . -33.16 65.36 23.04
O3 NAG U . -35.81 66.15 22.26
O4 NAG U . -37.91 64.33 23.04
O5 NAG U . -34.97 62.14 23.01
O6 NAG U . -36.90 60.19 23.27
O7 NAG U . -32.22 65.41 21.00
H3 NAG U . -35.65 65.11 23.93
H4 NAG U . -36.63 63.78 21.62
H5 NAG U . -36.44 62.63 24.22
H61 NAG U . -37.23 61.44 21.77
H62 NAG U . -38.19 61.69 23.02
H81 NAG U . -30.78 67.20 21.94
H82 NAG U . -30.86 66.59 23.40
H83 NAG U . -31.92 67.69 22.94
HN2 NAG U . -33.19 65.75 23.86
HO3 NAG U . -36.63 66.45 22.43
HO4 NAG U . -38.54 63.89 22.58
HO6 NAG U . -37.47 59.57 22.96
C1 NAG V . -39.15 52.98 9.02
C2 NAG V . -39.81 53.78 10.15
C3 NAG V . -41.01 53.01 10.69
C4 NAG V . -41.95 52.66 9.55
C5 NAG V . -41.22 51.92 8.45
C6 NAG V . -42.16 51.62 7.28
C7 NAG V . -38.72 55.24 11.73
C8 NAG V . -37.69 55.36 12.82
N2 NAG V . -38.87 54.02 11.23
O3 NAG V . -41.70 53.83 11.64
O4 NAG V . -43.02 51.84 10.06
O5 NAG V . -40.11 52.71 8.00
O6 NAG V . -41.49 50.86 6.26
O7 NAG V . -39.38 56.19 11.34
H3 NAG V . -40.71 52.20 11.12
H4 NAG V . -42.33 53.48 9.18
H5 NAG V . -40.88 51.07 8.80
H61 NAG V . -42.47 52.46 6.90
H62 NAG V . -42.92 51.10 7.61
H81 NAG V . -37.66 56.29 13.14
H82 NAG V . -36.82 55.10 12.48
H83 NAG V . -37.94 54.78 13.58
HN2 NAG V . -38.36 53.34 11.54
HO3 NAG V . -42.54 53.94 11.38
HO6 NAG V . -42.06 50.69 5.60
C1 NAG V . -44.29 51.95 10.68
C2 NAG V . -45.03 50.63 10.91
C3 NAG V . -46.13 50.75 11.96
C4 NAG V . -45.62 51.50 13.19
C5 NAG V . -45.00 52.82 12.77
C6 NAG V . -44.56 53.64 13.98
C7 NAG V . -45.33 49.00 9.12
C8 NAG V . -46.26 48.53 8.03
N2 NAG V . -45.62 50.18 9.66
O3 NAG V . -46.58 49.45 12.34
O4 NAG V . -46.71 51.76 14.09
O5 NAG V . -43.89 52.54 11.92
O6 NAG V . -44.97 55.00 13.79
O7 NAG V . -44.39 48.33 9.50
H3 NAG V . -46.88 51.25 11.58
H4 NAG V . -44.95 50.96 13.65
H5 NAG V . -45.66 53.34 12.26
H61 NAG V . -43.59 53.59 14.06
H62 NAG V . -44.98 53.29 14.78
H81 NAG V . -45.96 47.66 7.70
H82 NAG V . -46.24 49.17 7.30
H83 NAG V . -47.16 48.46 8.38
HN2 NAG V . -46.41 50.56 9.40
HO3 NAG V . -47.21 49.53 12.96
HO4 NAG V . -46.48 51.50 14.91
HO6 NAG V . -44.71 55.49 14.50
C1 NAG W . 67.45 -54.65 8.02
C2 NAG W . 68.23 -54.46 6.72
C3 NAG W . 69.12 -55.66 6.43
C4 NAG W . 69.93 -55.99 7.68
C5 NAG W . 69.05 -56.13 8.94
C6 NAG W . 69.88 -56.43 10.18
C7 NAG W . 67.58 -53.40 4.64
C8 NAG W . 66.54 -53.37 3.56
N2 NAG W . 67.32 -54.26 5.61
O3 NAG W . 69.99 -55.32 5.35
O4 NAG W . 70.58 -57.24 7.46
O5 NAG W . 68.30 -54.92 9.13
O6 NAG W . 69.01 -56.72 11.29
O7 NAG W . 68.58 -52.69 4.61
H3 NAG W . 68.57 -56.42 6.18
H4 NAG W . 70.59 -55.30 7.83
H5 NAG W . 68.42 -56.86 8.79
H61 NAG W . 70.43 -55.67 10.39
H62 NAG W . 70.44 -57.21 10.01
H81 NAG W . 66.79 -52.73 2.87
H82 NAG W . 65.68 -53.12 3.95
H83 NAG W . 66.47 -54.26 3.16
HN2 NAG W . 66.57 -54.77 5.57
HO3 NAG W . 70.28 -56.06 4.95
HO6 NAG W . 68.17 -56.61 11.04
C1 NAG W . 71.85 -57.37 6.86
C2 NAG W . 72.91 -58.30 7.42
C3 NAG W . 74.27 -57.93 6.85
C4 NAG W . 74.22 -57.87 5.32
C5 NAG W . 73.03 -57.06 4.82
C6 NAG W . 72.88 -57.19 3.31
C7 NAG W . 72.22 -59.12 9.58
C8 NAG W . 72.41 -59.06 11.07
N2 NAG W . 72.91 -58.24 8.87
O3 NAG W . 75.24 -58.91 7.25
O4 NAG W . 75.42 -57.28 4.82
O5 NAG W . 71.81 -57.51 5.44
O6 NAG W . 72.50 -58.54 2.98
O7 NAG W . 71.47 -59.93 9.05
H3 NAG W . 74.54 -57.06 7.19
H4 NAG W . 74.15 -58.78 4.97
H5 NAG W . 73.17 -56.12 5.04
H61 NAG W . 73.72 -56.98 2.88
H62 NAG W . 72.19 -56.57 2.99
H81 NAG W . 71.87 -59.74 11.50
H82 NAG W . 72.15 -58.17 11.39
H83 NAG W . 73.35 -59.22 11.28
HN2 NAG W . 73.50 -57.69 9.30
HO3 NAG W . 76.03 -58.71 6.92
HO4 NAG W . 75.61 -57.61 4.02
HO6 NAG W . 72.12 -58.92 3.69
C1 NAG X . 31.60 30.53 1.88
C2 NAG X . 32.55 29.86 0.89
C3 NAG X . 33.32 28.73 1.57
C4 NAG X . 34.00 29.24 2.84
C5 NAG X . 32.96 29.90 3.74
C6 NAG X . 33.61 30.46 5.01
C7 NAG X . 31.98 29.83 -1.47
C8 NAG X . 31.06 29.28 -2.52
N2 NAG X . 31.81 29.35 -0.24
O3 NAG X . 34.32 28.23 0.67
O4 NAG X . 34.63 28.17 3.54
O5 NAG X . 32.33 30.97 3.03
O6 NAG X . 32.61 31.05 5.83
O7 NAG X . 32.82 30.69 -1.72
H3 NAG X . 32.71 28.02 1.80
H4 NAG X . 34.68 29.90 2.59
H5 NAG X . 32.29 29.24 3.98
H61 NAG X . 34.27 31.12 4.77
H62 NAG X . 34.04 29.73 5.49
H81 NAG X . 31.26 29.70 -3.38
H82 NAG X . 30.13 29.47 -2.28
H83 NAG X . 31.19 28.32 -2.59
HN2 NAG X . 31.13 28.74 -0.09
HO3 NAG X . 35.06 28.06 1.12
HO6 NAG X . 32.98 31.37 6.57
C1 NAG X . 36.02 28.07 3.84
C2 NAG X . 36.34 27.07 4.96
C3 NAG X . 37.83 26.96 5.21
C4 NAG X . 38.59 26.77 3.89
C5 NAG X . 38.17 27.81 2.87
C6 NAG X . 38.87 27.61 1.53
C7 NAG X . 34.60 26.84 6.66
C8 NAG X . 34.15 27.25 8.02
N2 NAG X . 35.67 27.48 6.19
O3 NAG X . 38.08 25.84 6.07
O4 NAG X . 40.00 26.87 4.14
O5 NAG X . 36.76 27.73 2.67
O6 NAG X . 38.38 28.55 0.58
O7 NAG X . 34.04 25.96 6.02
H3 NAG X . 38.15 27.78 5.63
H4 NAG X . 38.39 25.88 3.54
H5 NAG X . 38.39 28.70 3.21
H61 NAG X . 38.71 26.70 1.21
H62 NAG X . 39.83 27.74 1.65
H81 NAG X . 33.37 26.72 8.29
H82 NAG X . 33.92 28.19 8.02
H83 NAG X . 34.87 27.09 8.67
HN2 NAG X . 36.09 28.07 6.73
HO3 NAG X . 38.96 25.77 6.21
HO4 NAG X . 40.44 26.43 3.50
HO6 NAG X . 37.54 28.77 0.79
S SO4 Y . -35.55 10.53 2.07
O1 SO4 Y . -35.78 10.14 0.67
O2 SO4 Y . -34.17 10.19 2.46
O3 SO4 Y . -35.77 12.00 2.21
O4 SO4 Y . -36.52 9.82 2.93
S SO4 Z . -19.72 29.38 -9.42
O1 SO4 Z . -18.81 28.22 -9.31
O2 SO4 Z . -18.96 30.63 -9.21
O3 SO4 Z . -20.34 29.39 -10.78
O4 SO4 Z . -20.79 29.27 -8.41
S SO4 AA . -24.43 20.82 3.19
O1 SO4 AA . -23.07 20.48 3.67
O2 SO4 AA . -24.34 21.99 2.30
O3 SO4 AA . -24.97 19.67 2.47
O4 SO4 AA . -25.30 21.11 4.33
S SO4 BA . -34.01 1.97 6.60
O1 SO4 BA . -34.21 0.50 6.51
O2 SO4 BA . -33.12 2.42 5.50
O3 SO4 BA . -35.30 2.67 6.47
O4 SO4 BA . -33.39 2.31 7.90
S SO4 CA . -18.17 12.47 28.71
O1 SO4 CA . -17.32 11.28 28.89
O2 SO4 CA . -18.39 12.72 27.27
O3 SO4 CA . -19.48 12.26 29.37
O4 SO4 CA . -17.51 13.65 29.31
S SO4 DA . -40.27 -10.45 -38.69
O1 SO4 DA . -39.83 -9.06 -38.95
O2 SO4 DA . -39.08 -11.33 -38.63
O3 SO4 DA . -40.99 -10.51 -37.39
O4 SO4 DA . -41.17 -10.92 -39.76
S SO4 EA . -17.09 -13.72 -25.37
O1 SO4 EA . -17.08 -13.79 -26.85
O2 SO4 EA . -15.70 -13.94 -24.87
O3 SO4 EA . -17.56 -12.40 -24.92
O4 SO4 EA . -17.97 -14.77 -24.83
S SO4 FA . -14.11 -17.32 -16.75
O1 SO4 FA . -14.63 -16.88 -18.07
O2 SO4 FA . -12.96 -18.22 -16.96
O3 SO4 FA . -15.18 -18.05 -16.02
O4 SO4 FA . -13.70 -16.13 -15.97
S SO4 GA . -29.50 -19.62 -31.32
O1 SO4 GA . -28.30 -20.32 -31.81
O2 SO4 GA . -30.21 -19.00 -32.45
O3 SO4 GA . -29.11 -18.59 -30.35
O4 SO4 GA . -30.40 -20.57 -30.66
S SO4 HA . -24.20 -44.45 -19.94
O1 SO4 HA . -22.83 -43.99 -20.32
O2 SO4 HA . -24.79 -45.18 -21.08
O3 SO4 HA . -24.11 -45.34 -18.77
O4 SO4 HA . -25.02 -43.27 -19.61
S SO4 IA . -16.25 -62.44 -35.40
O1 SO4 IA . -16.13 -62.01 -36.83
O2 SO4 IA . -15.43 -63.67 -35.18
O3 SO4 IA . -15.83 -61.37 -34.46
O4 SO4 IA . -17.70 -62.68 -35.14
S SO4 JA . -47.89 -9.67 -27.63
O1 SO4 JA . -46.90 -8.61 -27.32
O2 SO4 JA . -47.60 -10.20 -28.98
O3 SO4 JA . -49.26 -9.10 -27.60
O4 SO4 JA . -47.79 -10.74 -26.63
S SO4 KA . -47.18 4.48 -21.74
O1 SO4 KA . -47.39 4.16 -23.17
O2 SO4 KA . -45.73 4.50 -21.45
O3 SO4 KA . -47.77 5.79 -21.42
O4 SO4 KA . -47.81 3.43 -20.90
S SO4 LA . -47.17 11.98 -27.79
O1 SO4 LA . -47.81 11.80 -29.12
O2 SO4 LA . -45.71 12.11 -27.98
O3 SO4 LA . -47.45 10.81 -26.93
O4 SO4 LA . -47.70 13.19 -27.16
S SO4 MA . -47.00 -10.85 -36.16
O1 SO4 MA . -45.93 -11.64 -36.80
O2 SO4 MA . -47.42 -9.76 -37.05
O3 SO4 MA . -48.15 -11.73 -35.86
O4 SO4 MA . -46.48 -10.27 -34.90
S SO4 NA . -63.39 -0.85 -48.78
O1 SO4 NA . -63.16 -2.09 -49.56
O2 SO4 NA . -63.10 0.34 -49.61
O3 SO4 NA . -64.81 -0.82 -48.33
O4 SO4 NA . -62.50 -0.84 -47.59
S SO4 OA . -87.62 -6.57 -48.39
O1 SO4 OA . -86.23 -6.10 -48.54
O2 SO4 OA . -87.92 -7.56 -49.45
O3 SO4 OA . -88.55 -5.43 -48.50
O4 SO4 OA . -87.79 -7.21 -47.06
S SO4 PA . -9.65 21.03 -12.14
O1 SO4 PA . -8.48 21.31 -13.01
O2 SO4 PA . -9.23 20.25 -10.97
O3 SO4 PA . -10.66 20.26 -12.91
O4 SO4 PA . -10.26 22.31 -11.69
S SO4 QA . -12.60 13.06 -24.66
O1 SO4 QA . -12.36 12.91 -26.12
O2 SO4 QA . -11.44 12.49 -23.93
O3 SO4 QA . -12.76 14.50 -24.32
O4 SO4 QA . -13.82 12.32 -24.29
S SO4 RA . -16.87 17.85 -32.14
O1 SO4 RA . -16.12 18.87 -32.90
O2 SO4 RA . -15.94 16.82 -31.62
O3 SO4 RA . -17.57 18.50 -31.01
O4 SO4 RA . -17.86 17.19 -33.03
S SO4 SA . -5.39 44.15 -26.67
O1 SO4 SA . -4.08 44.25 -27.35
O2 SO4 SA . -5.74 42.73 -26.46
O3 SO4 SA . -5.30 44.84 -25.36
O4 SO4 SA . -6.44 44.79 -27.50
S SO4 TA . 22.65 -31.90 13.34
O1 SO4 TA . 23.14 -30.56 12.96
O2 SO4 TA . 23.49 -32.93 12.69
O3 SO4 TA . 22.71 -32.05 14.81
O4 SO4 TA . 21.24 -32.04 12.90
S SO4 UA . 26.07 -35.96 7.24
O1 SO4 UA . 27.25 -35.40 7.93
O2 SO4 UA . 26.42 -37.27 6.64
O3 SO4 UA . 24.96 -36.16 8.20
O4 SO4 UA . 25.64 -35.02 6.17
S SO4 VA . 16.88 -13.46 3.17
O1 SO4 VA . 17.67 -12.33 2.61
O2 SO4 VA . 17.25 -14.69 2.44
O3 SO4 VA . 17.21 -13.62 4.61
O4 SO4 VA . 15.42 -13.19 3.04
S SO4 WA . 11.56 -38.31 -11.32
O1 SO4 WA . 12.89 -38.10 -11.91
O2 SO4 WA . 11.35 -39.76 -11.05
O3 SO4 WA . 11.47 -37.54 -10.05
O4 SO4 WA . 10.52 -37.83 -12.25
C1 CIT XA . 19.81 -18.93 11.41
O1 CIT XA . 20.60 -18.01 11.10
O2 CIT XA . 20.10 -19.82 12.24
C2 CIT XA . 18.45 -18.95 10.76
C3 CIT XA . 17.66 -17.70 11.12
O7 CIT XA . 18.17 -16.58 10.38
C4 CIT XA . 16.19 -17.92 10.78
C5 CIT XA . 15.32 -16.94 11.52
O3 CIT XA . 15.62 -15.73 11.50
O4 CIT XA . 14.31 -17.38 12.13
C6 CIT XA . 17.80 -17.41 12.61
O5 CIT XA . 18.25 -16.29 12.95
O6 CIT XA . 17.45 -18.27 13.42
HO7 CIT XA . 18.48 -15.89 11.00
H41 CIT XA . 15.91 -18.94 11.05
H42 CIT XA . 16.05 -17.81 9.71
S SO4 YA . 23.88 -41.98 -3.78
O1 SO4 YA . 24.49 -41.04 -4.75
O2 SO4 YA . 24.05 -43.37 -4.26
O3 SO4 YA . 24.54 -41.85 -2.46
O4 SO4 YA . 22.45 -41.67 -3.64
S SO4 ZA . 14.06 -69.70 -2.03
O1 SO4 ZA . 13.86 -70.53 -3.24
O2 SO4 ZA . 15.51 -69.67 -1.67
O3 SO4 ZA . 13.62 -68.30 -2.28
O4 SO4 ZA . 13.25 -70.26 -0.95
S SO4 AB . -8.01 -52.54 -11.63
O1 SO4 AB . -8.62 -52.75 -12.96
O2 SO4 AB . -6.92 -53.52 -11.43
O3 SO4 AB . -7.46 -51.18 -11.54
O4 SO4 AB . -9.05 -52.72 -10.58
S SO4 BB . 6.65 -88.72 -10.26
O1 SO4 BB . 7.05 -87.32 -10.02
O2 SO4 BB . 7.87 -89.55 -10.46
O3 SO4 BB . 5.81 -88.79 -11.47
O4 SO4 BB . 5.89 -89.25 -9.10
S SO4 CB . 17.18 -55.40 -7.75
O1 SO4 CB . 18.34 -55.98 -8.43
O2 SO4 CB . 17.62 -54.28 -6.87
O3 SO4 CB . 16.50 -56.43 -6.93
O4 SO4 CB . 16.23 -54.88 -8.76
S SO4 DB . 4.06 -78.89 -9.65
O1 SO4 DB . 4.46 -78.74 -11.07
O2 SO4 DB . 5.26 -79.20 -8.83
O3 SO4 DB . 3.46 -77.63 -9.18
O4 SO4 DB . 3.09 -79.99 -9.52
S SO4 EB . 20.17 -90.02 15.61
O1 SO4 EB . 20.35 -89.97 14.14
O2 SO4 EB . 21.43 -89.64 16.28
O3 SO4 EB . 19.10 -89.08 16.01
O4 SO4 EB . 19.80 -91.40 16.01
S SO4 FB . 10.62 -87.81 38.76
O1 SO4 FB . 11.10 -89.21 38.87
O2 SO4 FB . 11.78 -86.90 38.73
O3 SO4 FB . 9.77 -87.49 39.93
O4 SO4 FB . 9.83 -87.66 37.52
S SO4 GB . 28.65 -59.89 -12.63
O1 SO4 GB . 29.57 -58.92 -13.24
O2 SO4 GB . 29.41 -60.95 -11.93
O3 SO4 GB . 27.79 -59.23 -11.61
O4 SO4 GB . 27.84 -60.46 -13.73
S SO4 HB . 23.34 -52.53 -32.64
O1 SO4 HB . 23.73 -51.70 -33.79
O2 SO4 HB . 24.20 -53.74 -32.59
O3 SO4 HB . 23.50 -51.74 -31.40
O4 SO4 HB . 21.93 -52.94 -32.78
S SO4 IB . 28.05 -60.47 -28.38
O1 SO4 IB . 28.38 -59.41 -29.36
O2 SO4 IB . 29.30 -61.03 -27.82
O3 SO4 IB . 27.24 -59.89 -27.28
O4 SO4 IB . 27.28 -61.54 -29.05
S SO4 JB . 30.58 -32.22 -12.72
O1 SO4 JB . 30.95 -31.09 -13.62
O2 SO4 JB . 31.47 -33.37 -12.96
O3 SO4 JB . 30.70 -31.77 -11.32
O4 SO4 JB . 29.18 -32.59 -12.99
S SO4 KB . 0.76 -5.59 -6.56
O1 SO4 KB . 1.81 -5.63 -7.59
O2 SO4 KB . 1.38 -5.35 -5.24
O3 SO4 KB . 0.05 -6.88 -6.53
O4 SO4 KB . -0.19 -4.49 -6.86
S SO4 LB . 6.20 24.21 26.49
O1 SO4 LB . 7.18 25.30 26.34
O2 SO4 LB . 6.72 23.02 25.79
O3 SO4 LB . 6.00 23.91 27.91
O4 SO4 LB . 4.90 24.62 25.89
S SO4 MB . 7.03 7.34 40.23
O1 SO4 MB . 6.63 6.32 39.23
O2 SO4 MB . 8.48 7.66 40.06
O3 SO4 MB . 6.78 6.82 41.58
O4 SO4 MB . 6.25 8.59 40.02
S SO4 NB . 12.75 15.20 36.96
O1 SO4 NB . 13.81 15.89 36.20
O2 SO4 NB . 13.07 13.76 37.07
O3 SO4 NB . 12.65 15.79 38.31
O4 SO4 NB . 11.45 15.37 36.26
S SO4 OB . 33.41 34.69 31.04
O1 SO4 OB . 33.36 35.81 30.07
O2 SO4 OB . 34.00 33.50 30.38
O3 SO4 OB . 34.25 35.08 32.19
O4 SO4 OB . 32.04 34.38 31.51
S SO4 PB . 8.56 39.89 26.85
O1 SO4 PB . 9.72 40.33 27.66
O2 SO4 PB . 8.73 38.46 26.50
O3 SO4 PB . 8.48 40.69 25.61
O4 SO4 PB . 7.32 40.05 27.63
S SO4 QB . -7.62 3.16 15.40
O1 SO4 QB . -6.61 3.00 14.33
O2 SO4 QB . -7.90 1.84 16.02
O3 SO4 QB . -7.12 4.09 16.43
O4 SO4 QB . -8.88 3.69 14.81
S SO4 RB . -24.70 27.50 47.44
O1 SO4 RB . -24.50 26.77 46.17
O2 SO4 RB . -23.59 28.46 47.65
O3 SO4 RB . -25.98 28.24 47.38
O4 SO4 RB . -24.73 26.53 48.56
S SO4 SB . 6.34 52.59 18.70
O1 SO4 SB . 6.90 52.04 17.45
O2 SO4 SB . 7.17 52.22 19.85
O3 SO4 SB . 6.32 54.07 18.62
O4 SO4 SB . 4.97 52.06 18.89
S SO4 TB . 4.93 52.39 49.26
O1 SO4 TB . 5.28 52.72 47.87
O2 SO4 TB . 6.17 52.06 50.02
O3 SO4 TB . 4.26 53.55 49.90
O4 SO4 TB . 4.00 51.24 49.29
S SO4 UB . -12.85 81.52 14.10
O1 SO4 UB . -12.46 80.51 13.08
O2 SO4 UB . -12.34 82.84 13.69
O3 SO4 UB . -12.25 81.14 15.40
O4 SO4 UB . -14.32 81.56 14.22
S SO4 VB . -6.08 26.05 29.15
O1 SO4 VB . -6.04 24.79 28.37
O2 SO4 VB . -4.71 26.59 29.27
O3 SO4 VB . -6.94 27.03 28.46
O4 SO4 VB . -6.63 25.78 30.50
S SO4 WB . -2.19 45.53 47.35
O1 SO4 WB . -1.39 45.34 46.12
O2 SO4 WB . -1.77 44.56 48.38
O3 SO4 WB . -1.99 46.91 47.85
O4 SO4 WB . -3.62 45.33 47.03
S SO4 XB . -3.62 41.49 32.55
O1 SO4 XB . -2.48 41.53 31.60
O2 SO4 XB . -3.09 41.29 33.92
O3 SO4 XB . -4.38 42.76 32.49
O4 SO4 XB . -4.51 40.37 32.18
S SO4 YB . 4.27 66.53 23.57
O1 SO4 YB . 5.09 67.53 24.28
O2 SO4 YB . 5.13 65.39 23.17
O3 SO4 YB . 3.68 67.14 22.36
O4 SO4 YB . 3.20 66.04 24.47
S SO4 ZB . -9.76 59.53 -4.86
O1 SO4 ZB . -9.25 58.21 -5.29
O2 SO4 ZB . -9.13 60.58 -5.69
O3 SO4 ZB . -9.42 59.76 -3.44
O4 SO4 ZB . -11.23 59.58 -5.03
S SO4 AC . -14.63 70.08 -23.47
O1 SO4 AC . -13.56 69.07 -23.58
O2 SO4 AC . -14.54 71.03 -24.60
O3 SO4 AC . -15.95 69.40 -23.51
O4 SO4 AC . -14.49 70.83 -22.20
S SO4 BC . -13.39 71.63 -13.32
O1 SO4 BC . -13.61 70.16 -13.46
O2 SO4 BC . -11.97 71.94 -13.60
O3 SO4 BC . -14.25 72.36 -14.28
O4 SO4 BC . -13.74 72.05 -11.94
S SO4 CC . -24.21 42.66 -21.37
O1 SO4 CC . -24.78 42.27 -22.69
O2 SO4 CC . -22.76 42.39 -21.38
O3 SO4 CC . -24.41 44.10 -21.07
O4 SO4 CC . -24.86 41.86 -20.30
S SO4 DC . -45.13 33.37 -11.91
O1 SO4 DC . -44.42 32.37 -11.09
O2 SO4 DC . -44.38 33.63 -13.16
O3 SO4 DC . -46.49 32.85 -12.21
O4 SO4 DC . -45.24 34.64 -11.17
S SO4 EC . 52.34 -21.96 -7.35
O1 SO4 EC . 51.66 -22.54 -8.53
O2 SO4 EC . 53.81 -22.07 -7.52
O3 SO4 EC . 51.93 -22.70 -6.14
O4 SO4 EC . 51.98 -20.53 -7.22
S SO4 FC . 42.96 -34.37 17.26
O1 SO4 FC . 44.41 -34.67 17.36
O2 SO4 FC . 42.57 -34.30 15.84
O3 SO4 FC . 42.68 -33.08 17.93
O4 SO4 FC . 42.18 -35.43 17.93
S SO4 GC . 52.25 -20.81 31.81
O1 SO4 GC . 52.16 -20.51 30.37
O2 SO4 GC . 53.51 -21.53 32.08
O3 SO4 GC . 52.23 -19.55 32.58
O4 SO4 GC . 51.11 -21.66 32.24
S SO4 HC . 51.00 -22.12 21.54
O1 SO4 HC . 52.13 -21.19 21.51
O2 SO4 HC . 51.44 -23.40 21.01
O3 SO4 HC . 50.58 -22.32 22.92
O4 SO4 HC . 49.92 -21.57 20.75
S SO4 IC . 51.26 -49.23 39.32
O1 SO4 IC . 52.40 -49.40 38.38
O2 SO4 IC . 51.74 -49.41 40.71
O3 SO4 IC . 50.22 -50.23 39.02
O4 SO4 IC . 50.69 -47.86 39.16
S SO4 JC . 18.44 51.84 -29.00
O1 SO4 JC . 18.79 52.62 -30.20
O2 SO4 JC . 18.32 50.41 -29.36
O3 SO4 JC . 19.52 52.00 -27.98
O4 SO4 JC . 17.17 52.33 -28.44
S SO4 KC . 10.44 55.91 -0.88
O1 SO4 KC . 9.97 55.31 -2.15
O2 SO4 KC . 11.82 55.49 -0.61
O3 SO4 KC . 10.40 57.39 -0.98
O4 SO4 KC . 9.55 55.50 0.23
S SO4 LC . 22.39 73.25 3.90
O1 SO4 LC . 23.18 73.00 2.67
O2 SO4 LC . 23.24 73.00 5.08
O3 SO4 LC . 21.92 74.66 3.92
O4 SO4 LC . 21.22 72.35 3.94
S SO4 MC . 19.45 54.09 25.34
O1 SO4 MC . 20.31 53.42 24.34
O2 SO4 MC . 20.31 54.82 26.30
O3 SO4 MC . 18.55 55.06 24.68
O4 SO4 MC . 18.65 53.07 26.06
#